data_5VHS
#
_entry.id   5VHS
#
loop_
_entity.id
_entity.type
_entity.pdbx_description
1 polymer '26S proteasome regulatory subunit 7'
2 polymer '26S proteasome regulatory subunit 4'
3 polymer '26S proteasome regulatory subunit 8'
4 polymer '26S proteasome regulatory subunit 6B'
5 polymer '26S proteasome regulatory subunit 10B'
6 polymer '26S proteasome regulatory subunit 6A'
7 polymer '26S proteasome non-ATPase regulatory subunit 1'
8 polymer '26S proteasome non-ATPase regulatory subunit 3'
9 polymer '26S proteasome non-ATPase regulatory subunit 12'
10 polymer '26S proteasome non-ATPase regulatory subunit 11'
11 polymer '26S proteasome non-ATPase regulatory subunit 6'
12 polymer '26S proteasome non-ATPase regulatory subunit 7'
13 polymer '26S proteasome non-ATPase regulatory subunit 13'
14 polymer '26S proteasome non-ATPase regulatory subunit 4'
15 polymer '26S proteasome non-ATPase regulatory subunit 14'
16 polymer '26S proteasome non-ATPase regulatory subunit 8'
17 polymer '26S proteasome complex subunit SEM1'
18 polymer '26S proteasome non-ATPase regulatory subunit 2'
19 non-polymer 'ZINC ION'
#
loop_
_entity_poly.entity_id
_entity_poly.type
_entity_poly.pdbx_seq_one_letter_code
_entity_poly.pdbx_strand_id
1 'polypeptide(L)'
;APPALWDLAADKQTLQSEQPLQVARCTKIINADSEDPKYIINVKQFAKFVVDLSDQVAPTDIEEGMRVGVDRNKYQIHIP
LPPKIDPTVTMMQVEEKPDVTYSDVGGCKEQIEKLREVVETPLLHPERFVNLGIEPPKGVLLFGPPGTGKTLCARAVANR
TDACFIRVIGSELVQKYVGEGARMVRELFEMARTKKACLIFFDEIDAIGGARFDDGAGGDNEVQRTMLELINQLDGFDPR
GNIKVLMATNRPDTLDPALMRPGRLDRKIEFSLPDLEGRTHIFKIHARSMSVERDIRFELLARLCPNSTGAEIRSVCTEA
GMFAIRARRKIATEKDFLEAVNKVIKSYAKFS
;
A
2 'polypeptide(L)'
;EEERSKVDDLRGTPMSVGTLEEIIDDNHAIVSTSVGSEHYVSILSFVDKDLLEPGCSVLLNHKVHAVIGVLMDDTDPLVT
VMKVEKAPQETYADIGGLDNQIQEIKESVELPLTHPEYYEEMGIKPPKGVILYGPPGTGKTLLAKAVANQTSATFLRVVG
SELIQKYLGDGPKLVRELFRVAEEHAPSIVFIDEIDAIGTKRYDSNSGGEREIQRTMLELLNQLDGFDSRGDVKVIMATN
RIETLDPALIRPGRIDRKIEFPLPDEKTKKRIFQIHTSRMTLADDVTLDDLIMAKDDLSGADIKAICTEAGLMALRERRM
KVTNEDFKKSKENVLYKKQEG
;
B
3 'polypeptide(L)'
;LEEGKAGSGLRQYYLSKIEELQLIVNDKSQNLRRLQAQRNELNAKVRLLREELQLLQEQGSYVGEVVRAMDKKKVLVKVH
PEGKFVVDVDKNIDINDVTPNCRVALRNDSYTLHKILPNKVDPLVSLMMVEKVPDSTYEMIGGLDKQIKEIKEVIELPVK
HPELFEALGIAQPKGVLLYGPPGTGKTLLARAVAHHTDCTFIRVSGSELVQKFIGEGARMVRELFVMAREHAPSIIFMDE
IDSIGSSRLEGGSGGDSEVQRTMLELLNQLDGFEATKNIKVIMATNRIDILDSALLRPGRIDRKIEFPPPNEEARLDILK
IHSRKMNLTRGINLRKIAELMPGASGAEVKGVCTEAGMYALRERRVHVTQEDFEMAVAKVMQKDS
;
C
4 'polypeptide(L)'
;DLYSRYKKLQQELEFLEVQEEYIKDEQKNLKKEFLHAQEEVKRIQSIPLVIGQFLEAVDQNTAIVGSTTGSNYYVRILST
IDRELLKPNASVALHKHSNALVDVLPPEADSSIMMLTSDQKPDVMYADIGGMDIQKQEVREAVELPLTHFELYKQIGIDP
PRGVLMYGPPGCGKTMLAKAVAHHTTAAFIRVVGSEFVQKYLGEGPRMVRDVFRLAKENAPAIIFIDEIDAIATKRFDAQ
TGADREVQRILLELLNQMDGFDQNVNVKVIMATNRADTLDPALLRPGRLDRKIEFPLPDRRQKRLIFSTITSKMNLSEEV
DLEDYVARPDKISGADINSICQESGMLAVRENRYIVLAKDFEKAYKTV
;
D
5 'polypeptide(L)'
;DYRKKLLEHKEIDGRLKELREQLKELTKQYEKSENDLKALQSVGQIVGEVLKQLTEEKFIVKATNGPRYVVGCRRQLDKS
KLKPGTRVALDMTTLTIMRYLPREVDPLVYNMSHEDPGNVSYSEIGGLSEQIRELREVIELPLTNPELFQRVGIIPPKGC
LLYGPPGTGKTLLARAVASQLDCNFLKVVSSSIVDKYIGESARLIREMFNYARDHQPCIIFMDEIDAIGGRRFSEGTSAD
REIQRTLMELLNQMDGFDTLHRVKMIMATNRPDTLDPALLRPGRLDRKIHIDLPNEQARLDILKIHAGPITKHGEIDYEA
IVKLSDGFNGADLRNVCTEAGMFAIRADHDFVVQEDFMKAVRKVADSKKLESKLDYKPV
;
E
6 'polypeptide(L)'
;KIMKSEVLRVTHELQAMKDKIKENSEKIKVNKTLPYLVSNVIELLDVDPNDQEEDGANIDLDSQRKGKCAVIKTSTRQTY
FLPVIGLVDAEKLKPGDLVGVNKDSYLILETLPTEYDSRVKAMEVDERPTEQYSDIGGLDKQIQELVEAIVLPMNHKEKF
ENLGIQPPKGVLMYGPPGTGKTLLARACAAQTKATFLKLAGPQLVQMFIGDGAKLVRDAFALAKEKAPSIIFIDELDAIG
TKRFDSEKAGDREVQRTMLELLNQLDGFQPNTQVKVIAATNRVDILDPALLRSGRLDRKIEFPMPNEEARARIMQIHSRK
MNVSPDVNYEELARCTDDFNGAQCKAVCVEAGMIALRRGATELTHEDYMEGILEVQAKKK
;
F
7 'polypeptide(L)'
;MITSAAGIISLLDEDEPQLKEFALHKLNAVVNDFWAEISESVDKIEVLYEDEGFRSRQFAALVASKVFYHLGAFEESLNY
ALGAGDLFNVNDNSEYVETIIAKCIDHYTKQCVENADLPEGEKKPIDQRLEGIVNKMFQRCLDDHKYKQAIGIALETRRL
DVFEKTILESNDVPGMLAYSLKLCMSLMQNKQFRNKVLRVLVKIYMNLEKPDFINVCQCLIFLDDPQAVSDILEKLVKED
NLLMAYQICFDLYESASQQFLSSVIQNLRTVGTPIASVPGSTNTGTVPGSEKDSDSMETEEKTSSAFVGKTPEASPEPKD
QTLKMIKILSGEMAIELHLQFLIRNNNTDLMILKNTKDAVRNSVCHTATVIANSFMHCGTTSDQFLRDNLEWLARATNWA
KFTATASLGVIHKGHEKEALQLMATYLPKDTSPGSAYQEGGGLYALGLIHANHGGDIIDYLLNQLKNASNDIVRHGGSLG
LGLAAMGTARQDVYDLLKTNLYQDDAVTGEAAGLALGLVMLGSKNAQAIEDMVGYAQETQHEKILRGLAVGIALVMYGRM
EEADALIESLCRDKDPILRRSGMYTVAMAYCGSGNNKAIRRLLHVAVSDVNDDVRRAAVESLGFILFRTPEQCPSVVSLL
SESYNPHVRYGAAMALGICCAGTGNKEAINLLEPMTNDPVNYVRQGALIASALIMIQQTEITCPKVNQFRQLYSKVINDK
HDDVMAKFGAILAQGILDAGGHNVTISLQSRTGHTHMPSVVGVLVFTQFWFWFPLSHFLSLAYTPTCVIGLNKDLKMPKV
QYKSNCKPSTFAYPAPLEVPKEKEKEKVSTAVLSITAKAKKKEKEKEKKEEEKMEVDEAEKKEEKEKKKEPEPNFQLLDN
PARVMPAQLKVLTMPETCRYQPFKPLSIGGIIILKDTSEDIEELVEPVAAHGPKI
;
U
8 'polypeptide(L)'
;PPGGGEQEPPPPPAPQDVEMKEEAATGGGSTGEADGKTAAAAAEHSQRELDTVTLEDIKEHVKQLEKAVSGKEPRFVLRA
LRMLPSTSRRLNHYVLYKAVQGFFTSNNATRDFLLPFLEEPMDTEADLQFRPRTGKAASTPLLPEVEAYLQLLVVIFMMN
SKRYKEAQKISDDLMQKISTQNRRALDLVAAKCYYYHARVYEFLDKLDVVRSFLHARLRTATLRHDADGQATLLNLLLRN
YLHYSLYDQAEKLVSKSVFPEQANNNEWARYLYYTGRIKAIQLEYSEARRTMTNALRKAPQHTAVGFKQTVHKLLIVVEL
LLGEIPDRLQFRQPSLKRSLMPYFLLTQAVRTGNLAKFNQVLDQFGEKFQADGTYTLIIRLRHNVIKTGVRMISLSYSRI
SLADIAQKLQLDSPEDAEFIVAKAIRDGVIEASINHEKGYVQSKEMIDIYSTREPQLAFHQRISFCLDIHNMSVKAMRFP
PKSYNKDL
;
V
9 'polypeptide(L)'
;MADGGSERADGRIVKMEVDYSATVDQRLPECAKLAKEGRLQEVIETLLSLEKQTRTASDMVSTSRILVAVVKMCYEAKEW
DLLNENIMLLSKRRSQLKQAVAKMVQQCCTYVEEITDLPIKLRLIDTLRMVTEGKIYVEIERARLTKTLATIKEQNGDVK
EAASILQELQVETYGSMEKKERVEFILEQMRLCLAVKDYIRTQIISKKINTKFFQEENTEKLKLKYYNLMIQLDQHEGSY
LSICKHYRAIYDTPCIQAESEKWQQALKSVVLYVILAPFDNEQSDLVHRISGDKKLEEIPKYKDLLKLFTTMELMRWSTL
VEDYGMELRKGSLESPATDVFGSTEEGEKRWKDLKNRVVEHNIRIMAKYYTRITMKRMAQLLDLSVDESEAFLSNLVVNK
TIFAKVDRLAGIINFQRPKDPNNLLNDWSQKLNSLMSLVNKTTHLIAKEEMIHNLQ
;
W
10 'polypeptide(L)'
;NDEEAVQVKEQSILELGSLLAKTGQAAELGGLLKYVRPFLNSISKAKAARLVRSLLDLFLDMEAATGQEVELCLECIEWA
KSEKRTFLRQALEARLVSLYFDTKRYQEALHLGSQLLRELKKMDDKALLVEVQLLESKTYHALSNLPKARAALTSARTTA
NAIYCPPKLQATLDMQSGIIHAAEEKDWKTAYSYFYEAFEGYDSIDSPKAITSLKYMLLCKIMLNTPEDVQALVSGKLAL
RYAGRQTEALKCVAQASKNRSLADFEKALTDYRAELRDDPIISTHLAKLYDNLLEQNLIRVIEPFSRVQIEHISSLIKLS
KADVERKLSQMILDKKFHGILDQGEGVLIIFDEPPVDKTYEAALETIQNMSKVVDSLYNKAKKLT
;
X
11 'polypeptide(L)'
;PKNPDLRIAQLRFLLSLPEHRGDAAVRDELMAAVRDNNMAPYYEALCKSLDWQIDVDLLNKMKKANEDELKRLDEELEDA
EKNLGESEIRDAMMAKAEYLCRIGDKEGALTAFRKTYDKTVALGHRLDIVFYLLRIGLFYMDNDLITRNTEKAKSLIEEG
GDWDRRNRLKVYQGLYCVAIRDFKQAAELFLDTVSTFTSYELMDYKTFVTYTVYVSMIALERPDLREKVIKGAEILEVLH
SLPAVRQYLFSLYECRYSVFFQSLAVVEQEMKKDWLFAPHYRYYVREMRIHAYSQLLESYRSLTLGYMAEAFGVGVEFID
QELSRFIAAGRLHCKIDKVNEIVETNRPDSKNWQYQETIKKGDLLLNRVQKLSRVINM
;
Y
12 'polypeptide(L)'
;AVQKVVVHPLVLLSVVDHFNRIGKVGNQKRVVGVLLGSWQKKVLDVSNSFAVPFDEDDKDDSVWFLDHDYLENMYGMFKK
VNARERIVGWYHTGPKLHKNDIAINELMKRYCPNSVLVIIDVKPKDLGLPTEAYISVEEVHDDGTPTSKTFEHVTSEIGA
EEAEEVGVEHLLRDIKDTTVGTLSQRITNQVHGLKGLNSKLLDIRSYLEKVATGKLPINHQIIYQLQDVFNLLPDVSLQE
FVKAFYLKTNDQMVVVYLASLIRSVVALHNLINNKIANRDAEKKEG
;
Z
13 'polypeptide(L)'
;DVPGFLQQSQNSGPGQPAVWHRLEELYTKKLWHQLTLQVLDFVQDPCFAQGDGLIKLYENFISEFEHRVNPLSLVEIILH
VVRQMTDPNVALTFLEKTREKVKSSDEAVILCKTAIGALKLNIGDLQVTKETIEDVEEMLNNLPGVTSVHSRFYDLSSKY
YQTIGNHASYYKDALRFLGCVDIKDLPVSEQQERAFTLGLAGLLGEGVFNFGELLMHPVLESLRNTDRQWLIDTLYAFNS
GNVERFQTLKTAWGQQPDLAANEAQLLRKIQLLCLMEMTFTRPANHRQLTFEEIAKSAKITVNEVELLVMKALSVGLVKG
SIDEVDKRVHMTWVQPRVLDLQQIKGMKDRLEFWCTDVKSMEMLVEHQAHDILT
;
a
14 'polypeptide(L)'
;MVLESTMVCVDNSEYMRNGDFLPTRLQAQQDAVNIVCHSKTRSNPENNVGLITLANDCEVLTTLTPDTGRILSKLHTVQP
KGKITFCTGIRVAHLALKHRQGKNHKMRIIAFVGSPVEDNEKDLVKLAKRLKKEKVNVDIINFGEEEVNTEKLTAFVNTL
NGKDGTGSHLVTVPPGPSLADALISSPILAG
;
b
15 'polypeptide(L)'
;AVDTAEQVYISSLALLKMLKHGRAGVPMEVMGLMLGEFVDDYTVRVIDVFAMPQSGTGVSVEAVDPVFQAKMLDMLKQTG
RPEMVVGWYHSHPGFGCWLSGVDINTQQSFEALSERAVAVVVDPIQSVKGKVVIDAFRLINANMMVLGHEPRQTTSNLGH
LNKPSIQALIHGLNRHYYSITINYRKNELEQKMLLNLHKKSWMEGLTLQDYSEHCKHNESVVKEMLELAKNYNKAVEEED
KMTPEQLAIKNVGKQDPKRHLEEHVDVLMTSNIVQCLAAMLDTVVFK
;
c
16 'polypeptide(L)'
;MYEQLKGEWNRKSPNLSKCGEELGRLKLVLLELNFLPTTGTKLTKQQLILARDILEIGAQWSILRKDIPSFERYMAQLKC
YYFDYKEQLPESAYMHQLLGLNLLFLLSQNRVAEFHTELERLPAKDIQTNVYIKHPVSLEQYLMEGSYNKVFLAKGNIPA
ESYTFFIDILLDTIRDEIAGCIEKAYEKILFTEATRILFFNTPKKMTDYAKKRGWVLGPNNYYSFASQQQKPEDTTIPST
ELAKQVIEYARQLEMIV
;
d
17 'polypeptide(L)' VWEDNWDDDNVEDDFSNQLRAELEKHGYKMETS e
18 'polypeptide(L)'
;LYRPALEELRRQIRSSTTSMTSVPKPLKFLRPHYGKLKEIYENMAPGENKRFAADIISVLAMTMSGERECLKYRLVGSQE
ELASWGHEYVRHLAGEVAKEWQELDDAEKVQREPLLTLVKEIVPYNMAHNAEHEACDLLMEIEQVDMLEKDIDENAYAKV
CLYLTSCVNYVPEPENSALLRCALGVFRKFSRFPEALRLALMLNDMELVEDIFTSCKDVVVQKQMAFMLGRHGVFLELSE
DVEEYEDLTEIMSNVQLNSNFLALARELDIMEPKVPDDIYKTHLENNRFGGSGSQVDSARMNLASSFVNGFVNAAFGQDK
LLTDDGNKWLYKNKDHGMLSAAASLGMILLWDVDGGLTQIDKYLYSSEDYIKSGALLACGIVNSGVRNECDPALALLSDY
VLHNSNTMRLGSIFGLGLAYAGSNREDVLTLLLPVMGDSKSSMEVAGVTALACGMIAVGSCNGDVTSTILQTIMEKSETE
LKDTYARWLPLGLGLNHLGKGEAIEAILAALEVVSEPFRSFANTLVDVCAYAGSGNVLKVQQLLHICSEHFDSKEKEEDK
DKKEKKDKDKKEAPADMGAHQGVAVLGIALIAMGEEIGAEMALRTFGHLLRYGEPTLRRAVPLALALISVSNPRLNILDT
LSKFSHDADPEVSYNSIFAMGMVGSGTNNARLAAMLRQLAQYHAKDPNNLFMVRLAQGLTHLGKGTLTLCPYHSDRQLMS
QVAVAGLLTVLVSFLDVRNIILGKSHYVLYGLVAAMQPRMLVTFDEELRPLPVSVRVGQAVDVV
;
f
#
loop_
_chem_comp.id
_chem_comp.type
_chem_comp.name
_chem_comp.formula
ZN non-polymer 'ZINC ION' 'Zn 2'
#
# COMPACT_ATOMS: atom_id res chain seq x y z
N ALA A 1 25.86 27.90 -35.57
CA ALA A 1 24.89 28.98 -35.42
C ALA A 1 24.55 29.69 -36.76
N PRO A 2 25.54 29.95 -37.62
CA PRO A 2 25.21 30.48 -38.96
C PRO A 2 24.30 29.55 -39.74
N PRO A 3 24.50 28.22 -39.71
CA PRO A 3 23.52 27.36 -40.37
C PRO A 3 22.16 27.35 -39.69
N ALA A 4 22.11 27.56 -38.37
CA ALA A 4 20.86 27.58 -37.63
C ALA A 4 20.16 28.93 -37.69
N LEU A 5 20.74 29.93 -38.36
CA LEU A 5 20.12 31.24 -38.42
C LEU A 5 18.99 31.27 -39.44
N TRP A 6 19.27 30.87 -40.69
CA TRP A 6 18.24 30.88 -41.71
C TRP A 6 17.14 29.86 -41.42
N ASP A 7 17.53 28.70 -40.89
CA ASP A 7 16.52 27.69 -40.53
C ASP A 7 15.80 28.08 -39.25
N LEU A 8 16.47 28.77 -38.34
CA LEU A 8 15.80 29.26 -37.13
C LEU A 8 14.76 30.32 -37.49
N ALA A 9 15.07 31.19 -38.44
CA ALA A 9 14.08 32.15 -38.93
C ALA A 9 13.01 31.46 -39.77
N ALA A 10 13.37 30.32 -40.39
CA ALA A 10 12.42 29.52 -41.16
C ALA A 10 11.71 28.48 -40.30
N ASP A 11 11.82 28.57 -38.98
CA ASP A 11 11.18 27.63 -38.07
C ASP A 11 9.79 28.09 -37.65
N LYS A 12 9.33 29.24 -38.15
CA LYS A 12 8.02 29.76 -37.75
C LYS A 12 6.90 28.85 -38.26
N GLN A 13 6.98 28.45 -39.53
CA GLN A 13 5.94 27.59 -40.11
C GLN A 13 6.00 26.16 -39.60
N THR A 14 7.03 25.80 -38.82
CA THR A 14 7.10 24.46 -38.27
C THR A 14 6.04 24.22 -37.20
N LEU A 15 5.51 25.27 -36.59
CA LEU A 15 4.44 25.11 -35.61
C LEU A 15 3.11 24.81 -36.31
N GLN A 16 2.81 25.54 -37.40
CA GLN A 16 1.61 25.24 -38.16
C GLN A 16 1.75 23.97 -38.99
N SER A 17 2.98 23.52 -39.23
CA SER A 17 3.23 22.26 -39.93
C SER A 17 3.54 21.11 -38.98
N GLU A 18 3.48 21.36 -37.67
CA GLU A 18 3.75 20.29 -36.70
C GLU A 18 2.56 19.36 -36.54
N GLN A 19 1.34 19.85 -36.81
CA GLN A 19 0.16 18.99 -36.69
C GLN A 19 0.16 17.84 -37.69
N PRO A 20 0.48 18.02 -38.97
CA PRO A 20 0.56 16.87 -39.88
C PRO A 20 1.91 16.17 -39.75
N LEU A 21 2.01 15.01 -40.41
CA LEU A 21 3.21 14.19 -40.47
C LEU A 21 3.63 13.64 -39.11
N GLN A 22 2.78 13.80 -38.08
CA GLN A 22 3.12 13.35 -36.74
C GLN A 22 3.00 11.84 -36.58
N VAL A 23 2.51 11.13 -37.59
CA VAL A 23 2.24 9.70 -37.45
C VAL A 23 3.55 8.94 -37.34
N ALA A 24 3.69 8.17 -36.26
CA ALA A 24 4.89 7.35 -36.06
C ALA A 24 4.55 6.25 -35.07
N ARG A 25 4.43 5.02 -35.56
CA ARG A 25 4.15 3.85 -34.74
C ARG A 25 5.28 2.81 -34.86
N CYS A 26 6.52 3.29 -34.80
CA CYS A 26 7.72 2.45 -34.83
C CYS A 26 7.89 1.71 -36.16
N THR A 27 7.17 2.12 -37.20
CA THR A 27 7.24 1.54 -38.54
C THR A 27 7.11 0.02 -38.50
N LYS A 28 5.95 -0.43 -38.02
CA LYS A 28 5.68 -1.86 -37.93
C LYS A 28 5.45 -2.45 -39.31
N ILE A 29 5.99 -3.65 -39.52
CA ILE A 29 5.93 -4.33 -40.81
C ILE A 29 4.81 -5.36 -40.79
N ILE A 30 4.17 -5.55 -41.95
CA ILE A 30 3.08 -6.52 -42.08
C ILE A 30 3.66 -7.91 -42.30
N ASN A 31 2.81 -8.93 -42.20
CA ASN A 31 3.21 -10.31 -42.43
C ASN A 31 2.61 -10.88 -43.71
N ALA A 32 1.29 -10.84 -43.86
CA ALA A 32 0.62 -11.36 -45.04
C ALA A 32 -0.70 -10.60 -45.21
N ASP A 33 -1.56 -11.12 -46.06
CA ASP A 33 -2.88 -10.53 -46.27
C ASP A 33 -3.85 -11.63 -46.68
N SER A 34 -4.72 -12.02 -45.75
CA SER A 34 -5.74 -13.01 -46.05
C SER A 34 -6.90 -12.39 -46.82
N GLU A 35 -7.33 -11.20 -46.42
CA GLU A 35 -8.42 -10.50 -47.08
C GLU A 35 -8.00 -9.05 -47.29
N ASP A 36 -8.67 -8.37 -48.22
CA ASP A 36 -8.24 -7.03 -48.62
C ASP A 36 -8.50 -5.94 -47.57
N PRO A 37 -9.64 -5.94 -46.84
CA PRO A 37 -9.82 -4.90 -45.81
C PRO A 37 -8.86 -5.05 -44.63
N LYS A 38 -8.82 -6.23 -44.03
CA LYS A 38 -8.06 -6.48 -42.81
C LYS A 38 -6.67 -6.99 -43.15
N TYR A 39 -5.65 -6.33 -42.60
CA TYR A 39 -4.25 -6.68 -42.83
C TYR A 39 -3.59 -6.98 -41.50
N ILE A 40 -2.88 -8.11 -41.44
CA ILE A 40 -2.17 -8.52 -40.24
C ILE A 40 -0.80 -7.85 -40.22
N ILE A 41 -0.49 -7.17 -39.12
CA ILE A 41 0.77 -6.45 -38.97
C ILE A 41 1.45 -6.92 -37.70
N ASN A 42 2.78 -6.93 -37.72
CA ASN A 42 3.58 -7.35 -36.57
C ASN A 42 4.59 -6.25 -36.25
N VAL A 43 4.54 -5.75 -35.02
CA VAL A 43 5.50 -4.73 -34.59
C VAL A 43 6.76 -5.41 -34.08
N LYS A 44 7.84 -4.62 -33.97
CA LYS A 44 9.11 -5.14 -33.49
C LYS A 44 9.05 -5.56 -32.03
N GLN A 45 8.05 -5.07 -31.28
CA GLN A 45 7.87 -5.43 -29.88
C GLN A 45 7.14 -6.76 -29.68
N PHE A 46 7.09 -7.61 -30.73
CA PHE A 46 6.46 -8.92 -30.66
C PHE A 46 4.97 -8.80 -30.34
N ALA A 47 4.33 -7.78 -30.89
CA ALA A 47 2.89 -7.55 -30.72
C ALA A 47 2.25 -7.47 -32.10
N LYS A 48 1.40 -8.46 -32.41
CA LYS A 48 0.74 -8.50 -33.70
C LYS A 48 -0.47 -7.57 -33.71
N PHE A 49 -0.55 -6.72 -34.73
CA PHE A 49 -1.64 -5.76 -34.86
C PHE A 49 -2.41 -6.01 -36.15
N VAL A 50 -3.67 -5.58 -36.15
CA VAL A 50 -4.54 -5.70 -37.31
C VAL A 50 -5.32 -4.41 -37.47
N VAL A 51 -5.33 -3.86 -38.69
CA VAL A 51 -6.04 -2.61 -38.97
C VAL A 51 -6.45 -2.61 -40.43
N ASP A 52 -7.47 -1.83 -40.75
CA ASP A 52 -7.94 -1.70 -42.12
C ASP A 52 -7.10 -0.67 -42.87
N LEU A 53 -7.06 -0.81 -44.19
CA LEU A 53 -6.28 0.09 -45.04
C LEU A 53 -6.97 1.44 -45.17
N SER A 54 -6.16 2.50 -45.18
CA SER A 54 -6.68 3.85 -45.31
C SER A 54 -6.97 4.16 -46.78
N ASP A 55 -7.54 5.34 -47.02
CA ASP A 55 -7.89 5.77 -48.37
C ASP A 55 -6.76 6.51 -49.07
N GLN A 56 -5.68 6.85 -48.35
CA GLN A 56 -4.56 7.57 -48.95
C GLN A 56 -3.53 6.65 -49.59
N VAL A 57 -3.58 5.35 -49.31
CA VAL A 57 -2.63 4.38 -49.86
C VAL A 57 -3.41 3.37 -50.68
N ALA A 58 -2.97 3.14 -51.91
CA ALA A 58 -3.64 2.18 -52.78
C ALA A 58 -3.31 0.76 -52.34
N PRO A 59 -4.26 -0.17 -52.49
CA PRO A 59 -3.99 -1.56 -52.10
C PRO A 59 -2.98 -2.27 -53.00
N THR A 60 -2.79 -1.79 -54.23
CA THR A 60 -1.84 -2.42 -55.14
C THR A 60 -0.38 -2.07 -54.82
N ASP A 61 -0.15 -1.06 -53.98
CA ASP A 61 1.20 -0.66 -53.60
C ASP A 61 1.69 -1.34 -52.33
N ILE A 62 0.91 -2.28 -51.80
CA ILE A 62 1.29 -2.99 -50.57
C ILE A 62 2.05 -4.24 -50.95
N GLU A 63 3.21 -4.44 -50.33
CA GLU A 63 4.06 -5.59 -50.57
C GLU A 63 4.19 -6.42 -49.30
N GLU A 64 4.40 -7.71 -49.48
CA GLU A 64 4.55 -8.63 -48.35
C GLU A 64 5.83 -8.29 -47.58
N GLY A 65 5.67 -7.92 -46.31
CA GLY A 65 6.81 -7.54 -45.49
C GLY A 65 7.45 -6.25 -45.93
N MET A 66 6.68 -5.17 -45.96
CA MET A 66 7.15 -3.86 -46.39
C MET A 66 7.02 -2.88 -45.23
N ARG A 67 8.12 -2.19 -44.92
CA ARG A 67 8.13 -1.20 -43.85
C ARG A 67 7.50 0.09 -44.37
N VAL A 68 6.35 0.46 -43.80
CA VAL A 68 5.61 1.65 -44.21
C VAL A 68 5.19 2.41 -42.96
N GLY A 69 4.95 3.71 -43.15
CA GLY A 69 4.48 4.53 -42.04
C GLY A 69 3.04 4.21 -41.69
N VAL A 70 2.73 4.29 -40.40
CA VAL A 70 1.41 3.95 -39.89
C VAL A 70 1.10 4.86 -38.70
N ASP A 71 -0.15 5.29 -38.60
CA ASP A 71 -0.57 6.18 -37.53
C ASP A 71 -0.57 5.45 -36.19
N ARG A 72 -0.38 6.21 -35.12
CA ARG A 72 -0.46 5.69 -33.77
C ARG A 72 -1.75 6.11 -33.05
N ASN A 73 -2.60 6.89 -33.71
CA ASN A 73 -3.89 7.29 -33.15
C ASN A 73 -5.06 6.68 -33.93
N LYS A 74 -5.10 6.87 -35.25
CA LYS A 74 -6.10 6.22 -36.08
C LYS A 74 -5.68 4.82 -36.53
N TYR A 75 -4.42 4.45 -36.28
CA TYR A 75 -3.85 3.14 -36.60
C TYR A 75 -3.79 2.87 -38.10
N GLN A 76 -4.16 3.83 -38.94
CA GLN A 76 -4.19 3.65 -40.38
C GLN A 76 -2.82 3.95 -40.98
N ILE A 77 -2.66 3.57 -42.25
CA ILE A 77 -1.42 3.78 -42.98
C ILE A 77 -1.53 5.13 -43.69
N HIS A 78 -0.76 6.11 -43.22
CA HIS A 78 -0.81 7.45 -43.79
C HIS A 78 -0.06 7.53 -45.12
N ILE A 79 1.24 7.24 -45.09
CA ILE A 79 2.07 7.32 -46.29
C ILE A 79 3.17 6.26 -46.19
N PRO A 80 3.46 5.54 -47.27
CA PRO A 80 4.55 4.58 -47.26
C PRO A 80 5.90 5.28 -47.44
N LEU A 81 6.96 4.47 -47.46
CA LEU A 81 8.32 4.97 -47.62
C LEU A 81 9.16 3.95 -48.36
N PRO A 82 10.06 4.38 -49.24
CA PRO A 82 10.87 3.44 -50.02
C PRO A 82 11.76 2.57 -49.14
N PRO A 83 12.49 3.15 -48.16
CA PRO A 83 13.34 2.19 -47.43
C PRO A 83 12.55 1.34 -46.43
N ASP A 86 20.01 2.84 -45.23
CA ASP A 86 20.66 1.96 -46.19
C ASP A 86 22.03 1.52 -45.69
N PRO A 87 22.16 0.23 -45.38
CA PRO A 87 23.46 -0.28 -44.90
C PRO A 87 24.51 -0.24 -45.99
N THR A 88 25.75 -0.56 -45.58
CA THR A 88 26.86 -0.57 -46.52
C THR A 88 26.77 -1.71 -47.53
N VAL A 89 26.01 -2.76 -47.21
CA VAL A 89 25.85 -3.87 -48.16
C VAL A 89 25.05 -3.42 -49.38
N THR A 90 24.20 -2.40 -49.22
CA THR A 90 23.40 -1.93 -50.35
C THR A 90 24.25 -1.11 -51.32
N MET A 91 25.15 -0.29 -50.79
CA MET A 91 26.00 0.54 -51.66
C MET A 91 27.18 -0.24 -52.22
N MET A 92 27.75 -1.16 -51.44
CA MET A 92 28.84 -1.98 -51.94
C MET A 92 28.32 -3.13 -52.82
N GLN A 93 27.05 -3.51 -52.64
CA GLN A 93 26.50 -4.63 -53.38
C GLN A 93 26.44 -4.36 -54.89
N VAL A 94 26.35 -3.09 -55.27
CA VAL A 94 26.32 -2.73 -56.69
C VAL A 94 27.67 -3.04 -57.31
N GLU A 95 27.65 -3.76 -58.44
CA GLU A 95 28.87 -4.18 -59.12
C GLU A 95 29.11 -3.26 -60.31
N GLU A 96 30.19 -2.48 -60.24
CA GLU A 96 30.60 -1.60 -61.34
C GLU A 96 32.09 -1.78 -61.61
N LYS A 97 32.68 -0.87 -62.40
CA LYS A 97 34.10 -0.89 -62.71
C LYS A 97 34.51 -2.22 -63.32
N PRO A 98 34.21 -2.46 -64.61
CA PRO A 98 34.50 -3.78 -65.22
C PRO A 98 35.91 -4.29 -64.97
N ASP A 99 35.99 -5.39 -64.23
CA ASP A 99 37.23 -6.01 -63.81
C ASP A 99 37.71 -7.00 -64.88
N VAL A 100 38.63 -7.89 -64.52
CA VAL A 100 39.28 -8.85 -65.41
C VAL A 100 38.30 -9.50 -66.38
N THR A 101 38.64 -9.47 -67.67
CA THR A 101 37.77 -9.94 -68.73
C THR A 101 38.13 -11.37 -69.15
N TYR A 102 37.54 -11.83 -70.25
CA TYR A 102 37.71 -13.19 -70.75
C TYR A 102 39.10 -13.47 -71.29
N SER A 103 39.96 -12.46 -71.42
CA SER A 103 41.26 -12.63 -72.06
C SER A 103 42.17 -13.60 -71.30
N ASP A 104 41.71 -14.12 -70.16
CA ASP A 104 42.44 -15.10 -69.38
C ASP A 104 42.00 -16.53 -69.71
N VAL A 105 41.57 -16.79 -70.93
CA VAL A 105 41.13 -18.12 -71.33
C VAL A 105 42.35 -19.04 -71.39
N GLY A 106 42.37 -20.04 -70.52
CA GLY A 106 43.47 -20.98 -70.46
C GLY A 106 43.29 -22.04 -69.41
N GLY A 107 43.80 -23.25 -69.66
CA GLY A 107 43.66 -24.32 -68.70
C GLY A 107 42.26 -24.89 -68.65
N CYS A 108 41.53 -24.59 -67.57
CA CYS A 108 40.17 -25.08 -67.37
C CYS A 108 39.25 -24.37 -68.36
N LYS A 109 39.22 -24.88 -69.59
CA LYS A 109 38.45 -24.28 -70.66
C LYS A 109 37.07 -24.91 -70.84
N GLU A 110 36.92 -26.18 -70.47
CA GLU A 110 35.63 -26.84 -70.65
C GLU A 110 34.61 -26.36 -69.63
N GLN A 111 34.99 -26.34 -68.35
CA GLN A 111 34.06 -25.93 -67.31
C GLN A 111 33.75 -24.43 -67.38
N ILE A 112 34.71 -23.62 -67.81
CA ILE A 112 34.44 -22.19 -67.98
C ILE A 112 33.50 -21.95 -69.15
N GLU A 113 33.48 -22.86 -70.13
CA GLU A 113 32.48 -22.79 -71.19
C GLU A 113 31.12 -23.26 -70.69
N LYS A 114 31.11 -24.32 -69.86
CA LYS A 114 29.85 -24.81 -69.30
C LYS A 114 29.20 -23.77 -68.40
N LEU A 115 29.98 -22.96 -67.70
CA LEU A 115 29.44 -21.89 -66.89
C LEU A 115 29.33 -20.57 -67.64
N ARG A 116 29.93 -20.47 -68.83
CA ARG A 116 29.76 -19.27 -69.64
C ARG A 116 28.47 -19.32 -70.45
N GLU A 117 28.16 -20.50 -71.02
CA GLU A 117 26.94 -20.67 -71.81
C GLU A 117 25.69 -20.77 -70.94
N VAL A 118 25.81 -20.59 -69.63
CA VAL A 118 24.66 -20.54 -68.75
C VAL A 118 24.38 -19.13 -68.23
N VAL A 119 25.37 -18.24 -68.26
CA VAL A 119 25.20 -16.87 -67.77
C VAL A 119 25.09 -15.92 -68.96
N GLU A 120 25.72 -16.27 -70.08
CA GLU A 120 25.71 -15.40 -71.26
C GLU A 120 24.59 -15.75 -72.23
N THR A 121 24.56 -16.99 -72.70
CA THR A 121 23.65 -17.41 -73.77
C THR A 121 22.18 -17.35 -73.37
N PRO A 122 21.78 -17.84 -72.18
CA PRO A 122 20.34 -17.81 -71.84
C PRO A 122 19.77 -16.40 -71.77
N LEU A 123 20.52 -15.45 -71.22
CA LEU A 123 20.03 -14.08 -71.14
C LEU A 123 20.07 -13.37 -72.49
N LEU A 124 21.08 -13.68 -73.32
CA LEU A 124 21.19 -13.04 -74.62
C LEU A 124 20.27 -13.67 -75.66
N HIS A 125 20.05 -14.99 -75.58
CA HIS A 125 19.26 -15.72 -76.57
C HIS A 125 18.20 -16.54 -75.84
N PRO A 126 17.12 -15.89 -75.37
CA PRO A 126 16.11 -16.61 -74.59
C PRO A 126 15.08 -17.35 -75.45
N GLU A 127 14.89 -16.91 -76.69
CA GLU A 127 13.77 -17.42 -77.49
C GLU A 127 13.99 -18.88 -77.88
N ARG A 128 15.17 -19.22 -78.38
CA ARG A 128 15.43 -20.58 -78.82
C ARG A 128 15.69 -21.54 -77.66
N PHE A 129 15.98 -21.02 -76.47
CA PHE A 129 16.05 -21.88 -75.28
C PHE A 129 14.68 -22.22 -74.73
N VAL A 130 13.68 -21.37 -74.97
CA VAL A 130 12.31 -21.68 -74.56
C VAL A 130 11.61 -22.52 -75.61
N ASN A 131 11.77 -22.18 -76.89
CA ASN A 131 11.16 -22.95 -77.95
C ASN A 131 11.90 -24.27 -78.22
N LEU A 132 13.17 -24.34 -77.87
CA LEU A 132 13.97 -25.54 -78.10
C LEU A 132 13.69 -26.65 -77.09
N GLY A 133 13.17 -26.30 -75.92
CA GLY A 133 12.93 -27.30 -74.89
C GLY A 133 12.05 -26.82 -73.75
N ILE A 134 12.40 -27.19 -72.53
CA ILE A 134 11.58 -26.89 -71.36
C ILE A 134 12.05 -25.63 -70.63
N GLU A 135 13.35 -25.49 -70.42
CA GLU A 135 13.90 -24.28 -69.79
C GLU A 135 15.38 -24.19 -70.14
N PRO A 136 15.93 -22.98 -70.15
CA PRO A 136 17.38 -22.83 -70.32
C PRO A 136 18.12 -23.36 -69.11
N PRO A 137 19.43 -23.61 -69.23
CA PRO A 137 20.16 -24.19 -68.10
C PRO A 137 20.16 -23.26 -66.89
N LYS A 138 20.17 -23.87 -65.70
CA LYS A 138 20.10 -23.11 -64.47
C LYS A 138 21.47 -22.59 -64.06
N GLY A 139 22.42 -23.50 -63.83
CA GLY A 139 23.74 -23.09 -63.43
C GLY A 139 24.59 -24.29 -63.05
N VAL A 140 25.81 -24.00 -62.59
CA VAL A 140 26.78 -25.00 -62.19
C VAL A 140 27.22 -24.72 -60.77
N LEU A 141 28.13 -25.56 -60.27
CA LEU A 141 28.70 -25.43 -58.94
C LEU A 141 30.23 -25.38 -59.05
N LEU A 142 30.83 -24.44 -58.32
CA LEU A 142 32.28 -24.20 -58.38
C LEU A 142 32.85 -24.30 -56.96
N PHE A 143 33.29 -25.49 -56.58
CA PHE A 143 33.88 -25.74 -55.28
C PHE A 143 35.24 -26.40 -55.45
N GLY A 144 35.85 -26.77 -54.32
CA GLY A 144 37.11 -27.47 -54.33
C GLY A 144 38.29 -26.55 -54.08
N PRO A 145 39.29 -26.59 -54.96
CA PRO A 145 40.48 -25.75 -54.78
C PRO A 145 40.20 -24.33 -55.20
N PRO A 146 40.81 -23.35 -54.53
CA PRO A 146 40.64 -21.95 -54.93
C PRO A 146 41.19 -21.67 -56.32
N GLY A 147 42.44 -22.02 -56.54
CA GLY A 147 43.06 -21.83 -57.84
C GLY A 147 43.08 -20.37 -58.24
N THR A 148 42.47 -20.06 -59.37
CA THR A 148 42.40 -18.69 -59.87
C THR A 148 41.13 -17.99 -59.37
N GLY A 149 41.00 -17.94 -58.05
CA GLY A 149 39.83 -17.35 -57.44
C GLY A 149 39.75 -15.85 -57.68
N LYS A 150 38.52 -15.34 -57.61
CA LYS A 150 38.21 -13.92 -57.83
C LYS A 150 38.69 -13.46 -59.20
N THR A 151 38.64 -14.36 -60.19
CA THR A 151 39.03 -14.01 -61.55
C THR A 151 37.93 -14.41 -62.54
N LEU A 152 37.22 -15.50 -62.23
CA LEU A 152 36.16 -15.98 -63.09
C LEU A 152 34.85 -15.24 -62.85
N CYS A 153 34.54 -14.92 -61.60
CA CYS A 153 33.42 -14.01 -61.33
C CYS A 153 33.71 -12.64 -61.93
N ALA A 154 34.95 -12.19 -61.84
CA ALA A 154 35.36 -10.97 -62.53
C ALA A 154 35.14 -11.10 -64.04
N ARG A 155 35.43 -12.28 -64.59
CA ARG A 155 35.17 -12.52 -66.01
C ARG A 155 33.69 -12.42 -66.32
N ALA A 156 32.84 -12.92 -65.43
CA ALA A 156 31.39 -12.81 -65.64
C ALA A 156 30.92 -11.37 -65.49
N VAL A 157 31.63 -10.56 -64.71
CA VAL A 157 31.26 -9.15 -64.59
C VAL A 157 31.67 -8.38 -65.83
N ALA A 158 32.85 -8.66 -66.37
CA ALA A 158 33.34 -7.93 -67.53
C ALA A 158 32.59 -8.33 -68.79
N ASN A 159 32.36 -9.62 -68.99
CA ASN A 159 31.66 -10.11 -70.17
C ASN A 159 30.15 -9.93 -70.09
N ARG A 160 29.67 -9.09 -69.17
CA ARG A 160 28.24 -8.85 -69.04
C ARG A 160 27.69 -8.16 -70.28
N THR A 161 26.39 -8.33 -70.50
CA THR A 161 25.68 -7.72 -71.63
C THR A 161 25.25 -6.28 -71.36
N ASP A 162 25.91 -5.61 -70.41
CA ASP A 162 25.65 -4.28 -69.88
C ASP A 162 24.49 -4.26 -68.89
N ALA A 163 23.80 -5.39 -68.69
CA ALA A 163 22.83 -5.51 -67.60
C ALA A 163 23.54 -6.18 -66.42
N CYS A 164 24.29 -5.38 -65.68
CA CYS A 164 25.15 -5.89 -64.63
C CYS A 164 24.35 -6.65 -63.58
N PHE A 165 24.88 -7.77 -63.12
CA PHE A 165 24.22 -8.61 -62.14
C PHE A 165 24.68 -8.26 -60.73
N ILE A 166 23.96 -8.82 -59.76
CA ILE A 166 24.21 -8.55 -58.34
C ILE A 166 24.90 -9.75 -57.73
N ARG A 167 26.03 -9.51 -57.07
CA ARG A 167 26.76 -10.55 -56.36
C ARG A 167 26.75 -10.26 -54.86
N VAL A 168 26.76 -11.32 -54.07
CA VAL A 168 26.71 -11.22 -52.62
C VAL A 168 27.85 -12.03 -52.03
N ILE A 169 28.63 -11.41 -51.15
CA ILE A 169 29.72 -12.10 -50.47
C ILE A 169 29.13 -12.96 -49.34
N GLY A 170 29.86 -14.03 -49.00
CA GLY A 170 29.40 -14.93 -47.96
C GLY A 170 29.54 -14.41 -46.55
N SER A 171 30.30 -13.33 -46.36
CA SER A 171 30.47 -12.77 -45.02
C SER A 171 29.21 -12.06 -44.52
N GLU A 172 28.31 -11.68 -45.42
CA GLU A 172 27.09 -10.99 -45.02
C GLU A 172 26.08 -11.93 -44.38
N LEU A 173 26.20 -13.24 -44.61
CA LEU A 173 25.24 -14.18 -44.06
C LEU A 173 25.46 -14.39 -42.57
N VAL A 174 26.65 -14.86 -42.19
CA VAL A 174 26.97 -15.15 -40.78
C VAL A 174 27.49 -13.86 -40.17
N GLN A 175 26.57 -13.05 -39.66
CA GLN A 175 26.90 -11.80 -38.98
C GLN A 175 26.18 -11.75 -37.64
N LYS A 176 26.51 -10.73 -36.85
CA LYS A 176 25.84 -10.51 -35.57
C LYS A 176 24.39 -10.10 -35.79
N TYR A 177 23.57 -10.33 -34.76
CA TYR A 177 22.15 -10.01 -34.80
C TYR A 177 21.47 -10.75 -35.95
N VAL A 178 21.44 -12.09 -35.83
CA VAL A 178 20.91 -12.93 -36.89
C VAL A 178 19.44 -12.61 -37.15
N GLY A 179 18.97 -12.98 -38.35
CA GLY A 179 17.65 -12.67 -38.82
C GLY A 179 17.63 -11.66 -39.96
N GLU A 180 18.69 -10.86 -40.08
CA GLU A 180 18.78 -9.87 -41.16
C GLU A 180 19.06 -10.51 -42.51
N GLY A 181 19.42 -11.79 -42.56
CA GLY A 181 19.68 -12.44 -43.83
C GLY A 181 18.42 -12.68 -44.64
N ALA A 182 17.28 -12.89 -43.97
CA ALA A 182 16.03 -13.11 -44.68
C ALA A 182 15.56 -11.82 -45.36
N ARG A 183 15.49 -10.73 -44.60
CA ARG A 183 15.15 -9.44 -45.20
C ARG A 183 16.23 -8.95 -46.15
N MET A 184 17.46 -9.43 -46.00
CA MET A 184 18.52 -9.05 -46.93
C MET A 184 18.34 -9.74 -48.28
N VAL A 185 18.11 -11.06 -48.27
CA VAL A 185 17.90 -11.76 -49.53
C VAL A 185 16.57 -11.35 -50.15
N ARG A 186 15.59 -10.97 -49.32
CA ARG A 186 14.32 -10.49 -49.85
C ARG A 186 14.45 -9.09 -50.44
N GLU A 187 15.30 -8.25 -49.86
CA GLU A 187 15.46 -6.90 -50.40
C GLU A 187 16.36 -6.88 -51.63
N LEU A 188 17.32 -7.81 -51.72
CA LEU A 188 18.09 -7.91 -52.95
C LEU A 188 17.31 -8.63 -54.05
N PHE A 189 16.42 -9.54 -53.67
CA PHE A 189 15.48 -10.08 -54.65
C PHE A 189 14.49 -9.02 -55.11
N GLU A 190 14.12 -8.10 -54.21
CA GLU A 190 13.28 -6.98 -54.62
C GLU A 190 14.04 -6.02 -55.54
N MET A 191 15.34 -5.85 -55.29
CA MET A 191 16.16 -5.08 -56.23
C MET A 191 16.30 -5.80 -57.56
N ALA A 192 16.25 -7.15 -57.55
CA ALA A 192 16.24 -7.90 -58.79
C ALA A 192 14.92 -7.71 -59.53
N ARG A 193 13.82 -7.59 -58.78
CA ARG A 193 12.53 -7.26 -59.41
C ARG A 193 12.55 -5.85 -59.98
N THR A 194 13.24 -4.92 -59.31
CA THR A 194 13.34 -3.56 -59.83
C THR A 194 14.26 -3.49 -61.05
N LYS A 195 15.22 -4.41 -61.14
CA LYS A 195 16.19 -4.43 -62.23
C LYS A 195 15.85 -5.47 -63.29
N LYS A 196 14.56 -5.60 -63.62
CA LYS A 196 14.03 -6.48 -64.67
C LYS A 196 14.66 -7.88 -64.60
N ALA A 197 14.41 -8.52 -63.46
CA ALA A 197 14.89 -9.88 -63.18
C ALA A 197 16.41 -9.96 -63.28
N CYS A 198 17.06 -9.23 -62.37
CA CYS A 198 18.51 -9.21 -62.33
C CYS A 198 19.05 -10.54 -61.81
N LEU A 199 20.22 -10.92 -62.32
CA LEU A 199 20.85 -12.18 -61.93
C LEU A 199 21.46 -12.05 -60.55
N ILE A 200 21.16 -13.02 -59.68
CA ILE A 200 21.60 -13.01 -58.29
C ILE A 200 22.73 -14.02 -58.13
N PHE A 201 23.82 -13.60 -57.52
CA PHE A 201 24.99 -14.44 -57.30
C PHE A 201 25.42 -14.35 -55.84
N PHE A 202 25.92 -15.46 -55.31
CA PHE A 202 26.40 -15.54 -53.93
C PHE A 202 27.84 -16.02 -53.95
N ASP A 203 28.78 -15.10 -53.77
CA ASP A 203 30.20 -15.43 -53.81
C ASP A 203 30.68 -15.92 -52.45
N GLU A 204 31.50 -16.97 -52.47
CA GLU A 204 32.17 -17.51 -51.29
C GLU A 204 31.15 -17.89 -50.20
N ILE A 205 30.31 -18.87 -50.53
CA ILE A 205 29.30 -19.35 -49.59
C ILE A 205 29.91 -20.09 -48.40
N ASP A 206 31.21 -20.39 -48.44
CA ASP A 206 31.87 -21.08 -47.34
C ASP A 206 31.84 -20.27 -46.05
N ALA A 207 31.77 -18.94 -46.14
CA ALA A 207 31.74 -18.10 -44.96
C ALA A 207 30.39 -18.18 -44.27
N ASP A 220 22.84 -24.14 -34.04
CA ASP A 220 23.17 -23.92 -35.44
C ASP A 220 21.95 -23.45 -36.22
N ASN A 221 20.87 -23.13 -35.50
CA ASN A 221 19.65 -22.68 -36.16
C ASN A 221 19.84 -21.33 -36.85
N GLU A 222 20.76 -20.51 -36.35
CA GLU A 222 21.05 -19.22 -36.98
C GLU A 222 21.62 -19.38 -38.38
N VAL A 223 22.28 -20.51 -38.66
CA VAL A 223 22.74 -20.79 -40.02
C VAL A 223 21.72 -21.62 -40.78
N GLN A 224 21.01 -22.53 -40.10
CA GLN A 224 20.01 -23.36 -40.76
C GLN A 224 18.85 -22.52 -41.30
N ARG A 225 18.56 -21.38 -40.66
CA ARG A 225 17.51 -20.52 -41.19
C ARG A 225 17.98 -19.79 -42.44
N THR A 226 19.27 -19.45 -42.51
CA THR A 226 19.79 -18.72 -43.65
C THR A 226 20.01 -19.62 -44.85
N MET A 227 20.44 -20.86 -44.62
CA MET A 227 20.66 -21.78 -45.74
C MET A 227 19.41 -22.55 -46.12
N LEU A 228 18.55 -22.88 -45.16
CA LEU A 228 17.27 -23.51 -45.49
C LEU A 228 16.30 -22.51 -46.09
N GLU A 229 16.25 -21.29 -45.54
CA GLU A 229 15.44 -20.25 -46.15
C GLU A 229 16.08 -19.77 -47.45
N LEU A 230 17.41 -19.83 -47.54
CA LEU A 230 18.08 -19.46 -48.79
C LEU A 230 17.78 -20.46 -49.90
N ILE A 231 17.70 -21.75 -49.57
CA ILE A 231 17.24 -22.73 -50.54
C ILE A 231 15.76 -22.54 -50.84
N ASN A 232 14.98 -22.17 -49.81
CA ASN A 232 13.55 -21.91 -50.01
C ASN A 232 13.29 -20.63 -50.78
N GLN A 233 14.33 -19.83 -51.05
CA GLN A 233 14.22 -18.63 -51.88
C GLN A 233 14.79 -18.82 -53.27
N LEU A 234 15.99 -19.40 -53.39
CA LEU A 234 16.55 -19.67 -54.70
C LEU A 234 15.79 -20.77 -55.41
N ASP A 235 15.65 -21.93 -54.77
CA ASP A 235 14.86 -23.01 -55.35
C ASP A 235 13.37 -22.69 -55.35
N GLY A 236 12.94 -21.72 -54.54
CA GLY A 236 11.55 -21.30 -54.60
C GLY A 236 11.26 -20.45 -55.83
N PHE A 237 9.99 -20.47 -56.23
CA PHE A 237 9.56 -19.78 -57.44
C PHE A 237 9.00 -18.39 -57.16
N ASP A 238 9.20 -17.85 -55.96
CA ASP A 238 8.65 -16.53 -55.67
C ASP A 238 9.45 -15.43 -56.37
N PRO A 239 10.77 -15.27 -56.10
CA PRO A 239 11.51 -14.21 -56.82
C PRO A 239 11.63 -14.51 -58.31
N ARG A 240 12.25 -15.65 -58.64
CA ARG A 240 12.41 -16.11 -60.02
C ARG A 240 13.06 -17.49 -60.00
N GLY A 241 12.81 -18.29 -61.03
CA GLY A 241 13.44 -19.60 -61.11
C GLY A 241 14.31 -19.77 -62.35
N ASN A 242 14.69 -18.66 -62.98
CA ASN A 242 15.44 -18.74 -64.23
C ASN A 242 16.54 -17.68 -64.35
N ILE A 243 16.85 -16.95 -63.29
CA ILE A 243 17.80 -15.84 -63.41
C ILE A 243 19.24 -16.35 -63.29
N LYS A 244 19.60 -16.87 -62.13
CA LYS A 244 20.98 -17.31 -61.90
C LYS A 244 21.11 -18.12 -60.62
N VAL A 245 21.82 -19.26 -60.70
CA VAL A 245 22.15 -20.06 -59.53
C VAL A 245 23.57 -20.59 -59.72
N LEU A 246 24.51 -20.07 -58.93
CA LEU A 246 25.90 -20.50 -59.01
C LEU A 246 26.58 -20.15 -57.71
N MET A 247 27.40 -21.06 -57.20
CA MET A 247 28.09 -20.90 -55.91
C MET A 247 29.58 -21.11 -56.13
N ALA A 248 30.29 -20.05 -56.48
CA ALA A 248 31.74 -20.08 -56.59
C ALA A 248 32.34 -19.84 -55.22
N THR A 249 32.94 -20.88 -54.63
CA THR A 249 33.45 -20.80 -53.28
C THR A 249 34.60 -21.78 -53.11
N ASN A 250 35.23 -21.73 -51.93
CA ASN A 250 36.31 -22.64 -51.58
C ASN A 250 35.79 -23.91 -50.94
N ARG A 251 34.77 -23.80 -50.07
CA ARG A 251 34.15 -24.95 -49.45
C ARG A 251 32.65 -24.88 -49.70
N PRO A 252 32.04 -25.94 -50.24
CA PRO A 252 30.61 -25.90 -50.52
C PRO A 252 29.73 -26.05 -49.29
N ASP A 253 30.25 -26.62 -48.21
CA ASP A 253 29.48 -26.89 -46.99
C ASP A 253 28.19 -27.66 -47.31
N THR A 254 28.39 -28.85 -47.89
CA THR A 254 27.28 -29.68 -48.36
C THR A 254 26.62 -30.35 -47.18
N LEU A 255 25.68 -29.62 -46.55
CA LEU A 255 24.84 -30.18 -45.49
C LEU A 255 23.41 -30.30 -45.99
N ASP A 256 22.82 -29.21 -46.48
CA ASP A 256 21.53 -29.26 -47.15
C ASP A 256 21.68 -29.61 -48.63
N PRO A 257 22.62 -29.00 -49.37
CA PRO A 257 22.82 -29.43 -50.77
C PRO A 257 23.21 -30.90 -50.90
N ALA A 258 23.83 -31.49 -49.87
CA ALA A 258 24.20 -32.90 -49.92
C ALA A 258 23.00 -33.79 -50.20
N LEU A 259 21.80 -33.36 -49.79
CA LEU A 259 20.58 -34.10 -50.06
C LEU A 259 19.64 -33.37 -51.01
N MET A 260 19.88 -32.08 -51.28
CA MET A 260 19.06 -31.30 -52.20
C MET A 260 19.69 -31.14 -53.57
N ARG A 261 20.79 -31.83 -53.85
CA ARG A 261 21.44 -31.72 -55.15
C ARG A 261 20.67 -32.46 -56.26
N PRO A 262 19.99 -33.60 -55.99
CA PRO A 262 19.25 -34.18 -57.14
C PRO A 262 17.96 -33.42 -57.44
N GLY A 263 18.09 -32.33 -58.18
CA GLY A 263 16.95 -31.48 -58.47
C GLY A 263 17.27 -30.33 -59.40
N ARG A 264 16.81 -29.13 -59.03
CA ARG A 264 17.01 -27.95 -59.88
C ARG A 264 18.50 -27.67 -60.08
N LEU A 265 19.31 -27.84 -59.04
CA LEU A 265 20.74 -27.69 -59.17
C LEU A 265 21.37 -28.96 -59.74
N ASP A 266 22.41 -28.78 -60.56
CA ASP A 266 23.09 -29.89 -61.20
C ASP A 266 24.45 -29.40 -61.68
N ARG A 267 25.10 -30.21 -62.52
CA ARG A 267 26.40 -29.89 -63.12
C ARG A 267 27.46 -29.67 -62.04
N LYS A 268 27.69 -30.73 -61.26
CA LYS A 268 28.73 -30.70 -60.23
C LYS A 268 30.10 -30.77 -60.89
N ILE A 269 30.84 -29.66 -60.84
CA ILE A 269 32.15 -29.55 -61.47
C ILE A 269 33.08 -28.82 -60.51
N GLU A 270 34.35 -28.74 -60.89
CA GLU A 270 35.36 -28.04 -60.11
C GLU A 270 35.50 -26.60 -60.57
N PHE A 271 36.29 -25.84 -59.82
CA PHE A 271 36.46 -24.42 -60.13
C PHE A 271 37.44 -24.22 -61.29
N SER A 272 38.69 -24.64 -61.10
CA SER A 272 39.73 -24.51 -62.12
C SER A 272 40.92 -25.38 -61.67
N LEU A 273 42.02 -25.26 -62.40
CA LEU A 273 43.24 -26.01 -62.09
C LEU A 273 44.41 -25.31 -62.74
N PRO A 274 45.58 -25.29 -62.11
CA PRO A 274 46.74 -24.61 -62.71
C PRO A 274 47.44 -25.48 -63.73
N ASP A 275 47.94 -24.83 -64.78
CA ASP A 275 48.68 -25.48 -65.85
C ASP A 275 49.96 -24.70 -66.13
N LEU A 276 50.75 -25.22 -67.07
CA LEU A 276 52.04 -24.61 -67.38
C LEU A 276 51.89 -23.40 -68.31
N GLU A 277 51.01 -23.49 -69.31
CA GLU A 277 50.87 -22.45 -70.31
C GLU A 277 49.67 -21.55 -70.08
N GLY A 278 48.95 -21.72 -68.97
CA GLY A 278 47.79 -20.88 -68.71
C GLY A 278 48.11 -19.54 -68.08
N ARG A 279 49.25 -19.42 -67.40
CA ARG A 279 49.57 -18.20 -66.67
C ARG A 279 49.86 -17.03 -67.60
N THR A 280 50.29 -17.31 -68.84
CA THR A 280 50.64 -16.24 -69.77
C THR A 280 49.43 -15.38 -70.14
N HIS A 281 48.22 -15.91 -70.01
CA HIS A 281 47.03 -15.11 -70.28
C HIS A 281 46.73 -14.16 -69.13
N ILE A 282 46.85 -14.64 -67.90
CA ILE A 282 46.67 -13.76 -66.74
C ILE A 282 47.77 -12.71 -66.71
N PHE A 283 48.96 -13.04 -67.21
CA PHE A 283 49.99 -12.02 -67.39
C PHE A 283 49.62 -11.06 -68.51
N LYS A 284 49.01 -11.56 -69.58
CA LYS A 284 48.57 -10.70 -70.67
C LYS A 284 47.46 -9.74 -70.24
N ILE A 285 46.69 -10.08 -69.20
CA ILE A 285 45.73 -9.12 -68.66
C ILE A 285 46.34 -8.30 -67.53
N HIS A 286 47.45 -8.75 -66.94
CA HIS A 286 48.21 -7.90 -66.04
C HIS A 286 49.09 -6.91 -66.78
N ALA A 287 49.16 -7.02 -68.12
CA ALA A 287 49.75 -5.95 -68.91
C ALA A 287 48.89 -4.69 -68.89
N ARG A 288 47.59 -4.84 -68.61
CA ARG A 288 46.69 -3.70 -68.48
C ARG A 288 46.96 -2.89 -67.21
N SER A 289 47.82 -3.39 -66.33
CA SER A 289 48.23 -2.65 -65.14
C SER A 289 49.30 -1.65 -65.54
N MET A 290 50.04 -1.13 -64.54
CA MET A 290 51.18 -0.26 -64.79
C MET A 290 52.02 -0.76 -65.95
N SER A 291 52.44 0.17 -66.81
CA SER A 291 53.15 -0.17 -68.04
C SER A 291 54.48 -0.87 -67.73
N VAL A 292 54.54 -2.16 -68.05
CA VAL A 292 55.76 -2.95 -67.89
C VAL A 292 56.49 -2.98 -69.23
N GLU A 293 57.81 -2.99 -69.17
CA GLU A 293 58.63 -3.04 -70.38
C GLU A 293 58.25 -4.26 -71.22
N ARG A 294 57.87 -4.02 -72.48
CA ARG A 294 57.42 -5.08 -73.36
C ARG A 294 58.55 -5.98 -73.85
N ASP A 295 59.80 -5.68 -73.49
CA ASP A 295 60.90 -6.56 -73.86
C ASP A 295 60.85 -7.87 -73.08
N ILE A 296 60.31 -7.84 -71.86
CA ILE A 296 60.19 -9.04 -71.05
C ILE A 296 59.04 -9.88 -71.58
N ARG A 297 59.34 -11.12 -71.98
CA ARG A 297 58.32 -12.02 -72.48
C ARG A 297 57.50 -12.58 -71.33
N PHE A 298 56.18 -12.64 -71.54
CA PHE A 298 55.30 -13.18 -70.50
C PHE A 298 55.47 -14.68 -70.34
N GLU A 299 55.83 -15.38 -71.42
CA GLU A 299 56.08 -16.83 -71.31
C GLU A 299 57.35 -17.11 -70.52
N LEU A 300 58.33 -16.20 -70.57
CA LEU A 300 59.53 -16.37 -69.75
C LEU A 300 59.22 -16.22 -68.28
N LEU A 301 58.34 -15.27 -67.92
CA LEU A 301 57.92 -15.13 -66.54
C LEU A 301 56.93 -16.22 -66.12
N ALA A 302 56.30 -16.89 -67.07
CA ALA A 302 55.32 -17.92 -66.77
C ALA A 302 55.93 -19.31 -66.64
N ARG A 303 56.98 -19.60 -67.41
CA ARG A 303 57.59 -20.92 -67.37
C ARG A 303 58.53 -21.12 -66.20
N LEU A 304 58.98 -20.05 -65.55
CA LEU A 304 59.87 -20.14 -64.40
C LEU A 304 59.12 -20.32 -63.09
N CYS A 305 57.79 -20.44 -63.12
CA CYS A 305 56.98 -20.69 -61.94
C CYS A 305 56.07 -21.87 -62.21
N PRO A 306 56.60 -23.10 -62.15
CA PRO A 306 55.79 -24.28 -62.47
C PRO A 306 54.75 -24.55 -61.40
N ASN A 307 53.56 -24.95 -61.86
CA ASN A 307 52.44 -25.30 -60.99
C ASN A 307 52.08 -24.15 -60.06
N SER A 308 51.67 -23.03 -60.67
CA SER A 308 51.26 -21.84 -59.94
C SER A 308 49.82 -21.52 -60.31
N THR A 309 48.98 -21.34 -59.30
CA THR A 309 47.58 -20.99 -59.52
C THR A 309 47.44 -19.51 -59.87
N GLY A 310 46.22 -19.12 -60.22
CA GLY A 310 45.97 -17.73 -60.55
C GLY A 310 46.11 -16.79 -59.37
N ALA A 311 45.82 -17.28 -58.16
CA ALA A 311 45.99 -16.45 -56.98
C ALA A 311 47.46 -16.34 -56.57
N GLU A 312 48.27 -17.36 -56.88
CA GLU A 312 49.68 -17.28 -56.57
C GLU A 312 50.39 -16.29 -57.47
N ILE A 313 50.06 -16.28 -58.76
CA ILE A 313 50.64 -15.29 -59.67
C ILE A 313 50.00 -13.93 -59.46
N ARG A 314 48.76 -13.90 -58.95
CA ARG A 314 48.17 -12.64 -58.50
C ARG A 314 48.98 -12.07 -57.33
N SER A 315 49.46 -12.94 -56.44
CA SER A 315 50.35 -12.50 -55.38
C SER A 315 51.74 -12.16 -55.91
N VAL A 316 52.12 -12.73 -57.06
CA VAL A 316 53.36 -12.32 -57.71
C VAL A 316 53.23 -10.89 -58.21
N CYS A 317 52.14 -10.58 -58.90
CA CYS A 317 51.90 -9.24 -59.41
C CYS A 317 51.37 -8.28 -58.36
N THR A 318 51.18 -8.73 -57.12
CA THR A 318 50.80 -7.86 -56.01
C THR A 318 51.98 -7.55 -55.10
N GLU A 319 52.67 -8.58 -54.60
CA GLU A 319 53.87 -8.38 -53.80
C GLU A 319 55.05 -7.89 -54.65
N ALA A 320 55.07 -8.23 -55.93
CA ALA A 320 56.06 -7.65 -56.84
C ALA A 320 55.74 -6.20 -57.18
N GLY A 321 54.47 -5.79 -57.04
CA GLY A 321 54.12 -4.39 -57.19
C GLY A 321 54.40 -3.58 -55.95
N MET A 322 54.18 -4.17 -54.77
CA MET A 322 54.58 -3.49 -53.53
C MET A 322 56.10 -3.41 -53.43
N PHE A 323 56.80 -4.47 -53.81
CA PHE A 323 58.26 -4.44 -53.84
C PHE A 323 58.79 -3.71 -55.06
N ALA A 324 57.93 -3.37 -56.02
CA ALA A 324 58.34 -2.53 -57.14
C ALA A 324 58.23 -1.05 -56.76
N ILE A 325 57.10 -0.64 -56.18
CA ILE A 325 56.96 0.71 -55.67
C ILE A 325 57.89 0.95 -54.49
N ARG A 326 58.29 -0.11 -53.79
CA ARG A 326 59.24 0.03 -52.69
C ARG A 326 60.63 0.41 -53.20
N ALA A 327 61.01 -0.10 -54.37
CA ALA A 327 62.35 0.16 -54.90
C ALA A 327 62.54 1.60 -55.36
N ARG A 328 61.49 2.41 -55.37
CA ARG A 328 61.56 3.83 -55.73
C ARG A 328 62.12 4.01 -57.13
N ARG A 329 61.39 3.48 -58.12
CA ARG A 329 61.82 3.53 -59.51
C ARG A 329 60.76 4.18 -60.38
N LYS A 330 61.00 4.21 -61.70
CA LYS A 330 60.05 4.75 -62.66
C LYS A 330 59.25 3.65 -63.36
N ILE A 331 59.94 2.69 -63.97
CA ILE A 331 59.30 1.58 -64.67
C ILE A 331 59.64 0.27 -63.95
N ALA A 332 58.80 -0.73 -64.19
CA ALA A 332 58.93 -2.04 -63.56
C ALA A 332 59.63 -3.00 -64.52
N THR A 333 60.80 -3.51 -64.10
CA THR A 333 61.55 -4.48 -64.87
C THR A 333 62.00 -5.61 -63.96
N GLU A 334 61.88 -6.85 -64.44
CA GLU A 334 62.20 -8.02 -63.63
C GLU A 334 63.65 -8.07 -63.19
N LYS A 335 64.54 -7.31 -63.85
CA LYS A 335 65.94 -7.27 -63.43
C LYS A 335 66.12 -6.56 -62.11
N ASP A 336 65.12 -5.79 -61.66
CA ASP A 336 65.18 -5.06 -60.40
C ASP A 336 64.55 -5.83 -59.25
N PHE A 337 63.32 -6.32 -59.43
CA PHE A 337 62.62 -7.08 -58.41
C PHE A 337 62.61 -8.58 -58.72
N LEU A 338 63.66 -9.09 -59.37
CA LEU A 338 63.75 -10.53 -59.61
C LEU A 338 63.85 -11.29 -58.29
N GLU A 339 64.54 -10.71 -57.30
CA GLU A 339 64.57 -11.30 -55.96
C GLU A 339 63.17 -11.33 -55.36
N ALA A 340 62.35 -10.32 -55.65
CA ALA A 340 60.96 -10.34 -55.20
C ALA A 340 60.15 -11.39 -55.95
N VAL A 341 60.53 -11.69 -57.19
CA VAL A 341 59.78 -12.68 -57.98
C VAL A 341 60.08 -14.10 -57.51
N ASN A 342 61.36 -14.50 -57.57
CA ASN A 342 61.70 -15.84 -57.12
C ASN A 342 61.49 -16.01 -55.62
N LYS A 343 61.65 -14.92 -54.86
CA LYS A 343 61.35 -14.99 -53.43
C LYS A 343 59.85 -15.13 -53.18
N VAL A 344 59.03 -14.50 -54.03
CA VAL A 344 57.59 -14.56 -53.82
C VAL A 344 56.98 -15.84 -54.38
N ILE A 345 57.68 -16.56 -55.26
CA ILE A 345 57.15 -17.82 -55.78
C ILE A 345 57.69 -18.98 -54.94
N LYS A 346 58.90 -18.83 -54.42
CA LYS A 346 59.51 -19.91 -53.63
C LYS A 346 59.14 -19.81 -52.15
N SER A 347 59.26 -18.61 -51.57
CA SER A 347 58.91 -18.44 -50.16
C SER A 347 57.42 -18.70 -49.92
N TYR A 348 56.59 -18.44 -50.91
CA TYR A 348 55.17 -18.79 -50.83
C TYR A 348 54.87 -20.17 -51.40
N ALA A 349 55.76 -20.72 -52.21
CA ALA A 349 55.61 -22.09 -52.70
C ALA A 349 56.04 -23.12 -51.67
N LYS A 350 56.73 -22.71 -50.60
CA LYS A 350 57.11 -23.64 -49.55
C LYS A 350 55.87 -24.19 -48.83
N PHE A 351 54.93 -23.31 -48.48
CA PHE A 351 53.72 -23.69 -47.78
C PHE A 351 52.47 -23.64 -48.64
N SER A 352 52.57 -23.15 -49.87
CA SER A 352 51.41 -23.06 -50.76
C SER A 352 51.83 -23.17 -52.22
N GLU B 1 17.19 37.25 -30.46
CA GLU B 1 17.35 36.70 -29.13
C GLU B 1 16.12 35.88 -28.73
N GLU B 2 14.94 36.42 -29.02
CA GLU B 2 13.70 35.71 -28.69
C GLU B 2 13.52 34.47 -29.55
N GLU B 3 13.91 34.55 -30.83
CA GLU B 3 13.81 33.39 -31.71
C GLU B 3 14.81 32.31 -31.32
N ARG B 4 15.92 32.69 -30.70
CA ARG B 4 16.90 31.71 -30.24
C ARG B 4 16.50 31.13 -28.88
N SER B 5 15.84 31.92 -28.04
CA SER B 5 15.43 31.48 -26.72
C SER B 5 13.95 31.12 -26.65
N LYS B 6 13.32 30.84 -27.80
CA LYS B 6 11.93 30.43 -27.83
C LYS B 6 11.75 28.93 -28.07
N VAL B 7 12.79 28.23 -28.50
CA VAL B 7 12.72 26.80 -28.77
C VAL B 7 13.01 26.03 -27.49
N ASP B 8 13.09 26.74 -26.37
CA ASP B 8 13.37 26.10 -25.09
C ASP B 8 12.25 25.16 -24.65
N ASP B 9 11.05 25.31 -25.21
CA ASP B 9 9.94 24.43 -24.83
C ASP B 9 10.18 23.00 -25.29
N LEU B 10 10.89 22.82 -26.41
CA LEU B 10 11.16 21.47 -26.89
C LEU B 10 12.32 20.82 -26.15
N ARG B 11 13.35 21.61 -25.84
CA ARG B 11 14.51 21.12 -25.09
C ARG B 11 14.36 21.30 -23.58
N GLY B 12 13.14 21.55 -23.10
CA GLY B 12 12.90 21.77 -21.69
C GLY B 12 12.80 20.47 -20.89
N THR B 13 11.80 20.39 -20.02
CA THR B 13 11.62 19.19 -19.20
C THR B 13 11.38 17.94 -20.04
N PRO B 14 10.45 17.90 -21.01
CA PRO B 14 10.29 16.65 -21.78
C PRO B 14 11.42 16.43 -22.79
N MET B 15 12.53 15.87 -22.30
CA MET B 15 13.70 15.65 -23.13
C MET B 15 14.32 14.30 -22.78
N SER B 16 14.83 13.60 -23.80
CA SER B 16 15.42 12.28 -23.62
C SER B 16 16.65 12.15 -24.50
N VAL B 17 17.35 11.03 -24.34
CA VAL B 17 18.56 10.73 -25.11
C VAL B 17 18.33 9.41 -25.84
N GLY B 18 18.18 9.47 -27.16
CA GLY B 18 17.99 8.30 -27.98
C GLY B 18 19.18 8.02 -28.88
N THR B 19 19.00 7.04 -29.76
CA THR B 19 20.02 6.63 -30.73
C THR B 19 19.41 6.65 -32.12
N LEU B 20 19.88 7.58 -32.95
CA LEU B 20 19.41 7.67 -34.32
C LEU B 20 19.99 6.55 -35.16
N GLU B 21 19.20 6.06 -36.12
CA GLU B 21 19.62 4.96 -36.99
C GLU B 21 20.14 5.46 -38.34
N GLU B 22 19.33 6.22 -39.07
CA GLU B 22 19.76 6.78 -40.33
C GLU B 22 18.92 8.01 -40.64
N ILE B 23 19.43 8.83 -41.57
CA ILE B 23 18.74 10.04 -42.03
C ILE B 23 18.32 9.81 -43.48
N ILE B 24 17.06 10.10 -43.77
CA ILE B 24 16.49 9.92 -45.11
C ILE B 24 16.47 11.26 -45.82
N ASP B 25 16.66 11.22 -47.14
CA ASP B 25 16.66 12.44 -47.95
C ASP B 25 15.33 13.17 -47.92
N ASP B 26 14.28 12.57 -47.37
CA ASP B 26 12.97 13.20 -47.24
C ASP B 26 12.85 14.04 -45.97
N ASN B 27 13.98 14.51 -45.44
CA ASN B 27 14.13 15.41 -44.30
C ASN B 27 13.49 14.88 -43.02
N HIS B 28 13.14 13.60 -42.96
CA HIS B 28 12.67 12.96 -41.73
C HIS B 28 13.58 11.78 -41.44
N ALA B 29 14.30 11.84 -40.31
CA ALA B 29 15.22 10.80 -39.92
C ALA B 29 14.52 9.77 -39.04
N ILE B 30 15.18 8.62 -38.86
CA ILE B 30 14.67 7.52 -38.06
C ILE B 30 15.58 7.32 -36.87
N VAL B 31 14.99 7.27 -35.67
CA VAL B 31 15.74 7.09 -34.44
C VAL B 31 15.37 5.75 -33.82
N SER B 32 16.04 5.39 -32.73
CA SER B 32 15.79 4.13 -32.04
C SER B 32 16.10 4.30 -30.56
N THR B 33 15.83 3.26 -29.78
CA THR B 33 16.06 3.27 -28.35
C THR B 33 16.25 1.82 -27.89
N SER B 34 16.17 1.61 -26.57
CA SER B 34 16.34 0.26 -26.03
C SER B 34 15.26 -0.69 -26.57
N VAL B 35 14.04 -0.19 -26.73
CA VAL B 35 12.96 -0.98 -27.33
C VAL B 35 12.81 -0.71 -28.82
N GLY B 36 13.63 0.16 -29.39
CA GLY B 36 13.56 0.45 -30.81
C GLY B 36 12.33 1.21 -31.24
N SER B 37 12.23 2.47 -30.81
CA SER B 37 11.13 3.33 -31.19
C SER B 37 11.55 4.18 -32.38
N GLU B 38 10.83 4.03 -33.49
CA GLU B 38 11.14 4.74 -34.74
C GLU B 38 10.14 5.87 -34.94
N HIS B 39 10.63 7.10 -34.90
CA HIS B 39 9.82 8.29 -35.11
C HIS B 39 10.49 9.17 -36.14
N TYR B 40 9.75 9.59 -37.16
CA TYR B 40 10.27 10.43 -38.22
C TYR B 40 9.56 11.78 -38.20
N VAL B 41 10.32 12.84 -37.99
CA VAL B 41 9.81 14.21 -37.95
C VAL B 41 10.75 15.08 -38.75
N SER B 42 10.19 16.13 -39.37
CA SER B 42 11.00 17.07 -40.14
C SER B 42 12.09 17.67 -39.27
N ILE B 43 13.28 17.87 -39.86
CA ILE B 43 14.43 18.33 -39.09
C ILE B 43 14.25 19.80 -38.70
N LEU B 44 15.04 20.21 -37.71
CA LEU B 44 15.03 21.59 -37.24
C LEU B 44 16.44 22.16 -37.23
N SER B 45 16.63 23.32 -36.61
CA SER B 45 17.93 23.96 -36.57
C SER B 45 18.85 23.23 -35.60
N PHE B 46 20.06 23.78 -35.43
CA PHE B 46 21.11 23.34 -34.51
C PHE B 46 21.74 22.01 -34.93
N VAL B 47 21.26 21.37 -35.99
CA VAL B 47 21.82 20.12 -36.46
C VAL B 47 22.67 20.40 -37.70
N ASP B 48 23.60 19.48 -37.97
CA ASP B 48 24.50 19.60 -39.11
C ASP B 48 24.07 18.73 -40.29
N LYS B 49 23.61 17.50 -40.01
CA LYS B 49 23.04 16.57 -40.98
C LYS B 49 24.05 16.16 -42.05
N ASP B 50 25.29 16.65 -41.96
CA ASP B 50 26.37 16.29 -42.88
C ASP B 50 27.50 15.56 -42.19
N LEU B 51 28.07 16.16 -41.14
CA LEU B 51 29.11 15.52 -40.34
C LEU B 51 28.53 14.69 -39.20
N LEU B 52 27.20 14.62 -39.08
CA LEU B 52 26.58 13.89 -37.98
C LEU B 52 26.89 12.41 -38.04
N GLU B 53 27.09 11.84 -39.24
CA GLU B 53 27.33 10.42 -39.43
C GLU B 53 26.24 9.60 -38.76
N PRO B 54 25.05 9.54 -39.35
CA PRO B 54 23.92 8.86 -38.70
C PRO B 54 24.28 7.45 -38.22
N GLY B 55 23.62 7.02 -37.16
CA GLY B 55 23.93 5.80 -36.48
C GLY B 55 24.54 5.95 -35.10
N CYS B 56 24.44 7.14 -34.50
CA CYS B 56 25.00 7.40 -33.18
C CYS B 56 23.87 7.86 -32.25
N SER B 57 24.25 8.27 -31.03
CA SER B 57 23.29 8.72 -30.04
C SER B 57 22.94 10.18 -30.28
N VAL B 58 21.64 10.49 -30.25
CA VAL B 58 21.12 11.83 -30.48
C VAL B 58 20.19 12.20 -29.33
N LEU B 59 19.57 13.37 -29.45
CA LEU B 59 18.69 13.90 -28.42
C LEU B 59 17.24 13.72 -28.84
N LEU B 60 16.44 13.15 -27.94
CA LEU B 60 15.02 12.91 -28.16
C LEU B 60 14.21 13.68 -27.12
N ASN B 61 12.89 13.47 -27.16
CA ASN B 61 11.96 14.16 -26.28
C ASN B 61 10.80 13.24 -25.93
N HIS B 62 10.03 13.63 -24.93
CA HIS B 62 8.77 12.96 -24.62
C HIS B 62 7.65 13.39 -25.56
N LYS B 63 7.91 14.36 -26.43
CA LYS B 63 6.96 14.85 -27.42
C LYS B 63 6.98 13.95 -28.66
N VAL B 64 6.46 14.46 -29.78
CA VAL B 64 6.36 13.73 -31.03
C VAL B 64 7.77 13.45 -31.58
N HIS B 65 8.79 13.82 -30.82
CA HIS B 65 10.19 13.53 -31.13
C HIS B 65 10.69 14.35 -32.32
N ALA B 66 10.33 15.62 -32.36
CA ALA B 66 10.92 16.56 -33.31
C ALA B 66 12.37 16.83 -32.90
N VAL B 67 13.30 16.57 -33.80
CA VAL B 67 14.72 16.69 -33.47
C VAL B 67 15.06 18.17 -33.27
N ILE B 68 15.40 18.53 -32.03
CA ILE B 68 15.75 19.91 -31.70
C ILE B 68 17.25 20.16 -31.78
N GLY B 69 18.07 19.11 -31.71
CA GLY B 69 19.51 19.28 -31.77
C GLY B 69 20.21 17.96 -31.59
N VAL B 70 21.54 18.01 -31.61
CA VAL B 70 22.38 16.83 -31.49
C VAL B 70 23.37 17.06 -30.36
N LEU B 71 23.91 15.95 -29.85
CA LEU B 71 24.89 15.99 -28.75
C LEU B 71 25.99 14.98 -29.09
N MET B 72 27.19 15.49 -29.32
CA MET B 72 28.31 14.64 -29.66
C MET B 72 28.87 13.94 -28.42
N ASP B 73 29.57 12.84 -28.65
CA ASP B 73 30.17 12.07 -27.56
C ASP B 73 31.46 11.40 -28.01
N GLU B 90 63.78 10.07 -29.42
CA GLU B 90 63.37 8.75 -29.92
C GLU B 90 62.80 8.85 -31.33
N THR B 91 63.69 9.00 -32.31
CA THR B 91 63.30 9.09 -33.71
C THR B 91 63.61 7.78 -34.43
N TYR B 92 63.39 7.76 -35.74
CA TYR B 92 63.63 6.56 -36.53
C TYR B 92 65.11 6.28 -36.73
N ALA B 93 65.97 7.27 -36.52
CA ALA B 93 67.41 7.11 -36.70
C ALA B 93 68.17 7.05 -35.38
N ASP B 94 67.46 6.89 -34.26
CA ASP B 94 68.10 6.83 -32.95
C ASP B 94 68.42 5.42 -32.52
N ILE B 95 67.44 4.51 -32.59
CA ILE B 95 67.64 3.14 -32.15
C ILE B 95 68.40 2.37 -33.21
N GLY B 96 69.18 1.37 -32.76
CA GLY B 96 69.98 0.55 -33.64
C GLY B 96 69.57 -0.91 -33.57
N GLY B 97 70.21 -1.72 -34.42
CA GLY B 97 69.95 -3.14 -34.49
C GLY B 97 68.85 -3.54 -35.45
N LEU B 98 67.98 -2.60 -35.82
CA LEU B 98 66.89 -2.87 -36.77
C LEU B 98 66.77 -1.74 -37.80
N ASP B 99 67.91 -1.18 -38.20
CA ASP B 99 67.89 -0.06 -39.15
C ASP B 99 67.25 -0.46 -40.47
N ASN B 100 67.47 -1.70 -40.91
CA ASN B 100 66.84 -2.17 -42.14
C ASN B 100 65.34 -2.32 -41.96
N GLN B 101 64.89 -2.75 -40.78
CA GLN B 101 63.47 -2.90 -40.54
C GLN B 101 62.79 -1.55 -40.30
N ILE B 102 63.53 -0.58 -39.76
CA ILE B 102 62.95 0.73 -39.51
C ILE B 102 62.96 1.61 -40.77
N GLN B 103 63.90 1.37 -41.69
CA GLN B 103 63.78 1.93 -43.02
C GLN B 103 62.84 1.12 -43.90
N GLU B 104 62.50 -0.10 -43.48
CA GLU B 104 61.47 -0.86 -44.17
C GLU B 104 60.08 -0.36 -43.81
N ILE B 105 59.82 -0.08 -42.54
CA ILE B 105 58.54 0.51 -42.16
C ILE B 105 58.52 1.99 -42.53
N LYS B 106 59.67 2.67 -42.45
CA LYS B 106 59.74 4.05 -42.92
C LYS B 106 59.41 4.13 -44.41
N GLU B 107 60.13 3.37 -45.23
CA GLU B 107 59.91 3.37 -46.66
C GLU B 107 58.56 2.75 -47.04
N SER B 108 57.96 1.96 -46.14
CA SER B 108 56.72 1.26 -46.44
C SER B 108 55.49 2.10 -46.14
N VAL B 109 55.41 2.70 -44.95
CA VAL B 109 54.25 3.49 -44.56
C VAL B 109 54.44 4.98 -44.79
N GLU B 110 55.65 5.42 -45.13
CA GLU B 110 55.89 6.80 -45.54
C GLU B 110 55.82 6.96 -47.05
N LEU B 111 55.38 5.92 -47.76
CA LEU B 111 55.19 5.94 -49.20
C LEU B 111 53.89 6.63 -49.61
N PRO B 112 52.75 6.35 -48.98
CA PRO B 112 51.52 7.06 -49.37
C PRO B 112 51.45 8.44 -48.75
N LEU B 113 50.98 9.40 -49.57
CA LEU B 113 50.67 10.77 -49.15
C LEU B 113 51.95 11.57 -48.88
N THR B 114 53.10 10.91 -48.91
CA THR B 114 54.40 11.56 -48.77
C THR B 114 55.34 11.02 -49.83
N HIS B 115 56.21 11.90 -50.34
CA HIS B 115 57.10 11.57 -51.45
C HIS B 115 56.28 11.04 -52.63
N PRO B 116 55.50 11.89 -53.30
CA PRO B 116 54.54 11.40 -54.29
C PRO B 116 55.10 11.12 -55.67
N GLU B 117 56.34 11.53 -55.96
CA GLU B 117 56.90 11.31 -57.29
C GLU B 117 57.14 9.83 -57.58
N TYR B 118 57.29 9.00 -56.54
CA TYR B 118 57.47 7.57 -56.70
C TYR B 118 56.29 6.78 -56.12
N TYR B 119 55.13 7.40 -56.00
CA TYR B 119 53.94 6.76 -55.45
C TYR B 119 52.77 6.74 -56.42
N GLU B 120 52.60 7.79 -57.23
CA GLU B 120 51.49 7.87 -58.17
C GLU B 120 51.81 7.30 -59.53
N GLU B 121 53.10 7.27 -59.92
CA GLU B 121 53.47 6.70 -61.21
C GLU B 121 53.34 5.18 -61.19
N MET B 122 53.63 4.54 -60.06
CA MET B 122 53.47 3.09 -59.96
C MET B 122 52.00 2.70 -60.06
N GLY B 123 51.15 3.39 -59.31
CA GLY B 123 49.72 3.10 -59.35
C GLY B 123 49.32 1.80 -58.68
N ILE B 124 49.95 1.46 -57.55
CA ILE B 124 49.62 0.24 -56.83
C ILE B 124 48.59 0.55 -55.75
N LYS B 125 48.96 1.42 -54.81
CA LYS B 125 48.12 1.81 -53.68
C LYS B 125 47.57 0.60 -52.94
N PRO B 126 48.41 -0.10 -52.17
CA PRO B 126 47.92 -1.21 -51.33
C PRO B 126 47.44 -0.71 -49.97
N PRO B 127 46.17 -0.33 -49.85
CA PRO B 127 45.72 0.34 -48.61
C PRO B 127 45.59 -0.62 -47.43
N LYS B 128 46.69 -1.25 -47.04
CA LYS B 128 46.64 -2.21 -45.95
C LYS B 128 47.62 -1.93 -44.83
N GLY B 129 48.82 -1.48 -45.15
CA GLY B 129 49.84 -1.22 -44.15
C GLY B 129 50.49 -2.49 -43.64
N VAL B 130 51.55 -2.30 -42.86
CA VAL B 130 52.30 -3.42 -42.30
C VAL B 130 51.69 -3.82 -40.97
N ILE B 131 52.02 -5.03 -40.52
CA ILE B 131 51.54 -5.57 -39.25
C ILE B 131 52.77 -5.89 -38.40
N LEU B 132 52.95 -5.15 -37.32
CA LEU B 132 54.11 -5.31 -36.44
C LEU B 132 53.81 -6.30 -35.33
N TYR B 133 54.87 -6.79 -34.70
CA TYR B 133 54.78 -7.64 -33.52
C TYR B 133 56.17 -7.69 -32.88
N GLY B 134 56.21 -8.15 -31.64
CA GLY B 134 57.44 -8.28 -30.90
C GLY B 134 57.28 -9.04 -29.61
N PRO B 135 58.17 -10.01 -29.38
CA PRO B 135 58.10 -10.81 -28.15
C PRO B 135 58.23 -9.94 -26.90
N PRO B 136 59.13 -8.92 -26.87
CA PRO B 136 59.11 -8.01 -25.71
C PRO B 136 57.84 -7.17 -25.66
N GLY B 137 57.46 -6.61 -26.80
CA GLY B 137 56.26 -5.79 -26.85
C GLY B 137 56.41 -4.54 -26.01
N THR B 138 55.49 -4.36 -25.06
CA THR B 138 55.43 -3.26 -24.10
C THR B 138 55.19 -1.90 -24.75
N GLY B 139 55.13 -1.84 -26.08
CA GLY B 139 54.89 -0.59 -26.77
C GLY B 139 56.10 0.31 -26.93
N LYS B 140 57.23 -0.03 -26.31
CA LYS B 140 58.42 0.81 -26.41
C LYS B 140 59.12 0.61 -27.75
N THR B 141 59.43 -0.63 -28.09
CA THR B 141 60.07 -0.91 -29.38
C THR B 141 59.09 -0.72 -30.53
N LEU B 142 57.84 -1.15 -30.33
CA LEU B 142 56.82 -0.98 -31.38
C LEU B 142 56.50 0.50 -31.59
N LEU B 143 56.40 1.26 -30.51
CA LEU B 143 56.22 2.71 -30.64
C LEU B 143 57.45 3.36 -31.25
N ALA B 144 58.65 2.82 -30.97
CA ALA B 144 59.86 3.31 -31.61
C ALA B 144 59.89 2.99 -33.10
N LYS B 145 59.17 1.95 -33.53
CA LYS B 145 59.04 1.67 -34.95
C LYS B 145 57.99 2.56 -35.60
N ALA B 146 56.87 2.79 -34.90
CA ALA B 146 55.80 3.64 -35.41
C ALA B 146 56.07 5.12 -35.26
N VAL B 147 57.19 5.51 -34.64
CA VAL B 147 57.50 6.91 -34.46
C VAL B 147 57.94 7.59 -35.76
N ALA B 148 58.17 6.80 -36.81
CA ALA B 148 58.56 7.38 -38.10
C ALA B 148 57.44 8.22 -38.69
N ASN B 149 56.19 7.93 -38.33
CA ASN B 149 55.05 8.69 -38.86
C ASN B 149 54.88 10.04 -38.17
N GLN B 150 55.45 10.22 -36.99
CA GLN B 150 55.32 11.48 -36.26
C GLN B 150 56.12 12.61 -36.87
N THR B 151 56.92 12.34 -37.91
CA THR B 151 57.71 13.39 -38.54
C THR B 151 56.82 14.47 -39.14
N SER B 152 56.02 14.10 -40.14
CA SER B 152 55.09 15.04 -40.80
C SER B 152 53.77 14.30 -41.02
N ALA B 153 52.89 14.38 -40.03
CA ALA B 153 51.56 13.77 -40.08
C ALA B 153 50.82 14.20 -38.81
N THR B 154 49.50 14.00 -38.84
CA THR B 154 48.67 14.29 -37.69
C THR B 154 48.72 13.13 -36.70
N PHE B 155 48.90 13.44 -35.42
CA PHE B 155 49.03 12.42 -34.39
C PHE B 155 47.70 11.71 -34.20
N LEU B 156 47.66 10.41 -34.51
CA LEU B 156 46.46 9.61 -34.35
C LEU B 156 46.88 8.16 -34.15
N ARG B 157 46.76 7.66 -32.92
CA ARG B 157 47.14 6.30 -32.58
C ARG B 157 46.07 5.70 -31.69
N VAL B 158 45.35 4.70 -32.20
CA VAL B 158 44.36 3.96 -31.43
C VAL B 158 45.08 2.75 -30.84
N VAL B 159 45.49 2.85 -29.58
CA VAL B 159 46.33 1.84 -28.95
C VAL B 159 45.42 0.69 -28.51
N GLY B 160 45.35 -0.36 -29.32
CA GLY B 160 44.64 -1.56 -28.97
C GLY B 160 43.14 -1.38 -28.84
N SER B 161 42.48 -2.50 -28.53
CA SER B 161 41.04 -2.52 -28.30
C SER B 161 40.68 -2.36 -26.82
N GLU B 162 41.52 -1.66 -26.05
CA GLU B 162 41.26 -1.49 -24.62
C GLU B 162 39.97 -0.72 -24.39
N LEU B 163 39.77 0.38 -25.12
CA LEU B 163 38.54 1.15 -24.99
C LEU B 163 37.33 0.40 -25.54
N ILE B 164 37.55 -0.63 -26.36
CA ILE B 164 36.44 -1.43 -26.87
C ILE B 164 35.92 -2.37 -25.79
N GLN B 165 36.81 -2.90 -24.96
CA GLN B 165 36.44 -3.89 -23.95
C GLN B 165 36.11 -3.27 -22.59
N LYS B 166 36.64 -2.08 -22.29
CA LYS B 166 36.34 -1.43 -21.02
C LYS B 166 35.02 -0.68 -21.05
N TYR B 167 34.41 -0.53 -22.21
CA TYR B 167 33.14 0.18 -22.37
C TYR B 167 32.00 -0.83 -22.56
N LEU B 168 30.78 -0.31 -22.55
CA LEU B 168 29.60 -1.14 -22.77
C LEU B 168 29.66 -1.79 -24.15
N GLY B 169 28.93 -2.88 -24.31
CA GLY B 169 28.94 -3.63 -25.54
C GLY B 169 28.26 -2.93 -26.70
N ASP B 170 28.76 -1.74 -27.05
CA ASP B 170 28.20 -0.97 -28.16
C ASP B 170 28.62 -1.52 -29.51
N GLY B 171 29.66 -2.35 -29.56
CA GLY B 171 30.08 -2.99 -30.78
C GLY B 171 31.10 -2.18 -31.56
N PRO B 172 31.11 -2.34 -32.88
CA PRO B 172 32.09 -1.65 -33.73
C PRO B 172 31.74 -0.20 -34.06
N LYS B 173 30.73 0.38 -33.41
CA LYS B 173 30.36 1.76 -33.70
C LYS B 173 31.45 2.74 -33.28
N LEU B 174 32.21 2.40 -32.23
CA LEU B 174 33.36 3.21 -31.87
C LEU B 174 34.47 3.09 -32.91
N VAL B 175 34.60 1.91 -33.53
CA VAL B 175 35.53 1.77 -34.65
C VAL B 175 35.05 2.57 -35.85
N ARG B 176 33.72 2.74 -35.98
CA ARG B 176 33.19 3.59 -37.04
C ARG B 176 33.41 5.07 -36.74
N GLU B 177 33.45 5.44 -35.45
CA GLU B 177 33.76 6.82 -35.10
C GLU B 177 35.24 7.13 -35.30
N LEU B 178 36.11 6.18 -34.92
CA LEU B 178 37.53 6.37 -35.19
C LEU B 178 37.83 6.31 -36.69
N PHE B 179 36.99 5.59 -37.44
CA PHE B 179 37.17 5.54 -38.89
C PHE B 179 36.64 6.79 -39.58
N ARG B 180 35.61 7.43 -39.00
CA ARG B 180 35.12 8.67 -39.58
C ARG B 180 35.99 9.86 -39.19
N VAL B 181 36.60 9.82 -38.01
CA VAL B 181 37.58 10.85 -37.67
C VAL B 181 38.90 10.61 -38.37
N ALA B 182 39.22 9.35 -38.69
CA ALA B 182 40.36 9.05 -39.55
C ALA B 182 40.08 9.38 -41.01
N GLU B 183 38.82 9.41 -41.42
CA GLU B 183 38.47 9.87 -42.76
C GLU B 183 38.50 11.40 -42.82
N GLU B 184 38.05 12.07 -41.76
CA GLU B 184 38.20 13.52 -41.66
C GLU B 184 39.62 13.95 -41.33
N HIS B 185 40.51 12.99 -41.03
CA HIS B 185 41.92 13.22 -40.76
C HIS B 185 42.77 12.34 -41.67
N ALA B 186 42.47 12.38 -42.97
CA ALA B 186 43.16 11.53 -43.93
C ALA B 186 44.68 11.60 -43.87
N PRO B 187 45.33 12.77 -43.74
CA PRO B 187 46.81 12.76 -43.64
C PRO B 187 47.29 12.26 -42.28
N SER B 188 46.99 11.00 -41.98
CA SER B 188 47.38 10.37 -40.73
C SER B 188 47.70 8.91 -40.99
N ILE B 189 48.14 8.22 -39.95
CA ILE B 189 48.42 6.78 -40.01
C ILE B 189 47.86 6.17 -38.73
N VAL B 190 46.79 5.38 -38.84
CA VAL B 190 46.17 4.75 -37.68
C VAL B 190 47.09 3.63 -37.19
N PHE B 191 47.66 3.81 -36.01
CA PHE B 191 48.53 2.82 -35.41
C PHE B 191 47.82 2.12 -34.26
N ILE B 192 47.98 0.80 -34.19
CA ILE B 192 47.35 -0.04 -33.19
C ILE B 192 48.44 -0.82 -32.46
N ASP B 193 48.52 -0.64 -31.15
CA ASP B 193 49.53 -1.28 -30.33
C ASP B 193 48.87 -2.08 -29.21
N GLU B 194 49.52 -3.19 -28.84
CA GLU B 194 49.05 -4.07 -27.76
C GLU B 194 47.63 -4.59 -28.05
N ILE B 195 47.53 -5.39 -29.12
CA ILE B 195 46.26 -5.98 -29.52
C ILE B 195 45.93 -7.12 -28.55
N ASP B 196 45.03 -6.85 -27.61
CA ASP B 196 44.62 -7.82 -26.61
C ASP B 196 43.15 -8.21 -26.77
N ALA B 197 42.72 -8.38 -28.02
CA ALA B 197 41.33 -8.76 -28.29
C ALA B 197 41.08 -10.21 -27.90
N ILE B 198 41.80 -11.14 -28.52
CA ILE B 198 41.64 -12.56 -28.23
C ILE B 198 42.75 -13.09 -27.32
N GLY B 199 43.85 -12.36 -27.15
CA GLY B 199 44.91 -12.83 -26.27
C GLY B 199 44.56 -12.75 -24.80
N THR B 200 43.67 -11.83 -24.43
CA THR B 200 43.26 -11.67 -23.04
C THR B 200 41.77 -11.94 -22.87
N GLY B 209 30.13 -9.66 -24.36
CA GLY B 209 31.33 -9.93 -23.58
C GLY B 209 32.44 -10.57 -24.40
N GLU B 210 32.73 -11.83 -24.10
CA GLU B 210 33.78 -12.54 -24.83
C GLU B 210 33.33 -12.89 -26.24
N ARG B 211 32.04 -13.21 -26.41
CA ARG B 211 31.51 -13.54 -27.73
C ARG B 211 31.41 -12.32 -28.64
N GLU B 212 31.38 -11.12 -28.07
CA GLU B 212 31.30 -9.91 -28.88
C GLU B 212 32.65 -9.50 -29.46
N ILE B 213 33.75 -10.00 -28.88
CA ILE B 213 35.07 -9.65 -29.39
C ILE B 213 35.28 -10.25 -30.77
N GLN B 214 34.70 -11.43 -31.04
CA GLN B 214 34.85 -12.06 -32.35
C GLN B 214 34.08 -11.31 -33.43
N ARG B 215 32.91 -10.74 -33.08
CA ARG B 215 32.11 -10.04 -34.07
C ARG B 215 32.58 -8.60 -34.27
N THR B 216 33.07 -7.95 -33.21
CA THR B 216 33.67 -6.63 -33.38
C THR B 216 35.06 -6.69 -33.99
N MET B 217 35.73 -7.84 -33.88
CA MET B 217 37.02 -8.02 -34.55
C MET B 217 36.82 -8.49 -35.99
N LEU B 218 35.72 -9.20 -36.27
CA LEU B 218 35.39 -9.54 -37.65
C LEU B 218 34.84 -8.34 -38.41
N GLU B 219 34.14 -7.45 -37.72
CA GLU B 219 33.74 -6.18 -38.33
C GLU B 219 34.89 -5.19 -38.38
N LEU B 220 35.82 -5.28 -37.42
CA LEU B 220 37.07 -4.54 -37.54
C LEU B 220 37.87 -5.01 -38.74
N LEU B 221 37.82 -6.31 -39.03
CA LEU B 221 38.52 -6.85 -40.19
C LEU B 221 37.81 -6.44 -41.49
N ASN B 222 36.48 -6.52 -41.52
CA ASN B 222 35.75 -6.18 -42.73
C ASN B 222 35.86 -4.70 -43.04
N GLN B 223 35.70 -3.84 -42.04
CA GLN B 223 35.83 -2.40 -42.26
C GLN B 223 37.29 -2.00 -42.46
N LEU B 224 38.22 -2.78 -41.90
CA LEU B 224 39.64 -2.47 -42.07
C LEU B 224 40.13 -2.84 -43.47
N ASP B 225 39.54 -3.87 -44.07
CA ASP B 225 39.94 -4.29 -45.41
C ASP B 225 39.57 -3.26 -46.48
N GLY B 226 38.63 -2.37 -46.19
CA GLY B 226 38.18 -1.41 -47.18
C GLY B 226 36.88 -1.82 -47.84
N PHE B 227 35.90 -2.22 -47.03
CA PHE B 227 34.62 -2.65 -47.57
C PHE B 227 33.90 -1.51 -48.27
N ASP B 228 34.01 -0.28 -47.75
CA ASP B 228 33.42 0.89 -48.37
C ASP B 228 34.39 2.06 -48.32
N SER B 229 35.65 1.80 -48.61
CA SER B 229 36.69 2.82 -48.53
C SER B 229 37.77 2.52 -49.55
N ARG B 230 38.74 3.43 -49.64
CA ARG B 230 39.88 3.29 -50.54
C ARG B 230 41.14 3.72 -49.79
N GLY B 231 42.20 3.99 -50.54
CA GLY B 231 43.49 4.27 -49.93
C GLY B 231 43.58 5.64 -49.28
N ASP B 232 42.83 5.82 -48.19
CA ASP B 232 42.80 7.08 -47.46
C ASP B 232 43.81 7.12 -46.32
N VAL B 233 43.75 6.15 -45.42
CA VAL B 233 44.61 6.10 -44.24
C VAL B 233 45.20 4.71 -44.10
N LYS B 234 46.44 4.66 -43.62
CA LYS B 234 47.14 3.39 -43.41
C LYS B 234 46.91 2.89 -41.99
N VAL B 235 46.87 1.56 -41.84
CA VAL B 235 46.63 0.91 -40.57
C VAL B 235 47.83 0.03 -40.26
N ILE B 236 48.51 0.31 -39.13
CA ILE B 236 49.63 -0.49 -38.65
C ILE B 236 49.18 -1.22 -37.40
N MET B 237 49.19 -2.54 -37.46
CA MET B 237 48.77 -3.39 -36.33
C MET B 237 50.01 -3.93 -35.63
N ALA B 238 50.15 -3.61 -34.34
CA ALA B 238 51.25 -4.08 -33.53
C ALA B 238 50.71 -4.80 -32.30
N THR B 239 51.38 -5.87 -31.91
CA THR B 239 50.94 -6.69 -30.79
C THR B 239 52.16 -7.41 -30.21
N ASN B 240 51.91 -8.32 -29.26
CA ASN B 240 52.98 -9.04 -28.58
C ASN B 240 53.39 -10.33 -29.28
N ARG B 241 52.58 -10.83 -30.21
CA ARG B 241 52.89 -12.07 -30.90
C ARG B 241 52.10 -12.13 -32.20
N ILE B 242 52.77 -12.52 -33.28
CA ILE B 242 52.10 -12.62 -34.57
C ILE B 242 51.13 -13.79 -34.61
N GLU B 243 51.29 -14.76 -33.71
CA GLU B 243 50.39 -15.91 -33.66
C GLU B 243 49.06 -15.59 -32.98
N THR B 244 48.92 -14.42 -32.38
CA THR B 244 47.66 -14.05 -31.74
C THR B 244 46.57 -13.76 -32.75
N LEU B 245 46.94 -13.42 -33.99
CA LEU B 245 45.95 -13.14 -35.03
C LEU B 245 45.36 -14.44 -35.55
N ASP B 246 44.03 -14.50 -35.60
CA ASP B 246 43.34 -15.68 -36.09
C ASP B 246 43.63 -15.89 -37.58
N PRO B 247 43.49 -17.11 -38.08
CA PRO B 247 43.73 -17.36 -39.52
C PRO B 247 42.80 -16.57 -40.42
N ALA B 248 41.65 -16.12 -39.93
CA ALA B 248 40.77 -15.26 -40.72
C ALA B 248 41.40 -13.89 -40.92
N LEU B 249 42.21 -13.44 -39.97
CA LEU B 249 42.83 -12.12 -40.01
C LEU B 249 44.11 -12.08 -40.84
N ILE B 250 44.33 -13.07 -41.72
CA ILE B 250 45.58 -13.16 -42.46
C ILE B 250 45.40 -12.66 -43.88
N ARG B 251 44.50 -13.29 -44.63
CA ARG B 251 44.36 -12.97 -46.05
C ARG B 251 43.75 -11.58 -46.25
N PRO B 252 42.67 -11.20 -45.55
CA PRO B 252 42.20 -9.82 -45.63
C PRO B 252 42.84 -8.88 -44.61
N GLY B 253 43.80 -9.35 -43.82
CA GLY B 253 44.45 -8.49 -42.84
C GLY B 253 45.88 -8.16 -43.22
N ARG B 254 46.58 -9.10 -43.84
CA ARG B 254 47.94 -8.90 -44.33
C ARG B 254 47.96 -9.16 -45.82
N ILE B 255 48.03 -8.09 -46.61
CA ILE B 255 48.15 -8.20 -48.06
C ILE B 255 49.27 -7.29 -48.55
N ASP B 256 49.77 -6.45 -47.65
CA ASP B 256 50.81 -5.48 -48.00
C ASP B 256 52.21 -6.02 -47.74
N ARG B 257 52.52 -6.30 -46.48
CA ARG B 257 53.86 -6.74 -46.09
C ARG B 257 53.83 -7.14 -44.62
N LYS B 258 54.67 -8.12 -44.27
CA LYS B 258 54.85 -8.56 -42.90
C LYS B 258 56.30 -8.37 -42.49
N ILE B 259 56.52 -8.31 -41.18
CA ILE B 259 57.85 -8.05 -40.63
C ILE B 259 58.29 -9.22 -39.76
N GLU B 260 59.50 -9.13 -39.23
CA GLU B 260 60.02 -10.16 -38.33
C GLU B 260 60.97 -9.48 -37.34
N PHE B 261 60.68 -9.61 -36.05
CA PHE B 261 61.51 -8.99 -35.02
C PHE B 261 62.34 -10.04 -34.33
N PRO B 262 63.67 -10.01 -34.46
CA PRO B 262 64.52 -10.98 -33.78
C PRO B 262 64.70 -10.62 -32.31
N LEU B 263 65.36 -11.52 -31.59
CA LEU B 263 65.65 -11.28 -30.19
C LEU B 263 66.69 -10.15 -30.04
N PRO B 264 66.57 -9.35 -28.97
CA PRO B 264 67.43 -8.16 -28.84
C PRO B 264 68.91 -8.49 -28.66
N ASP B 265 69.25 -9.67 -28.15
CA ASP B 265 70.62 -10.17 -27.95
C ASP B 265 71.62 -9.08 -27.55
N GLU B 266 71.22 -8.26 -26.57
CA GLU B 266 72.01 -7.20 -25.94
C GLU B 266 72.49 -6.13 -26.91
N LYS B 267 72.10 -6.21 -28.18
CA LYS B 267 72.42 -5.16 -29.15
C LYS B 267 71.34 -4.11 -29.25
N THR B 268 70.07 -4.52 -29.32
CA THR B 268 68.99 -3.56 -29.17
C THR B 268 68.99 -2.98 -27.75
N LYS B 269 69.31 -3.80 -26.75
CA LYS B 269 69.49 -3.29 -25.40
C LYS B 269 70.70 -2.40 -25.29
N LYS B 270 71.76 -2.68 -26.04
CA LYS B 270 72.95 -1.84 -26.02
C LYS B 270 72.67 -0.48 -26.65
N ARG B 271 71.87 -0.46 -27.72
CA ARG B 271 71.57 0.81 -28.38
C ARG B 271 70.54 1.62 -27.60
N ILE B 272 69.52 0.95 -27.06
CA ILE B 272 68.53 1.66 -26.24
C ILE B 272 69.17 2.20 -24.98
N PHE B 273 69.99 1.39 -24.32
CA PHE B 273 70.71 1.88 -23.14
C PHE B 273 71.73 2.95 -23.52
N GLN B 274 72.25 2.90 -24.75
CA GLN B 274 73.14 3.97 -25.21
C GLN B 274 72.38 5.27 -25.38
N ILE B 275 71.13 5.20 -25.84
CA ILE B 275 70.30 6.39 -25.92
C ILE B 275 69.94 6.91 -24.53
N HIS B 276 69.68 5.99 -23.59
CA HIS B 276 69.39 6.41 -22.23
C HIS B 276 70.61 7.04 -21.56
N THR B 277 71.81 6.62 -21.94
CA THR B 277 73.03 7.21 -21.41
C THR B 277 73.55 8.38 -22.24
N SER B 278 72.90 8.68 -23.37
CA SER B 278 73.30 9.83 -24.17
C SER B 278 72.80 11.14 -23.60
N ARG B 279 71.84 11.10 -22.67
CA ARG B 279 71.30 12.28 -22.03
C ARG B 279 71.71 12.42 -20.57
N MET B 280 71.81 11.31 -19.84
CA MET B 280 72.19 11.35 -18.45
C MET B 280 73.72 11.42 -18.31
N THR B 281 74.17 11.73 -17.09
CA THR B 281 75.59 11.86 -16.77
C THR B 281 76.00 10.65 -15.94
N LEU B 282 76.71 9.72 -16.57
CA LEU B 282 77.18 8.52 -15.88
C LEU B 282 78.39 7.97 -16.63
N ALA B 283 79.37 7.50 -15.87
CA ALA B 283 80.59 6.95 -16.46
C ALA B 283 80.38 5.47 -16.79
N ASP B 284 81.46 4.80 -17.19
CA ASP B 284 81.40 3.39 -17.56
C ASP B 284 81.51 2.46 -16.34
N ASP B 285 81.45 3.00 -15.13
CA ASP B 285 81.55 2.18 -13.93
C ASP B 285 80.32 1.32 -13.70
N VAL B 286 79.20 1.65 -14.34
CA VAL B 286 77.96 0.91 -14.16
C VAL B 286 77.97 -0.31 -15.08
N THR B 287 77.82 -1.49 -14.49
CA THR B 287 77.81 -2.73 -15.26
C THR B 287 76.55 -2.80 -16.12
N LEU B 288 76.73 -3.13 -17.40
CA LEU B 288 75.63 -3.13 -18.36
C LEU B 288 74.92 -4.48 -18.44
N ASP B 289 75.67 -5.58 -18.46
CA ASP B 289 75.10 -6.88 -18.78
C ASP B 289 74.10 -7.34 -17.72
N ASP B 290 74.45 -7.21 -16.44
CA ASP B 290 73.57 -7.69 -15.39
C ASP B 290 72.31 -6.84 -15.24
N LEU B 291 72.34 -5.59 -15.72
CA LEU B 291 71.19 -4.71 -15.63
C LEU B 291 70.29 -4.75 -16.84
N ILE B 292 70.84 -4.98 -18.04
CA ILE B 292 69.99 -5.23 -19.20
C ILE B 292 69.49 -6.66 -19.22
N MET B 293 70.13 -7.55 -18.47
CA MET B 293 69.71 -8.94 -18.31
C MET B 293 69.59 -9.29 -16.84
N ALA B 294 68.98 -8.39 -16.06
CA ALA B 294 68.97 -8.53 -14.61
C ALA B 294 68.11 -9.71 -14.17
N LYS B 295 66.80 -9.63 -14.41
CA LYS B 295 65.92 -10.72 -13.96
C LYS B 295 65.88 -11.87 -14.97
N ASP B 296 65.30 -11.64 -16.15
CA ASP B 296 65.44 -12.57 -17.25
C ASP B 296 65.99 -11.87 -18.49
N ASP B 297 65.29 -10.82 -18.93
CA ASP B 297 65.61 -10.05 -20.13
C ASP B 297 64.71 -8.82 -20.21
N LEU B 298 65.24 -7.70 -20.66
CA LEU B 298 64.43 -6.49 -20.83
C LEU B 298 65.16 -5.45 -21.68
N SER B 299 64.46 -4.87 -22.65
CA SER B 299 65.10 -3.92 -23.56
C SER B 299 65.10 -2.50 -22.99
N GLY B 300 63.93 -1.89 -22.88
CA GLY B 300 63.89 -0.48 -22.53
C GLY B 300 62.87 -0.03 -21.49
N ALA B 301 61.95 -0.91 -21.11
CA ALA B 301 60.80 -0.46 -20.32
C ALA B 301 61.19 -0.21 -18.86
N ASP B 302 61.58 -1.26 -18.14
CA ASP B 302 61.95 -1.10 -16.74
C ASP B 302 63.33 -0.51 -16.56
N ILE B 303 64.19 -0.57 -17.58
CA ILE B 303 65.44 0.16 -17.51
C ILE B 303 65.20 1.64 -17.75
N LYS B 304 64.18 1.98 -18.53
CA LYS B 304 63.72 3.36 -18.60
C LYS B 304 63.09 3.80 -17.27
N ALA B 305 62.41 2.87 -16.59
CA ALA B 305 61.84 3.19 -15.29
C ALA B 305 62.94 3.46 -14.27
N ILE B 306 63.98 2.61 -14.23
CA ILE B 306 65.08 2.84 -13.31
C ILE B 306 65.98 3.97 -13.76
N CYS B 307 65.88 4.41 -15.02
CA CYS B 307 66.54 5.64 -15.43
C CYS B 307 65.76 6.86 -14.95
N THR B 308 64.42 6.79 -14.94
CA THR B 308 63.62 7.88 -14.41
C THR B 308 63.81 8.01 -12.90
N GLU B 309 63.59 6.92 -12.17
CA GLU B 309 63.81 6.94 -10.73
C GLU B 309 65.29 6.94 -10.37
N ALA B 310 66.18 6.80 -11.34
CA ALA B 310 67.61 6.99 -11.14
C ALA B 310 67.99 8.45 -11.27
N GLY B 311 67.33 9.18 -12.17
CA GLY B 311 67.53 10.62 -12.22
C GLY B 311 66.87 11.32 -11.05
N LEU B 312 65.69 10.85 -10.63
CA LEU B 312 65.01 11.43 -9.48
C LEU B 312 65.68 11.00 -8.18
N MET B 313 65.94 9.70 -8.03
CA MET B 313 66.60 9.21 -6.82
C MET B 313 68.03 9.70 -6.72
N ALA B 314 68.72 9.83 -7.85
CA ALA B 314 70.05 10.44 -7.85
C ALA B 314 69.96 11.94 -7.59
N LEU B 315 68.85 12.57 -8.00
CA LEU B 315 68.63 13.98 -7.67
C LEU B 315 68.34 14.18 -6.19
N ARG B 316 67.84 13.15 -5.51
CA ARG B 316 67.63 13.25 -4.06
C ARG B 316 68.94 13.43 -3.31
N GLU B 317 70.05 12.91 -3.86
CA GLU B 317 71.36 13.05 -3.24
C GLU B 317 72.06 14.34 -3.64
N ARG B 318 71.39 15.23 -4.37
CA ARG B 318 71.95 16.51 -4.79
C ARG B 318 73.21 16.34 -5.63
N ARG B 319 73.33 15.21 -6.32
CA ARG B 319 74.48 14.94 -7.18
C ARG B 319 73.99 14.42 -8.52
N MET B 320 74.49 15.02 -9.61
CA MET B 320 74.10 14.59 -10.94
C MET B 320 74.77 13.29 -11.35
N LYS B 321 75.87 12.92 -10.71
CA LYS B 321 76.55 11.67 -11.03
C LYS B 321 75.75 10.48 -10.54
N VAL B 322 75.76 9.40 -11.32
CA VAL B 322 75.02 8.19 -11.00
C VAL B 322 75.91 7.32 -10.12
N THR B 323 75.53 7.16 -8.86
CA THR B 323 76.30 6.34 -7.94
C THR B 323 76.12 4.86 -8.25
N ASN B 324 77.20 4.09 -8.09
CA ASN B 324 77.15 2.67 -8.40
C ASN B 324 76.23 1.89 -7.45
N GLU B 325 75.99 2.40 -6.25
CA GLU B 325 75.10 1.74 -5.30
C GLU B 325 73.68 2.29 -5.31
N ASP B 326 73.49 3.54 -5.75
CA ASP B 326 72.16 4.11 -5.83
C ASP B 326 71.39 3.64 -7.06
N PHE B 327 72.11 3.34 -8.15
CA PHE B 327 71.45 2.85 -9.35
C PHE B 327 70.92 1.43 -9.15
N LYS B 328 71.77 0.54 -8.59
CA LYS B 328 71.32 -0.81 -8.27
C LYS B 328 70.38 -0.81 -7.07
N LYS B 329 70.54 0.16 -6.17
CA LYS B 329 69.62 0.27 -5.03
C LYS B 329 68.22 0.64 -5.50
N SER B 330 68.12 1.57 -6.44
CA SER B 330 66.82 1.86 -7.05
C SER B 330 66.36 0.70 -7.93
N LYS B 331 67.31 -0.06 -8.50
CA LYS B 331 66.96 -1.22 -9.30
C LYS B 331 66.36 -2.33 -8.44
N GLU B 332 66.71 -2.35 -7.14
CA GLU B 332 66.14 -3.37 -6.26
C GLU B 332 64.63 -3.23 -6.11
N ASN B 333 64.11 -2.02 -6.31
CA ASN B 333 62.66 -1.81 -6.22
C ASN B 333 61.95 -2.50 -7.37
N VAL B 334 62.47 -2.37 -8.59
CA VAL B 334 61.85 -3.01 -9.75
C VAL B 334 62.11 -4.51 -9.73
N LEU B 335 63.31 -4.92 -9.33
CA LEU B 335 63.62 -6.35 -9.25
C LEU B 335 62.76 -7.04 -8.21
N TYR B 336 62.47 -6.35 -7.11
CA TYR B 336 61.63 -6.91 -6.06
C TYR B 336 60.14 -6.75 -6.34
N LYS B 337 59.76 -5.82 -7.21
CA LYS B 337 58.34 -5.55 -7.44
C LYS B 337 57.68 -6.69 -8.21
N LYS B 338 58.24 -7.05 -9.36
CA LYS B 338 57.64 -8.09 -10.21
C LYS B 338 57.95 -9.50 -9.72
N GLN B 339 58.76 -9.66 -8.67
CA GLN B 339 59.08 -10.97 -8.14
C GLN B 339 58.35 -11.29 -6.84
N GLU B 340 57.94 -10.29 -6.08
CA GLU B 340 57.20 -10.56 -4.84
C GLU B 340 55.73 -10.85 -5.13
N GLY B 341 55.10 -10.08 -6.00
CA GLY B 341 53.70 -10.28 -6.34
C GLY B 341 53.38 -9.90 -7.78
N LEU C 1 -11.99 63.25 57.46
CA LEU C 1 -11.98 62.54 56.18
C LEU C 1 -11.67 61.06 56.40
N GLU C 2 -10.41 60.68 56.14
CA GLU C 2 -9.94 59.31 56.35
C GLU C 2 -10.78 58.31 55.56
N GLU C 3 -11.16 58.67 54.34
CA GLU C 3 -11.96 57.81 53.48
C GLU C 3 -11.20 57.35 52.24
N GLY C 4 -10.54 58.27 51.54
CA GLY C 4 -9.76 57.88 50.37
C GLY C 4 -8.60 56.96 50.69
N LYS C 5 -8.09 57.04 51.93
CA LYS C 5 -7.00 56.17 52.36
C LYS C 5 -7.48 54.90 53.04
N ALA C 6 -8.71 54.89 53.55
CA ALA C 6 -9.27 53.72 54.22
C ALA C 6 -10.39 53.07 53.41
N GLY C 7 -11.43 53.84 53.07
CA GLY C 7 -12.51 53.27 52.28
C GLY C 7 -12.08 52.96 50.86
N SER C 8 -11.54 53.96 50.16
CA SER C 8 -10.95 53.72 48.85
C SER C 8 -9.67 52.88 48.94
N GLY C 9 -9.10 52.74 50.13
CA GLY C 9 -7.96 51.84 50.29
C GLY C 9 -8.36 50.38 50.27
N LEU C 10 -9.41 50.04 51.04
CA LEU C 10 -9.92 48.68 51.00
C LEU C 10 -10.65 48.39 49.70
N ARG C 11 -11.27 49.41 49.10
CA ARG C 11 -11.88 49.23 47.79
C ARG C 11 -10.80 49.06 46.71
N GLN C 12 -9.67 49.74 46.86
CA GLN C 12 -8.57 49.55 45.92
C GLN C 12 -7.89 48.20 46.11
N TYR C 13 -7.82 47.71 47.34
CA TYR C 13 -7.29 46.37 47.58
C TYR C 13 -8.23 45.31 47.01
N TYR C 14 -9.54 45.50 47.18
CA TYR C 14 -10.50 44.62 46.52
C TYR C 14 -10.37 44.70 45.01
N LEU C 15 -10.05 45.89 44.49
CA LEU C 15 -9.77 46.02 43.06
C LEU C 15 -8.51 45.26 42.67
N SER C 16 -7.54 45.16 43.58
CA SER C 16 -6.35 44.35 43.32
C SER C 16 -6.69 42.88 43.31
N LYS C 17 -7.61 42.45 44.18
CA LYS C 17 -8.09 41.07 44.12
C LYS C 17 -8.84 40.81 42.82
N ILE C 18 -9.61 41.79 42.35
CA ILE C 18 -10.25 41.68 41.05
C ILE C 18 -9.18 41.58 39.95
N GLU C 19 -8.06 42.27 40.12
CA GLU C 19 -6.96 42.12 39.19
C GLU C 19 -6.31 40.75 39.30
N GLU C 20 -6.44 40.10 40.46
CA GLU C 20 -5.98 38.72 40.58
C GLU C 20 -6.90 37.75 39.85
N LEU C 21 -8.22 37.98 39.94
CA LEU C 21 -9.16 37.17 39.17
C LEU C 21 -8.96 37.39 37.68
N GLN C 22 -8.69 38.64 37.28
CA GLN C 22 -8.35 38.92 35.89
C GLN C 22 -6.96 38.42 35.52
N LEU C 23 -6.13 38.07 36.51
CA LEU C 23 -4.88 37.39 36.24
C LEU C 23 -5.10 35.90 36.05
N ILE C 24 -6.11 35.34 36.72
CA ILE C 24 -6.48 33.95 36.48
C ILE C 24 -7.13 33.80 35.11
N VAL C 25 -8.04 34.72 34.77
CA VAL C 25 -8.59 34.75 33.42
C VAL C 25 -7.50 35.07 32.41
N ASN C 26 -6.54 35.91 32.81
CA ASN C 26 -5.46 36.31 31.90
C ASN C 26 -4.58 35.12 31.54
N ASP C 27 -4.00 34.46 32.54
CA ASP C 27 -3.11 33.34 32.24
C ASP C 27 -3.87 32.10 31.78
N LYS C 28 -5.15 31.99 32.12
CA LYS C 28 -5.97 30.96 31.50
C LYS C 28 -6.14 31.22 30.01
N SER C 29 -6.29 32.49 29.62
CA SER C 29 -6.28 32.83 28.21
C SER C 29 -4.92 32.59 27.59
N GLN C 30 -3.85 32.78 28.36
CA GLN C 30 -2.50 32.60 27.83
C GLN C 30 -2.20 31.13 27.55
N ASN C 31 -2.38 30.25 28.54
CA ASN C 31 -2.09 28.84 28.32
C ASN C 31 -3.14 28.18 27.44
N LEU C 32 -4.40 28.64 27.52
CA LEU C 32 -5.41 28.12 26.61
C LEU C 32 -5.15 28.54 25.16
N ARG C 33 -4.57 29.73 24.96
CA ARG C 33 -4.24 30.13 23.60
C ARG C 33 -2.92 29.53 23.11
N ARG C 34 -2.02 29.16 24.03
CA ARG C 34 -0.82 28.45 23.61
C ARG C 34 -1.11 27.01 23.27
N LEU C 35 -1.92 26.33 24.08
CA LEU C 35 -2.42 25.01 23.70
C LEU C 35 -3.28 25.08 22.45
N GLN C 36 -4.03 26.18 22.29
CA GLN C 36 -4.78 26.40 21.06
C GLN C 36 -3.84 26.53 19.87
N ALA C 37 -2.68 27.16 20.09
CA ALA C 37 -1.68 27.24 19.02
C ALA C 37 -1.02 25.90 18.77
N GLN C 38 -0.98 25.02 19.78
CA GLN C 38 -0.43 23.69 19.58
C GLN C 38 -1.37 22.83 18.74
N ARG C 39 -2.66 22.81 19.11
CA ARG C 39 -3.64 22.06 18.33
C ARG C 39 -3.79 22.65 16.94
N ASN C 40 -3.74 23.97 16.82
CA ASN C 40 -3.78 24.61 15.51
C ASN C 40 -2.53 24.30 14.70
N GLU C 41 -1.38 24.10 15.37
CA GLU C 41 -0.15 23.75 14.67
C GLU C 41 -0.16 22.30 14.22
N LEU C 42 -0.81 21.41 14.98
CA LEU C 42 -0.90 20.00 14.57
C LEU C 42 -1.92 19.82 13.46
N ASN C 43 -3.10 20.43 13.61
CA ASN C 43 -4.10 20.37 12.55
C ASN C 43 -3.60 21.09 11.30
N ALA C 44 -2.83 22.16 11.47
CA ALA C 44 -2.19 22.80 10.33
C ALA C 44 -1.09 21.92 9.76
N LYS C 45 -0.48 21.07 10.59
CA LYS C 45 0.54 20.15 10.10
C LYS C 45 -0.06 19.06 9.22
N VAL C 46 -1.16 18.45 9.67
CA VAL C 46 -1.84 17.49 8.81
C VAL C 46 -2.53 18.18 7.64
N ARG C 47 -2.82 19.48 7.76
CA ARG C 47 -3.24 20.25 6.59
C ARG C 47 -2.10 20.36 5.59
N LEU C 48 -0.87 20.55 6.07
CA LEU C 48 0.28 20.52 5.18
C LEU C 48 0.49 19.12 4.59
N LEU C 49 0.11 18.08 5.33
CA LEU C 49 0.12 16.74 4.75
C LEU C 49 -0.91 16.61 3.65
N ARG C 50 -2.07 17.24 3.81
CA ARG C 50 -3.06 17.27 2.73
C ARG C 50 -2.54 18.08 1.54
N GLU C 51 -1.69 19.08 1.80
CA GLU C 51 -0.99 19.74 0.70
C GLU C 51 0.01 18.80 0.04
N GLU C 52 0.62 17.90 0.82
CA GLU C 52 1.49 16.87 0.27
C GLU C 52 0.73 15.77 -0.45
N LEU C 53 -0.60 15.71 -0.27
CA LEU C 53 -1.38 14.65 -0.92
C LEU C 53 -1.29 14.72 -2.43
N GLN C 54 -1.05 15.91 -3.00
CA GLN C 54 -0.83 16.00 -4.43
C GLN C 54 0.53 15.42 -4.83
N LEU C 55 1.53 15.57 -3.96
CA LEU C 55 2.81 14.92 -4.19
C LEU C 55 2.71 13.41 -4.00
N LEU C 56 1.73 12.94 -3.22
CA LEU C 56 1.43 11.51 -3.22
C LEU C 56 0.72 11.10 -4.50
N GLN C 57 -0.13 11.96 -5.04
CA GLN C 57 -0.76 11.74 -6.32
C GLN C 57 0.22 11.84 -7.48
N GLU C 58 1.42 12.36 -7.24
CA GLU C 58 2.46 12.47 -8.25
C GLU C 58 2.97 11.12 -8.75
N GLN C 59 2.41 10.01 -8.24
CA GLN C 59 2.85 8.65 -8.60
C GLN C 59 4.31 8.41 -8.25
N GLY C 60 4.76 9.03 -7.16
CA GLY C 60 6.13 8.86 -6.73
C GLY C 60 7.12 9.65 -7.57
N SER C 61 8.39 9.34 -7.38
CA SER C 61 9.48 9.96 -8.13
C SER C 61 10.56 8.92 -8.37
N TYR C 62 11.41 9.21 -9.35
CA TYR C 62 12.49 8.31 -9.73
C TYR C 62 13.73 8.56 -8.87
N VAL C 63 14.78 7.81 -9.13
CA VAL C 63 16.07 7.96 -8.47
C VAL C 63 17.11 8.20 -9.55
N GLY C 64 17.53 9.45 -9.69
CA GLY C 64 18.49 9.78 -10.73
C GLY C 64 19.93 9.54 -10.31
N GLU C 65 20.76 9.23 -11.30
CA GLU C 65 22.19 9.01 -11.09
C GLU C 65 22.95 9.80 -12.15
N VAL C 66 23.57 10.90 -11.73
CA VAL C 66 24.30 11.76 -12.65
C VAL C 66 25.67 11.15 -12.93
N VAL C 67 26.03 11.07 -14.21
CA VAL C 67 27.32 10.52 -14.60
C VAL C 67 28.20 11.53 -15.32
N ARG C 68 27.65 12.58 -15.91
CA ARG C 68 28.45 13.56 -16.63
C ARG C 68 27.72 14.89 -16.65
N ALA C 69 28.41 15.97 -16.28
CA ALA C 69 27.86 17.31 -16.28
C ALA C 69 28.30 18.06 -17.52
N MET C 70 27.38 18.83 -18.09
CA MET C 70 27.64 19.61 -19.30
C MET C 70 27.74 21.09 -18.94
N ASP C 71 28.58 21.81 -19.70
CA ASP C 71 28.84 23.22 -19.42
C ASP C 71 27.71 24.14 -19.88
N LYS C 72 26.71 23.62 -20.60
CA LYS C 72 25.60 24.42 -21.07
C LYS C 72 24.44 24.46 -20.08
N LYS C 73 24.71 24.19 -18.80
CA LYS C 73 23.69 24.17 -17.74
C LYS C 73 22.59 23.15 -18.04
N LYS C 74 22.93 22.09 -18.77
CA LYS C 74 22.00 21.02 -19.10
C LYS C 74 22.71 19.70 -18.80
N VAL C 75 22.62 19.27 -17.55
CA VAL C 75 23.33 18.09 -17.07
C VAL C 75 22.49 16.85 -17.37
N LEU C 76 23.09 15.88 -18.05
CA LEU C 76 22.43 14.61 -18.33
C LEU C 76 22.50 13.70 -17.11
N VAL C 77 21.43 12.95 -16.89
CA VAL C 77 21.30 12.07 -15.74
C VAL C 77 21.01 10.66 -16.23
N LYS C 78 21.82 9.70 -15.78
CA LYS C 78 21.60 8.29 -16.12
C LYS C 78 20.51 7.73 -15.23
N VAL C 79 19.43 7.26 -15.85
CA VAL C 79 18.27 6.75 -15.12
C VAL C 79 18.02 5.31 -15.56
N HIS C 80 16.98 4.69 -15.01
CA HIS C 80 16.48 3.36 -15.36
C HIS C 80 16.41 3.19 -16.87
N PRO C 81 16.63 1.98 -17.39
CA PRO C 81 16.54 1.76 -18.84
C PRO C 81 15.24 2.33 -19.42
N GLU C 82 15.31 2.71 -20.70
CA GLU C 82 14.28 3.50 -21.36
C GLU C 82 14.14 4.88 -20.71
N GLY C 83 15.21 5.34 -20.08
CA GLY C 83 15.25 6.67 -19.48
C GLY C 83 16.28 7.56 -20.11
N LYS C 84 17.35 7.86 -19.37
CA LYS C 84 18.42 8.74 -19.84
C LYS C 84 17.86 10.10 -20.28
N PHE C 85 17.23 10.78 -19.31
CA PHE C 85 16.53 12.04 -19.56
C PHE C 85 17.45 13.19 -19.17
N VAL C 86 17.96 13.90 -20.18
CA VAL C 86 18.78 15.09 -19.95
C VAL C 86 17.86 16.29 -19.75
N VAL C 87 18.13 17.08 -18.72
CA VAL C 87 17.26 18.19 -18.34
C VAL C 87 18.05 19.13 -17.44
N ASP C 88 17.62 20.40 -17.41
CA ASP C 88 18.20 21.37 -16.51
C ASP C 88 17.61 21.21 -15.11
N VAL C 89 18.45 21.35 -14.10
CA VAL C 89 18.02 21.21 -12.70
C VAL C 89 17.18 22.42 -12.32
N ASP C 90 16.49 22.32 -11.18
CA ASP C 90 15.66 23.41 -10.71
C ASP C 90 16.51 24.63 -10.36
N LYS C 91 15.84 25.78 -10.29
CA LYS C 91 16.55 27.05 -10.14
C LYS C 91 17.11 27.25 -8.73
N ASN C 92 16.47 26.66 -7.72
CA ASN C 92 16.90 26.84 -6.35
C ASN C 92 18.09 25.97 -5.96
N ILE C 93 18.55 25.10 -6.85
CA ILE C 93 19.69 24.23 -6.59
C ILE C 93 20.78 24.54 -7.61
N ASP C 94 22.00 24.74 -7.11
CA ASP C 94 23.12 25.06 -7.99
C ASP C 94 23.55 23.83 -8.78
N ILE C 95 24.32 24.08 -9.84
CA ILE C 95 24.76 23.02 -10.74
C ILE C 95 26.13 22.48 -10.34
N ASN C 96 27.04 23.37 -9.93
CA ASN C 96 28.41 22.95 -9.62
C ASN C 96 28.46 22.02 -8.42
N ASP C 97 27.50 22.12 -7.51
CA ASP C 97 27.51 21.25 -6.33
C ASP C 97 27.18 19.81 -6.68
N VAL C 98 26.40 19.59 -7.73
CA VAL C 98 26.03 18.24 -8.14
C VAL C 98 27.23 17.59 -8.81
N THR C 99 27.89 16.68 -8.09
CA THR C 99 29.05 15.99 -8.64
C THR C 99 28.63 14.74 -9.41
N PRO C 100 29.31 14.43 -10.51
CA PRO C 100 28.96 13.24 -11.29
C PRO C 100 29.29 11.97 -10.53
N ASN C 101 28.90 10.84 -11.13
CA ASN C 101 29.15 9.50 -10.59
C ASN C 101 28.53 9.34 -9.20
N CYS C 102 27.37 9.96 -9.00
CA CYS C 102 26.65 9.88 -7.73
C CYS C 102 25.16 9.82 -8.00
N ARG C 103 24.42 9.22 -7.07
CA ARG C 103 22.97 9.12 -7.18
C ARG C 103 22.31 10.33 -6.55
N VAL C 104 21.21 10.79 -7.15
CA VAL C 104 20.48 11.94 -6.69
C VAL C 104 18.98 11.60 -6.67
N ALA C 105 18.17 12.58 -6.31
CA ALA C 105 16.72 12.45 -6.27
C ALA C 105 16.12 13.25 -7.42
N LEU C 106 15.43 12.56 -8.32
CA LEU C 106 14.84 13.18 -9.50
C LEU C 106 13.36 12.83 -9.58
N ARG C 107 12.53 13.84 -9.77
CA ARG C 107 11.09 13.61 -9.88
C ARG C 107 10.74 13.07 -11.26
N ASN C 108 9.61 12.36 -11.33
CA ASN C 108 9.23 11.67 -12.55
C ASN C 108 8.55 12.57 -13.57
N ASP C 109 8.07 13.75 -13.17
CA ASP C 109 7.41 14.66 -14.08
C ASP C 109 8.11 15.99 -14.24
N SER C 110 8.60 16.58 -13.14
CA SER C 110 9.30 17.85 -13.23
C SER C 110 10.76 17.71 -13.61
N TYR C 111 11.37 16.55 -13.34
CA TYR C 111 12.78 16.29 -13.66
C TYR C 111 13.69 17.31 -12.98
N THR C 112 13.42 17.60 -11.71
CA THR C 112 14.20 18.54 -10.93
C THR C 112 14.98 17.81 -9.85
N LEU C 113 16.22 18.25 -9.64
CA LEU C 113 17.07 17.64 -8.63
C LEU C 113 16.80 18.27 -7.26
N HIS C 114 16.76 17.42 -6.23
CA HIS C 114 16.50 17.87 -4.87
C HIS C 114 17.77 18.00 -4.05
N LYS C 115 18.52 16.92 -3.93
CA LYS C 115 19.75 16.92 -3.13
C LYS C 115 20.58 15.71 -3.51
N ILE C 116 21.82 15.67 -3.00
CA ILE C 116 22.72 14.56 -3.25
C ILE C 116 22.35 13.39 -2.33
N LEU C 117 22.60 12.17 -2.83
CA LEU C 117 22.32 10.97 -2.08
C LEU C 117 23.57 10.12 -1.96
N PRO C 118 23.82 9.51 -0.78
CA PRO C 118 25.00 8.66 -0.58
C PRO C 118 24.90 7.32 -1.30
N LEU C 144 50.88 -19.36 32.40
CA LEU C 144 52.24 -19.42 31.86
C LEU C 144 53.20 -18.58 32.69
N ASP C 145 53.27 -18.87 33.99
CA ASP C 145 54.17 -18.13 34.87
C ASP C 145 55.61 -18.28 34.41
N LYS C 146 55.99 -19.48 33.96
CA LYS C 146 57.33 -19.70 33.42
C LYS C 146 57.55 -18.96 32.11
N GLN C 147 56.48 -18.52 31.44
CA GLN C 147 56.61 -17.77 30.20
C GLN C 147 56.23 -16.31 30.32
N ILE C 148 55.35 -15.95 31.26
CA ILE C 148 55.11 -14.52 31.49
C ILE C 148 56.24 -13.93 32.31
N LYS C 149 56.88 -14.74 33.17
CA LYS C 149 58.05 -14.27 33.89
C LYS C 149 59.18 -13.90 32.95
N GLU C 150 59.23 -14.53 31.77
CA GLU C 150 60.22 -14.21 30.76
C GLU C 150 59.72 -13.16 29.76
N ILE C 151 58.42 -13.13 29.48
CA ILE C 151 57.89 -12.19 28.49
C ILE C 151 57.64 -10.81 29.08
N LYS C 152 57.64 -10.66 30.40
CA LYS C 152 57.48 -9.33 30.98
C LYS C 152 58.64 -8.41 30.63
N GLU C 153 59.85 -8.97 30.50
CA GLU C 153 61.01 -8.18 30.12
C GLU C 153 61.09 -7.92 28.62
N VAL C 154 60.20 -8.52 27.83
CA VAL C 154 60.18 -8.30 26.39
C VAL C 154 59.06 -7.33 26.06
N ILE C 155 57.82 -7.70 26.41
CA ILE C 155 56.67 -6.87 26.12
C ILE C 155 56.53 -5.76 27.16
N GLU C 156 56.69 -6.09 28.43
CA GLU C 156 56.47 -5.13 29.51
C GLU C 156 57.65 -4.19 29.73
N LEU C 157 58.73 -4.32 28.98
CA LEU C 157 59.88 -3.45 29.17
C LEU C 157 59.63 -2.05 28.62
N PRO C 158 59.08 -1.89 27.41
CA PRO C 158 58.72 -0.55 26.93
C PRO C 158 57.42 -0.01 27.49
N VAL C 159 56.79 -0.71 28.44
CA VAL C 159 55.52 -0.28 29.02
C VAL C 159 55.72 0.26 30.43
N LYS C 160 56.35 -0.51 31.31
CA LYS C 160 56.56 -0.11 32.69
C LYS C 160 58.03 -0.05 33.11
N HIS C 161 58.92 -0.75 32.42
CA HIS C 161 60.33 -0.74 32.76
C HIS C 161 61.07 0.40 32.06
N GLN C 172 65.90 -2.58 22.42
CA GLN C 172 64.55 -3.09 22.38
C GLN C 172 64.46 -4.38 21.57
N PRO C 173 63.74 -5.37 22.09
CA PRO C 173 63.59 -6.64 21.35
C PRO C 173 62.74 -6.45 20.10
N LYS C 174 63.21 -6.99 18.99
CA LYS C 174 62.52 -6.84 17.71
C LYS C 174 61.41 -7.87 17.52
N GLY C 175 61.60 -9.09 18.01
CA GLY C 175 60.59 -10.12 17.85
C GLY C 175 60.86 -11.28 18.76
N VAL C 176 59.86 -12.16 18.86
CA VAL C 176 59.94 -13.37 19.68
C VAL C 176 59.07 -14.43 19.04
N LEU C 177 59.45 -15.69 19.21
CA LEU C 177 58.71 -16.80 18.63
C LEU C 177 58.59 -17.92 19.66
N LEU C 178 57.49 -18.67 19.56
CA LEU C 178 57.24 -19.82 20.44
C LEU C 178 56.75 -20.96 19.56
N TYR C 179 57.59 -21.96 19.33
CA TYR C 179 57.25 -23.09 18.50
C TYR C 179 57.03 -24.34 19.36
N GLY C 180 56.04 -25.13 18.98
CA GLY C 180 55.68 -26.31 19.74
C GLY C 180 54.30 -26.81 19.36
N PRO C 181 53.67 -27.58 20.25
CA PRO C 181 52.32 -28.09 19.98
C PRO C 181 51.31 -26.96 19.94
N PRO C 182 50.50 -26.88 18.90
CA PRO C 182 49.54 -25.78 18.79
C PRO C 182 48.29 -26.00 19.62
N GLY C 183 48.44 -26.46 20.85
CA GLY C 183 47.30 -26.62 21.74
C GLY C 183 46.87 -25.33 22.38
N THR C 184 47.75 -24.76 23.22
CA THR C 184 47.50 -23.51 23.91
C THR C 184 48.83 -22.79 24.11
N GLY C 185 48.75 -21.48 24.34
CA GLY C 185 49.92 -20.68 24.61
C GLY C 185 50.41 -19.85 23.45
N LYS C 186 49.85 -20.03 22.26
CA LYS C 186 50.26 -19.24 21.10
C LYS C 186 49.40 -18.00 20.91
N THR C 187 48.12 -18.06 21.25
CA THR C 187 47.21 -16.92 21.13
C THR C 187 46.70 -16.43 22.48
N LEU C 188 46.44 -17.34 23.41
CA LEU C 188 45.99 -16.93 24.74
C LEU C 188 47.08 -16.18 25.49
N LEU C 189 48.35 -16.42 25.16
CA LEU C 189 49.43 -15.67 25.79
C LEU C 189 49.54 -14.27 25.22
N ALA C 190 49.43 -14.14 23.90
CA ALA C 190 49.52 -12.82 23.27
C ALA C 190 48.33 -11.96 23.62
N ARG C 191 47.12 -12.55 23.66
CA ARG C 191 45.92 -11.81 24.03
C ARG C 191 45.80 -11.65 25.54
N ALA C 192 46.45 -12.51 26.31
CA ALA C 192 46.42 -12.38 27.77
C ALA C 192 47.37 -11.28 28.23
N VAL C 193 48.62 -11.30 27.77
CA VAL C 193 49.55 -10.23 28.10
C VAL C 193 49.14 -8.94 27.43
N ALA C 194 48.65 -9.02 26.20
CA ALA C 194 48.11 -7.84 25.53
C ALA C 194 46.83 -7.34 26.17
N HIS C 195 46.13 -8.20 26.92
CA HIS C 195 44.93 -7.76 27.63
C HIS C 195 45.28 -7.12 28.97
N HIS C 196 46.31 -7.64 29.65
CA HIS C 196 46.78 -7.02 30.89
C HIS C 196 47.52 -5.73 30.62
N THR C 197 48.10 -5.56 29.42
CA THR C 197 48.77 -4.33 29.04
C THR C 197 47.78 -3.25 28.59
N ASP C 198 46.50 -3.62 28.40
CA ASP C 198 45.48 -2.68 27.94
C ASP C 198 45.81 -2.12 26.56
N CYS C 199 46.37 -2.97 25.70
CA CYS C 199 46.70 -2.61 24.34
C CYS C 199 45.87 -3.41 23.36
N THR C 200 45.69 -2.86 22.16
CA THR C 200 44.92 -3.54 21.14
C THR C 200 45.73 -4.67 20.51
N PHE C 201 45.02 -5.56 19.82
CA PHE C 201 45.62 -6.71 19.15
C PHE C 201 45.27 -6.64 17.67
N ILE C 202 46.28 -6.64 16.81
CA ILE C 202 46.11 -6.54 15.37
C ILE C 202 46.68 -7.79 14.71
N ARG C 203 45.87 -8.43 13.88
CA ARG C 203 46.26 -9.63 13.15
C ARG C 203 46.65 -9.29 11.72
N VAL C 204 47.33 -10.23 11.06
CA VAL C 204 47.67 -10.07 9.66
C VAL C 204 46.42 -10.34 8.84
N SER C 205 45.87 -11.54 8.94
CA SER C 205 44.60 -11.92 8.33
C SER C 205 44.60 -11.63 6.84
N GLY C 206 45.47 -12.34 6.13
CA GLY C 206 45.60 -12.11 4.70
C GLY C 206 44.44 -12.69 3.93
N SER C 207 43.53 -11.82 3.52
CA SER C 207 42.30 -12.18 2.81
C SER C 207 41.71 -10.89 2.26
N GLU C 208 40.47 -10.97 1.77
CA GLU C 208 39.76 -9.77 1.37
C GLU C 208 39.32 -8.97 2.60
N LEU C 209 38.71 -7.82 2.33
CA LEU C 209 38.13 -6.93 3.35
C LEU C 209 39.21 -6.25 4.20
N VAL C 210 40.48 -6.60 3.97
CA VAL C 210 41.58 -5.93 4.64
C VAL C 210 42.54 -5.25 3.68
N GLN C 211 42.58 -5.66 2.41
CA GLN C 211 43.40 -4.98 1.42
C GLN C 211 42.71 -3.77 0.82
N LYS C 212 41.41 -3.59 1.08
CA LYS C 212 40.65 -2.44 0.60
C LYS C 212 40.32 -1.45 1.71
N PHE C 213 40.01 -1.94 2.92
CA PHE C 213 39.69 -1.04 4.02
C PHE C 213 40.92 -0.27 4.49
N ILE C 214 42.09 -0.89 4.46
CA ILE C 214 43.34 -0.21 4.82
C ILE C 214 44.15 0.02 3.55
N GLY C 215 43.99 1.19 2.95
CA GLY C 215 44.68 1.52 1.72
C GLY C 215 44.10 0.80 0.52
N GLU C 216 44.47 1.29 -0.66
CA GLU C 216 44.03 0.71 -1.92
C GLU C 216 45.07 -0.25 -2.49
N GLY C 217 46.30 0.22 -2.70
CA GLY C 217 47.37 -0.64 -3.16
C GLY C 217 48.73 -0.15 -2.71
N ALA C 218 49.49 -1.03 -2.06
CA ALA C 218 50.81 -0.69 -1.55
C ALA C 218 51.56 -1.99 -1.27
N ARG C 219 52.71 -1.87 -0.59
CA ARG C 219 53.50 -3.03 -0.21
C ARG C 219 52.85 -3.82 0.92
N MET C 220 51.74 -3.35 1.47
CA MET C 220 50.98 -4.04 2.51
C MET C 220 51.75 -4.16 3.82
N VAL C 221 52.79 -3.34 4.01
CA VAL C 221 53.55 -3.35 5.25
C VAL C 221 53.70 -1.96 5.86
N ARG C 222 53.49 -0.88 5.11
CA ARG C 222 53.63 0.46 5.66
C ARG C 222 52.32 1.03 6.21
N GLU C 223 51.19 0.67 5.60
CA GLU C 223 49.90 1.14 6.10
C GLU C 223 49.60 0.57 7.48
N LEU C 224 49.98 -0.68 7.72
CA LEU C 224 49.83 -1.27 9.05
C LEU C 224 50.74 -0.58 10.06
N PHE C 225 51.86 -0.02 9.60
CA PHE C 225 52.71 0.78 10.48
C PHE C 225 52.18 2.18 10.69
N VAL C 226 51.36 2.68 9.76
CA VAL C 226 50.68 3.96 9.99
C VAL C 226 49.55 3.78 10.99
N MET C 227 48.79 2.69 10.86
CA MET C 227 47.80 2.37 11.88
C MET C 227 48.47 2.06 13.22
N ALA C 228 49.69 1.50 13.18
CA ALA C 228 50.47 1.31 14.38
C ALA C 228 51.09 2.61 14.89
N ARG C 229 51.09 3.67 14.07
CA ARG C 229 51.51 4.98 14.52
C ARG C 229 50.37 5.77 15.15
N GLU C 230 49.15 5.62 14.61
CA GLU C 230 47.98 6.21 15.25
C GLU C 230 47.62 5.46 16.53
N HIS C 231 47.80 4.14 16.54
CA HIS C 231 47.60 3.31 17.73
C HIS C 231 48.96 2.73 18.10
N ALA C 232 49.68 3.43 18.99
CA ALA C 232 51.03 3.01 19.33
C ALA C 232 51.06 1.67 20.06
N PRO C 233 50.25 1.42 21.10
CA PRO C 233 50.28 0.10 21.74
C PRO C 233 49.56 -0.93 20.87
N SER C 234 50.31 -1.95 20.42
CA SER C 234 49.76 -2.98 19.56
C SER C 234 50.66 -4.21 19.62
N ILE C 235 50.04 -5.37 19.45
CA ILE C 235 50.73 -6.66 19.46
C ILE C 235 50.41 -7.36 18.15
N ILE C 236 51.43 -7.59 17.32
CA ILE C 236 51.27 -8.26 16.03
C ILE C 236 51.66 -9.72 16.19
N PHE C 237 50.87 -10.61 15.60
CA PHE C 237 51.07 -12.04 15.76
C PHE C 237 50.57 -12.78 14.53
N MET C 238 51.34 -13.75 14.06
CA MET C 238 50.94 -14.60 12.94
C MET C 238 50.14 -15.77 13.47
N ASP C 239 48.87 -15.86 13.07
CA ASP C 239 47.98 -16.91 13.54
C ASP C 239 47.37 -17.73 12.42
N GLU C 240 47.04 -17.12 11.28
CA GLU C 240 46.39 -17.85 10.21
C GLU C 240 47.35 -18.77 9.47
N ILE C 241 48.62 -18.37 9.34
CA ILE C 241 49.59 -19.21 8.63
C ILE C 241 50.18 -20.29 9.52
N ASP C 242 49.99 -20.21 10.83
CA ASP C 242 50.55 -21.19 11.76
C ASP C 242 49.79 -22.51 11.62
N SER C 243 50.34 -23.42 10.81
CA SER C 243 49.72 -24.72 10.59
C SER C 243 50.78 -25.71 10.17
N ILE C 244 50.47 -27.00 10.35
CA ILE C 244 51.41 -28.06 9.99
C ILE C 244 51.37 -28.42 8.52
N GLY C 245 50.51 -27.76 7.73
CA GLY C 245 50.42 -28.08 6.31
C GLY C 245 51.60 -27.62 5.49
N SER C 246 52.38 -26.66 6.00
CA SER C 246 53.54 -26.13 5.29
C SER C 246 54.75 -26.99 5.64
N SER C 247 54.82 -28.17 5.01
CA SER C 247 55.92 -29.09 5.26
C SER C 247 56.44 -29.73 3.97
N ARG C 248 56.17 -29.12 2.81
CA ARG C 248 56.63 -29.66 1.54
C ARG C 248 58.01 -29.15 1.14
N LEU C 249 58.34 -27.92 1.54
CA LEU C 249 59.61 -27.24 1.29
C LEU C 249 59.81 -26.88 -0.17
N GLU C 250 58.87 -27.24 -1.06
CA GLU C 250 58.94 -26.88 -2.47
C GLU C 250 58.05 -25.69 -2.81
N GLY C 251 56.76 -25.77 -2.48
CA GLY C 251 55.86 -24.66 -2.67
C GLY C 251 55.68 -23.85 -1.41
N GLY C 252 55.84 -24.51 -0.25
CA GLY C 252 55.76 -23.82 1.02
C GLY C 252 56.93 -22.91 1.31
N SER C 253 58.02 -23.06 0.55
CA SER C 253 59.16 -22.15 0.74
C SER C 253 58.84 -20.77 0.18
N GLY C 254 58.17 -20.71 -0.97
CA GLY C 254 57.77 -19.45 -1.54
C GLY C 254 56.48 -18.92 -0.96
N GLY C 255 55.47 -19.80 -0.87
CA GLY C 255 54.21 -19.40 -0.27
C GLY C 255 54.37 -18.98 1.19
N ASP C 256 55.19 -19.71 1.95
CA ASP C 256 55.55 -19.26 3.28
C ASP C 256 56.53 -18.09 3.24
N SER C 257 57.36 -18.03 2.20
CA SER C 257 58.32 -16.95 2.06
C SER C 257 57.67 -15.62 1.71
N GLU C 258 56.36 -15.62 1.41
CA GLU C 258 55.66 -14.35 1.24
C GLU C 258 55.46 -13.66 2.58
N VAL C 259 55.00 -14.40 3.59
CA VAL C 259 54.84 -13.83 4.92
C VAL C 259 56.19 -13.74 5.64
N GLN C 260 57.10 -14.68 5.36
CA GLN C 260 58.45 -14.58 5.90
C GLN C 260 59.17 -13.35 5.35
N ARG C 261 58.95 -13.05 4.07
CA ARG C 261 59.50 -11.81 3.51
C ARG C 261 58.76 -10.59 4.07
N THR C 262 57.46 -10.73 4.31
CA THR C 262 56.70 -9.65 4.92
C THR C 262 57.29 -9.26 6.27
N MET C 263 57.54 -10.24 7.14
CA MET C 263 58.17 -9.95 8.42
C MET C 263 59.66 -9.64 8.28
N LEU C 264 60.28 -10.02 7.16
CA LEU C 264 61.66 -9.58 6.91
C LEU C 264 61.72 -8.07 6.70
N GLU C 265 60.86 -7.55 5.82
CA GLU C 265 60.86 -6.11 5.59
C GLU C 265 60.22 -5.36 6.76
N LEU C 266 59.33 -6.02 7.51
CA LEU C 266 58.81 -5.40 8.73
C LEU C 266 59.91 -5.26 9.78
N LEU C 267 60.73 -6.30 9.95
CA LEU C 267 61.88 -6.18 10.85
C LEU C 267 62.96 -5.28 10.29
N ASN C 268 62.96 -5.04 8.97
CA ASN C 268 63.85 -4.04 8.39
C ASN C 268 63.36 -2.62 8.66
N GLN C 269 62.05 -2.44 8.77
CA GLN C 269 61.52 -1.13 9.16
C GLN C 269 61.75 -0.89 10.65
N LEU C 270 61.37 -1.86 11.49
CA LEU C 270 61.59 -1.73 12.92
C LEU C 270 63.08 -1.58 13.25
N ASP C 271 63.94 -2.29 12.52
CA ASP C 271 65.37 -2.14 12.70
C ASP C 271 65.91 -0.87 12.07
N GLY C 272 65.20 -0.31 11.08
CA GLY C 272 65.64 0.90 10.42
C GLY C 272 65.34 2.16 11.21
N PHE C 273 64.06 2.42 11.48
CA PHE C 273 63.67 3.60 12.22
C PHE C 273 62.30 3.37 12.85
N GLU C 274 62.01 4.16 13.88
CA GLU C 274 60.74 4.09 14.58
C GLU C 274 60.29 5.49 15.00
N ALA C 275 59.02 5.77 14.80
CA ALA C 275 58.44 7.04 15.24
C ALA C 275 57.81 6.95 16.63
N THR C 276 57.27 5.78 16.98
CA THR C 276 56.68 5.56 18.29
C THR C 276 57.12 4.20 18.81
N LYS C 277 56.86 3.96 20.09
CA LYS C 277 57.25 2.72 20.74
C LYS C 277 56.09 1.72 20.69
N ASN C 278 56.24 0.62 21.42
CA ASN C 278 55.20 -0.42 21.53
C ASN C 278 54.87 -1.04 20.17
N ILE C 279 55.87 -1.15 19.29
CA ILE C 279 55.71 -1.76 17.98
C ILE C 279 56.53 -3.04 17.97
N LYS C 280 55.86 -4.19 18.04
CA LYS C 280 56.53 -5.48 18.12
C LYS C 280 55.78 -6.49 17.27
N VAL C 281 56.48 -7.56 16.89
CA VAL C 281 55.91 -8.65 16.11
C VAL C 281 56.29 -9.97 16.76
N ILE C 282 55.41 -10.96 16.63
CA ILE C 282 55.60 -12.28 17.22
C ILE C 282 55.43 -13.32 16.12
N MET C 283 56.43 -14.20 15.98
CA MET C 283 56.40 -15.26 14.99
C MET C 283 55.72 -16.52 15.56
N ALA C 284 55.27 -17.38 14.66
CA ALA C 284 54.60 -18.62 15.06
C ALA C 284 54.71 -19.62 13.91
N THR C 285 55.46 -20.69 14.12
CA THR C 285 55.57 -21.77 13.15
C THR C 285 55.77 -23.08 13.89
N ASN C 286 55.21 -24.15 13.35
CA ASN C 286 55.16 -25.44 14.05
C ASN C 286 56.09 -26.50 13.46
N ARG C 287 56.78 -26.22 12.36
CA ARG C 287 57.51 -27.25 11.64
C ARG C 287 58.88 -26.70 11.24
N ILE C 288 59.54 -27.40 10.32
CA ILE C 288 60.91 -27.14 9.86
C ILE C 288 61.11 -25.67 9.52
N ASP C 289 60.04 -24.99 9.08
CA ASP C 289 60.12 -23.57 8.77
C ASP C 289 60.58 -22.73 9.95
N ILE C 290 60.61 -23.29 11.16
CA ILE C 290 61.30 -22.64 12.27
C ILE C 290 62.80 -22.64 12.02
N LEU C 291 63.35 -23.79 11.62
CA LEU C 291 64.77 -23.84 11.25
C LEU C 291 65.05 -23.03 10.00
N ASP C 292 64.07 -22.94 9.09
CA ASP C 292 64.22 -22.05 7.94
C ASP C 292 64.24 -20.59 8.40
N SER C 293 63.47 -20.26 9.43
CA SER C 293 63.54 -18.93 10.01
C SER C 293 64.89 -18.70 10.71
N ALA C 294 65.49 -19.76 11.23
CA ALA C 294 66.84 -19.65 11.78
C ALA C 294 67.87 -19.45 10.68
N LEU C 295 67.59 -19.97 9.47
CA LEU C 295 68.46 -19.68 8.33
C LEU C 295 68.26 -18.24 7.85
N LEU C 296 67.03 -17.73 7.94
CA LEU C 296 66.77 -16.33 7.58
C LEU C 296 67.14 -15.36 8.69
N ARG C 297 67.24 -15.84 9.94
CA ARG C 297 67.64 -15.03 11.08
C ARG C 297 68.81 -15.72 11.75
N PRO C 298 70.05 -15.44 11.32
CA PRO C 298 71.23 -16.10 11.90
C PRO C 298 71.63 -15.54 13.26
N GLY C 299 70.66 -15.44 14.16
CA GLY C 299 70.91 -14.96 15.51
C GLY C 299 71.38 -13.52 15.55
N ARG C 300 70.60 -12.61 14.95
CA ARG C 300 70.96 -11.20 14.92
C ARG C 300 70.01 -10.35 15.75
N ILE C 301 68.71 -10.38 15.46
CA ILE C 301 67.72 -9.65 16.24
C ILE C 301 66.49 -10.52 16.44
N ASP C 302 66.41 -11.19 17.60
CA ASP C 302 65.31 -12.08 17.91
C ASP C 302 65.41 -12.52 19.36
N ARG C 303 64.28 -12.89 19.93
CA ARG C 303 64.20 -13.41 21.29
C ARG C 303 63.73 -14.86 21.24
N LYS C 304 64.41 -15.72 22.00
CA LYS C 304 64.16 -17.16 21.97
C LYS C 304 63.52 -17.58 23.29
N ILE C 305 62.22 -17.89 23.23
CA ILE C 305 61.50 -18.47 24.36
C ILE C 305 60.87 -19.76 23.84
N GLU C 306 61.53 -20.88 24.12
CA GLU C 306 61.12 -22.17 23.57
C GLU C 306 60.14 -22.87 24.50
N PHE C 307 59.16 -23.54 23.89
CA PHE C 307 58.13 -24.28 24.62
C PHE C 307 58.23 -25.75 24.24
N PRO C 308 59.03 -26.53 24.95
CA PRO C 308 59.18 -27.95 24.60
C PRO C 308 58.12 -28.80 25.27
N PRO C 309 57.51 -29.73 24.53
CA PRO C 309 56.50 -30.61 25.13
C PRO C 309 57.09 -31.68 26.05
N PRO C 310 58.39 -32.07 25.93
CA PRO C 310 58.91 -33.03 26.91
C PRO C 310 59.19 -32.43 28.28
N ASN C 311 59.45 -31.12 28.33
CA ASN C 311 59.81 -30.49 29.59
C ASN C 311 58.66 -30.54 30.58
N GLU C 312 58.99 -30.47 31.87
CA GLU C 312 58.00 -30.59 32.93
C GLU C 312 57.37 -29.24 33.28
N GLU C 313 58.20 -28.23 33.54
CA GLU C 313 57.67 -26.90 33.85
C GLU C 313 56.86 -26.35 32.68
N ALA C 314 57.21 -26.74 31.45
CA ALA C 314 56.39 -26.40 30.30
C ALA C 314 55.03 -27.09 30.33
N ARG C 315 54.84 -28.08 31.20
CA ARG C 315 53.52 -28.62 31.48
C ARG C 315 52.90 -28.04 32.74
N LEU C 316 53.72 -27.54 33.67
CA LEU C 316 53.18 -26.87 34.86
C LEU C 316 52.53 -25.55 34.48
N ASP C 317 53.20 -24.74 33.66
CA ASP C 317 52.67 -23.42 33.32
C ASP C 317 51.47 -23.54 32.39
N ILE C 318 51.58 -24.35 31.34
CA ILE C 318 50.45 -24.55 30.43
C ILE C 318 49.33 -25.30 31.13
N LEU C 319 49.64 -26.10 32.15
CA LEU C 319 48.59 -26.71 32.96
C LEU C 319 47.89 -25.68 33.84
N LYS C 320 48.63 -24.66 34.29
CA LYS C 320 48.00 -23.55 34.97
C LYS C 320 47.09 -22.77 34.03
N ILE C 321 47.51 -22.61 32.77
CA ILE C 321 46.61 -22.03 31.77
C ILE C 321 45.37 -22.89 31.59
N HIS C 322 45.55 -24.21 31.58
CA HIS C 322 44.41 -25.11 31.53
C HIS C 322 43.59 -25.09 32.82
N SER C 323 44.12 -24.51 33.89
CA SER C 323 43.41 -24.43 35.15
C SER C 323 42.73 -23.08 35.39
N ARG C 324 43.13 -22.04 34.65
CA ARG C 324 42.50 -20.73 34.80
C ARG C 324 41.10 -20.69 34.18
N LYS C 325 40.80 -21.62 33.26
CA LYS C 325 39.49 -21.62 32.61
C LYS C 325 38.43 -22.27 33.50
N MET C 326 38.62 -23.53 33.84
CA MET C 326 37.66 -24.27 34.65
C MET C 326 37.98 -24.15 36.13
N ASN C 327 37.05 -24.61 36.96
CA ASN C 327 37.20 -24.51 38.41
C ASN C 327 38.24 -25.51 38.89
N LEU C 328 39.17 -25.03 39.74
CA LEU C 328 40.18 -25.87 40.34
C LEU C 328 40.30 -25.55 41.81
N THR C 329 40.55 -26.57 42.63
CA THR C 329 40.70 -26.39 44.06
C THR C 329 42.10 -25.87 44.38
N ARG C 330 42.28 -25.43 45.63
CA ARG C 330 43.55 -24.90 46.08
C ARG C 330 44.44 -25.94 46.74
N GLY C 331 43.90 -27.10 47.08
CA GLY C 331 44.69 -28.15 47.70
C GLY C 331 45.15 -29.21 46.72
N ILE C 332 45.53 -28.78 45.52
CA ILE C 332 45.97 -29.68 44.46
C ILE C 332 47.46 -29.43 44.19
N ASN C 333 48.17 -30.50 43.86
CA ASN C 333 49.58 -30.44 43.52
C ASN C 333 49.73 -30.65 42.02
N LEU C 334 50.35 -29.69 41.33
CA LEU C 334 50.51 -29.74 39.89
C LEU C 334 51.80 -30.43 39.46
N ARG C 335 52.68 -30.78 40.41
CA ARG C 335 53.99 -31.34 40.04
C ARG C 335 53.85 -32.71 39.40
N LYS C 336 53.30 -33.68 40.13
CA LYS C 336 53.25 -35.04 39.61
C LYS C 336 52.19 -35.19 38.52
N ILE C 337 51.05 -34.50 38.68
CA ILE C 337 50.03 -34.57 37.64
C ILE C 337 50.48 -33.85 36.38
N ALA C 338 51.40 -32.89 36.52
CA ALA C 338 52.01 -32.26 35.36
C ALA C 338 53.17 -33.06 34.80
N GLU C 339 53.72 -34.00 35.58
CA GLU C 339 54.81 -34.84 35.11
C GLU C 339 54.33 -36.15 34.49
N LEU C 340 53.10 -36.57 34.77
CA LEU C 340 52.55 -37.82 34.25
C LEU C 340 51.80 -37.64 32.93
N MET C 341 52.19 -36.67 32.11
CA MET C 341 51.57 -36.44 30.80
C MET C 341 52.63 -36.41 29.71
N PRO C 342 53.29 -37.54 29.44
CA PRO C 342 54.29 -37.57 28.36
C PRO C 342 53.68 -37.96 27.01
N GLY C 343 54.52 -38.10 26.00
CA GLY C 343 54.11 -38.71 24.75
C GLY C 343 54.06 -37.81 23.54
N ALA C 344 52.85 -37.59 23.00
CA ALA C 344 52.72 -36.98 21.67
C ALA C 344 53.11 -35.51 21.70
N SER C 345 52.36 -34.69 22.42
CA SER C 345 52.54 -33.25 22.38
C SER C 345 51.80 -32.64 23.58
N GLY C 346 51.69 -31.32 23.59
CA GLY C 346 51.02 -30.60 24.67
C GLY C 346 49.51 -30.53 24.57
N ALA C 347 48.95 -30.85 23.40
CA ALA C 347 47.50 -30.93 23.26
C ALA C 347 46.91 -32.10 24.03
N GLU C 348 47.74 -33.07 24.43
CA GLU C 348 47.26 -34.15 25.28
C GLU C 348 46.73 -33.63 26.61
N VAL C 349 47.27 -32.49 27.08
CA VAL C 349 46.73 -31.86 28.27
C VAL C 349 45.32 -31.33 27.99
N LYS C 350 45.11 -30.76 26.80
CA LYS C 350 43.77 -30.34 26.41
C LYS C 350 42.83 -31.53 26.32
N GLY C 351 43.34 -32.70 25.91
CA GLY C 351 42.53 -33.90 25.97
C GLY C 351 42.22 -34.32 27.39
N VAL C 352 43.15 -34.10 28.32
CA VAL C 352 42.93 -34.44 29.72
C VAL C 352 41.85 -33.54 30.31
N CYS C 353 41.88 -32.25 29.98
CA CYS C 353 40.90 -31.32 30.54
C CYS C 353 39.52 -31.49 29.89
N THR C 354 39.48 -31.50 28.55
CA THR C 354 38.20 -31.64 27.86
C THR C 354 37.58 -33.01 28.09
N GLU C 355 38.39 -34.05 28.17
CA GLU C 355 37.88 -35.37 28.53
C GLU C 355 37.76 -35.56 30.04
N ALA C 356 38.17 -34.57 30.83
CA ALA C 356 38.04 -34.63 32.28
C ALA C 356 36.82 -33.91 32.81
N GLY C 357 36.36 -32.85 32.12
CA GLY C 357 35.16 -32.17 32.55
C GLY C 357 33.92 -33.06 32.52
N MET C 358 33.90 -34.04 31.62
CA MET C 358 32.79 -34.99 31.58
C MET C 358 32.80 -35.91 32.78
N TYR C 359 33.96 -36.16 33.38
CA TYR C 359 34.04 -36.89 34.63
C TYR C 359 33.86 -36.00 35.85
N ALA C 360 34.09 -34.69 35.71
CA ALA C 360 33.79 -33.77 36.79
C ALA C 360 32.29 -33.57 36.93
N LEU C 361 31.59 -33.38 35.81
CA LEU C 361 30.13 -33.32 35.85
C LEU C 361 29.52 -34.71 36.00
N ARG C 362 30.22 -35.74 35.53
CA ARG C 362 29.74 -37.11 35.71
C ARG C 362 29.82 -37.52 37.17
N GLU C 363 30.84 -37.04 37.89
CA GLU C 363 30.95 -37.28 39.33
C GLU C 363 30.12 -36.29 40.14
N ARG C 364 29.46 -35.34 39.48
CA ARG C 364 28.58 -34.37 40.14
C ARG C 364 29.34 -33.45 41.09
N ARG C 365 30.59 -33.14 40.77
CA ARG C 365 31.38 -32.21 41.55
C ARG C 365 31.32 -30.81 40.93
N VAL C 366 31.85 -29.84 41.67
CA VAL C 366 31.92 -28.47 41.17
C VAL C 366 33.26 -28.17 40.50
N HIS C 367 34.33 -28.87 40.90
CA HIS C 367 35.65 -28.62 40.37
C HIS C 367 36.34 -29.94 40.08
N VAL C 368 37.30 -29.90 39.16
CA VAL C 368 38.09 -31.08 38.82
C VAL C 368 39.18 -31.27 39.87
N THR C 369 39.38 -32.52 40.28
CA THR C 369 40.39 -32.87 41.26
C THR C 369 41.57 -33.54 40.58
N GLN C 370 42.63 -33.78 41.36
CA GLN C 370 43.84 -34.39 40.81
C GLN C 370 43.60 -35.83 40.41
N GLU C 371 42.75 -36.55 41.17
CA GLU C 371 42.42 -37.93 40.79
C GLU C 371 41.62 -37.97 39.49
N ASP C 372 40.77 -36.97 39.26
CA ASP C 372 40.06 -36.87 37.99
C ASP C 372 41.02 -36.64 36.84
N PHE C 373 41.99 -35.75 37.03
CA PHE C 373 43.01 -35.52 36.01
C PHE C 373 43.86 -36.77 35.79
N GLU C 374 44.04 -37.59 36.83
CA GLU C 374 44.80 -38.83 36.65
C GLU C 374 43.99 -39.84 35.84
N MET C 375 42.70 -39.98 36.14
CA MET C 375 41.86 -40.88 35.36
C MET C 375 41.72 -40.42 33.91
N ALA C 376 41.71 -39.09 33.69
CA ALA C 376 41.71 -38.59 32.32
C ALA C 376 43.04 -38.85 31.64
N VAL C 377 44.16 -38.76 32.37
CA VAL C 377 45.46 -39.12 31.81
C VAL C 377 45.45 -40.58 31.38
N ALA C 378 44.84 -41.46 32.19
CA ALA C 378 44.72 -42.85 31.78
C ALA C 378 43.83 -42.99 30.56
N LYS C 379 42.72 -42.26 30.52
CA LYS C 379 41.79 -42.35 29.38
C LYS C 379 42.39 -41.81 28.09
N VAL C 380 43.40 -40.94 28.17
CA VAL C 380 44.03 -40.41 26.96
C VAL C 380 45.34 -41.12 26.64
N MET C 381 45.91 -41.87 27.58
CA MET C 381 47.14 -42.62 27.32
C MET C 381 46.90 -44.09 27.03
N GLN C 382 45.70 -44.61 27.30
CA GLN C 382 45.39 -45.99 26.93
C GLN C 382 45.15 -46.14 25.44
N LYS C 383 44.81 -45.06 24.74
CA LYS C 383 44.59 -45.13 23.30
C LYS C 383 45.90 -45.17 22.52
N ASP C 384 46.97 -44.63 23.09
CA ASP C 384 48.27 -44.60 22.43
C ASP C 384 48.89 -45.99 22.37
N ASP D 1 -7.26 59.78 37.53
CA ASP D 1 -6.24 58.76 37.28
C ASP D 1 -6.23 57.72 38.39
N LEU D 2 -6.26 58.19 39.64
CA LEU D 2 -6.26 57.28 40.78
C LEU D 2 -7.58 56.52 40.87
N TYR D 3 -8.70 57.26 40.91
CA TYR D 3 -10.01 56.63 41.00
C TYR D 3 -10.53 56.16 39.64
N SER D 4 -10.01 56.72 38.54
CA SER D 4 -10.45 56.33 37.22
C SER D 4 -9.92 54.97 36.78
N ARG D 5 -8.97 54.40 37.51
CA ARG D 5 -8.42 53.11 37.12
C ARG D 5 -9.44 51.98 37.32
N TYR D 6 -10.40 52.17 38.23
CA TYR D 6 -11.44 51.17 38.42
C TYR D 6 -12.38 51.11 37.23
N LYS D 7 -13.07 52.23 36.95
CA LYS D 7 -14.04 52.25 35.86
C LYS D 7 -13.37 52.10 34.50
N LYS D 8 -12.16 52.65 34.33
CA LYS D 8 -11.41 52.41 33.11
C LYS D 8 -10.95 50.97 33.01
N LEU D 9 -10.66 50.34 34.16
CA LEU D 9 -10.22 48.95 34.15
C LEU D 9 -11.38 48.00 33.85
N GLN D 10 -12.61 48.41 34.16
CA GLN D 10 -13.77 47.57 33.87
C GLN D 10 -13.87 47.24 32.38
N GLN D 11 -13.42 48.15 31.51
CA GLN D 11 -13.39 47.85 30.08
C GLN D 11 -12.46 46.69 29.78
N GLU D 12 -11.33 46.61 30.49
CA GLU D 12 -10.44 45.47 30.35
C GLU D 12 -11.04 44.22 30.99
N LEU D 13 -11.85 44.39 32.03
CA LEU D 13 -12.55 43.25 32.61
C LEU D 13 -13.53 42.63 31.63
N GLU D 14 -14.27 43.47 30.90
CA GLU D 14 -15.21 42.94 29.91
C GLU D 14 -14.49 42.43 28.68
N PHE D 15 -13.43 43.11 28.26
CA PHE D 15 -12.70 42.69 27.05
C PHE D 15 -11.96 41.38 27.28
N LEU D 16 -11.49 41.14 28.52
CA LEU D 16 -10.82 39.87 28.81
C LEU D 16 -11.81 38.78 29.19
N GLU D 17 -12.94 39.16 29.81
CA GLU D 17 -13.95 38.16 30.18
C GLU D 17 -14.71 37.66 28.96
N VAL D 18 -14.85 38.49 27.92
CA VAL D 18 -15.59 38.08 26.73
C VAL D 18 -14.86 37.00 25.95
N GLN D 19 -13.57 36.80 26.22
CA GLN D 19 -12.78 35.81 25.49
C GLN D 19 -12.99 34.39 26.00
N GLU D 20 -13.72 34.21 27.10
CA GLU D 20 -13.91 32.87 27.66
C GLU D 20 -14.69 31.98 26.70
N GLU D 21 -15.92 32.37 26.36
CA GLU D 21 -16.72 31.58 25.43
C GLU D 21 -16.08 31.52 24.05
N TYR D 22 -15.26 32.50 23.70
CA TYR D 22 -14.53 32.47 22.42
C TYR D 22 -13.51 31.35 22.41
N ILE D 23 -12.64 31.29 23.42
CA ILE D 23 -11.65 30.22 23.47
C ILE D 23 -12.32 28.87 23.69
N LYS D 24 -13.50 28.88 24.31
CA LYS D 24 -14.31 27.66 24.36
C LYS D 24 -14.71 27.22 22.96
N ASP D 25 -15.16 28.17 22.14
CA ASP D 25 -15.55 27.84 20.77
C ASP D 25 -14.37 27.33 19.95
N GLU D 26 -13.19 27.96 20.13
CA GLU D 26 -12.03 27.51 19.39
C GLU D 26 -11.56 26.13 19.83
N GLN D 27 -11.53 25.89 21.14
CA GLN D 27 -11.06 24.58 21.62
C GLN D 27 -12.08 23.48 21.38
N LYS D 28 -13.35 23.82 21.18
CA LYS D 28 -14.36 22.82 20.87
C LYS D 28 -14.55 22.61 19.37
N ASN D 29 -14.17 23.58 18.55
CA ASN D 29 -14.34 23.46 17.10
C ASN D 29 -13.07 22.97 16.40
N LEU D 30 -11.90 23.45 16.84
CA LEU D 30 -10.66 23.05 16.18
C LEU D 30 -10.33 21.57 16.37
N LYS D 31 -10.86 20.95 17.43
CA LYS D 31 -10.69 19.50 17.56
C LYS D 31 -11.68 18.74 16.68
N LYS D 32 -12.87 19.31 16.44
CA LYS D 32 -13.77 18.72 15.46
C LYS D 32 -13.19 18.79 14.05
N GLU D 33 -12.57 19.93 13.71
CA GLU D 33 -11.85 20.00 12.45
C GLU D 33 -10.61 19.10 12.47
N PHE D 34 -10.04 18.86 13.65
CA PHE D 34 -8.88 17.99 13.75
C PHE D 34 -9.26 16.54 13.46
N LEU D 35 -10.43 16.10 13.93
CA LEU D 35 -10.88 14.76 13.61
C LEU D 35 -11.46 14.66 12.20
N HIS D 36 -12.01 15.76 11.68
CA HIS D 36 -12.44 15.80 10.29
C HIS D 36 -11.25 15.60 9.35
N ALA D 37 -10.24 16.47 9.47
CA ALA D 37 -9.05 16.32 8.62
C ALA D 37 -8.28 15.06 8.95
N GLN D 38 -8.33 14.60 10.21
CA GLN D 38 -7.64 13.37 10.58
C GLN D 38 -8.27 12.16 9.90
N GLU D 39 -9.61 12.09 9.87
CA GLU D 39 -10.26 11.00 9.16
C GLU D 39 -10.17 11.17 7.65
N GLU D 40 -10.04 12.41 7.17
CA GLU D 40 -9.88 12.63 5.74
C GLU D 40 -8.52 12.15 5.25
N VAL D 41 -7.45 12.41 6.03
CA VAL D 41 -6.14 11.90 5.66
C VAL D 41 -5.98 10.43 6.06
N LYS D 42 -6.83 9.93 6.94
CA LYS D 42 -6.77 8.52 7.32
C LYS D 42 -7.47 7.64 6.30
N ARG D 43 -8.56 8.12 5.71
CA ARG D 43 -9.29 7.34 4.72
C ARG D 43 -8.59 7.27 3.38
N ILE D 44 -7.52 8.05 3.18
CA ILE D 44 -6.74 7.96 1.95
C ILE D 44 -6.07 6.60 1.84
N GLN D 45 -5.61 6.06 2.97
CA GLN D 45 -4.97 4.75 2.99
C GLN D 45 -6.01 3.68 2.66
N SER D 46 -5.92 3.13 1.44
CA SER D 46 -6.87 2.14 0.96
C SER D 46 -6.25 0.75 0.99
N ILE D 47 -7.12 -0.26 0.99
CA ILE D 47 -6.69 -1.65 1.01
C ILE D 47 -5.99 -2.04 -0.29
N PRO D 48 -6.57 -1.79 -1.47
CA PRO D 48 -5.86 -2.16 -2.71
C PRO D 48 -4.59 -1.32 -2.89
N LEU D 49 -3.46 -1.99 -2.97
CA LEU D 49 -2.17 -1.31 -3.10
C LEU D 49 -1.14 -2.30 -3.65
N VAL D 50 0.03 -1.76 -3.99
CA VAL D 50 1.13 -2.54 -4.53
C VAL D 50 2.20 -2.69 -3.46
N ILE D 51 2.90 -3.82 -3.49
CA ILE D 51 3.94 -4.13 -2.51
C ILE D 51 5.29 -3.98 -3.19
N GLY D 52 6.15 -3.13 -2.62
CA GLY D 52 7.49 -2.96 -3.13
C GLY D 52 8.56 -3.52 -2.22
N GLN D 53 9.76 -2.94 -2.24
CA GLN D 53 10.85 -3.37 -1.39
C GLN D 53 11.69 -2.16 -0.99
N PHE D 54 12.18 -2.18 0.24
CA PHE D 54 13.01 -1.10 0.76
C PHE D 54 14.47 -1.39 0.48
N LEU D 55 15.22 -0.36 0.10
CA LEU D 55 16.62 -0.50 -0.28
C LEU D 55 17.55 0.19 0.71
N GLU D 56 17.40 1.50 0.91
CA GLU D 56 18.28 2.26 1.78
C GLU D 56 17.53 3.46 2.36
N ALA D 57 18.06 3.98 3.46
CA ALA D 57 17.53 5.18 4.10
C ALA D 57 18.62 6.24 4.09
N VAL D 58 18.34 7.36 3.42
CA VAL D 58 19.35 8.40 3.26
C VAL D 58 19.39 9.37 4.43
N ASP D 59 18.25 9.70 5.02
CA ASP D 59 18.20 10.62 6.15
C ASP D 59 16.89 10.37 6.91
N GLN D 60 16.58 11.28 7.84
CA GLN D 60 15.38 11.15 8.66
C GLN D 60 14.15 11.61 7.87
N ASN D 61 13.05 10.89 8.03
CA ASN D 61 11.75 11.17 7.44
C ASN D 61 11.77 11.12 5.92
N THR D 62 12.84 10.62 5.31
CA THR D 62 12.92 10.50 3.86
C THR D 62 13.86 9.35 3.52
N ALA D 63 13.43 8.50 2.58
CA ALA D 63 14.22 7.36 2.16
C ALA D 63 13.80 6.98 0.75
N ILE D 64 14.45 5.95 0.21
CA ILE D 64 14.16 5.45 -1.12
C ILE D 64 13.52 4.07 -0.98
N VAL D 65 12.79 3.66 -2.02
CA VAL D 65 12.06 2.41 -2.04
C VAL D 65 12.11 1.82 -3.44
N GLY D 66 12.49 0.54 -3.54
CA GLY D 66 12.57 -0.13 -4.82
C GLY D 66 11.22 -0.73 -5.19
N SER D 67 10.78 -0.45 -6.41
CA SER D 67 9.52 -0.99 -6.90
C SER D 67 9.69 -2.46 -7.28
N THR D 68 8.55 -3.11 -7.58
CA THR D 68 8.58 -4.51 -7.97
C THR D 68 9.24 -4.69 -9.33
N THR D 69 9.05 -3.74 -10.24
CA THR D 69 9.63 -3.82 -11.58
C THR D 69 11.14 -3.61 -11.59
N GLY D 70 11.75 -3.26 -10.45
CA GLY D 70 13.17 -3.05 -10.35
C GLY D 70 13.59 -1.60 -10.26
N SER D 71 12.76 -0.67 -10.71
CA SER D 71 13.10 0.74 -10.64
C SER D 71 12.97 1.25 -9.21
N ASN D 72 13.95 2.05 -8.79
CA ASN D 72 13.96 2.61 -7.45
C ASN D 72 13.13 3.89 -7.42
N TYR D 73 12.34 4.05 -6.36
CA TYR D 73 11.46 5.19 -6.19
C TYR D 73 11.91 6.03 -4.99
N TYR D 74 11.78 7.34 -5.12
CA TYR D 74 12.14 8.29 -4.07
C TYR D 74 10.84 8.93 -3.56
N VAL D 75 10.33 8.43 -2.45
CA VAL D 75 9.07 8.88 -1.88
C VAL D 75 9.28 9.19 -0.41
N ARG D 76 8.81 10.37 0.02
CA ARG D 76 8.93 10.77 1.41
C ARG D 76 7.97 9.94 2.27
N ILE D 77 8.50 9.35 3.34
CA ILE D 77 7.66 8.52 4.20
C ILE D 77 6.71 9.41 5.01
N LEU D 78 5.66 8.78 5.54
CA LEU D 78 4.66 9.50 6.31
C LEU D 78 5.10 9.66 7.76
N SER D 79 4.69 10.77 8.38
CA SER D 79 5.17 11.11 9.71
C SER D 79 4.61 10.20 10.79
N THR D 80 3.46 9.55 10.55
CA THR D 80 2.88 8.69 11.58
C THR D 80 3.73 7.44 11.81
N ILE D 81 4.34 6.91 10.74
CA ILE D 81 5.17 5.72 10.87
C ILE D 81 6.46 6.07 11.60
N ASP D 82 6.78 5.28 12.62
CA ASP D 82 7.97 5.53 13.43
C ASP D 82 9.21 4.97 12.71
N ARG D 83 10.34 4.94 13.40
CA ARG D 83 11.59 4.47 12.82
C ARG D 83 11.70 2.95 12.83
N GLU D 84 10.73 2.24 13.38
CA GLU D 84 10.79 0.78 13.42
C GLU D 84 10.64 0.17 12.03
N LEU D 85 9.85 0.81 11.16
CA LEU D 85 9.63 0.33 9.80
C LEU D 85 10.76 0.70 8.84
N LEU D 86 11.83 1.31 9.34
CA LEU D 86 12.96 1.71 8.51
C LEU D 86 14.00 0.60 8.35
N LYS D 87 13.60 -0.66 8.52
CA LYS D 87 14.53 -1.77 8.37
C LYS D 87 15.00 -1.85 6.92
N PRO D 88 16.30 -2.01 6.66
CA PRO D 88 16.77 -2.06 5.27
C PRO D 88 16.19 -3.22 4.47
N ASN D 89 16.22 -4.43 5.03
CA ASN D 89 15.68 -5.61 4.37
C ASN D 89 14.31 -5.92 4.97
N ALA D 90 13.29 -5.21 4.47
CA ALA D 90 11.92 -5.37 4.94
C ALA D 90 10.98 -5.38 3.74
N SER D 91 9.77 -5.87 3.97
CA SER D 91 8.75 -5.97 2.93
C SER D 91 7.81 -4.76 3.06
N VAL D 92 8.24 -3.65 2.49
CA VAL D 92 7.44 -2.42 2.51
C VAL D 92 6.37 -2.50 1.42
N ALA D 93 5.26 -1.81 1.65
CA ALA D 93 4.13 -1.82 0.71
C ALA D 93 3.58 -0.40 0.61
N LEU D 94 3.76 0.22 -0.55
CA LEU D 94 3.23 1.54 -0.82
C LEU D 94 1.80 1.44 -1.34
N HIS D 95 1.22 2.55 -1.74
CA HIS D 95 -0.10 2.54 -2.36
C HIS D 95 0.03 2.47 -3.87
N LYS D 96 -1.07 2.07 -4.52
CA LYS D 96 -1.07 1.97 -5.99
C LYS D 96 -1.07 3.34 -6.65
N HIS D 97 -1.65 4.35 -5.99
CA HIS D 97 -1.66 5.71 -6.50
C HIS D 97 -0.91 6.68 -5.59
N SER D 98 -1.21 6.68 -4.30
CA SER D 98 -0.54 7.60 -3.37
C SER D 98 0.91 7.19 -3.14
N ASN D 99 1.23 5.91 -3.31
CA ASN D 99 2.59 5.39 -3.11
C ASN D 99 3.10 5.69 -1.70
N ALA D 100 2.25 5.50 -0.71
CA ALA D 100 2.59 5.71 0.69
C ALA D 100 2.54 4.39 1.44
N LEU D 101 3.47 4.20 2.37
CA LEU D 101 3.55 2.98 3.14
C LEU D 101 2.72 3.09 4.41
N VAL D 102 1.98 2.04 4.73
CA VAL D 102 1.15 1.98 5.91
C VAL D 102 1.74 1.03 6.96
N ASP D 103 2.12 -0.18 6.53
CA ASP D 103 2.69 -1.17 7.44
C ASP D 103 3.46 -2.19 6.62
N VAL D 104 4.49 -2.76 7.23
CA VAL D 104 5.35 -3.73 6.55
C VAL D 104 4.79 -5.13 6.79
N LEU D 105 5.14 -6.04 5.89
CA LEU D 105 4.65 -7.42 5.98
C LEU D 105 5.74 -8.33 6.52
N PRO D 106 5.39 -9.25 7.41
CA PRO D 106 6.40 -10.17 7.96
C PRO D 106 6.84 -11.19 6.93
N PRO D 107 8.15 -11.38 6.75
CA PRO D 107 8.70 -12.34 5.80
C PRO D 107 8.28 -13.78 6.09
N ILE D 134 28.11 -47.36 22.45
CA ILE D 134 28.75 -46.16 22.98
C ILE D 134 28.43 -44.96 22.09
N GLN D 135 28.01 -45.24 20.86
CA GLN D 135 27.69 -44.16 19.93
C GLN D 135 26.40 -43.45 20.33
N LYS D 136 25.33 -44.21 20.55
CA LYS D 136 24.07 -43.61 20.97
C LYS D 136 24.16 -43.02 22.36
N GLN D 137 25.02 -43.58 23.21
CA GLN D 137 25.20 -43.02 24.55
C GLN D 137 25.97 -41.71 24.51
N GLU D 138 27.00 -41.64 23.67
CA GLU D 138 27.79 -40.41 23.59
C GLU D 138 27.02 -39.31 22.87
N VAL D 139 26.23 -39.68 21.85
CA VAL D 139 25.39 -38.69 21.19
C VAL D 139 24.26 -38.24 22.11
N ARG D 140 23.67 -39.17 22.85
CA ARG D 140 22.57 -38.82 23.73
C ARG D 140 23.04 -37.93 24.88
N GLU D 141 24.05 -38.37 25.62
CA GLU D 141 24.59 -37.57 26.71
C GLU D 141 25.27 -36.30 26.22
N ALA D 142 25.71 -36.27 24.96
CA ALA D 142 26.37 -35.10 24.40
C ALA D 142 25.40 -34.11 23.78
N VAL D 143 24.14 -34.49 23.57
CA VAL D 143 23.15 -33.63 22.93
C VAL D 143 22.05 -33.23 23.92
N GLU D 144 21.34 -34.22 24.48
CA GLU D 144 20.17 -33.90 25.29
C GLU D 144 20.52 -33.44 26.69
N LEU D 145 21.70 -33.79 27.21
CA LEU D 145 22.10 -33.35 28.53
C LEU D 145 22.58 -31.89 28.53
N PRO D 146 23.40 -31.46 27.57
CA PRO D 146 23.79 -30.03 27.54
C PRO D 146 22.67 -29.12 27.05
N LEU D 147 21.59 -29.66 26.50
CA LEU D 147 20.51 -28.81 26.00
C LEU D 147 19.68 -28.25 27.14
N THR D 148 19.37 -29.09 28.14
CA THR D 148 18.54 -28.66 29.26
C THR D 148 19.35 -28.37 30.52
N HIS D 149 20.61 -28.79 30.57
CA HIS D 149 21.45 -28.54 31.74
C HIS D 149 22.67 -27.71 31.37
N PRO D 160 28.92 -27.69 29.01
CA PRO D 160 28.00 -28.14 27.98
C PRO D 160 28.58 -28.01 26.57
N PRO D 161 29.44 -28.95 26.17
CA PRO D 161 30.03 -28.88 24.83
C PRO D 161 29.02 -29.25 23.75
N ARG D 162 29.13 -28.57 22.61
CA ARG D 162 28.24 -28.80 21.47
C ARG D 162 29.08 -29.28 20.29
N GLY D 163 28.60 -30.31 19.61
CA GLY D 163 29.30 -30.89 18.47
C GLY D 163 29.56 -32.37 18.72
N VAL D 164 29.07 -33.20 17.79
CA VAL D 164 29.16 -34.65 17.91
C VAL D 164 29.76 -35.24 16.63
N LEU D 165 30.67 -34.50 16.00
CA LEU D 165 31.28 -34.88 14.73
C LEU D 165 31.66 -36.37 14.70
N MET D 166 31.22 -37.05 13.64
CA MET D 166 31.40 -38.48 13.49
C MET D 166 32.34 -38.78 12.33
N TYR D 167 32.72 -40.05 12.22
CA TYR D 167 33.62 -40.52 11.17
C TYR D 167 33.22 -41.93 10.79
N GLY D 168 33.86 -42.47 9.74
CA GLY D 168 33.61 -43.81 9.29
C GLY D 168 32.97 -43.86 7.92
N PRO D 169 33.78 -44.10 6.89
CA PRO D 169 33.25 -44.24 5.53
C PRO D 169 32.56 -45.57 5.26
N PRO D 170 32.93 -46.70 5.94
CA PRO D 170 32.26 -47.97 5.60
C PRO D 170 30.76 -47.95 5.89
N GLY D 171 30.36 -47.53 7.08
CA GLY D 171 28.97 -47.48 7.43
C GLY D 171 28.28 -46.22 6.91
N CYS D 172 26.98 -46.34 6.65
CA CYS D 172 26.22 -45.22 6.13
C CYS D 172 26.01 -44.18 7.23
N GLY D 173 25.34 -44.57 8.30
CA GLY D 173 25.08 -43.70 9.44
C GLY D 173 24.37 -42.42 9.05
N LYS D 174 24.49 -41.43 9.94
CA LYS D 174 24.03 -40.06 9.77
C LYS D 174 22.51 -39.94 9.69
N THR D 175 21.78 -41.03 9.83
CA THR D 175 20.32 -41.00 9.76
C THR D 175 19.65 -41.56 11.00
N MET D 176 20.18 -42.65 11.57
CA MET D 176 19.57 -43.23 12.75
C MET D 176 19.76 -42.34 13.99
N LEU D 177 20.84 -41.55 14.01
CA LEU D 177 21.08 -40.65 15.13
C LEU D 177 20.44 -39.29 14.92
N ALA D 178 20.42 -38.79 13.68
CA ALA D 178 19.71 -37.55 13.39
C ALA D 178 18.21 -37.72 13.59
N LYS D 179 17.66 -38.87 13.17
CA LYS D 179 16.25 -39.15 13.41
C LYS D 179 16.01 -39.63 14.83
N ALA D 180 17.02 -40.25 15.46
CA ALA D 180 16.88 -40.66 16.85
C ALA D 180 16.76 -39.45 17.76
N VAL D 181 17.61 -38.45 17.56
CA VAL D 181 17.47 -37.20 18.31
C VAL D 181 16.26 -36.43 17.82
N ALA D 182 15.92 -36.53 16.54
CA ALA D 182 14.77 -35.83 16.00
C ALA D 182 13.45 -36.36 16.54
N HIS D 183 13.44 -37.59 17.05
CA HIS D 183 12.23 -38.19 17.62
C HIS D 183 12.25 -38.28 19.13
N HIS D 184 13.43 -38.40 19.76
CA HIS D 184 13.50 -38.45 21.21
C HIS D 184 13.22 -37.08 21.82
N THR D 185 13.93 -36.05 21.36
CA THR D 185 13.77 -34.70 21.85
C THR D 185 12.80 -33.94 20.95
N THR D 186 11.89 -33.17 21.57
CA THR D 186 10.88 -32.42 20.84
C THR D 186 11.32 -30.96 20.79
N ALA D 187 12.16 -30.65 19.80
CA ALA D 187 12.65 -29.30 19.59
C ALA D 187 12.75 -29.06 18.09
N ALA D 188 13.34 -27.93 17.70
CA ALA D 188 13.53 -27.62 16.30
C ALA D 188 14.79 -28.30 15.78
N PHE D 189 14.75 -28.66 14.49
CA PHE D 189 15.86 -29.34 13.84
C PHE D 189 16.04 -28.78 12.45
N ILE D 190 17.23 -28.21 12.19
CA ILE D 190 17.53 -27.63 10.88
C ILE D 190 18.52 -28.53 10.16
N ARG D 191 18.01 -29.44 9.34
CA ARG D 191 18.84 -30.32 8.54
C ARG D 191 19.06 -29.71 7.16
N VAL D 192 20.31 -29.45 6.82
CA VAL D 192 20.68 -28.81 5.56
C VAL D 192 21.92 -29.50 5.01
N VAL D 193 21.96 -29.70 3.70
CA VAL D 193 23.16 -30.21 3.05
C VAL D 193 24.29 -29.19 3.23
N GLY D 194 25.52 -29.69 3.39
CA GLY D 194 26.65 -28.83 3.67
C GLY D 194 26.90 -27.74 2.65
N SER D 195 26.43 -27.93 1.41
CA SER D 195 26.59 -26.94 0.35
C SER D 195 25.33 -26.09 0.17
N GLU D 196 24.64 -25.76 1.26
CA GLU D 196 23.40 -25.01 1.18
C GLU D 196 23.62 -23.51 0.97
N PHE D 197 24.84 -23.01 1.16
CA PHE D 197 25.15 -21.59 1.02
C PHE D 197 26.10 -21.32 -0.14
N VAL D 198 26.18 -22.23 -1.11
CA VAL D 198 27.01 -22.06 -2.30
C VAL D 198 26.08 -21.61 -3.42
N GLN D 199 26.01 -20.30 -3.65
CA GLN D 199 25.13 -19.76 -4.68
C GLN D 199 25.89 -18.83 -5.61
N LYS D 200 25.17 -18.15 -6.51
CA LYS D 200 25.80 -17.23 -7.44
C LYS D 200 26.06 -15.86 -6.82
N TYR D 201 25.38 -15.53 -5.72
CA TYR D 201 25.55 -14.24 -5.05
C TYR D 201 26.37 -14.46 -3.79
N LEU D 202 27.55 -13.84 -3.74
CA LEU D 202 28.43 -13.98 -2.59
C LEU D 202 27.90 -13.24 -1.37
N GLY D 203 26.97 -12.30 -1.55
CA GLY D 203 26.42 -11.55 -0.44
C GLY D 203 25.23 -12.26 0.19
N GLU D 204 24.62 -13.18 -0.54
CA GLU D 204 23.46 -13.91 -0.03
C GLU D 204 23.85 -14.91 1.05
N GLY D 205 25.11 -15.33 1.10
CA GLY D 205 25.58 -16.28 2.08
C GLY D 205 25.34 -15.85 3.51
N PRO D 206 25.97 -14.74 3.92
CA PRO D 206 25.76 -14.26 5.29
C PRO D 206 24.31 -13.92 5.62
N ARG D 207 23.50 -13.58 4.61
CA ARG D 207 22.08 -13.37 4.86
C ARG D 207 21.36 -14.68 5.16
N MET D 208 21.70 -15.75 4.41
CA MET D 208 21.04 -17.03 4.63
C MET D 208 21.48 -17.66 5.95
N VAL D 209 22.79 -17.73 6.20
CA VAL D 209 23.26 -18.31 7.45
C VAL D 209 22.94 -17.41 8.63
N ARG D 210 22.79 -16.10 8.40
CA ARG D 210 22.38 -15.20 9.47
C ARG D 210 20.90 -15.35 9.78
N ASP D 211 20.07 -15.65 8.77
CA ASP D 211 18.67 -15.92 9.03
C ASP D 211 18.47 -17.25 9.73
N VAL D 212 19.17 -18.30 9.26
CA VAL D 212 19.07 -19.60 9.91
C VAL D 212 19.59 -19.53 11.34
N PHE D 213 20.68 -18.79 11.55
CA PHE D 213 21.24 -18.68 12.89
C PHE D 213 20.38 -17.80 13.79
N ARG D 214 19.68 -16.81 13.22
CA ARG D 214 18.84 -15.96 14.04
C ARG D 214 17.52 -16.63 14.41
N LEU D 215 17.00 -17.49 13.53
CA LEU D 215 15.83 -18.29 13.91
C LEU D 215 16.23 -19.47 14.79
N ALA D 216 17.50 -19.90 14.73
CA ALA D 216 17.97 -20.94 15.63
C ALA D 216 18.31 -20.40 17.01
N LYS D 217 18.65 -19.11 17.11
CA LYS D 217 18.91 -18.49 18.40
C LYS D 217 17.68 -17.81 18.99
N GLU D 218 16.69 -17.48 18.16
CA GLU D 218 15.51 -16.76 18.62
C GLU D 218 14.23 -17.58 18.59
N ASN D 219 14.05 -18.44 17.60
CA ASN D 219 12.81 -19.21 17.50
C ASN D 219 12.77 -20.29 18.57
N ALA D 220 13.72 -21.21 18.55
CA ALA D 220 13.76 -22.33 19.49
C ALA D 220 15.17 -22.87 19.51
N PRO D 221 15.51 -23.71 20.50
CA PRO D 221 16.85 -24.32 20.51
C PRO D 221 17.02 -25.31 19.37
N ALA D 222 17.18 -24.80 18.15
CA ALA D 222 17.29 -25.65 16.97
C ALA D 222 18.64 -26.35 16.94
N ILE D 223 18.62 -27.65 16.71
CA ILE D 223 19.82 -28.46 16.58
C ILE D 223 20.14 -28.55 15.09
N ILE D 224 21.06 -27.69 14.64
CA ILE D 224 21.41 -27.60 13.23
C ILE D 224 22.29 -28.77 12.85
N PHE D 225 21.89 -29.52 11.83
CA PHE D 225 22.61 -30.71 11.36
C PHE D 225 23.33 -30.35 10.06
N ILE D 226 24.61 -30.06 10.17
CA ILE D 226 25.45 -29.74 9.01
C ILE D 226 26.21 -31.01 8.63
N ASP D 227 25.87 -31.58 7.48
CA ASP D 227 26.45 -32.84 7.02
C ASP D 227 27.37 -32.61 5.83
N GLU D 228 28.41 -33.43 5.74
CA GLU D 228 29.34 -33.44 4.61
C GLU D 228 30.00 -32.07 4.42
N ILE D 229 30.79 -31.67 5.43
CA ILE D 229 31.54 -30.42 5.36
C ILE D 229 32.80 -30.53 4.54
N ASP D 230 33.09 -31.71 3.97
CA ASP D 230 34.31 -31.88 3.18
C ASP D 230 34.25 -31.08 1.88
N ALA D 231 33.05 -30.80 1.37
CA ALA D 231 32.93 -30.01 0.15
C ALA D 231 33.23 -28.54 0.40
N ILE D 232 32.88 -28.03 1.59
CA ILE D 232 33.14 -26.64 1.93
C ILE D 232 34.43 -26.47 2.72
N ALA D 233 35.14 -27.56 3.01
CA ALA D 233 36.39 -27.50 3.76
C ALA D 233 37.61 -27.59 2.87
N THR D 234 37.47 -27.26 1.58
CA THR D 234 38.58 -27.28 0.64
C THR D 234 39.11 -25.88 0.46
N LYS D 235 40.38 -25.67 0.81
CA LYS D 235 41.00 -24.36 0.70
C LYS D 235 41.37 -24.07 -0.75
N ARG D 236 41.47 -22.78 -1.06
CA ARG D 236 41.81 -22.34 -2.40
C ARG D 236 42.37 -20.93 -2.33
N PHE D 237 43.29 -20.63 -3.24
CA PHE D 237 43.96 -19.34 -3.28
C PHE D 237 43.69 -18.55 -4.55
N ASP D 238 43.38 -19.22 -5.67
CA ASP D 238 43.15 -18.53 -6.92
C ASP D 238 41.88 -17.70 -6.86
N ALA D 239 41.74 -16.77 -7.81
CA ALA D 239 40.60 -15.87 -7.87
C ALA D 239 39.53 -16.30 -8.86
N GLN D 240 39.80 -17.32 -9.69
CA GLN D 240 38.79 -17.80 -10.61
C GLN D 240 37.65 -18.49 -9.88
N THR D 241 37.97 -19.25 -8.84
CA THR D 241 36.98 -19.95 -8.02
C THR D 241 36.72 -19.19 -6.71
N GLY D 242 36.71 -17.86 -6.76
CA GLY D 242 36.55 -17.03 -5.57
C GLY D 242 35.27 -17.26 -4.82
N ALA D 243 34.29 -17.94 -5.41
CA ALA D 243 33.05 -18.24 -4.69
C ALA D 243 33.28 -19.25 -3.58
N ASP D 244 34.13 -20.25 -3.83
CA ASP D 244 34.43 -21.24 -2.80
C ASP D 244 35.25 -20.63 -1.67
N ARG D 245 36.21 -19.77 -2.01
CA ARG D 245 36.96 -19.07 -0.98
C ARG D 245 36.07 -18.09 -0.21
N GLU D 246 35.06 -17.52 -0.89
CA GLU D 246 34.15 -16.62 -0.20
C GLU D 246 33.25 -17.38 0.78
N VAL D 247 32.74 -18.54 0.36
CA VAL D 247 31.86 -19.29 1.24
C VAL D 247 32.64 -20.02 2.33
N GLN D 248 33.94 -20.26 2.13
CA GLN D 248 34.76 -20.74 3.24
C GLN D 248 35.19 -19.59 4.15
N ARG D 249 35.22 -18.36 3.64
CA ARG D 249 35.32 -17.21 4.53
C ARG D 249 34.03 -17.03 5.34
N ILE D 250 32.89 -17.43 4.76
CA ILE D 250 31.66 -17.50 5.56
C ILE D 250 31.75 -18.63 6.57
N LEU D 251 32.39 -19.74 6.20
CA LEU D 251 32.63 -20.81 7.16
C LEU D 251 33.52 -20.34 8.30
N LEU D 252 34.46 -19.44 8.03
CA LEU D 252 35.24 -18.83 9.10
C LEU D 252 34.41 -17.82 9.89
N GLU D 253 33.45 -17.17 9.22
CA GLU D 253 32.59 -16.22 9.92
C GLU D 253 31.73 -16.93 10.95
N LEU D 254 31.10 -18.05 10.56
CA LEU D 254 30.38 -18.85 11.54
C LEU D 254 31.32 -19.58 12.48
N LEU D 255 32.56 -19.81 12.07
CA LEU D 255 33.56 -20.36 12.98
C LEU D 255 33.90 -19.39 14.09
N ASN D 256 33.77 -18.09 13.83
CA ASN D 256 33.90 -17.10 14.89
C ASN D 256 32.58 -16.89 15.64
N GLN D 257 31.45 -17.04 14.94
CA GLN D 257 30.15 -16.89 15.59
C GLN D 257 29.87 -18.01 16.58
N MET D 258 30.46 -19.19 16.38
CA MET D 258 30.36 -20.23 17.39
C MET D 258 31.29 -19.97 18.56
N ASP D 259 32.42 -19.31 18.32
CA ASP D 259 33.24 -18.82 19.42
C ASP D 259 32.48 -17.81 20.25
N GLY D 260 31.67 -16.97 19.60
CA GLY D 260 30.74 -16.13 20.32
C GLY D 260 29.57 -16.90 20.91
N PHE D 261 29.32 -18.11 20.41
CA PHE D 261 28.26 -18.97 20.92
C PHE D 261 28.82 -20.15 21.72
N ASP D 262 29.95 -19.95 22.39
CA ASP D 262 30.54 -21.02 23.19
C ASP D 262 29.77 -21.25 24.49
N GLN D 263 29.33 -20.17 25.14
CA GLN D 263 28.71 -20.26 26.46
C GLN D 263 27.41 -19.48 26.47
N ASN D 264 26.37 -20.07 27.09
CA ASN D 264 25.09 -19.40 27.30
C ASN D 264 24.41 -19.05 25.98
N VAL D 265 24.29 -20.04 25.10
CA VAL D 265 23.57 -19.89 23.84
C VAL D 265 22.53 -21.00 23.75
N ASN D 266 21.38 -20.68 23.17
CA ASN D 266 20.28 -21.64 23.02
C ASN D 266 20.28 -22.21 21.60
N VAL D 267 21.35 -22.94 21.30
CA VAL D 267 21.50 -23.58 20.00
C VAL D 267 22.49 -24.73 20.14
N LYS D 268 22.30 -25.76 19.32
CA LYS D 268 23.20 -26.90 19.27
C LYS D 268 23.63 -27.11 17.82
N VAL D 269 24.94 -27.23 17.61
CA VAL D 269 25.49 -27.42 16.27
C VAL D 269 26.10 -28.81 16.17
N ILE D 270 25.32 -29.76 15.67
CA ILE D 270 25.82 -31.11 15.42
C ILE D 270 26.34 -31.18 13.99
N MET D 271 27.31 -32.07 13.76
CA MET D 271 28.00 -32.14 12.49
C MET D 271 28.32 -33.59 12.16
N ALA D 272 28.29 -33.91 10.87
CA ALA D 272 28.62 -35.25 10.39
C ALA D 272 29.44 -35.13 9.11
N THR D 273 30.35 -36.09 8.93
CA THR D 273 31.21 -36.11 7.75
C THR D 273 31.68 -37.53 7.50
N ASN D 274 32.20 -37.76 6.29
CA ASN D 274 32.71 -39.06 5.90
C ASN D 274 34.22 -39.11 5.72
N ARG D 275 34.87 -37.95 5.56
CA ARG D 275 36.31 -37.90 5.35
C ARG D 275 36.89 -36.79 6.23
N ALA D 276 37.79 -37.16 7.14
CA ALA D 276 38.41 -36.20 8.04
C ALA D 276 39.81 -35.79 7.61
N ASP D 277 40.37 -36.44 6.59
CA ASP D 277 41.73 -36.09 6.16
C ASP D 277 41.76 -34.75 5.44
N THR D 278 40.74 -34.43 4.66
CA THR D 278 40.67 -33.17 3.93
C THR D 278 40.15 -32.02 4.78
N LEU D 279 39.79 -32.27 6.03
CA LEU D 279 39.24 -31.23 6.90
C LEU D 279 40.36 -30.39 7.49
N ASP D 280 40.19 -29.07 7.47
CA ASP D 280 41.19 -28.18 8.02
C ASP D 280 41.26 -28.31 9.53
N PRO D 281 42.45 -28.13 10.12
CA PRO D 281 42.58 -28.24 11.59
C PRO D 281 41.87 -27.14 12.35
N ALA D 282 41.44 -26.06 11.67
CA ALA D 282 40.73 -25.00 12.37
C ALA D 282 39.33 -25.43 12.78
N LEU D 283 38.75 -26.40 12.08
CA LEU D 283 37.42 -26.89 12.44
C LEU D 283 37.49 -27.94 13.55
N LEU D 284 38.47 -28.84 13.48
CA LEU D 284 38.64 -29.88 14.48
C LEU D 284 39.48 -29.42 15.68
N ARG D 285 39.62 -28.11 15.87
CA ARG D 285 40.38 -27.60 17.00
C ARG D 285 39.64 -27.92 18.30
N PRO D 286 40.36 -28.34 19.34
CA PRO D 286 39.70 -28.59 20.63
C PRO D 286 39.04 -27.33 21.17
N GLY D 287 37.94 -27.53 21.89
CA GLY D 287 37.11 -26.43 22.34
C GLY D 287 35.95 -26.09 21.43
N ARG D 288 35.94 -26.62 20.21
CA ARG D 288 34.84 -26.41 19.26
C ARG D 288 34.02 -27.67 19.06
N LEU D 289 34.66 -28.78 18.71
CA LEU D 289 34.01 -30.08 18.55
C LEU D 289 34.67 -31.03 19.55
N ASP D 290 34.16 -31.05 20.77
CA ASP D 290 34.76 -31.80 21.86
C ASP D 290 34.42 -33.28 21.83
N ARG D 291 33.69 -33.76 20.83
CA ARG D 291 33.27 -35.14 20.74
C ARG D 291 33.80 -35.75 19.45
N LYS D 292 34.70 -36.71 19.57
CA LYS D 292 35.20 -37.49 18.43
C LYS D 292 34.67 -38.91 18.61
N ILE D 293 33.46 -39.15 18.12
CA ILE D 293 32.78 -40.43 18.28
C ILE D 293 33.22 -41.35 17.15
N GLU D 294 33.74 -42.52 17.50
CA GLU D 294 34.24 -43.48 16.53
C GLU D 294 33.46 -44.78 16.64
N PHE D 295 33.01 -45.28 15.50
CA PHE D 295 32.27 -46.47 15.13
C PHE D 295 33.25 -47.61 14.85
N PRO D 296 32.82 -48.88 14.97
CA PRO D 296 33.73 -49.98 14.60
C PRO D 296 34.05 -49.98 13.12
N LEU D 297 34.87 -50.93 12.67
CA LEU D 297 35.48 -50.82 11.36
C LEU D 297 35.66 -52.19 10.70
N PRO D 298 35.95 -52.24 9.39
CA PRO D 298 36.23 -53.53 8.74
C PRO D 298 37.45 -54.26 9.29
N ASP D 299 38.13 -53.67 10.28
CA ASP D 299 39.38 -54.22 10.79
C ASP D 299 39.13 -55.57 11.46
N ARG D 300 40.13 -56.46 11.37
CA ARG D 300 39.93 -57.85 11.72
C ARG D 300 39.71 -58.04 13.21
N ARG D 301 40.19 -57.12 14.05
CA ARG D 301 40.00 -57.25 15.48
C ARG D 301 38.53 -57.11 15.85
N GLN D 302 37.87 -56.05 15.36
CA GLN D 302 36.45 -55.88 15.60
C GLN D 302 35.59 -56.86 14.80
N LYS D 303 36.14 -57.45 13.73
CA LYS D 303 35.42 -58.50 13.04
C LYS D 303 35.42 -59.80 13.84
N ARG D 304 36.56 -60.13 14.47
CA ARG D 304 36.60 -61.31 15.34
C ARG D 304 35.75 -61.08 16.59
N LEU D 305 35.83 -59.88 17.17
CA LEU D 305 35.00 -59.58 18.33
C LEU D 305 33.52 -59.58 17.98
N ILE D 306 33.17 -59.13 16.78
CA ILE D 306 31.76 -59.11 16.39
C ILE D 306 31.28 -60.49 15.96
N PHE D 307 32.20 -61.38 15.55
CA PHE D 307 31.84 -62.78 15.33
C PHE D 307 31.61 -63.49 16.65
N SER D 308 32.46 -63.25 17.65
CA SER D 308 32.27 -63.87 18.96
C SER D 308 30.99 -63.36 19.60
N THR D 309 30.75 -62.05 19.56
CA THR D 309 29.53 -61.52 20.15
C THR D 309 28.30 -61.77 19.27
N ILE D 310 28.50 -62.13 18.00
CA ILE D 310 27.36 -62.46 17.15
C ILE D 310 27.01 -63.95 17.22
N THR D 311 27.93 -64.79 17.68
CA THR D 311 27.65 -66.20 17.93
C THR D 311 27.38 -66.48 19.40
N SER D 312 27.60 -65.51 20.29
CA SER D 312 27.25 -65.68 21.68
C SER D 312 25.74 -65.76 21.88
N LYS D 313 24.99 -64.88 21.19
CA LYS D 313 23.55 -64.82 21.37
C LYS D 313 22.85 -66.00 20.72
N MET D 314 23.01 -66.18 19.42
CA MET D 314 22.32 -67.23 18.70
C MET D 314 22.87 -68.59 19.11
N ASN D 315 22.10 -69.63 18.76
CA ASN D 315 22.50 -70.99 19.08
C ASN D 315 23.64 -71.44 18.19
N LEU D 316 24.59 -72.17 18.76
CA LEU D 316 25.76 -72.65 18.05
C LEU D 316 25.90 -74.15 18.25
N SER D 317 26.77 -74.75 17.44
CA SER D 317 27.04 -76.18 17.50
C SER D 317 28.55 -76.40 17.44
N GLU D 318 28.96 -77.65 17.67
CA GLU D 318 30.37 -77.99 17.63
C GLU D 318 30.93 -78.01 16.21
N GLU D 319 30.08 -78.14 15.20
CA GLU D 319 30.53 -78.15 13.82
C GLU D 319 30.93 -76.76 13.33
N VAL D 320 30.36 -75.71 13.93
CA VAL D 320 30.66 -74.34 13.51
C VAL D 320 32.10 -74.01 13.88
N ASP D 321 32.92 -73.74 12.88
CA ASP D 321 34.32 -73.37 13.08
C ASP D 321 34.55 -71.96 12.56
N LEU D 322 35.41 -71.21 13.26
CA LEU D 322 35.68 -69.83 12.92
C LEU D 322 37.07 -69.62 12.33
N GLU D 323 37.91 -70.65 12.29
CA GLU D 323 39.25 -70.49 11.75
C GLU D 323 39.23 -70.30 10.25
N ASP D 324 38.51 -71.18 9.53
CA ASP D 324 38.36 -71.00 8.10
C ASP D 324 37.49 -69.79 7.77
N TYR D 325 36.48 -69.52 8.59
CA TYR D 325 35.60 -68.38 8.39
C TYR D 325 36.22 -67.06 8.82
N VAL D 326 37.45 -67.08 9.35
CA VAL D 326 38.21 -65.87 9.57
C VAL D 326 39.45 -65.81 8.66
N ALA D 327 39.91 -66.93 8.12
CA ALA D 327 41.02 -66.92 7.19
C ALA D 327 40.56 -66.63 5.76
N ARG D 328 39.36 -67.11 5.40
CA ARG D 328 38.80 -66.86 4.08
C ARG D 328 38.52 -65.37 3.84
N PRO D 329 37.95 -64.64 4.81
CA PRO D 329 37.81 -63.19 4.60
C PRO D 329 39.12 -62.45 4.42
N ASP D 330 40.25 -63.06 4.81
CA ASP D 330 41.53 -62.44 4.51
C ASP D 330 41.88 -62.58 3.04
N LYS D 331 41.42 -63.66 2.38
CA LYS D 331 41.62 -63.79 0.95
C LYS D 331 40.62 -62.95 0.17
N ILE D 332 39.32 -63.12 0.45
CA ILE D 332 38.27 -62.33 -0.16
C ILE D 332 37.76 -61.34 0.88
N SER D 333 38.10 -60.07 0.70
CA SER D 333 37.75 -59.03 1.65
C SER D 333 36.38 -58.45 1.34
N GLY D 334 35.64 -58.12 2.41
CA GLY D 334 34.32 -57.54 2.25
C GLY D 334 33.97 -56.69 3.45
N ALA D 335 32.87 -55.97 3.34
CA ALA D 335 32.37 -55.09 4.38
C ALA D 335 31.11 -55.69 5.00
N ASP D 336 30.56 -54.94 5.97
CA ASP D 336 29.27 -55.21 6.64
C ASP D 336 28.99 -56.71 6.79
N ILE D 337 29.94 -57.39 7.45
CA ILE D 337 29.80 -58.83 7.67
C ILE D 337 28.63 -59.16 8.58
N ASN D 338 28.26 -58.25 9.49
CA ASN D 338 27.10 -58.49 10.33
C ASN D 338 25.82 -58.56 9.49
N SER D 339 25.73 -57.75 8.44
CA SER D 339 24.60 -57.85 7.53
C SER D 339 24.61 -59.18 6.77
N ILE D 340 25.79 -59.73 6.52
CA ILE D 340 25.87 -61.05 5.89
C ILE D 340 25.41 -62.14 6.85
N CYS D 341 25.73 -61.99 8.14
CA CYS D 341 25.21 -62.91 9.15
C CYS D 341 23.69 -62.78 9.26
N GLN D 342 23.17 -61.55 9.14
CA GLN D 342 21.73 -61.38 9.12
C GLN D 342 21.10 -62.02 7.88
N GLU D 343 21.82 -62.01 6.75
CA GLU D 343 21.34 -62.74 5.58
C GLU D 343 21.35 -64.24 5.82
N SER D 344 22.35 -64.75 6.55
CA SER D 344 22.34 -66.15 6.93
C SER D 344 21.17 -66.47 7.84
N GLY D 345 20.78 -65.52 8.70
CA GLY D 345 19.56 -65.68 9.46
C GLY D 345 18.32 -65.65 8.60
N MET D 346 18.35 -64.87 7.51
CA MET D 346 17.24 -64.84 6.57
C MET D 346 17.16 -66.09 5.71
N LEU D 347 18.25 -66.87 5.63
CA LEU D 347 18.23 -68.14 4.92
C LEU D 347 18.01 -69.33 5.84
N ALA D 348 18.26 -69.18 7.14
CA ALA D 348 17.99 -70.22 8.12
C ALA D 348 16.71 -69.95 8.90
N VAL D 349 15.98 -68.87 8.59
CA VAL D 349 14.75 -68.54 9.29
C VAL D 349 13.53 -69.22 8.67
N ARG D 350 13.72 -70.07 7.67
CA ARG D 350 12.62 -70.72 6.97
C ARG D 350 11.96 -71.82 7.79
N GLU D 351 12.31 -71.95 9.08
CA GLU D 351 11.71 -72.93 9.98
C GLU D 351 11.91 -74.36 9.50
N ASN D 352 12.99 -74.61 8.76
CA ASN D 352 13.31 -75.96 8.29
C ASN D 352 14.33 -76.68 9.15
N ARG D 353 15.30 -75.95 9.71
CA ARG D 353 16.32 -76.53 10.57
C ARG D 353 16.40 -75.74 11.87
N TYR D 354 16.48 -76.46 12.99
CA TYR D 354 16.46 -75.81 14.30
C TYR D 354 17.78 -75.15 14.62
N ILE D 355 18.90 -75.79 14.28
CA ILE D 355 20.23 -75.29 14.58
C ILE D 355 20.96 -75.04 13.27
N VAL D 356 21.42 -73.80 13.07
CA VAL D 356 22.13 -73.45 11.85
C VAL D 356 23.49 -74.10 11.84
N LEU D 357 23.91 -74.55 10.66
CA LEU D 357 25.21 -75.21 10.51
C LEU D 357 26.02 -74.53 9.40
N ALA D 358 27.13 -75.16 9.00
CA ALA D 358 27.98 -74.60 7.96
C ALA D 358 27.33 -74.65 6.57
N LYS D 359 26.21 -75.37 6.42
CA LYS D 359 25.55 -75.43 5.12
C LYS D 359 24.98 -74.07 4.75
N ASP D 360 24.27 -73.42 5.66
CA ASP D 360 23.77 -72.07 5.42
C ASP D 360 24.86 -71.02 5.50
N PHE D 361 25.99 -71.34 6.12
CA PHE D 361 27.10 -70.40 6.16
C PHE D 361 27.81 -70.34 4.81
N GLU D 362 28.19 -71.49 4.27
CA GLU D 362 28.79 -71.51 2.93
C GLU D 362 27.77 -71.17 1.86
N LYS D 363 26.50 -71.53 2.07
CA LYS D 363 25.45 -71.14 1.12
C LYS D 363 25.28 -69.62 1.12
N ALA D 364 25.29 -68.99 2.30
CA ALA D 364 25.24 -67.54 2.36
C ALA D 364 26.51 -66.90 1.83
N TYR D 365 27.64 -67.61 1.89
CA TYR D 365 28.88 -67.06 1.33
C TYR D 365 28.88 -67.12 -0.19
N LYS D 366 28.27 -68.14 -0.77
CA LYS D 366 28.24 -68.29 -2.22
C LYS D 366 27.07 -67.55 -2.88
N THR D 367 25.98 -67.33 -2.15
CA THR D 367 24.86 -66.59 -2.72
C THR D 367 25.01 -65.09 -2.49
N VAL D 368 25.19 -64.68 -1.24
CA VAL D 368 25.34 -63.27 -0.91
C VAL D 368 26.63 -63.04 -0.14
N ASP E 1 -72.33 -25.48 -51.46
CA ASP E 1 -72.27 -24.03 -51.27
C ASP E 1 -71.83 -23.68 -49.85
N TYR E 2 -72.60 -24.16 -48.86
CA TYR E 2 -72.26 -23.88 -47.47
C TYR E 2 -71.21 -24.85 -46.93
N ARG E 3 -71.23 -26.11 -47.38
CA ARG E 3 -70.27 -27.09 -46.88
C ARG E 3 -68.87 -26.86 -47.42
N LYS E 4 -68.73 -26.20 -48.57
CA LYS E 4 -67.41 -25.96 -49.13
C LYS E 4 -66.72 -24.75 -48.53
N LYS E 5 -67.48 -23.80 -47.98
CA LYS E 5 -66.86 -22.61 -47.39
C LYS E 5 -66.06 -22.96 -46.14
N LEU E 6 -66.42 -24.05 -45.46
CA LEU E 6 -65.65 -24.46 -44.29
C LEU E 6 -64.29 -25.01 -44.69
N LEU E 7 -64.24 -25.80 -45.77
CA LEU E 7 -62.97 -26.32 -46.24
C LEU E 7 -62.12 -25.22 -46.88
N GLU E 8 -62.75 -24.32 -47.63
CA GLU E 8 -62.01 -23.22 -48.24
C GLU E 8 -61.44 -22.29 -47.17
N HIS E 9 -62.28 -21.86 -46.23
CA HIS E 9 -61.80 -21.04 -45.12
C HIS E 9 -60.77 -21.77 -44.30
N LYS E 10 -60.87 -23.10 -44.22
CA LYS E 10 -59.82 -23.89 -43.57
C LYS E 10 -58.53 -23.84 -44.36
N GLU E 11 -58.60 -23.68 -45.69
CA GLU E 11 -57.39 -23.55 -46.50
C GLU E 11 -56.76 -22.17 -46.35
N ILE E 12 -57.59 -21.12 -46.36
CA ILE E 12 -57.05 -19.77 -46.16
C ILE E 12 -56.46 -19.65 -44.76
N ASP E 13 -57.14 -20.21 -43.76
CA ASP E 13 -56.58 -20.23 -42.41
C ASP E 13 -55.34 -21.09 -42.32
N GLY E 14 -55.25 -22.14 -43.15
CA GLY E 14 -54.06 -22.96 -43.14
C GLY E 14 -52.85 -22.24 -43.69
N ARG E 15 -52.96 -21.70 -44.91
CA ARG E 15 -51.87 -20.91 -45.48
C ARG E 15 -51.62 -19.64 -44.69
N LEU E 16 -52.58 -19.21 -43.85
CA LEU E 16 -52.37 -18.06 -42.99
C LEU E 16 -51.60 -18.45 -41.72
N LYS E 17 -51.80 -19.67 -41.22
CA LYS E 17 -51.09 -20.12 -40.03
C LYS E 17 -49.79 -20.84 -40.35
N GLU E 18 -49.49 -21.09 -41.62
CA GLU E 18 -48.25 -21.74 -42.01
C GLU E 18 -47.12 -20.77 -42.32
N LEU E 19 -47.34 -19.46 -42.12
CA LEU E 19 -46.31 -18.46 -42.37
C LEU E 19 -45.63 -17.96 -41.09
N ARG E 20 -46.17 -18.30 -39.92
CA ARG E 20 -45.55 -17.86 -38.67
C ARG E 20 -44.28 -18.65 -38.37
N GLU E 21 -44.21 -19.91 -38.79
CA GLU E 21 -43.04 -20.73 -38.52
C GLU E 21 -41.80 -20.23 -39.25
N GLN E 22 -41.96 -19.46 -40.32
CA GLN E 22 -40.81 -18.92 -41.04
C GLN E 22 -40.17 -17.73 -40.34
N LEU E 23 -40.81 -17.18 -39.33
CA LEU E 23 -40.28 -16.02 -38.60
C LEU E 23 -40.06 -16.31 -37.12
N LYS E 24 -41.00 -16.99 -36.45
CA LYS E 24 -40.88 -17.23 -35.02
C LYS E 24 -39.66 -18.09 -34.69
N GLU E 25 -39.10 -18.80 -35.66
CA GLU E 25 -37.89 -19.57 -35.41
C GLU E 25 -36.65 -18.69 -35.38
N LEU E 26 -36.57 -17.71 -36.28
CA LEU E 26 -35.42 -16.82 -36.32
C LEU E 26 -35.53 -15.65 -35.34
N THR E 27 -36.73 -15.35 -34.85
CA THR E 27 -36.87 -14.29 -33.85
C THR E 27 -36.19 -14.68 -32.54
N LYS E 28 -36.11 -15.98 -32.24
CA LYS E 28 -35.40 -16.42 -31.05
C LYS E 28 -33.91 -16.16 -31.16
N GLN E 29 -33.35 -16.34 -32.36
CA GLN E 29 -31.94 -16.04 -32.57
C GLN E 29 -31.70 -14.53 -32.61
N TYR E 30 -32.64 -13.77 -33.19
CA TYR E 30 -32.51 -12.33 -33.20
C TYR E 30 -32.55 -11.76 -31.78
N GLU E 31 -33.44 -12.26 -30.93
CA GLU E 31 -33.45 -11.86 -29.53
C GLU E 31 -32.21 -12.36 -28.81
N LYS E 32 -31.70 -13.54 -29.20
CA LYS E 32 -30.46 -14.04 -28.63
C LYS E 32 -29.28 -13.13 -28.97
N SER E 33 -29.36 -12.42 -30.08
CA SER E 33 -28.30 -11.47 -30.43
C SER E 33 -28.24 -10.34 -29.42
N GLU E 34 -29.39 -9.76 -29.07
CA GLU E 34 -29.39 -8.71 -28.04
C GLU E 34 -29.11 -9.30 -26.65
N ASN E 35 -29.45 -10.57 -26.44
CA ASN E 35 -29.07 -11.22 -25.19
C ASN E 35 -27.56 -11.31 -25.05
N ASP E 36 -26.87 -11.65 -26.13
CA ASP E 36 -25.41 -11.65 -26.12
C ASP E 36 -24.86 -10.24 -25.97
N LEU E 37 -25.49 -9.27 -26.66
CA LEU E 37 -25.06 -7.88 -26.53
C LEU E 37 -25.18 -7.39 -25.09
N LYS E 38 -26.17 -7.90 -24.35
CA LYS E 38 -26.27 -7.61 -22.92
C LYS E 38 -25.37 -8.51 -22.08
N ALA E 39 -24.87 -9.60 -22.65
CA ALA E 39 -23.97 -10.49 -21.93
C ALA E 39 -22.51 -10.09 -22.06
N LEU E 40 -22.16 -9.26 -23.04
CA LEU E 40 -20.80 -8.79 -23.23
C LEU E 40 -20.49 -7.53 -22.42
N GLN E 41 -21.30 -7.22 -21.40
CA GLN E 41 -21.09 -6.04 -20.59
C GLN E 41 -20.12 -6.26 -19.43
N SER E 42 -19.81 -7.52 -19.10
CA SER E 42 -18.88 -7.82 -18.01
C SER E 42 -17.48 -7.93 -18.61
N VAL E 43 -16.75 -6.81 -18.61
CA VAL E 43 -15.42 -6.74 -19.17
C VAL E 43 -14.49 -6.06 -18.18
N GLY E 44 -13.19 -6.30 -18.36
CA GLY E 44 -12.18 -5.69 -17.53
C GLY E 44 -11.67 -6.52 -16.38
N GLN E 45 -11.67 -7.85 -16.50
CA GLN E 45 -11.25 -8.73 -15.42
C GLN E 45 -9.80 -9.19 -15.66
N ILE E 46 -9.08 -9.39 -14.57
CA ILE E 46 -7.70 -9.84 -14.60
C ILE E 46 -7.57 -11.06 -13.68
N VAL E 47 -6.42 -11.71 -13.75
CA VAL E 47 -6.18 -12.94 -13.00
C VAL E 47 -5.18 -12.70 -11.88
N GLY E 48 -4.98 -13.71 -11.04
CA GLY E 48 -4.04 -13.59 -9.93
C GLY E 48 -3.90 -14.93 -9.23
N GLU E 49 -2.88 -15.01 -8.39
CA GLU E 49 -2.56 -16.23 -7.67
C GLU E 49 -2.27 -15.89 -6.21
N VAL E 50 -2.66 -16.78 -5.30
CA VAL E 50 -2.55 -16.55 -3.87
C VAL E 50 -1.43 -17.43 -3.31
N LEU E 51 -0.50 -16.83 -2.59
CA LEU E 51 0.59 -17.54 -1.95
C LEU E 51 0.53 -17.52 -0.43
N LYS E 52 0.41 -16.34 0.17
CA LYS E 52 0.40 -16.20 1.62
C LYS E 52 -0.81 -15.37 2.04
N GLN E 53 -1.52 -15.85 3.07
CA GLN E 53 -2.70 -15.18 3.59
C GLN E 53 -2.46 -14.81 5.04
N LEU E 54 -2.54 -13.51 5.35
CA LEU E 54 -2.38 -13.04 6.72
C LEU E 54 -3.72 -12.90 7.42
N THR E 55 -4.61 -12.09 6.87
CA THR E 55 -5.94 -11.87 7.42
C THR E 55 -6.95 -12.74 6.70
N GLU E 56 -7.92 -13.28 7.46
CA GLU E 56 -8.95 -14.11 6.85
C GLU E 56 -9.83 -13.33 5.89
N GLU E 57 -9.91 -12.01 6.04
CA GLU E 57 -10.72 -11.18 5.15
C GLU E 57 -9.90 -10.62 3.98
N LYS E 58 -8.65 -10.25 4.22
CA LYS E 58 -7.80 -9.64 3.20
C LYS E 58 -6.51 -10.45 3.08
N PHE E 59 -6.17 -10.83 1.85
CA PHE E 59 -4.99 -11.64 1.57
C PHE E 59 -4.19 -11.00 0.45
N ILE E 60 -3.08 -11.64 0.10
CA ILE E 60 -2.15 -11.15 -0.91
C ILE E 60 -2.33 -11.95 -2.18
N VAL E 61 -2.33 -11.27 -3.33
CA VAL E 61 -2.46 -11.91 -4.63
C VAL E 61 -1.17 -11.70 -5.41
N LYS E 62 -0.95 -12.58 -6.38
CA LYS E 62 0.22 -12.53 -7.25
C LYS E 62 -0.25 -12.52 -8.69
N ALA E 63 -0.04 -11.40 -9.39
CA ALA E 63 -0.47 -11.29 -10.77
C ALA E 63 0.51 -11.99 -11.69
N THR E 64 0.01 -12.35 -12.88
CA THR E 64 0.85 -13.02 -13.87
C THR E 64 1.92 -12.10 -14.44
N ASN E 65 1.62 -10.80 -14.53
CA ASN E 65 2.56 -9.84 -15.10
C ASN E 65 3.82 -9.70 -14.25
N GLY E 66 3.75 -9.98 -12.96
CA GLY E 66 4.89 -9.88 -12.09
C GLY E 66 4.71 -9.01 -10.86
N PRO E 67 4.09 -7.84 -10.98
CA PRO E 67 3.79 -7.05 -9.79
C PRO E 67 2.69 -7.68 -8.95
N ARG E 68 2.86 -7.62 -7.63
CA ARG E 68 1.92 -8.19 -6.70
C ARG E 68 1.02 -7.11 -6.11
N TYR E 69 -0.15 -7.52 -5.64
CA TYR E 69 -1.13 -6.61 -5.08
C TYR E 69 -1.84 -7.29 -3.92
N VAL E 70 -2.77 -6.58 -3.29
CA VAL E 70 -3.60 -7.11 -2.22
C VAL E 70 -5.04 -6.69 -2.49
N VAL E 71 -5.98 -7.60 -2.23
CA VAL E 71 -7.39 -7.38 -2.49
C VAL E 71 -8.18 -7.68 -1.22
N GLY E 72 -9.49 -7.42 -1.29
CA GLY E 72 -10.38 -7.68 -0.19
C GLY E 72 -11.29 -8.86 -0.44
N CYS E 73 -12.38 -8.92 0.33
CA CYS E 73 -13.37 -9.99 0.23
C CYS E 73 -14.70 -9.40 -0.21
N ARG E 74 -15.34 -10.05 -1.18
CA ARG E 74 -16.62 -9.61 -1.69
C ARG E 74 -17.75 -10.25 -0.88
N ARG E 75 -18.84 -9.49 -0.72
CA ARG E 75 -19.95 -9.93 0.12
C ARG E 75 -20.68 -11.14 -0.46
N GLN E 76 -20.52 -11.42 -1.76
CA GLN E 76 -21.23 -12.54 -2.37
C GLN E 76 -20.52 -13.86 -2.12
N LEU E 77 -19.21 -13.90 -2.37
CA LEU E 77 -18.45 -15.13 -2.20
C LEU E 77 -18.26 -15.43 -0.72
N ASP E 78 -17.78 -16.64 -0.45
CA ASP E 78 -17.54 -17.13 0.91
C ASP E 78 -16.07 -17.48 1.07
N LYS E 79 -15.73 -18.06 2.22
CA LYS E 79 -14.36 -18.45 2.55
C LYS E 79 -14.00 -19.84 2.04
N SER E 80 -14.87 -20.47 1.24
CA SER E 80 -14.58 -21.78 0.70
C SER E 80 -13.44 -21.72 -0.31
N LYS E 81 -13.63 -20.93 -1.38
CA LYS E 81 -12.60 -20.76 -2.40
C LYS E 81 -11.56 -19.70 -2.03
N LEU E 82 -11.74 -19.02 -0.90
CA LEU E 82 -10.81 -17.98 -0.48
C LEU E 82 -9.51 -18.52 0.08
N LYS E 83 -9.44 -19.83 0.37
CA LYS E 83 -8.23 -20.42 0.91
C LYS E 83 -7.08 -20.29 -0.10
N PRO E 84 -5.85 -20.20 0.38
CA PRO E 84 -4.71 -20.07 -0.54
C PRO E 84 -4.47 -21.35 -1.32
N GLY E 85 -3.68 -21.21 -2.39
CA GLY E 85 -3.37 -22.32 -3.26
C GLY E 85 -4.32 -22.51 -4.42
N THR E 86 -5.30 -21.62 -4.60
CA THR E 86 -6.26 -21.69 -5.69
C THR E 86 -6.18 -20.42 -6.50
N ARG E 87 -5.96 -20.57 -7.81
CA ARG E 87 -5.88 -19.42 -8.70
C ARG E 87 -7.24 -18.73 -8.80
N VAL E 88 -7.26 -17.42 -8.61
CA VAL E 88 -8.51 -16.65 -8.61
C VAL E 88 -8.43 -15.56 -9.67
N ALA E 89 -9.51 -14.79 -9.79
CA ALA E 89 -9.59 -13.70 -10.76
C ALA E 89 -9.89 -12.39 -10.03
N LEU E 90 -9.46 -11.28 -10.64
CA LEU E 90 -9.63 -9.96 -10.07
C LEU E 90 -10.26 -9.03 -11.10
N ASP E 91 -10.61 -7.83 -10.64
CA ASP E 91 -11.21 -6.81 -11.48
C ASP E 91 -10.31 -5.58 -11.52
N MET E 92 -10.40 -4.83 -12.62
CA MET E 92 -9.59 -3.63 -12.75
C MET E 92 -10.06 -2.52 -11.82
N THR E 93 -11.36 -2.46 -11.53
CA THR E 93 -11.94 -1.45 -10.65
C THR E 93 -12.12 -2.04 -9.26
N THR E 94 -11.50 -1.41 -8.27
CA THR E 94 -11.57 -1.75 -6.84
C THR E 94 -10.90 -3.09 -6.52
N LEU E 95 -10.39 -3.80 -7.54
CA LEU E 95 -9.72 -5.09 -7.34
C LEU E 95 -10.61 -6.09 -6.60
N THR E 96 -11.89 -6.14 -6.98
CA THR E 96 -12.81 -7.09 -6.38
C THR E 96 -12.62 -8.47 -7.00
N ILE E 97 -13.27 -9.47 -6.39
CA ILE E 97 -13.14 -10.86 -6.81
C ILE E 97 -14.50 -11.33 -7.29
N MET E 98 -14.58 -11.69 -8.57
CA MET E 98 -15.82 -12.21 -9.15
C MET E 98 -15.92 -13.72 -8.94
N ARG E 99 -14.93 -14.47 -9.40
CA ARG E 99 -14.89 -15.91 -9.23
C ARG E 99 -13.43 -16.37 -9.31
N TYR E 100 -13.22 -17.67 -9.19
CA TYR E 100 -11.88 -18.25 -9.21
C TYR E 100 -11.55 -18.77 -10.60
N LEU E 101 -10.35 -19.33 -10.72
CA LEU E 101 -9.88 -19.90 -11.99
C LEU E 101 -9.21 -21.24 -11.74
N PRO E 102 -9.85 -22.35 -12.10
CA PRO E 102 -9.24 -23.66 -11.85
C PRO E 102 -8.05 -23.89 -12.78
N ARG E 103 -6.95 -24.37 -12.20
CA ARG E 103 -5.76 -24.63 -12.99
C ARG E 103 -5.93 -25.88 -13.83
N GLU E 104 -5.06 -26.02 -14.83
CA GLU E 104 -5.10 -27.17 -15.73
C GLU E 104 -3.71 -27.49 -16.27
N LYS E 158 -6.94 -52.59 -14.30
CA LYS E 158 -5.66 -51.93 -14.07
C LYS E 158 -4.61 -52.42 -15.06
N GLY E 159 -4.87 -53.56 -15.69
CA GLY E 159 -3.95 -54.12 -16.65
C GLY E 159 -4.49 -55.37 -17.33
N CYS E 160 -4.30 -55.47 -18.65
CA CYS E 160 -4.76 -56.61 -19.41
C CYS E 160 -3.88 -56.79 -20.64
N LEU E 161 -3.47 -58.03 -20.89
CA LEU E 161 -2.60 -58.37 -22.02
C LEU E 161 -3.39 -59.22 -23.01
N LEU E 162 -3.46 -58.78 -24.26
CA LEU E 162 -4.18 -59.46 -25.32
C LEU E 162 -3.22 -59.71 -26.47
N TYR E 163 -2.51 -60.84 -26.41
CA TYR E 163 -1.54 -61.20 -27.43
C TYR E 163 -1.87 -62.56 -28.02
N GLY E 164 -1.63 -62.70 -29.33
CA GLY E 164 -1.85 -63.95 -30.02
C GLY E 164 -0.57 -64.44 -30.69
N PRO E 165 -0.11 -65.62 -30.30
CA PRO E 165 1.13 -66.17 -30.88
C PRO E 165 1.02 -66.38 -32.38
N PRO E 166 -0.10 -66.87 -32.91
CA PRO E 166 -0.22 -66.92 -34.38
C PRO E 166 -0.84 -65.66 -34.95
N GLY E 167 -0.28 -65.21 -36.07
CA GLY E 167 -0.80 -64.04 -36.75
C GLY E 167 -0.56 -62.75 -35.97
N THR E 168 -0.94 -61.64 -36.61
CA THR E 168 -0.80 -60.33 -36.01
C THR E 168 -2.14 -59.58 -36.08
N GLY E 169 -2.13 -58.30 -35.73
CA GLY E 169 -3.31 -57.48 -35.79
C GLY E 169 -4.04 -57.26 -34.49
N LYS E 170 -3.38 -57.50 -33.34
CA LYS E 170 -4.03 -57.24 -32.06
C LYS E 170 -4.13 -55.76 -31.75
N THR E 171 -3.30 -54.93 -32.38
CA THR E 171 -3.50 -53.48 -32.30
C THR E 171 -4.83 -53.10 -32.92
N LEU E 172 -5.23 -53.80 -34.00
CA LEU E 172 -6.55 -53.62 -34.57
C LEU E 172 -7.65 -54.20 -33.68
N LEU E 173 -7.30 -55.12 -32.78
CA LEU E 173 -8.25 -55.53 -31.75
C LEU E 173 -8.43 -54.43 -30.71
N ALA E 174 -7.34 -53.73 -30.38
CA ALA E 174 -7.48 -52.54 -29.55
C ALA E 174 -8.27 -51.46 -30.27
N ARG E 175 -8.19 -51.41 -31.60
CA ARG E 175 -9.03 -50.50 -32.36
C ARG E 175 -10.48 -50.97 -32.36
N ALA E 176 -10.71 -52.28 -32.22
CA ALA E 176 -12.06 -52.81 -32.14
C ALA E 176 -12.70 -52.48 -30.80
N VAL E 177 -11.96 -52.68 -29.71
CA VAL E 177 -12.50 -52.36 -28.38
C VAL E 177 -12.64 -50.85 -28.23
N ALA E 178 -11.65 -50.09 -28.69
CA ALA E 178 -11.74 -48.63 -28.62
C ALA E 178 -12.84 -48.09 -29.51
N SER E 179 -13.12 -48.76 -30.62
CA SER E 179 -14.22 -48.38 -31.48
C SER E 179 -15.56 -48.89 -30.98
N GLN E 180 -15.56 -49.81 -30.02
CA GLN E 180 -16.80 -50.30 -29.42
C GLN E 180 -17.21 -49.44 -28.23
N LEU E 181 -16.33 -49.33 -27.23
CA LEU E 181 -16.61 -48.48 -26.07
C LEU E 181 -15.27 -48.09 -25.45
N ASP E 182 -14.86 -46.85 -25.68
CA ASP E 182 -13.61 -46.33 -25.12
C ASP E 182 -13.84 -45.15 -24.19
N CYS E 183 -14.52 -44.10 -24.66
CA CYS E 183 -14.99 -42.94 -23.89
C CYS E 183 -13.87 -42.22 -23.14
N ASN E 184 -12.61 -42.58 -23.38
CA ASN E 184 -11.48 -41.94 -22.69
C ASN E 184 -10.31 -41.90 -23.66
N PHE E 185 -9.94 -40.69 -24.10
CA PHE E 185 -8.91 -40.52 -25.13
C PHE E 185 -7.59 -40.15 -24.47
N LEU E 186 -6.68 -41.13 -24.38
CA LEU E 186 -5.32 -40.89 -23.89
C LEU E 186 -4.43 -41.97 -24.50
N LYS E 187 -3.72 -41.62 -25.55
CA LYS E 187 -2.89 -42.56 -26.30
C LYS E 187 -1.42 -42.29 -26.06
N VAL E 188 -0.66 -43.35 -25.82
CA VAL E 188 0.78 -43.29 -25.64
C VAL E 188 1.42 -44.23 -26.65
N VAL E 189 2.34 -43.70 -27.46
CA VAL E 189 3.00 -44.47 -28.51
C VAL E 189 4.32 -45.00 -27.98
N SER E 190 4.67 -46.22 -28.36
CA SER E 190 5.90 -46.86 -27.91
C SER E 190 7.16 -46.23 -28.49
N SER E 191 7.02 -45.28 -29.41
CA SER E 191 8.17 -44.63 -30.03
C SER E 191 8.59 -43.35 -29.31
N SER E 192 8.14 -43.15 -28.08
CA SER E 192 8.50 -41.98 -27.29
C SER E 192 9.51 -42.32 -26.19
N ILE E 193 10.03 -43.54 -26.18
CA ILE E 193 10.99 -43.97 -25.16
C ILE E 193 12.31 -44.28 -25.86
N VAL E 194 12.65 -43.47 -26.87
CA VAL E 194 13.87 -43.70 -27.65
C VAL E 194 15.09 -43.71 -26.75
N ASP E 195 15.12 -42.84 -25.75
CA ASP E 195 16.20 -42.79 -24.74
C ASP E 195 17.57 -42.62 -25.39
N LYS E 196 17.65 -41.75 -26.39
CA LYS E 196 18.95 -41.45 -26.99
C LYS E 196 19.83 -40.61 -26.07
N TYR E 197 19.25 -40.03 -25.02
CA TYR E 197 20.02 -39.29 -24.02
C TYR E 197 20.57 -40.27 -22.99
N ILE E 198 21.04 -39.73 -21.85
CA ILE E 198 21.63 -40.58 -20.82
C ILE E 198 20.63 -41.58 -20.27
N GLY E 199 19.36 -41.19 -20.18
CA GLY E 199 18.32 -42.06 -19.67
C GLY E 199 17.71 -41.56 -18.37
N GLU E 200 16.56 -40.89 -18.49
CA GLU E 200 15.88 -40.32 -17.34
C GLU E 200 14.36 -40.47 -17.46
N SER E 201 13.90 -41.57 -18.05
CA SER E 201 12.46 -41.78 -18.27
C SER E 201 11.68 -41.97 -16.98
N ALA E 202 12.33 -41.98 -15.82
CA ALA E 202 11.60 -42.10 -14.56
C ALA E 202 10.66 -40.92 -14.36
N ARG E 203 11.17 -39.70 -14.52
CA ARG E 203 10.32 -38.52 -14.41
C ARG E 203 9.32 -38.43 -15.56
N LEU E 204 9.60 -39.08 -16.68
CA LEU E 204 8.61 -39.16 -17.76
C LEU E 204 7.45 -40.06 -17.37
N ILE E 205 7.73 -41.14 -16.64
CA ILE E 205 6.66 -42.02 -16.17
C ILE E 205 5.88 -41.36 -15.05
N ARG E 206 6.58 -40.76 -14.08
CA ARG E 206 5.89 -40.10 -12.97
C ARG E 206 5.09 -38.89 -13.46
N GLU E 207 5.60 -38.19 -14.47
CA GLU E 207 4.86 -37.06 -15.02
C GLU E 207 3.70 -37.51 -15.91
N MET E 208 3.88 -38.62 -16.64
CA MET E 208 2.80 -39.13 -17.48
C MET E 208 1.64 -39.64 -16.63
N PHE E 209 1.94 -40.51 -15.65
CA PHE E 209 0.89 -40.97 -14.76
C PHE E 209 0.40 -39.88 -13.82
N ASN E 210 1.20 -38.84 -13.59
CA ASN E 210 0.71 -37.68 -12.86
C ASN E 210 -0.33 -36.92 -13.68
N TYR E 211 -0.11 -36.81 -14.99
CA TYR E 211 -1.13 -36.26 -15.86
C TYR E 211 -2.30 -37.23 -16.02
N ALA E 212 -2.09 -38.51 -15.74
CA ALA E 212 -3.19 -39.47 -15.70
C ALA E 212 -3.99 -39.35 -14.41
N ARG E 213 -3.38 -38.85 -13.33
CA ARG E 213 -4.14 -38.55 -12.12
C ARG E 213 -4.89 -37.23 -12.24
N ASP E 214 -4.23 -36.21 -12.81
CA ASP E 214 -4.89 -34.93 -13.02
C ASP E 214 -5.93 -34.99 -14.13
N HIS E 215 -5.81 -35.95 -15.05
CA HIS E 215 -6.74 -36.11 -16.17
C HIS E 215 -7.51 -37.41 -15.97
N GLN E 216 -8.80 -37.30 -15.63
CA GLN E 216 -9.60 -38.50 -15.39
C GLN E 216 -9.70 -39.42 -16.60
N PRO E 217 -9.94 -38.94 -17.84
CA PRO E 217 -9.95 -39.87 -18.98
C PRO E 217 -8.57 -40.39 -19.32
N CYS E 218 -8.31 -41.68 -19.03
CA CYS E 218 -7.01 -42.27 -19.29
C CYS E 218 -7.20 -43.76 -19.58
N ILE E 219 -7.24 -44.11 -20.87
CA ILE E 219 -7.24 -45.50 -21.31
C ILE E 219 -6.20 -45.60 -22.42
N ILE E 220 -5.10 -46.29 -22.15
CA ILE E 220 -3.97 -46.37 -23.07
C ILE E 220 -4.01 -47.69 -23.82
N PHE E 221 -3.47 -47.68 -25.03
CA PHE E 221 -3.38 -48.87 -25.88
C PHE E 221 -1.95 -48.95 -26.43
N MET E 222 -1.09 -49.65 -25.70
CA MET E 222 0.29 -49.82 -26.14
C MET E 222 0.35 -50.76 -27.33
N ASP E 223 1.24 -50.46 -28.28
CA ASP E 223 1.40 -51.28 -29.47
C ASP E 223 2.82 -51.15 -29.99
N GLU E 224 3.20 -52.08 -30.87
CA GLU E 224 4.51 -52.08 -31.51
C GLU E 224 5.63 -52.16 -30.48
N ILE E 225 5.43 -52.98 -29.45
CA ILE E 225 6.42 -53.14 -28.39
C ILE E 225 7.48 -54.18 -28.72
N ASP E 226 7.33 -54.91 -29.84
CA ASP E 226 8.27 -55.96 -30.16
C ASP E 226 9.63 -55.40 -30.57
N ALA E 227 9.64 -54.27 -31.27
CA ALA E 227 10.89 -53.67 -31.72
C ALA E 227 11.66 -53.00 -30.59
N ILE E 228 10.99 -52.58 -29.52
CA ILE E 228 11.65 -51.98 -28.38
C ILE E 228 11.88 -52.95 -27.24
N GLY E 229 11.53 -54.23 -27.43
CA GLY E 229 11.73 -55.23 -26.40
C GLY E 229 12.89 -56.16 -26.67
N THR E 237 24.30 -56.53 -24.34
CA THR E 237 24.04 -55.10 -24.50
C THR E 237 23.09 -54.60 -23.42
N SER E 238 22.89 -53.28 -23.37
CA SER E 238 22.02 -52.64 -22.39
C SER E 238 20.62 -52.40 -22.94
N ALA E 239 20.19 -53.17 -23.94
CA ALA E 239 18.86 -52.99 -24.51
C ALA E 239 17.76 -53.36 -23.52
N ASP E 240 18.07 -54.25 -22.56
CA ASP E 240 17.10 -54.67 -21.56
C ASP E 240 17.16 -53.83 -20.29
N ARG E 241 18.24 -53.08 -20.09
CA ARG E 241 18.36 -52.26 -18.89
C ARG E 241 17.31 -51.16 -18.86
N GLU E 242 17.05 -50.53 -20.00
CA GLU E 242 16.00 -49.52 -20.07
C GLU E 242 14.62 -50.15 -19.89
N ILE E 243 14.45 -51.41 -20.33
CA ILE E 243 13.18 -52.09 -20.14
C ILE E 243 12.95 -52.37 -18.66
N GLN E 244 14.00 -52.79 -17.94
CA GLN E 244 13.88 -53.00 -16.51
C GLN E 244 13.70 -51.68 -15.77
N ARG E 245 14.26 -50.59 -16.30
CA ARG E 245 14.08 -49.28 -15.68
C ARG E 245 12.64 -48.81 -15.80
N THR E 246 12.13 -48.74 -17.03
CA THR E 246 10.76 -48.27 -17.24
C THR E 246 9.74 -49.22 -16.61
N LEU E 247 10.02 -50.53 -16.63
CA LEU E 247 9.08 -51.49 -16.06
C LEU E 247 9.10 -51.42 -14.54
N MET E 248 10.27 -51.32 -13.92
CA MET E 248 10.34 -51.14 -12.48
C MET E 248 9.75 -49.80 -12.05
N GLU E 249 9.78 -48.79 -12.92
CA GLU E 249 9.05 -47.57 -12.64
C GLU E 249 7.54 -47.79 -12.76
N LEU E 250 7.13 -48.68 -13.68
CA LEU E 250 5.71 -49.02 -13.78
C LEU E 250 5.22 -49.70 -12.51
N LEU E 251 6.02 -50.63 -11.96
CA LEU E 251 5.66 -51.23 -10.67
C LEU E 251 5.70 -50.19 -9.56
N ASN E 252 6.72 -49.32 -9.58
CA ASN E 252 6.84 -48.31 -8.53
C ASN E 252 5.70 -47.30 -8.59
N GLN E 253 4.99 -47.21 -9.71
CA GLN E 253 3.84 -46.31 -9.84
C GLN E 253 2.58 -47.07 -10.22
N MET E 254 2.51 -48.36 -9.88
CA MET E 254 1.28 -49.13 -10.03
C MET E 254 0.99 -50.04 -8.85
N ASP E 255 1.98 -50.38 -8.03
CA ASP E 255 1.79 -51.27 -6.88
C ASP E 255 1.61 -50.53 -5.56
N GLY E 256 1.96 -49.25 -5.51
CA GLY E 256 1.78 -48.46 -4.31
C GLY E 256 0.38 -47.90 -4.17
N PHE E 257 0.31 -46.65 -3.71
CA PHE E 257 -0.97 -45.96 -3.53
C PHE E 257 -1.35 -45.22 -4.81
N ASP E 258 -1.61 -46.01 -5.85
CA ASP E 258 -1.95 -45.50 -7.17
C ASP E 258 -3.44 -45.71 -7.44
N THR E 259 -4.01 -44.78 -8.22
CA THR E 259 -5.43 -44.84 -8.57
C THR E 259 -5.60 -45.88 -9.69
N LEU E 260 -5.67 -47.14 -9.28
CA LEU E 260 -5.83 -48.23 -10.24
C LEU E 260 -7.25 -48.31 -10.79
N HIS E 261 -8.22 -47.74 -10.09
CA HIS E 261 -9.61 -47.78 -10.55
C HIS E 261 -9.89 -46.80 -11.68
N ARG E 262 -8.96 -45.89 -11.99
CA ARG E 262 -9.15 -44.91 -13.04
C ARG E 262 -8.24 -45.12 -14.25
N VAL E 263 -7.03 -45.62 -14.03
CA VAL E 263 -6.07 -45.84 -15.10
C VAL E 263 -6.35 -47.20 -15.74
N LYS E 264 -6.02 -47.30 -17.04
CA LYS E 264 -6.23 -48.54 -17.77
C LYS E 264 -5.30 -48.53 -18.98
N MET E 265 -4.73 -49.70 -19.28
CA MET E 265 -3.76 -49.82 -20.37
C MET E 265 -3.86 -51.19 -21.00
N ILE E 266 -3.59 -51.24 -22.30
CA ILE E 266 -3.59 -52.47 -23.08
C ILE E 266 -2.30 -52.52 -23.88
N MET E 267 -1.51 -53.57 -23.67
CA MET E 267 -0.24 -53.74 -24.37
C MET E 267 -0.40 -54.75 -25.49
N ALA E 268 0.15 -54.41 -26.66
CA ALA E 268 0.08 -55.25 -27.84
C ALA E 268 1.48 -55.53 -28.38
N THR E 269 1.60 -56.61 -29.14
CA THR E 269 2.87 -57.01 -29.73
C THR E 269 2.60 -57.64 -31.09
N ASN E 270 3.62 -58.27 -31.68
CA ASN E 270 3.47 -58.90 -32.99
C ASN E 270 4.08 -60.30 -33.09
N ARG E 271 4.98 -60.69 -32.21
CA ARG E 271 5.65 -61.98 -32.33
C ARG E 271 5.61 -62.74 -31.00
N PRO E 272 5.55 -64.07 -31.06
CA PRO E 272 5.49 -64.86 -29.82
C PRO E 272 6.85 -65.13 -29.19
N ASP E 273 7.95 -64.80 -29.85
CA ASP E 273 9.27 -65.02 -29.28
C ASP E 273 9.79 -63.80 -28.53
N THR E 274 9.33 -62.60 -28.87
CA THR E 274 9.75 -61.36 -28.22
C THR E 274 8.71 -60.87 -27.21
N LEU E 275 8.06 -61.80 -26.50
CA LEU E 275 6.97 -61.46 -25.58
C LEU E 275 7.43 -60.75 -24.32
N ASP E 276 8.69 -60.34 -24.19
CA ASP E 276 9.18 -59.64 -23.01
C ASP E 276 8.87 -60.43 -21.75
N PRO E 277 9.62 -61.51 -21.46
CA PRO E 277 9.34 -62.33 -20.27
C PRO E 277 9.22 -61.53 -18.99
N ALA E 278 9.80 -60.33 -18.96
CA ALA E 278 9.55 -59.41 -17.84
C ALA E 278 8.09 -58.98 -17.81
N LEU E 279 7.53 -58.68 -18.99
CA LEU E 279 6.10 -58.36 -19.07
C LEU E 279 5.24 -59.61 -18.87
N LEU E 280 5.78 -60.79 -19.20
CA LEU E 280 5.04 -62.03 -18.98
C LEU E 280 4.86 -62.33 -17.49
N ARG E 281 5.69 -61.75 -16.63
CA ARG E 281 5.52 -61.93 -15.20
C ARG E 281 4.20 -61.28 -14.75
N PRO E 282 3.52 -61.87 -13.75
CA PRO E 282 2.31 -61.22 -13.23
C PRO E 282 2.59 -59.86 -12.62
N GLY E 283 1.54 -59.16 -12.18
CA GLY E 283 1.71 -57.78 -11.79
C GLY E 283 1.35 -56.83 -12.91
N ARG E 284 2.35 -56.43 -13.70
CA ARG E 284 2.16 -55.53 -14.84
C ARG E 284 0.94 -55.90 -15.67
N LEU E 285 0.92 -57.13 -16.19
CA LEU E 285 -0.15 -57.63 -17.05
C LEU E 285 -0.74 -58.87 -16.41
N ASP E 286 -1.77 -58.68 -15.57
CA ASP E 286 -2.39 -59.81 -14.89
C ASP E 286 -3.34 -60.56 -15.81
N ARG E 287 -4.27 -59.83 -16.44
CA ARG E 287 -5.26 -60.46 -17.32
C ARG E 287 -4.61 -60.76 -18.66
N LYS E 288 -4.32 -62.03 -18.90
CA LYS E 288 -3.73 -62.48 -20.16
C LYS E 288 -4.71 -63.38 -20.90
N ILE E 289 -4.96 -63.05 -22.17
CA ILE E 289 -5.89 -63.80 -23.00
C ILE E 289 -5.20 -64.06 -24.33
N HIS E 290 -5.10 -65.33 -24.72
CA HIS E 290 -4.49 -65.71 -25.98
C HIS E 290 -5.45 -65.46 -27.13
N ILE E 291 -4.89 -65.24 -28.32
CA ILE E 291 -5.66 -65.17 -29.55
C ILE E 291 -5.17 -66.30 -30.45
N ASP E 292 -5.82 -67.46 -30.35
CA ASP E 292 -5.62 -68.58 -31.27
C ASP E 292 -6.80 -68.74 -32.22
N LEU E 293 -8.02 -68.55 -31.72
CA LEU E 293 -9.22 -68.51 -32.53
C LEU E 293 -9.82 -67.11 -32.42
N PRO E 294 -9.91 -66.35 -33.50
CA PRO E 294 -10.28 -64.93 -33.37
C PRO E 294 -11.77 -64.72 -33.10
N ASN E 295 -12.33 -65.47 -32.15
CA ASN E 295 -13.70 -65.27 -31.67
C ASN E 295 -14.70 -65.29 -32.82
N GLU E 296 -14.79 -66.47 -33.44
CA GLU E 296 -15.66 -66.64 -34.60
C GLU E 296 -17.11 -66.25 -34.30
N GLN E 297 -17.58 -66.53 -33.08
CA GLN E 297 -18.92 -66.10 -32.70
C GLN E 297 -18.98 -64.58 -32.52
N ALA E 298 -17.97 -63.99 -31.88
CA ALA E 298 -17.92 -62.55 -31.75
C ALA E 298 -17.58 -61.87 -33.08
N ARG E 299 -16.83 -62.56 -33.95
CA ARG E 299 -16.62 -62.06 -35.30
C ARG E 299 -17.93 -61.99 -36.07
N LEU E 300 -18.73 -63.06 -35.99
CA LEU E 300 -20.03 -63.06 -36.65
C LEU E 300 -20.96 -62.03 -36.04
N ASP E 301 -20.86 -61.79 -34.72
CA ASP E 301 -21.68 -60.76 -34.09
C ASP E 301 -21.27 -59.37 -34.58
N ILE E 302 -19.97 -59.11 -34.65
CA ILE E 302 -19.48 -57.83 -35.17
C ILE E 302 -19.93 -57.64 -36.61
N LEU E 303 -19.94 -58.72 -37.40
CA LEU E 303 -20.40 -58.62 -38.78
C LEU E 303 -21.90 -58.33 -38.85
N LYS E 304 -22.67 -58.93 -37.94
CA LYS E 304 -24.12 -58.74 -37.97
C LYS E 304 -24.50 -57.33 -37.54
N ILE E 305 -24.03 -56.90 -36.36
CA ILE E 305 -24.41 -55.58 -35.85
C ILE E 305 -23.57 -54.47 -36.46
N HIS E 306 -22.58 -54.80 -37.31
CA HIS E 306 -21.82 -53.81 -38.05
C HIS E 306 -22.07 -53.90 -39.56
N ALA E 307 -23.00 -54.76 -39.99
CA ALA E 307 -23.37 -54.87 -41.39
C ALA E 307 -24.73 -54.25 -41.68
N GLY E 308 -25.19 -53.35 -40.80
CA GLY E 308 -26.49 -52.74 -40.94
C GLY E 308 -26.56 -51.68 -42.03
N PRO E 309 -25.82 -50.58 -41.85
CA PRO E 309 -25.93 -49.46 -42.82
C PRO E 309 -25.35 -49.78 -44.19
N ILE E 310 -24.47 -50.77 -44.30
CA ILE E 310 -23.91 -51.13 -45.60
C ILE E 310 -24.89 -52.02 -46.34
N THR E 311 -25.24 -51.62 -47.56
CA THR E 311 -26.16 -52.38 -48.40
C THR E 311 -25.35 -53.23 -49.38
N LYS E 312 -25.73 -54.49 -49.51
CA LYS E 312 -25.06 -55.41 -50.42
C LYS E 312 -26.07 -56.18 -51.26
N HIS E 313 -25.60 -57.20 -51.99
CA HIS E 313 -26.49 -58.04 -52.78
C HIS E 313 -27.47 -58.78 -51.87
N GLY E 314 -28.60 -59.18 -52.45
CA GLY E 314 -29.61 -59.88 -51.66
C GLY E 314 -29.13 -61.23 -51.16
N GLU E 315 -28.57 -62.03 -52.05
CA GLU E 315 -28.05 -63.35 -51.69
C GLU E 315 -26.66 -63.16 -51.11
N ILE E 316 -26.56 -63.13 -49.77
CA ILE E 316 -25.30 -62.97 -49.07
C ILE E 316 -25.22 -64.02 -47.97
N ASP E 317 -24.09 -64.71 -47.89
CA ASP E 317 -23.83 -65.72 -46.87
C ASP E 317 -22.78 -65.20 -45.92
N TYR E 318 -23.15 -65.03 -44.65
CA TYR E 318 -22.22 -64.51 -43.66
C TYR E 318 -21.15 -65.52 -43.29
N GLU E 319 -21.50 -66.81 -43.28
CA GLU E 319 -20.54 -67.84 -42.86
C GLU E 319 -19.38 -67.95 -43.83
N ALA E 320 -19.64 -67.76 -45.12
CA ALA E 320 -18.57 -67.84 -46.11
C ALA E 320 -17.60 -66.67 -45.98
N ILE E 321 -18.13 -65.46 -45.77
CA ILE E 321 -17.27 -64.29 -45.63
C ILE E 321 -16.51 -64.34 -44.31
N VAL E 322 -17.12 -64.91 -43.26
CA VAL E 322 -16.42 -65.09 -42.00
C VAL E 322 -15.30 -66.11 -42.14
N LYS E 323 -15.59 -67.24 -42.79
CA LYS E 323 -14.60 -68.31 -42.90
C LYS E 323 -13.46 -67.92 -43.81
N LEU E 324 -13.73 -67.18 -44.87
CA LEU E 324 -12.69 -66.77 -45.81
C LEU E 324 -11.86 -65.60 -45.31
N SER E 325 -12.26 -64.94 -44.23
CA SER E 325 -11.53 -63.82 -43.64
C SER E 325 -11.42 -64.06 -42.14
N ASP E 326 -10.38 -64.78 -41.73
CA ASP E 326 -10.12 -65.08 -40.32
C ASP E 326 -8.66 -64.75 -40.01
N GLY E 327 -8.29 -64.94 -38.74
CA GLY E 327 -6.91 -64.80 -38.33
C GLY E 327 -6.58 -63.51 -37.60
N PHE E 328 -7.13 -62.38 -38.05
CA PHE E 328 -6.76 -61.08 -37.50
C PHE E 328 -7.77 -60.58 -36.48
N ASN E 329 -9.02 -60.35 -36.90
CA ASN E 329 -10.06 -59.76 -36.07
C ASN E 329 -11.35 -59.74 -36.87
N GLY E 330 -12.46 -59.49 -36.17
CA GLY E 330 -13.73 -59.26 -36.84
C GLY E 330 -13.95 -57.84 -37.30
N ALA E 331 -13.30 -56.87 -36.64
CA ALA E 331 -13.33 -55.50 -37.14
C ALA E 331 -12.54 -55.37 -38.43
N ASP E 332 -11.50 -56.20 -38.60
CA ASP E 332 -10.81 -56.25 -39.89
C ASP E 332 -11.70 -56.89 -40.96
N LEU E 333 -12.55 -57.84 -40.57
CA LEU E 333 -13.58 -58.33 -41.48
C LEU E 333 -14.55 -57.21 -41.84
N ARG E 334 -14.87 -56.34 -40.88
CA ARG E 334 -15.66 -55.16 -41.18
C ARG E 334 -14.92 -54.24 -42.16
N ASN E 335 -13.59 -54.17 -42.05
CA ASN E 335 -12.81 -53.43 -43.03
C ASN E 335 -12.80 -54.11 -44.40
N VAL E 336 -12.99 -55.43 -44.44
CA VAL E 336 -13.06 -56.14 -45.72
C VAL E 336 -14.41 -55.90 -46.37
N CYS E 337 -15.48 -55.87 -45.58
CA CYS E 337 -16.81 -55.62 -46.14
C CYS E 337 -16.97 -54.16 -46.55
N THR E 338 -16.46 -53.23 -45.73
CA THR E 338 -16.45 -51.83 -46.13
C THR E 338 -15.46 -51.56 -47.26
N GLU E 339 -14.47 -52.43 -47.43
CA GLU E 339 -13.62 -52.36 -48.63
C GLU E 339 -14.39 -52.82 -49.86
N ALA E 340 -15.20 -53.87 -49.71
CA ALA E 340 -16.07 -54.29 -50.81
C ALA E 340 -17.10 -53.21 -51.13
N GLY E 341 -17.51 -52.42 -50.13
CA GLY E 341 -18.31 -51.25 -50.41
C GLY E 341 -17.51 -50.13 -51.05
N MET E 342 -16.22 -50.04 -50.73
CA MET E 342 -15.35 -49.06 -51.37
C MET E 342 -15.07 -49.42 -52.82
N PHE E 343 -15.27 -50.67 -53.21
CA PHE E 343 -15.21 -51.06 -54.62
C PHE E 343 -16.58 -51.02 -55.29
N ALA E 344 -17.65 -51.29 -54.55
CA ALA E 344 -18.99 -51.17 -55.11
C ALA E 344 -19.34 -49.71 -55.37
N ILE E 345 -18.76 -48.78 -54.60
CA ILE E 345 -18.95 -47.36 -54.89
C ILE E 345 -18.09 -46.93 -56.08
N ARG E 346 -17.00 -47.66 -56.36
CA ARG E 346 -16.26 -47.43 -57.59
C ARG E 346 -17.02 -47.99 -58.79
N ALA E 347 -17.77 -49.07 -58.60
CA ALA E 347 -18.61 -49.64 -59.65
C ALA E 347 -20.00 -49.00 -59.70
N ASP E 348 -20.15 -47.82 -59.11
CA ASP E 348 -21.37 -46.98 -59.14
C ASP E 348 -22.66 -47.81 -59.14
N HIS E 349 -22.71 -48.78 -58.23
CA HIS E 349 -23.89 -49.60 -58.05
C HIS E 349 -24.04 -49.97 -56.58
N ASP E 350 -25.29 -50.08 -56.13
CA ASP E 350 -25.55 -50.43 -54.74
C ASP E 350 -25.27 -51.90 -54.47
N PHE E 351 -25.88 -52.79 -55.25
CA PHE E 351 -25.66 -54.22 -55.13
C PHE E 351 -25.03 -54.73 -56.43
N VAL E 352 -23.99 -55.55 -56.28
CA VAL E 352 -23.26 -56.11 -57.41
C VAL E 352 -23.11 -57.61 -57.20
N VAL E 353 -22.55 -58.28 -58.20
CA VAL E 353 -22.30 -59.72 -58.12
C VAL E 353 -21.20 -59.97 -57.11
N GLN E 354 -21.31 -61.08 -56.37
CA GLN E 354 -20.35 -61.43 -55.32
C GLN E 354 -18.96 -61.74 -55.87
N GLU E 355 -18.76 -61.71 -57.19
CA GLU E 355 -17.42 -61.93 -57.74
C GLU E 355 -16.46 -60.84 -57.28
N ASP E 356 -16.88 -59.57 -57.37
CA ASP E 356 -16.06 -58.48 -56.85
C ASP E 356 -15.95 -58.54 -55.34
N PHE E 357 -17.01 -59.00 -54.65
CA PHE E 357 -16.92 -59.21 -53.21
C PHE E 357 -15.87 -60.25 -52.88
N MET E 358 -15.80 -61.34 -53.66
CA MET E 358 -14.76 -62.34 -53.46
C MET E 358 -13.39 -61.82 -53.88
N LYS E 359 -13.35 -60.80 -54.74
CA LYS E 359 -12.07 -60.16 -55.06
C LYS E 359 -11.59 -59.27 -53.92
N ALA E 360 -12.52 -58.63 -53.20
CA ALA E 360 -12.12 -57.85 -52.03
C ALA E 360 -11.77 -58.75 -50.86
N VAL E 361 -12.47 -59.87 -50.71
CA VAL E 361 -12.18 -60.80 -49.62
C VAL E 361 -10.85 -61.51 -49.88
N ARG E 362 -10.71 -62.11 -51.06
CA ARG E 362 -9.49 -62.85 -51.37
C ARG E 362 -8.31 -61.92 -51.56
N LYS E 363 -8.46 -60.90 -52.40
CA LYS E 363 -7.34 -60.01 -52.71
C LYS E 363 -7.02 -59.07 -51.55
N VAL E 364 -8.05 -58.54 -50.88
CA VAL E 364 -7.79 -57.59 -49.79
C VAL E 364 -7.43 -58.34 -48.51
N ALA E 365 -8.15 -59.43 -48.21
CA ALA E 365 -7.83 -60.20 -47.01
C ALA E 365 -6.48 -60.89 -47.16
N ASP E 366 -6.21 -61.50 -48.31
CA ASP E 366 -4.90 -62.10 -48.54
C ASP E 366 -3.81 -61.05 -48.69
N SER E 367 -4.15 -59.84 -49.11
CA SER E 367 -3.18 -58.76 -49.09
C SER E 367 -2.85 -58.33 -47.67
N LYS E 368 -3.83 -58.41 -46.77
CA LYS E 368 -3.56 -58.20 -45.35
C LYS E 368 -2.68 -59.31 -44.79
N LYS E 369 -2.94 -60.56 -45.21
CA LYS E 369 -2.15 -61.69 -44.74
C LYS E 369 -0.71 -61.61 -45.24
N LEU E 370 -0.50 -61.12 -46.46
CA LEU E 370 0.85 -61.04 -47.02
C LEU E 370 1.60 -59.82 -46.49
N GLU E 371 0.94 -58.66 -46.48
CA GLU E 371 1.57 -57.41 -46.05
C GLU E 371 1.35 -57.13 -44.57
N SER E 372 0.98 -58.14 -43.79
CA SER E 372 0.82 -57.99 -42.35
C SER E 372 2.10 -58.35 -41.59
N LYS E 373 3.20 -57.72 -41.97
CA LYS E 373 4.49 -57.98 -41.34
C LYS E 373 4.70 -57.10 -40.11
N LYS F 1 -63.39 -17.51 -39.41
CA LYS F 1 -62.06 -16.93 -39.47
C LYS F 1 -61.89 -15.81 -38.44
N ILE F 2 -62.84 -15.75 -37.50
CA ILE F 2 -62.79 -14.71 -36.47
C ILE F 2 -61.66 -15.01 -35.48
N MET F 3 -61.31 -16.28 -35.29
CA MET F 3 -60.24 -16.63 -34.36
C MET F 3 -58.87 -16.36 -34.96
N LYS F 4 -58.73 -16.44 -36.28
CA LYS F 4 -57.46 -16.19 -36.95
C LYS F 4 -57.20 -14.71 -37.20
N SER F 5 -58.05 -13.82 -36.70
CA SER F 5 -57.87 -12.39 -36.89
C SER F 5 -56.77 -11.80 -36.02
N GLU F 6 -56.32 -12.52 -34.99
CA GLU F 6 -55.26 -12.03 -34.13
C GLU F 6 -53.87 -12.24 -34.71
N VAL F 7 -53.75 -12.92 -35.85
CA VAL F 7 -52.45 -13.14 -36.46
C VAL F 7 -51.89 -11.84 -37.03
N LEU F 8 -52.77 -10.91 -37.41
CA LEU F 8 -52.31 -9.64 -37.97
C LEU F 8 -51.50 -8.85 -36.94
N ARG F 9 -51.92 -8.87 -35.68
CA ARG F 9 -51.16 -8.20 -34.63
C ARG F 9 -49.80 -8.85 -34.44
N VAL F 10 -49.74 -10.19 -34.55
CA VAL F 10 -48.47 -10.89 -34.42
C VAL F 10 -47.53 -10.50 -35.56
N THR F 11 -48.06 -10.43 -36.78
CA THR F 11 -47.24 -10.01 -37.91
C THR F 11 -46.79 -8.56 -37.79
N HIS F 12 -47.64 -7.71 -37.22
CA HIS F 12 -47.25 -6.33 -36.98
C HIS F 12 -46.13 -6.24 -35.94
N GLU F 13 -46.18 -7.10 -34.92
CA GLU F 13 -45.11 -7.12 -33.93
C GLU F 13 -43.83 -7.66 -34.54
N LEU F 14 -43.93 -8.64 -35.44
CA LEU F 14 -42.73 -9.19 -36.07
C LEU F 14 -42.08 -8.18 -36.99
N GLN F 15 -42.88 -7.55 -37.87
CA GLN F 15 -42.31 -6.53 -38.75
C GLN F 15 -41.84 -5.31 -37.98
N ALA F 16 -42.46 -5.03 -36.82
CA ALA F 16 -41.95 -3.98 -35.96
C ALA F 16 -40.61 -4.36 -35.35
N MET F 17 -40.42 -5.64 -35.04
CA MET F 17 -39.13 -6.12 -34.57
C MET F 17 -38.07 -5.99 -35.66
N LYS F 18 -38.40 -6.42 -36.89
CA LYS F 18 -37.47 -6.25 -38.00
C LYS F 18 -37.19 -4.79 -38.29
N ASP F 19 -38.14 -3.90 -37.98
CA ASP F 19 -37.92 -2.48 -38.17
C ASP F 19 -37.10 -1.85 -37.05
N LYS F 20 -37.12 -2.46 -35.86
CA LYS F 20 -36.40 -1.91 -34.71
C LYS F 20 -35.03 -2.54 -34.50
N ILE F 21 -34.71 -3.65 -35.18
CA ILE F 21 -33.39 -4.25 -35.04
C ILE F 21 -32.33 -3.57 -35.87
N LYS F 22 -32.70 -2.56 -36.68
CA LYS F 22 -31.73 -1.92 -37.56
C LYS F 22 -30.72 -1.08 -36.78
N GLU F 23 -31.10 -0.57 -35.60
CA GLU F 23 -30.21 0.27 -34.83
C GLU F 23 -29.20 -0.57 -34.04
N ASN F 24 -29.69 -1.43 -33.16
CA ASN F 24 -28.79 -2.27 -32.37
C ASN F 24 -28.04 -3.26 -33.25
N SER F 25 -28.61 -3.65 -34.39
CA SER F 25 -27.87 -4.44 -35.36
C SER F 25 -26.96 -3.59 -36.23
N GLU F 26 -27.22 -2.28 -36.30
CA GLU F 26 -26.38 -1.38 -37.08
C GLU F 26 -25.12 -0.97 -36.33
N LYS F 27 -25.19 -0.88 -35.00
CA LYS F 27 -24.03 -0.50 -34.22
C LYS F 27 -22.94 -1.57 -34.20
N ILE F 28 -23.22 -2.76 -34.71
CA ILE F 28 -22.22 -3.82 -34.76
C ILE F 28 -21.05 -3.41 -35.65
N LYS F 29 -21.32 -2.66 -36.73
CA LYS F 29 -20.27 -2.26 -37.65
C LYS F 29 -19.35 -1.22 -37.02
N VAL F 30 -19.88 -0.33 -36.18
CA VAL F 30 -19.05 0.71 -35.57
C VAL F 30 -18.41 0.27 -34.26
N ASN F 31 -18.98 -0.72 -33.58
CA ASN F 31 -18.39 -1.23 -32.34
C ASN F 31 -17.41 -2.37 -32.60
N LYS F 32 -17.75 -3.29 -33.49
CA LYS F 32 -16.92 -4.44 -33.81
C LYS F 32 -16.20 -4.28 -35.14
N THR F 33 -15.73 -3.07 -35.43
CA THR F 33 -15.13 -2.79 -36.73
C THR F 33 -13.86 -3.60 -36.97
N LEU F 34 -12.86 -3.44 -36.12
CA LEU F 34 -11.59 -4.12 -36.34
C LEU F 34 -10.83 -4.32 -35.02
N PRO F 35 -10.37 -5.54 -34.74
CA PRO F 35 -9.48 -5.75 -33.59
C PRO F 35 -8.09 -5.18 -33.88
N TYR F 36 -7.64 -4.25 -33.03
CA TYR F 36 -6.41 -3.53 -33.32
C TYR F 36 -5.17 -4.34 -33.00
N LEU F 37 -5.27 -5.32 -32.09
CA LEU F 37 -4.15 -6.21 -31.80
C LEU F 37 -4.61 -7.66 -31.94
N VAL F 38 -3.70 -8.59 -31.66
CA VAL F 38 -3.96 -10.02 -31.72
C VAL F 38 -3.65 -10.62 -30.36
N SER F 39 -4.54 -11.49 -29.88
CA SER F 39 -4.39 -12.14 -28.59
C SER F 39 -4.64 -13.63 -28.72
N ASN F 40 -3.81 -14.43 -28.07
CA ASN F 40 -3.95 -15.88 -28.11
C ASN F 40 -5.03 -16.33 -27.13
N VAL F 41 -5.76 -17.37 -27.52
CA VAL F 41 -6.87 -17.90 -26.73
C VAL F 41 -6.56 -19.34 -26.36
N ILE F 42 -6.71 -19.68 -25.08
CA ILE F 42 -6.54 -21.04 -24.59
C ILE F 42 -7.82 -21.42 -23.86
N GLU F 43 -8.43 -22.53 -24.27
CA GLU F 43 -9.71 -22.94 -23.73
C GLU F 43 -9.54 -23.63 -22.38
N LEU F 44 -10.33 -23.20 -21.40
CA LEU F 44 -10.30 -23.81 -20.07
C LEU F 44 -11.70 -23.75 -19.49
N LEU F 45 -12.36 -24.90 -19.38
CA LEU F 45 -13.73 -24.93 -18.90
C LEU F 45 -13.77 -24.69 -17.39
N ASP F 46 -14.66 -23.79 -16.97
CA ASP F 46 -14.84 -23.46 -15.57
C ASP F 46 -16.22 -23.89 -15.10
N VAL F 47 -16.41 -23.88 -13.78
CA VAL F 47 -17.67 -24.25 -13.16
C VAL F 47 -18.03 -23.20 -12.12
N ASP F 48 -19.25 -22.67 -12.19
CA ASP F 48 -19.70 -21.63 -11.27
C ASP F 48 -20.10 -22.21 -9.92
N PRO F 49 -20.93 -23.27 -9.86
CA PRO F 49 -21.21 -23.80 -8.52
C PRO F 49 -20.00 -24.48 -7.88
N GLN F 64 -29.76 -18.90 -14.23
CA GLN F 64 -28.93 -19.93 -14.83
C GLN F 64 -27.70 -20.21 -13.98
N ARG F 65 -26.79 -19.25 -13.94
CA ARG F 65 -25.54 -19.34 -13.17
C ARG F 65 -24.73 -20.57 -13.59
N LYS F 66 -24.40 -20.62 -14.87
CA LYS F 66 -23.62 -21.71 -15.45
C LYS F 66 -22.14 -21.35 -15.51
N GLY F 67 -21.30 -22.38 -15.43
CA GLY F 67 -19.87 -22.17 -15.47
C GLY F 67 -19.30 -22.22 -16.87
N LYS F 68 -18.67 -21.12 -17.30
CA LYS F 68 -18.08 -21.03 -18.63
C LYS F 68 -17.08 -19.90 -18.64
N CYS F 69 -15.83 -20.19 -18.96
CA CYS F 69 -14.77 -19.19 -18.99
C CYS F 69 -13.67 -19.65 -19.94
N ALA F 70 -12.64 -18.80 -20.06
CA ALA F 70 -11.51 -19.10 -20.93
C ALA F 70 -10.30 -18.33 -20.43
N VAL F 71 -9.12 -18.81 -20.82
CA VAL F 71 -7.85 -18.19 -20.44
C VAL F 71 -7.31 -17.45 -21.65
N ILE F 72 -6.94 -16.19 -21.45
CA ILE F 72 -6.48 -15.32 -22.53
C ILE F 72 -4.99 -15.04 -22.35
N LYS F 73 -4.30 -14.85 -23.47
CA LYS F 73 -2.90 -14.48 -23.48
C LYS F 73 -2.67 -13.47 -24.59
N THR F 74 -2.31 -12.25 -24.22
CA THR F 74 -2.08 -11.20 -25.21
C THR F 74 -0.68 -11.36 -25.83
N SER F 75 -0.47 -10.62 -26.92
CA SER F 75 0.82 -10.67 -27.60
C SER F 75 1.92 -10.00 -26.78
N THR F 76 1.55 -9.07 -25.89
CA THR F 76 2.50 -8.37 -25.05
C THR F 76 2.81 -9.11 -23.75
N ARG F 77 2.54 -10.41 -23.71
CA ARG F 77 2.81 -11.25 -22.54
C ARG F 77 2.08 -10.74 -21.30
N GLN F 78 0.78 -10.51 -21.45
CA GLN F 78 -0.08 -10.08 -20.35
C GLN F 78 -1.30 -10.98 -20.32
N THR F 79 -1.56 -11.58 -19.16
CA THR F 79 -2.67 -12.51 -18.98
C THR F 79 -3.81 -11.80 -18.27
N TYR F 80 -5.01 -11.93 -18.81
CA TYR F 80 -6.19 -11.32 -18.22
C TYR F 80 -7.28 -12.36 -17.97
N PHE F 81 -8.47 -11.92 -17.59
CA PHE F 81 -9.58 -12.80 -17.27
C PHE F 81 -10.81 -12.39 -18.06
N LEU F 82 -11.48 -13.38 -18.66
CA LEU F 82 -12.69 -13.14 -19.44
C LEU F 82 -13.40 -14.47 -19.71
N PRO F 83 -14.74 -14.47 -19.69
CA PRO F 83 -15.48 -15.69 -19.99
C PRO F 83 -15.67 -15.86 -21.50
N VAL F 84 -16.20 -17.03 -21.86
CA VAL F 84 -16.49 -17.32 -23.26
C VAL F 84 -17.72 -16.52 -23.66
N ILE F 85 -17.52 -15.50 -24.50
CA ILE F 85 -18.59 -14.62 -24.94
C ILE F 85 -18.44 -14.37 -26.43
N GLY F 86 -19.44 -13.71 -27.01
CA GLY F 86 -19.46 -13.37 -28.41
C GLY F 86 -20.77 -13.80 -29.05
N LEU F 87 -20.72 -14.01 -30.36
CA LEU F 87 -21.89 -14.41 -31.12
C LEU F 87 -21.99 -15.93 -31.17
N VAL F 88 -22.86 -16.45 -32.04
CA VAL F 88 -23.02 -17.88 -32.19
C VAL F 88 -21.73 -18.47 -32.74
N ASP F 89 -21.18 -19.45 -32.02
CA ASP F 89 -19.90 -20.04 -32.36
C ASP F 89 -20.11 -21.47 -32.86
N ALA F 90 -19.52 -21.78 -34.01
CA ALA F 90 -19.57 -23.12 -34.60
C ALA F 90 -18.20 -23.78 -34.66
N GLU F 91 -17.22 -23.11 -35.26
CA GLU F 91 -15.85 -23.61 -35.30
C GLU F 91 -14.96 -22.99 -34.24
N LYS F 92 -15.52 -22.17 -33.35
CA LYS F 92 -14.76 -21.51 -32.31
C LYS F 92 -14.56 -22.47 -31.13
N LEU F 93 -14.15 -21.93 -29.98
CA LEU F 93 -13.90 -22.63 -28.73
C LEU F 93 -12.67 -23.52 -28.80
N LYS F 94 -11.88 -23.43 -29.89
CA LYS F 94 -10.65 -24.17 -30.04
C LYS F 94 -9.46 -23.31 -29.62
N PRO F 95 -8.38 -23.93 -29.14
CA PRO F 95 -7.20 -23.14 -28.73
C PRO F 95 -6.44 -22.57 -29.92
N GLY F 96 -6.94 -21.47 -30.47
CA GLY F 96 -6.29 -20.84 -31.60
C GLY F 96 -5.91 -19.40 -31.35
N ASP F 97 -5.50 -18.69 -32.41
CA ASP F 97 -5.07 -17.30 -32.28
C ASP F 97 -5.78 -16.43 -33.31
N LEU F 98 -5.41 -15.16 -33.39
CA LEU F 98 -6.00 -14.20 -34.34
C LEU F 98 -7.50 -14.10 -34.13
N VAL F 99 -7.88 -13.59 -32.96
CA VAL F 99 -9.27 -13.41 -32.59
C VAL F 99 -9.55 -11.91 -32.47
N GLY F 100 -10.83 -11.58 -32.35
CA GLY F 100 -11.23 -10.19 -32.21
C GLY F 100 -11.05 -9.72 -30.77
N VAL F 101 -10.67 -8.45 -30.63
CA VAL F 101 -10.43 -7.85 -29.32
C VAL F 101 -10.53 -6.34 -29.47
N ASN F 102 -11.16 -5.70 -28.48
CA ASN F 102 -11.33 -4.25 -28.48
C ASN F 102 -10.16 -3.61 -27.73
N LYS F 103 -10.31 -2.32 -27.40
CA LYS F 103 -9.23 -1.59 -26.74
C LYS F 103 -8.93 -2.18 -25.37
N ASP F 104 -9.90 -2.16 -24.46
CA ASP F 104 -9.70 -2.68 -23.11
C ASP F 104 -10.79 -3.64 -22.65
N SER F 105 -11.90 -3.75 -23.37
CA SER F 105 -12.94 -4.69 -22.97
C SER F 105 -12.47 -6.14 -23.12
N TYR F 106 -11.61 -6.41 -24.10
CA TYR F 106 -11.01 -7.73 -24.29
C TYR F 106 -12.06 -8.82 -24.51
N LEU F 107 -13.05 -8.50 -25.33
CA LEU F 107 -14.09 -9.47 -25.68
C LEU F 107 -13.74 -10.14 -27.01
N ILE F 108 -14.35 -11.31 -27.22
CA ILE F 108 -14.12 -12.11 -28.43
C ILE F 108 -15.28 -11.85 -29.38
N LEU F 109 -14.97 -11.33 -30.56
CA LEU F 109 -16.00 -10.96 -31.54
C LEU F 109 -15.84 -11.67 -32.87
N GLU F 110 -14.62 -11.86 -33.36
CA GLU F 110 -14.39 -12.52 -34.64
C GLU F 110 -13.12 -13.35 -34.53
N THR F 111 -13.28 -14.67 -34.59
CA THR F 111 -12.15 -15.60 -34.57
C THR F 111 -11.75 -15.96 -35.99
N LEU F 112 -10.45 -15.82 -36.29
CA LEU F 112 -9.94 -16.08 -37.62
C LEU F 112 -8.71 -16.98 -37.53
N PRO F 113 -8.58 -17.96 -38.42
CA PRO F 113 -7.38 -18.81 -38.41
C PRO F 113 -6.12 -18.00 -38.68
N THR F 114 -5.08 -18.27 -37.89
CA THR F 114 -3.82 -17.53 -38.03
C THR F 114 -3.02 -18.03 -39.23
N GLU F 115 -2.65 -19.31 -39.23
CA GLU F 115 -1.85 -19.89 -40.30
C GLU F 115 -2.13 -21.38 -40.44
N LEU F 139 0.85 -36.92 -65.38
CA LEU F 139 -0.16 -36.06 -66.00
C LEU F 139 -1.02 -36.85 -66.98
N ASP F 140 -0.46 -37.94 -67.52
CA ASP F 140 -1.15 -38.77 -68.49
C ASP F 140 -1.42 -40.17 -67.99
N LYS F 141 -0.40 -40.86 -67.45
CA LYS F 141 -0.56 -42.23 -67.02
C LYS F 141 -1.25 -42.36 -65.67
N GLN F 142 -1.44 -41.26 -64.93
CA GLN F 142 -2.23 -41.28 -63.70
C GLN F 142 -3.04 -39.99 -63.63
N ILE F 143 -4.36 -40.11 -63.80
CA ILE F 143 -5.27 -38.99 -63.62
C ILE F 143 -6.48 -39.47 -62.82
N GLN F 144 -6.65 -40.79 -62.73
CA GLN F 144 -7.82 -41.36 -62.08
C GLN F 144 -7.67 -41.34 -60.56
N GLU F 145 -6.64 -42.01 -60.05
CA GLU F 145 -6.53 -42.22 -58.60
C GLU F 145 -6.28 -40.91 -57.86
N LEU F 146 -5.51 -40.00 -58.43
CA LEU F 146 -5.20 -38.74 -57.75
C LEU F 146 -6.42 -37.84 -57.68
N VAL F 147 -7.08 -37.61 -58.82
CA VAL F 147 -8.18 -36.66 -58.87
C VAL F 147 -9.39 -37.19 -58.12
N GLU F 148 -9.67 -38.50 -58.25
CA GLU F 148 -10.84 -39.07 -57.58
C GLU F 148 -10.69 -39.00 -56.07
N ALA F 149 -9.55 -39.49 -55.54
CA ALA F 149 -9.36 -39.59 -54.10
C ALA F 149 -9.45 -38.26 -53.38
N ILE F 150 -9.43 -37.14 -54.09
CA ILE F 150 -9.56 -35.83 -53.47
C ILE F 150 -10.91 -35.17 -53.77
N VAL F 151 -11.58 -35.56 -54.85
CA VAL F 151 -12.87 -34.96 -55.19
C VAL F 151 -14.02 -35.75 -54.58
N LEU F 152 -13.92 -37.09 -54.55
CA LEU F 152 -15.03 -37.89 -54.02
C LEU F 152 -15.31 -37.63 -52.53
N PRO F 153 -14.34 -37.38 -51.65
CA PRO F 153 -14.68 -37.06 -50.26
C PRO F 153 -15.24 -35.65 -50.06
N MET F 154 -15.49 -34.91 -51.13
CA MET F 154 -16.06 -33.57 -51.06
C MET F 154 -17.29 -33.41 -51.94
N ASN F 155 -17.31 -34.06 -53.11
CA ASN F 155 -18.42 -33.92 -54.05
C ASN F 155 -19.36 -35.11 -54.02
N HIS F 156 -18.87 -36.32 -53.72
CA HIS F 156 -19.68 -37.53 -53.71
C HIS F 156 -20.26 -37.84 -52.34
N LYS F 157 -20.54 -36.82 -51.53
CA LYS F 157 -21.16 -37.06 -50.22
C LYS F 157 -22.54 -37.67 -50.35
N GLU F 158 -23.22 -37.44 -51.48
CA GLU F 158 -24.55 -38.01 -51.67
C GLU F 158 -24.48 -39.53 -51.76
N LYS F 159 -23.50 -40.07 -52.50
CA LYS F 159 -23.32 -41.51 -52.54
C LYS F 159 -22.79 -42.04 -51.21
N PHE F 160 -22.08 -41.20 -50.45
CA PHE F 160 -21.63 -41.60 -49.12
C PHE F 160 -22.80 -41.78 -48.17
N GLU F 161 -23.80 -40.89 -48.25
CA GLU F 161 -24.98 -41.03 -47.41
C GLU F 161 -25.92 -42.11 -47.95
N ASN F 162 -25.92 -42.34 -49.26
CA ASN F 162 -26.78 -43.38 -49.83
C ASN F 162 -26.20 -44.77 -49.64
N LEU F 163 -24.89 -44.90 -49.45
CA LEU F 163 -24.26 -46.20 -49.31
C LEU F 163 -23.58 -46.44 -47.96
N GLY F 164 -23.27 -45.39 -47.20
CA GLY F 164 -22.62 -45.55 -45.92
C GLY F 164 -21.21 -46.08 -46.03
N ILE F 165 -20.43 -45.51 -46.95
CA ILE F 165 -19.07 -45.95 -47.22
C ILE F 165 -18.15 -44.75 -47.19
N GLN F 166 -17.01 -44.88 -46.46
CA GLN F 166 -15.99 -43.84 -46.40
C GLN F 166 -14.95 -44.05 -47.49
N PRO F 167 -14.41 -42.99 -48.05
CA PRO F 167 -13.45 -43.12 -49.15
C PRO F 167 -12.06 -43.39 -48.63
N PRO F 168 -11.19 -43.99 -49.46
CA PRO F 168 -9.80 -44.17 -49.05
C PRO F 168 -9.09 -42.83 -48.89
N LYS F 169 -8.12 -42.80 -47.98
CA LYS F 169 -7.42 -41.58 -47.62
C LYS F 169 -5.96 -41.57 -48.05
N GLY F 170 -5.19 -42.58 -47.64
CA GLY F 170 -3.76 -42.62 -47.92
C GLY F 170 -3.46 -43.42 -49.17
N VAL F 171 -2.69 -42.81 -50.08
CA VAL F 171 -2.22 -43.46 -51.30
C VAL F 171 -0.70 -43.50 -51.25
N LEU F 172 -0.14 -44.65 -51.61
CA LEU F 172 1.31 -44.88 -51.54
C LEU F 172 1.83 -45.12 -52.96
N MET F 173 2.49 -44.11 -53.53
CA MET F 173 3.11 -44.22 -54.84
C MET F 173 4.55 -44.74 -54.67
N TYR F 174 4.64 -46.03 -54.37
CA TYR F 174 5.91 -46.67 -54.09
C TYR F 174 6.42 -47.43 -55.31
N GLY F 175 7.53 -48.13 -55.14
CA GLY F 175 8.14 -48.89 -56.20
C GLY F 175 9.59 -48.50 -56.43
N PRO F 176 10.25 -49.18 -57.37
CA PRO F 176 11.64 -48.83 -57.67
C PRO F 176 11.72 -47.45 -58.28
N PRO F 177 12.87 -46.78 -58.15
CA PRO F 177 12.99 -45.42 -58.70
C PRO F 177 12.95 -45.40 -60.22
N GLY F 178 13.01 -44.20 -60.81
CA GLY F 178 12.95 -44.00 -62.24
C GLY F 178 11.65 -43.41 -62.74
N THR F 179 10.56 -43.61 -61.99
CA THR F 179 9.27 -43.06 -62.41
C THR F 179 9.24 -41.55 -62.25
N GLY F 180 9.98 -41.01 -61.29
CA GLY F 180 9.94 -39.59 -61.04
C GLY F 180 8.77 -39.15 -60.18
N LYS F 181 8.45 -39.92 -59.15
CA LYS F 181 7.26 -39.64 -58.33
C LYS F 181 7.31 -38.27 -57.69
N THR F 182 8.51 -37.73 -57.46
CA THR F 182 8.62 -36.40 -56.85
C THR F 182 8.16 -35.32 -57.82
N LEU F 183 8.82 -35.21 -58.97
CA LEU F 183 8.50 -34.14 -59.91
C LEU F 183 7.18 -34.41 -60.63
N LEU F 184 6.87 -35.68 -60.91
CA LEU F 184 5.61 -35.99 -61.59
C LEU F 184 4.42 -35.93 -60.64
N ALA F 185 4.61 -36.38 -59.39
CA ALA F 185 3.52 -36.29 -58.43
C ALA F 185 3.29 -34.85 -57.99
N ARG F 186 4.35 -34.05 -57.88
CA ARG F 186 4.17 -32.65 -57.56
C ARG F 186 3.58 -31.89 -58.75
N ALA F 187 3.98 -32.25 -59.97
CA ALA F 187 3.41 -31.63 -61.15
C ALA F 187 1.93 -31.97 -61.30
N CYS F 188 1.56 -33.22 -61.01
CA CYS F 188 0.15 -33.59 -61.04
C CYS F 188 -0.62 -32.94 -59.90
N ALA F 189 0.02 -32.76 -58.75
CA ALA F 189 -0.61 -32.01 -57.67
C ALA F 189 -0.82 -30.55 -58.05
N ALA F 190 0.04 -30.01 -58.91
CA ALA F 190 -0.20 -28.69 -59.48
C ALA F 190 -1.29 -28.74 -60.53
N GLN F 191 -1.47 -29.89 -61.19
CA GLN F 191 -2.56 -30.06 -62.15
C GLN F 191 -3.90 -30.31 -61.49
N THR F 192 -3.92 -30.60 -60.18
CA THR F 192 -5.19 -30.75 -59.46
C THR F 192 -5.95 -29.44 -59.37
N LYS F 193 -5.30 -28.31 -59.62
CA LYS F 193 -5.87 -26.96 -59.60
C LYS F 193 -6.28 -26.52 -58.20
N ALA F 194 -5.99 -27.31 -57.17
CA ALA F 194 -6.28 -26.94 -55.80
C ALA F 194 -5.03 -26.34 -55.15
N THR F 195 -5.12 -26.06 -53.85
CA THR F 195 -3.98 -25.52 -53.13
C THR F 195 -2.95 -26.62 -52.87
N PHE F 196 -1.67 -26.27 -53.03
CA PHE F 196 -0.56 -27.20 -52.81
C PHE F 196 0.35 -26.65 -51.74
N LEU F 197 0.73 -27.51 -50.79
CA LEU F 197 1.63 -27.15 -49.71
C LEU F 197 2.83 -28.09 -49.74
N LYS F 198 4.03 -27.51 -49.77
CA LYS F 198 5.25 -28.30 -49.84
C LYS F 198 5.58 -28.88 -48.47
N LEU F 199 5.87 -30.18 -48.43
CA LEU F 199 6.24 -30.85 -47.20
C LEU F 199 7.13 -32.04 -47.55
N ALA F 200 8.38 -31.99 -47.10
CA ALA F 200 9.37 -33.03 -47.41
C ALA F 200 9.92 -33.63 -46.12
N GLY F 201 10.92 -34.48 -46.27
CA GLY F 201 11.56 -35.13 -45.14
C GLY F 201 12.22 -34.17 -44.19
N PRO F 202 13.26 -33.47 -44.65
CA PRO F 202 13.94 -32.49 -43.78
C PRO F 202 13.06 -31.32 -43.34
N GLN F 203 11.86 -31.18 -43.91
CA GLN F 203 10.96 -30.12 -43.47
C GLN F 203 10.43 -30.40 -42.06
N LEU F 204 9.98 -31.63 -41.82
CA LEU F 204 9.47 -31.99 -40.50
C LEU F 204 10.59 -32.21 -39.50
N VAL F 205 11.70 -32.82 -39.94
CA VAL F 205 12.82 -33.08 -39.05
C VAL F 205 13.53 -31.75 -38.76
N GLN F 206 13.50 -31.33 -37.51
CA GLN F 206 14.12 -30.09 -37.08
C GLN F 206 15.26 -30.37 -36.12
N MET F 207 16.09 -29.34 -35.91
CA MET F 207 17.23 -29.48 -35.01
C MET F 207 16.78 -29.65 -33.57
N PHE F 208 15.73 -28.93 -33.17
CA PHE F 208 15.20 -29.02 -31.82
C PHE F 208 14.13 -30.11 -31.75
N ILE F 209 13.73 -30.43 -30.52
CA ILE F 209 12.70 -31.43 -30.27
C ILE F 209 11.37 -30.73 -30.02
N GLY F 210 10.28 -31.47 -30.26
CA GLY F 210 8.96 -30.93 -30.09
C GLY F 210 8.42 -30.13 -31.26
N ASP F 211 9.27 -29.77 -32.22
CA ASP F 211 8.82 -28.99 -33.37
C ASP F 211 8.10 -29.85 -34.41
N GLY F 212 8.32 -31.17 -34.40
CA GLY F 212 7.64 -32.03 -35.36
C GLY F 212 6.13 -32.01 -35.18
N ALA F 213 5.67 -32.11 -33.94
CA ALA F 213 4.23 -32.01 -33.68
C ALA F 213 3.72 -30.60 -33.94
N LYS F 214 4.60 -29.59 -33.81
CA LYS F 214 4.19 -28.23 -34.13
C LYS F 214 3.95 -28.06 -35.62
N LEU F 215 4.77 -28.70 -36.45
CA LEU F 215 4.57 -28.67 -37.89
C LEU F 215 3.52 -29.65 -38.37
N VAL F 216 3.17 -30.65 -37.57
CA VAL F 216 2.04 -31.52 -37.89
C VAL F 216 0.73 -30.80 -37.60
N ARG F 217 0.63 -30.18 -36.42
CA ARG F 217 -0.54 -29.35 -36.12
C ARG F 217 -0.57 -28.08 -36.95
N ASP F 218 0.56 -27.69 -37.55
CA ASP F 218 0.60 -26.57 -38.47
C ASP F 218 0.15 -26.98 -39.87
N ALA F 219 0.58 -28.15 -40.32
CA ALA F 219 0.07 -28.69 -41.58
C ALA F 219 -1.41 -29.01 -41.47
N PHE F 220 -1.89 -29.33 -40.27
CA PHE F 220 -3.32 -29.44 -40.01
C PHE F 220 -3.96 -28.10 -39.71
N ALA F 221 -3.17 -27.05 -39.47
CA ALA F 221 -3.72 -25.71 -39.39
C ALA F 221 -4.03 -25.16 -40.78
N LEU F 222 -3.06 -25.21 -41.69
CA LEU F 222 -3.30 -24.78 -43.06
C LEU F 222 -4.24 -25.75 -43.77
N ALA F 223 -3.95 -27.05 -43.69
CA ALA F 223 -4.75 -28.04 -44.39
C ALA F 223 -6.09 -28.25 -43.69
N LYS F 224 -6.06 -28.62 -42.41
CA LYS F 224 -7.28 -28.92 -41.69
C LYS F 224 -8.08 -27.66 -41.38
N GLU F 225 -7.40 -26.57 -41.05
CA GLU F 225 -8.10 -25.34 -40.68
C GLU F 225 -8.38 -24.45 -41.89
N LYS F 226 -7.46 -24.35 -42.83
CA LYS F 226 -7.65 -23.54 -44.03
C LYS F 226 -8.43 -24.33 -45.07
N ALA F 227 -8.46 -23.81 -46.30
CA ALA F 227 -9.15 -24.48 -47.38
C ALA F 227 -8.47 -25.83 -47.69
N PRO F 228 -9.21 -26.78 -48.26
CA PRO F 228 -8.61 -28.08 -48.59
C PRO F 228 -7.44 -27.94 -49.54
N SER F 229 -6.26 -28.32 -49.08
CA SER F 229 -5.02 -28.23 -49.85
C SER F 229 -4.49 -29.63 -50.14
N ILE F 230 -3.39 -29.68 -50.88
CA ILE F 230 -2.75 -30.94 -51.29
C ILE F 230 -1.33 -30.95 -50.71
N ILE F 231 -1.01 -31.97 -49.93
CA ILE F 231 0.30 -32.14 -49.33
C ILE F 231 0.87 -33.47 -49.81
N PHE F 232 2.06 -33.41 -50.42
CA PHE F 232 2.75 -34.60 -50.92
C PHE F 232 4.11 -34.70 -50.26
N ILE F 233 4.32 -35.78 -49.52
CA ILE F 233 5.61 -36.07 -48.90
C ILE F 233 6.28 -37.19 -49.68
N ASP F 234 7.59 -37.32 -49.50
CA ASP F 234 8.38 -38.31 -50.22
C ASP F 234 9.44 -38.89 -49.30
N GLU F 235 9.96 -40.05 -49.69
CA GLU F 235 10.99 -40.78 -48.93
C GLU F 235 10.49 -41.08 -47.51
N LEU F 236 9.39 -41.82 -47.44
CA LEU F 236 8.85 -42.25 -46.16
C LEU F 236 9.51 -43.51 -45.63
N ASP F 237 10.12 -44.31 -46.50
CA ASP F 237 10.76 -45.55 -46.07
C ASP F 237 12.04 -45.29 -45.29
N ALA F 238 12.77 -44.21 -45.62
CA ALA F 238 14.02 -43.93 -44.94
C ALA F 238 13.78 -43.52 -43.48
N ILE F 239 12.61 -42.96 -43.18
CA ILE F 239 12.29 -42.54 -41.83
C ILE F 239 11.39 -43.54 -41.11
N GLY F 240 10.99 -44.62 -41.78
CA GLY F 240 10.16 -45.63 -41.16
C GLY F 240 10.94 -46.85 -40.73
N THR F 241 12.13 -46.63 -40.18
CA THR F 241 13.01 -47.72 -39.75
C THR F 241 12.67 -48.12 -38.31
N LYS F 242 12.50 -49.42 -38.09
CA LYS F 242 12.18 -49.97 -36.78
C LYS F 242 13.35 -50.83 -36.32
N ARG F 243 14.30 -50.21 -35.62
CA ARG F 243 15.46 -50.92 -35.12
C ARG F 243 15.14 -51.67 -33.83
N PHE F 244 16.00 -52.64 -33.51
CA PHE F 244 15.83 -53.42 -32.28
C PHE F 244 16.50 -52.76 -31.08
N ASP F 245 17.72 -52.27 -31.25
CA ASP F 245 18.44 -51.59 -30.18
C ASP F 245 17.89 -50.17 -30.04
N SER F 246 17.07 -49.93 -29.02
CA SER F 246 16.44 -48.63 -28.81
C SER F 246 17.32 -47.74 -27.93
N GLU F 247 18.51 -47.43 -28.46
CA GLU F 247 19.45 -46.60 -27.72
C GLU F 247 19.90 -45.39 -28.54
N LYS F 248 19.96 -45.54 -29.87
CA LYS F 248 20.38 -44.43 -30.72
C LYS F 248 19.73 -44.63 -32.10
N ALA F 249 18.62 -43.92 -32.34
CA ALA F 249 17.97 -43.94 -33.64
C ALA F 249 17.07 -42.71 -33.74
N GLY F 250 17.43 -41.78 -34.63
CA GLY F 250 16.58 -40.62 -34.85
C GLY F 250 15.31 -40.95 -35.59
N ASP F 251 15.35 -41.98 -36.44
CA ASP F 251 14.18 -42.38 -37.22
C ASP F 251 13.04 -42.87 -36.34
N ARG F 252 13.29 -43.19 -35.07
CA ARG F 252 12.22 -43.53 -34.15
C ARG F 252 11.62 -42.31 -33.47
N GLU F 253 12.35 -41.20 -33.42
CA GLU F 253 11.72 -39.92 -33.10
C GLU F 253 10.94 -39.38 -34.29
N VAL F 254 11.42 -39.64 -35.51
CA VAL F 254 10.60 -39.39 -36.69
C VAL F 254 9.44 -40.37 -36.76
N GLN F 255 9.52 -41.49 -36.05
CA GLN F 255 8.37 -42.35 -35.82
C GLN F 255 7.56 -41.91 -34.60
N ARG F 256 8.08 -40.99 -33.80
CA ARG F 256 7.27 -40.38 -32.75
C ARG F 256 6.40 -39.27 -33.33
N THR F 257 6.97 -38.44 -34.21
CA THR F 257 6.16 -37.46 -34.93
C THR F 257 5.29 -38.14 -35.98
N MET F 258 5.85 -39.12 -36.70
CA MET F 258 5.09 -39.80 -37.74
C MET F 258 3.99 -40.67 -37.15
N LEU F 259 4.35 -41.50 -36.15
CA LEU F 259 3.33 -42.28 -35.46
C LEU F 259 2.44 -41.41 -34.59
N GLU F 260 2.85 -40.18 -34.30
CA GLU F 260 1.92 -39.22 -33.71
C GLU F 260 0.91 -38.74 -34.74
N LEU F 261 1.32 -38.62 -36.00
CA LEU F 261 0.36 -38.33 -37.06
C LEU F 261 -0.58 -39.50 -37.28
N LEU F 262 -0.04 -40.73 -37.22
CA LEU F 262 -0.89 -41.92 -37.26
C LEU F 262 -1.78 -42.01 -36.03
N ASN F 263 -1.38 -41.38 -34.92
CA ASN F 263 -2.28 -41.24 -33.78
C ASN F 263 -3.38 -40.22 -34.06
N GLN F 264 -3.05 -39.18 -34.83
CA GLN F 264 -4.03 -38.16 -35.20
C GLN F 264 -4.83 -38.54 -36.44
N LEU F 265 -4.62 -39.75 -36.97
CA LEU F 265 -5.44 -40.28 -38.05
C LEU F 265 -6.23 -41.50 -37.61
N ASP F 266 -5.58 -42.45 -36.90
CA ASP F 266 -6.30 -43.59 -36.35
C ASP F 266 -7.15 -43.17 -35.15
N GLY F 267 -6.65 -42.22 -34.35
CA GLY F 267 -7.40 -41.74 -33.21
C GLY F 267 -8.50 -40.77 -33.58
N PHE F 268 -8.35 -40.06 -34.69
CA PHE F 268 -9.34 -39.08 -35.15
C PHE F 268 -10.12 -39.70 -36.31
N GLN F 269 -11.33 -40.17 -36.01
CA GLN F 269 -12.15 -40.80 -37.04
C GLN F 269 -12.54 -39.86 -38.18
N PRO F 270 -12.94 -38.60 -37.94
CA PRO F 270 -13.34 -37.74 -39.08
C PRO F 270 -12.15 -37.29 -39.92
N ASN F 271 -11.68 -38.17 -40.79
CA ASN F 271 -10.56 -37.87 -41.69
C ASN F 271 -11.04 -37.44 -43.07
N THR F 272 -12.28 -36.96 -43.18
CA THR F 272 -12.82 -36.56 -44.47
C THR F 272 -12.12 -35.34 -45.06
N GLN F 273 -11.36 -34.60 -44.25
CA GLN F 273 -10.68 -33.40 -44.70
C GLN F 273 -9.35 -33.80 -45.34
N VAL F 274 -8.44 -32.83 -45.53
CA VAL F 274 -7.19 -33.04 -46.28
C VAL F 274 -6.51 -34.33 -45.84
N LYS F 275 -6.14 -35.14 -46.84
CA LYS F 275 -5.53 -36.44 -46.62
C LYS F 275 -4.01 -36.30 -46.53
N VAL F 276 -3.34 -37.44 -46.36
CA VAL F 276 -1.88 -37.51 -46.29
C VAL F 276 -1.41 -38.40 -47.44
N ILE F 277 -0.75 -37.80 -48.43
CA ILE F 277 -0.24 -38.53 -49.59
C ILE F 277 1.24 -38.76 -49.40
N ALA F 278 1.64 -40.04 -49.33
CA ALA F 278 3.03 -40.42 -49.12
C ALA F 278 3.52 -41.24 -50.30
N ALA F 279 4.86 -41.32 -50.42
CA ALA F 279 5.49 -42.08 -51.49
C ALA F 279 6.90 -42.45 -51.05
N THR F 280 7.36 -43.62 -51.50
CA THR F 280 8.67 -44.13 -51.16
C THR F 280 9.39 -44.56 -52.43
N ASN F 281 10.72 -44.43 -52.41
CA ASN F 281 11.56 -44.84 -53.54
C ASN F 281 12.11 -46.24 -53.40
N ARG F 282 11.75 -46.96 -52.35
CA ARG F 282 12.26 -48.31 -52.13
C ARG F 282 11.31 -49.03 -51.18
N VAL F 283 11.31 -50.37 -51.28
CA VAL F 283 10.45 -51.21 -50.45
C VAL F 283 11.31 -51.99 -49.47
N ASP F 284 12.45 -51.41 -49.07
CA ASP F 284 13.36 -52.10 -48.16
C ASP F 284 12.77 -52.21 -46.77
N ILE F 285 12.40 -51.09 -46.16
CA ILE F 285 11.85 -51.05 -44.80
C ILE F 285 10.51 -50.31 -44.88
N LEU F 286 9.43 -51.07 -45.00
CA LEU F 286 8.08 -50.51 -45.03
C LEU F 286 7.44 -50.62 -43.65
N ASP F 287 6.78 -49.57 -43.23
CA ASP F 287 6.12 -49.54 -41.92
C ASP F 287 4.91 -50.46 -41.94
N PRO F 288 4.88 -51.51 -41.11
CA PRO F 288 3.71 -52.41 -41.11
C PRO F 288 2.47 -51.81 -40.51
N ALA F 289 2.57 -50.70 -39.78
CA ALA F 289 1.44 -50.08 -39.12
C ALA F 289 0.68 -49.11 -40.03
N LEU F 290 0.87 -49.21 -41.34
CA LEU F 290 0.18 -48.37 -42.31
C LEU F 290 -1.01 -49.08 -42.95
N LEU F 291 -1.61 -50.03 -42.24
CA LEU F 291 -2.74 -50.81 -42.76
C LEU F 291 -4.03 -50.27 -42.15
N ARG F 292 -4.61 -49.26 -42.80
CA ARG F 292 -5.85 -48.66 -42.35
C ARG F 292 -6.44 -47.85 -43.49
N SER F 293 -7.76 -47.70 -43.47
CA SER F 293 -8.44 -46.90 -44.49
C SER F 293 -7.98 -45.45 -44.43
N GLY F 294 -7.89 -44.88 -43.22
CA GLY F 294 -7.37 -43.53 -43.08
C GLY F 294 -5.90 -43.44 -43.39
N ARG F 295 -5.15 -44.51 -43.15
CA ARG F 295 -3.72 -44.55 -43.43
C ARG F 295 -3.52 -44.91 -44.91
N LEU F 296 -2.29 -45.25 -45.28
CA LEU F 296 -1.95 -45.56 -46.66
C LEU F 296 -2.58 -46.89 -47.04
N ASP F 297 -3.71 -46.84 -47.73
CA ASP F 297 -4.44 -48.04 -48.15
C ASP F 297 -4.25 -48.35 -49.63
N ARG F 298 -4.43 -47.36 -50.50
CA ARG F 298 -4.29 -47.55 -51.95
C ARG F 298 -2.80 -47.57 -52.32
N LYS F 299 -2.15 -48.67 -51.95
CA LYS F 299 -0.73 -48.87 -52.23
C LYS F 299 -0.59 -49.37 -53.66
N ILE F 300 -0.40 -48.46 -54.59
CA ILE F 300 -0.25 -48.79 -56.01
C ILE F 300 1.22 -49.05 -56.29
N GLU F 301 1.52 -50.23 -56.82
CA GLU F 301 2.89 -50.63 -57.12
C GLU F 301 3.27 -50.14 -58.52
N PHE F 302 4.31 -49.32 -58.60
CA PHE F 302 4.84 -48.85 -59.88
C PHE F 302 6.18 -49.52 -60.13
N PRO F 303 6.28 -50.43 -61.10
CA PRO F 303 7.53 -51.17 -61.29
C PRO F 303 8.61 -50.35 -61.98
N MET F 304 9.71 -51.00 -62.32
CA MET F 304 10.81 -50.34 -63.01
C MET F 304 10.31 -49.70 -64.31
N PRO F 305 10.74 -48.48 -64.63
CA PRO F 305 10.23 -47.81 -65.84
C PRO F 305 10.73 -48.44 -67.13
N ASN F 306 10.07 -49.51 -67.57
CA ASN F 306 10.40 -50.16 -68.82
C ASN F 306 9.99 -49.27 -70.00
N GLU F 307 10.15 -49.80 -71.22
CA GLU F 307 9.83 -49.05 -72.42
C GLU F 307 8.43 -48.47 -72.38
N GLU F 308 7.47 -49.22 -71.83
CA GLU F 308 6.11 -48.72 -71.72
C GLU F 308 6.02 -47.62 -70.68
N ALA F 309 6.55 -47.86 -69.48
CA ALA F 309 6.44 -46.86 -68.41
C ALA F 309 7.33 -45.66 -68.68
N ARG F 310 8.54 -45.90 -69.23
CA ARG F 310 9.40 -44.78 -69.61
C ARG F 310 8.79 -44.00 -70.78
N ALA F 311 8.07 -44.68 -71.67
CA ALA F 311 7.34 -43.98 -72.72
C ALA F 311 6.17 -43.19 -72.14
N ARG F 312 5.63 -43.63 -71.01
CA ARG F 312 4.53 -42.90 -70.38
C ARG F 312 5.05 -41.64 -69.67
N ILE F 313 5.96 -41.80 -68.71
CA ILE F 313 6.45 -40.64 -67.96
C ILE F 313 7.26 -39.73 -68.85
N MET F 314 7.93 -40.27 -69.87
CA MET F 314 8.70 -39.45 -70.79
C MET F 314 7.83 -38.86 -71.89
N GLN F 315 6.71 -39.50 -72.22
CA GLN F 315 5.70 -38.85 -73.06
C GLN F 315 5.05 -37.69 -72.32
N ILE F 316 4.92 -37.81 -70.99
CA ILE F 316 4.49 -36.66 -70.19
C ILE F 316 5.56 -35.58 -70.21
N HIS F 317 6.82 -35.96 -69.97
CA HIS F 317 7.90 -34.98 -69.97
C HIS F 317 8.12 -34.35 -71.34
N SER F 318 7.62 -34.97 -72.41
CA SER F 318 7.79 -34.45 -73.76
C SER F 318 6.46 -34.35 -74.51
N ARG F 319 5.38 -34.05 -73.78
CA ARG F 319 4.07 -33.96 -74.40
C ARG F 319 3.78 -32.57 -74.99
N LYS F 320 4.62 -31.58 -74.71
CA LYS F 320 4.42 -30.23 -75.18
C LYS F 320 5.59 -29.68 -75.99
N MET F 321 6.81 -30.16 -75.73
CA MET F 321 7.99 -29.64 -76.40
C MET F 321 8.02 -30.08 -77.86
N ASN F 322 8.94 -29.50 -78.62
CA ASN F 322 9.09 -29.80 -80.04
C ASN F 322 9.79 -31.15 -80.19
N VAL F 323 9.01 -32.20 -80.48
CA VAL F 323 9.54 -33.54 -80.65
C VAL F 323 9.54 -33.87 -82.13
N SER F 324 10.72 -34.13 -82.68
CA SER F 324 10.83 -34.47 -84.09
C SER F 324 10.23 -35.85 -84.36
N PRO F 325 9.74 -36.10 -85.59
CA PRO F 325 9.17 -37.41 -85.94
C PRO F 325 10.24 -38.49 -86.19
N ASP F 326 11.23 -38.55 -85.30
CA ASP F 326 12.27 -39.56 -85.38
C ASP F 326 12.61 -40.20 -84.04
N VAL F 327 12.02 -39.73 -82.94
CA VAL F 327 12.33 -40.24 -81.60
C VAL F 327 11.51 -41.52 -81.41
N ASN F 328 12.16 -42.67 -81.62
CA ASN F 328 11.51 -43.96 -81.42
C ASN F 328 11.46 -44.37 -79.95
N TYR F 329 12.19 -43.68 -79.08
CA TYR F 329 12.22 -43.90 -77.64
C TYR F 329 12.78 -45.26 -77.25
N GLU F 330 13.24 -46.06 -78.21
CA GLU F 330 13.69 -47.42 -77.91
C GLU F 330 15.07 -47.41 -77.24
N GLU F 331 16.08 -46.89 -77.95
CA GLU F 331 17.43 -46.87 -77.38
C GLU F 331 17.54 -45.91 -76.21
N LEU F 332 16.93 -44.73 -76.32
CA LEU F 332 17.00 -43.76 -75.24
C LEU F 332 16.16 -44.16 -74.05
N ALA F 333 15.01 -44.81 -74.27
CA ALA F 333 14.23 -45.34 -73.16
C ALA F 333 14.85 -46.58 -72.55
N ARG F 334 15.70 -47.29 -73.29
CA ARG F 334 16.39 -48.44 -72.74
C ARG F 334 17.62 -48.02 -71.93
N CYS F 335 18.32 -46.97 -72.37
CA CYS F 335 19.51 -46.50 -71.67
C CYS F 335 19.19 -45.81 -70.35
N THR F 336 17.93 -45.46 -70.10
CA THR F 336 17.54 -44.79 -68.85
C THR F 336 17.37 -45.86 -67.76
N ASP F 337 18.50 -46.28 -67.21
CA ASP F 337 18.53 -47.25 -66.12
C ASP F 337 19.00 -46.56 -64.84
N ASP F 338 18.25 -46.81 -63.76
CA ASP F 338 18.55 -46.23 -62.44
C ASP F 338 18.60 -44.71 -62.50
N PHE F 339 17.76 -44.09 -63.33
CA PHE F 339 17.72 -42.65 -63.50
C PHE F 339 16.34 -42.15 -63.08
N ASN F 340 16.29 -41.36 -62.02
CA ASN F 340 15.04 -40.83 -61.51
C ASN F 340 14.53 -39.72 -62.42
N GLY F 341 13.31 -39.23 -62.12
CA GLY F 341 12.72 -38.17 -62.91
C GLY F 341 13.48 -36.86 -62.87
N ALA F 342 14.25 -36.62 -61.81
CA ALA F 342 15.10 -35.43 -61.76
C ALA F 342 16.32 -35.61 -62.65
N GLN F 343 16.94 -36.79 -62.63
CA GLN F 343 18.07 -37.05 -63.51
C GLN F 343 17.63 -37.19 -64.95
N CYS F 344 16.43 -37.71 -65.19
CA CYS F 344 15.90 -37.75 -66.55
C CYS F 344 15.52 -36.36 -67.04
N LYS F 345 15.02 -35.50 -66.14
CA LYS F 345 14.80 -34.12 -66.51
C LYS F 345 16.11 -33.42 -66.82
N ALA F 346 17.18 -33.76 -66.09
CA ALA F 346 18.50 -33.23 -66.42
C ALA F 346 18.99 -33.76 -67.77
N VAL F 347 18.61 -35.00 -68.12
CA VAL F 347 18.91 -35.51 -69.46
C VAL F 347 18.16 -34.71 -70.51
N CYS F 348 16.91 -34.32 -70.21
CA CYS F 348 16.16 -33.48 -71.13
C CYS F 348 16.78 -32.09 -71.25
N VAL F 349 17.38 -31.58 -70.17
CA VAL F 349 18.05 -30.29 -70.24
C VAL F 349 19.30 -30.38 -71.09
N GLU F 350 20.12 -31.42 -70.85
CA GLU F 350 21.31 -31.62 -71.66
C GLU F 350 20.95 -31.82 -73.13
N ALA F 351 19.81 -32.46 -73.41
CA ALA F 351 19.28 -32.47 -74.77
C ALA F 351 18.93 -31.05 -75.21
N GLY F 352 18.47 -30.22 -74.29
CA GLY F 352 18.24 -28.82 -74.55
C GLY F 352 19.47 -27.94 -74.54
N MET F 353 20.67 -28.54 -74.47
CA MET F 353 21.92 -27.79 -74.42
C MET F 353 22.63 -27.74 -75.77
N ILE F 354 22.91 -28.91 -76.36
CA ILE F 354 23.70 -28.94 -77.60
C ILE F 354 22.87 -28.72 -78.85
N ALA F 355 21.53 -28.81 -78.75
CA ALA F 355 20.70 -28.59 -79.92
C ALA F 355 20.74 -27.16 -80.44
N LEU F 356 21.22 -26.22 -79.62
CA LEU F 356 21.44 -24.86 -80.11
C LEU F 356 22.54 -24.83 -81.15
N ARG F 357 23.68 -25.47 -80.87
CA ARG F 357 24.80 -25.51 -81.78
C ARG F 357 24.70 -26.63 -82.81
N ARG F 358 23.74 -27.55 -82.66
CA ARG F 358 23.55 -28.58 -83.68
C ARG F 358 22.96 -28.04 -84.97
N GLY F 359 22.38 -26.84 -84.93
CA GLY F 359 21.79 -26.22 -86.10
C GLY F 359 20.30 -26.46 -86.25
N ALA F 360 19.79 -27.59 -85.76
CA ALA F 360 18.37 -27.89 -85.85
C ALA F 360 17.63 -27.25 -84.68
N THR F 361 16.51 -26.61 -84.99
CA THR F 361 15.69 -25.96 -83.97
C THR F 361 14.74 -26.92 -83.27
N GLU F 362 14.71 -28.18 -83.67
CA GLU F 362 13.86 -29.19 -83.06
C GLU F 362 14.72 -30.30 -82.47
N LEU F 363 14.31 -30.80 -81.31
CA LEU F 363 15.09 -31.81 -80.61
C LEU F 363 15.07 -33.13 -81.37
N THR F 364 16.24 -33.74 -81.52
CA THR F 364 16.40 -34.94 -82.33
C THR F 364 16.39 -36.20 -81.45
N HIS F 365 16.57 -37.34 -82.10
CA HIS F 365 16.51 -38.62 -81.39
C HIS F 365 17.77 -38.90 -80.59
N GLU F 366 18.94 -38.76 -81.23
CA GLU F 366 20.20 -39.11 -80.59
C GLU F 366 20.61 -38.14 -79.49
N ASP F 367 19.91 -37.03 -79.33
CA ASP F 367 20.29 -36.06 -78.30
C ASP F 367 19.88 -36.52 -76.90
N TYR F 368 18.84 -37.36 -76.80
CA TYR F 368 18.47 -37.92 -75.51
C TYR F 368 19.55 -38.86 -74.99
N MET F 369 19.95 -39.83 -75.82
CA MET F 369 21.03 -40.73 -75.42
C MET F 369 22.36 -40.00 -75.32
N GLU F 370 22.53 -38.91 -76.07
CA GLU F 370 23.71 -38.07 -75.88
C GLU F 370 23.71 -37.43 -74.51
N GLY F 371 22.53 -37.04 -74.02
CA GLY F 371 22.43 -36.52 -72.67
C GLY F 371 22.65 -37.59 -71.62
N ILE F 372 22.18 -38.81 -71.89
CA ILE F 372 22.40 -39.93 -70.97
C ILE F 372 23.89 -40.21 -70.83
N LEU F 373 24.57 -40.42 -71.97
CA LEU F 373 26.01 -40.63 -71.95
C LEU F 373 26.77 -39.38 -71.57
N GLU F 374 26.11 -38.23 -71.48
CA GLU F 374 26.76 -37.00 -71.03
C GLU F 374 26.72 -36.85 -69.51
N VAL F 375 25.61 -37.21 -68.88
CA VAL F 375 25.55 -37.17 -67.42
C VAL F 375 26.27 -38.38 -66.83
N GLN F 376 26.15 -39.54 -67.47
CA GLN F 376 26.88 -40.73 -67.03
C GLN F 376 27.38 -41.52 -68.23
N GLU G 95 -13.64 48.80 61.33
CA GLU G 95 -13.82 47.66 60.45
C GLU G 95 -15.29 47.44 60.13
N TYR G 96 -16.11 47.36 61.19
CA TYR G 96 -17.54 47.13 61.00
C TYR G 96 -18.18 48.28 60.22
N VAL G 97 -17.85 49.52 60.60
CA VAL G 97 -18.46 50.68 59.94
C VAL G 97 -18.01 50.77 58.48
N GLU G 98 -16.72 50.52 58.21
CA GLU G 98 -16.23 50.62 56.84
C GLU G 98 -16.76 49.47 55.98
N THR G 99 -17.06 48.32 56.59
CA THR G 99 -17.65 47.22 55.83
C THR G 99 -19.14 47.47 55.55
N ILE G 100 -19.86 48.03 56.51
CA ILE G 100 -21.28 48.26 56.26
C ILE G 100 -21.50 49.45 55.32
N ILE G 101 -20.60 50.44 55.35
CA ILE G 101 -20.70 51.50 54.35
C ILE G 101 -20.12 51.06 53.01
N ALA G 102 -19.18 50.11 53.01
CA ALA G 102 -18.66 49.58 51.76
C ALA G 102 -19.73 48.78 51.03
N LYS G 103 -20.33 47.80 51.72
CA LYS G 103 -21.43 47.04 51.12
C LYS G 103 -22.66 47.92 50.91
N CYS G 104 -22.81 48.97 51.72
CA CYS G 104 -23.94 49.88 51.54
C CYS G 104 -23.77 50.69 50.25
N ILE G 105 -22.55 51.12 49.94
CA ILE G 105 -22.31 51.84 48.69
C ILE G 105 -22.36 50.89 47.51
N ASP G 106 -21.82 49.68 47.67
CA ASP G 106 -21.84 48.71 46.58
C ASP G 106 -23.28 48.32 46.22
N HIS G 107 -24.09 48.01 47.22
CA HIS G 107 -25.49 47.70 46.95
C HIS G 107 -26.27 48.94 46.53
N TYR G 108 -25.83 50.12 46.98
CA TYR G 108 -26.49 51.36 46.57
C TYR G 108 -26.34 51.61 45.08
N THR G 109 -25.09 51.60 44.59
CA THR G 109 -24.87 51.75 43.16
C THR G 109 -25.35 50.54 42.38
N LYS G 110 -25.45 49.38 43.01
CA LYS G 110 -26.04 48.22 42.36
C LYS G 110 -27.52 48.46 42.07
N GLN G 111 -28.26 48.96 43.07
CA GLN G 111 -29.66 49.32 42.84
C GLN G 111 -29.79 50.50 41.89
N CYS G 112 -28.80 51.40 41.89
CA CYS G 112 -28.82 52.52 40.95
C CYS G 112 -28.62 52.06 39.52
N VAL G 113 -27.85 50.99 39.31
CA VAL G 113 -27.69 50.43 37.97
C VAL G 113 -28.91 49.61 37.59
N GLU G 114 -29.46 48.84 38.53
CA GLU G 114 -30.65 48.04 38.24
C GLU G 114 -31.88 48.91 38.01
N ASN G 115 -31.90 50.13 38.52
CA ASN G 115 -33.02 51.04 38.34
C ASN G 115 -32.70 52.20 37.41
N ALA G 116 -31.47 52.28 36.89
CA ALA G 116 -31.11 53.37 36.00
C ALA G 116 -31.64 53.16 34.60
N ASP G 117 -31.79 51.91 34.15
CA ASP G 117 -32.30 51.62 32.83
C ASP G 117 -33.82 51.67 32.74
N LEU G 118 -34.52 51.82 33.87
CA LEU G 118 -35.97 51.92 33.90
C LEU G 118 -36.35 53.27 34.52
N PRO G 119 -36.40 54.33 33.72
CA PRO G 119 -36.74 55.65 34.30
C PRO G 119 -38.16 55.73 34.81
N GLU G 120 -39.12 55.10 34.13
CA GLU G 120 -40.51 55.13 34.54
C GLU G 120 -41.07 53.71 34.61
N GLY G 121 -42.11 53.54 35.42
CA GLY G 121 -42.75 52.25 35.57
C GLY G 121 -42.02 51.33 36.52
N GLU G 122 -42.79 50.59 37.33
CA GLU G 122 -42.29 49.61 38.32
C GLU G 122 -41.04 50.09 39.03
N LYS G 123 -41.02 51.36 39.43
CA LYS G 123 -39.86 51.92 40.13
C LYS G 123 -39.77 51.33 41.53
N LYS G 124 -38.57 50.85 41.88
CA LYS G 124 -38.36 50.26 43.20
C LYS G 124 -38.26 51.35 44.25
N PRO G 125 -38.86 51.16 45.43
CA PRO G 125 -38.80 52.18 46.47
C PRO G 125 -37.42 52.25 47.11
N ILE G 126 -36.96 53.47 47.34
CA ILE G 126 -35.66 53.72 47.96
C ILE G 126 -35.91 54.42 49.29
N ASP G 127 -35.40 53.84 50.37
CA ASP G 127 -35.60 54.41 51.70
C ASP G 127 -34.79 55.70 51.85
N GLN G 128 -35.29 56.59 52.71
CA GLN G 128 -34.63 57.88 52.90
C GLN G 128 -33.40 57.79 53.79
N ARG G 129 -33.37 56.84 54.73
CA ARG G 129 -32.21 56.70 55.60
C ARG G 129 -30.97 56.25 54.82
N LEU G 130 -31.16 55.48 53.75
CA LEU G 130 -30.03 55.12 52.89
C LEU G 130 -29.47 56.35 52.19
N GLU G 131 -30.34 57.22 51.67
CA GLU G 131 -29.88 58.47 51.10
C GLU G 131 -29.20 59.36 52.14
N GLY G 132 -29.63 59.27 53.40
CA GLY G 132 -29.01 60.07 54.44
C GLY G 132 -27.62 59.58 54.79
N ILE G 133 -27.47 58.27 54.97
CA ILE G 133 -26.17 57.72 55.35
C ILE G 133 -25.20 57.67 54.18
N VAL G 134 -25.69 57.64 52.94
CA VAL G 134 -24.81 57.72 51.79
C VAL G 134 -24.43 59.16 51.49
N ASN G 135 -25.39 60.08 51.59
CA ASN G 135 -25.09 61.48 51.33
C ASN G 135 -24.32 62.15 52.47
N LYS G 136 -24.31 61.53 53.66
CA LYS G 136 -23.56 62.10 54.77
C LYS G 136 -22.05 61.92 54.56
N MET G 137 -21.60 60.66 54.47
CA MET G 137 -20.20 60.42 54.16
C MET G 137 -19.85 60.87 52.75
N PHE G 138 -20.84 60.88 51.85
CA PHE G 138 -20.61 61.39 50.51
C PHE G 138 -20.27 62.88 50.53
N GLN G 139 -21.06 63.66 51.28
CA GLN G 139 -20.72 65.08 51.44
C GLN G 139 -19.41 65.26 52.20
N ARG G 140 -19.14 64.37 53.17
CA ARG G 140 -17.87 64.39 53.86
C ARG G 140 -16.71 64.24 52.89
N CYS G 141 -16.87 63.38 51.89
CA CYS G 141 -15.86 63.28 50.83
C CYS G 141 -15.92 64.49 49.91
N LEU G 142 -17.08 65.14 49.80
CA LEU G 142 -17.26 66.31 48.96
C LEU G 142 -16.92 67.61 49.68
N ASP G 143 -16.28 67.55 50.84
CA ASP G 143 -15.81 68.77 51.50
C ASP G 143 -14.79 69.49 50.62
N ASP G 144 -13.81 68.75 50.11
CA ASP G 144 -12.84 69.28 49.15
C ASP G 144 -12.83 68.51 47.83
N HIS G 145 -13.51 67.37 47.76
CA HIS G 145 -13.70 66.54 46.57
C HIS G 145 -12.42 65.82 46.16
N LYS G 146 -11.30 66.21 46.78
CA LYS G 146 -9.99 65.59 46.53
C LYS G 146 -9.64 65.55 45.05
N TYR G 147 -10.38 66.30 44.23
CA TYR G 147 -10.20 66.44 42.78
C TYR G 147 -9.99 65.11 42.06
N LYS G 148 -10.46 64.00 42.64
CA LYS G 148 -10.32 62.73 41.94
C LYS G 148 -11.60 61.90 41.92
N GLN G 149 -12.39 61.92 43.00
CA GLN G 149 -13.56 61.05 43.11
C GLN G 149 -14.88 61.79 42.97
N ALA G 150 -14.86 63.11 42.77
CA ALA G 150 -16.10 63.88 42.67
C ALA G 150 -16.92 63.42 41.47
N ILE G 151 -16.35 63.51 40.27
CA ILE G 151 -17.08 63.10 39.08
C ILE G 151 -17.16 61.58 38.97
N GLY G 152 -16.24 60.85 39.60
CA GLY G 152 -16.27 59.41 39.56
C GLY G 152 -17.44 58.83 40.34
N ILE G 153 -17.50 59.12 41.64
CA ILE G 153 -18.63 58.67 42.45
C ILE G 153 -19.90 59.39 42.01
N ALA G 154 -19.78 60.62 41.51
CA ALA G 154 -20.95 61.33 41.00
C ALA G 154 -21.54 60.63 39.77
N LEU G 155 -20.70 59.97 38.97
CA LEU G 155 -21.19 59.23 37.82
C LEU G 155 -21.60 57.80 38.17
N GLU G 156 -20.98 57.20 39.18
CA GLU G 156 -21.32 55.82 39.54
C GLU G 156 -22.71 55.73 40.15
N THR G 157 -23.17 56.78 40.84
CA THR G 157 -24.47 56.74 41.49
C THR G 157 -25.63 56.95 40.52
N ARG G 158 -25.34 57.46 39.31
CA ARG G 158 -26.36 57.64 38.27
C ARG G 158 -27.52 58.50 38.76
N ARG G 159 -27.20 59.57 39.48
CA ARG G 159 -28.21 60.46 40.03
C ARG G 159 -28.26 61.75 39.22
N LEU G 160 -29.39 62.46 39.33
CA LEU G 160 -29.65 63.59 38.43
C LEU G 160 -28.91 64.85 38.87
N ASP G 161 -29.05 65.24 40.15
CA ASP G 161 -28.43 66.47 40.64
C ASP G 161 -27.27 66.19 41.58
N VAL G 162 -26.61 65.05 41.44
CA VAL G 162 -25.50 64.71 42.33
C VAL G 162 -24.22 65.43 41.93
N PHE G 163 -24.06 65.76 40.64
CA PHE G 163 -22.82 66.34 40.15
C PHE G 163 -22.93 67.82 39.81
N GLU G 164 -24.13 68.40 39.82
CA GLU G 164 -24.25 69.83 39.58
C GLU G 164 -23.73 70.65 40.75
N LYS G 165 -23.87 70.13 41.98
CA LYS G 165 -23.35 70.81 43.15
C LYS G 165 -21.87 70.55 43.39
N THR G 166 -21.28 69.59 42.67
CA THR G 166 -19.85 69.32 42.84
C THR G 166 -19.01 70.39 42.16
N ILE G 167 -19.43 70.85 40.98
CA ILE G 167 -18.67 71.85 40.23
C ILE G 167 -18.88 73.26 40.73
N LEU G 168 -19.67 73.45 41.79
CA LEU G 168 -19.89 74.79 42.33
C LEU G 168 -18.62 75.33 42.96
N GLU G 169 -18.12 74.65 44.00
CA GLU G 169 -16.88 75.05 44.66
C GLU G 169 -15.77 74.09 44.21
N SER G 170 -15.18 74.41 43.06
CA SER G 170 -14.12 73.60 42.49
C SER G 170 -13.23 74.47 41.62
N ASN G 171 -11.93 74.23 41.70
CA ASN G 171 -10.95 74.95 40.91
C ASN G 171 -10.67 74.22 39.60
N ASP G 172 -10.19 74.97 38.61
CA ASP G 172 -9.86 74.43 37.28
C ASP G 172 -11.10 73.79 36.64
N VAL G 173 -12.11 74.64 36.38
CA VAL G 173 -13.35 74.15 35.78
C VAL G 173 -13.10 73.49 34.42
N PRO G 174 -12.32 74.07 33.49
CA PRO G 174 -12.07 73.34 32.23
C PRO G 174 -11.37 72.01 32.43
N GLY G 175 -10.53 71.89 33.46
CA GLY G 175 -9.93 70.59 33.76
C GLY G 175 -10.90 69.61 34.35
N MET G 176 -11.90 70.10 35.10
CA MET G 176 -12.90 69.22 35.69
C MET G 176 -13.92 68.75 34.66
N LEU G 177 -14.24 69.59 33.67
CA LEU G 177 -15.14 69.15 32.60
C LEU G 177 -14.40 68.34 31.55
N ALA G 178 -13.14 68.65 31.29
CA ALA G 178 -12.35 67.84 30.36
C ALA G 178 -12.06 66.46 30.96
N TYR G 179 -11.68 66.42 32.23
CA TYR G 179 -11.52 65.13 32.90
C TYR G 179 -12.87 64.43 33.08
N SER G 180 -13.95 65.19 33.24
CA SER G 180 -15.27 64.60 33.35
C SER G 180 -15.66 63.88 32.07
N LEU G 181 -15.57 64.57 30.92
CA LEU G 181 -15.90 63.95 29.65
C LEU G 181 -14.90 62.85 29.29
N LYS G 182 -13.64 63.01 29.72
CA LYS G 182 -12.66 61.96 29.48
C LYS G 182 -13.01 60.69 30.24
N LEU G 183 -13.51 60.82 31.47
CA LEU G 183 -13.97 59.66 32.22
C LEU G 183 -15.26 59.10 31.65
N CYS G 184 -16.12 59.97 31.12
CA CYS G 184 -17.39 59.51 30.57
C CYS G 184 -17.22 58.78 29.25
N MET G 185 -16.20 59.13 28.47
CA MET G 185 -15.98 58.50 27.17
C MET G 185 -15.22 57.18 27.27
N SER G 186 -14.77 56.79 28.47
CA SER G 186 -13.97 55.59 28.65
C SER G 186 -14.68 54.51 29.44
N LEU G 187 -15.97 54.69 29.74
CA LEU G 187 -16.73 53.73 30.53
C LEU G 187 -17.66 52.87 29.69
N MET G 188 -17.55 52.94 28.36
CA MET G 188 -18.40 52.17 27.44
C MET G 188 -19.88 52.48 27.69
N GLN G 189 -20.24 53.73 27.45
CA GLN G 189 -21.60 54.20 27.71
C GLN G 189 -22.58 53.54 26.74
N ASN G 190 -23.85 53.51 27.17
CA ASN G 190 -24.93 52.96 26.37
C ASN G 190 -25.80 54.04 25.73
N LYS G 191 -25.39 55.30 25.81
CA LYS G 191 -26.06 56.47 25.25
C LYS G 191 -27.38 56.79 25.94
N GLN G 192 -27.80 56.00 26.92
CA GLN G 192 -29.06 56.27 27.62
C GLN G 192 -28.93 57.42 28.60
N PHE G 193 -27.76 57.59 29.22
CA PHE G 193 -27.53 58.66 30.18
C PHE G 193 -26.45 59.64 29.76
N ARG G 194 -25.55 59.27 28.85
CA ARG G 194 -24.48 60.17 28.43
C ARG G 194 -25.04 61.45 27.82
N ASN G 195 -26.07 61.33 26.97
CA ASN G 195 -26.66 62.50 26.34
C ASN G 195 -27.31 63.41 27.36
N LYS G 196 -27.91 62.85 28.42
CA LYS G 196 -28.52 63.66 29.46
C LYS G 196 -27.47 64.37 30.30
N VAL G 197 -26.42 63.64 30.68
CA VAL G 197 -25.35 64.26 31.48
C VAL G 197 -24.66 65.36 30.69
N LEU G 198 -24.46 65.16 29.39
CA LEU G 198 -23.84 66.19 28.58
C LEU G 198 -24.78 67.39 28.39
N ARG G 199 -26.04 67.13 28.05
CA ARG G 199 -26.98 68.21 27.82
C ARG G 199 -27.30 68.98 29.10
N VAL G 200 -27.03 68.40 30.26
CA VAL G 200 -27.18 69.12 31.53
C VAL G 200 -25.87 69.76 32.00
N LEU G 201 -24.73 69.28 31.51
CA LEU G 201 -23.44 69.87 31.84
C LEU G 201 -23.00 70.95 30.87
N VAL G 202 -23.71 71.14 29.75
CA VAL G 202 -23.37 72.21 28.82
C VAL G 202 -24.02 73.53 29.19
N LYS G 203 -24.74 73.58 30.31
CA LYS G 203 -25.37 74.82 30.77
C LYS G 203 -24.50 75.61 31.74
N ILE G 204 -23.33 75.09 32.10
CA ILE G 204 -22.51 75.74 33.12
C ILE G 204 -21.47 76.69 32.53
N TYR G 205 -20.96 76.40 31.33
CA TYR G 205 -19.91 77.24 30.78
C TYR G 205 -20.48 78.52 30.16
N MET G 206 -21.75 78.51 29.75
CA MET G 206 -22.34 79.71 29.20
C MET G 206 -22.54 80.78 30.26
N ASN G 207 -22.67 80.38 31.53
CA ASN G 207 -22.82 81.34 32.63
C ASN G 207 -21.49 81.87 33.13
N LEU G 208 -20.37 81.32 32.68
CA LEU G 208 -19.07 81.78 33.12
C LEU G 208 -18.68 83.08 32.42
N GLU G 209 -17.46 83.54 32.67
CA GLU G 209 -16.98 84.78 32.06
C GLU G 209 -16.66 84.62 30.59
N LYS G 210 -16.30 83.41 30.16
CA LYS G 210 -15.98 83.15 28.76
C LYS G 210 -16.30 81.70 28.43
N PRO G 211 -16.84 81.41 27.26
CA PRO G 211 -17.15 80.04 26.88
C PRO G 211 -15.95 79.30 26.29
N ASP G 212 -15.91 78.00 26.55
CA ASP G 212 -14.86 77.13 26.06
C ASP G 212 -15.35 76.33 24.86
N PHE G 213 -14.40 75.91 24.02
CA PHE G 213 -14.72 75.19 22.80
C PHE G 213 -14.52 73.68 22.92
N ILE G 214 -13.65 73.23 23.81
CA ILE G 214 -13.38 71.79 23.92
C ILE G 214 -14.61 71.04 24.42
N ASN G 215 -15.40 71.65 25.30
CA ASN G 215 -16.58 70.96 25.83
C ASN G 215 -17.72 70.95 24.82
N VAL G 216 -17.95 72.08 24.14
CA VAL G 216 -19.04 72.12 23.16
C VAL G 216 -18.69 71.27 21.94
N CYS G 217 -17.41 71.17 21.60
CA CYS G 217 -17.02 70.28 20.50
C CYS G 217 -17.11 68.82 20.93
N GLN G 218 -16.47 68.46 22.04
CA GLN G 218 -16.48 67.08 22.50
C GLN G 218 -17.87 66.59 22.88
N CYS G 219 -18.83 67.51 23.08
CA CYS G 219 -20.21 67.10 23.29
C CYS G 219 -20.99 67.03 21.98
N LEU G 220 -20.86 68.07 21.14
CA LEU G 220 -21.57 68.11 19.87
C LEU G 220 -21.10 67.03 18.90
N ILE G 221 -19.95 66.40 19.14
CA ILE G 221 -19.53 65.27 18.32
C ILE G 221 -20.26 63.98 18.68
N PHE G 222 -20.96 63.96 19.81
CA PHE G 222 -21.65 62.75 20.26
C PHE G 222 -23.15 62.93 20.34
N LEU G 223 -23.64 64.01 20.94
CA LEU G 223 -25.08 64.15 21.16
C LEU G 223 -25.81 64.43 19.85
N ASP G 224 -25.27 65.34 19.03
CA ASP G 224 -25.85 65.66 17.72
C ASP G 224 -27.32 66.05 17.83
N ASP G 225 -27.64 66.89 18.82
CA ASP G 225 -29.01 67.31 19.06
C ASP G 225 -29.24 68.70 18.50
N PRO G 226 -30.34 68.93 17.78
CA PRO G 226 -30.59 70.28 17.24
C PRO G 226 -30.85 71.32 18.31
N GLN G 227 -31.43 70.94 19.45
CA GLN G 227 -31.73 71.89 20.50
C GLN G 227 -30.49 72.39 21.23
N ALA G 228 -29.34 71.74 21.04
CA ALA G 228 -28.09 72.16 21.67
C ALA G 228 -27.27 73.13 20.81
N VAL G 229 -27.69 73.37 19.57
CA VAL G 229 -26.98 74.27 18.69
C VAL G 229 -27.75 75.56 18.42
N SER G 230 -29.07 75.58 18.64
CA SER G 230 -29.87 76.76 18.34
C SER G 230 -29.44 77.97 19.18
N ASP G 231 -28.94 77.73 20.39
CA ASP G 231 -28.48 78.83 21.23
C ASP G 231 -27.11 79.33 20.79
N ILE G 232 -26.18 78.41 20.50
CA ILE G 232 -24.83 78.83 20.15
C ILE G 232 -24.74 79.42 18.76
N LEU G 233 -25.70 79.11 17.88
CA LEU G 233 -25.69 79.73 16.56
C LEU G 233 -26.25 81.15 16.59
N GLU G 234 -27.13 81.45 17.54
CA GLU G 234 -27.71 82.78 17.65
C GLU G 234 -26.94 83.68 18.62
N LYS G 235 -26.15 83.10 19.52
CA LYS G 235 -25.33 83.93 20.41
C LYS G 235 -24.13 84.55 19.69
N LEU G 236 -23.79 84.05 18.50
CA LEU G 236 -22.67 84.63 17.75
C LEU G 236 -22.96 86.06 17.34
N VAL G 237 -24.22 86.38 17.04
CA VAL G 237 -24.58 87.75 16.69
C VAL G 237 -24.63 88.63 17.93
N LYS G 238 -25.10 88.08 19.05
CA LYS G 238 -25.21 88.86 20.28
C LYS G 238 -23.84 89.19 20.85
N GLU G 239 -22.88 88.28 20.73
CA GLU G 239 -21.54 88.53 21.27
C GLU G 239 -20.72 89.46 20.37
N ASP G 240 -21.04 89.54 19.08
CA ASP G 240 -20.33 90.40 18.13
C ASP G 240 -18.83 90.10 18.12
N ASN G 241 -18.50 88.80 18.08
CA ASN G 241 -17.12 88.34 18.04
C ASN G 241 -16.93 87.47 16.80
N LEU G 242 -16.11 87.94 15.88
CA LEU G 242 -15.92 87.26 14.59
C LEU G 242 -14.79 86.23 14.63
N LEU G 243 -13.74 86.49 15.41
CA LEU G 243 -12.56 85.62 15.38
C LEU G 243 -12.84 84.26 16.04
N MET G 244 -13.68 84.23 17.07
CA MET G 244 -13.92 82.98 17.79
C MET G 244 -14.88 82.05 17.04
N ALA G 245 -15.74 82.58 16.18
CA ALA G 245 -16.70 81.75 15.47
C ALA G 245 -16.08 81.00 14.30
N TYR G 246 -14.93 81.47 13.79
CA TYR G 246 -14.31 80.82 12.64
C TYR G 246 -13.83 79.42 12.98
N GLN G 247 -13.37 79.19 14.21
CA GLN G 247 -12.88 77.87 14.59
C GLN G 247 -14.03 76.88 14.70
N ILE G 248 -15.07 77.23 15.46
CA ILE G 248 -16.20 76.32 15.65
C ILE G 248 -16.93 76.09 14.32
N CYS G 249 -17.01 77.11 13.48
CA CYS G 249 -17.58 76.91 12.15
C CYS G 249 -16.69 76.00 11.31
N PHE G 250 -15.37 76.14 11.44
CA PHE G 250 -14.45 75.34 10.64
C PHE G 250 -14.53 73.86 11.01
N ASP G 251 -14.58 73.54 12.31
CA ASP G 251 -14.57 72.13 12.69
C ASP G 251 -15.97 71.50 12.69
N LEU G 252 -17.01 72.25 13.09
CA LEU G 252 -18.36 71.69 13.03
C LEU G 252 -18.81 71.55 11.58
N TYR G 253 -18.53 72.56 10.75
CA TYR G 253 -18.78 72.43 9.32
C TYR G 253 -17.77 71.52 8.64
N GLU G 254 -16.66 71.21 9.32
CA GLU G 254 -15.67 70.30 8.76
C GLU G 254 -16.10 68.86 8.89
N SER G 255 -16.32 68.39 10.12
CA SER G 255 -16.61 66.98 10.36
C SER G 255 -17.67 66.88 11.45
N ALA G 256 -17.83 65.67 11.98
CA ALA G 256 -18.70 65.28 13.09
C ALA G 256 -20.17 65.21 12.69
N SER G 257 -20.54 65.60 11.47
CA SER G 257 -21.94 65.56 11.05
C SER G 257 -22.02 65.73 9.54
N GLN G 258 -22.95 65.04 8.93
CA GLN G 258 -23.27 65.22 7.52
C GLN G 258 -24.70 65.69 7.32
N GLN G 259 -25.68 64.96 7.85
CA GLN G 259 -27.07 65.40 7.75
C GLN G 259 -27.39 66.51 8.73
N PHE G 260 -26.74 66.52 9.90
CA PHE G 260 -26.89 67.64 10.81
C PHE G 260 -26.30 68.92 10.23
N LEU G 261 -25.28 68.79 9.36
CA LEU G 261 -24.82 69.95 8.61
C LEU G 261 -25.79 70.30 7.49
N SER G 262 -26.36 69.27 6.84
CA SER G 262 -27.35 69.52 5.79
C SER G 262 -28.59 70.21 6.32
N SER G 263 -28.88 70.08 7.63
CA SER G 263 -29.99 70.79 8.24
C SER G 263 -29.56 72.10 8.89
N VAL G 264 -28.36 72.15 9.44
CA VAL G 264 -27.90 73.38 10.09
C VAL G 264 -27.52 74.44 9.06
N ILE G 265 -27.26 74.05 7.80
CA ILE G 265 -26.97 75.05 6.78
C ILE G 265 -28.21 75.85 6.43
N GLN G 266 -29.38 75.21 6.44
CA GLN G 266 -30.64 75.93 6.25
C GLN G 266 -31.16 76.51 7.55
N ASN G 267 -30.76 75.95 8.70
CA ASN G 267 -31.09 76.57 9.97
C ASN G 267 -30.40 77.92 10.12
N LEU G 268 -29.12 77.98 9.74
CA LEU G 268 -28.41 79.26 9.73
C LEU G 268 -28.77 80.10 8.51
N ARG G 269 -29.20 79.46 7.41
CA ARG G 269 -29.63 80.22 6.26
C ARG G 269 -30.93 80.97 6.53
N THR G 270 -31.82 80.38 7.34
CA THR G 270 -33.06 81.06 7.69
C THR G 270 -32.80 82.24 8.61
N VAL G 271 -31.88 82.09 9.56
CA VAL G 271 -31.58 83.17 10.49
C VAL G 271 -30.78 84.25 9.75
N GLY G 272 -31.20 85.50 9.93
CA GLY G 272 -30.54 86.62 9.30
C GLY G 272 -31.44 87.31 8.29
N THR G 273 -30.80 88.03 7.37
CA THR G 273 -31.54 88.75 6.34
C THR G 273 -32.01 87.78 5.25
N PRO G 274 -33.23 87.97 4.72
CA PRO G 274 -33.75 87.10 3.66
C PRO G 274 -33.10 87.38 2.31
N GLU G 317 -25.27 94.24 12.62
CA GLU G 317 -24.34 94.29 11.49
C GLU G 317 -24.86 93.46 10.30
N PRO G 318 -25.81 94.02 9.56
CA PRO G 318 -26.35 93.28 8.41
C PRO G 318 -25.34 93.06 7.30
N LYS G 319 -24.42 94.01 7.08
CA LYS G 319 -23.45 93.87 6.01
C LYS G 319 -22.35 92.87 6.37
N ASP G 320 -22.08 92.67 7.65
CA ASP G 320 -21.05 91.74 8.08
C ASP G 320 -21.59 90.33 8.30
N GLN G 321 -22.80 90.23 8.85
CA GLN G 321 -23.40 88.91 9.10
C GLN G 321 -23.64 88.16 7.80
N THR G 322 -23.89 88.88 6.70
CA THR G 322 -24.10 88.23 5.41
C THR G 322 -22.83 87.53 4.95
N LEU G 323 -21.73 88.27 4.85
CA LEU G 323 -20.47 87.67 4.43
C LEU G 323 -19.99 86.63 5.43
N LYS G 324 -20.32 86.79 6.72
CA LYS G 324 -20.00 85.77 7.70
C LYS G 324 -20.73 84.47 7.40
N MET G 325 -22.06 84.51 7.36
CA MET G 325 -22.84 83.30 7.13
C MET G 325 -22.55 82.68 5.77
N ILE G 326 -22.16 83.49 4.79
CA ILE G 326 -21.81 82.94 3.48
C ILE G 326 -20.44 82.25 3.54
N LYS G 327 -19.48 82.87 4.22
CA LYS G 327 -18.12 82.34 4.23
C LYS G 327 -17.89 81.21 5.23
N ILE G 328 -18.80 81.01 6.18
CA ILE G 328 -18.59 79.94 7.15
C ILE G 328 -18.97 78.58 6.57
N LEU G 329 -20.03 78.54 5.77
CA LEU G 329 -20.49 77.29 5.17
C LEU G 329 -19.91 77.07 3.77
N SER G 330 -18.97 77.90 3.33
CA SER G 330 -18.37 77.73 2.01
C SER G 330 -17.64 76.41 1.91
N GLY G 331 -16.61 76.22 2.72
CA GLY G 331 -15.84 74.99 2.73
C GLY G 331 -14.78 74.86 1.65
N GLU G 332 -14.74 75.77 0.68
CA GLU G 332 -13.74 75.71 -0.38
C GLU G 332 -12.39 76.30 0.05
N MET G 333 -12.35 77.07 1.14
CA MET G 333 -11.08 77.64 1.59
C MET G 333 -10.13 76.53 2.04
N ALA G 334 -10.65 75.48 2.65
CA ALA G 334 -9.82 74.34 3.03
C ALA G 334 -9.24 73.67 1.80
N ILE G 335 -10.03 73.54 0.73
CA ILE G 335 -9.51 72.97 -0.51
C ILE G 335 -8.46 73.89 -1.13
N GLU G 336 -8.61 75.21 -0.94
CA GLU G 336 -7.65 76.15 -1.50
C GLU G 336 -6.31 76.07 -0.76
N LEU G 337 -6.35 76.05 0.58
CA LEU G 337 -5.11 75.99 1.33
C LEU G 337 -4.44 74.62 1.22
N HIS G 338 -5.23 73.55 1.25
CA HIS G 338 -4.67 72.22 1.06
C HIS G 338 -4.08 72.06 -0.33
N LEU G 339 -4.76 72.59 -1.35
CA LEU G 339 -4.20 72.58 -2.69
C LEU G 339 -2.96 73.47 -2.78
N GLN G 340 -2.85 74.47 -1.90
CA GLN G 340 -1.74 75.39 -1.95
C GLN G 340 -0.48 74.79 -1.33
N PHE G 341 -0.52 74.46 -0.05
CA PHE G 341 0.66 73.88 0.57
C PHE G 341 0.94 72.49 0.01
N LEU G 342 -0.10 71.73 -0.29
CA LEU G 342 0.09 70.45 -0.95
C LEU G 342 0.52 70.60 -2.40
N ILE G 343 0.34 71.78 -3.00
CA ILE G 343 0.86 72.02 -4.34
C ILE G 343 2.29 72.54 -4.30
N ARG G 344 2.77 73.03 -3.15
CA ARG G 344 4.13 73.50 -3.02
C ARG G 344 4.97 72.68 -2.04
N ASN G 345 4.53 71.48 -1.69
CA ASN G 345 5.31 70.60 -0.82
C ASN G 345 5.66 69.27 -1.47
N ASN G 346 5.45 69.13 -2.78
CA ASN G 346 5.63 67.84 -3.42
C ASN G 346 7.12 67.51 -3.57
N ASN G 347 7.44 66.23 -3.41
CA ASN G 347 8.81 65.72 -3.57
C ASN G 347 8.73 64.36 -4.23
N THR G 348 9.24 64.26 -5.46
CA THR G 348 9.20 63.03 -6.23
C THR G 348 10.60 62.52 -6.49
N ASP G 349 10.72 61.20 -6.64
CA ASP G 349 11.99 60.54 -6.91
C ASP G 349 11.84 59.63 -8.11
N LEU G 350 12.88 59.59 -8.94
CA LEU G 350 12.86 58.78 -10.16
C LEU G 350 13.08 57.29 -9.90
N MET G 351 13.56 56.92 -8.71
CA MET G 351 13.83 55.51 -8.43
C MET G 351 12.55 54.71 -8.30
N ILE G 352 11.52 55.30 -7.68
CA ILE G 352 10.26 54.59 -7.47
C ILE G 352 9.54 54.39 -8.79
N LEU G 353 9.29 55.48 -9.52
CA LEU G 353 8.58 55.38 -10.79
C LEU G 353 9.38 54.60 -11.82
N LYS G 354 10.71 54.75 -11.81
CA LYS G 354 11.53 53.97 -12.72
C LYS G 354 11.48 52.49 -12.37
N ASN G 355 11.38 52.18 -11.07
CA ASN G 355 11.25 50.78 -10.65
C ASN G 355 9.90 50.22 -11.06
N THR G 356 8.84 51.04 -11.00
CA THR G 356 7.53 50.59 -11.46
C THR G 356 7.54 50.34 -12.96
N LYS G 357 8.17 51.22 -13.73
CA LYS G 357 8.28 50.99 -15.18
C LYS G 357 9.17 49.80 -15.49
N ASP G 358 10.10 49.47 -14.60
CA ASP G 358 10.95 48.29 -14.81
C ASP G 358 10.24 47.00 -14.44
N ALA G 359 9.29 47.06 -13.51
CA ALA G 359 8.57 45.88 -13.05
C ALA G 359 7.12 45.84 -13.51
N VAL G 360 6.76 46.66 -14.50
CA VAL G 360 5.38 46.71 -14.98
C VAL G 360 5.10 45.49 -15.87
N ARG G 361 3.90 44.94 -15.74
CA ARG G 361 3.44 43.86 -16.60
C ARG G 361 2.15 44.28 -17.30
N ASN G 362 1.92 43.69 -18.46
CA ASN G 362 0.78 44.05 -19.29
C ASN G 362 -0.51 43.32 -18.91
N SER G 363 -0.48 42.48 -17.87
CA SER G 363 -1.63 41.64 -17.54
C SER G 363 -2.30 42.04 -16.23
N VAL G 364 -1.56 42.08 -15.12
CA VAL G 364 -2.14 42.27 -13.80
C VAL G 364 -1.72 43.61 -13.19
N CYS G 365 -0.43 43.83 -13.01
CA CYS G 365 0.03 45.01 -12.27
C CYS G 365 -0.10 46.31 -13.06
N HIS G 366 -0.69 46.27 -14.25
CA HIS G 366 -0.92 47.51 -15.00
C HIS G 366 -1.81 48.47 -14.22
N THR G 367 -2.81 47.93 -13.52
CA THR G 367 -3.64 48.75 -12.65
C THR G 367 -2.90 49.16 -11.38
N ALA G 368 -1.96 48.34 -10.93
CA ALA G 368 -1.20 48.67 -9.73
C ALA G 368 -0.24 49.83 -9.99
N THR G 369 0.33 49.91 -11.19
CA THR G 369 1.22 51.02 -11.50
C THR G 369 0.47 52.34 -11.58
N VAL G 370 -0.71 52.34 -12.19
CA VAL G 370 -1.46 53.58 -12.32
C VAL G 370 -2.14 53.96 -11.01
N ILE G 371 -2.47 52.97 -10.16
CA ILE G 371 -3.06 53.31 -8.87
C ILE G 371 -1.97 53.77 -7.90
N ALA G 372 -0.75 53.27 -8.04
CA ALA G 372 0.36 53.78 -7.24
C ALA G 372 0.77 55.17 -7.71
N ASN G 373 0.75 55.40 -9.01
CA ASN G 373 1.01 56.74 -9.53
C ASN G 373 -0.08 57.72 -9.10
N SER G 374 -1.33 57.25 -9.03
CA SER G 374 -2.40 58.09 -8.51
C SER G 374 -2.25 58.34 -7.02
N PHE G 375 -1.71 57.37 -6.28
CA PHE G 375 -1.49 57.57 -4.85
C PHE G 375 -0.39 58.58 -4.60
N MET G 376 0.74 58.45 -5.30
CA MET G 376 1.86 59.36 -5.08
C MET G 376 1.58 60.75 -5.63
N HIS G 377 0.75 60.86 -6.65
CA HIS G 377 0.41 62.15 -7.27
C HIS G 377 -0.98 62.64 -6.88
N CYS G 378 -1.50 62.21 -5.73
CA CYS G 378 -2.81 62.64 -5.30
C CYS G 378 -2.77 64.09 -4.83
N GLY G 379 -3.74 64.89 -5.29
CA GLY G 379 -3.85 66.27 -4.85
C GLY G 379 -2.94 67.24 -5.57
N THR G 380 -1.79 66.77 -6.04
CA THR G 380 -0.83 67.65 -6.69
C THR G 380 -1.15 67.91 -8.15
N THR G 381 -2.10 67.19 -8.74
CA THR G 381 -2.54 67.39 -10.12
C THR G 381 -1.35 67.34 -11.10
N SER G 382 -0.41 66.44 -10.81
CA SER G 382 0.80 66.31 -11.63
C SER G 382 0.51 65.31 -12.74
N ASP G 383 -0.02 65.81 -13.85
CA ASP G 383 -0.28 65.00 -15.03
C ASP G 383 0.92 64.93 -15.97
N GLN G 384 1.98 65.70 -15.70
CA GLN G 384 3.16 65.67 -16.56
C GLN G 384 3.83 64.31 -16.56
N PHE G 385 3.65 63.54 -15.48
CA PHE G 385 4.18 62.18 -15.47
C PHE G 385 3.45 61.28 -16.46
N LEU G 386 2.15 61.50 -16.66
CA LEU G 386 1.37 60.77 -17.64
C LEU G 386 1.37 61.43 -19.01
N ARG G 387 1.99 62.60 -19.15
CA ARG G 387 2.12 63.26 -20.44
C ARG G 387 3.38 62.84 -21.19
N ASP G 388 4.13 61.88 -20.67
CA ASP G 388 5.36 61.46 -21.33
C ASP G 388 5.07 60.69 -22.61
N ASN G 389 4.12 59.77 -22.58
CA ASN G 389 3.77 58.99 -23.75
C ASN G 389 2.37 58.42 -23.57
N LEU G 390 1.70 58.17 -24.70
CA LEU G 390 0.35 57.62 -24.69
C LEU G 390 0.32 56.13 -24.99
N GLU G 391 1.45 55.54 -25.37
CA GLU G 391 1.52 54.11 -25.69
C GLU G 391 1.62 53.22 -24.45
N TRP G 392 1.69 53.81 -23.25
CA TRP G 392 1.80 53.06 -22.02
C TRP G 392 0.47 52.92 -21.28
N LEU G 393 -0.54 53.69 -21.67
CA LEU G 393 -1.85 53.65 -21.02
C LEU G 393 -2.93 53.04 -21.90
N ALA G 394 -3.09 53.53 -23.13
CA ALA G 394 -4.12 53.05 -24.04
C ALA G 394 -3.62 51.94 -24.96
N ARG G 395 -2.61 51.18 -24.53
CA ARG G 395 -2.08 50.11 -25.36
C ARG G 395 -2.98 48.89 -25.41
N ALA G 396 -3.92 48.76 -24.47
CA ALA G 396 -4.80 47.61 -24.42
C ALA G 396 -6.22 48.08 -24.12
N THR G 397 -7.19 47.61 -24.90
CA THR G 397 -8.60 47.96 -24.71
C THR G 397 -9.20 47.02 -23.67
N ASN G 398 -9.19 47.45 -22.42
CA ASN G 398 -9.70 46.65 -21.30
C ASN G 398 -9.98 47.61 -20.14
N TRP G 399 -10.22 47.03 -18.96
CA TRP G 399 -10.48 47.82 -17.77
C TRP G 399 -9.25 48.61 -17.30
N ALA G 400 -8.07 48.34 -17.86
CA ALA G 400 -6.88 49.08 -17.47
C ALA G 400 -7.01 50.56 -17.79
N LYS G 401 -7.69 50.91 -18.88
CA LYS G 401 -7.91 52.31 -19.20
C LYS G 401 -8.95 52.93 -18.27
N PHE G 402 -9.91 52.14 -17.79
CA PHE G 402 -10.86 52.64 -16.81
C PHE G 402 -10.18 52.92 -15.48
N THR G 403 -9.29 52.02 -15.04
CA THR G 403 -8.52 52.25 -13.83
C THR G 403 -7.49 53.37 -14.02
N ALA G 404 -7.05 53.61 -15.24
CA ALA G 404 -6.11 54.71 -15.50
C ALA G 404 -6.84 56.05 -15.47
N THR G 405 -8.04 56.12 -16.04
CA THR G 405 -8.80 57.37 -16.00
C THR G 405 -9.33 57.65 -14.60
N ALA G 406 -9.80 56.61 -13.90
CA ALA G 406 -10.21 56.78 -12.52
C ALA G 406 -9.03 57.15 -11.64
N SER G 407 -7.86 56.56 -11.90
CA SER G 407 -6.64 56.96 -11.21
C SER G 407 -6.31 58.42 -11.47
N LEU G 408 -6.53 58.87 -12.72
CA LEU G 408 -6.39 60.29 -13.01
C LEU G 408 -7.37 61.12 -12.20
N GLY G 409 -8.59 60.59 -11.98
CA GLY G 409 -9.52 61.26 -11.10
C GLY G 409 -9.05 61.29 -9.66
N VAL G 410 -8.22 60.33 -9.26
CA VAL G 410 -7.61 60.37 -7.93
C VAL G 410 -6.46 61.37 -7.90
N ILE G 411 -5.81 61.60 -9.04
CA ILE G 411 -4.69 62.54 -9.09
C ILE G 411 -5.17 63.96 -8.81
N HIS G 412 -6.06 64.47 -9.65
CA HIS G 412 -6.59 65.82 -9.51
C HIS G 412 -7.98 65.77 -8.90
N LYS G 413 -8.26 66.69 -7.99
CA LYS G 413 -9.54 66.73 -7.30
C LYS G 413 -9.81 68.15 -6.84
N GLY G 414 -11.08 68.55 -6.87
CA GLY G 414 -11.46 69.89 -6.47
C GLY G 414 -11.32 70.89 -7.58
N HIS G 415 -11.94 70.61 -8.73
CA HIS G 415 -11.87 71.50 -9.89
C HIS G 415 -13.27 71.60 -10.50
N GLU G 416 -13.76 72.83 -10.64
CA GLU G 416 -15.09 73.06 -11.21
C GLU G 416 -15.04 73.29 -12.71
N LYS G 417 -13.91 73.75 -13.25
CA LYS G 417 -13.78 74.02 -14.67
C LYS G 417 -12.71 73.15 -15.33
N GLU G 418 -11.54 73.02 -14.71
CA GLU G 418 -10.47 72.23 -15.29
C GLU G 418 -10.78 70.74 -15.31
N ALA G 419 -11.76 70.29 -14.52
CA ALA G 419 -12.14 68.89 -14.53
C ALA G 419 -12.92 68.53 -15.78
N LEU G 420 -14.08 69.15 -15.97
CA LEU G 420 -14.88 68.88 -17.16
C LEU G 420 -14.18 69.36 -18.42
N GLN G 421 -13.47 70.49 -18.35
CA GLN G 421 -12.72 70.97 -19.50
C GLN G 421 -11.55 70.05 -19.82
N LEU G 422 -10.88 69.53 -18.78
CA LEU G 422 -9.77 68.61 -19.01
C LEU G 422 -10.25 67.28 -19.58
N MET G 423 -11.43 66.82 -19.16
CA MET G 423 -11.97 65.59 -19.71
C MET G 423 -12.49 65.78 -21.13
N ALA G 424 -12.99 66.98 -21.45
CA ALA G 424 -13.52 67.24 -22.78
C ALA G 424 -12.43 67.59 -23.79
N THR G 425 -11.28 68.09 -23.34
CA THR G 425 -10.21 68.49 -24.24
C THR G 425 -9.44 67.30 -24.79
N TYR G 426 -9.67 66.09 -24.26
CA TYR G 426 -8.90 64.94 -24.72
C TYR G 426 -9.24 64.56 -26.16
N LEU G 427 -10.53 64.61 -26.52
CA LEU G 427 -10.94 64.31 -27.90
C LEU G 427 -12.20 65.12 -28.25
N PRO G 428 -12.06 66.46 -28.39
CA PRO G 428 -13.18 67.31 -28.80
C PRO G 428 -13.31 67.45 -30.31
N LYS G 429 -13.36 66.32 -31.01
CA LYS G 429 -13.41 66.31 -32.47
C LYS G 429 -14.73 65.77 -32.99
N ASP G 430 -15.12 64.56 -32.59
CA ASP G 430 -16.33 63.93 -33.08
C ASP G 430 -17.33 63.59 -31.97
N THR G 431 -16.93 63.67 -30.70
CA THR G 431 -17.78 63.32 -29.56
C THR G 431 -18.31 61.90 -29.70
N SER G 432 -17.39 60.97 -30.01
CA SER G 432 -17.74 59.57 -30.16
C SER G 432 -16.50 58.71 -29.95
N PRO G 433 -16.09 58.48 -28.69
CA PRO G 433 -14.89 57.67 -28.45
C PRO G 433 -15.15 56.20 -28.71
N GLY G 434 -14.18 55.54 -29.36
CA GLY G 434 -14.30 54.12 -29.61
C GLY G 434 -14.32 53.29 -28.35
N SER G 435 -13.64 53.76 -27.31
CA SER G 435 -13.60 53.09 -26.01
C SER G 435 -14.43 53.91 -25.02
N ALA G 436 -15.51 53.32 -24.52
CA ALA G 436 -16.39 54.00 -23.58
C ALA G 436 -15.79 54.10 -22.17
N TYR G 437 -14.65 53.44 -21.93
CA TYR G 437 -14.01 53.53 -20.62
C TYR G 437 -13.54 54.94 -20.31
N GLN G 438 -13.33 55.77 -21.33
CA GLN G 438 -12.98 57.16 -21.08
C GLN G 438 -14.18 57.94 -20.55
N GLU G 439 -15.37 57.65 -21.08
CA GLU G 439 -16.57 58.32 -20.59
C GLU G 439 -16.96 57.80 -19.21
N GLY G 440 -16.91 56.48 -19.02
CA GLY G 440 -17.20 55.92 -17.71
C GLY G 440 -16.22 56.39 -16.65
N GLY G 441 -14.93 56.44 -17.00
CA GLY G 441 -13.93 56.99 -16.10
C GLY G 441 -14.03 58.49 -15.93
N GLY G 442 -14.68 59.17 -16.87
CA GLY G 442 -14.92 60.59 -16.75
C GLY G 442 -16.06 60.90 -15.79
N LEU G 443 -17.08 60.04 -15.80
CA LEU G 443 -18.18 60.20 -14.87
C LEU G 443 -17.78 59.75 -13.46
N TYR G 444 -17.12 58.60 -13.36
CA TYR G 444 -16.64 58.14 -12.06
C TYR G 444 -15.58 59.09 -11.49
N ALA G 445 -14.66 59.55 -12.35
CA ALA G 445 -13.64 60.50 -11.91
C ALA G 445 -14.29 61.84 -11.53
N LEU G 446 -15.33 62.25 -12.25
CA LEU G 446 -16.04 63.47 -11.90
C LEU G 446 -16.71 63.33 -10.54
N GLY G 447 -17.28 62.15 -10.26
CA GLY G 447 -17.81 61.89 -8.93
C GLY G 447 -16.75 61.89 -7.87
N LEU G 448 -15.53 61.44 -8.21
CA LEU G 448 -14.43 61.53 -7.26
C LEU G 448 -14.01 62.98 -7.02
N ILE G 449 -14.15 63.84 -8.02
CA ILE G 449 -13.73 65.23 -7.88
C ILE G 449 -14.76 66.02 -7.08
N HIS G 450 -16.05 65.83 -7.37
CA HIS G 450 -17.11 66.59 -6.72
C HIS G 450 -17.69 65.86 -5.49
N ALA G 451 -16.88 65.07 -4.80
CA ALA G 451 -17.34 64.37 -3.61
C ALA G 451 -17.50 65.35 -2.46
N ASN G 452 -18.69 65.38 -1.86
CA ASN G 452 -18.99 66.18 -0.68
C ASN G 452 -18.83 67.68 -0.93
N HIS G 453 -18.95 68.12 -2.18
CA HIS G 453 -18.86 69.53 -2.51
C HIS G 453 -20.24 70.16 -2.57
N GLY G 454 -20.29 71.47 -2.36
CA GLY G 454 -21.54 72.20 -2.40
C GLY G 454 -21.88 72.68 -3.81
N GLY G 455 -20.91 72.64 -4.70
CA GLY G 455 -21.11 73.05 -6.08
C GLY G 455 -21.27 71.86 -7.01
N ASP G 456 -22.08 70.89 -6.59
CA ASP G 456 -22.26 69.67 -7.38
C ASP G 456 -22.88 69.97 -8.73
N ILE G 457 -22.54 69.15 -9.72
CA ILE G 457 -23.05 69.29 -11.08
C ILE G 457 -24.12 68.20 -11.28
N ILE G 458 -24.69 67.73 -10.17
CA ILE G 458 -25.65 66.63 -10.21
C ILE G 458 -26.79 66.94 -11.16
N ASP G 459 -27.23 68.20 -11.20
CA ASP G 459 -28.31 68.59 -12.12
C ASP G 459 -27.95 68.25 -13.57
N TYR G 460 -26.69 68.46 -13.95
CA TYR G 460 -26.25 68.04 -15.28
C TYR G 460 -25.99 66.54 -15.34
N LEU G 461 -25.67 65.91 -14.21
CA LEU G 461 -25.44 64.47 -14.19
C LEU G 461 -26.73 63.68 -14.39
N LEU G 462 -27.89 64.29 -14.13
CA LEU G 462 -29.15 63.62 -14.44
C LEU G 462 -29.46 63.66 -15.93
N ASN G 463 -29.24 64.82 -16.56
CA ASN G 463 -29.47 64.93 -18.00
C ASN G 463 -28.43 64.15 -18.79
N GLN G 464 -27.23 63.99 -18.25
CA GLN G 464 -26.20 63.19 -18.91
C GLN G 464 -26.39 61.70 -18.62
N LEU G 465 -26.90 61.36 -17.44
CA LEU G 465 -27.16 59.97 -17.10
C LEU G 465 -28.42 59.43 -17.77
N LYS G 466 -29.35 60.31 -18.15
CA LYS G 466 -30.56 59.88 -18.82
C LYS G 466 -30.29 59.23 -20.18
N ASN G 467 -29.16 59.57 -20.81
CA ASN G 467 -28.83 58.99 -22.10
C ASN G 467 -28.60 57.49 -21.97
N ALA G 468 -28.99 56.75 -23.01
CA ALA G 468 -28.84 55.31 -23.02
C ALA G 468 -27.45 54.94 -23.52
N SER G 469 -26.69 54.22 -22.69
CA SER G 469 -25.35 53.78 -23.03
C SER G 469 -25.12 52.39 -22.48
N ASN G 470 -23.99 51.79 -22.87
CA ASN G 470 -23.69 50.39 -22.58
C ASN G 470 -22.72 50.30 -21.40
N ASP G 471 -23.27 50.12 -20.21
CA ASP G 471 -22.55 49.69 -19.00
C ASP G 471 -21.47 50.67 -18.57
N ILE G 472 -21.48 51.91 -19.07
CA ILE G 472 -20.51 52.92 -18.65
C ILE G 472 -21.19 54.14 -18.04
N VAL G 473 -22.30 54.60 -18.62
CA VAL G 473 -23.08 55.64 -17.98
C VAL G 473 -23.83 55.07 -16.77
N ARG G 474 -24.26 53.81 -16.85
CA ARG G 474 -24.92 53.16 -15.73
C ARG G 474 -23.95 52.91 -14.59
N HIS G 475 -22.81 52.27 -14.89
CA HIS G 475 -21.85 51.94 -13.84
C HIS G 475 -21.10 53.18 -13.38
N GLY G 476 -20.36 53.82 -14.28
CA GLY G 476 -19.60 55.00 -13.90
C GLY G 476 -20.48 56.18 -13.53
N GLY G 477 -21.59 56.35 -14.25
CA GLY G 477 -22.53 57.41 -13.91
C GLY G 477 -23.27 57.14 -12.61
N SER G 478 -23.55 55.88 -12.31
CA SER G 478 -24.19 55.54 -11.05
C SER G 478 -23.24 55.74 -9.88
N LEU G 479 -21.98 55.32 -10.02
CA LEU G 479 -21.01 55.49 -8.95
C LEU G 479 -20.70 56.97 -8.73
N GLY G 480 -20.47 57.72 -9.81
CA GLY G 480 -20.19 59.13 -9.66
C GLY G 480 -21.38 59.91 -9.15
N LEU G 481 -22.58 59.58 -9.62
CA LEU G 481 -23.78 60.27 -9.15
C LEU G 481 -24.06 59.97 -7.69
N GLY G 482 -23.90 58.71 -7.28
CA GLY G 482 -24.13 58.35 -5.89
C GLY G 482 -23.08 58.92 -4.95
N LEU G 483 -21.82 58.98 -5.42
CA LEU G 483 -20.77 59.56 -4.60
C LEU G 483 -20.92 61.07 -4.47
N ALA G 484 -21.33 61.73 -5.55
CA ALA G 484 -21.55 63.17 -5.50
C ALA G 484 -22.79 63.53 -4.70
N ALA G 485 -23.80 62.66 -4.72
CA ALA G 485 -25.04 62.88 -3.98
C ALA G 485 -25.05 62.16 -2.63
N MET G 486 -23.87 61.86 -2.09
CA MET G 486 -23.79 61.16 -0.81
C MET G 486 -24.30 62.05 0.32
N GLY G 487 -25.24 61.53 1.11
CA GLY G 487 -25.80 62.26 2.22
C GLY G 487 -27.00 63.13 1.87
N THR G 488 -27.35 63.26 0.59
CA THR G 488 -28.48 64.09 0.21
C THR G 488 -29.81 63.42 0.53
N ALA G 489 -29.86 62.09 0.44
CA ALA G 489 -31.06 61.31 0.72
C ALA G 489 -32.23 61.75 -0.16
N ARG G 490 -31.92 62.11 -1.40
CA ARG G 490 -32.94 62.55 -2.35
C ARG G 490 -33.71 61.35 -2.90
N GLN G 491 -35.02 61.53 -3.07
CA GLN G 491 -35.85 60.46 -3.62
C GLN G 491 -35.67 60.31 -5.12
N ASP G 492 -35.11 61.32 -5.79
CA ASP G 492 -34.90 61.23 -7.24
C ASP G 492 -33.87 60.16 -7.58
N VAL G 493 -32.70 60.22 -6.94
CA VAL G 493 -31.68 59.21 -7.15
C VAL G 493 -32.14 57.85 -6.68
N TYR G 494 -33.08 57.81 -5.73
CA TYR G 494 -33.66 56.54 -5.32
C TYR G 494 -34.55 55.96 -6.42
N ASP G 495 -35.37 56.80 -7.05
CA ASP G 495 -36.25 56.32 -8.11
C ASP G 495 -35.46 55.91 -9.34
N LEU G 496 -34.61 56.80 -9.86
CA LEU G 496 -33.82 56.46 -11.04
C LEU G 496 -32.84 55.33 -10.74
N LEU G 497 -32.40 55.22 -9.48
CA LEU G 497 -31.53 54.10 -9.11
C LEU G 497 -32.30 52.78 -9.12
N LYS G 498 -33.54 52.80 -8.63
CA LYS G 498 -34.37 51.60 -8.68
C LYS G 498 -34.65 51.18 -10.12
N THR G 499 -35.08 52.13 -10.95
CA THR G 499 -35.31 51.80 -12.35
C THR G 499 -34.02 51.49 -13.10
N ASN G 500 -32.85 51.82 -12.52
CA ASN G 500 -31.59 51.40 -13.10
C ASN G 500 -31.19 50.00 -12.65
N LEU G 501 -31.64 49.56 -11.48
CA LEU G 501 -31.36 48.20 -11.02
C LEU G 501 -32.46 47.21 -11.41
N TYR G 502 -33.57 47.67 -11.98
CA TYR G 502 -34.66 46.79 -12.37
C TYR G 502 -34.36 45.99 -13.63
N GLN G 503 -33.18 46.15 -14.24
CA GLN G 503 -32.80 45.40 -15.42
C GLN G 503 -32.12 44.07 -15.09
N ASP G 504 -32.07 43.70 -13.81
CA ASP G 504 -31.52 42.44 -13.32
C ASP G 504 -30.04 42.27 -13.63
N ASP G 505 -29.35 43.32 -14.07
CA ASP G 505 -27.92 43.24 -14.33
C ASP G 505 -27.14 43.31 -13.02
N ALA G 506 -26.01 42.60 -12.99
CA ALA G 506 -25.21 42.52 -11.78
C ALA G 506 -24.25 43.68 -11.63
N VAL G 507 -23.77 44.24 -12.74
CA VAL G 507 -22.78 45.32 -12.66
C VAL G 507 -23.45 46.64 -12.29
N THR G 508 -24.49 47.04 -13.04
CA THR G 508 -25.22 48.25 -12.69
C THR G 508 -26.02 48.09 -11.41
N GLY G 509 -26.32 46.85 -11.00
CA GLY G 509 -26.93 46.62 -9.72
C GLY G 509 -25.94 46.68 -8.57
N GLU G 510 -24.68 46.31 -8.83
CA GLU G 510 -23.64 46.47 -7.82
C GLU G 510 -23.29 47.95 -7.64
N ALA G 511 -23.05 48.66 -8.74
CA ALA G 511 -22.77 50.08 -8.66
C ALA G 511 -23.99 50.84 -8.14
N ALA G 512 -25.19 50.41 -8.52
CA ALA G 512 -26.39 51.02 -7.96
C ALA G 512 -26.54 50.70 -6.48
N GLY G 513 -26.05 49.55 -6.04
CA GLY G 513 -26.07 49.25 -4.61
C GLY G 513 -25.11 50.11 -3.82
N LEU G 514 -23.89 50.30 -4.35
CA LEU G 514 -22.94 51.20 -3.70
C LEU G 514 -23.46 52.63 -3.67
N ALA G 515 -24.03 53.10 -4.78
CA ALA G 515 -24.54 54.46 -4.84
C ALA G 515 -25.74 54.64 -3.92
N LEU G 516 -26.60 53.62 -3.83
CA LEU G 516 -27.75 53.71 -2.93
C LEU G 516 -27.31 53.70 -1.48
N GLY G 517 -26.30 52.89 -1.14
CA GLY G 517 -25.77 52.90 0.20
C GLY G 517 -25.13 54.23 0.56
N LEU G 518 -24.49 54.87 -0.43
CA LEU G 518 -23.86 56.16 -0.17
C LEU G 518 -24.91 57.26 0.02
N VAL G 519 -25.90 57.32 -0.86
CA VAL G 519 -26.91 58.38 -0.78
C VAL G 519 -27.89 58.16 0.36
N MET G 520 -28.05 56.93 0.83
CA MET G 520 -28.98 56.65 1.92
C MET G 520 -28.32 56.74 3.29
N LEU G 521 -27.24 57.50 3.42
CA LEU G 521 -26.56 57.66 4.70
C LEU G 521 -27.45 58.43 5.66
N GLY G 522 -28.07 57.73 6.61
CA GLY G 522 -28.95 58.35 7.58
C GLY G 522 -30.40 58.46 7.17
N SER G 523 -30.74 58.04 5.95
CA SER G 523 -32.13 58.14 5.50
C SER G 523 -33.01 57.10 6.19
N LYS G 524 -32.62 55.83 6.11
CA LYS G 524 -33.34 54.72 6.73
C LYS G 524 -34.79 54.66 6.21
N ASN G 525 -34.91 54.40 4.91
CA ASN G 525 -36.22 54.28 4.29
C ASN G 525 -36.87 52.96 4.70
N ALA G 526 -38.21 53.00 4.82
CA ALA G 526 -38.93 51.83 5.28
C ALA G 526 -38.93 50.71 4.24
N GLN G 527 -39.42 51.01 3.04
CA GLN G 527 -39.57 49.99 2.00
C GLN G 527 -38.26 49.65 1.31
N ALA G 528 -37.17 50.40 1.57
CA ALA G 528 -35.93 50.15 0.87
C ALA G 528 -35.26 48.86 1.35
N ILE G 529 -35.19 48.66 2.67
CA ILE G 529 -34.55 47.47 3.22
C ILE G 529 -35.31 46.22 2.82
N GLU G 530 -36.65 46.23 2.99
CA GLU G 530 -37.45 45.08 2.63
C GLU G 530 -37.46 44.85 1.12
N ASP G 531 -37.34 45.93 0.34
CA ASP G 531 -37.31 45.76 -1.11
C ASP G 531 -35.98 45.18 -1.58
N MET G 532 -34.88 45.55 -0.91
CA MET G 532 -33.58 45.02 -1.29
C MET G 532 -33.41 43.57 -0.82
N VAL G 533 -33.79 43.28 0.42
CA VAL G 533 -33.72 41.90 0.91
C VAL G 533 -34.71 41.03 0.16
N GLY G 534 -35.82 41.60 -0.32
CA GLY G 534 -36.72 40.86 -1.17
C GLY G 534 -36.17 40.66 -2.57
N TYR G 535 -35.35 41.59 -3.04
CA TYR G 535 -34.70 41.48 -4.33
C TYR G 535 -33.45 40.61 -4.29
N ALA G 536 -32.97 40.24 -3.10
CA ALA G 536 -31.72 39.51 -2.98
C ALA G 536 -31.88 38.05 -3.37
N GLN G 537 -32.80 37.33 -2.72
CA GLN G 537 -32.94 35.90 -2.95
C GLN G 537 -33.63 35.55 -4.26
N GLU G 538 -34.21 36.52 -4.96
CA GLU G 538 -34.90 36.25 -6.21
C GLU G 538 -34.00 36.41 -7.43
N THR G 539 -32.68 36.36 -7.24
CA THR G 539 -31.74 36.45 -8.35
C THR G 539 -30.56 35.52 -8.08
N GLN G 540 -29.86 35.15 -9.14
CA GLN G 540 -28.78 34.18 -9.07
C GLN G 540 -27.39 34.81 -9.07
N HIS G 541 -27.24 36.02 -9.60
CA HIS G 541 -25.94 36.65 -9.67
C HIS G 541 -25.42 36.98 -8.27
N GLU G 542 -24.10 37.08 -8.14
CA GLU G 542 -23.46 37.39 -6.86
C GLU G 542 -23.05 38.85 -6.75
N LYS G 543 -22.75 39.52 -7.87
CA LYS G 543 -22.39 40.93 -7.81
C LYS G 543 -23.58 41.79 -7.36
N ILE G 544 -24.79 41.36 -7.68
CA ILE G 544 -25.97 42.07 -7.18
C ILE G 544 -26.15 41.84 -5.70
N LEU G 545 -25.78 40.66 -5.19
CA LEU G 545 -25.92 40.38 -3.77
C LEU G 545 -24.85 41.09 -2.95
N ARG G 546 -23.65 41.27 -3.51
CA ARG G 546 -22.64 42.06 -2.81
C ARG G 546 -22.90 43.56 -2.94
N GLY G 547 -23.46 43.99 -4.07
CA GLY G 547 -23.79 45.39 -4.23
C GLY G 547 -24.93 45.83 -3.31
N LEU G 548 -25.99 45.02 -3.25
CA LEU G 548 -27.05 45.27 -2.26
C LEU G 548 -26.59 44.94 -0.86
N ALA G 549 -25.56 44.10 -0.70
CA ALA G 549 -25.03 43.82 0.62
C ALA G 549 -24.34 45.04 1.21
N VAL G 550 -23.44 45.66 0.45
CA VAL G 550 -22.84 46.91 0.91
C VAL G 550 -23.87 48.02 0.92
N GLY G 551 -24.87 47.95 0.04
CA GLY G 551 -25.92 48.96 0.03
C GLY G 551 -26.71 48.98 1.33
N ILE G 552 -27.12 47.80 1.81
CA ILE G 552 -27.79 47.72 3.11
C ILE G 552 -26.80 47.74 4.26
N ALA G 553 -25.50 47.68 3.98
CA ALA G 553 -24.51 47.73 5.05
C ALA G 553 -24.15 49.16 5.43
N LEU G 554 -23.99 50.03 4.43
CA LEU G 554 -23.61 51.41 4.70
C LEU G 554 -24.79 52.24 5.19
N VAL G 555 -26.01 51.83 4.87
CA VAL G 555 -27.19 52.57 5.30
C VAL G 555 -27.39 52.49 6.80
N MET G 556 -26.82 51.48 7.46
CA MET G 556 -27.02 51.26 8.89
C MET G 556 -26.01 52.10 9.66
N TYR G 557 -26.47 53.23 10.19
CA TYR G 557 -25.62 54.12 10.98
C TYR G 557 -26.45 54.73 12.10
N GLY G 558 -25.98 54.57 13.34
CA GLY G 558 -26.69 55.07 14.49
C GLY G 558 -27.88 54.25 14.92
N ARG G 559 -28.02 53.03 14.42
CA ARG G 559 -29.14 52.14 14.73
C ARG G 559 -28.78 51.10 15.78
N MET G 560 -27.95 51.48 16.76
CA MET G 560 -27.54 50.57 17.82
C MET G 560 -28.75 49.92 18.50
N GLU G 561 -29.73 50.73 18.88
CA GLU G 561 -30.92 50.22 19.54
C GLU G 561 -31.98 49.73 18.55
N GLU G 562 -31.72 49.81 17.25
CA GLU G 562 -32.70 49.43 16.23
C GLU G 562 -32.32 48.19 15.45
N ALA G 563 -31.05 48.05 15.06
CA ALA G 563 -30.61 46.95 14.21
C ALA G 563 -30.40 45.64 14.97
N ASP G 564 -30.86 45.55 16.22
CA ASP G 564 -30.69 44.33 16.99
C ASP G 564 -31.50 43.19 16.38
N ALA G 565 -32.79 43.39 16.17
CA ALA G 565 -33.62 42.35 15.58
C ALA G 565 -33.34 42.18 14.09
N LEU G 566 -32.85 43.24 13.43
CA LEU G 566 -32.54 43.14 12.01
C LEU G 566 -31.31 42.28 11.78
N ILE G 567 -30.22 42.56 12.49
CA ILE G 567 -29.00 41.77 12.33
C ILE G 567 -29.16 40.39 12.95
N GLU G 568 -29.86 40.32 14.10
CA GLU G 568 -30.08 39.03 14.73
C GLU G 568 -30.99 38.13 13.90
N SER G 569 -31.97 38.72 13.21
CA SER G 569 -32.87 37.94 12.36
C SER G 569 -32.20 37.56 11.04
N LEU G 570 -31.49 38.50 10.42
CA LEU G 570 -30.83 38.25 9.14
C LEU G 570 -29.49 37.52 9.29
N CYS G 571 -29.07 37.21 10.52
CA CYS G 571 -27.80 36.54 10.71
C CYS G 571 -27.88 35.05 10.38
N ARG G 572 -29.04 34.44 10.54
CA ARG G 572 -29.23 33.02 10.26
C ARG G 572 -29.70 32.74 8.84
N ASP G 573 -29.43 33.66 7.91
CA ASP G 573 -29.87 33.47 6.53
C ASP G 573 -29.05 32.38 5.86
N LYS G 574 -29.65 31.72 4.86
CA LYS G 574 -29.00 30.65 4.15
C LYS G 574 -27.92 31.15 3.20
N ASP G 575 -27.97 32.42 2.81
CA ASP G 575 -27.01 32.95 1.84
C ASP G 575 -25.74 33.39 2.56
N PRO G 576 -24.57 32.84 2.20
CA PRO G 576 -23.32 33.32 2.83
C PRO G 576 -23.01 34.76 2.51
N ILE G 577 -23.42 35.25 1.33
CA ILE G 577 -23.18 36.65 0.98
C ILE G 577 -23.96 37.57 1.92
N LEU G 578 -25.23 37.26 2.15
CA LEU G 578 -26.02 38.04 3.10
C LEU G 578 -25.53 37.81 4.53
N ARG G 579 -24.98 36.63 4.82
CA ARG G 579 -24.37 36.41 6.13
C ARG G 579 -23.19 37.35 6.35
N ARG G 580 -22.40 37.59 5.30
CA ARG G 580 -21.37 38.61 5.38
C ARG G 580 -21.98 40.01 5.43
N SER G 581 -23.15 40.19 4.80
CA SER G 581 -23.81 41.49 4.82
C SER G 581 -24.32 41.85 6.20
N GLY G 582 -24.65 40.86 7.03
CA GLY G 582 -25.03 41.15 8.39
C GLY G 582 -23.86 41.64 9.24
N MET G 583 -22.68 41.06 9.01
CA MET G 583 -21.50 41.46 9.77
C MET G 583 -20.98 42.82 9.29
N TYR G 584 -20.92 43.03 7.97
CA TYR G 584 -20.54 44.34 7.46
C TYR G 584 -21.57 45.39 7.81
N THR G 585 -22.85 45.00 7.91
CA THR G 585 -23.89 45.95 8.29
C THR G 585 -23.78 46.33 9.77
N VAL G 586 -23.54 45.35 10.64
CA VAL G 586 -23.39 45.62 12.07
C VAL G 586 -22.03 46.23 12.39
N ALA G 587 -21.09 46.23 11.44
CA ALA G 587 -19.77 46.79 11.69
C ALA G 587 -19.86 48.29 11.98
N MET G 588 -20.37 49.06 11.02
CA MET G 588 -20.46 50.50 11.19
C MET G 588 -21.56 50.90 12.18
N ALA G 589 -22.49 50.00 12.48
CA ALA G 589 -23.57 50.32 13.41
C ALA G 589 -23.11 50.36 14.85
N TYR G 590 -22.11 49.54 15.21
CA TYR G 590 -21.62 49.46 16.58
C TYR G 590 -20.25 50.11 16.75
N CYS G 591 -19.98 51.16 16.00
CA CYS G 591 -18.72 51.88 16.13
C CYS G 591 -18.59 52.50 17.52
N GLY G 592 -17.37 52.54 18.01
CA GLY G 592 -17.09 53.09 19.33
C GLY G 592 -16.94 52.08 20.44
N SER G 593 -16.95 50.78 20.12
CA SER G 593 -16.83 49.71 21.12
C SER G 593 -17.92 49.80 22.17
N GLY G 594 -19.15 50.08 21.72
CA GLY G 594 -20.29 50.22 22.59
C GLY G 594 -21.10 48.97 22.81
N ASN G 595 -20.75 47.86 22.15
CA ASN G 595 -21.47 46.61 22.29
C ASN G 595 -20.49 45.45 22.31
N ASN G 596 -20.41 44.76 23.45
CA ASN G 596 -19.56 43.59 23.59
C ASN G 596 -20.31 42.28 23.35
N LYS G 597 -21.54 42.36 22.87
CA LYS G 597 -22.35 41.17 22.60
C LYS G 597 -22.23 40.71 21.15
N ALA G 598 -22.05 41.64 20.22
CA ALA G 598 -21.95 41.27 18.80
C ALA G 598 -20.70 40.45 18.52
N ILE G 599 -19.64 40.63 19.32
CA ILE G 599 -18.41 39.89 19.10
C ILE G 599 -18.61 38.40 19.37
N ARG G 600 -19.61 38.06 20.20
CA ARG G 600 -19.91 36.65 20.48
C ARG G 600 -20.27 35.91 19.20
N ARG G 601 -21.17 36.48 18.40
CA ARG G 601 -21.56 35.87 17.14
C ARG G 601 -20.59 36.20 16.01
N LEU G 602 -19.82 37.28 16.13
CA LEU G 602 -18.79 37.58 15.14
C LEU G 602 -17.70 36.52 15.16
N LEU G 603 -17.10 36.30 16.33
CA LEU G 603 -16.08 35.26 16.45
C LEU G 603 -16.70 33.87 16.44
N HIS G 604 -17.95 33.75 16.91
CA HIS G 604 -18.64 32.46 16.88
C HIS G 604 -18.88 31.99 15.45
N VAL G 605 -19.19 32.92 14.55
CA VAL G 605 -19.33 32.57 13.14
C VAL G 605 -17.98 32.59 12.43
N ALA G 606 -16.98 33.25 13.01
CA ALA G 606 -15.65 33.24 12.41
C ALA G 606 -14.93 31.91 12.65
N VAL G 607 -15.22 31.25 13.76
CA VAL G 607 -14.58 29.98 14.10
C VAL G 607 -15.51 28.80 13.85
N SER G 608 -16.80 28.97 14.15
CA SER G 608 -17.72 27.84 14.07
C SER G 608 -18.14 27.52 12.64
N ASP G 609 -18.40 28.55 11.83
CA ASP G 609 -18.86 28.31 10.46
C ASP G 609 -17.77 27.68 9.62
N VAL G 610 -18.19 26.83 8.67
CA VAL G 610 -17.24 26.13 7.81
C VAL G 610 -16.90 26.91 6.54
N ASN G 611 -17.76 27.82 6.10
CA ASN G 611 -17.49 28.60 4.90
C ASN G 611 -16.55 29.74 5.22
N ASP G 612 -15.49 29.87 4.43
CA ASP G 612 -14.46 30.86 4.69
C ASP G 612 -14.88 32.29 4.34
N ASP G 613 -16.05 32.47 3.73
CA ASP G 613 -16.49 33.81 3.35
C ASP G 613 -16.77 34.66 4.59
N VAL G 614 -17.62 34.18 5.49
CA VAL G 614 -17.86 34.92 6.73
C VAL G 614 -16.67 34.84 7.65
N ARG G 615 -15.77 33.87 7.44
CA ARG G 615 -14.59 33.74 8.30
C ARG G 615 -13.56 34.82 7.98
N ARG G 616 -13.30 35.09 6.70
CA ARG G 616 -12.38 36.16 6.33
C ARG G 616 -13.06 37.52 6.28
N ALA G 617 -14.38 37.56 6.15
CA ALA G 617 -15.13 38.80 6.15
C ALA G 617 -15.75 39.12 7.50
N ALA G 618 -15.43 38.35 8.53
CA ALA G 618 -16.01 38.55 9.86
C ALA G 618 -15.20 39.54 10.71
N VAL G 619 -13.88 39.39 10.72
CA VAL G 619 -13.05 40.18 11.62
C VAL G 619 -12.95 41.65 11.24
N GLU G 620 -13.39 42.02 10.04
CA GLU G 620 -13.43 43.43 9.67
C GLU G 620 -14.39 44.20 10.58
N SER G 621 -15.50 43.57 10.97
CA SER G 621 -16.38 44.18 11.96
C SER G 621 -15.70 44.26 13.32
N LEU G 622 -14.89 43.25 13.67
CA LEU G 622 -14.17 43.29 14.94
C LEU G 622 -13.20 44.46 14.99
N GLY G 623 -12.49 44.72 13.89
CA GLY G 623 -11.63 45.89 13.83
C GLY G 623 -12.40 47.19 13.77
N PHE G 624 -13.56 47.19 13.11
CA PHE G 624 -14.36 48.41 13.00
C PHE G 624 -14.99 48.79 14.33
N ILE G 625 -15.23 47.82 15.22
CA ILE G 625 -15.77 48.13 16.53
C ILE G 625 -14.65 48.32 17.57
N LEU G 626 -13.50 47.67 17.37
CA LEU G 626 -12.38 47.74 18.30
C LEU G 626 -11.25 48.61 17.77
N PHE G 627 -11.54 49.54 16.88
CA PHE G 627 -10.51 50.43 16.36
C PHE G 627 -10.05 51.47 17.39
N ARG G 628 -10.71 51.56 18.53
CA ARG G 628 -10.36 52.58 19.52
C ARG G 628 -9.02 52.26 20.18
N THR G 629 -8.87 51.03 20.69
CA THR G 629 -7.65 50.64 21.38
C THR G 629 -6.75 49.83 20.45
N PRO G 630 -5.59 50.35 20.06
CA PRO G 630 -4.70 49.58 19.18
C PRO G 630 -3.94 48.46 19.89
N GLU G 631 -3.80 48.54 21.21
CA GLU G 631 -3.01 47.54 21.93
C GLU G 631 -3.81 46.27 22.19
N GLN G 632 -5.12 46.39 22.42
CA GLN G 632 -5.94 45.23 22.74
C GLN G 632 -6.23 44.35 21.54
N CYS G 633 -5.94 44.81 20.32
CA CYS G 633 -6.25 44.04 19.12
C CYS G 633 -5.28 42.87 18.91
N PRO G 634 -3.95 43.08 18.93
CA PRO G 634 -3.05 41.93 18.70
C PRO G 634 -3.16 40.84 19.75
N SER G 635 -3.68 41.16 20.94
CA SER G 635 -3.82 40.12 21.97
C SER G 635 -4.91 39.13 21.61
N VAL G 636 -5.92 39.55 20.86
CA VAL G 636 -7.02 38.67 20.49
C VAL G 636 -6.96 38.22 19.03
N VAL G 637 -6.23 38.92 18.17
CA VAL G 637 -6.08 38.50 16.78
C VAL G 637 -4.73 37.85 16.52
N SER G 638 -3.83 37.86 17.50
CA SER G 638 -2.54 37.19 17.33
C SER G 638 -2.73 35.70 17.07
N LEU G 639 -3.76 35.09 17.66
CA LEU G 639 -4.10 33.72 17.32
C LEU G 639 -4.55 33.58 15.88
N LEU G 640 -5.21 34.61 15.35
CA LEU G 640 -5.68 34.60 13.97
C LEU G 640 -4.58 34.98 12.97
N SER G 641 -3.44 35.46 13.45
CA SER G 641 -2.32 35.74 12.55
C SER G 641 -1.88 34.47 11.83
N GLU G 642 -1.67 33.39 12.57
CA GLU G 642 -1.35 32.08 12.00
C GLU G 642 -2.50 31.14 12.36
N SER G 643 -3.55 31.16 11.54
CA SER G 643 -4.72 30.35 11.78
C SER G 643 -4.60 29.02 11.02
N TYR G 644 -5.69 28.25 10.97
CA TYR G 644 -5.69 26.98 10.27
C TYR G 644 -5.66 27.18 8.75
N ASN G 645 -6.67 27.88 8.22
CA ASN G 645 -6.76 28.17 6.80
C ASN G 645 -6.18 29.55 6.48
N PRO G 646 -5.68 29.75 5.26
CA PRO G 646 -5.12 31.07 4.91
C PRO G 646 -6.15 32.17 4.77
N HIS G 647 -7.45 31.83 4.73
CA HIS G 647 -8.47 32.87 4.59
C HIS G 647 -8.58 33.70 5.87
N VAL G 648 -8.60 33.04 7.03
CA VAL G 648 -8.62 33.76 8.30
C VAL G 648 -7.30 34.50 8.51
N ARG G 649 -6.21 34.00 7.93
CA ARG G 649 -4.94 34.71 8.00
C ARG G 649 -4.98 35.98 7.16
N TYR G 650 -5.66 35.93 6.00
CA TYR G 650 -5.75 37.10 5.14
C TYR G 650 -6.70 38.15 5.73
N GLY G 651 -7.90 37.72 6.12
CA GLY G 651 -8.83 38.66 6.74
C GLY G 651 -8.29 39.20 8.05
N ALA G 652 -7.58 38.37 8.81
CA ALA G 652 -6.93 38.85 10.02
C ALA G 652 -5.79 39.81 9.70
N ALA G 653 -5.11 39.61 8.57
CA ALA G 653 -4.11 40.57 8.13
C ALA G 653 -4.75 41.91 7.81
N MET G 654 -5.93 41.90 7.18
CA MET G 654 -6.67 43.14 7.00
C MET G 654 -7.09 43.74 8.33
N ALA G 655 -7.41 42.88 9.31
CA ALA G 655 -7.79 43.38 10.63
C ALA G 655 -6.63 44.11 11.30
N LEU G 656 -5.42 43.52 11.24
CA LEU G 656 -4.25 44.20 11.76
C LEU G 656 -3.91 45.43 10.94
N GLY G 657 -4.29 45.46 9.66
CA GLY G 657 -4.03 46.63 8.84
C GLY G 657 -4.93 47.79 9.18
N ILE G 658 -6.19 47.51 9.53
CA ILE G 658 -7.14 48.58 9.79
C ILE G 658 -7.18 48.98 11.27
N CYS G 659 -6.83 48.07 12.18
CA CYS G 659 -6.93 48.38 13.60
C CYS G 659 -5.77 49.21 14.10
N CYS G 660 -4.59 49.03 13.53
CA CYS G 660 -3.38 49.74 13.96
C CYS G 660 -2.96 50.82 12.97
N ALA G 661 -3.82 51.16 12.00
CA ALA G 661 -3.47 52.17 11.01
C ALA G 661 -3.35 53.54 11.66
N GLY G 662 -2.31 54.27 11.27
CA GLY G 662 -2.05 55.60 11.81
C GLY G 662 -1.44 55.63 13.19
N THR G 663 -1.23 54.47 13.82
CA THR G 663 -0.65 54.40 15.15
C THR G 663 0.82 53.98 15.05
N GLY G 664 1.45 53.75 16.20
CA GLY G 664 2.83 53.32 16.24
C GLY G 664 3.06 52.13 17.12
N ASN G 665 2.02 51.32 17.32
CA ASN G 665 2.12 50.15 18.19
C ASN G 665 2.96 49.07 17.50
N LYS G 666 3.95 48.55 18.23
CA LYS G 666 4.82 47.50 17.72
C LYS G 666 4.28 46.09 17.98
N GLU G 667 3.15 45.97 18.68
CA GLU G 667 2.59 44.65 18.98
C GLU G 667 2.19 43.89 17.73
N ALA G 668 1.95 44.59 16.62
CA ALA G 668 1.76 43.95 15.32
C ALA G 668 3.02 43.95 14.47
N ILE G 669 3.87 44.96 14.63
CA ILE G 669 5.10 45.05 13.84
C ILE G 669 6.02 43.88 14.15
N ASN G 670 6.15 43.53 15.44
CA ASN G 670 6.97 42.38 15.80
C ASN G 670 6.36 41.07 15.34
N LEU G 671 5.08 41.06 15.00
CA LEU G 671 4.40 39.88 14.47
C LEU G 671 4.27 39.88 12.96
N LEU G 672 4.74 40.95 12.29
CA LEU G 672 4.67 41.00 10.83
C LEU G 672 5.68 40.08 10.18
N GLU G 673 6.76 39.71 10.86
CA GLU G 673 7.80 38.87 10.30
C GLU G 673 7.30 37.45 10.02
N PRO G 674 6.58 36.79 10.95
CA PRO G 674 6.02 35.48 10.61
C PRO G 674 4.92 35.53 9.55
N MET G 675 4.36 36.70 9.28
CA MET G 675 3.29 36.81 8.31
C MET G 675 3.81 36.88 6.88
N THR G 676 5.01 37.40 6.68
CA THR G 676 5.54 37.65 5.34
C THR G 676 6.28 36.46 4.74
N ASN G 677 6.42 35.36 5.47
CA ASN G 677 7.12 34.17 4.99
C ASN G 677 6.19 32.97 5.10
N ASP G 678 5.59 32.58 3.96
CA ASP G 678 4.66 31.45 3.89
C ASP G 678 4.41 31.09 2.44
N PRO G 679 4.29 29.80 2.12
CA PRO G 679 4.06 29.41 0.71
C PRO G 679 2.76 29.95 0.12
N VAL G 680 1.82 30.40 0.94
CA VAL G 680 0.55 30.92 0.46
C VAL G 680 0.70 32.41 0.19
N ASN G 681 0.22 32.84 -0.98
CA ASN G 681 0.33 34.24 -1.37
C ASN G 681 -0.70 35.14 -0.70
N TYR G 682 -1.75 34.56 -0.11
CA TYR G 682 -2.77 35.36 0.56
C TYR G 682 -2.19 36.08 1.77
N VAL G 683 -1.59 35.32 2.70
CA VAL G 683 -1.00 35.92 3.90
C VAL G 683 0.18 36.81 3.55
N ARG G 684 0.84 36.57 2.41
CA ARG G 684 1.92 37.46 2.00
C ARG G 684 1.39 38.79 1.50
N GLN G 685 0.32 38.76 0.69
CA GLN G 685 -0.29 40.00 0.22
C GLN G 685 -0.88 40.80 1.38
N GLY G 686 -1.71 40.15 2.19
CA GLY G 686 -2.27 40.83 3.35
C GLY G 686 -1.22 41.25 4.35
N ALA G 687 -0.08 40.56 4.38
CA ALA G 687 1.01 40.97 5.25
C ALA G 687 1.71 42.21 4.73
N LEU G 688 1.87 42.30 3.40
CA LEU G 688 2.47 43.50 2.81
C LEU G 688 1.54 44.70 2.91
N ILE G 689 0.23 44.48 2.81
CA ILE G 689 -0.72 45.57 2.97
C ILE G 689 -0.78 46.01 4.43
N ALA G 690 -0.82 45.04 5.36
CA ALA G 690 -0.87 45.39 6.77
C ALA G 690 0.40 46.11 7.22
N SER G 691 1.55 45.69 6.68
CA SER G 691 2.80 46.39 7.00
C SER G 691 2.86 47.75 6.32
N ALA G 692 2.25 47.87 5.13
CA ALA G 692 2.22 49.15 4.43
C ALA G 692 1.30 50.15 5.11
N LEU G 693 0.29 49.67 5.85
CA LEU G 693 -0.60 50.57 6.57
C LEU G 693 -0.04 51.00 7.92
N ILE G 694 1.05 50.38 8.39
CA ILE G 694 1.67 50.76 9.64
C ILE G 694 2.99 51.50 9.42
N MET G 695 3.73 51.20 8.35
CA MET G 695 5.00 51.88 8.12
C MET G 695 4.82 53.34 7.72
N ILE G 696 3.62 53.75 7.34
CA ILE G 696 3.40 55.14 6.94
C ILE G 696 3.44 56.05 8.16
N GLN G 697 3.98 57.25 7.97
CA GLN G 697 4.08 58.27 9.02
C GLN G 697 4.85 57.72 10.23
N GLN G 698 6.12 57.38 9.99
CA GLN G 698 6.98 56.85 11.04
C GLN G 698 8.43 57.13 10.66
N THR G 699 9.22 57.52 11.66
CA THR G 699 10.64 57.78 11.48
C THR G 699 11.46 56.56 11.84
N GLU G 700 12.65 56.46 11.23
CA GLU G 700 13.49 55.28 11.44
C GLU G 700 14.22 55.32 12.76
N ILE G 701 14.53 56.51 13.28
CA ILE G 701 15.30 56.60 14.52
C ILE G 701 14.48 56.13 15.72
N THR G 702 13.16 56.10 15.62
CA THR G 702 12.34 55.65 16.73
C THR G 702 12.26 54.13 16.80
N CYS G 703 12.05 53.46 15.67
CA CYS G 703 11.92 52.02 15.62
C CYS G 703 12.70 51.46 14.45
N PRO G 704 13.36 50.31 14.62
CA PRO G 704 14.16 49.71 13.53
C PRO G 704 13.32 49.03 12.46
N LYS G 705 12.84 49.84 11.51
CA LYS G 705 12.02 49.36 10.41
C LYS G 705 12.84 48.83 9.24
N VAL G 706 14.16 48.69 9.42
CA VAL G 706 15.02 48.20 8.34
C VAL G 706 14.59 46.81 7.87
N ASN G 707 14.06 46.00 8.79
CA ASN G 707 13.66 44.64 8.43
C ASN G 707 12.55 44.66 7.38
N GLN G 708 11.45 45.35 7.69
CA GLN G 708 10.32 45.35 6.76
C GLN G 708 10.57 46.25 5.56
N PHE G 709 11.43 47.26 5.69
CA PHE G 709 11.80 48.06 4.52
C PHE G 709 12.63 47.24 3.54
N ARG G 710 13.57 46.43 4.04
CA ARG G 710 14.39 45.63 3.15
C ARG G 710 13.60 44.46 2.57
N GLN G 711 12.85 43.74 3.42
CA GLN G 711 12.08 42.61 2.91
C GLN G 711 10.92 43.05 2.04
N LEU G 712 10.44 44.29 2.20
CA LEU G 712 9.39 44.81 1.33
C LEU G 712 9.96 45.39 0.05
N TYR G 713 11.17 45.96 0.10
CA TYR G 713 11.82 46.45 -1.11
C TYR G 713 12.39 45.32 -1.96
N SER G 714 12.65 44.15 -1.36
CA SER G 714 13.14 43.01 -2.12
C SER G 714 12.05 42.27 -2.87
N LYS G 715 10.79 42.68 -2.72
CA LYS G 715 9.69 42.00 -3.41
C LYS G 715 9.61 42.39 -4.88
N VAL G 716 9.96 43.64 -5.21
CA VAL G 716 9.90 44.08 -6.60
C VAL G 716 11.10 43.60 -7.41
N ILE G 717 12.18 43.18 -6.74
CA ILE G 717 13.34 42.63 -7.44
C ILE G 717 13.26 41.11 -7.39
N ASN G 718 12.53 40.59 -6.40
CA ASN G 718 12.29 39.16 -6.28
C ASN G 718 10.96 38.74 -6.91
N ASP G 719 10.31 39.63 -7.66
CA ASP G 719 9.03 39.31 -8.27
C ASP G 719 9.16 38.27 -9.38
N LYS G 720 10.36 38.04 -9.90
CA LYS G 720 10.54 37.04 -10.95
C LYS G 720 10.30 35.63 -10.42
N HIS G 721 10.63 35.38 -9.15
CA HIS G 721 10.46 34.07 -8.54
C HIS G 721 9.21 33.97 -7.68
N ASP G 722 8.35 34.99 -7.71
CA ASP G 722 7.13 35.03 -6.92
C ASP G 722 5.92 34.86 -7.82
N ASP G 723 4.74 34.87 -7.21
CA ASP G 723 3.49 34.71 -7.95
C ASP G 723 3.17 35.99 -8.73
N VAL G 724 2.16 35.89 -9.60
CA VAL G 724 1.76 37.04 -10.40
C VAL G 724 1.03 38.07 -9.56
N MET G 725 0.25 37.62 -8.57
CA MET G 725 -0.46 38.52 -7.69
C MET G 725 0.38 38.99 -6.51
N ALA G 726 1.44 38.26 -6.16
CA ALA G 726 2.30 38.67 -5.07
C ALA G 726 3.01 39.98 -5.39
N LYS G 727 3.44 40.15 -6.65
CA LYS G 727 4.03 41.42 -7.06
C LYS G 727 2.96 42.50 -7.20
N PHE G 728 1.72 42.12 -7.51
CA PHE G 728 0.63 43.07 -7.57
C PHE G 728 0.38 43.70 -6.20
N GLY G 729 0.18 42.87 -5.19
CA GLY G 729 0.06 43.37 -3.84
C GLY G 729 1.34 43.94 -3.27
N ALA G 730 2.49 43.57 -3.86
CA ALA G 730 3.77 44.10 -3.41
C ALA G 730 3.93 45.56 -3.83
N ILE G 731 3.82 45.83 -5.13
CA ILE G 731 3.94 47.22 -5.59
C ILE G 731 2.72 48.02 -5.15
N LEU G 732 1.55 47.38 -5.02
CA LEU G 732 0.39 48.07 -4.49
C LEU G 732 0.60 48.46 -3.04
N ALA G 733 1.32 47.64 -2.27
CA ALA G 733 1.68 48.01 -0.91
C ALA G 733 2.76 49.08 -0.89
N GLN G 734 3.66 49.06 -1.87
CA GLN G 734 4.70 50.10 -1.93
C GLN G 734 4.12 51.45 -2.33
N GLY G 735 2.99 51.46 -3.02
CA GLY G 735 2.35 52.72 -3.38
C GLY G 735 1.68 53.42 -2.21
N ILE G 736 1.55 52.75 -1.07
CA ILE G 736 0.90 53.37 0.10
C ILE G 736 1.86 54.31 0.81
N LEU G 737 3.12 53.90 0.97
CA LEU G 737 4.09 54.75 1.68
C LEU G 737 4.43 55.98 0.87
N ASP G 738 4.58 55.85 -0.44
CA ASP G 738 4.91 56.97 -1.31
C ASP G 738 3.69 57.80 -1.69
N ALA G 739 2.53 57.53 -1.10
CA ALA G 739 1.31 58.26 -1.44
C ALA G 739 1.42 59.70 -0.98
N GLY G 740 1.30 60.63 -1.93
CA GLY G 740 1.34 62.05 -1.62
C GLY G 740 2.70 62.58 -1.23
N GLY G 741 3.76 61.80 -1.38
CA GLY G 741 5.09 62.26 -1.03
C GLY G 741 5.28 62.48 0.46
N HIS G 742 4.77 61.58 1.29
CA HIS G 742 4.86 61.61 2.75
C HIS G 742 4.10 62.79 3.37
N ASN G 743 3.38 63.58 2.56
CA ASN G 743 2.66 64.73 3.10
C ASN G 743 1.31 64.33 3.67
N VAL G 744 0.49 63.65 2.89
CA VAL G 744 -0.85 63.25 3.31
C VAL G 744 -0.77 61.89 3.98
N THR G 745 -1.63 61.69 4.98
CA THR G 745 -1.72 60.43 5.71
C THR G 745 -3.19 60.07 5.85
N ILE G 746 -3.47 59.05 6.66
CA ILE G 746 -4.83 58.60 6.92
C ILE G 746 -5.08 58.60 8.42
N SER G 747 -6.36 58.71 8.78
CA SER G 747 -6.77 58.72 10.17
C SER G 747 -8.17 58.14 10.30
N LEU G 748 -8.37 57.31 11.31
CA LEU G 748 -9.67 56.69 11.54
C LEU G 748 -10.59 57.53 12.41
N GLN G 749 -10.06 58.52 13.12
CA GLN G 749 -10.86 59.38 13.98
C GLN G 749 -10.37 60.81 13.85
N SER G 750 -11.17 61.74 14.36
CA SER G 750 -10.84 63.15 14.34
C SER G 750 -9.99 63.51 15.56
N ARG G 751 -9.74 64.80 15.76
CA ARG G 751 -8.93 65.22 16.90
C ARG G 751 -9.70 65.12 18.20
N THR G 752 -11.01 65.37 18.16
CA THR G 752 -11.85 65.31 19.35
C THR G 752 -12.25 63.88 19.71
N GLY G 753 -11.82 62.88 18.96
CA GLY G 753 -12.13 61.50 19.23
C GLY G 753 -13.22 60.91 18.35
N HIS G 754 -14.02 61.74 17.69
CA HIS G 754 -15.06 61.26 16.82
C HIS G 754 -14.46 60.68 15.54
N THR G 755 -15.12 59.67 14.99
CA THR G 755 -14.62 58.98 13.80
C THR G 755 -15.21 59.61 12.53
N HIS G 756 -14.42 59.58 11.48
CA HIS G 756 -14.82 60.13 10.19
C HIS G 756 -15.57 59.07 9.39
N MET G 757 -16.73 59.46 8.85
CA MET G 757 -17.50 58.52 8.03
C MET G 757 -16.82 58.22 6.70
N PRO G 758 -16.40 59.21 5.89
CA PRO G 758 -15.73 58.86 4.63
C PRO G 758 -14.39 58.18 4.81
N SER G 759 -13.79 58.26 6.00
CA SER G 759 -12.55 57.52 6.25
C SER G 759 -12.84 56.04 6.45
N VAL G 760 -13.86 55.71 7.26
CA VAL G 760 -14.23 54.32 7.45
C VAL G 760 -14.77 53.73 6.15
N VAL G 761 -15.62 54.48 5.44
CA VAL G 761 -16.11 54.01 4.15
C VAL G 761 -14.96 53.81 3.18
N GLY G 762 -14.04 54.77 3.12
CA GLY G 762 -12.92 54.66 2.21
C GLY G 762 -11.99 53.52 2.53
N VAL G 763 -11.81 53.20 3.82
CA VAL G 763 -10.91 52.11 4.16
C VAL G 763 -11.60 50.75 3.98
N LEU G 764 -12.91 50.67 4.22
CA LEU G 764 -13.59 49.39 4.01
C LEU G 764 -13.73 49.09 2.52
N VAL G 765 -14.10 50.09 1.71
CA VAL G 765 -14.12 49.89 0.27
C VAL G 765 -12.71 49.65 -0.25
N PHE G 766 -11.71 50.27 0.39
CA PHE G 766 -10.33 49.99 0.03
C PHE G 766 -9.97 48.54 0.30
N THR G 767 -10.52 47.96 1.37
CA THR G 767 -10.32 46.54 1.64
C THR G 767 -11.22 45.64 0.80
N GLN G 768 -12.23 46.21 0.12
CA GLN G 768 -13.11 45.44 -0.75
C GLN G 768 -12.53 45.24 -2.15
N PHE G 769 -11.22 45.41 -2.32
CA PHE G 769 -10.59 45.20 -3.62
C PHE G 769 -10.45 43.73 -3.99
N TRP G 770 -10.79 42.82 -3.08
CA TRP G 770 -10.64 41.40 -3.37
C TRP G 770 -11.61 40.96 -4.46
N PHE G 771 -12.87 41.37 -4.35
CA PHE G 771 -13.86 40.99 -5.36
C PHE G 771 -13.74 41.85 -6.61
N TRP G 772 -13.59 43.15 -6.44
CA TRP G 772 -13.47 44.09 -7.55
C TRP G 772 -12.30 45.03 -7.27
N PHE G 773 -11.22 44.88 -8.02
CA PHE G 773 -10.03 45.69 -7.79
C PHE G 773 -10.23 47.19 -8.05
N PRO G 774 -10.92 47.62 -9.11
CA PRO G 774 -11.10 49.07 -9.31
C PRO G 774 -11.84 49.79 -8.20
N LEU G 775 -12.38 49.07 -7.20
CA LEU G 775 -13.04 49.72 -6.07
C LEU G 775 -12.05 50.40 -5.13
N SER G 776 -10.75 50.16 -5.28
CA SER G 776 -9.76 50.75 -4.40
C SER G 776 -9.58 52.25 -4.63
N HIS G 777 -10.23 52.83 -5.64
CA HIS G 777 -10.09 54.25 -5.93
C HIS G 777 -10.68 55.14 -4.84
N PHE G 778 -11.51 54.60 -3.94
CA PHE G 778 -12.10 55.38 -2.87
C PHE G 778 -11.15 55.61 -1.70
N LEU G 779 -9.88 55.23 -1.84
CA LEU G 779 -8.93 55.47 -0.75
C LEU G 779 -8.63 56.95 -0.58
N SER G 780 -8.77 57.74 -1.65
CA SER G 780 -8.51 59.17 -1.56
C SER G 780 -9.50 59.90 -0.66
N LEU G 781 -10.66 59.30 -0.39
CA LEU G 781 -11.64 59.90 0.51
C LEU G 781 -11.21 59.83 1.97
N ALA G 782 -10.22 59.01 2.30
CA ALA G 782 -9.74 58.86 3.66
C ALA G 782 -8.40 59.57 3.89
N TYR G 783 -7.90 60.30 2.91
CA TYR G 783 -6.64 61.02 3.06
C TYR G 783 -6.87 62.27 3.90
N THR G 784 -6.33 62.27 5.12
CA THR G 784 -6.46 63.40 6.04
C THR G 784 -5.07 64.00 6.29
N PRO G 785 -4.74 65.12 5.66
CA PRO G 785 -3.42 65.73 5.88
C PRO G 785 -3.28 66.23 7.31
N THR G 786 -2.16 65.87 7.94
CA THR G 786 -1.87 66.26 9.32
C THR G 786 -0.95 67.49 9.29
N CYS G 787 -1.49 68.63 9.70
CA CYS G 787 -0.74 69.89 9.73
C CYS G 787 -1.47 70.86 10.64
N VAL G 788 -1.01 72.10 10.65
CA VAL G 788 -1.62 73.16 11.45
C VAL G 788 -2.08 74.26 10.52
N ILE G 789 -3.02 75.07 11.01
CA ILE G 789 -3.59 76.18 10.25
C ILE G 789 -3.64 77.40 11.16
N GLY G 790 -3.01 78.49 10.72
CA GLY G 790 -3.03 79.73 11.47
C GLY G 790 -3.61 80.88 10.66
N LEU G 791 -4.55 80.57 9.78
CA LEU G 791 -5.15 81.58 8.91
C LEU G 791 -6.03 82.51 9.73
N ASN G 792 -5.66 83.80 9.78
CA ASN G 792 -6.43 84.77 10.54
C ASN G 792 -7.61 85.31 9.74
N LYS G 793 -7.35 85.79 8.53
CA LYS G 793 -8.38 86.35 7.67
C LYS G 793 -8.54 85.50 6.41
N ASP G 794 -9.74 85.53 5.84
CA ASP G 794 -10.02 84.71 4.66
C ASP G 794 -9.15 85.12 3.47
N LEU G 795 -8.81 86.39 3.35
CA LEU G 795 -8.00 86.88 2.23
C LEU G 795 -6.60 87.28 2.62
N LYS G 796 -6.26 87.28 3.91
CA LYS G 796 -4.92 87.61 4.39
C LYS G 796 -4.28 86.37 4.98
N MET G 797 -3.07 86.05 4.51
CA MET G 797 -2.34 84.89 5.01
C MET G 797 -1.16 85.34 5.85
N PRO G 798 -1.14 85.03 7.15
CA PRO G 798 0.00 85.41 7.99
C PRO G 798 1.12 84.39 7.96
N LYS G 799 2.17 84.62 8.74
CA LYS G 799 3.30 83.69 8.86
C LYS G 799 3.50 83.37 10.33
N VAL G 800 3.38 82.09 10.67
CA VAL G 800 3.55 81.61 12.05
C VAL G 800 4.73 80.65 12.06
N GLN G 801 5.73 80.95 12.89
CA GLN G 801 6.93 80.14 13.02
C GLN G 801 7.15 79.81 14.49
N TYR G 802 6.92 78.56 14.86
CA TYR G 802 7.13 78.09 16.22
C TYR G 802 8.44 77.31 16.29
N LYS G 803 8.72 76.73 17.46
CA LYS G 803 9.91 75.94 17.67
C LYS G 803 9.56 74.64 18.37
N SER G 804 10.32 73.59 18.07
CA SER G 804 10.12 72.27 18.64
C SER G 804 11.27 71.94 19.58
N ASN G 805 10.93 71.20 20.65
CA ASN G 805 11.92 70.79 21.64
C ASN G 805 12.66 69.52 21.25
N CYS G 806 12.48 69.03 20.02
CA CYS G 806 13.14 67.83 19.55
C CYS G 806 14.21 68.20 18.52
N LYS G 807 14.90 67.17 18.03
CA LYS G 807 15.97 67.38 17.05
C LYS G 807 15.38 67.54 15.66
N PRO G 808 15.85 68.51 14.87
CA PRO G 808 15.30 68.67 13.51
C PRO G 808 15.75 67.59 12.55
N SER G 809 16.91 66.97 12.79
CA SER G 809 17.39 65.92 11.89
C SER G 809 16.60 64.64 12.04
N THR G 810 16.02 64.40 13.21
CA THR G 810 15.25 63.18 13.43
C THR G 810 13.88 63.24 12.77
N PHE G 811 13.39 64.44 12.44
CA PHE G 811 12.09 64.61 11.81
C PHE G 811 12.20 64.95 10.32
N ALA G 812 13.36 64.74 9.72
CA ALA G 812 13.55 65.06 8.31
C ALA G 812 12.90 63.99 7.43
N TYR G 813 13.08 64.12 6.12
CA TYR G 813 12.49 63.18 5.18
C TYR G 813 13.50 62.11 4.79
N PRO G 814 13.07 60.85 4.74
CA PRO G 814 13.99 59.77 4.33
C PRO G 814 14.26 59.79 2.83
N ALA G 815 15.16 60.66 2.39
CA ALA G 815 15.47 60.79 0.98
C ALA G 815 16.10 59.50 0.45
N PRO G 816 15.52 58.87 -0.57
CA PRO G 816 16.10 57.62 -1.10
C PRO G 816 17.38 57.87 -1.89
N LEU G 817 17.92 56.80 -2.48
CA LEU G 817 19.13 56.93 -3.28
C LEU G 817 18.85 57.72 -4.55
N GLU G 818 19.92 58.34 -5.08
CA GLU G 818 19.78 59.15 -6.29
C GLU G 818 19.36 58.30 -7.47
N VAL G 819 20.18 57.32 -7.85
CA VAL G 819 19.94 56.43 -8.99
C VAL G 819 19.67 57.26 -10.23
N PRO G 820 20.70 57.90 -10.82
CA PRO G 820 20.51 58.74 -12.02
C PRO G 820 20.17 57.92 -13.26
N SER G 834 21.13 69.76 19.76
CA SER G 834 20.12 68.74 20.09
C SER G 834 18.72 69.35 20.10
N ILE G 835 18.60 70.56 19.56
CA ILE G 835 17.31 71.26 19.52
C ILE G 835 17.38 72.27 18.37
N THR G 836 16.25 72.46 17.71
CA THR G 836 16.15 73.40 16.60
C THR G 836 15.75 74.78 17.10
N ALA G 837 16.16 75.80 16.33
CA ALA G 837 15.82 77.17 16.70
C ALA G 837 14.37 77.48 16.36
N LYS G 838 13.88 76.99 15.23
CA LYS G 838 12.50 77.22 14.82
C LYS G 838 12.07 76.09 13.88
N ALA G 839 10.77 75.91 13.79
CA ALA G 839 10.21 74.88 12.92
C ALA G 839 10.30 75.31 11.45
N LYS G 840 10.02 74.34 10.57
CA LYS G 840 10.07 74.59 9.14
C LYS G 840 8.75 75.06 8.57
N LYS G 841 7.68 75.09 9.37
CA LYS G 841 6.38 75.55 8.90
C LYS G 841 6.39 77.07 8.78
N LYS G 842 6.22 77.56 7.56
CA LYS G 842 6.21 78.99 7.28
C LYS G 842 5.06 79.32 6.33
N GLU G 843 4.77 80.61 6.23
CA GLU G 843 3.72 81.13 5.35
C GLU G 843 2.38 80.42 5.61
N LYS G 844 1.90 80.58 6.84
CA LYS G 844 0.63 79.98 7.25
C LYS G 844 0.06 80.70 8.47
N ASN G 880 3.29 76.92 4.32
CA ASN G 880 3.30 75.53 3.87
C ASN G 880 3.68 74.56 4.98
N PRO G 881 2.70 74.22 5.84
CA PRO G 881 2.98 73.29 6.94
C PRO G 881 3.23 71.89 6.41
N ALA G 882 4.36 71.30 6.84
CA ALA G 882 4.73 69.96 6.41
C ALA G 882 4.02 68.92 7.28
N ARG G 883 4.42 67.66 7.15
CA ARG G 883 3.82 66.61 7.94
C ARG G 883 4.17 66.77 9.41
N VAL G 884 3.30 66.25 10.27
CA VAL G 884 3.50 66.32 11.72
C VAL G 884 2.94 65.04 12.34
N MET G 885 3.72 64.43 13.22
CA MET G 885 3.30 63.23 13.93
C MET G 885 2.39 63.61 15.09
N PRO G 886 1.32 62.83 15.34
CA PRO G 886 0.46 63.13 16.50
C PRO G 886 1.20 63.16 17.82
N ALA G 887 2.31 62.42 17.93
CA ALA G 887 3.12 62.47 19.15
C ALA G 887 3.94 63.74 19.26
N GLN G 888 4.14 64.46 18.15
CA GLN G 888 4.89 65.71 18.16
C GLN G 888 4.08 66.89 18.67
N LEU G 889 2.78 66.70 18.93
CA LEU G 889 1.93 67.80 19.37
C LEU G 889 2.16 68.19 20.82
N LYS G 890 2.93 67.40 21.57
CA LYS G 890 3.21 67.70 22.98
C LYS G 890 4.57 68.37 23.18
N VAL G 891 5.42 68.42 22.15
CA VAL G 891 6.74 69.02 22.28
C VAL G 891 6.83 70.39 21.63
N LEU G 892 5.72 70.90 21.09
CA LEU G 892 5.74 72.22 20.46
C LEU G 892 5.67 73.31 21.52
N THR G 893 6.41 74.40 21.27
CA THR G 893 6.46 75.53 22.19
C THR G 893 6.41 76.81 21.38
N MET G 894 5.36 77.61 21.59
CA MET G 894 5.23 78.86 20.86
C MET G 894 6.26 79.87 21.34
N PRO G 895 6.85 80.66 20.44
CA PRO G 895 7.85 81.65 20.86
C PRO G 895 7.20 82.80 21.63
N GLU G 896 7.89 83.24 22.68
CA GLU G 896 7.40 84.35 23.48
C GLU G 896 7.60 85.70 22.80
N THR G 897 8.55 85.79 21.88
CA THR G 897 8.84 87.03 21.17
C THR G 897 8.05 87.17 19.86
N CYS G 898 7.13 86.26 19.59
CA CYS G 898 6.36 86.32 18.37
C CYS G 898 5.43 87.53 18.38
N ARG G 899 5.33 88.21 17.23
CA ARG G 899 4.51 89.41 17.14
C ARG G 899 3.03 89.09 17.29
N TYR G 900 2.58 87.99 16.69
CA TYR G 900 1.17 87.60 16.72
C TYR G 900 0.98 86.42 17.68
N GLN G 901 -0.24 86.33 18.22
CA GLN G 901 -0.57 85.27 19.16
C GLN G 901 -2.08 85.04 19.18
N PRO G 902 -2.53 83.80 19.00
CA PRO G 902 -3.98 83.52 19.05
C PRO G 902 -4.54 83.72 20.44
N PHE G 903 -5.87 83.76 20.52
CA PHE G 903 -6.55 83.93 21.79
C PHE G 903 -6.55 82.63 22.59
N LYS G 904 -6.68 81.48 21.91
CA LYS G 904 -6.70 80.19 22.58
C LYS G 904 -5.28 79.62 22.63
N PRO G 905 -4.82 79.15 23.78
CA PRO G 905 -3.48 78.56 23.87
C PRO G 905 -3.37 77.31 23.03
N LEU G 906 -2.48 77.34 22.04
CA LEU G 906 -2.28 76.21 21.13
C LEU G 906 -1.60 75.08 21.89
N SER G 907 -2.38 74.05 22.25
CA SER G 907 -1.87 72.89 22.96
C SER G 907 -1.84 71.64 22.11
N ILE G 908 -2.91 71.36 21.37
CA ILE G 908 -2.99 70.18 20.51
C ILE G 908 -3.19 70.65 19.07
N GLY G 909 -2.81 69.79 18.14
CA GLY G 909 -2.93 70.13 16.73
C GLY G 909 -4.38 70.14 16.27
N GLY G 910 -4.69 71.05 15.35
CA GLY G 910 -6.02 71.17 14.81
C GLY G 910 -6.16 72.32 13.84
N ILE G 911 -7.37 72.89 13.76
CA ILE G 911 -7.64 74.02 12.88
C ILE G 911 -8.08 75.18 13.76
N ILE G 912 -7.25 76.23 13.81
CA ILE G 912 -7.52 77.41 14.61
C ILE G 912 -7.23 78.65 13.78
N ILE G 913 -7.53 79.81 14.34
CA ILE G 913 -7.27 81.09 13.69
C ILE G 913 -6.22 81.84 14.48
N LEU G 914 -5.75 82.94 13.90
CA LEU G 914 -4.75 83.80 14.52
C LEU G 914 -5.38 85.12 14.93
N LYS G 915 -5.00 85.60 16.10
CA LYS G 915 -5.51 86.87 16.63
C LYS G 915 -4.47 87.96 16.45
N ASP G 916 -4.87 89.04 15.79
CA ASP G 916 -3.96 90.17 15.53
C ASP G 916 -3.82 90.96 16.82
N THR G 917 -2.69 90.75 17.52
CA THR G 917 -2.45 91.48 18.76
C THR G 917 -1.85 92.85 18.52
N SER G 918 -1.09 93.02 17.43
CA SER G 918 -0.48 94.31 17.15
C SER G 918 -1.48 95.31 16.59
N GLU G 919 -2.32 94.86 15.65
CA GLU G 919 -3.32 95.71 15.01
C GLU G 919 -2.68 96.95 14.38
N ASP G 920 -1.60 96.73 13.64
CA ASP G 920 -0.85 97.83 13.05
C ASP G 920 -0.56 97.60 11.58
N ILE G 921 0.23 98.48 10.98
CA ILE G 921 0.59 98.40 9.57
C ILE G 921 1.57 97.24 9.35
N GLU G 922 1.82 96.92 8.08
CA GLU G 922 2.75 95.86 7.69
C GLU G 922 2.30 94.50 8.25
N GLU G 923 1.12 94.07 7.79
CA GLU G 923 0.59 92.76 8.17
C GLU G 923 1.30 91.62 7.46
N LEU G 924 2.22 91.92 6.54
CA LEU G 924 2.99 90.91 5.79
C LEU G 924 2.05 90.00 4.99
N VAL G 925 1.35 90.62 4.05
CA VAL G 925 0.46 89.89 3.15
C VAL G 925 1.27 89.35 1.98
N GLU G 926 1.03 88.08 1.63
CA GLU G 926 1.72 87.44 0.53
C GLU G 926 0.77 87.25 -0.66
N PRO G 927 1.28 87.34 -1.89
CA PRO G 927 0.41 87.19 -3.06
C PRO G 927 -0.02 85.75 -3.29
N VAL G 928 -0.76 85.53 -4.39
CA VAL G 928 -1.28 84.20 -4.72
C VAL G 928 -0.55 83.72 -5.97
N ALA G 929 -0.58 82.41 -6.19
CA ALA G 929 0.08 81.80 -7.33
C ALA G 929 -0.69 82.10 -8.61
N ALA G 930 -0.24 81.51 -9.71
CA ALA G 930 -0.81 81.75 -11.03
C ALA G 930 -1.26 80.42 -11.65
N HIS G 931 -1.63 80.49 -12.92
CA HIS G 931 -2.12 79.31 -13.63
C HIS G 931 -1.02 78.26 -13.77
N GLY G 932 -1.45 77.00 -13.84
CA GLY G 932 -0.53 75.89 -13.97
C GLY G 932 -1.27 74.56 -14.01
N PRO G 933 -0.75 73.57 -13.28
CA PRO G 933 -1.44 72.28 -13.20
C PRO G 933 -2.81 72.38 -12.55
N LYS G 934 -2.96 73.26 -11.57
CA LYS G 934 -4.24 73.47 -10.90
C LYS G 934 -5.00 74.61 -11.60
N ILE G 935 -6.08 75.06 -10.97
CA ILE G 935 -6.88 76.15 -11.52
C ILE G 935 -6.10 77.46 -11.46
N ALA H 227 8.79 33.42 68.88
CA ALA H 227 9.00 33.41 70.32
C ALA H 227 9.71 32.13 70.75
N ASP H 228 10.98 31.99 70.37
CA ASP H 228 11.74 30.80 70.73
C ASP H 228 12.02 30.77 72.23
N GLY H 229 12.61 31.83 72.76
CA GLY H 229 12.89 31.87 74.19
C GLY H 229 11.64 31.83 75.03
N GLN H 230 10.58 32.51 74.59
CA GLN H 230 9.31 32.45 75.31
C GLN H 230 8.71 31.05 75.26
N ALA H 231 8.92 30.32 74.16
CA ALA H 231 8.45 28.94 74.08
C ALA H 231 9.24 28.04 75.00
N THR H 232 10.56 28.25 75.09
CA THR H 232 11.37 27.48 76.03
C THR H 232 10.98 27.77 77.47
N LEU H 233 10.60 29.03 77.77
CA LEU H 233 10.06 29.33 79.09
C LEU H 233 8.70 28.68 79.29
N LEU H 234 7.92 28.53 78.21
CA LEU H 234 6.64 27.84 78.31
C LEU H 234 6.81 26.34 78.54
N ASN H 235 7.93 25.77 78.11
CA ASN H 235 8.20 24.36 78.38
C ASN H 235 8.44 24.12 79.87
N LEU H 236 9.23 25.00 80.51
CA LEU H 236 9.50 24.84 81.93
C LEU H 236 8.33 25.29 82.79
N LEU H 237 7.54 26.26 82.32
CA LEU H 237 6.34 26.65 83.06
C LEU H 237 5.28 25.55 82.98
N LEU H 238 5.09 24.96 81.79
CA LEU H 238 4.15 23.86 81.66
C LEU H 238 4.65 22.62 82.41
N ARG H 239 5.97 22.42 82.45
CA ARG H 239 6.52 21.34 83.27
C ARG H 239 6.30 21.59 84.74
N ASN H 240 6.36 22.85 85.17
CA ASN H 240 5.99 23.19 86.54
C ASN H 240 4.51 22.99 86.78
N TYR H 241 3.69 23.11 85.74
CA TYR H 241 2.26 22.84 85.82
C TYR H 241 1.92 21.39 85.51
N LEU H 242 2.93 20.52 85.35
CA LEU H 242 2.67 19.15 84.94
C LEU H 242 2.33 18.24 86.12
N HIS H 243 3.03 18.39 87.24
CA HIS H 243 2.88 17.43 88.32
C HIS H 243 1.50 17.53 88.97
N TYR H 244 1.12 18.74 89.42
CA TYR H 244 -0.20 18.92 90.03
C TYR H 244 -0.67 20.35 89.76
N SER H 245 -1.38 20.53 88.64
CA SER H 245 -2.17 21.74 88.42
C SER H 245 -3.64 21.39 88.22
N LEU H 246 -3.95 20.53 87.24
CA LEU H 246 -5.28 19.94 87.06
C LEU H 246 -6.36 20.98 86.77
N TYR H 247 -6.00 22.25 86.64
CA TYR H 247 -6.93 23.29 86.25
C TYR H 247 -6.79 23.59 84.77
N ASP H 248 -7.92 23.65 84.07
CA ASP H 248 -7.93 23.80 82.61
C ASP H 248 -8.65 25.06 82.16
N GLN H 249 -8.78 26.06 83.03
CA GLN H 249 -9.50 27.26 82.67
C GLN H 249 -8.64 28.29 81.94
N ALA H 250 -7.32 28.24 82.09
CA ALA H 250 -6.44 29.22 81.47
C ALA H 250 -5.56 28.63 80.38
N GLU H 251 -4.71 27.65 80.72
CA GLU H 251 -3.78 27.14 79.72
C GLU H 251 -4.51 26.41 78.61
N LYS H 252 -5.60 25.73 78.93
CA LYS H 252 -6.47 25.15 77.91
C LYS H 252 -7.39 26.23 77.38
N LEU H 253 -7.32 26.49 76.07
CA LEU H 253 -8.07 27.49 75.31
C LEU H 253 -7.55 28.91 75.53
N VAL H 254 -6.58 29.13 76.42
CA VAL H 254 -5.92 30.43 76.53
C VAL H 254 -4.45 30.34 76.16
N SER H 255 -3.78 29.24 76.52
CA SER H 255 -2.36 29.09 76.15
C SER H 255 -2.20 28.91 74.66
N LYS H 256 -3.23 28.46 73.96
CA LYS H 256 -3.15 28.26 72.52
C LYS H 256 -2.94 29.59 71.81
N SER H 257 -1.83 29.70 71.10
CA SER H 257 -1.44 30.93 70.40
C SER H 257 -1.33 30.65 68.91
N VAL H 258 -0.82 31.64 68.18
CA VAL H 258 -0.65 31.52 66.73
C VAL H 258 0.28 30.35 66.37
N PHE H 259 1.13 29.92 67.30
CA PHE H 259 2.06 28.82 67.12
C PHE H 259 3.00 29.07 65.94
N PRO H 260 3.94 30.01 66.07
CA PRO H 260 4.90 30.26 64.97
C PRO H 260 5.85 29.10 64.74
N GLU H 261 6.80 29.28 63.83
CA GLU H 261 7.74 28.21 63.51
C GLU H 261 8.69 27.97 64.67
N GLN H 262 8.34 27.02 65.54
CA GLN H 262 9.12 26.68 66.74
C GLN H 262 9.28 25.16 66.76
N ALA H 263 10.36 24.67 66.15
CA ALA H 263 10.59 23.23 66.04
C ALA H 263 11.78 22.78 66.88
N ASN H 264 12.96 23.35 66.64
CA ASN H 264 14.18 23.05 67.40
C ASN H 264 14.58 21.59 67.28
N ASN H 265 13.85 20.83 66.47
CA ASN H 265 14.10 19.40 66.21
C ASN H 265 13.94 18.55 67.47
N ASN H 266 13.60 19.18 68.60
CA ASN H 266 13.37 18.43 69.83
C ASN H 266 12.10 18.93 70.52
N GLU H 267 11.73 20.19 70.26
CA GLU H 267 10.57 20.79 70.92
C GLU H 267 9.27 20.14 70.49
N TRP H 268 9.24 19.49 69.32
CA TRP H 268 8.06 18.70 68.97
C TRP H 268 7.96 17.46 69.83
N ALA H 269 9.10 16.81 70.13
CA ALA H 269 9.07 15.61 70.94
C ALA H 269 8.76 15.92 72.40
N ARG H 270 9.52 16.83 73.01
CA ARG H 270 9.31 17.13 74.42
C ARG H 270 8.06 17.98 74.64
N TYR H 271 7.84 18.98 73.78
CA TYR H 271 6.65 19.82 73.92
C TYR H 271 5.38 19.04 73.58
N LEU H 272 5.43 18.25 72.49
CA LEU H 272 4.26 17.44 72.16
C LEU H 272 4.03 16.36 73.20
N TYR H 273 5.09 15.85 73.84
CA TYR H 273 4.92 14.95 74.97
C TYR H 273 4.29 15.66 76.15
N TYR H 274 4.60 16.95 76.35
CA TYR H 274 4.01 17.69 77.46
C TYR H 274 2.54 17.95 77.23
N THR H 275 2.19 18.54 76.08
CA THR H 275 0.78 18.78 75.78
C THR H 275 -0.01 17.49 75.60
N GLY H 276 0.67 16.39 75.26
CA GLY H 276 0.00 15.10 75.22
C GLY H 276 -0.23 14.52 76.60
N ARG H 277 0.70 14.76 77.53
CA ARG H 277 0.47 14.36 78.91
C ARG H 277 -0.65 15.19 79.53
N ILE H 278 -0.77 16.46 79.15
CA ILE H 278 -1.88 17.28 79.61
C ILE H 278 -3.18 16.82 78.97
N LYS H 279 -3.14 16.48 77.68
CA LYS H 279 -4.31 15.98 76.98
C LYS H 279 -4.54 14.48 77.18
N ALA H 280 -3.84 13.87 78.13
CA ALA H 280 -4.01 12.45 78.42
C ALA H 280 -5.01 12.17 79.52
N ILE H 281 -5.64 13.22 80.07
CA ILE H 281 -6.61 13.03 81.14
C ILE H 281 -8.03 12.80 80.63
N GLN H 282 -8.35 13.25 79.41
CA GLN H 282 -9.67 13.08 78.83
C GLN H 282 -9.74 11.86 77.92
N LEU H 283 -8.70 11.02 77.90
CA LEU H 283 -8.66 9.79 77.11
C LEU H 283 -8.83 10.10 75.61
N GLU H 284 -7.88 10.87 75.08
CA GLU H 284 -7.88 11.19 73.66
C GLU H 284 -7.51 9.96 72.85
N TYR H 285 -8.36 9.59 71.89
CA TYR H 285 -8.17 8.37 71.13
C TYR H 285 -7.63 8.60 69.72
N SER H 286 -8.01 9.69 69.07
CA SER H 286 -7.64 9.94 67.68
C SER H 286 -6.46 10.87 67.53
N GLU H 287 -6.48 12.02 68.18
CA GLU H 287 -5.45 13.04 67.97
C GLU H 287 -4.14 12.64 68.65
N ALA H 288 -4.16 12.46 69.97
CA ALA H 288 -2.94 12.16 70.71
C ALA H 288 -2.31 10.84 70.28
N ARG H 289 -3.09 9.93 69.69
CA ARG H 289 -2.52 8.68 69.19
C ARG H 289 -1.56 8.95 68.04
N ARG H 290 -2.06 9.59 66.98
CA ARG H 290 -1.23 9.81 65.79
C ARG H 290 -0.16 10.87 66.05
N THR H 291 -0.51 11.95 66.74
CA THR H 291 0.48 13.01 66.96
C THR H 291 1.50 12.62 68.02
N MET H 292 1.12 11.79 69.00
CA MET H 292 2.07 11.35 70.00
C MET H 292 2.92 10.20 69.50
N THR H 293 2.37 9.34 68.63
CA THR H 293 3.19 8.32 67.99
C THR H 293 4.18 8.95 67.02
N ASN H 294 3.75 9.96 66.27
CA ASN H 294 4.66 10.69 65.41
C ASN H 294 5.72 11.41 66.23
N ALA H 295 5.31 12.03 67.34
CA ALA H 295 6.28 12.66 68.23
C ALA H 295 7.28 11.64 68.78
N LEU H 296 6.84 10.40 68.99
CA LEU H 296 7.76 9.34 69.35
C LEU H 296 8.71 9.03 68.20
N ARG H 297 8.20 9.10 66.97
CA ARG H 297 9.06 8.91 65.80
C ARG H 297 9.99 10.09 65.55
N LYS H 298 9.79 11.21 66.24
CA LYS H 298 10.65 12.37 66.06
C LYS H 298 11.84 12.32 67.03
N ALA H 299 12.71 13.33 66.91
CA ALA H 299 13.92 13.49 67.71
C ALA H 299 14.81 12.25 67.69
N PRO H 300 15.40 11.90 66.54
CA PRO H 300 16.35 10.78 66.50
C PRO H 300 17.81 11.17 66.62
N GLN H 301 18.12 12.46 66.77
CA GLN H 301 19.51 12.93 66.70
C GLN H 301 20.35 12.35 67.83
N HIS H 302 20.01 12.69 69.08
CA HIS H 302 20.87 12.36 70.21
C HIS H 302 20.48 11.04 70.86
N THR H 303 19.26 10.94 71.36
CA THR H 303 18.80 9.74 72.06
C THR H 303 17.35 9.47 71.71
N ALA H 304 17.08 8.24 71.25
CA ALA H 304 15.73 7.79 70.97
C ALA H 304 15.36 6.54 71.78
N VAL H 305 16.17 6.17 72.78
CA VAL H 305 15.96 4.97 73.57
C VAL H 305 15.74 5.32 75.04
N GLY H 306 16.68 6.04 75.64
CA GLY H 306 16.61 6.35 77.06
C GLY H 306 15.52 7.33 77.43
N PHE H 307 15.08 8.16 76.48
CA PHE H 307 14.05 9.15 76.75
C PHE H 307 12.68 8.74 76.20
N LYS H 308 12.64 7.94 75.14
CA LYS H 308 11.37 7.53 74.54
C LYS H 308 10.69 6.39 75.27
N GLN H 309 11.29 5.87 76.34
CA GLN H 309 10.67 4.77 77.07
C GLN H 309 9.45 5.23 77.86
N THR H 310 9.43 6.50 78.27
CA THR H 310 8.28 7.00 79.02
C THR H 310 7.13 7.36 78.10
N VAL H 311 7.41 8.05 76.99
CA VAL H 311 6.38 8.35 76.02
C VAL H 311 5.88 7.08 75.35
N HIS H 312 6.73 6.04 75.28
CA HIS H 312 6.27 4.75 74.78
C HIS H 312 5.43 4.04 75.84
N LYS H 313 5.80 4.16 77.11
CA LYS H 313 5.00 3.57 78.18
C LYS H 313 3.59 4.16 78.19
N LEU H 314 3.49 5.49 78.32
CA LEU H 314 2.19 6.13 78.25
C LEU H 314 1.52 5.89 76.90
N LEU H 315 2.31 5.74 75.84
CA LEU H 315 1.76 5.46 74.52
C LEU H 315 0.98 4.15 74.51
N ILE H 316 1.62 3.06 74.95
CA ILE H 316 0.91 1.78 74.96
C ILE H 316 -0.17 1.76 76.02
N VAL H 317 0.00 2.52 77.11
CA VAL H 317 -1.03 2.60 78.14
C VAL H 317 -2.30 3.21 77.57
N VAL H 318 -2.18 4.26 76.76
CA VAL H 318 -3.36 4.85 76.13
C VAL H 318 -3.76 4.13 74.85
N GLU H 319 -2.93 3.21 74.35
CA GLU H 319 -3.28 2.44 73.18
C GLU H 319 -4.10 1.21 73.54
N LEU H 320 -3.81 0.57 74.68
CA LEU H 320 -4.56 -0.60 75.09
C LEU H 320 -6.00 -0.29 75.48
N LEU H 321 -6.35 0.99 75.61
CA LEU H 321 -7.71 1.36 75.96
C LEU H 321 -8.67 1.16 74.79
N LEU H 322 -8.16 1.21 73.56
CA LEU H 322 -8.98 1.07 72.37
C LEU H 322 -9.24 -0.38 71.99
N GLY H 323 -8.72 -1.34 72.76
CA GLY H 323 -8.88 -2.75 72.48
C GLY H 323 -7.77 -3.36 71.65
N GLU H 324 -7.15 -2.57 70.77
CA GLU H 324 -6.04 -3.03 69.93
C GLU H 324 -4.77 -2.37 70.44
N ILE H 325 -3.90 -3.17 71.06
CA ILE H 325 -2.67 -2.68 71.67
C ILE H 325 -1.48 -3.22 70.85
N PRO H 326 -0.78 -2.37 70.09
CA PRO H 326 0.42 -2.84 69.38
C PRO H 326 1.61 -2.88 70.32
N ASP H 327 2.29 -4.03 70.36
CA ASP H 327 3.43 -4.22 71.23
C ASP H 327 4.69 -3.69 70.58
N ARG H 328 5.85 -4.01 71.16
CA ARG H 328 7.13 -3.59 70.62
C ARG H 328 7.52 -4.51 69.47
N LEU H 329 7.51 -3.99 68.25
CA LEU H 329 7.81 -4.79 67.07
C LEU H 329 9.06 -4.32 66.33
N GLN H 330 9.15 -3.04 66.00
CA GLN H 330 10.23 -2.53 65.16
C GLN H 330 11.40 -1.95 65.96
N PHE H 331 11.30 -1.91 67.28
CA PHE H 331 12.34 -1.35 68.14
C PHE H 331 13.01 -2.46 68.92
N ARG H 332 14.34 -2.55 68.82
CA ARG H 332 15.13 -3.55 69.53
C ARG H 332 16.17 -2.82 70.37
N GLN H 333 15.88 -2.65 71.65
CA GLN H 333 16.78 -2.00 72.59
C GLN H 333 16.54 -2.57 73.98
N PRO H 334 17.60 -2.83 74.75
CA PRO H 334 17.40 -3.43 76.09
C PRO H 334 17.08 -2.40 77.16
N SER H 335 16.19 -1.47 76.86
CA SER H 335 15.66 -0.52 77.84
C SER H 335 14.16 -0.59 77.96
N LEU H 336 13.44 -0.55 76.84
CA LEU H 336 11.99 -0.66 76.85
C LEU H 336 11.53 -2.05 77.26
N LYS H 337 12.38 -3.07 77.04
CA LYS H 337 12.04 -4.42 77.50
C LYS H 337 11.99 -4.49 79.02
N ARG H 338 13.09 -4.12 79.68
CA ARG H 338 13.12 -4.14 81.14
C ARG H 338 12.14 -3.14 81.73
N SER H 339 11.92 -2.01 81.05
CA SER H 339 10.95 -1.04 81.54
C SER H 339 9.51 -1.54 81.37
N LEU H 340 9.29 -2.44 80.42
CA LEU H 340 7.95 -2.92 80.11
C LEU H 340 7.65 -4.29 80.71
N MET H 341 8.63 -4.94 81.33
CA MET H 341 8.41 -6.28 81.89
C MET H 341 7.27 -6.33 82.91
N PRO H 342 7.17 -5.43 83.89
CA PRO H 342 6.04 -5.52 84.83
C PRO H 342 4.69 -5.24 84.17
N TYR H 343 4.66 -4.38 83.16
CA TYR H 343 3.43 -4.02 82.46
C TYR H 343 3.11 -4.96 81.30
N PHE H 344 3.99 -5.90 80.99
CA PHE H 344 3.83 -6.75 79.82
C PHE H 344 2.68 -7.74 80.01
N LEU H 345 2.68 -8.47 81.12
CA LEU H 345 1.68 -9.51 81.34
C LEU H 345 0.27 -8.93 81.39
N LEU H 346 0.13 -7.71 81.93
CA LEU H 346 -1.18 -7.10 82.00
C LEU H 346 -1.57 -6.45 80.67
N THR H 347 -0.61 -5.80 79.99
CA THR H 347 -0.91 -5.18 78.71
C THR H 347 -1.24 -6.22 77.65
N GLN H 348 -0.81 -7.47 77.82
CA GLN H 348 -1.32 -8.56 77.01
C GLN H 348 -2.58 -9.17 77.60
N ALA H 349 -2.74 -9.10 78.93
CA ALA H 349 -3.93 -9.62 79.59
C ALA H 349 -5.17 -8.76 79.31
N VAL H 350 -5.00 -7.57 78.75
CA VAL H 350 -6.17 -6.73 78.45
C VAL H 350 -6.98 -7.33 77.31
N ARG H 351 -6.31 -7.96 76.35
CA ARG H 351 -7.00 -8.48 75.17
C ARG H 351 -7.99 -9.58 75.55
N THR H 352 -7.57 -10.53 76.38
CA THR H 352 -8.48 -11.61 76.79
C THR H 352 -9.59 -11.07 77.68
N GLY H 353 -9.27 -10.18 78.60
CA GLY H 353 -10.26 -9.53 79.43
C GLY H 353 -10.89 -10.43 80.48
N ASN H 354 -10.07 -10.97 81.38
CA ASN H 354 -10.56 -11.77 82.50
C ASN H 354 -10.68 -10.88 83.73
N LEU H 355 -11.86 -10.85 84.33
CA LEU H 355 -12.12 -9.93 85.45
C LEU H 355 -11.56 -10.47 86.76
N ALA H 356 -12.01 -11.66 87.17
CA ALA H 356 -11.71 -12.16 88.51
C ALA H 356 -10.23 -12.47 88.68
N LYS H 357 -9.63 -13.16 87.70
CA LYS H 357 -8.23 -13.55 87.84
C LYS H 357 -7.30 -12.35 87.72
N PHE H 358 -7.41 -11.61 86.62
CA PHE H 358 -6.51 -10.47 86.40
C PHE H 358 -6.74 -9.35 87.40
N ASN H 359 -7.94 -9.26 87.98
CA ASN H 359 -8.17 -8.30 89.05
C ASN H 359 -7.24 -8.57 90.23
N GLN H 360 -6.98 -9.84 90.53
CA GLN H 360 -6.03 -10.18 91.58
C GLN H 360 -4.60 -10.18 91.07
N VAL H 361 -4.40 -10.42 89.77
CA VAL H 361 -3.05 -10.42 89.22
C VAL H 361 -2.47 -9.00 89.22
N LEU H 362 -3.31 -7.99 88.97
CA LEU H 362 -2.84 -6.62 88.96
C LEU H 362 -2.31 -6.20 90.33
N ASP H 363 -3.17 -6.26 91.35
CA ASP H 363 -2.77 -5.88 92.71
C ASP H 363 -1.83 -6.89 93.35
N GLN H 364 -1.66 -8.07 92.75
CA GLN H 364 -0.77 -9.08 93.32
C GLN H 364 0.67 -8.58 93.38
N PHE H 365 1.25 -8.30 92.21
CA PHE H 365 2.63 -7.81 92.12
C PHE H 365 2.71 -6.37 91.65
N GLY H 366 1.57 -5.69 91.51
CA GLY H 366 1.56 -4.32 91.03
C GLY H 366 2.17 -3.33 92.01
N GLU H 367 3.33 -2.78 91.65
CA GLU H 367 3.99 -1.77 92.48
C GLU H 367 4.10 -0.43 91.77
N LYS H 368 4.71 -0.39 90.59
CA LYS H 368 5.06 0.87 89.94
C LYS H 368 3.92 1.44 89.10
N PHE H 369 3.31 0.62 88.25
CA PHE H 369 2.26 1.11 87.36
C PHE H 369 1.01 1.52 88.13
N GLN H 370 0.78 0.95 89.31
CA GLN H 370 -0.30 1.41 90.17
C GLN H 370 0.16 2.38 91.24
N ALA H 371 1.46 2.42 91.55
CA ALA H 371 2.03 3.41 92.46
C ALA H 371 2.49 4.66 91.71
N ASP H 372 2.11 4.82 90.44
CA ASP H 372 2.50 6.01 89.70
C ASP H 372 1.82 7.26 90.25
N GLY H 373 0.66 7.11 90.87
CA GLY H 373 -0.02 8.23 91.49
C GLY H 373 -1.51 8.31 91.21
N THR H 374 -2.31 8.31 92.28
CA THR H 374 -3.75 8.53 92.25
C THR H 374 -4.51 7.43 91.49
N TYR H 375 -3.78 6.45 90.94
CA TYR H 375 -4.33 5.29 90.24
C TYR H 375 -5.56 5.59 89.40
N THR H 376 -5.56 6.74 88.72
CA THR H 376 -6.76 7.19 88.02
C THR H 376 -7.03 6.34 86.77
N LEU H 377 -6.07 6.32 85.84
CA LEU H 377 -6.28 5.62 84.58
C LEU H 377 -6.35 4.11 84.76
N ILE H 378 -5.74 3.56 85.81
CA ILE H 378 -5.84 2.13 86.05
C ILE H 378 -7.13 1.80 86.79
N ILE H 379 -7.61 2.68 87.67
CA ILE H 379 -8.90 2.45 88.30
C ILE H 379 -10.03 2.65 87.31
N ARG H 380 -9.79 3.39 86.23
CA ARG H 380 -10.73 3.43 85.12
C ARG H 380 -10.54 2.26 84.17
N LEU H 381 -9.32 1.71 84.12
CA LEU H 381 -9.08 0.53 83.30
C LEU H 381 -9.74 -0.71 83.89
N ARG H 382 -9.80 -0.81 85.22
CA ARG H 382 -10.45 -1.95 85.85
C ARG H 382 -11.92 -2.04 85.46
N HIS H 383 -12.55 -0.90 85.16
CA HIS H 383 -13.90 -0.89 84.61
C HIS H 383 -13.91 -0.77 83.10
N ASN H 384 -12.76 -0.54 82.47
CA ASN H 384 -12.64 -0.52 81.02
C ASN H 384 -12.35 -1.89 80.44
N VAL H 385 -12.03 -2.89 81.27
CA VAL H 385 -11.79 -4.23 80.78
C VAL H 385 -13.04 -4.79 80.10
N ILE H 386 -14.22 -4.50 80.67
CA ILE H 386 -15.45 -5.02 80.09
C ILE H 386 -15.80 -4.28 78.81
N LYS H 387 -15.37 -3.02 78.67
CA LYS H 387 -15.66 -2.27 77.45
C LYS H 387 -14.72 -2.68 76.32
N THR H 388 -13.44 -2.92 76.63
CA THR H 388 -12.53 -3.46 75.64
C THR H 388 -12.90 -4.89 75.28
N GLY H 389 -13.48 -5.63 76.23
CA GLY H 389 -13.92 -6.99 75.93
C GLY H 389 -15.15 -7.01 75.04
N VAL H 390 -16.14 -6.15 75.33
CA VAL H 390 -17.32 -6.09 74.49
C VAL H 390 -16.99 -5.45 73.15
N ARG H 391 -15.93 -4.65 73.07
CA ARG H 391 -15.46 -4.18 71.77
C ARG H 391 -14.77 -5.30 71.00
N MET H 392 -14.03 -6.15 71.70
CA MET H 392 -13.50 -7.36 71.07
C MET H 392 -14.62 -8.27 70.59
N ILE H 393 -15.78 -8.23 71.27
CA ILE H 393 -16.95 -8.95 70.77
C ILE H 393 -17.53 -8.23 69.56
N SER H 394 -17.45 -6.90 69.53
CA SER H 394 -17.93 -6.16 68.36
C SER H 394 -17.12 -6.49 67.12
N LEU H 395 -15.80 -6.63 67.27
CA LEU H 395 -14.97 -7.13 66.19
C LEU H 395 -15.09 -8.64 66.02
N SER H 396 -15.63 -9.33 67.02
CA SER H 396 -15.88 -10.77 66.96
C SER H 396 -17.30 -10.99 66.45
N TYR H 397 -17.83 -12.20 66.61
CA TYR H 397 -19.18 -12.51 66.18
C TYR H 397 -20.17 -11.52 66.76
N SER H 398 -21.26 -11.28 66.03
CA SER H 398 -22.24 -10.27 66.40
C SER H 398 -23.29 -10.82 67.37
N ARG H 399 -23.93 -11.93 67.00
CA ARG H 399 -24.98 -12.50 67.84
C ARG H 399 -24.41 -13.00 69.15
N ILE H 400 -25.21 -12.89 70.21
CA ILE H 400 -24.80 -13.27 71.56
C ILE H 400 -25.64 -14.46 72.01
N SER H 401 -24.97 -15.42 72.63
CA SER H 401 -25.64 -16.60 73.18
C SER H 401 -25.97 -16.37 74.65
N LEU H 402 -26.69 -17.34 75.22
CA LEU H 402 -27.12 -17.25 76.62
C LEU H 402 -26.16 -17.97 77.56
N ALA H 403 -25.46 -19.01 77.10
CA ALA H 403 -24.59 -19.80 77.95
C ALA H 403 -23.14 -19.78 77.48
N ASP H 404 -22.89 -19.98 76.19
CA ASP H 404 -21.52 -20.16 75.71
C ASP H 404 -20.70 -18.87 75.85
N ILE H 405 -21.12 -17.81 75.16
CA ILE H 405 -20.38 -16.56 75.21
C ILE H 405 -20.75 -15.71 76.43
N ALA H 406 -21.96 -15.86 76.95
CA ALA H 406 -22.31 -15.15 78.18
C ALA H 406 -21.54 -15.71 79.37
N GLN H 407 -21.43 -17.05 79.46
CA GLN H 407 -20.61 -17.65 80.49
C GLN H 407 -19.12 -17.47 80.20
N LYS H 408 -18.75 -17.39 78.92
CA LYS H 408 -17.35 -17.17 78.57
C LYS H 408 -16.89 -15.77 78.97
N LEU H 409 -17.76 -14.78 78.82
CA LEU H 409 -17.44 -13.41 79.19
C LEU H 409 -17.69 -13.12 80.67
N GLN H 410 -17.96 -14.15 81.48
CA GLN H 410 -18.18 -14.00 82.92
C GLN H 410 -19.33 -13.04 83.21
N LEU H 411 -20.37 -13.05 82.37
CA LEU H 411 -21.52 -12.16 82.57
C LEU H 411 -22.76 -12.92 82.10
N ASP H 412 -23.48 -13.50 83.05
CA ASP H 412 -24.71 -14.23 82.77
C ASP H 412 -25.90 -13.34 83.16
N SER H 413 -26.29 -12.45 82.25
CA SER H 413 -27.39 -11.54 82.48
C SER H 413 -28.03 -11.20 81.13
N PRO H 414 -29.20 -11.76 80.83
CA PRO H 414 -29.85 -11.49 79.54
C PRO H 414 -30.32 -10.05 79.38
N GLU H 415 -30.20 -9.20 80.41
CA GLU H 415 -30.70 -7.84 80.33
C GLU H 415 -29.68 -6.90 79.69
N ASP H 416 -28.51 -6.77 80.30
CA ASP H 416 -27.47 -5.91 79.75
C ASP H 416 -26.83 -6.52 78.50
N ALA H 417 -26.97 -7.82 78.30
CA ALA H 417 -26.50 -8.44 77.07
C ALA H 417 -27.30 -7.95 75.88
N GLU H 418 -28.62 -8.16 75.91
CA GLU H 418 -29.48 -7.67 74.84
C GLU H 418 -29.50 -6.15 74.78
N PHE H 419 -29.25 -5.49 75.92
CA PHE H 419 -29.21 -4.03 75.92
C PHE H 419 -27.99 -3.51 75.17
N ILE H 420 -26.81 -4.03 75.50
CA ILE H 420 -25.59 -3.58 74.82
C ILE H 420 -25.59 -4.02 73.36
N VAL H 421 -26.06 -5.23 73.09
CA VAL H 421 -26.14 -5.70 71.71
C VAL H 421 -27.10 -4.82 70.90
N ALA H 422 -28.22 -4.42 71.52
CA ALA H 422 -29.12 -3.49 70.86
C ALA H 422 -28.44 -2.14 70.61
N LYS H 423 -27.63 -1.68 71.57
CA LYS H 423 -26.85 -0.47 71.36
C LYS H 423 -25.85 -0.63 70.24
N ALA H 424 -25.42 -1.85 69.94
CA ALA H 424 -24.58 -2.10 68.78
C ALA H 424 -25.40 -2.21 67.49
N ILE H 425 -26.68 -2.55 67.60
CA ILE H 425 -27.54 -2.61 66.41
C ILE H 425 -27.93 -1.20 65.98
N ARG H 426 -28.21 -0.31 66.93
CA ARG H 426 -28.59 1.06 66.59
C ARG H 426 -27.43 1.86 66.03
N ASP H 427 -26.21 1.34 66.06
CA ASP H 427 -25.08 2.06 65.50
C ASP H 427 -25.14 2.11 63.98
N GLY H 428 -25.56 1.01 63.35
CA GLY H 428 -25.70 0.94 61.92
C GLY H 428 -24.57 0.20 61.21
N VAL H 429 -23.50 -0.17 61.93
CA VAL H 429 -22.38 -0.86 61.29
C VAL H 429 -22.65 -2.35 61.14
N ILE H 430 -23.53 -2.93 61.96
CA ILE H 430 -23.85 -4.34 61.92
C ILE H 430 -25.34 -4.52 62.16
N GLU H 431 -25.81 -5.76 62.03
CA GLU H 431 -27.21 -6.09 62.25
C GLU H 431 -27.28 -7.36 63.09
N ALA H 432 -28.40 -7.50 63.81
CA ALA H 432 -28.61 -8.66 64.67
C ALA H 432 -30.11 -8.81 64.92
N SER H 433 -30.46 -9.76 65.77
CA SER H 433 -31.85 -10.04 66.09
C SER H 433 -31.92 -10.76 67.43
N ILE H 434 -33.14 -10.89 67.95
CA ILE H 434 -33.38 -11.52 69.23
C ILE H 434 -34.55 -12.48 69.06
N ASN H 435 -34.52 -13.58 69.82
CA ASN H 435 -35.56 -14.60 69.75
C ASN H 435 -35.67 -15.28 71.11
N HIS H 436 -36.88 -15.75 71.42
CA HIS H 436 -37.14 -16.44 72.67
C HIS H 436 -38.21 -17.50 72.42
N GLU H 437 -37.82 -18.77 72.42
CA GLU H 437 -38.73 -19.88 72.20
C GLU H 437 -38.95 -20.70 73.46
N LYS H 438 -37.88 -21.20 74.08
CA LYS H 438 -37.98 -21.98 75.30
C LYS H 438 -37.21 -21.37 76.46
N GLY H 439 -36.69 -20.14 76.30
CA GLY H 439 -35.90 -19.47 77.31
C GLY H 439 -34.53 -19.04 76.80
N TYR H 440 -33.94 -19.81 75.90
CA TYR H 440 -32.65 -19.46 75.32
C TYR H 440 -32.84 -18.44 74.21
N VAL H 441 -31.80 -17.64 73.99
CA VAL H 441 -31.82 -16.59 72.98
C VAL H 441 -31.29 -17.17 71.68
N GLN H 442 -32.18 -17.31 70.69
CA GLN H 442 -31.80 -17.81 69.38
C GLN H 442 -31.47 -16.65 68.43
N SER H 443 -30.84 -16.99 67.30
CA SER H 443 -30.44 -15.99 66.33
C SER H 443 -30.13 -16.68 65.01
N LYS H 444 -30.56 -16.06 63.92
CA LYS H 444 -30.27 -16.59 62.59
C LYS H 444 -28.85 -16.33 62.15
N GLU H 445 -28.16 -15.40 62.82
CA GLU H 445 -26.76 -15.03 62.60
C GLU H 445 -26.38 -14.98 61.12
N MET H 446 -27.27 -14.42 60.29
CA MET H 446 -27.00 -14.22 58.87
C MET H 446 -26.35 -12.85 58.71
N ILE H 447 -25.02 -12.81 58.72
CA ILE H 447 -24.28 -11.57 58.56
C ILE H 447 -23.61 -11.59 57.19
N ASP H 448 -24.25 -12.26 56.23
CA ASP H 448 -23.72 -12.33 54.88
C ASP H 448 -23.53 -10.94 54.29
N ILE H 449 -22.42 -10.75 53.60
CA ILE H 449 -22.06 -9.45 53.02
C ILE H 449 -23.01 -9.13 51.87
N TYR H 450 -22.97 -7.88 51.39
CA TYR H 450 -23.89 -7.40 50.38
C TYR H 450 -23.71 -8.08 49.02
N SER H 451 -22.82 -9.06 48.90
CA SER H 451 -22.66 -9.80 47.65
C SER H 451 -23.97 -10.47 47.25
N THR H 452 -24.44 -10.18 46.04
CA THR H 452 -25.69 -10.70 45.51
C THR H 452 -26.88 -10.37 46.40
N ARG H 453 -26.81 -9.24 47.10
CA ARG H 453 -27.90 -8.76 47.97
C ARG H 453 -27.95 -7.24 47.82
N GLU H 454 -28.79 -6.78 46.88
CA GLU H 454 -28.93 -5.37 46.56
C GLU H 454 -27.57 -4.70 46.31
N PRO H 455 -26.86 -5.08 45.25
CA PRO H 455 -25.53 -4.52 45.04
C PRO H 455 -25.55 -3.07 44.57
N GLN H 456 -26.49 -2.71 43.71
CA GLN H 456 -26.56 -1.35 43.18
C GLN H 456 -26.73 -0.33 44.30
N LEU H 457 -27.67 -0.59 45.21
CA LEU H 457 -27.83 0.26 46.38
C LEU H 457 -26.66 0.11 47.35
N ALA H 458 -25.89 -0.98 47.26
CA ALA H 458 -24.78 -1.19 48.18
C ALA H 458 -23.59 -0.31 47.82
N PHE H 459 -23.03 -0.47 46.62
CA PHE H 459 -21.87 0.31 46.21
C PHE H 459 -22.21 1.40 45.20
N HIS H 460 -23.48 1.82 45.15
CA HIS H 460 -23.85 2.95 44.31
C HIS H 460 -23.14 4.22 44.77
N GLN H 461 -23.24 4.54 46.06
CA GLN H 461 -22.51 5.67 46.60
C GLN H 461 -21.00 5.47 46.52
N ARG H 462 -20.54 4.22 46.46
CA ARG H 462 -19.12 3.97 46.23
C ARG H 462 -18.71 4.37 44.82
N ILE H 463 -19.55 4.08 43.84
CA ILE H 463 -19.25 4.47 42.46
C ILE H 463 -19.33 5.99 42.32
N SER H 464 -20.38 6.61 42.86
CA SER H 464 -20.52 8.06 42.75
C SER H 464 -19.37 8.78 43.45
N PHE H 465 -19.05 8.35 44.68
CA PHE H 465 -17.99 9.01 45.43
C PHE H 465 -16.62 8.77 44.82
N CYS H 466 -16.35 7.53 44.37
CA CYS H 466 -15.05 7.24 43.78
C CYS H 466 -14.87 7.99 42.46
N LEU H 467 -15.95 8.13 41.69
CA LEU H 467 -15.88 8.90 40.45
C LEU H 467 -15.82 10.41 40.71
N ASP H 468 -16.32 10.87 41.87
CA ASP H 468 -16.18 12.28 42.21
C ASP H 468 -14.76 12.59 42.65
N ILE H 469 -14.16 11.73 43.47
CA ILE H 469 -12.79 11.96 43.92
C ILE H 469 -11.81 11.77 42.76
N HIS H 470 -12.00 10.73 41.97
CA HIS H 470 -11.15 10.53 40.80
C HIS H 470 -11.41 11.59 39.74
N ASN H 471 -12.61 12.18 39.74
CA ASN H 471 -12.93 13.23 38.77
C ASN H 471 -12.27 14.55 39.15
N MET H 472 -12.34 14.93 40.43
CA MET H 472 -11.57 16.09 40.89
C MET H 472 -10.08 15.81 40.84
N SER H 473 -9.67 14.53 40.82
CA SER H 473 -8.29 14.20 40.52
C SER H 473 -7.97 14.41 39.05
N VAL H 474 -8.94 14.18 38.17
CA VAL H 474 -8.76 14.53 36.75
C VAL H 474 -8.62 16.03 36.59
N LYS H 475 -9.40 16.80 37.35
CA LYS H 475 -9.17 18.25 37.40
C LYS H 475 -7.79 18.56 37.97
N ALA H 476 -7.34 17.76 38.93
CA ALA H 476 -6.02 17.93 39.53
C ALA H 476 -4.90 17.46 38.62
N MET H 477 -5.21 16.85 37.48
CA MET H 477 -4.22 16.56 36.46
C MET H 477 -4.44 17.36 35.18
N ARG H 478 -5.49 18.18 35.13
CA ARG H 478 -5.74 19.09 34.04
C ARG H 478 -5.32 20.52 34.35
N PHE H 479 -5.46 20.95 35.60
CA PHE H 479 -5.08 22.31 36.00
C PHE H 479 -3.57 22.52 36.07
N PRO H 480 -2.78 21.60 36.62
CA PRO H 480 -1.32 21.79 36.66
C PRO H 480 -0.71 21.96 35.27
N PRO H 481 -1.21 21.27 34.24
CA PRO H 481 -0.74 21.61 32.89
C PRO H 481 -1.03 23.04 32.49
N LYS H 482 -2.16 23.60 32.92
CA LYS H 482 -2.42 25.02 32.66
C LYS H 482 -1.43 25.89 33.44
N SER H 483 -1.14 25.53 34.69
CA SER H 483 -0.11 26.23 35.46
C SER H 483 1.28 26.04 34.89
N TYR H 484 1.46 25.08 33.98
CA TYR H 484 2.72 24.88 33.28
C TYR H 484 2.81 25.75 32.02
N ASN H 485 1.78 25.70 31.17
CA ASN H 485 1.77 26.48 29.94
C ASN H 485 1.35 27.94 30.17
N LYS H 486 1.14 28.35 31.42
CA LYS H 486 0.71 29.72 31.68
C LYS H 486 1.78 30.73 31.31
N ASP H 487 3.05 30.38 31.52
CA ASP H 487 4.15 31.31 31.26
C ASP H 487 4.67 31.23 29.83
N LEU H 488 4.42 30.13 29.12
CA LEU H 488 4.90 29.98 27.76
C LEU H 488 3.79 29.48 26.83
N ILE I 66 -22.39 -102.59 -15.98
CA ILE I 66 -21.57 -102.58 -14.78
C ILE I 66 -20.68 -101.33 -14.77
N LEU I 67 -20.43 -100.80 -13.58
CA LEU I 67 -19.60 -99.61 -13.43
C LEU I 67 -18.96 -99.64 -12.05
N VAL I 68 -17.63 -99.61 -12.01
CA VAL I 68 -16.90 -99.61 -10.75
C VAL I 68 -16.54 -98.18 -10.38
N ALA I 69 -16.23 -97.37 -11.39
CA ALA I 69 -15.92 -95.94 -11.30
C ALA I 69 -14.64 -95.65 -10.54
N VAL I 70 -13.92 -96.68 -10.07
CA VAL I 70 -12.65 -96.43 -9.38
C VAL I 70 -11.56 -96.06 -10.38
N VAL I 71 -11.39 -96.90 -11.42
CA VAL I 71 -10.41 -96.60 -12.45
C VAL I 71 -10.80 -95.34 -13.21
N LYS I 72 -12.11 -95.07 -13.33
CA LYS I 72 -12.56 -93.87 -14.01
C LYS I 72 -12.12 -92.62 -13.27
N MET I 73 -12.33 -92.58 -11.95
CA MET I 73 -11.89 -91.43 -11.18
C MET I 73 -10.38 -91.39 -11.00
N CYS I 74 -9.70 -92.53 -11.13
CA CYS I 74 -8.25 -92.55 -11.00
C CYS I 74 -7.55 -92.06 -12.26
N TYR I 75 -8.15 -92.30 -13.44
CA TYR I 75 -7.55 -91.82 -14.69
C TYR I 75 -7.47 -90.30 -14.72
N GLU I 76 -8.61 -89.63 -14.54
CA GLU I 76 -8.62 -88.17 -14.55
C GLU I 76 -8.05 -87.60 -13.26
N ALA I 77 -8.28 -88.27 -12.13
CA ALA I 77 -7.77 -87.78 -10.86
C ALA I 77 -6.25 -87.81 -10.81
N LYS I 78 -5.62 -88.75 -11.53
CA LYS I 78 -4.17 -88.84 -11.57
C LYS I 78 -3.56 -88.22 -12.82
N GLU I 79 -4.38 -87.92 -13.84
CA GLU I 79 -3.91 -87.34 -15.09
C GLU I 79 -4.70 -86.07 -15.36
N TRP I 80 -4.14 -84.93 -14.97
CA TRP I 80 -4.76 -83.63 -15.20
C TRP I 80 -3.98 -82.77 -16.18
N ASP I 81 -2.69 -82.54 -15.92
CA ASP I 81 -1.85 -81.72 -16.77
C ASP I 81 -0.69 -82.52 -17.37
N LEU I 82 -0.90 -83.82 -17.57
CA LEU I 82 0.14 -84.65 -18.16
C LEU I 82 0.52 -84.16 -19.56
N LEU I 83 -0.48 -83.73 -20.33
CA LEU I 83 -0.22 -83.14 -21.65
C LEU I 83 0.20 -81.68 -21.56
N ASN I 84 0.00 -81.02 -20.41
CA ASN I 84 0.37 -79.63 -20.23
C ASN I 84 1.73 -79.46 -19.57
N GLU I 85 2.39 -80.56 -19.20
CA GLU I 85 3.73 -80.48 -18.61
C GLU I 85 4.83 -80.57 -19.66
N ASN I 86 4.58 -81.26 -20.78
CA ASN I 86 5.59 -81.37 -21.82
C ASN I 86 5.59 -80.15 -22.75
N ILE I 87 4.44 -79.52 -22.93
CA ILE I 87 4.33 -78.34 -23.79
C ILE I 87 4.82 -77.13 -23.00
N MET I 88 5.97 -76.60 -23.37
CA MET I 88 6.55 -75.45 -22.68
C MET I 88 5.83 -74.15 -23.03
N LEU I 89 5.06 -74.12 -24.11
CA LEU I 89 4.32 -72.94 -24.52
C LEU I 89 2.92 -73.01 -23.89
N LEU I 90 2.72 -72.27 -22.80
CA LEU I 90 1.43 -72.24 -22.13
C LEU I 90 0.40 -71.58 -23.04
N SER I 91 -0.54 -72.37 -23.54
CA SER I 91 -1.55 -71.86 -24.47
C SER I 91 -2.70 -71.15 -23.77
N LYS I 92 -2.90 -71.40 -22.47
CA LYS I 92 -3.94 -70.79 -21.64
C LYS I 92 -5.25 -70.65 -22.42
N ARG I 93 -5.70 -71.77 -22.99
CA ARG I 93 -6.81 -71.77 -23.93
C ARG I 93 -8.04 -71.09 -23.33
N ARG I 94 -8.56 -71.64 -22.24
CA ARG I 94 -9.72 -71.09 -21.53
C ARG I 94 -10.93 -70.96 -22.45
N SER I 95 -10.96 -71.73 -23.54
CA SER I 95 -12.07 -71.74 -24.49
C SER I 95 -12.78 -73.06 -24.54
N GLN I 96 -12.04 -74.17 -24.66
CA GLN I 96 -12.62 -75.50 -24.58
C GLN I 96 -12.59 -76.07 -23.17
N LEU I 97 -11.92 -75.39 -22.23
CA LEU I 97 -11.92 -75.84 -20.85
C LEU I 97 -13.30 -75.67 -20.21
N LYS I 98 -14.00 -74.58 -20.55
CA LYS I 98 -15.36 -74.40 -20.07
C LYS I 98 -16.30 -75.44 -20.68
N GLN I 99 -16.06 -75.84 -21.93
CA GLN I 99 -16.87 -76.87 -22.55
C GLN I 99 -16.53 -78.25 -22.01
N ALA I 100 -15.26 -78.49 -21.67
CA ALA I 100 -14.87 -79.77 -21.10
C ALA I 100 -15.43 -79.93 -19.68
N VAL I 101 -15.23 -78.92 -18.83
CA VAL I 101 -15.77 -78.97 -17.48
C VAL I 101 -17.29 -78.98 -17.50
N ALA I 102 -17.89 -78.24 -18.45
CA ALA I 102 -19.34 -78.25 -18.60
C ALA I 102 -19.84 -79.63 -19.04
N LYS I 103 -19.06 -80.33 -19.85
CA LYS I 103 -19.44 -81.69 -20.24
C LYS I 103 -19.28 -82.66 -19.08
N MET I 104 -18.26 -82.44 -18.23
CA MET I 104 -18.09 -83.29 -17.07
C MET I 104 -19.21 -83.10 -16.07
N VAL I 105 -19.60 -81.85 -15.80
CA VAL I 105 -20.71 -81.59 -14.89
C VAL I 105 -22.04 -81.93 -15.54
N GLN I 106 -22.09 -82.02 -16.86
CA GLN I 106 -23.32 -82.43 -17.54
C GLN I 106 -23.51 -83.94 -17.45
N GLN I 107 -22.45 -84.71 -17.73
CA GLN I 107 -22.54 -86.16 -17.60
C GLN I 107 -22.70 -86.58 -16.14
N CYS I 108 -21.95 -85.93 -15.25
CA CYS I 108 -22.14 -86.18 -13.82
C CYS I 108 -23.50 -85.66 -13.35
N CYS I 109 -24.08 -84.70 -14.06
CA CYS I 109 -25.43 -84.24 -13.73
C CYS I 109 -26.47 -85.25 -14.16
N THR I 110 -26.24 -85.96 -15.27
CA THR I 110 -27.12 -87.05 -15.67
C THR I 110 -26.90 -88.31 -14.86
N TYR I 111 -25.72 -88.45 -14.24
CA TYR I 111 -25.41 -89.59 -13.38
C TYR I 111 -25.23 -89.18 -11.92
N VAL I 112 -25.93 -88.13 -11.48
CA VAL I 112 -25.78 -87.62 -10.12
C VAL I 112 -27.00 -87.89 -9.26
N GLU I 113 -28.14 -88.27 -9.84
CA GLU I 113 -29.36 -88.44 -9.04
C GLU I 113 -29.31 -89.72 -8.22
N GLU I 114 -29.27 -90.88 -8.89
CA GLU I 114 -29.24 -92.17 -8.19
C GLU I 114 -28.54 -93.18 -9.11
N ILE I 115 -27.26 -93.42 -8.84
CA ILE I 115 -26.52 -94.47 -9.54
C ILE I 115 -25.83 -95.37 -8.53
N THR I 116 -25.01 -94.77 -7.67
CA THR I 116 -24.26 -95.50 -6.64
C THR I 116 -23.69 -94.53 -5.62
N ASP I 117 -23.89 -94.83 -4.33
CA ASP I 117 -23.54 -93.90 -3.27
C ASP I 117 -22.05 -93.93 -2.90
N LEU I 118 -21.29 -94.92 -3.35
CA LEU I 118 -19.89 -95.02 -2.95
C LEU I 118 -18.98 -94.05 -3.71
N PRO I 119 -18.98 -94.04 -5.05
CA PRO I 119 -18.03 -93.17 -5.76
C PRO I 119 -18.41 -91.69 -5.75
N ILE I 120 -19.64 -91.34 -5.40
CA ILE I 120 -20.05 -89.94 -5.49
C ILE I 120 -19.36 -89.09 -4.43
N LYS I 121 -19.07 -89.67 -3.27
CA LYS I 121 -18.38 -88.90 -2.23
C LYS I 121 -16.92 -88.65 -2.61
N LEU I 122 -16.29 -89.60 -3.29
CA LEU I 122 -14.91 -89.39 -3.75
C LEU I 122 -14.86 -88.44 -4.93
N ARG I 123 -15.85 -88.52 -5.83
CA ARG I 123 -15.89 -87.59 -6.95
C ARG I 123 -16.15 -86.17 -6.48
N LEU I 124 -17.06 -85.99 -5.53
CA LEU I 124 -17.34 -84.66 -5.01
C LEU I 124 -16.19 -84.12 -4.18
N ILE I 125 -15.63 -84.97 -3.30
CA ILE I 125 -14.49 -84.55 -2.49
C ILE I 125 -13.27 -84.28 -3.36
N ASP I 126 -13.24 -84.84 -4.58
CA ASP I 126 -12.15 -84.54 -5.50
C ASP I 126 -12.40 -83.23 -6.25
N THR I 127 -13.63 -83.02 -6.73
CA THR I 127 -13.90 -81.83 -7.52
C THR I 127 -13.93 -80.57 -6.66
N LEU I 128 -14.30 -80.68 -5.38
CA LEU I 128 -14.23 -79.50 -4.53
C LEU I 128 -12.79 -79.12 -4.21
N ARG I 129 -11.87 -80.10 -4.25
CA ARG I 129 -10.45 -79.76 -4.19
C ARG I 129 -9.95 -79.23 -5.51
N MET I 130 -10.54 -79.66 -6.62
CA MET I 130 -10.21 -79.10 -7.92
C MET I 130 -10.67 -77.64 -8.03
N VAL I 131 -11.70 -77.26 -7.26
CA VAL I 131 -12.10 -75.86 -7.21
C VAL I 131 -10.97 -74.99 -6.66
N THR I 132 -10.34 -75.46 -5.58
CA THR I 132 -9.24 -74.69 -5.00
C THR I 132 -7.98 -74.79 -5.86
N GLU I 133 -7.73 -75.96 -6.45
CA GLU I 133 -6.54 -76.15 -7.27
C GLU I 133 -6.64 -75.44 -8.62
N GLY I 134 -7.83 -75.09 -9.06
CA GLY I 134 -8.00 -74.42 -10.33
C GLY I 134 -7.58 -72.96 -10.30
N LYS I 135 -8.29 -72.16 -9.51
CA LYS I 135 -8.06 -70.73 -9.28
C LYS I 135 -8.35 -69.87 -10.50
N ILE I 136 -8.69 -70.46 -11.65
CA ILE I 136 -9.00 -69.71 -12.86
C ILE I 136 -10.20 -70.33 -13.54
N TYR I 137 -11.36 -69.67 -13.45
CA TYR I 137 -12.59 -70.16 -14.04
C TYR I 137 -13.60 -69.02 -14.03
N VAL I 138 -14.71 -69.24 -14.72
CA VAL I 138 -15.80 -68.26 -14.81
C VAL I 138 -16.57 -68.25 -13.50
N GLU I 139 -16.24 -69.19 -12.61
CA GLU I 139 -16.88 -69.30 -11.29
C GLU I 139 -18.37 -69.57 -11.43
N ILE I 140 -18.72 -70.51 -12.31
CA ILE I 140 -20.11 -70.90 -12.51
C ILE I 140 -20.27 -72.37 -12.14
N GLU I 141 -19.46 -73.23 -12.76
CA GLU I 141 -19.50 -74.65 -12.42
C GLU I 141 -18.93 -74.91 -11.03
N ARG I 142 -17.91 -74.12 -10.65
CA ARG I 142 -17.33 -74.26 -9.32
C ARG I 142 -18.38 -74.00 -8.24
N ALA I 143 -19.25 -73.02 -8.46
CA ALA I 143 -20.38 -72.80 -7.55
C ALA I 143 -21.47 -73.84 -7.76
N ARG I 144 -21.60 -74.36 -8.97
CA ARG I 144 -22.64 -75.35 -9.26
C ARG I 144 -22.42 -76.62 -8.46
N LEU I 145 -21.19 -77.14 -8.44
CA LEU I 145 -20.92 -78.38 -7.73
C LEU I 145 -21.06 -78.21 -6.23
N THR I 146 -20.62 -77.07 -5.69
CA THR I 146 -20.66 -76.86 -4.25
C THR I 146 -22.06 -76.50 -3.75
N LYS I 147 -22.93 -75.94 -4.61
CA LYS I 147 -24.30 -75.71 -4.19
C LYS I 147 -25.19 -76.94 -4.41
N THR I 148 -24.91 -77.73 -5.44
CA THR I 148 -25.61 -79.00 -5.58
C THR I 148 -25.13 -80.02 -4.56
N LEU I 149 -23.94 -79.81 -3.98
CA LEU I 149 -23.53 -80.60 -2.82
C LEU I 149 -24.11 -80.02 -1.54
N ALA I 150 -24.19 -78.69 -1.45
CA ALA I 150 -24.76 -78.06 -0.25
C ALA I 150 -26.23 -78.41 -0.08
N THR I 151 -26.97 -78.51 -1.19
CA THR I 151 -28.36 -78.92 -1.09
C THR I 151 -28.50 -80.33 -0.54
N ILE I 152 -27.54 -81.22 -0.86
CA ILE I 152 -27.55 -82.55 -0.28
C ILE I 152 -27.17 -82.49 1.19
N LYS I 153 -26.23 -81.61 1.54
CA LYS I 153 -25.83 -81.45 2.93
C LYS I 153 -26.93 -80.82 3.78
N GLU I 154 -27.92 -80.18 3.16
CA GLU I 154 -29.03 -79.61 3.91
C GLU I 154 -29.85 -80.71 4.58
N GLN I 155 -30.29 -81.70 3.81
CA GLN I 155 -31.03 -82.83 4.35
C GLN I 155 -30.14 -83.93 4.89
N ASN I 156 -28.82 -83.86 4.64
CA ASN I 156 -27.92 -84.87 5.16
C ASN I 156 -27.72 -84.75 6.66
N GLY I 157 -27.94 -83.58 7.23
CA GLY I 157 -27.79 -83.37 8.66
C GLY I 157 -26.41 -82.95 9.12
N ASP I 158 -25.48 -82.73 8.20
CA ASP I 158 -24.11 -82.33 8.54
C ASP I 158 -23.96 -80.86 8.18
N VAL I 159 -23.95 -80.00 9.21
CA VAL I 159 -23.85 -78.56 9.02
C VAL I 159 -22.40 -78.08 9.15
N LYS I 160 -21.45 -79.00 9.29
CA LYS I 160 -20.05 -78.61 9.43
C LYS I 160 -19.47 -78.01 8.15
N GLU I 161 -20.08 -78.29 7.00
CA GLU I 161 -19.61 -77.75 5.73
C GLU I 161 -20.01 -76.30 5.52
N ALA I 162 -20.70 -75.69 6.49
CA ALA I 162 -21.10 -74.29 6.35
C ALA I 162 -19.89 -73.37 6.21
N ALA I 163 -18.83 -73.63 6.98
CA ALA I 163 -17.61 -72.84 6.83
C ALA I 163 -16.96 -73.06 5.47
N SER I 164 -17.18 -74.23 4.86
CA SER I 164 -16.60 -74.50 3.55
C SER I 164 -17.36 -73.77 2.45
N ILE I 165 -18.69 -73.91 2.42
CA ILE I 165 -19.47 -73.26 1.37
C ILE I 165 -19.44 -71.74 1.53
N LEU I 166 -19.57 -71.26 2.78
CA LEU I 166 -19.58 -69.82 3.02
C LEU I 166 -18.18 -69.22 2.98
N GLN I 167 -17.15 -70.03 3.19
CA GLN I 167 -15.78 -69.53 3.06
C GLN I 167 -15.35 -69.49 1.59
N GLU I 168 -15.73 -70.50 0.81
CA GLU I 168 -15.40 -70.52 -0.60
C GLU I 168 -16.31 -69.65 -1.45
N LEU I 169 -17.48 -69.25 -0.91
CA LEU I 169 -18.38 -68.40 -1.68
C LEU I 169 -17.76 -67.03 -1.93
N GLN I 170 -17.00 -66.51 -0.96
CA GLN I 170 -16.33 -65.23 -1.16
C GLN I 170 -15.35 -65.31 -2.32
N VAL I 171 -14.61 -66.42 -2.43
CA VAL I 171 -13.71 -66.59 -3.57
C VAL I 171 -14.49 -66.78 -4.86
N GLU I 172 -15.65 -67.45 -4.78
CA GLU I 172 -16.46 -67.70 -5.96
C GLU I 172 -17.33 -66.51 -6.37
N THR I 173 -17.26 -65.40 -5.64
CA THR I 173 -18.03 -64.21 -5.98
C THR I 173 -17.16 -62.99 -6.26
N TYR I 174 -15.84 -63.09 -6.08
CA TYR I 174 -14.93 -61.99 -6.37
C TYR I 174 -13.94 -62.41 -7.46
N GLY I 175 -13.66 -61.50 -8.37
CA GLY I 175 -12.77 -61.75 -9.49
C GLY I 175 -13.46 -61.83 -10.84
N SER I 176 -14.78 -61.71 -10.90
CA SER I 176 -15.51 -61.77 -12.15
C SER I 176 -16.73 -60.86 -12.06
N MET I 177 -17.45 -60.75 -13.17
CA MET I 177 -18.65 -59.93 -13.27
C MET I 177 -19.85 -60.85 -13.44
N GLU I 178 -20.61 -61.04 -12.37
CA GLU I 178 -21.79 -61.91 -12.37
C GLU I 178 -22.98 -61.11 -11.89
N LYS I 179 -24.00 -60.97 -12.74
CA LYS I 179 -25.20 -60.23 -12.41
C LYS I 179 -26.36 -61.13 -12.01
N LYS I 180 -26.73 -62.08 -12.86
CA LYS I 180 -27.87 -62.96 -12.57
C LYS I 180 -27.46 -64.09 -11.64
N GLU I 181 -26.29 -64.69 -11.85
CA GLU I 181 -25.85 -65.81 -11.02
C GLU I 181 -25.51 -65.37 -9.60
N ARG I 182 -25.16 -64.11 -9.40
CA ARG I 182 -24.79 -63.64 -8.06
C ARG I 182 -25.99 -63.63 -7.13
N VAL I 183 -27.17 -63.29 -7.64
CA VAL I 183 -28.37 -63.29 -6.80
C VAL I 183 -28.91 -64.70 -6.63
N GLU I 184 -28.89 -65.51 -7.69
CA GLU I 184 -29.39 -66.87 -7.60
C GLU I 184 -28.50 -67.74 -6.70
N PHE I 185 -27.22 -67.41 -6.61
CA PHE I 185 -26.28 -68.16 -5.78
C PHE I 185 -26.01 -67.48 -4.45
N ILE I 186 -26.42 -66.23 -4.26
CA ILE I 186 -26.15 -65.51 -3.02
C ILE I 186 -27.08 -65.89 -1.89
N LEU I 187 -28.17 -66.62 -2.18
CA LEU I 187 -29.09 -67.02 -1.13
C LEU I 187 -28.49 -68.06 -0.20
N GLU I 188 -27.41 -68.73 -0.60
CA GLU I 188 -26.74 -69.68 0.27
C GLU I 188 -26.08 -69.00 1.46
N GLN I 189 -25.77 -67.70 1.35
CA GLN I 189 -25.19 -66.97 2.47
C GLN I 189 -26.13 -66.97 3.67
N MET I 190 -27.43 -66.77 3.42
CA MET I 190 -28.44 -66.74 4.48
C MET I 190 -29.29 -68.01 4.50
N ARG I 191 -28.93 -69.03 3.71
CA ARG I 191 -29.70 -70.27 3.71
C ARG I 191 -29.41 -71.08 4.96
N LEU I 192 -28.14 -71.48 5.15
CA LEU I 192 -27.75 -72.25 6.32
C LEU I 192 -27.51 -71.37 7.54
N CYS I 193 -27.68 -70.05 7.43
CA CYS I 193 -27.47 -69.17 8.57
C CYS I 193 -28.50 -69.43 9.66
N LEU I 194 -29.68 -69.94 9.29
CA LEU I 194 -30.67 -70.31 10.30
C LEU I 194 -30.17 -71.47 11.16
N ALA I 195 -29.36 -72.36 10.59
CA ALA I 195 -28.78 -73.45 11.38
C ALA I 195 -27.48 -73.03 12.06
N VAL I 196 -26.77 -72.05 11.50
CA VAL I 196 -25.52 -71.61 12.09
C VAL I 196 -25.77 -70.59 13.20
N LYS I 197 -26.48 -69.50 12.87
CA LYS I 197 -26.83 -68.45 13.84
C LYS I 197 -25.59 -67.83 14.48
N ASP I 198 -24.58 -67.54 13.65
CA ASP I 198 -23.35 -66.89 14.11
C ASP I 198 -23.49 -65.38 13.91
N TYR I 199 -23.36 -64.62 14.99
CA TYR I 199 -23.57 -63.18 14.92
C TYR I 199 -22.47 -62.49 14.12
N ILE I 200 -21.21 -62.90 14.33
CA ILE I 200 -20.11 -62.29 13.58
C ILE I 200 -20.20 -62.64 12.11
N ARG I 201 -20.70 -63.84 11.79
CA ARG I 201 -20.88 -64.21 10.39
C ARG I 201 -21.95 -63.35 9.73
N THR I 202 -23.04 -63.07 10.44
CA THR I 202 -24.04 -62.15 9.92
C THR I 202 -23.49 -60.74 9.78
N GLN I 203 -22.58 -60.34 10.68
CA GLN I 203 -21.95 -59.04 10.57
C GLN I 203 -21.04 -58.94 9.35
N ILE I 204 -20.38 -60.04 8.99
CA ILE I 204 -19.47 -60.02 7.84
C ILE I 204 -20.25 -60.14 6.53
N ILE I 205 -20.98 -61.25 6.36
CA ILE I 205 -21.70 -61.51 5.13
C ILE I 205 -22.80 -60.47 4.92
N SER I 206 -24.96 -58.69 6.51
CA SER I 206 -25.43 -58.16 5.24
C SER I 206 -24.41 -57.21 4.63
N LYS I 207 -23.28 -57.05 5.33
CA LYS I 207 -22.24 -56.13 4.87
C LYS I 207 -21.70 -56.54 3.50
N LYS I 208 -21.27 -57.79 3.37
CA LYS I 208 -20.80 -58.30 2.08
C LYS I 208 -21.93 -58.56 1.10
N ILE I 209 -23.18 -58.37 1.51
CA ILE I 209 -24.33 -58.62 0.64
C ILE I 209 -24.78 -57.35 -0.06
N ASN I 210 -24.83 -56.22 0.67
CA ASN I 210 -25.35 -54.97 0.13
C ASN I 210 -24.25 -54.04 -0.36
N THR I 211 -23.17 -54.58 -0.93
CA THR I 211 -22.04 -53.78 -1.38
C THR I 211 -22.46 -52.75 -2.43
N LYS I 212 -22.90 -53.22 -3.61
CA LYS I 212 -23.38 -52.32 -4.67
C LYS I 212 -24.56 -53.00 -5.37
N PHE I 213 -25.77 -52.74 -4.87
CA PHE I 213 -26.98 -53.20 -5.52
C PHE I 213 -28.21 -52.50 -4.95
N PHE I 214 -28.95 -51.77 -5.78
CA PHE I 214 -30.22 -51.19 -5.33
C PHE I 214 -31.41 -51.74 -6.09
N GLN I 215 -31.48 -51.57 -7.40
CA GLN I 215 -32.61 -52.08 -8.18
C GLN I 215 -32.21 -52.80 -9.45
N GLU I 216 -31.16 -52.35 -10.14
CA GLU I 216 -30.92 -52.72 -11.52
C GLU I 216 -30.06 -53.99 -11.63
N GLU I 217 -29.83 -54.39 -12.88
CA GLU I 217 -28.97 -55.51 -13.29
C GLU I 217 -29.26 -56.80 -12.51
N ASN I 218 -30.46 -56.93 -11.96
CA ASN I 218 -30.85 -58.15 -11.25
C ASN I 218 -32.36 -58.29 -11.36
N THR I 219 -32.79 -59.19 -12.26
CA THR I 219 -34.21 -59.48 -12.46
C THR I 219 -34.43 -60.97 -12.36
N GLU I 220 -35.51 -61.24 -11.60
CA GLU I 220 -36.20 -62.51 -11.23
C GLU I 220 -37.79 -62.48 -11.24
N LYS I 221 -38.43 -61.75 -10.30
CA LYS I 221 -39.93 -61.56 -10.11
C LYS I 221 -40.40 -61.61 -8.61
N LEU I 222 -39.89 -62.63 -7.96
CA LEU I 222 -39.70 -63.00 -6.56
C LEU I 222 -38.62 -62.18 -5.87
N LYS I 223 -38.29 -61.00 -6.41
CA LYS I 223 -37.25 -60.17 -5.80
C LYS I 223 -37.68 -59.65 -4.44
N LEU I 224 -38.95 -59.26 -4.31
CA LEU I 224 -39.43 -58.74 -3.03
C LEU I 224 -39.44 -59.81 -1.94
N LYS I 225 -39.69 -61.06 -2.32
CA LYS I 225 -39.66 -62.14 -1.34
C LYS I 225 -38.27 -62.32 -0.75
N TYR I 226 -37.25 -62.36 -1.61
CA TYR I 226 -35.88 -62.43 -1.11
C TYR I 226 -35.49 -61.17 -0.36
N TYR I 227 -36.02 -60.00 -0.76
CA TYR I 227 -35.80 -58.79 0.01
C TYR I 227 -36.32 -58.94 1.42
N ASN I 228 -37.49 -59.54 1.59
CA ASN I 228 -37.98 -59.86 2.93
C ASN I 228 -37.13 -60.93 3.60
N LEU I 229 -36.49 -61.79 2.81
CA LEU I 229 -35.63 -62.84 3.35
C LEU I 229 -34.20 -62.37 3.64
N MET I 230 -33.89 -61.09 3.38
CA MET I 230 -32.53 -60.59 3.56
C MET I 230 -32.30 -60.03 4.97
N ILE I 231 -33.09 -59.02 5.36
CA ILE I 231 -32.85 -58.30 6.59
C ILE I 231 -33.70 -58.80 7.75
N GLN I 232 -34.59 -59.77 7.51
CA GLN I 232 -35.36 -60.32 8.62
C GLN I 232 -34.48 -61.13 9.57
N LEU I 233 -33.40 -61.71 9.06
CA LEU I 233 -32.46 -62.41 9.94
C LEU I 233 -31.63 -61.42 10.75
N ASP I 234 -31.35 -60.25 10.18
CA ASP I 234 -30.75 -59.18 10.98
C ASP I 234 -31.74 -58.64 12.00
N GLN I 235 -33.04 -58.73 11.70
CA GLN I 235 -34.06 -58.42 12.70
C GLN I 235 -34.07 -59.48 13.81
N HIS I 236 -33.75 -60.73 13.46
CA HIS I 236 -33.61 -61.76 14.48
C HIS I 236 -32.36 -61.53 15.33
N GLU I 237 -31.28 -61.05 14.71
CA GLU I 237 -30.06 -60.76 15.46
C GLU I 237 -30.16 -59.42 16.17
N GLY I 238 -30.56 -58.37 15.47
CA GLY I 238 -30.79 -57.07 16.07
C GLY I 238 -32.10 -57.03 16.83
N SER I 239 -32.43 -55.84 17.31
CA SER I 239 -33.69 -55.65 18.04
C SER I 239 -34.65 -54.72 17.31
N TYR I 240 -34.25 -53.50 17.02
CA TYR I 240 -35.18 -52.55 16.40
C TYR I 240 -34.60 -51.83 15.19
N LEU I 241 -33.29 -51.54 15.20
CA LEU I 241 -32.69 -50.74 14.13
C LEU I 241 -32.61 -51.52 12.81
N SER I 242 -32.77 -52.84 12.85
CA SER I 242 -32.63 -53.63 11.63
C SER I 242 -33.74 -53.34 10.63
N ILE I 243 -34.93 -52.97 11.11
CA ILE I 243 -36.08 -52.72 10.23
C ILE I 243 -36.24 -51.25 9.88
N CYS I 244 -35.42 -50.37 10.47
CA CYS I 244 -35.53 -48.94 10.15
C CYS I 244 -35.20 -48.68 8.69
N LYS I 245 -34.18 -49.36 8.16
CA LYS I 245 -33.82 -49.24 6.76
C LYS I 245 -34.43 -50.32 5.89
N HIS I 246 -35.12 -51.30 6.48
CA HIS I 246 -35.75 -52.38 5.74
C HIS I 246 -37.20 -52.08 5.40
N TYR I 247 -37.99 -51.66 6.41
CA TYR I 247 -39.40 -51.38 6.18
C TYR I 247 -39.64 -50.06 5.44
N ARG I 248 -38.59 -49.28 5.20
CA ARG I 248 -38.74 -48.01 4.49
C ARG I 248 -38.56 -48.15 2.98
N ALA I 249 -38.15 -49.33 2.50
CA ALA I 249 -37.92 -49.55 1.07
C ALA I 249 -38.94 -50.53 0.48
N ILE I 250 -39.97 -50.89 1.23
CA ILE I 250 -40.98 -51.83 0.74
C ILE I 250 -42.19 -51.10 0.16
N TYR I 251 -42.05 -49.80 -0.14
CA TYR I 251 -43.15 -49.05 -0.72
C TYR I 251 -43.42 -49.43 -2.17
N ASP I 252 -42.41 -49.94 -2.88
CA ASP I 252 -42.61 -50.40 -4.24
C ASP I 252 -43.12 -51.82 -4.33
N THR I 253 -43.18 -52.54 -3.21
CA THR I 253 -43.68 -53.91 -3.23
C THR I 253 -45.16 -54.00 -3.62
N PRO I 254 -46.08 -53.18 -3.11
CA PRO I 254 -47.47 -53.28 -3.57
C PRO I 254 -47.65 -52.95 -5.04
N CYS I 255 -46.71 -52.20 -5.65
CA CYS I 255 -46.83 -51.87 -7.06
C CYS I 255 -46.48 -53.05 -7.96
N ILE I 256 -45.65 -53.97 -7.48
CA ILE I 256 -45.20 -55.09 -8.31
C ILE I 256 -46.24 -56.21 -8.33
N GLN I 257 -46.85 -56.50 -7.19
CA GLN I 257 -47.80 -57.60 -7.07
C GLN I 257 -49.17 -57.05 -6.69
N ALA I 258 -50.10 -57.95 -6.40
CA ALA I 258 -51.46 -57.55 -6.04
C ALA I 258 -51.47 -56.86 -4.68
N GLU I 259 -52.26 -55.80 -4.58
CA GLU I 259 -52.36 -55.03 -3.34
C GLU I 259 -53.33 -55.63 -2.34
N SER I 260 -53.91 -56.80 -2.64
CA SER I 260 -54.85 -57.42 -1.70
C SER I 260 -54.16 -57.93 -0.45
N GLU I 261 -53.03 -58.60 -0.62
CA GLU I 261 -52.28 -59.16 0.50
C GLU I 261 -51.31 -58.16 1.13
N LYS I 262 -51.16 -56.97 0.55
CA LYS I 262 -50.25 -55.98 1.09
C LYS I 262 -50.79 -55.29 2.34
N TRP I 263 -52.11 -55.39 2.58
CA TRP I 263 -52.69 -54.79 3.78
C TRP I 263 -52.19 -55.46 5.05
N GLN I 264 -51.89 -56.76 4.98
CA GLN I 264 -51.50 -57.50 6.17
C GLN I 264 -50.02 -57.37 6.50
N GLN I 265 -49.18 -57.17 5.47
CA GLN I 265 -47.73 -57.12 5.67
C GLN I 265 -47.15 -55.75 5.36
N ALA I 266 -47.40 -55.21 4.16
CA ALA I 266 -46.79 -53.94 3.76
C ALA I 266 -47.38 -52.78 4.56
N LEU I 267 -48.70 -52.66 4.59
CA LEU I 267 -49.34 -51.57 5.32
C LEU I 267 -49.29 -51.77 6.83
N LYS I 268 -48.89 -52.95 7.30
CA LYS I 268 -48.66 -53.17 8.72
C LYS I 268 -47.23 -52.80 9.12
N SER I 269 -46.25 -53.18 8.31
CA SER I 269 -44.85 -52.84 8.57
C SER I 269 -44.50 -51.43 8.11
N VAL I 270 -45.45 -50.70 7.50
CA VAL I 270 -45.19 -49.33 7.06
C VAL I 270 -45.16 -48.35 8.23
N VAL I 271 -45.57 -48.78 9.42
CA VAL I 271 -45.57 -47.91 10.58
C VAL I 271 -44.53 -48.33 11.63
N LEU I 272 -44.02 -49.57 11.56
CA LEU I 272 -43.08 -50.03 12.57
C LEU I 272 -41.75 -49.28 12.48
N TYR I 273 -41.28 -49.01 11.27
CA TYR I 273 -39.99 -48.33 11.13
C TYR I 273 -40.09 -46.86 11.47
N VAL I 274 -41.27 -46.25 11.30
CA VAL I 274 -41.43 -44.85 11.65
C VAL I 274 -41.74 -44.67 13.13
N ILE I 275 -42.32 -45.69 13.79
CA ILE I 275 -42.48 -45.63 15.23
C ILE I 275 -41.15 -45.90 15.93
N LEU I 276 -40.42 -46.92 15.46
CA LEU I 276 -39.13 -47.29 16.05
C LEU I 276 -37.99 -46.43 15.50
N ALA I 277 -38.28 -45.39 14.74
CA ALA I 277 -37.24 -44.54 14.21
C ALA I 277 -36.58 -43.73 15.34
N PRO I 278 -35.30 -43.37 15.18
CA PRO I 278 -34.65 -42.52 16.19
C PRO I 278 -35.37 -41.19 16.34
N PHE I 279 -35.38 -40.70 17.57
CA PHE I 279 -36.11 -39.48 17.91
C PHE I 279 -35.33 -38.20 17.62
N ASP I 280 -34.10 -38.31 17.11
CA ASP I 280 -33.28 -37.13 16.92
C ASP I 280 -33.63 -36.38 15.64
N ASN I 281 -33.47 -37.03 14.49
CA ASN I 281 -33.68 -36.36 13.21
C ASN I 281 -34.59 -37.13 12.27
N GLU I 282 -34.52 -38.46 12.28
CA GLU I 282 -35.28 -39.25 11.30
C GLU I 282 -36.79 -39.17 11.57
N GLN I 283 -37.19 -38.90 12.81
CA GLN I 283 -38.61 -38.79 13.10
C GLN I 283 -39.23 -37.54 12.48
N SER I 284 -38.42 -36.50 12.27
CA SER I 284 -38.95 -35.24 11.74
C SER I 284 -39.31 -35.37 10.26
N ASP I 285 -38.45 -35.98 9.46
CA ASP I 285 -38.64 -36.05 8.03
C ASP I 285 -39.21 -37.37 7.55
N LEU I 286 -39.00 -38.47 8.27
CA LEU I 286 -39.50 -39.77 7.84
C LEU I 286 -41.01 -39.87 7.98
N VAL I 287 -41.65 -39.00 8.75
CA VAL I 287 -43.10 -39.04 8.88
C VAL I 287 -43.80 -38.45 7.67
N HIS I 288 -43.09 -37.68 6.84
CA HIS I 288 -43.68 -37.07 5.66
C HIS I 288 -43.66 -37.97 4.44
N ARG I 289 -42.89 -39.06 4.46
CA ARG I 289 -42.85 -39.97 3.32
C ARG I 289 -44.11 -40.82 3.24
N ILE I 290 -44.73 -41.14 4.39
CA ILE I 290 -45.95 -41.93 4.40
C ILE I 290 -47.21 -41.07 4.39
N SER I 291 -47.11 -39.80 4.78
CA SER I 291 -48.27 -38.93 4.78
C SER I 291 -48.67 -38.57 3.35
N GLY I 292 -49.98 -38.56 3.10
CA GLY I 292 -50.53 -38.26 1.80
C GLY I 292 -51.11 -39.46 1.09
N ASP I 293 -50.70 -40.67 1.45
CA ASP I 293 -51.22 -41.87 0.81
C ASP I 293 -52.68 -42.09 1.21
N LYS I 294 -53.51 -42.43 0.22
CA LYS I 294 -54.93 -42.64 0.50
C LYS I 294 -55.17 -43.90 1.32
N LYS I 295 -54.31 -44.91 1.18
CA LYS I 295 -54.48 -46.15 1.92
C LYS I 295 -54.07 -46.02 3.39
N LEU I 296 -53.45 -44.90 3.78
CA LEU I 296 -53.04 -44.73 5.17
C LEU I 296 -54.24 -44.46 6.07
N GLU I 297 -55.19 -43.64 5.61
CA GLU I 297 -56.36 -43.33 6.42
C GLU I 297 -57.32 -44.50 6.54
N GLU I 298 -57.25 -45.47 5.61
CA GLU I 298 -58.14 -46.62 5.67
C GLU I 298 -57.77 -47.58 6.78
N ILE I 299 -56.55 -47.51 7.28
CA ILE I 299 -56.11 -48.41 8.35
C ILE I 299 -56.69 -47.91 9.67
N PRO I 300 -57.25 -48.79 10.50
CA PRO I 300 -57.75 -48.34 11.82
C PRO I 300 -56.67 -47.79 12.73
N LYS I 301 -55.39 -48.11 12.45
CA LYS I 301 -54.28 -47.59 13.23
C LYS I 301 -53.91 -46.15 12.87
N TYR I 302 -54.63 -45.55 11.92
CA TYR I 302 -54.33 -44.18 11.53
C TYR I 302 -54.49 -43.21 12.70
N LYS I 303 -55.47 -43.45 13.56
CA LYS I 303 -55.62 -42.62 14.75
C LYS I 303 -54.46 -42.81 15.71
N ASP I 304 -53.90 -44.02 15.78
CA ASP I 304 -52.72 -44.25 16.61
C ASP I 304 -51.50 -43.54 16.03
N LEU I 305 -51.37 -43.54 14.70
CA LEU I 305 -50.29 -42.78 14.07
C LEU I 305 -50.46 -41.29 14.30
N LEU I 306 -51.70 -40.81 14.32
CA LEU I 306 -51.94 -39.40 14.60
C LEU I 306 -51.62 -39.07 16.05
N LYS I 307 -51.90 -39.99 16.98
CA LYS I 307 -51.54 -39.77 18.37
C LYS I 307 -50.03 -39.84 18.58
N LEU I 308 -49.34 -40.63 17.76
CA LEU I 308 -47.88 -40.75 17.85
C LEU I 308 -47.16 -39.77 16.95
N PHE I 309 -47.88 -38.90 16.24
CA PHE I 309 -47.25 -37.95 15.33
C PHE I 309 -46.60 -36.80 16.10
N THR I 310 -47.39 -36.05 16.85
CA THR I 310 -46.89 -34.93 17.65
C THR I 310 -47.94 -34.56 18.68
N THR I 311 -47.50 -33.78 19.67
CA THR I 311 -48.36 -33.33 20.77
C THR I 311 -49.07 -34.51 21.43
N MET I 312 -48.27 -35.44 21.93
CA MET I 312 -48.81 -36.66 22.54
C MET I 312 -49.45 -36.32 23.88
N GLU I 313 -50.78 -36.30 23.91
CA GLU I 313 -51.50 -36.03 25.14
C GLU I 313 -51.35 -37.20 26.11
N LEU I 314 -51.21 -36.88 27.39
CA LEU I 314 -51.05 -37.89 28.43
C LEU I 314 -52.36 -38.64 28.60
N MET I 315 -52.44 -39.85 28.06
CA MET I 315 -53.62 -40.68 28.11
C MET I 315 -53.28 -42.06 28.66
N ARG I 316 -54.31 -42.80 29.04
CA ARG I 316 -54.14 -44.14 29.60
C ARG I 316 -54.05 -45.17 28.48
N TRP I 317 -53.10 -46.10 28.64
CA TRP I 317 -52.91 -47.16 27.65
C TRP I 317 -53.97 -48.25 27.74
N SER I 318 -54.82 -48.23 28.78
CA SER I 318 -55.88 -49.23 28.90
C SER I 318 -56.84 -49.16 27.73
N THR I 319 -57.05 -47.97 27.17
CA THR I 319 -57.89 -47.85 25.97
C THR I 319 -57.21 -48.50 24.77
N LEU I 320 -55.89 -48.54 24.75
CA LEU I 320 -55.15 -49.21 23.69
C LEU I 320 -54.97 -50.70 23.94
N VAL I 321 -55.23 -51.17 25.16
CA VAL I 321 -55.11 -52.60 25.45
C VAL I 321 -56.11 -53.41 24.61
N GLU I 322 -57.38 -52.99 24.62
CA GLU I 322 -58.37 -53.68 23.80
C GLU I 322 -58.16 -53.42 22.32
N ASP I 323 -57.51 -52.30 21.97
CA ASP I 323 -57.19 -52.05 20.57
C ASP I 323 -56.14 -53.04 20.07
N TYR I 324 -55.15 -53.36 20.90
CA TYR I 324 -54.17 -54.37 20.52
C TYR I 324 -54.78 -55.76 20.59
N GLY I 325 -55.70 -56.00 21.53
CA GLY I 325 -56.36 -57.28 21.60
C GLY I 325 -57.16 -57.57 20.35
N MET I 326 -58.02 -56.63 19.94
CA MET I 326 -58.74 -56.78 18.68
C MET I 326 -57.79 -56.73 17.49
N GLU I 327 -56.62 -56.09 17.65
CA GLU I 327 -55.61 -56.17 16.60
C GLU I 327 -55.10 -57.59 16.43
N LEU I 328 -55.06 -58.36 17.52
CA LEU I 328 -54.75 -59.78 17.41
C LEU I 328 -55.96 -60.63 17.03
N ARG I 329 -57.18 -60.12 17.25
CA ARG I 329 -58.37 -60.91 16.97
C ARG I 329 -58.76 -60.85 15.49
N LYS I 330 -58.86 -59.64 14.93
CA LYS I 330 -59.31 -59.50 13.56
C LYS I 330 -58.24 -59.97 12.57
N GLY I 331 -58.70 -60.59 11.49
CA GLY I 331 -57.81 -61.10 10.47
C GLY I 331 -57.96 -60.49 9.09
N SER I 332 -58.82 -59.47 8.92
CA SER I 332 -58.99 -58.86 7.61
C SER I 332 -57.75 -58.08 7.21
N LEU I 333 -57.13 -57.38 8.16
CA LEU I 333 -55.90 -56.64 7.92
C LEU I 333 -55.00 -56.78 9.15
N GLU I 334 -53.73 -56.42 8.97
CA GLU I 334 -52.67 -56.61 9.96
C GLU I 334 -52.82 -57.95 10.69
N SER I 335 -53.00 -59.00 9.89
CA SER I 335 -53.27 -60.36 10.35
C SER I 335 -52.11 -61.00 11.12
N PRO I 336 -50.84 -60.93 10.62
CA PRO I 336 -49.78 -61.71 11.28
C PRO I 336 -49.34 -61.14 12.62
N ALA I 337 -50.30 -60.83 13.50
CA ALA I 337 -49.96 -60.42 14.85
C ALA I 337 -49.43 -61.60 15.65
N THR I 338 -49.96 -62.79 15.42
CA THR I 338 -49.40 -63.99 16.02
C THR I 338 -48.00 -64.28 15.49
N ASP I 339 -47.72 -63.86 14.25
CA ASP I 339 -46.37 -63.95 13.73
C ASP I 339 -45.45 -62.92 14.36
N VAL I 340 -45.99 -61.74 14.71
CA VAL I 340 -45.20 -60.78 15.48
C VAL I 340 -44.89 -61.35 16.86
N PHE I 341 -45.86 -62.02 17.48
CA PHE I 341 -45.66 -62.68 18.77
C PHE I 341 -45.24 -64.14 18.62
N GLY I 342 -44.56 -64.49 17.53
CA GLY I 342 -44.14 -65.86 17.34
C GLY I 342 -43.17 -66.32 18.41
N SER I 343 -42.12 -65.54 18.64
CA SER I 343 -41.14 -65.89 19.65
C SER I 343 -41.67 -65.58 21.04
N THR I 344 -41.22 -66.37 22.04
CA THR I 344 -41.69 -66.20 23.41
C THR I 344 -41.06 -65.00 24.10
N GLU I 345 -39.89 -64.54 23.65
CA GLU I 345 -39.21 -63.41 24.27
C GLU I 345 -39.12 -62.17 23.39
N GLU I 346 -39.07 -62.35 22.06
CA GLU I 346 -38.97 -61.20 21.18
C GLU I 346 -40.21 -60.32 21.26
N GLY I 347 -41.40 -60.94 21.26
CA GLY I 347 -42.61 -60.16 21.41
C GLY I 347 -42.72 -59.48 22.76
N GLU I 348 -42.21 -60.11 23.81
CA GLU I 348 -42.21 -59.49 25.13
C GLU I 348 -41.26 -58.29 25.18
N LYS I 349 -40.13 -58.39 24.47
CA LYS I 349 -39.22 -57.26 24.40
C LYS I 349 -39.82 -56.12 23.56
N ARG I 350 -40.54 -56.47 22.49
CA ARG I 350 -41.18 -55.45 21.66
C ARG I 350 -42.32 -54.77 22.39
N TRP I 351 -43.04 -55.51 23.23
CA TRP I 351 -44.17 -54.91 23.97
C TRP I 351 -43.69 -54.10 25.16
N LYS I 352 -42.80 -54.68 25.98
CA LYS I 352 -42.28 -53.97 27.14
C LYS I 352 -41.46 -52.76 26.72
N ASP I 353 -40.58 -52.93 25.73
CA ASP I 353 -39.79 -51.82 25.22
C ASP I 353 -40.59 -50.90 24.30
N LEU I 354 -41.77 -51.34 23.85
CA LEU I 354 -42.65 -50.44 23.11
C LEU I 354 -43.39 -49.50 24.05
N LYS I 355 -44.05 -50.05 25.07
CA LYS I 355 -44.67 -49.20 26.09
C LYS I 355 -43.63 -48.36 26.80
N ASN I 356 -42.41 -48.89 26.98
CA ASN I 356 -41.33 -48.09 27.52
C ASN I 356 -40.93 -47.00 26.53
N ARG I 357 -40.95 -47.32 25.24
CA ARG I 357 -40.54 -46.34 24.22
C ARG I 357 -41.52 -45.19 24.13
N VAL I 358 -42.82 -45.45 24.33
CA VAL I 358 -43.78 -44.36 24.30
C VAL I 358 -43.83 -43.65 25.66
N VAL I 359 -43.63 -44.37 26.77
CA VAL I 359 -43.63 -43.74 28.08
C VAL I 359 -42.36 -42.94 28.33
N GLU I 360 -41.34 -43.10 27.48
CA GLU I 360 -40.19 -42.22 27.46
C GLU I 360 -40.27 -41.17 26.37
N HIS I 361 -40.89 -41.52 25.23
CA HIS I 361 -41.03 -40.56 24.14
C HIS I 361 -41.96 -39.41 24.52
N ASN I 362 -43.03 -39.70 25.26
CA ASN I 362 -43.88 -38.62 25.75
C ASN I 362 -43.14 -37.72 26.72
N ILE I 363 -42.21 -38.28 27.50
CA ILE I 363 -41.35 -37.47 28.35
C ILE I 363 -40.43 -36.60 27.49
N ARG I 364 -39.94 -37.14 26.37
CA ARG I 364 -39.13 -36.35 25.46
C ARG I 364 -39.93 -35.26 24.77
N ILE I 365 -41.25 -35.43 24.64
CA ILE I 365 -42.09 -34.40 24.03
C ILE I 365 -42.41 -33.31 25.05
N MET I 366 -42.87 -33.71 26.24
CA MET I 366 -43.17 -32.74 27.28
C MET I 366 -41.93 -32.08 27.85
N ALA I 367 -40.74 -32.60 27.56
CA ALA I 367 -39.51 -31.97 28.04
C ALA I 367 -39.27 -30.63 27.35
N LYS I 368 -39.80 -30.46 26.14
CA LYS I 368 -39.69 -29.17 25.47
C LYS I 368 -40.52 -28.10 26.18
N TYR I 369 -41.72 -28.47 26.64
CA TYR I 369 -42.55 -27.55 27.39
C TYR I 369 -42.04 -27.42 28.82
N TYR I 370 -41.95 -26.19 29.31
CA TYR I 370 -41.43 -25.90 30.64
C TYR I 370 -42.54 -25.77 31.68
N THR I 371 -43.66 -26.46 31.48
CA THR I 371 -44.83 -26.28 32.34
C THR I 371 -44.67 -26.87 33.73
N ARG I 372 -43.57 -27.58 34.01
CA ARG I 372 -43.32 -28.20 35.31
C ARG I 372 -44.45 -29.15 35.69
N ILE I 373 -44.54 -30.24 34.92
CA ILE I 373 -45.61 -31.21 35.05
C ILE I 373 -45.65 -31.88 36.41
N THR I 374 -44.58 -31.75 37.21
CA THR I 374 -44.51 -32.34 38.56
C THR I 374 -44.73 -33.86 38.51
N MET I 375 -43.74 -34.53 37.90
CA MET I 375 -43.82 -35.96 37.66
C MET I 375 -44.13 -36.78 38.92
N LYS I 376 -43.96 -36.18 40.11
CA LYS I 376 -44.36 -36.88 41.34
C LYS I 376 -45.86 -37.12 41.35
N ARG I 377 -46.65 -36.15 40.88
CA ARG I 377 -48.08 -36.35 40.75
C ARG I 377 -48.42 -37.17 39.51
N MET I 378 -47.63 -37.03 38.44
CA MET I 378 -47.85 -37.82 37.24
C MET I 378 -47.70 -39.31 37.51
N ALA I 379 -46.78 -39.69 38.41
CA ALA I 379 -46.66 -41.09 38.79
C ALA I 379 -47.90 -41.57 39.55
N GLN I 380 -48.61 -40.65 40.21
CA GLN I 380 -49.85 -41.02 40.88
C GLN I 380 -51.01 -41.13 39.89
N LEU I 381 -51.04 -40.25 38.89
CA LEU I 381 -52.10 -40.33 37.89
C LEU I 381 -51.91 -41.53 36.96
N LEU I 382 -50.66 -41.95 36.73
CA LEU I 382 -50.38 -43.09 35.87
C LEU I 382 -50.49 -44.42 36.61
N ASP I 383 -50.57 -44.40 37.93
CA ASP I 383 -50.75 -45.61 38.74
C ASP I 383 -49.61 -46.60 38.52
N LEU I 384 -48.38 -46.12 38.68
CA LEU I 384 -47.19 -46.96 38.54
C LEU I 384 -46.23 -46.65 39.68
N SER I 385 -45.32 -47.59 39.92
CA SER I 385 -44.34 -47.45 40.99
C SER I 385 -43.21 -46.52 40.57
N VAL I 386 -42.59 -45.89 41.56
CA VAL I 386 -41.50 -44.95 41.30
C VAL I 386 -40.17 -45.64 40.99
N ASP I 387 -40.07 -46.95 41.27
CA ASP I 387 -38.82 -47.66 41.01
C ASP I 387 -38.55 -47.76 39.51
N GLU I 388 -39.55 -48.17 38.73
CA GLU I 388 -39.39 -48.22 37.29
C GLU I 388 -39.28 -46.83 36.68
N SER I 389 -39.75 -45.79 37.38
CA SER I 389 -39.48 -44.43 36.95
C SER I 389 -38.04 -44.05 37.19
N GLU I 390 -37.44 -44.54 38.28
CA GLU I 390 -36.00 -44.35 38.49
C GLU I 390 -35.21 -45.12 37.44
N ALA I 391 -35.69 -46.29 37.01
CA ALA I 391 -35.08 -46.98 35.89
C ALA I 391 -35.25 -46.19 34.60
N PHE I 392 -36.39 -45.51 34.45
CA PHE I 392 -36.56 -44.62 33.30
C PHE I 392 -35.53 -43.49 33.34
N LEU I 393 -35.24 -42.97 34.52
CA LEU I 393 -34.14 -42.01 34.66
C LEU I 393 -32.80 -42.65 34.33
N SER I 394 -32.64 -43.94 34.64
CA SER I 394 -31.45 -44.66 34.21
C SER I 394 -31.39 -44.80 32.70
N ASN I 395 -32.52 -44.69 32.02
CA ASN I 395 -32.51 -44.55 30.56
C ASN I 395 -32.30 -43.10 30.12
N LEU I 396 -32.60 -42.13 30.99
CA LEU I 396 -32.37 -40.73 30.65
C LEU I 396 -30.90 -40.35 30.77
N VAL I 397 -30.15 -40.98 31.70
CA VAL I 397 -28.73 -40.66 31.84
C VAL I 397 -27.98 -41.01 30.57
N VAL I 398 -28.45 -42.00 29.82
CA VAL I 398 -27.91 -42.27 28.49
C VAL I 398 -28.73 -41.60 27.40
N ASN I 399 -29.91 -41.08 27.73
CA ASN I 399 -30.73 -40.32 26.79
C ASN I 399 -30.45 -38.82 26.85
N LYS I 400 -29.27 -38.43 27.35
CA LYS I 400 -28.82 -37.03 27.38
C LYS I 400 -29.76 -36.17 28.22
N THR I 401 -29.84 -36.49 29.51
CA THR I 401 -30.62 -35.73 30.47
C THR I 401 -29.76 -34.71 31.24
N ILE I 402 -28.59 -34.36 30.70
CA ILE I 402 -27.66 -33.48 31.42
C ILE I 402 -28.24 -32.11 31.67
N PHE I 403 -29.28 -31.71 30.92
CA PHE I 403 -29.93 -30.42 31.11
C PHE I 403 -31.18 -30.63 31.96
N ALA I 404 -30.96 -30.70 33.27
CA ALA I 404 -32.05 -30.92 34.22
C ALA I 404 -31.61 -30.44 35.60
N LYS I 405 -32.57 -30.43 36.52
CA LYS I 405 -32.32 -29.99 37.90
C LYS I 405 -33.22 -30.81 38.82
N VAL I 406 -32.61 -31.48 39.80
CA VAL I 406 -33.34 -32.31 40.75
C VAL I 406 -33.24 -31.67 42.13
N ASP I 407 -33.97 -32.26 43.08
CA ASP I 407 -34.06 -31.76 44.45
C ASP I 407 -33.83 -32.89 45.43
N ARG I 408 -33.11 -32.60 46.51
CA ARG I 408 -32.83 -33.60 47.52
C ARG I 408 -34.02 -33.83 48.45
N LEU I 409 -34.64 -32.75 48.91
CA LEU I 409 -35.75 -32.88 49.86
C LEU I 409 -36.99 -33.43 49.18
N ALA I 410 -37.49 -32.74 48.16
CA ALA I 410 -38.68 -33.17 47.44
C ALA I 410 -38.26 -34.07 46.28
N GLY I 411 -39.23 -34.44 45.45
CA GLY I 411 -38.97 -35.28 44.30
C GLY I 411 -39.27 -34.59 42.98
N ILE I 412 -39.63 -33.30 43.06
CA ILE I 412 -39.96 -32.55 41.85
C ILE I 412 -38.68 -32.29 41.06
N ILE I 413 -38.75 -32.53 39.76
CA ILE I 413 -37.62 -32.31 38.87
C ILE I 413 -37.82 -31.00 38.12
N ASN I 414 -36.72 -30.43 37.64
CA ASN I 414 -36.74 -29.17 36.91
C ASN I 414 -35.93 -29.32 35.63
N PHE I 415 -36.59 -29.23 34.48
CA PHE I 415 -35.92 -29.26 33.19
C PHE I 415 -35.52 -27.88 32.71
N GLN I 416 -35.57 -26.87 33.58
CA GLN I 416 -35.26 -25.50 33.21
C GLN I 416 -34.66 -24.82 34.44
N ARG I 417 -34.64 -23.48 34.45
CA ARG I 417 -34.02 -22.65 35.47
C ARG I 417 -32.52 -22.95 35.54
N PRO I 418 -31.76 -22.64 34.48
CA PRO I 418 -30.30 -22.83 34.56
C PRO I 418 -29.63 -21.72 35.34
N LYS I 419 -28.30 -21.71 35.35
CA LYS I 419 -27.56 -20.58 35.93
C LYS I 419 -27.93 -19.26 35.29
N ASP I 420 -28.46 -19.28 34.06
CA ASP I 420 -28.95 -18.12 33.33
C ASP I 420 -27.90 -17.02 33.23
N PRO I 421 -26.86 -17.20 32.41
CA PRO I 421 -25.93 -16.10 32.17
C PRO I 421 -26.64 -14.92 31.51
N ASN I 422 -26.54 -13.76 32.14
CA ASN I 422 -27.25 -12.58 31.66
C ASN I 422 -26.71 -12.07 30.34
N ASN I 423 -25.48 -12.46 29.96
CA ASN I 423 -24.90 -12.02 28.71
C ASN I 423 -25.34 -12.85 27.51
N LEU I 424 -25.93 -14.02 27.74
CA LEU I 424 -26.35 -14.88 26.64
C LEU I 424 -27.85 -15.14 26.63
N LEU I 425 -28.42 -15.61 27.75
CA LEU I 425 -29.82 -16.01 27.76
C LEU I 425 -30.74 -14.79 27.84
N ASN I 426 -30.62 -14.01 28.91
CA ASN I 426 -31.43 -12.80 29.02
C ASN I 426 -31.11 -11.81 27.91
N ASP I 427 -29.87 -11.81 27.43
CA ASP I 427 -29.51 -10.97 26.30
C ASP I 427 -30.25 -11.42 25.04
N TRP I 428 -30.26 -12.73 24.78
CA TRP I 428 -30.94 -13.25 23.59
C TRP I 428 -32.45 -12.98 23.66
N SER I 429 -33.06 -13.29 24.81
CA SER I 429 -34.50 -13.09 24.95
C SER I 429 -34.86 -11.62 24.86
N GLN I 430 -34.04 -10.73 25.46
CA GLN I 430 -34.31 -9.31 25.36
C GLN I 430 -34.09 -8.80 23.93
N LYS I 431 -33.19 -9.44 23.18
CA LYS I 431 -33.00 -9.08 21.78
C LYS I 431 -34.23 -9.45 20.95
N LEU I 432 -34.73 -10.68 21.11
CA LEU I 432 -35.88 -11.11 20.32
C LEU I 432 -37.14 -10.35 20.71
N ASN I 433 -37.35 -10.13 22.01
CA ASN I 433 -38.55 -9.45 22.47
C ASN I 433 -38.50 -7.96 22.13
N SER I 434 -37.40 -7.29 22.54
CA SER I 434 -37.29 -5.85 22.31
C SER I 434 -37.22 -5.54 20.82
N LEU I 435 -36.32 -6.20 20.09
CA LEU I 435 -36.20 -5.93 18.66
C LEU I 435 -37.45 -6.36 17.91
N MET I 436 -38.06 -7.48 18.30
CA MET I 436 -39.31 -7.90 17.67
C MET I 436 -40.41 -6.86 17.88
N SER I 437 -40.43 -6.23 19.06
CA SER I 437 -41.39 -5.15 19.30
C SER I 437 -41.02 -3.90 18.52
N LEU I 438 -39.72 -3.71 18.22
CA LEU I 438 -39.29 -2.53 17.48
C LEU I 438 -39.67 -2.62 16.02
N VAL I 439 -39.25 -3.68 15.33
CA VAL I 439 -39.56 -3.80 13.91
C VAL I 439 -41.01 -4.18 13.71
N ASN I 440 -41.55 -5.04 14.58
CA ASN I 440 -42.97 -5.39 14.49
C ASN I 440 -43.84 -4.17 14.74
N LYS I 441 -43.49 -3.36 15.75
CA LYS I 441 -44.18 -2.10 15.96
C LYS I 441 -43.99 -1.16 14.78
N THR I 442 -42.86 -1.28 14.07
CA THR I 442 -42.60 -0.40 12.93
C THR I 442 -43.45 -0.78 11.73
N THR I 443 -43.79 -2.06 11.59
CA THR I 443 -44.54 -2.50 10.41
C THR I 443 -45.97 -1.97 10.43
N HIS I 444 -46.75 -2.34 11.45
CA HIS I 444 -48.17 -1.99 11.46
C HIS I 444 -48.43 -0.52 11.74
N LEU I 445 -47.44 0.23 12.25
CA LEU I 445 -47.65 1.65 12.51
C LEU I 445 -47.79 2.43 11.21
N ILE I 446 -46.73 2.42 10.39
CA ILE I 446 -46.79 3.11 9.10
C ILE I 446 -47.62 2.33 8.10
N ALA I 447 -47.76 1.01 8.28
CA ALA I 447 -48.64 0.23 7.42
C ALA I 447 -50.09 0.64 7.61
N LYS I 448 -50.53 0.74 8.88
CA LYS I 448 -51.87 1.24 9.16
C LYS I 448 -52.00 2.71 8.78
N GLU I 449 -50.93 3.49 8.97
CA GLU I 449 -50.94 4.88 8.55
C GLU I 449 -51.15 5.02 7.05
N GLU I 450 -50.70 4.03 6.28
CA GLU I 450 -50.98 4.01 4.85
C GLU I 450 -52.34 3.41 4.53
N MET I 451 -52.86 2.55 5.42
CA MET I 451 -54.18 1.98 5.20
C MET I 451 -55.29 3.00 5.43
N ILE I 452 -55.07 3.95 6.34
CA ILE I 452 -56.08 4.98 6.60
C ILE I 452 -56.10 6.07 5.55
N HIS I 453 -55.14 6.08 4.62
CA HIS I 453 -55.10 7.11 3.59
C HIS I 453 -56.17 6.93 2.53
N ASN I 454 -56.69 5.71 2.35
CA ASN I 454 -57.68 5.46 1.31
C ASN I 454 -59.04 6.06 1.63
N LEU I 455 -59.26 6.55 2.85
CA LEU I 455 -60.55 7.14 3.19
C LEU I 455 -60.75 8.52 2.59
N GLN I 456 -59.69 9.20 2.18
CA GLN I 456 -59.80 10.52 1.59
C GLN I 456 -60.22 10.44 0.14
N TYR J 106 18.58 -49.39 50.27
CA TYR J 106 18.74 -49.30 48.83
C TYR J 106 19.57 -48.07 48.44
N GLN J 107 19.85 -47.23 49.43
CA GLN J 107 20.64 -46.02 49.18
C GLN J 107 22.13 -46.35 49.07
N GLU J 108 22.70 -46.99 50.09
CA GLU J 108 24.10 -47.34 50.07
C GLU J 108 24.43 -48.40 49.02
N ALA J 109 23.45 -49.23 48.66
CA ALA J 109 23.69 -50.22 47.61
C ALA J 109 23.73 -49.57 46.24
N LEU J 110 22.87 -48.58 46.01
CA LEU J 110 22.87 -47.88 44.72
C LEU J 110 24.07 -46.95 44.61
N HIS J 111 24.45 -46.29 45.71
CA HIS J 111 25.60 -45.40 45.68
C HIS J 111 26.90 -46.19 45.55
N LEU J 112 27.05 -47.24 46.36
CA LEU J 112 28.25 -48.08 46.29
C LEU J 112 28.32 -48.81 44.95
N GLY J 113 27.17 -49.22 44.42
CA GLY J 113 27.16 -49.87 43.11
C GLY J 113 27.51 -48.90 41.99
N SER J 114 27.05 -47.65 42.11
CA SER J 114 27.38 -46.64 41.10
C SER J 114 28.87 -46.32 41.14
N GLN J 115 29.41 -46.09 42.33
CA GLN J 115 30.85 -45.86 42.46
C GLN J 115 31.64 -47.08 42.00
N LEU J 116 31.06 -48.27 42.13
CA LEU J 116 31.70 -49.46 41.57
C LEU J 116 31.68 -49.42 40.04
N LEU J 117 30.60 -48.89 39.46
CA LEU J 117 30.54 -48.75 38.01
C LEU J 117 31.54 -47.71 37.51
N ARG J 118 31.80 -46.67 38.30
CA ARG J 118 32.75 -45.63 37.88
C ARG J 118 34.15 -46.21 37.67
N GLU J 119 34.50 -47.26 38.41
CA GLU J 119 35.80 -47.91 38.26
C GLU J 119 35.72 -49.23 37.50
N LEU J 120 34.52 -49.71 37.19
CA LEU J 120 34.36 -50.95 36.43
C LEU J 120 34.04 -50.73 34.96
N LYS J 121 33.60 -49.53 34.56
CA LYS J 121 33.37 -49.27 33.15
C LYS J 121 34.68 -49.30 32.36
N LYS J 122 35.80 -48.99 33.00
CA LYS J 122 37.10 -49.07 32.33
C LYS J 122 37.66 -50.48 32.30
N MET J 123 37.22 -51.36 33.21
CA MET J 123 37.73 -52.72 33.26
C MET J 123 37.17 -53.54 32.11
N ASP J 124 37.96 -54.52 31.67
CA ASP J 124 37.56 -55.38 30.57
C ASP J 124 36.40 -56.28 30.99
N ASP J 125 35.88 -57.04 30.03
CA ASP J 125 34.74 -57.93 30.23
C ASP J 125 33.52 -57.15 30.74
N LYS J 126 33.04 -56.25 29.88
CA LYS J 126 31.91 -55.39 30.21
C LYS J 126 30.61 -56.17 30.35
N ALA J 127 30.57 -57.45 30.01
CA ALA J 127 29.35 -58.24 30.14
C ALA J 127 28.90 -58.39 31.58
N LEU J 128 29.83 -58.28 32.54
CA LEU J 128 29.45 -58.39 33.94
C LEU J 128 28.68 -57.15 34.41
N LEU J 129 28.84 -56.01 33.74
CA LEU J 129 28.14 -54.79 34.14
C LEU J 129 26.64 -54.88 33.90
N VAL J 130 26.18 -55.84 33.10
CA VAL J 130 24.76 -55.97 32.82
C VAL J 130 23.98 -56.34 34.08
N GLU J 131 24.60 -57.12 34.98
CA GLU J 131 23.90 -57.52 36.20
C GLU J 131 23.75 -56.35 37.16
N VAL J 132 24.84 -55.58 37.37
CA VAL J 132 24.78 -54.46 38.30
C VAL J 132 24.02 -53.27 37.74
N GLN J 133 23.97 -53.12 36.40
CA GLN J 133 23.12 -52.08 35.81
C GLN J 133 21.66 -52.50 35.80
N LEU J 134 21.39 -53.80 35.62
CA LEU J 134 20.02 -54.30 35.74
C LEU J 134 19.50 -54.10 37.15
N LEU J 135 20.29 -54.50 38.15
CA LEU J 135 19.92 -54.24 39.54
C LEU J 135 19.88 -52.75 39.83
N GLU J 136 20.69 -51.96 39.13
CA GLU J 136 20.62 -50.51 39.27
C GLU J 136 19.26 -49.98 38.81
N SER J 137 18.76 -50.48 37.69
CA SER J 137 17.42 -50.09 37.24
C SER J 137 16.35 -50.62 38.18
N LYS J 138 16.56 -51.81 38.76
CA LYS J 138 15.59 -52.38 39.68
C LYS J 138 15.48 -51.55 40.96
N THR J 139 16.61 -51.05 41.47
CA THR J 139 16.57 -50.23 42.66
C THR J 139 16.19 -48.78 42.37
N TYR J 140 16.43 -48.30 41.15
CA TYR J 140 15.88 -47.00 40.77
C TYR J 140 14.37 -47.06 40.62
N HIS J 141 13.83 -48.19 40.18
CA HIS J 141 12.37 -48.36 40.19
C HIS J 141 11.85 -48.58 41.60
N ALA J 142 12.65 -49.23 42.45
CA ALA J 142 12.26 -49.39 43.85
C ALA J 142 12.22 -48.04 44.56
N LEU J 143 13.10 -47.12 44.20
CA LEU J 143 13.10 -45.77 44.75
C LEU J 143 12.19 -44.82 43.97
N SER J 144 11.52 -45.31 42.93
CA SER J 144 10.58 -44.52 42.12
C SER J 144 11.29 -43.30 41.50
N ASN J 145 12.32 -43.59 40.70
CA ASN J 145 13.09 -42.57 39.99
C ASN J 145 13.11 -42.95 38.51
N LEU J 146 12.30 -42.27 37.72
CA LEU J 146 12.16 -42.57 36.30
C LEU J 146 13.28 -42.01 35.43
N PRO J 147 13.68 -40.73 35.58
CA PRO J 147 14.71 -40.19 34.69
C PRO J 147 16.05 -40.92 34.80
N LYS J 148 16.53 -41.15 36.03
CA LYS J 148 17.81 -41.85 36.18
C LYS J 148 17.70 -43.32 35.79
N ALA J 149 16.51 -43.90 35.91
CA ALA J 149 16.30 -45.25 35.38
C ALA J 149 16.32 -45.26 33.86
N ARG J 150 15.95 -44.14 33.23
CA ARG J 150 16.04 -44.04 31.79
C ARG J 150 17.47 -43.77 31.32
N ALA J 151 18.26 -43.05 32.12
CA ALA J 151 19.66 -42.82 31.77
C ALA J 151 20.48 -44.09 31.97
N ALA J 152 20.35 -44.72 33.14
CA ALA J 152 21.05 -45.98 33.38
C ALA J 152 20.51 -47.10 32.49
N LEU J 153 19.21 -47.07 32.19
CA LEU J 153 18.65 -48.03 31.24
C LEU J 153 19.22 -47.81 29.84
N THR J 154 19.39 -46.55 29.44
CA THR J 154 20.06 -46.26 28.19
C THR J 154 21.51 -46.74 28.20
N SER J 155 22.17 -46.66 29.35
CA SER J 155 23.51 -47.23 29.48
C SER J 155 23.48 -48.74 29.32
N ALA J 156 22.42 -49.38 29.82
CA ALA J 156 22.28 -50.82 29.64
C ALA J 156 21.98 -51.19 28.19
N ARG J 157 21.33 -50.29 27.45
CA ARG J 157 21.07 -50.53 26.03
C ARG J 157 22.33 -50.35 25.20
N THR J 158 23.09 -49.28 25.45
CA THR J 158 24.35 -49.07 24.76
C THR J 158 25.43 -50.03 25.22
N THR J 159 25.21 -50.72 26.34
CA THR J 159 26.12 -51.75 26.79
C THR J 159 25.77 -53.13 26.21
N ALA J 160 24.47 -53.44 26.16
CA ALA J 160 23.99 -54.70 25.62
C ALA J 160 23.71 -54.63 24.13
N ASN J 161 24.09 -53.54 23.45
CA ASN J 161 23.94 -53.49 22.01
C ASN J 161 25.00 -54.31 21.29
N ALA J 162 26.25 -54.23 21.77
CA ALA J 162 27.33 -55.06 21.26
C ALA J 162 27.53 -56.33 22.08
N ILE J 163 27.19 -56.31 23.36
CA ILE J 163 27.26 -57.49 24.20
C ILE J 163 25.98 -58.29 24.02
N TYR J 164 26.13 -59.61 23.90
CA TYR J 164 25.03 -60.51 23.58
C TYR J 164 24.98 -61.67 24.57
N CYS J 165 24.96 -61.33 25.86
CA CYS J 165 24.86 -62.28 26.96
C CYS J 165 23.62 -63.16 26.80
N PRO J 166 23.53 -64.28 27.51
CA PRO J 166 22.37 -65.15 27.37
C PRO J 166 21.09 -64.39 27.72
N PRO J 167 19.94 -64.83 27.18
CA PRO J 167 18.69 -64.06 27.35
C PRO J 167 18.20 -63.99 28.78
N LYS J 168 18.91 -64.60 29.73
CA LYS J 168 18.55 -64.46 31.14
C LYS J 168 18.60 -63.00 31.57
N LEU J 169 19.54 -62.22 31.04
CA LEU J 169 19.63 -60.80 31.33
C LEU J 169 19.00 -59.93 30.26
N GLN J 170 18.89 -60.43 29.02
CA GLN J 170 18.35 -59.61 27.93
C GLN J 170 16.85 -59.39 28.10
N ALA J 171 16.10 -60.45 28.44
CA ALA J 171 14.66 -60.30 28.58
C ALA J 171 14.29 -59.49 29.82
N THR J 172 15.14 -59.51 30.84
CA THR J 172 14.85 -58.70 32.03
C THR J 172 15.02 -57.22 31.75
N LEU J 173 15.89 -56.86 30.79
CA LEU J 173 16.00 -55.47 30.38
C LEU J 173 14.73 -54.98 29.71
N ASP J 174 14.12 -55.84 28.88
CA ASP J 174 12.88 -55.45 28.21
C ASP J 174 11.71 -55.43 29.19
N MET J 175 11.67 -56.39 30.12
CA MET J 175 10.61 -56.41 31.12
C MET J 175 10.70 -55.19 32.04
N GLN J 176 11.89 -54.90 32.56
CA GLN J 176 12.07 -53.73 33.41
C GLN J 176 11.86 -52.44 32.63
N SER J 177 12.20 -52.43 31.34
CA SER J 177 11.90 -51.27 30.52
C SER J 177 10.40 -51.06 30.39
N GLY J 178 9.65 -52.16 30.19
CA GLY J 178 8.20 -52.05 30.15
C GLY J 178 7.60 -51.62 31.49
N ILE J 179 8.26 -51.97 32.59
CA ILE J 179 7.79 -51.52 33.89
C ILE J 179 8.07 -50.03 34.08
N ILE J 180 9.21 -49.56 33.60
CA ILE J 180 9.53 -48.14 33.70
C ILE J 180 8.59 -47.31 32.86
N HIS J 181 8.36 -47.74 31.61
CA HIS J 181 7.40 -47.04 30.76
C HIS J 181 5.98 -47.16 31.30
N ALA J 182 5.66 -48.27 31.96
CA ALA J 182 4.34 -48.46 32.56
C ALA J 182 4.19 -47.71 33.88
N ALA J 183 5.26 -47.16 34.43
CA ALA J 183 5.15 -46.41 35.69
C ALA J 183 4.57 -45.02 35.46
N GLU J 184 4.89 -44.40 34.33
CA GLU J 184 4.37 -43.09 33.98
C GLU J 184 3.11 -43.15 33.12
N GLU J 185 2.82 -44.32 32.53
CA GLU J 185 1.64 -44.52 31.69
C GLU J 185 1.68 -43.59 30.47
N LYS J 186 2.82 -43.58 29.79
CA LYS J 186 2.97 -42.77 28.59
C LYS J 186 2.31 -43.44 27.38
N ASP J 187 2.77 -44.65 27.05
CA ASP J 187 2.22 -45.40 25.92
C ASP J 187 2.21 -46.88 26.28
N TRP J 188 1.05 -47.50 26.22
CA TRP J 188 0.90 -48.91 26.57
C TRP J 188 1.26 -49.85 25.41
N LYS J 189 1.34 -49.34 24.19
CA LYS J 189 1.66 -50.20 23.05
C LYS J 189 3.13 -50.59 23.06
N THR J 190 4.02 -49.61 23.22
CA THR J 190 5.45 -49.90 23.27
C THR J 190 5.79 -50.75 24.49
N ALA J 191 5.25 -50.39 25.66
CA ALA J 191 5.48 -51.18 26.85
C ALA J 191 4.94 -52.60 26.69
N TYR J 192 3.77 -52.73 26.05
CA TYR J 192 3.24 -54.07 25.75
C TYR J 192 4.17 -54.83 24.82
N SER J 193 4.87 -54.13 23.92
CA SER J 193 5.83 -54.80 23.06
C SER J 193 7.05 -55.26 23.86
N TYR J 194 7.48 -54.45 24.83
CA TYR J 194 8.61 -54.86 25.66
C TYR J 194 8.25 -56.05 26.55
N PHE J 195 7.02 -56.08 27.07
CA PHE J 195 6.58 -57.26 27.82
C PHE J 195 6.37 -58.45 26.91
N TYR J 196 6.05 -58.21 25.64
CA TYR J 196 5.90 -59.31 24.69
C TYR J 196 7.24 -59.95 24.38
N GLU J 197 8.26 -59.13 24.09
CA GLU J 197 9.59 -59.67 23.86
C GLU J 197 10.16 -60.27 25.13
N ALA J 198 9.85 -59.71 26.30
CA ALA J 198 10.28 -60.31 27.55
C ALA J 198 9.64 -61.67 27.76
N PHE J 199 8.36 -61.81 27.41
CA PHE J 199 7.71 -63.12 27.48
C PHE J 199 8.32 -64.08 26.46
N GLU J 200 8.75 -63.58 25.31
CA GLU J 200 9.45 -64.44 24.35
C GLU J 200 10.82 -64.86 24.88
N GLY J 201 11.42 -64.05 25.74
CA GLY J 201 12.70 -64.40 26.34
C GLY J 201 12.56 -65.39 27.48
N TYR J 202 11.51 -65.24 28.28
CA TYR J 202 11.24 -66.14 29.41
C TYR J 202 10.41 -67.35 29.01
N ASP J 203 10.37 -67.69 27.73
CA ASP J 203 9.53 -68.80 27.26
C ASP J 203 10.20 -70.12 27.58
N SER J 204 9.50 -70.96 28.35
CA SER J 204 9.91 -72.35 28.61
C SER J 204 11.27 -72.45 29.31
N ILE J 205 11.63 -71.42 30.08
CA ILE J 205 12.87 -71.47 30.84
C ILE J 205 12.63 -71.49 32.35
N ASP J 206 11.50 -70.98 32.82
CA ASP J 206 11.21 -70.98 34.25
C ASP J 206 9.72 -70.77 34.44
N SER J 207 9.10 -71.59 35.29
CA SER J 207 7.65 -71.50 35.47
C SER J 207 7.24 -70.21 36.20
N PRO J 208 7.83 -69.83 37.34
CA PRO J 208 7.43 -68.56 37.96
C PRO J 208 7.72 -67.36 37.08
N LYS J 209 8.86 -67.35 36.37
CA LYS J 209 9.17 -66.23 35.49
C LYS J 209 8.20 -66.17 34.31
N ALA J 210 7.68 -67.32 33.87
CA ALA J 210 6.72 -67.31 32.78
C ALA J 210 5.34 -66.87 33.26
N ILE J 211 4.91 -67.33 34.43
CA ILE J 211 3.60 -66.94 34.92
C ILE J 211 3.59 -65.48 35.34
N THR J 212 4.73 -64.95 35.80
CA THR J 212 4.81 -63.52 36.06
C THR J 212 5.05 -62.71 34.79
N SER J 213 5.57 -63.35 33.73
CA SER J 213 5.70 -62.66 32.44
C SER J 213 4.33 -62.49 31.80
N LEU J 214 3.53 -63.56 31.73
CA LEU J 214 2.16 -63.43 31.24
C LEU J 214 1.30 -62.62 32.21
N LYS J 215 1.62 -62.67 33.50
CA LYS J 215 0.93 -61.80 34.46
C LYS J 215 1.21 -60.33 34.17
N TYR J 216 2.46 -60.02 33.80
CA TYR J 216 2.79 -58.64 33.44
C TYR J 216 2.16 -58.26 32.10
N MET J 217 2.04 -59.21 31.18
CA MET J 217 1.35 -58.93 29.91
C MET J 217 -0.12 -58.60 30.15
N LEU J 218 -0.81 -59.45 30.91
CA LEU J 218 -2.20 -59.19 31.23
C LEU J 218 -2.37 -57.97 32.12
N LEU J 219 -1.30 -57.56 32.83
CA LEU J 219 -1.35 -56.34 33.63
C LEU J 219 -1.26 -55.09 32.74
N CYS J 220 -0.17 -54.97 31.99
CA CYS J 220 -0.01 -53.81 31.11
C CYS J 220 -1.09 -53.76 30.04
N LYS J 221 -1.69 -54.89 29.69
CA LYS J 221 -2.78 -54.92 28.74
C LYS J 221 -4.15 -54.73 29.39
N ILE J 222 -4.28 -55.06 30.68
CA ILE J 222 -5.53 -54.76 31.38
C ILE J 222 -5.58 -53.31 31.83
N MET J 223 -4.43 -52.62 31.86
CA MET J 223 -4.44 -51.20 32.22
C MET J 223 -5.06 -50.33 31.14
N LEU J 224 -5.11 -50.81 29.89
CA LEU J 224 -5.69 -50.06 28.79
C LEU J 224 -7.14 -50.46 28.50
N ASN J 225 -7.77 -51.20 29.40
CA ASN J 225 -9.20 -51.51 29.34
C ASN J 225 -9.57 -52.28 28.08
N THR J 226 -8.99 -53.48 27.95
CA THR J 226 -9.33 -54.39 26.85
C THR J 226 -9.27 -55.81 27.38
N PRO J 227 -10.41 -56.35 27.86
CA PRO J 227 -10.42 -57.73 28.36
C PRO J 227 -10.54 -58.78 27.28
N GLU J 228 -10.89 -58.40 26.05
CA GLU J 228 -11.04 -59.38 24.98
C GLU J 228 -9.73 -60.08 24.68
N ASP J 229 -8.62 -59.34 24.69
CA ASP J 229 -7.32 -59.97 24.48
C ASP J 229 -6.92 -60.82 25.69
N VAL J 230 -7.40 -60.46 26.89
CA VAL J 230 -7.16 -61.28 28.06
C VAL J 230 -7.85 -62.63 27.91
N GLN J 231 -9.11 -62.61 27.48
CA GLN J 231 -9.81 -63.87 27.21
C GLN J 231 -9.15 -64.63 26.07
N ALA J 232 -8.60 -63.91 25.08
CA ALA J 232 -7.91 -64.57 23.98
C ALA J 232 -6.61 -65.23 24.44
N LEU J 233 -5.97 -64.68 25.48
CA LEU J 233 -4.75 -65.27 26.00
C LEU J 233 -4.99 -66.37 27.03
N VAL J 234 -6.12 -66.33 27.75
CA VAL J 234 -6.44 -67.40 28.69
C VAL J 234 -7.26 -68.51 28.04
N SER J 235 -7.72 -68.32 26.80
CA SER J 235 -8.43 -69.36 26.08
C SER J 235 -7.53 -70.19 25.17
N GLY J 236 -6.35 -69.68 24.85
CA GLY J 236 -5.44 -70.43 23.99
C GLY J 236 -4.78 -71.57 24.73
N LYS J 237 -4.47 -72.63 23.99
CA LYS J 237 -3.85 -73.81 24.58
C LYS J 237 -2.38 -73.57 24.95
N LEU J 238 -1.73 -72.58 24.33
CA LEU J 238 -0.33 -72.31 24.61
C LEU J 238 -0.14 -71.82 26.03
N ALA J 239 -0.83 -70.74 26.40
CA ALA J 239 -0.72 -70.17 27.73
C ALA J 239 -1.59 -70.87 28.77
N LEU J 240 -2.35 -71.91 28.37
CA LEU J 240 -3.20 -72.61 29.31
C LEU J 240 -2.38 -73.50 30.25
N ARG J 241 -1.27 -74.05 29.77
CA ARG J 241 -0.46 -74.94 30.59
C ARG J 241 0.30 -74.20 31.69
N TYR J 242 0.47 -72.89 31.56
CA TYR J 242 1.13 -72.07 32.58
C TYR J 242 0.13 -71.36 33.48
N ALA J 243 -1.15 -71.71 33.40
CA ALA J 243 -2.16 -71.08 34.24
C ALA J 243 -2.09 -71.62 35.67
N GLY J 244 -2.67 -70.86 36.59
CA GLY J 244 -2.68 -71.24 37.98
C GLY J 244 -3.45 -70.28 38.87
N ARG J 245 -3.06 -70.19 40.14
CA ARG J 245 -3.73 -69.29 41.07
C ARG J 245 -3.43 -67.82 40.76
N GLN J 246 -2.34 -67.54 40.03
CA GLN J 246 -1.99 -66.16 39.74
C GLN J 246 -2.92 -65.56 38.69
N THR J 247 -3.21 -66.31 37.63
CA THR J 247 -4.05 -65.80 36.55
C THR J 247 -5.52 -65.74 36.92
N GLU J 248 -5.94 -66.38 38.02
CA GLU J 248 -7.34 -66.30 38.42
C GLU J 248 -7.70 -64.89 38.87
N ALA J 249 -6.82 -64.24 39.63
CA ALA J 249 -7.06 -62.85 40.04
C ALA J 249 -7.10 -61.93 38.83
N LEU J 250 -6.28 -62.21 37.81
CA LEU J 250 -6.33 -61.43 36.59
C LEU J 250 -7.63 -61.66 35.83
N LYS J 251 -8.16 -62.89 35.88
CA LYS J 251 -9.46 -63.15 35.28
C LYS J 251 -10.58 -62.45 36.03
N CYS J 252 -10.42 -62.28 37.35
CA CYS J 252 -11.41 -61.55 38.12
C CYS J 252 -11.33 -60.05 37.85
N VAL J 253 -10.12 -59.52 37.64
CA VAL J 253 -9.96 -58.11 37.28
C VAL J 253 -10.53 -57.86 35.89
N ALA J 254 -10.25 -58.75 34.95
CA ALA J 254 -10.80 -58.61 33.60
C ALA J 254 -12.32 -58.76 33.60
N GLN J 255 -12.86 -59.66 34.44
CA GLN J 255 -14.30 -59.81 34.53
C GLN J 255 -14.95 -58.58 35.15
N ALA J 256 -14.32 -58.00 36.18
CA ALA J 256 -14.84 -56.78 36.78
C ALA J 256 -14.71 -55.59 35.84
N SER J 257 -13.75 -55.64 34.92
CA SER J 257 -13.58 -54.56 33.95
C SER J 257 -14.59 -54.66 32.82
N LYS J 258 -14.84 -55.88 32.32
CA LYS J 258 -15.83 -56.05 31.26
C LYS J 258 -17.26 -55.93 31.80
N ASN J 259 -17.46 -56.20 33.08
CA ASN J 259 -18.77 -56.07 33.71
C ASN J 259 -19.01 -54.69 34.28
N ARG J 260 -17.98 -53.85 34.37
CA ARG J 260 -18.08 -52.50 34.93
C ARG J 260 -18.63 -52.53 36.36
N SER J 261 -18.18 -53.51 37.13
CA SER J 261 -18.60 -53.66 38.53
C SER J 261 -17.50 -53.18 39.45
N LEU J 262 -17.91 -52.77 40.66
CA LEU J 262 -16.99 -52.28 41.67
C LEU J 262 -16.90 -53.19 42.89
N ALA J 263 -18.05 -53.62 43.42
CA ALA J 263 -18.05 -54.54 44.55
C ALA J 263 -17.44 -55.89 44.17
N ASP J 264 -17.55 -56.29 42.90
CA ASP J 264 -16.89 -57.51 42.45
C ASP J 264 -15.38 -57.33 42.42
N PHE J 265 -14.90 -56.13 42.04
CA PHE J 265 -13.47 -55.86 42.08
C PHE J 265 -12.96 -55.83 43.51
N GLU J 266 -13.75 -55.29 44.44
CA GLU J 266 -13.39 -55.36 45.85
C GLU J 266 -13.41 -56.80 46.36
N LYS J 267 -14.29 -57.64 45.80
CA LYS J 267 -14.27 -59.05 46.16
C LYS J 267 -13.01 -59.73 45.64
N ALA J 268 -12.54 -59.33 44.45
CA ALA J 268 -11.28 -59.85 43.94
C ALA J 268 -10.10 -59.35 44.77
N LEU J 269 -10.19 -58.14 45.31
CA LEU J 269 -9.15 -57.62 46.19
C LEU J 269 -9.28 -58.13 47.62
N THR J 270 -10.36 -58.82 47.95
CA THR J 270 -10.60 -59.32 49.30
C THR J 270 -10.33 -60.82 49.43
N ASP J 271 -10.86 -61.62 48.51
CA ASP J 271 -10.69 -63.06 48.60
C ASP J 271 -9.29 -63.49 48.16
N TYR J 272 -8.71 -62.81 47.17
CA TYR J 272 -7.41 -63.17 46.63
C TYR J 272 -6.28 -62.36 47.22
N ARG J 273 -6.49 -61.72 48.37
CA ARG J 273 -5.44 -60.93 49.00
C ARG J 273 -4.42 -61.78 49.74
N ALA J 274 -4.72 -63.06 49.99
CA ALA J 274 -3.80 -63.93 50.70
C ALA J 274 -2.70 -64.45 49.77
N GLU J 275 -3.60 -64.09 46.72
CA GLU J 275 -2.26 -64.05 46.16
C GLU J 275 -1.83 -62.61 45.89
N LEU J 276 -2.61 -61.66 46.40
CA LEU J 276 -2.33 -60.24 46.23
C LEU J 276 -1.54 -59.65 47.38
N ARG J 277 -1.15 -60.45 48.38
CA ARG J 277 -0.36 -59.94 49.48
C ARG J 277 1.09 -59.70 49.06
N ASP J 278 1.63 -60.59 48.22
CA ASP J 278 2.97 -60.44 47.68
C ASP J 278 2.98 -59.68 46.36
N ASP J 279 1.99 -58.82 46.14
CA ASP J 279 1.91 -58.09 44.88
C ASP J 279 3.04 -57.09 44.77
N PRO J 280 3.59 -56.88 43.57
CA PRO J 280 4.70 -55.93 43.42
C PRO J 280 4.26 -54.48 43.54
N ILE J 281 5.18 -53.55 43.25
CA ILE J 281 4.91 -52.13 43.37
C ILE J 281 3.77 -51.68 42.47
N ILE J 282 3.37 -52.53 41.51
CA ILE J 282 2.29 -52.20 40.59
C ILE J 282 0.95 -52.12 41.30
N SER J 283 0.95 -52.42 42.61
CA SER J 283 -0.26 -52.27 43.41
C SER J 283 -0.80 -50.84 43.37
N THR J 284 0.09 -49.85 43.26
CA THR J 284 -0.34 -48.47 43.10
C THR J 284 -1.07 -48.28 41.77
N HIS J 285 -0.62 -48.98 40.72
CA HIS J 285 -1.31 -48.91 39.44
C HIS J 285 -2.67 -49.61 39.52
N LEU J 286 -2.74 -50.72 40.27
CA LEU J 286 -4.03 -51.38 40.46
C LEU J 286 -5.00 -50.48 41.22
N ALA J 287 -4.50 -49.76 42.22
CA ALA J 287 -5.34 -48.78 42.91
C ALA J 287 -5.68 -47.61 41.99
N LYS J 288 -4.84 -47.34 40.99
CA LYS J 288 -5.16 -46.30 40.01
C LYS J 288 -6.26 -46.77 39.06
N LEU J 289 -6.33 -48.06 38.77
CA LEU J 289 -7.42 -48.58 37.97
C LEU J 289 -8.71 -48.64 38.78
N TYR J 290 -8.62 -49.07 40.04
CA TYR J 290 -9.77 -49.05 40.93
C TYR J 290 -10.33 -47.63 41.06
N ASP J 291 -9.45 -46.66 41.32
CA ASP J 291 -9.87 -45.27 41.37
C ASP J 291 -10.30 -44.73 40.02
N ASN J 292 -9.87 -45.37 38.92
CA ASN J 292 -10.30 -44.93 37.59
C ASN J 292 -11.74 -45.35 37.33
N LEU J 293 -12.07 -46.62 37.58
CA LEU J 293 -13.45 -47.06 37.45
C LEU J 293 -14.35 -46.37 38.47
N LEU J 294 -13.82 -46.11 39.67
CA LEU J 294 -14.56 -45.34 40.66
C LEU J 294 -14.84 -43.93 40.16
N GLU J 295 -13.86 -43.31 39.50
CA GLU J 295 -14.09 -42.00 38.91
C GLU J 295 -15.14 -42.07 37.81
N GLN J 296 -15.11 -43.13 37.00
CA GLN J 296 -16.10 -43.26 35.94
C GLN J 296 -17.51 -43.39 36.49
N ASN J 297 -17.68 -44.21 37.53
CA ASN J 297 -19.00 -44.36 38.13
C ASN J 297 -19.45 -43.07 38.82
N LEU J 298 -18.53 -42.40 39.51
CA LEU J 298 -18.89 -41.17 40.21
C LEU J 298 -19.29 -40.08 39.24
N ILE J 299 -18.52 -39.88 38.17
CA ILE J 299 -18.92 -38.94 37.13
C ILE J 299 -20.06 -39.47 36.28
N ARG J 300 -20.47 -40.72 36.50
CA ARG J 300 -21.59 -41.30 35.76
C ARG J 300 -22.92 -41.07 36.46
N VAL J 301 -22.97 -41.23 37.78
CA VAL J 301 -24.24 -41.15 38.50
C VAL J 301 -24.44 -39.77 39.12
N ILE J 302 -23.35 -39.09 39.50
CA ILE J 302 -23.48 -37.78 40.12
C ILE J 302 -23.79 -36.71 39.07
N GLU J 303 -23.19 -36.82 37.88
CA GLU J 303 -23.36 -35.81 36.84
C GLU J 303 -24.82 -35.49 36.51
N PRO J 304 -25.73 -36.47 36.34
CA PRO J 304 -27.13 -36.11 36.10
C PRO J 304 -27.89 -35.69 37.34
N PHE J 305 -27.34 -35.92 38.54
CA PHE J 305 -28.00 -35.57 39.80
C PHE J 305 -27.39 -34.28 40.32
N SER J 306 -28.13 -33.17 40.14
CA SER J 306 -27.67 -31.88 40.66
C SER J 306 -27.71 -31.86 42.18
N ARG J 307 -28.82 -32.31 42.77
CA ARG J 307 -28.97 -32.38 44.21
C ARG J 307 -29.81 -33.60 44.54
N VAL J 308 -29.18 -34.62 45.15
CA VAL J 308 -29.85 -35.89 45.42
C VAL J 308 -29.32 -36.43 46.74
N GLN J 309 -30.05 -37.39 47.30
CA GLN J 309 -29.67 -38.00 48.56
C GLN J 309 -28.38 -38.79 48.42
N ILE J 310 -27.60 -38.85 49.50
CA ILE J 310 -26.36 -39.59 49.48
C ILE J 310 -26.60 -41.09 49.58
N GLU J 311 -27.70 -41.50 50.22
CA GLU J 311 -28.01 -42.92 50.32
C GLU J 311 -28.76 -43.42 49.09
N HIS J 312 -29.52 -42.54 48.43
CA HIS J 312 -30.20 -42.93 47.20
C HIS J 312 -29.21 -43.16 46.07
N ILE J 313 -28.08 -42.43 46.08
CA ILE J 313 -27.04 -42.63 45.07
C ILE J 313 -25.95 -43.58 45.54
N SER J 314 -25.80 -43.77 46.85
CA SER J 314 -24.84 -44.72 47.39
C SER J 314 -25.42 -46.11 47.62
N SER J 315 -26.73 -46.28 47.37
CA SER J 315 -27.36 -47.58 47.56
C SER J 315 -27.02 -48.53 46.43
N LEU J 316 -27.10 -48.05 45.19
CA LEU J 316 -26.74 -48.86 44.03
C LEU J 316 -25.35 -49.46 44.17
N ILE J 317 -24.40 -48.68 44.71
CA ILE J 317 -23.04 -49.17 44.90
C ILE J 317 -22.85 -49.92 46.21
N LYS J 318 -23.86 -49.87 47.11
CA LYS J 318 -23.87 -50.55 48.41
C LYS J 318 -22.53 -50.49 49.13
N LEU J 319 -21.88 -49.33 49.09
CA LEU J 319 -20.62 -49.11 49.79
C LEU J 319 -20.77 -47.96 50.77
N SER J 320 -19.83 -47.90 51.73
CA SER J 320 -19.86 -46.86 52.74
C SER J 320 -19.49 -45.51 52.13
N LYS J 321 -19.90 -44.45 52.82
CA LYS J 321 -19.63 -43.09 52.38
C LYS J 321 -18.29 -42.55 52.86
N ALA J 322 -17.51 -43.35 53.60
CA ALA J 322 -16.24 -42.89 54.12
C ALA J 322 -15.20 -42.77 53.01
N ASP J 323 -14.89 -43.89 52.35
CA ASP J 323 -13.90 -43.87 51.28
C ASP J 323 -14.39 -43.07 50.08
N VAL J 324 -15.68 -43.20 49.74
CA VAL J 324 -16.22 -42.43 48.62
C VAL J 324 -16.20 -40.95 48.93
N GLU J 325 -16.54 -40.58 50.18
CA GLU J 325 -16.50 -39.17 50.56
C GLU J 325 -15.09 -38.62 50.55
N ARG J 326 -14.11 -39.42 50.99
CA ARG J 326 -12.73 -38.96 51.00
C ARG J 326 -12.18 -38.82 49.59
N LYS J 327 -12.49 -39.77 48.71
CA LYS J 327 -12.03 -39.65 47.32
C LYS J 327 -12.69 -38.48 46.61
N LEU J 328 -14.01 -38.30 46.83
CA LEU J 328 -14.70 -37.16 46.25
C LEU J 328 -14.11 -35.84 46.72
N SER J 329 -14.00 -35.67 48.05
CA SER J 329 -13.40 -34.44 48.59
C SER J 329 -11.99 -34.23 48.06
N GLN J 330 -11.23 -35.32 47.88
CA GLN J 330 -9.89 -35.18 47.31
C GLN J 330 -9.95 -34.70 45.87
N MET J 331 -10.95 -35.15 45.11
CA MET J 331 -11.06 -34.76 43.71
C MET J 331 -11.57 -33.33 43.55
N ILE J 332 -12.39 -32.85 44.49
CA ILE J 332 -12.76 -31.43 44.48
C ILE J 332 -11.58 -30.58 44.91
N LEU J 333 -10.81 -31.05 45.90
CA LEU J 333 -9.58 -30.35 46.27
C LEU J 333 -8.56 -30.34 45.14
N ASP J 334 -8.65 -31.30 44.21
CA ASP J 334 -7.81 -31.28 43.02
C ASP J 334 -8.34 -30.34 41.94
N LYS J 335 -9.56 -29.84 42.10
CA LYS J 335 -10.15 -28.85 41.19
C LYS J 335 -10.23 -29.38 39.76
N LYS J 336 -10.71 -30.61 39.61
CA LYS J 336 -10.91 -31.18 38.28
C LYS J 336 -12.31 -30.91 37.73
N PHE J 337 -13.27 -30.59 38.58
CA PHE J 337 -14.62 -30.27 38.13
C PHE J 337 -15.26 -29.36 39.17
N HIS J 338 -16.50 -28.95 38.91
CA HIS J 338 -17.24 -28.04 39.78
C HIS J 338 -18.16 -28.85 40.68
N GLY J 339 -17.95 -28.75 41.99
CA GLY J 339 -18.78 -29.48 42.93
C GLY J 339 -18.25 -29.28 44.34
N ILE J 340 -19.10 -29.63 45.30
CA ILE J 340 -18.75 -29.53 46.72
C ILE J 340 -19.61 -30.51 47.49
N LEU J 341 -19.03 -31.10 48.54
CA LEU J 341 -19.71 -32.11 49.33
C LEU J 341 -20.45 -31.47 50.50
N ASP J 342 -21.11 -32.30 51.30
CA ASP J 342 -21.84 -31.85 52.47
C ASP J 342 -22.06 -33.04 53.39
N GLN J 343 -22.07 -32.76 54.70
CA GLN J 343 -22.24 -33.80 55.72
C GLN J 343 -23.53 -33.64 56.51
N GLY J 344 -23.86 -32.41 56.93
CA GLY J 344 -25.05 -32.23 57.74
C GLY J 344 -26.33 -32.38 56.93
N GLU J 345 -26.40 -31.74 55.77
CA GLU J 345 -27.58 -31.81 54.92
C GLU J 345 -27.38 -32.64 53.66
N GLY J 346 -26.15 -32.83 53.21
CA GLY J 346 -25.91 -33.59 51.99
C GLY J 346 -26.34 -32.88 50.73
N VAL J 347 -26.31 -31.55 50.73
CA VAL J 347 -26.73 -30.78 49.57
C VAL J 347 -25.57 -30.66 48.59
N LEU J 348 -25.82 -30.99 47.33
CA LEU J 348 -24.82 -30.90 46.27
C LEU J 348 -25.09 -29.66 45.44
N ILE J 349 -24.07 -28.81 45.30
CA ILE J 349 -24.18 -27.55 44.56
C ILE J 349 -23.05 -27.48 43.56
N ILE J 350 -23.38 -27.17 42.30
CA ILE J 350 -22.42 -27.05 41.23
C ILE J 350 -22.52 -25.65 40.64
N PHE J 351 -21.40 -24.93 40.60
CA PHE J 351 -21.38 -23.58 40.08
C PHE J 351 -20.02 -23.31 39.45
N ASP J 352 -19.97 -22.27 38.63
CA ASP J 352 -18.75 -21.88 37.94
C ASP J 352 -18.71 -20.37 37.78
N GLU J 353 -17.51 -19.85 37.48
CA GLU J 353 -17.28 -18.42 37.31
C GLU J 353 -16.60 -18.22 35.97
N PRO J 354 -17.37 -18.01 34.90
CA PRO J 354 -16.78 -17.88 33.56
C PRO J 354 -15.84 -16.69 33.44
N PRO J 355 -16.23 -15.46 33.86
CA PRO J 355 -15.32 -14.34 33.53
C PRO J 355 -14.05 -14.31 34.38
N VAL J 356 -13.08 -15.14 33.98
CA VAL J 356 -11.83 -15.23 34.71
C VAL J 356 -10.80 -14.22 34.20
N ASP J 357 -10.83 -13.90 32.91
CA ASP J 357 -9.83 -13.03 32.30
C ASP J 357 -10.04 -11.56 32.63
N LYS J 358 -11.06 -11.22 33.43
CA LYS J 358 -11.31 -9.83 33.80
C LYS J 358 -10.53 -9.42 35.05
N THR J 359 -10.67 -10.17 36.14
CA THR J 359 -10.00 -9.81 37.38
C THR J 359 -8.49 -9.99 37.28
N TYR J 360 -8.03 -10.90 36.43
CA TYR J 360 -6.60 -11.10 36.26
C TYR J 360 -5.97 -9.90 35.54
N GLU J 361 -6.54 -9.51 34.41
CA GLU J 361 -6.02 -8.35 33.67
C GLU J 361 -6.18 -7.07 34.47
N ALA J 362 -7.30 -6.92 35.18
CA ALA J 362 -7.49 -5.73 36.01
C ALA J 362 -6.48 -5.68 37.15
N ALA J 363 -6.27 -6.82 37.82
CA ALA J 363 -5.30 -6.86 38.90
C ALA J 363 -3.89 -6.60 38.39
N LEU J 364 -3.57 -7.10 37.19
CA LEU J 364 -2.26 -6.82 36.61
C LEU J 364 -2.11 -5.35 36.26
N GLU J 365 -3.20 -4.71 35.82
CA GLU J 365 -3.15 -3.28 35.55
C GLU J 365 -2.96 -2.47 36.82
N THR J 366 -3.62 -2.87 37.91
CA THR J 366 -3.46 -2.15 39.17
C THR J 366 -2.05 -2.33 39.71
N ILE J 367 -1.55 -3.57 39.73
CA ILE J 367 -0.21 -3.82 40.27
C ILE J 367 0.85 -3.14 39.41
N GLN J 368 0.71 -3.19 38.09
CA GLN J 368 1.69 -2.56 37.22
C GLN J 368 1.62 -1.03 37.31
N ASN J 369 0.43 -0.47 37.52
CA ASN J 369 0.31 0.98 37.63
C ASN J 369 0.73 1.51 38.99
N MET J 370 0.67 0.69 40.04
CA MET J 370 1.21 1.09 41.33
C MET J 370 2.69 1.45 41.22
N SER J 371 3.45 0.64 40.48
CA SER J 371 4.86 0.95 40.25
C SER J 371 5.03 2.23 39.44
N LYS J 372 4.06 2.54 38.56
CA LYS J 372 4.13 3.77 37.79
C LYS J 372 3.94 4.98 38.70
N VAL J 373 2.93 4.94 39.58
CA VAL J 373 2.69 6.07 40.46
C VAL J 373 3.80 6.21 41.49
N VAL J 374 4.33 5.08 41.98
CA VAL J 374 5.43 5.13 42.94
C VAL J 374 6.69 5.69 42.28
N ASP J 375 6.97 5.27 41.04
CA ASP J 375 8.11 5.82 40.32
C ASP J 375 7.93 7.30 40.05
N SER J 376 6.68 7.74 39.78
CA SER J 376 6.41 9.16 39.61
C SER J 376 6.69 9.92 40.90
N LEU J 377 6.28 9.35 42.05
CA LEU J 377 6.60 9.96 43.33
C LEU J 377 8.09 9.94 43.63
N TYR J 378 8.83 9.02 43.03
CA TYR J 378 10.29 9.02 43.19
C TYR J 378 10.94 10.09 42.33
N ASN J 379 10.41 10.33 41.13
CA ASN J 379 10.95 11.40 40.30
C ASN J 379 10.62 12.76 40.88
N LYS J 380 9.39 12.96 41.35
CA LYS J 380 9.02 14.23 41.95
C LYS J 380 9.72 14.43 43.29
N ALA J 381 9.79 13.37 44.10
CA ALA J 381 10.49 13.46 45.38
C ALA J 381 11.98 13.70 45.18
N LYS J 382 12.53 13.23 44.06
CA LYS J 382 13.94 13.47 43.76
C LYS J 382 14.17 14.88 43.25
N LYS J 383 13.27 15.39 42.40
CA LYS J 383 13.43 16.71 41.83
C LYS J 383 13.08 17.83 42.80
N LEU J 384 12.30 17.54 43.84
CA LEU J 384 11.89 18.56 44.79
C LEU J 384 12.82 18.62 45.99
N THR J 385 13.01 17.49 46.68
CA THR J 385 13.87 17.43 47.85
C THR J 385 15.01 16.44 47.66
N PRO K 1 33.37 -21.40 60.97
CA PRO K 1 34.05 -21.78 59.73
C PRO K 1 33.47 -23.06 59.12
N LYS K 2 34.21 -23.66 58.18
CA LYS K 2 33.77 -24.89 57.54
C LYS K 2 34.09 -26.14 58.36
N ASN K 3 34.84 -26.00 59.45
CA ASN K 3 35.16 -27.13 60.29
C ASN K 3 33.94 -27.55 61.12
N PRO K 4 33.96 -28.78 61.66
CA PRO K 4 32.85 -29.19 62.54
C PRO K 4 32.68 -28.33 63.78
N ASP K 5 33.64 -27.45 64.08
CA ASP K 5 33.49 -26.54 65.21
C ASP K 5 32.31 -25.58 65.02
N LEU K 6 31.84 -25.41 63.79
CA LEU K 6 30.65 -24.61 63.56
C LEU K 6 29.40 -25.28 64.13
N ARG K 7 29.30 -26.60 63.97
CA ARG K 7 28.17 -27.33 64.51
C ARG K 7 28.34 -27.60 66.00
N ILE K 8 29.54 -28.02 66.41
CA ILE K 8 29.79 -28.28 67.83
C ILE K 8 29.60 -27.00 68.64
N ALA K 9 30.15 -25.90 68.16
CA ALA K 9 29.91 -24.60 68.76
C ALA K 9 28.53 -24.04 68.46
N GLN K 10 27.81 -24.65 67.51
CA GLN K 10 26.45 -24.23 67.19
C GLN K 10 25.42 -24.88 68.09
N LEU K 11 25.76 -25.99 68.75
CA LEU K 11 24.86 -26.63 69.71
C LEU K 11 24.75 -25.86 71.04
N ARG K 12 25.33 -24.66 71.12
CA ARG K 12 25.26 -23.88 72.35
C ARG K 12 23.85 -23.40 72.65
N PHE K 13 22.96 -23.38 71.66
CA PHE K 13 21.59 -22.98 71.92
C PHE K 13 20.88 -24.02 72.78
N LEU K 14 20.93 -25.29 72.37
CA LEU K 14 20.41 -26.37 73.20
C LEU K 14 21.29 -26.67 74.40
N LEU K 15 22.53 -26.15 74.41
CA LEU K 15 23.36 -26.26 75.61
C LEU K 15 22.97 -25.23 76.66
N SER K 16 22.39 -24.10 76.25
CA SER K 16 22.12 -22.98 77.15
C SER K 16 20.73 -23.07 77.78
N LEU K 17 19.68 -23.07 76.93
CA LEU K 17 18.33 -22.94 77.48
C LEU K 17 17.85 -24.20 78.18
N PRO K 18 17.83 -25.39 77.57
CA PRO K 18 17.33 -26.56 78.29
C PRO K 18 18.42 -27.20 79.15
N GLU K 19 18.01 -27.68 80.33
CA GLU K 19 18.92 -28.31 81.27
C GLU K 19 18.93 -29.83 81.17
N HIS K 20 18.04 -30.42 80.38
CA HIS K 20 18.01 -31.87 80.26
C HIS K 20 19.02 -32.35 79.22
N ARG K 21 19.04 -31.73 78.05
CA ARG K 21 19.96 -32.09 76.98
C ARG K 21 21.31 -31.39 77.09
N GLY K 22 21.58 -30.73 78.22
CA GLY K 22 22.84 -30.01 78.40
C GLY K 22 23.99 -30.90 78.83
N ASP K 23 23.84 -32.21 78.69
CA ASP K 23 24.87 -33.16 79.05
C ASP K 23 25.68 -33.64 77.85
N ALA K 24 25.00 -33.99 76.76
CA ALA K 24 25.72 -34.42 75.56
C ALA K 24 26.38 -33.25 74.86
N ALA K 25 25.73 -32.08 74.89
CA ALA K 25 26.30 -30.89 74.25
C ALA K 25 27.57 -30.45 74.95
N VAL K 26 27.62 -30.53 76.28
CA VAL K 26 28.84 -30.26 77.00
C VAL K 26 29.81 -31.44 76.95
N ARG K 27 29.30 -32.64 76.61
CA ARG K 27 30.17 -33.79 76.46
C ARG K 27 31.02 -33.67 75.20
N ASP K 28 30.37 -33.50 74.04
CA ASP K 28 31.12 -33.32 72.81
C ASP K 28 31.66 -31.89 72.65
N GLU K 29 31.16 -30.94 73.44
CA GLU K 29 31.72 -29.60 73.46
C GLU K 29 33.03 -29.56 74.24
N LEU K 30 33.05 -30.18 75.43
CA LEU K 30 34.28 -30.24 76.21
C LEU K 30 35.27 -31.20 75.58
N MET K 31 34.78 -32.31 75.02
CA MET K 31 35.68 -33.27 74.38
C MET K 31 36.22 -32.70 73.07
N ALA K 32 35.38 -32.00 72.30
CA ALA K 32 35.79 -31.40 71.04
C ALA K 32 36.39 -30.01 71.21
N ALA K 33 36.54 -29.54 72.44
CA ALA K 33 37.12 -28.22 72.67
C ALA K 33 38.62 -28.18 72.36
N VAL K 34 39.26 -29.34 72.25
CA VAL K 34 40.70 -29.40 71.97
C VAL K 34 40.92 -29.41 70.46
N ARG K 35 39.85 -29.19 69.70
CA ARG K 35 39.90 -29.21 68.25
C ARG K 35 39.50 -27.86 67.69
N ASP K 36 40.17 -27.45 66.61
CA ASP K 36 39.87 -26.22 65.88
C ASP K 36 40.05 -24.97 66.73
N ASN K 37 40.87 -25.05 67.78
CA ASN K 37 41.17 -23.94 68.68
C ASN K 37 39.87 -23.32 69.22
N ASN K 38 39.13 -24.14 69.98
CA ASN K 38 37.84 -23.77 70.53
C ASN K 38 37.95 -22.98 71.83
N MET K 39 39.12 -22.40 72.13
CA MET K 39 39.32 -21.72 73.40
C MET K 39 38.39 -20.52 73.56
N ALA K 40 38.47 -19.58 72.62
CA ALA K 40 37.69 -18.35 72.76
C ALA K 40 36.18 -18.56 72.73
N PRO K 41 35.60 -19.43 71.88
CA PRO K 41 34.14 -19.60 71.93
C PRO K 41 33.61 -20.09 73.27
N TYR K 42 34.14 -21.20 73.78
CA TYR K 42 33.63 -21.72 75.05
C TYR K 42 34.09 -20.87 76.22
N TYR K 43 35.18 -20.12 76.08
CA TYR K 43 35.58 -19.20 77.12
C TYR K 43 34.64 -18.01 77.21
N GLU K 44 34.13 -17.56 76.06
CA GLU K 44 33.13 -16.50 76.05
C GLU K 44 31.78 -17.02 76.54
N ALA K 45 31.42 -18.24 76.15
CA ALA K 45 30.20 -18.88 76.62
C ALA K 45 30.41 -19.70 77.89
N LEU K 46 31.42 -19.34 78.69
CA LEU K 46 31.72 -20.10 79.90
C LEU K 46 30.64 -19.91 80.97
N CYS K 47 29.84 -18.85 80.88
CA CYS K 47 28.79 -18.63 81.88
C CYS K 47 27.77 -19.77 81.86
N LYS K 48 27.51 -20.35 80.69
CA LYS K 48 26.61 -21.50 80.56
C LYS K 48 27.36 -22.83 80.67
N SER K 49 28.49 -22.85 81.38
CA SER K 49 29.31 -24.05 81.47
C SER K 49 29.57 -24.41 82.93
N LEU K 50 30.48 -25.34 83.16
CA LEU K 50 30.78 -25.83 84.51
C LEU K 50 31.65 -24.80 85.24
N ASP K 51 32.21 -25.19 86.38
CA ASP K 51 32.97 -24.29 87.22
C ASP K 51 34.36 -24.07 86.61
N TRP K 52 35.23 -23.39 87.35
CA TRP K 52 36.56 -23.03 86.87
C TRP K 52 37.65 -23.97 87.37
N GLN K 53 37.27 -25.12 87.93
CA GLN K 53 38.26 -26.07 88.42
C GLN K 53 39.06 -26.66 87.26
N ILE K 54 38.39 -27.30 86.30
CA ILE K 54 39.06 -27.86 85.14
C ILE K 54 39.19 -26.87 84.00
N ASP K 55 38.57 -25.68 84.12
CA ASP K 55 38.60 -24.71 83.03
C ASP K 55 40.00 -24.11 82.86
N VAL K 56 40.65 -23.76 83.98
CA VAL K 56 41.96 -23.10 83.91
C VAL K 56 43.10 -24.05 83.62
N ASP K 57 42.82 -25.34 83.41
CA ASP K 57 43.88 -26.31 83.17
C ASP K 57 44.41 -26.20 81.74
N LEU K 58 43.53 -26.25 80.75
CA LEU K 58 43.93 -26.25 79.35
C LEU K 58 44.09 -24.84 78.77
N LEU K 59 43.64 -23.81 79.49
CA LEU K 59 43.79 -22.45 78.97
C LEU K 59 45.24 -22.05 78.84
N ASN K 60 46.12 -22.53 79.72
CA ASN K 60 47.53 -22.19 79.64
C ASN K 60 48.18 -22.81 78.41
N LYS K 61 47.68 -23.96 77.95
CA LYS K 61 48.24 -24.59 76.75
C LYS K 61 47.62 -24.02 75.49
N MET K 62 46.32 -23.73 75.51
CA MET K 62 45.67 -23.16 74.33
C MET K 62 46.12 -21.72 74.08
N LYS K 63 46.40 -20.97 75.15
CA LYS K 63 46.81 -19.57 74.96
C LYS K 63 48.22 -19.48 74.39
N LYS K 64 49.07 -20.48 74.64
CA LYS K 64 50.40 -20.49 74.06
C LYS K 64 50.44 -21.18 72.70
N ALA K 65 49.57 -22.16 72.47
CA ALA K 65 49.47 -22.75 71.14
C ALA K 65 48.87 -21.76 70.14
N ASN K 66 47.91 -20.95 70.59
CA ASN K 66 47.37 -19.90 69.73
C ASN K 66 48.44 -18.90 69.34
N GLU K 67 49.29 -18.52 70.28
CA GLU K 67 50.38 -17.59 69.97
C GLU K 67 51.44 -18.24 69.10
N ASP K 68 51.67 -19.55 69.28
CA ASP K 68 52.66 -20.24 68.45
C ASP K 68 52.19 -20.33 67.01
N GLU K 69 50.97 -20.83 66.78
CA GLU K 69 50.44 -20.89 65.42
C GLU K 69 50.27 -19.50 64.83
N LEU K 70 49.94 -18.51 65.66
CA LEU K 70 49.77 -17.15 65.16
C LEU K 70 51.10 -16.57 64.70
N LYS K 71 52.17 -16.75 65.48
CA LYS K 71 53.47 -16.25 65.07
C LYS K 71 54.07 -17.06 63.94
N ARG K 72 53.68 -18.33 63.79
CA ARG K 72 54.12 -19.10 62.63
C ARG K 72 53.42 -18.63 61.37
N LEU K 73 52.13 -18.30 61.46
CA LEU K 73 51.44 -17.73 60.32
C LEU K 73 51.95 -16.33 60.00
N ASP K 74 52.42 -15.60 61.01
CA ASP K 74 53.03 -14.30 60.76
C ASP K 74 54.39 -14.45 60.09
N GLU K 75 55.15 -15.46 60.50
CA GLU K 75 56.44 -15.71 59.86
C GLU K 75 56.25 -16.16 58.41
N GLU K 76 55.25 -17.01 58.16
CA GLU K 76 54.96 -17.42 56.79
C GLU K 76 54.45 -16.24 55.96
N LEU K 77 53.67 -15.35 56.58
CA LEU K 77 53.19 -14.17 55.87
C LEU K 77 54.34 -13.24 55.52
N GLU K 78 55.31 -13.07 56.43
CA GLU K 78 56.47 -12.25 56.14
C GLU K 78 57.38 -12.90 55.10
N ASP K 79 57.42 -14.24 55.07
CA ASP K 79 58.22 -14.92 54.07
C ASP K 79 57.56 -14.85 52.69
N ALA K 80 56.22 -14.82 52.65
CA ALA K 80 55.52 -14.69 51.38
C ALA K 80 55.48 -13.25 50.88
N GLU K 81 55.68 -12.27 51.75
CA GLU K 81 55.65 -10.87 51.36
C GLU K 81 56.98 -10.49 50.69
N LYS K 82 56.95 -9.34 50.01
CA LYS K 82 58.12 -8.81 49.29
C LYS K 82 58.61 -9.78 48.22
N ASN K 83 57.70 -10.55 47.64
CA ASN K 83 58.04 -11.50 46.59
C ASN K 83 57.00 -11.41 45.49
N LEU K 84 57.42 -11.73 44.27
CA LEU K 84 56.53 -11.69 43.11
C LEU K 84 55.55 -12.85 43.19
N GLY K 85 54.27 -12.55 43.36
CA GLY K 85 53.26 -13.58 43.47
C GLY K 85 51.93 -13.05 43.99
N GLU K 86 50.83 -13.68 43.60
CA GLU K 86 49.49 -13.28 44.02
C GLU K 86 48.79 -14.36 44.83
N SER K 87 48.86 -15.61 44.40
CA SER K 87 48.19 -16.69 45.11
C SER K 87 48.89 -17.06 46.40
N GLU K 88 50.20 -16.80 46.51
CA GLU K 88 50.93 -17.15 47.73
C GLU K 88 50.53 -16.23 48.87
N ILE K 89 50.50 -14.93 48.63
CA ILE K 89 50.10 -13.98 49.68
C ILE K 89 48.62 -14.16 50.01
N ARG K 90 47.80 -14.45 49.00
CA ARG K 90 46.38 -14.69 49.27
C ARG K 90 46.17 -15.96 50.08
N ASP K 91 47.02 -16.97 49.88
CA ASP K 91 46.92 -18.18 50.68
C ASP K 91 47.47 -17.99 52.08
N ALA K 92 48.48 -17.12 52.25
CA ALA K 92 49.00 -16.85 53.58
C ALA K 92 48.02 -16.04 54.42
N MET K 93 47.59 -14.88 53.89
CA MET K 93 46.61 -14.08 54.60
C MET K 93 45.27 -14.79 54.72
N MET K 94 44.91 -15.58 53.70
CA MET K 94 43.66 -16.34 53.75
C MET K 94 43.72 -17.44 54.80
N ALA K 95 44.87 -18.12 54.92
CA ALA K 95 45.02 -19.13 55.95
C ALA K 95 45.04 -18.51 57.34
N LYS K 96 45.70 -17.37 57.50
CA LYS K 96 45.67 -16.66 58.77
C LYS K 96 44.25 -16.24 59.12
N ALA K 97 43.47 -15.81 58.13
CA ALA K 97 42.07 -15.47 58.37
C ALA K 97 41.25 -16.70 58.71
N GLU K 98 41.61 -17.86 58.16
CA GLU K 98 40.89 -19.09 58.49
C GLU K 98 41.19 -19.51 59.92
N TYR K 99 42.43 -19.36 60.37
CA TYR K 99 42.75 -19.67 61.77
C TYR K 99 42.08 -18.66 62.70
N LEU K 100 42.05 -17.38 62.31
CA LEU K 100 41.34 -16.38 63.09
C LEU K 100 39.84 -16.62 63.10
N CYS K 101 39.32 -17.35 62.11
CA CYS K 101 37.94 -17.83 62.17
C CYS K 101 37.81 -19.09 63.02
N ARG K 102 38.88 -19.86 63.16
CA ARG K 102 38.85 -21.01 64.05
C ARG K 102 38.82 -20.58 65.51
N ILE K 103 39.59 -19.54 65.86
CA ILE K 103 39.56 -19.03 67.23
C ILE K 103 38.27 -18.26 67.47
N GLY K 104 37.68 -17.68 66.43
CA GLY K 104 36.43 -16.96 66.57
C GLY K 104 36.61 -15.48 66.89
N ASP K 105 37.56 -14.84 66.22
CA ASP K 105 37.82 -13.41 66.38
C ASP K 105 37.62 -12.74 65.02
N LYS K 106 36.58 -11.93 64.91
CA LYS K 106 36.22 -11.29 63.65
C LYS K 106 36.88 -9.93 63.46
N GLU K 107 37.78 -9.53 64.36
CA GLU K 107 38.52 -8.28 64.18
C GLU K 107 39.71 -8.50 63.25
N GLY K 108 40.64 -9.36 63.65
CA GLY K 108 41.75 -9.71 62.77
C GLY K 108 41.30 -10.46 61.54
N ALA K 109 40.20 -11.19 61.63
CA ALA K 109 39.61 -11.81 60.46
C ALA K 109 38.82 -10.80 59.63
N LEU K 110 38.34 -9.73 60.25
CA LEU K 110 37.67 -8.67 59.50
C LEU K 110 38.68 -7.90 58.66
N THR K 111 39.78 -7.47 59.27
CA THR K 111 40.81 -6.77 58.51
C THR K 111 41.57 -7.72 57.59
N ALA K 112 41.66 -9.00 57.96
CA ALA K 112 42.33 -9.98 57.12
C ALA K 112 41.51 -10.26 55.86
N PHE K 113 40.23 -10.60 56.04
CA PHE K 113 39.35 -10.77 54.90
C PHE K 113 39.08 -9.46 54.17
N ARG K 114 39.40 -8.32 54.77
CA ARG K 114 39.34 -7.05 54.05
C ARG K 114 40.56 -6.88 53.15
N LYS K 115 41.75 -7.23 53.65
CA LYS K 115 42.95 -7.17 52.83
C LYS K 115 42.89 -8.17 51.68
N THR K 116 42.67 -9.44 51.99
CA THR K 116 42.51 -10.43 50.93
C THR K 116 41.22 -10.22 50.14
N TYR K 117 40.26 -9.48 50.69
CA TYR K 117 39.10 -9.07 49.91
C TYR K 117 39.47 -8.01 48.89
N ASP K 118 40.46 -7.18 49.19
CA ASP K 118 40.95 -6.19 48.23
C ASP K 118 41.99 -6.77 47.28
N LYS K 119 42.61 -7.90 47.62
CA LYS K 119 43.58 -8.55 46.77
C LYS K 119 42.97 -9.63 45.87
N THR K 120 41.65 -9.61 45.69
CA THR K 120 40.99 -10.61 44.86
C THR K 120 41.36 -10.38 43.39
N VAL K 121 42.01 -11.37 42.79
CA VAL K 121 42.38 -11.24 41.38
C VAL K 121 41.17 -11.48 40.47
N ALA K 122 40.20 -12.26 40.92
CA ALA K 122 39.00 -12.56 40.14
C ALA K 122 37.78 -12.42 41.04
N LEU K 123 36.60 -12.40 40.39
CA LEU K 123 35.35 -12.28 41.13
C LEU K 123 34.94 -13.58 41.81
N GLY K 124 35.37 -14.72 41.27
CA GLY K 124 35.06 -15.99 41.90
C GLY K 124 35.73 -16.14 43.25
N HIS K 125 37.00 -15.75 43.34
CA HIS K 125 37.69 -15.75 44.62
C HIS K 125 37.04 -14.76 45.59
N ARG K 126 36.55 -13.63 45.07
CA ARG K 126 35.84 -12.68 45.92
C ARG K 126 34.57 -13.29 46.49
N LEU K 127 33.81 -14.02 45.67
CA LEU K 127 32.64 -14.71 46.16
C LEU K 127 33.01 -15.81 47.14
N ASP K 128 34.18 -16.42 46.95
CA ASP K 128 34.67 -17.40 47.94
C ASP K 128 34.95 -16.73 49.28
N ILE K 129 35.49 -15.50 49.25
CA ILE K 129 35.67 -14.74 50.48
C ILE K 129 34.31 -14.41 51.10
N VAL K 130 33.34 -14.05 50.26
CA VAL K 130 31.99 -13.79 50.76
C VAL K 130 31.44 -15.00 51.48
N PHE K 131 31.59 -16.19 50.88
CA PHE K 131 31.18 -17.42 51.55
C PHE K 131 31.96 -17.64 52.84
N TYR K 132 33.24 -17.27 52.86
CA TYR K 132 34.03 -17.38 54.08
C TYR K 132 33.50 -16.45 55.17
N LEU K 133 32.84 -15.35 54.79
CA LEU K 133 32.17 -14.51 55.77
C LEU K 133 30.78 -15.02 56.12
N LEU K 134 30.16 -15.80 55.24
CA LEU K 134 28.84 -16.35 55.53
C LEU K 134 28.93 -17.54 56.49
N ARG K 135 29.96 -18.37 56.36
CA ARG K 135 30.10 -19.53 57.23
C ARG K 135 30.28 -19.12 58.69
N ILE K 136 30.87 -17.95 58.93
CA ILE K 136 30.93 -17.41 60.29
C ILE K 136 29.74 -16.51 60.59
N GLY K 137 29.13 -15.90 59.57
CA GLY K 137 27.91 -15.13 59.78
C GLY K 137 26.73 -15.96 60.24
N LEU K 138 26.72 -17.26 59.91
CA LEU K 138 25.70 -18.13 60.46
C LEU K 138 25.86 -18.29 61.96
N PHE K 139 27.09 -18.41 62.45
CA PHE K 139 27.33 -18.51 63.87
C PHE K 139 27.06 -17.18 64.58
N TYR K 140 27.44 -16.07 63.94
CA TYR K 140 27.21 -14.75 64.54
C TYR K 140 25.79 -14.25 64.33
N MET K 141 24.98 -14.97 63.55
CA MET K 141 23.57 -14.67 63.27
C MET K 141 23.33 -13.19 62.97
N ASP K 142 24.29 -12.53 62.33
CA ASP K 142 24.11 -11.16 61.91
C ASP K 142 23.16 -11.07 60.72
N ASN K 143 22.54 -9.90 60.57
CA ASN K 143 21.50 -9.71 59.55
C ASN K 143 22.03 -8.97 58.33
N ASP K 144 22.62 -7.79 58.53
CA ASP K 144 23.03 -6.96 57.40
C ASP K 144 24.42 -7.31 56.88
N LEU K 145 25.33 -7.77 57.74
CA LEU K 145 26.68 -8.08 57.31
C LEU K 145 26.71 -9.25 56.33
N ILE K 146 25.75 -10.16 56.43
CA ILE K 146 25.69 -11.28 55.49
C ILE K 146 24.93 -10.95 54.22
N THR K 147 24.13 -9.87 54.22
CA THR K 147 23.41 -9.47 53.03
C THR K 147 24.13 -8.38 52.23
N ARG K 148 25.11 -7.71 52.84
CA ARG K 148 25.84 -6.67 52.14
C ARG K 148 26.83 -7.27 51.13
N ASN K 149 27.64 -8.23 51.58
CA ASN K 149 28.62 -8.84 50.70
C ASN K 149 27.96 -9.69 49.62
N THR K 150 26.79 -10.27 49.91
CA THR K 150 26.06 -11.03 48.91
C THR K 150 25.26 -10.12 47.98
N GLU K 151 24.81 -8.96 48.48
CA GLU K 151 24.12 -8.01 47.62
C GLU K 151 25.08 -7.33 46.66
N LYS K 152 26.31 -7.04 47.12
CA LYS K 152 27.29 -6.42 46.24
C LYS K 152 27.97 -7.45 45.34
N ALA K 153 28.28 -8.63 45.87
CA ALA K 153 28.94 -9.68 45.11
C ALA K 153 27.96 -10.53 44.30
N LYS K 154 26.66 -10.27 44.41
CA LYS K 154 25.67 -11.08 43.69
C LYS K 154 25.69 -10.74 42.20
N SER K 155 25.64 -9.46 41.87
CA SER K 155 25.63 -9.05 40.48
C SER K 155 27.02 -9.14 39.86
N LEU K 156 27.07 -9.05 38.53
CA LEU K 156 28.31 -9.07 37.76
C LEU K 156 29.09 -10.37 37.98
N ILE K 157 28.45 -11.48 37.60
CA ILE K 157 29.07 -12.80 37.69
C ILE K 157 29.80 -13.10 36.39
N GLU K 158 29.05 -13.16 35.29
CA GLU K 158 29.57 -13.30 33.93
C GLU K 158 30.32 -14.61 33.70
N GLU K 159 30.36 -15.50 34.69
CA GLU K 159 31.04 -16.78 34.55
C GLU K 159 30.08 -17.97 34.66
N GLY K 160 28.79 -17.72 34.77
CA GLY K 160 27.82 -18.79 34.84
C GLY K 160 27.77 -19.46 36.20
N GLY K 161 26.62 -20.09 36.48
CA GLY K 161 26.43 -20.79 37.73
C GLY K 161 27.09 -22.14 37.77
N ASP K 162 27.96 -22.36 38.75
CA ASP K 162 28.68 -23.62 38.87
C ASP K 162 27.78 -24.71 39.43
N TRP K 163 28.37 -25.88 39.70
CA TRP K 163 27.58 -27.01 40.16
C TRP K 163 27.28 -26.93 41.65
N ASP K 164 28.27 -26.55 42.47
CA ASP K 164 28.09 -26.42 43.91
C ASP K 164 28.44 -25.04 44.44
N ARG K 165 28.97 -24.14 43.60
CA ARG K 165 29.20 -22.77 44.04
C ARG K 165 27.91 -21.97 44.03
N ARG K 166 27.27 -21.86 42.86
CA ARG K 166 25.98 -21.20 42.79
C ARG K 166 24.92 -21.96 43.57
N ASN K 167 24.99 -23.29 43.55
CA ASN K 167 24.08 -24.10 44.36
C ASN K 167 24.36 -23.89 45.85
N ARG K 168 25.62 -23.66 46.22
CA ARG K 168 25.94 -23.37 47.62
C ARG K 168 25.38 -22.01 48.02
N LEU K 169 25.49 -21.02 47.15
CA LEU K 169 24.85 -19.74 47.41
C LEU K 169 23.33 -19.90 47.50
N LYS K 170 22.77 -20.84 46.74
CA LYS K 170 21.34 -21.15 46.87
C LYS K 170 21.04 -21.78 48.22
N VAL K 171 21.97 -22.58 48.75
CA VAL K 171 21.80 -23.13 50.10
C VAL K 171 21.81 -22.02 51.13
N TYR K 172 22.73 -21.06 50.99
CA TYR K 172 22.72 -19.89 51.85
C TYR K 172 21.40 -19.13 51.73
N GLN K 173 20.86 -19.03 50.51
CA GLN K 173 19.56 -18.42 50.32
C GLN K 173 18.48 -19.18 51.09
N GLY K 174 18.60 -20.51 51.14
CA GLY K 174 17.72 -21.29 51.98
C GLY K 174 17.91 -20.99 53.46
N LEU K 175 19.15 -20.69 53.86
CA LEU K 175 19.41 -20.38 55.26
C LEU K 175 18.77 -19.07 55.66
N TYR K 176 19.11 -17.97 54.99
CA TYR K 176 18.56 -16.68 55.40
C TYR K 176 17.09 -16.54 55.02
N CYS K 177 16.60 -17.35 54.08
CA CYS K 177 15.17 -17.35 53.76
C CYS K 177 14.36 -18.23 54.69
N VAL K 178 14.99 -19.21 55.35
CA VAL K 178 14.30 -19.95 56.40
C VAL K 178 14.34 -19.16 57.70
N ALA K 179 15.43 -18.43 57.96
CA ALA K 179 15.50 -17.55 59.12
C ALA K 179 14.39 -16.51 59.06
N ILE K 180 14.30 -15.77 57.96
CA ILE K 180 13.18 -14.85 57.76
C ILE K 180 11.92 -15.65 57.43
N ARG K 181 10.78 -14.99 57.58
CA ARG K 181 9.49 -15.62 57.35
C ARG K 181 9.04 -15.56 55.90
N ASP K 182 9.93 -15.20 54.98
CA ASP K 182 9.60 -15.17 53.56
C ASP K 182 9.54 -16.60 53.02
N PHE K 183 8.37 -17.00 52.54
CA PHE K 183 8.14 -18.35 52.05
C PHE K 183 7.78 -18.42 50.57
N LYS K 184 6.98 -17.47 50.08
CA LYS K 184 6.53 -17.50 48.69
C LYS K 184 7.68 -17.38 47.71
N GLN K 185 8.80 -16.76 48.11
CA GLN K 185 9.99 -16.71 47.28
C GLN K 185 11.03 -17.75 47.65
N ALA K 186 10.92 -18.35 48.84
CA ALA K 186 11.82 -19.40 49.28
C ALA K 186 11.36 -20.79 48.84
N ALA K 187 10.12 -20.93 48.35
CA ALA K 187 9.64 -22.22 47.89
C ALA K 187 10.27 -22.65 46.57
N GLU K 188 10.96 -21.74 45.87
CA GLU K 188 11.62 -22.06 44.62
C GLU K 188 13.11 -22.32 44.78
N LEU K 189 13.67 -22.05 45.95
CA LEU K 189 15.12 -22.15 46.13
C LEU K 189 15.59 -23.59 46.13
N PHE K 190 14.88 -24.47 46.84
CA PHE K 190 15.30 -25.86 47.00
C PHE K 190 14.97 -26.73 45.79
N LEU K 191 14.63 -26.14 44.65
CA LEU K 191 14.34 -26.93 43.46
C LEU K 191 15.59 -27.59 42.89
N ASP K 192 16.77 -27.02 43.14
CA ASP K 192 18.02 -27.56 42.62
C ASP K 192 18.67 -28.56 43.58
N THR K 193 17.88 -29.22 44.43
CA THR K 193 18.42 -30.18 45.38
C THR K 193 19.03 -31.41 44.71
N VAL K 194 18.80 -31.60 43.40
CA VAL K 194 19.40 -32.73 42.70
C VAL K 194 20.92 -32.60 42.65
N SER K 195 21.42 -31.38 42.46
CA SER K 195 22.84 -31.13 42.37
C SER K 195 23.52 -31.01 43.73
N THR K 196 22.75 -31.05 44.82
CA THR K 196 23.34 -30.95 46.15
C THR K 196 24.05 -32.25 46.52
N PHE K 197 24.98 -32.14 47.46
CA PHE K 197 25.76 -33.28 47.93
C PHE K 197 26.04 -33.08 49.42
N THR K 198 26.62 -34.12 50.04
CA THR K 198 26.95 -34.06 51.46
C THR K 198 28.02 -33.00 51.71
N SER K 199 27.62 -31.88 52.30
CA SER K 199 28.53 -30.76 52.57
C SER K 199 28.68 -30.63 54.09
N TYR K 200 29.77 -31.16 54.61
CA TYR K 200 30.07 -31.06 56.04
C TYR K 200 30.44 -29.65 56.48
N GLU K 201 30.48 -28.69 55.56
CA GLU K 201 30.89 -27.33 55.91
C GLU K 201 29.81 -26.63 56.72
N LEU K 202 28.58 -26.60 56.20
CA LEU K 202 27.49 -25.88 56.85
C LEU K 202 26.40 -26.83 57.36
N MET K 203 25.82 -27.64 56.49
CA MET K 203 24.71 -28.50 56.87
C MET K 203 24.77 -29.80 56.06
N ASP K 204 24.54 -30.91 56.74
CA ASP K 204 24.51 -32.21 56.08
C ASP K 204 23.29 -32.30 55.15
N TYR K 205 23.33 -33.28 54.24
CA TYR K 205 22.23 -33.47 53.31
C TYR K 205 20.95 -33.85 54.04
N LYS K 206 21.04 -34.75 55.02
CA LYS K 206 19.87 -35.13 55.79
C LYS K 206 19.34 -33.97 56.63
N THR K 207 20.23 -33.09 57.09
CA THR K 207 19.79 -31.90 57.81
C THR K 207 19.20 -30.85 56.87
N PHE K 208 19.69 -30.79 55.63
CA PHE K 208 19.10 -29.88 54.65
C PHE K 208 17.70 -30.32 54.25
N VAL K 209 17.52 -31.63 54.04
CA VAL K 209 16.19 -32.15 53.72
C VAL K 209 15.28 -32.02 54.93
N THR K 210 15.80 -32.30 56.13
CA THR K 210 15.01 -32.16 57.34
C THR K 210 14.60 -30.71 57.60
N TYR K 211 15.42 -29.76 57.15
CA TYR K 211 15.08 -28.36 57.34
C TYR K 211 14.16 -27.84 56.25
N THR K 212 14.29 -28.33 55.03
CA THR K 212 13.42 -27.89 53.93
C THR K 212 12.09 -28.61 53.90
N VAL K 213 11.94 -29.71 54.63
CA VAL K 213 10.66 -30.42 54.64
C VAL K 213 9.59 -29.64 55.38
N TYR K 214 9.99 -28.69 56.23
CA TYR K 214 9.01 -27.86 56.93
C TYR K 214 8.52 -26.71 56.04
N VAL K 215 9.43 -25.97 55.43
CA VAL K 215 9.04 -24.90 54.54
C VAL K 215 8.35 -25.44 53.30
N SER K 216 8.71 -26.64 52.87
CA SER K 216 8.07 -27.24 51.70
C SER K 216 6.74 -27.90 52.08
N MET K 217 6.67 -28.50 53.27
CA MET K 217 5.45 -29.18 53.68
C MET K 217 4.36 -28.20 54.09
N ILE K 218 4.74 -27.07 54.67
CA ILE K 218 3.78 -26.07 55.14
C ILE K 218 3.61 -24.93 54.13
N ALA K 219 4.71 -24.41 53.61
CA ALA K 219 4.66 -23.25 52.72
C ALA K 219 4.12 -23.58 51.33
N LEU K 220 3.70 -24.82 51.07
CA LEU K 220 3.19 -25.23 49.77
C LEU K 220 1.81 -25.84 49.92
N GLU K 221 1.00 -25.67 48.88
CA GLU K 221 -0.34 -26.25 48.84
C GLU K 221 -0.28 -27.60 48.13
N ARG K 222 -1.44 -28.22 47.91
CA ARG K 222 -1.50 -29.56 47.33
C ARG K 222 -1.03 -29.59 45.88
N PRO K 223 -1.46 -28.65 45.02
CA PRO K 223 -0.90 -28.65 43.64
C PRO K 223 0.59 -28.35 43.61
N ASP K 224 1.09 -27.51 44.51
CA ASP K 224 2.51 -27.21 44.53
C ASP K 224 3.32 -28.42 44.95
N LEU K 225 2.80 -29.22 45.88
CA LEU K 225 3.49 -30.45 46.28
C LEU K 225 3.41 -31.50 45.18
N ARG K 226 2.21 -31.67 44.59
CA ARG K 226 2.03 -32.66 43.54
C ARG K 226 2.89 -32.35 42.32
N GLU K 227 3.11 -31.07 42.04
CA GLU K 227 3.95 -30.69 40.90
C GLU K 227 5.42 -30.75 41.26
N LYS K 228 5.79 -30.22 42.41
CA LYS K 228 7.21 -30.08 42.76
C LYS K 228 7.80 -31.37 43.34
N VAL K 229 7.28 -31.82 44.48
CA VAL K 229 7.93 -32.88 45.24
C VAL K 229 7.31 -34.25 44.97
N ILE K 230 5.99 -34.32 44.80
CA ILE K 230 5.37 -35.62 44.55
C ILE K 230 5.73 -36.13 43.17
N LYS K 231 5.79 -35.23 42.17
CA LYS K 231 6.22 -35.64 40.84
C LYS K 231 7.72 -35.90 40.80
N GLY K 232 8.49 -35.17 41.59
CA GLY K 232 9.92 -35.39 41.62
C GLY K 232 10.29 -36.63 42.42
N ALA K 233 11.42 -37.23 42.03
CA ALA K 233 11.92 -38.44 42.68
C ALA K 233 12.80 -38.16 43.88
N GLU K 234 12.99 -36.88 44.24
CA GLU K 234 13.88 -36.54 45.36
C GLU K 234 13.33 -37.07 46.68
N ILE K 235 12.11 -36.65 47.04
CA ILE K 235 11.51 -37.14 48.27
C ILE K 235 11.19 -38.62 48.16
N LEU K 236 10.97 -39.12 46.94
CA LEU K 236 10.73 -40.54 46.75
C LEU K 236 11.97 -41.37 47.05
N GLU K 237 13.15 -40.80 46.84
CA GLU K 237 14.39 -41.50 47.18
C GLU K 237 14.78 -41.29 48.64
N VAL K 238 14.59 -40.07 49.17
CA VAL K 238 15.05 -39.77 50.51
C VAL K 238 14.03 -40.08 51.59
N LEU K 239 12.83 -40.56 51.21
CA LEU K 239 11.85 -40.92 52.23
C LEU K 239 12.25 -42.17 52.99
N HIS K 240 13.10 -43.02 52.42
CA HIS K 240 13.52 -44.25 53.07
C HIS K 240 14.49 -44.02 54.22
N SER K 241 15.05 -42.82 54.34
CA SER K 241 15.98 -42.55 55.44
C SER K 241 15.24 -42.54 56.78
N LEU K 242 14.15 -41.79 56.87
CA LEU K 242 13.34 -41.72 58.07
C LEU K 242 11.89 -42.06 57.71
N PRO K 243 11.30 -43.09 58.31
CA PRO K 243 9.91 -43.44 57.97
C PRO K 243 8.88 -42.46 58.51
N ALA K 244 9.27 -41.54 59.39
CA ALA K 244 8.32 -40.59 59.94
C ALA K 244 7.90 -39.56 58.91
N VAL K 245 8.85 -39.08 58.10
CA VAL K 245 8.53 -38.07 57.09
C VAL K 245 7.47 -38.57 56.13
N ARG K 246 7.55 -39.85 55.74
CA ARG K 246 6.53 -40.43 54.89
C ARG K 246 5.16 -40.42 55.57
N GLN K 247 5.14 -40.57 56.90
CA GLN K 247 3.87 -40.52 57.62
C GLN K 247 3.32 -39.11 57.69
N TYR K 248 4.20 -38.12 57.88
CA TYR K 248 3.76 -36.73 57.93
C TYR K 248 3.43 -36.16 56.56
N LEU K 249 3.84 -36.83 55.48
CA LEU K 249 3.51 -36.40 54.12
C LEU K 249 2.27 -37.12 53.60
N PHE K 250 2.20 -38.44 53.75
CA PHE K 250 1.02 -39.17 53.31
C PHE K 250 -0.16 -38.93 54.24
N SER K 251 0.11 -38.57 55.50
CA SER K 251 -0.99 -38.25 56.43
C SER K 251 -1.57 -36.87 56.15
N LEU K 252 -0.71 -35.89 55.83
CA LEU K 252 -1.20 -34.56 55.51
C LEU K 252 -1.85 -34.54 54.13
N TYR K 253 -1.22 -35.17 53.14
CA TYR K 253 -1.82 -35.22 51.81
C TYR K 253 -3.05 -36.12 51.78
N GLU K 254 -3.10 -37.11 52.68
CA GLU K 254 -4.25 -38.01 52.77
C GLU K 254 -5.35 -37.48 53.69
N CYS K 255 -5.08 -36.41 54.43
CA CYS K 255 -6.07 -35.77 55.31
C CYS K 255 -6.52 -36.74 56.41
N ARG K 256 -5.55 -37.33 57.10
CA ARG K 256 -5.81 -38.20 58.23
C ARG K 256 -5.25 -37.53 59.49
N TYR K 257 -6.12 -36.85 60.24
CA TYR K 257 -5.70 -36.14 61.42
C TYR K 257 -5.58 -37.04 62.65
N SER K 258 -6.13 -38.25 62.60
CA SER K 258 -6.07 -39.15 63.75
C SER K 258 -4.63 -39.53 64.08
N VAL K 259 -3.79 -39.69 63.05
CA VAL K 259 -2.39 -40.02 63.26
C VAL K 259 -1.57 -38.74 63.24
N PHE K 260 -2.11 -37.70 62.59
CA PHE K 260 -1.39 -36.43 62.51
C PHE K 260 -1.31 -35.74 63.86
N PHE K 261 -2.39 -35.81 64.64
CA PHE K 261 -2.37 -35.19 65.97
C PHE K 261 -1.66 -36.07 67.00
N GLN K 262 -1.72 -37.39 66.83
CA GLN K 262 -1.02 -38.27 67.76
C GLN K 262 0.49 -38.21 67.53
N SER K 263 0.92 -38.08 66.28
CA SER K 263 2.34 -38.01 65.94
C SER K 263 2.85 -36.58 65.81
N LEU K 264 1.98 -35.57 65.97
CA LEU K 264 2.41 -34.19 65.84
C LEU K 264 3.30 -33.74 67.00
N ALA K 265 3.28 -34.46 68.11
CA ALA K 265 4.12 -34.10 69.25
C ALA K 265 5.61 -34.23 68.90
N VAL K 266 5.94 -35.15 67.99
CA VAL K 266 7.33 -35.27 67.53
C VAL K 266 7.73 -34.05 66.73
N VAL K 267 6.79 -33.50 65.95
CA VAL K 267 7.07 -32.28 65.20
C VAL K 267 7.17 -31.08 66.13
N GLU K 268 6.39 -31.08 67.21
CA GLU K 268 6.44 -29.98 68.17
C GLU K 268 7.75 -30.00 68.95
N GLN K 269 8.15 -31.18 69.44
CA GLN K 269 9.39 -31.27 70.22
C GLN K 269 10.61 -31.09 69.34
N GLU K 270 10.62 -31.71 68.16
CA GLU K 270 11.75 -31.58 67.24
C GLU K 270 11.81 -30.20 66.60
N MET K 271 10.70 -29.49 66.53
CA MET K 271 10.69 -28.18 65.88
C MET K 271 11.52 -27.16 66.66
N LYS K 272 11.52 -27.26 67.99
CA LYS K 272 12.28 -26.35 68.83
C LYS K 272 13.67 -26.92 69.08
N LYS K 273 14.40 -26.31 70.01
CA LYS K 273 15.75 -26.74 70.38
C LYS K 273 16.71 -26.75 69.20
N ASP K 274 16.52 -25.82 68.26
CA ASP K 274 17.38 -25.69 67.09
C ASP K 274 18.01 -24.31 67.09
N TRP K 275 19.14 -24.19 66.38
CA TRP K 275 19.86 -22.94 66.31
C TRP K 275 19.03 -21.84 65.64
N LEU K 276 18.67 -22.04 64.38
CA LEU K 276 17.99 -21.03 63.59
C LEU K 276 16.50 -21.33 63.39
N PHE K 277 16.05 -22.54 63.69
CA PHE K 277 14.67 -22.93 63.43
C PHE K 277 13.78 -22.88 64.66
N ALA K 278 14.34 -22.63 65.84
CA ALA K 278 13.57 -22.60 67.07
C ALA K 278 12.76 -21.32 67.24
N PRO K 279 13.35 -20.12 67.10
CA PRO K 279 12.57 -18.90 67.38
C PRO K 279 11.36 -18.70 66.49
N HIS K 280 11.22 -19.46 65.40
CA HIS K 280 10.08 -19.34 64.50
C HIS K 280 9.13 -20.53 64.61
N TYR K 281 9.21 -21.30 65.70
CA TYR K 281 8.39 -22.50 65.83
C TYR K 281 6.91 -22.19 65.99
N ARG K 282 6.56 -20.96 66.40
CA ARG K 282 5.16 -20.61 66.60
C ARG K 282 4.45 -20.33 65.27
N TYR K 283 5.18 -19.91 64.25
CA TYR K 283 4.55 -19.58 62.97
C TYR K 283 4.19 -20.83 62.19
N TYR K 284 5.02 -21.88 62.27
CA TYR K 284 4.73 -23.10 61.53
C TYR K 284 3.52 -23.84 62.12
N VAL K 285 3.35 -23.76 63.44
CA VAL K 285 2.23 -24.44 64.10
C VAL K 285 0.91 -23.80 63.69
N ARG K 286 0.78 -22.49 63.92
CA ARG K 286 -0.45 -21.79 63.57
C ARG K 286 -0.70 -21.82 62.07
N GLU K 287 0.35 -21.58 61.28
CA GLU K 287 0.19 -21.56 59.82
C GLU K 287 -0.21 -22.94 59.30
N MET K 288 0.30 -24.01 59.91
CA MET K 288 -0.06 -25.35 59.48
C MET K 288 -1.45 -25.73 59.94
N ARG K 289 -1.89 -25.27 61.12
CA ARG K 289 -3.23 -25.56 61.57
C ARG K 289 -4.27 -24.82 60.75
N ILE K 290 -4.02 -23.54 60.45
CA ILE K 290 -4.94 -22.80 59.60
C ILE K 290 -4.88 -23.28 58.16
N HIS K 291 -3.73 -23.81 57.75
CA HIS K 291 -3.62 -24.38 56.40
C HIS K 291 -4.40 -25.68 56.29
N ALA K 292 -4.37 -26.50 57.34
CA ALA K 292 -5.16 -27.74 57.33
C ALA K 292 -6.65 -27.44 57.47
N TYR K 293 -7.00 -26.43 58.29
CA TYR K 293 -8.40 -26.04 58.42
C TYR K 293 -8.95 -25.45 57.14
N SER K 294 -8.11 -24.72 56.39
CA SER K 294 -8.54 -24.22 55.08
C SER K 294 -8.56 -25.34 54.05
N GLN K 295 -7.71 -26.36 54.23
CA GLN K 295 -7.70 -27.49 53.30
C GLN K 295 -8.96 -28.32 53.44
N LEU K 296 -9.29 -28.75 54.67
CA LEU K 296 -10.49 -29.54 54.87
C LEU K 296 -11.75 -28.69 54.72
N LEU K 297 -11.71 -27.45 55.18
CA LEU K 297 -12.86 -26.56 55.09
C LEU K 297 -13.06 -26.00 53.69
N GLU K 298 -12.08 -26.16 52.80
CA GLU K 298 -12.23 -25.67 51.43
C GLU K 298 -13.25 -26.50 50.66
N SER K 299 -13.06 -27.82 50.63
CA SER K 299 -13.96 -28.71 49.90
C SER K 299 -15.22 -29.06 50.68
N TYR K 300 -15.37 -28.54 51.89
CA TYR K 300 -16.52 -28.84 52.73
C TYR K 300 -17.26 -27.55 53.06
N ARG K 301 -18.52 -27.46 52.67
CA ARG K 301 -19.32 -26.27 52.94
C ARG K 301 -19.90 -26.30 54.35
N SER K 302 -20.66 -27.34 54.66
CA SER K 302 -21.24 -27.53 55.98
C SER K 302 -20.60 -28.73 56.64
N LEU K 303 -20.38 -28.64 57.96
CA LEU K 303 -19.68 -29.68 58.71
C LEU K 303 -20.34 -29.83 60.07
N THR K 304 -20.84 -31.02 60.35
CA THR K 304 -21.40 -31.32 61.66
C THR K 304 -20.29 -31.58 62.67
N LEU K 305 -20.65 -31.47 63.95
CA LEU K 305 -19.68 -31.69 65.02
C LEU K 305 -19.34 -33.15 65.20
N GLY K 306 -20.17 -34.07 64.69
CA GLY K 306 -19.88 -35.48 64.83
C GLY K 306 -18.73 -35.92 63.94
N TYR K 307 -18.85 -35.66 62.63
CA TYR K 307 -17.79 -36.04 61.71
C TYR K 307 -16.52 -35.24 61.94
N MET K 308 -16.65 -34.00 62.44
CA MET K 308 -15.46 -33.19 62.74
C MET K 308 -14.78 -33.68 64.01
N ALA K 309 -15.56 -33.96 65.06
CA ALA K 309 -14.96 -34.43 66.30
C ALA K 309 -14.36 -35.82 66.15
N GLU K 310 -15.01 -36.69 65.36
CA GLU K 310 -14.46 -38.02 65.13
C GLU K 310 -13.30 -37.98 64.14
N ALA K 311 -13.31 -37.02 63.22
CA ALA K 311 -12.22 -36.93 62.24
C ALA K 311 -10.95 -36.39 62.89
N PHE K 312 -11.07 -35.30 63.66
CA PHE K 312 -9.91 -34.72 64.31
C PHE K 312 -9.54 -35.42 65.61
N GLY K 313 -10.49 -36.12 66.23
CA GLY K 313 -10.21 -36.82 67.47
C GLY K 313 -9.95 -35.91 68.67
N VAL K 314 -10.74 -34.84 68.79
CA VAL K 314 -10.58 -33.89 69.88
C VAL K 314 -11.96 -33.39 70.28
N GLY K 315 -12.04 -32.82 71.49
CA GLY K 315 -13.31 -32.35 72.01
C GLY K 315 -13.83 -31.14 71.25
N VAL K 316 -15.14 -30.93 71.36
CA VAL K 316 -15.78 -29.80 70.67
C VAL K 316 -15.46 -28.49 71.37
N GLU K 317 -15.25 -28.52 72.69
CA GLU K 317 -14.99 -27.29 73.44
C GLU K 317 -13.68 -26.62 73.02
N PHE K 318 -12.76 -27.36 72.40
CA PHE K 318 -11.49 -26.79 71.97
C PHE K 318 -11.57 -26.24 70.56
N ILE K 319 -12.20 -26.98 69.63
CA ILE K 319 -12.38 -26.47 68.28
C ILE K 319 -13.37 -25.31 68.24
N ASP K 320 -14.23 -25.21 69.25
CA ASP K 320 -15.14 -24.05 69.32
C ASP K 320 -14.36 -22.76 69.46
N GLN K 321 -13.45 -22.69 70.44
CA GLN K 321 -12.61 -21.51 70.58
C GLN K 321 -11.54 -21.43 69.50
N GLU K 322 -11.14 -22.56 68.92
CA GLU K 322 -10.24 -22.53 67.77
C GLU K 322 -10.85 -21.76 66.62
N LEU K 323 -12.03 -22.21 66.14
CA LEU K 323 -12.70 -21.49 65.07
C LEU K 323 -13.11 -20.09 65.51
N SER K 324 -13.44 -19.91 66.78
CA SER K 324 -13.81 -18.59 67.28
C SER K 324 -12.65 -17.60 67.16
N ARG K 325 -11.43 -18.09 67.37
CA ARG K 325 -10.26 -17.21 67.28
C ARG K 325 -9.73 -17.11 65.85
N PHE K 326 -9.97 -18.12 65.01
CA PHE K 326 -9.46 -18.14 63.66
C PHE K 326 -10.43 -17.55 62.64
N ILE K 327 -11.66 -17.26 63.02
CA ILE K 327 -12.56 -16.55 62.11
C ILE K 327 -12.30 -15.06 62.16
N ALA K 328 -12.17 -14.50 63.37
CA ALA K 328 -11.86 -13.08 63.51
C ALA K 328 -10.36 -12.82 63.38
N ALA K 329 -9.54 -13.56 64.13
CA ALA K 329 -8.10 -13.35 64.07
C ALA K 329 -7.51 -13.89 62.78
N GLY K 330 -7.82 -15.14 62.45
CA GLY K 330 -7.25 -15.75 61.25
C GLY K 330 -7.83 -15.21 59.97
N ARG K 331 -9.14 -14.95 59.96
CA ARG K 331 -9.86 -14.45 58.78
C ARG K 331 -9.69 -15.41 57.60
N LEU K 332 -10.22 -16.62 57.79
CA LEU K 332 -10.14 -17.67 56.78
C LEU K 332 -11.42 -17.85 55.98
N HIS K 333 -12.59 -17.71 56.60
CA HIS K 333 -13.86 -17.85 55.92
C HIS K 333 -14.86 -16.87 56.49
N CYS K 334 -16.10 -16.97 56.03
CA CYS K 334 -17.16 -16.05 56.42
C CYS K 334 -17.74 -16.46 57.78
N LYS K 335 -18.90 -15.89 58.12
CA LYS K 335 -19.54 -16.16 59.39
C LYS K 335 -19.88 -17.64 59.53
N ILE K 336 -19.72 -18.17 60.74
CA ILE K 336 -20.00 -19.56 61.05
C ILE K 336 -21.43 -19.69 61.52
N ASP K 337 -22.00 -20.88 61.33
CA ASP K 337 -23.37 -21.17 61.74
C ASP K 337 -23.35 -22.11 62.94
N LYS K 338 -24.22 -21.83 63.92
CA LYS K 338 -24.31 -22.67 65.11
C LYS K 338 -25.75 -22.87 65.56
N VAL K 339 -26.73 -22.72 64.67
CA VAL K 339 -28.12 -22.85 65.06
C VAL K 339 -28.47 -24.30 65.36
N ASN K 340 -27.84 -25.25 64.67
CA ASN K 340 -28.09 -26.67 64.88
C ASN K 340 -26.83 -27.42 65.30
N GLU K 341 -25.86 -26.71 65.88
CA GLU K 341 -24.58 -27.28 66.27
C GLU K 341 -23.88 -27.93 65.09
N ILE K 342 -23.90 -27.25 63.95
CA ILE K 342 -23.28 -27.73 62.71
C ILE K 342 -22.58 -26.56 62.05
N VAL K 343 -21.28 -26.68 61.84
CA VAL K 343 -20.52 -25.62 61.18
C VAL K 343 -20.95 -25.53 59.72
N GLU K 344 -21.59 -24.41 59.36
CA GLU K 344 -22.11 -24.19 58.02
C GLU K 344 -21.70 -22.80 57.55
N THR K 345 -20.83 -22.74 56.56
CA THR K 345 -20.36 -21.49 55.99
C THR K 345 -20.86 -21.34 54.55
N ASN K 346 -20.72 -20.12 54.02
CA ASN K 346 -21.13 -19.81 52.65
C ASN K 346 -19.95 -19.50 51.76
N ARG K 347 -19.02 -18.66 52.23
CA ARG K 347 -17.81 -18.25 51.51
C ARG K 347 -18.16 -17.69 50.14
N PRO K 348 -18.72 -16.47 50.07
CA PRO K 348 -18.94 -15.80 48.78
C PRO K 348 -17.71 -15.01 48.32
N ASP K 349 -16.54 -15.66 48.36
CA ASP K 349 -15.27 -15.00 48.10
C ASP K 349 -14.85 -15.06 46.64
N SER K 350 -15.65 -15.67 45.76
CA SER K 350 -15.28 -15.80 44.36
C SER K 350 -16.00 -14.78 43.47
N LYS K 351 -17.34 -14.82 43.46
CA LYS K 351 -18.10 -14.06 42.47
C LYS K 351 -17.90 -12.56 42.63
N ASN K 352 -18.28 -12.02 43.79
CA ASN K 352 -18.16 -10.59 44.01
C ASN K 352 -16.79 -10.21 44.58
N TRP K 353 -16.24 -11.03 45.47
CA TRP K 353 -14.95 -10.70 46.07
C TRP K 353 -13.82 -10.83 45.07
N GLN K 354 -13.97 -11.70 44.06
CA GLN K 354 -12.95 -11.79 43.02
C GLN K 354 -12.78 -10.46 42.29
N TYR K 355 -13.89 -9.73 42.10
CA TYR K 355 -13.81 -8.38 41.57
C TYR K 355 -13.48 -7.36 42.64
N GLN K 356 -13.78 -7.65 43.90
CA GLN K 356 -13.49 -6.76 45.02
C GLN K 356 -12.07 -6.89 45.55
N GLU K 357 -11.23 -7.71 44.92
CA GLU K 357 -9.84 -7.82 45.35
C GLU K 357 -9.03 -6.58 45.02
N THR K 358 -9.56 -5.70 44.16
CA THR K 358 -8.86 -4.49 43.75
C THR K 358 -9.31 -3.26 44.51
N ILE K 359 -10.28 -3.39 45.42
CA ILE K 359 -10.74 -2.22 46.17
C ILE K 359 -9.68 -1.76 47.17
N LYS K 360 -8.82 -2.67 47.61
CA LYS K 360 -7.73 -2.28 48.50
C LYS K 360 -6.71 -1.41 47.76
N LYS K 361 -6.32 -1.84 46.56
CA LYS K 361 -5.45 -1.01 45.72
C LYS K 361 -6.17 0.24 45.23
N GLY K 362 -7.49 0.25 45.23
CA GLY K 362 -8.24 1.43 44.86
C GLY K 362 -8.29 2.46 45.95
N ASP K 363 -8.38 2.00 47.21
CA ASP K 363 -8.35 2.93 48.34
C ASP K 363 -6.94 3.41 48.64
N LEU K 364 -5.96 2.50 48.65
CA LEU K 364 -4.58 2.90 48.86
C LEU K 364 -4.09 3.74 47.67
N LEU K 365 -4.50 3.39 46.46
CA LEU K 365 -4.19 4.21 45.30
C LEU K 365 -4.92 5.55 45.36
N LEU K 366 -6.09 5.58 46.01
CA LEU K 366 -6.81 6.85 46.18
C LEU K 366 -6.07 7.76 47.14
N ASN K 367 -5.55 7.20 48.24
CA ASN K 367 -4.71 8.01 49.13
C ASN K 367 -3.40 8.39 48.47
N ARG K 368 -2.90 7.55 47.56
CA ARG K 368 -1.66 7.87 46.87
C ARG K 368 -1.84 8.98 45.85
N VAL K 369 -2.99 9.03 45.18
CA VAL K 369 -3.26 10.16 44.28
C VAL K 369 -3.73 11.38 45.06
N GLN K 370 -4.21 11.22 46.29
CA GLN K 370 -4.38 12.37 47.15
C GLN K 370 -3.04 12.96 47.55
N LYS K 371 -2.05 12.10 47.82
CA LYS K 371 -0.69 12.59 48.00
C LYS K 371 -0.17 13.24 46.72
N LEU K 372 -0.54 12.69 45.57
CA LEU K 372 -0.20 13.32 44.30
C LEU K 372 -0.81 14.71 44.22
N SER K 373 -2.01 14.89 44.78
CA SER K 373 -2.60 16.22 44.86
C SER K 373 -1.86 17.09 45.87
N ARG K 374 -1.24 16.47 46.88
CA ARG K 374 -0.44 17.22 47.84
C ARG K 374 0.85 17.73 47.23
N VAL K 375 1.42 16.98 46.28
CA VAL K 375 2.63 17.42 45.59
C VAL K 375 2.36 18.64 44.71
N ILE K 376 1.11 18.85 44.32
CA ILE K 376 0.77 19.99 43.47
C ILE K 376 1.04 21.29 44.21
N ASN K 377 1.80 22.18 43.58
CA ASN K 377 2.14 23.51 44.05
C ASN K 377 3.00 23.51 45.31
N MET K 378 3.43 22.35 45.80
CA MET K 378 4.28 22.30 46.99
C MET K 378 5.10 21.02 47.02
N ALA L 1 -40.83 -11.99 -1.46
CA ALA L 1 -39.94 -12.01 -2.61
C ALA L 1 -38.70 -11.17 -2.37
N VAL L 2 -38.91 -9.87 -2.12
CA VAL L 2 -37.84 -8.92 -1.86
C VAL L 2 -37.87 -8.58 -0.37
N GLN L 3 -36.72 -8.77 0.29
CA GLN L 3 -36.62 -8.48 1.72
C GLN L 3 -36.23 -7.03 1.98
N LYS L 4 -35.27 -6.50 1.23
CA LYS L 4 -34.84 -5.12 1.41
C LYS L 4 -34.45 -4.54 0.04
N VAL L 5 -34.48 -3.21 -0.03
CA VAL L 5 -34.14 -2.49 -1.25
C VAL L 5 -33.07 -1.46 -0.94
N VAL L 6 -32.42 -0.98 -2.00
CA VAL L 6 -31.38 0.04 -1.89
C VAL L 6 -31.75 1.18 -2.82
N VAL L 7 -31.94 2.37 -2.26
CA VAL L 7 -32.31 3.56 -3.01
C VAL L 7 -31.21 4.59 -2.87
N HIS L 8 -30.63 5.00 -4.00
CA HIS L 8 -29.59 6.01 -4.00
C HIS L 8 -30.21 7.41 -3.94
N PRO L 9 -29.51 8.37 -3.31
CA PRO L 9 -30.03 9.73 -3.24
C PRO L 9 -30.12 10.45 -4.57
N LEU L 10 -29.65 9.83 -5.67
CA LEU L 10 -29.69 10.50 -6.96
C LEU L 10 -31.13 10.69 -7.44
N VAL L 11 -32.01 9.73 -7.14
CA VAL L 11 -33.40 9.87 -7.57
C VAL L 11 -34.12 10.91 -6.74
N LEU L 12 -33.79 11.02 -5.45
CA LEU L 12 -34.42 12.06 -4.62
C LEU L 12 -33.90 13.44 -4.97
N LEU L 13 -32.63 13.55 -5.37
CA LEU L 13 -32.14 14.82 -5.89
C LEU L 13 -32.72 15.11 -7.27
N SER L 14 -33.10 14.06 -8.01
CA SER L 14 -33.90 14.26 -9.21
C SER L 14 -35.30 14.75 -8.87
N VAL L 15 -35.82 14.41 -7.70
CA VAL L 15 -37.07 15.03 -7.24
C VAL L 15 -36.81 16.47 -6.84
N VAL L 16 -35.62 16.76 -6.31
CA VAL L 16 -35.24 18.16 -6.08
C VAL L 16 -35.22 18.92 -7.40
N ASP L 17 -34.81 18.26 -8.48
CA ASP L 17 -34.89 18.86 -9.80
C ASP L 17 -36.34 19.02 -10.23
N HIS L 18 -37.20 18.05 -9.89
CA HIS L 18 -38.63 18.18 -10.15
C HIS L 18 -39.21 19.41 -9.46
N PHE L 19 -38.70 19.74 -8.27
CA PHE L 19 -39.12 20.94 -7.56
C PHE L 19 -38.35 22.18 -7.99
N ASN L 20 -37.30 22.02 -8.80
CA ASN L 20 -36.50 23.15 -9.27
C ASN L 20 -37.00 23.69 -10.60
N ARG L 21 -37.31 22.79 -11.55
CA ARG L 21 -37.73 23.19 -12.88
C ARG L 21 -39.24 23.45 -12.98
N ILE L 22 -39.91 23.72 -11.85
CA ILE L 22 -41.34 24.00 -11.90
C ILE L 22 -41.62 25.24 -12.72
N GLY L 23 -40.94 26.34 -12.40
CA GLY L 23 -41.13 27.59 -13.11
C GLY L 23 -42.12 28.54 -12.49
N LYS L 24 -42.56 28.29 -11.24
CA LYS L 24 -43.51 29.14 -10.53
C LYS L 24 -44.81 29.29 -11.33
N VAL L 25 -45.47 28.16 -11.54
CA VAL L 25 -46.72 28.12 -12.27
C VAL L 25 -47.88 28.02 -11.28
N GLY L 26 -47.62 27.42 -10.12
CA GLY L 26 -48.63 27.30 -9.09
C GLY L 26 -49.37 25.99 -9.06
N ASN L 27 -48.84 24.92 -9.65
CA ASN L 27 -49.50 23.63 -9.69
C ASN L 27 -48.93 22.67 -8.64
N GLN L 28 -47.64 22.39 -8.71
CA GLN L 28 -46.91 21.52 -7.77
C GLN L 28 -47.73 20.32 -7.32
N LYS L 29 -48.25 19.59 -8.30
CA LYS L 29 -49.03 18.39 -8.01
C LYS L 29 -48.07 17.19 -7.84
N ARG L 30 -48.64 16.00 -7.72
CA ARG L 30 -47.86 14.77 -7.51
C ARG L 30 -47.28 14.32 -8.86
N VAL L 31 -46.12 14.91 -9.18
CA VAL L 31 -45.42 14.55 -10.41
C VAL L 31 -44.93 13.11 -10.30
N VAL L 32 -45.34 12.27 -11.24
CA VAL L 32 -44.97 10.86 -11.25
C VAL L 32 -43.71 10.68 -12.08
N GLY L 33 -42.71 10.01 -11.50
CA GLY L 33 -41.47 9.70 -12.19
C GLY L 33 -41.33 8.20 -12.38
N VAL L 34 -40.65 7.81 -13.45
CA VAL L 34 -40.45 6.40 -13.79
C VAL L 34 -39.20 5.93 -13.06
N LEU L 35 -39.37 5.10 -12.04
CA LEU L 35 -38.25 4.59 -11.27
C LEU L 35 -37.52 3.49 -12.06
N LEU L 36 -36.19 3.53 -12.02
CA LEU L 36 -35.36 2.54 -12.68
C LEU L 36 -34.50 1.82 -11.66
N GLY L 37 -34.13 0.59 -11.96
CA GLY L 37 -33.33 -0.19 -11.05
C GLY L 37 -32.92 -1.52 -11.67
N SER L 38 -32.35 -2.37 -10.84
CA SER L 38 -31.89 -3.69 -11.25
C SER L 38 -32.75 -4.75 -10.57
N TRP L 39 -33.71 -5.31 -11.31
CA TRP L 39 -34.60 -6.33 -10.80
C TRP L 39 -34.02 -7.73 -10.92
N GLN L 40 -32.84 -7.88 -11.53
CA GLN L 40 -32.25 -9.20 -11.70
C GLN L 40 -31.93 -9.84 -10.36
N LYS L 41 -31.11 -9.18 -9.55
CA LYS L 41 -30.75 -9.71 -8.25
C LYS L 41 -31.94 -9.58 -7.29
N LYS L 42 -31.89 -10.38 -6.22
CA LYS L 42 -32.98 -10.38 -5.24
C LYS L 42 -33.13 -9.01 -4.58
N VAL L 43 -32.02 -8.32 -4.34
CA VAL L 43 -32.05 -6.99 -3.76
C VAL L 43 -32.23 -5.96 -4.87
N LEU L 44 -32.99 -4.91 -4.56
CA LEU L 44 -33.28 -3.85 -5.51
C LEU L 44 -32.30 -2.70 -5.32
N ASP L 45 -31.74 -2.21 -6.43
CA ASP L 45 -30.74 -1.16 -6.39
C ASP L 45 -31.09 -0.11 -7.44
N VAL L 46 -31.50 1.06 -6.99
CA VAL L 46 -31.84 2.18 -7.88
C VAL L 46 -30.57 2.98 -8.17
N SER L 47 -30.25 3.14 -9.45
CA SER L 47 -29.10 3.94 -9.87
C SER L 47 -29.50 5.34 -10.29
N ASN L 48 -30.42 5.44 -11.25
CA ASN L 48 -30.91 6.73 -11.71
C ASN L 48 -32.36 6.54 -12.17
N SER L 49 -32.97 7.63 -12.63
CA SER L 49 -34.35 7.60 -13.12
C SER L 49 -34.57 8.82 -14.01
N PHE L 50 -35.79 8.95 -14.52
CA PHE L 50 -36.18 10.08 -15.35
C PHE L 50 -37.62 10.45 -15.01
N ALA L 51 -38.21 11.31 -15.82
CA ALA L 51 -39.54 11.84 -15.55
C ALA L 51 -40.45 11.58 -16.75
N VAL L 52 -41.75 11.72 -16.51
CA VAL L 52 -42.78 11.56 -17.54
C VAL L 52 -43.86 12.61 -17.30
N PRO L 53 -44.36 13.28 -18.33
CA PRO L 53 -45.44 14.26 -18.12
C PRO L 53 -46.68 13.65 -17.49
N PHE L 54 -47.01 14.07 -16.27
CA PHE L 54 -48.14 13.53 -15.53
C PHE L 54 -48.99 14.69 -15.03
N ASP L 55 -50.27 14.69 -15.40
CA ASP L 55 -51.20 15.73 -14.98
C ASP L 55 -52.52 15.09 -14.59
N GLU L 56 -53.11 15.57 -13.50
CA GLU L 56 -54.38 15.09 -12.99
C GLU L 56 -55.44 16.19 -13.10
N ASP L 57 -56.64 15.88 -12.63
CA ASP L 57 -57.75 16.82 -12.63
C ASP L 57 -58.00 17.34 -11.22
N ASP L 58 -58.60 18.52 -11.14
CA ASP L 58 -58.87 19.14 -9.84
C ASP L 58 -59.95 18.38 -9.09
N LYS L 59 -61.14 18.25 -9.69
CA LYS L 59 -62.25 17.60 -9.01
C LYS L 59 -62.15 16.08 -9.10
N ASP L 60 -62.16 15.54 -10.32
CA ASP L 60 -62.11 14.09 -10.51
C ASP L 60 -60.71 13.56 -10.21
N ASP L 61 -60.65 12.55 -9.35
CA ASP L 61 -59.37 11.95 -8.96
C ASP L 61 -58.95 10.84 -9.90
N SER L 62 -59.91 10.20 -10.59
CA SER L 62 -59.62 9.08 -11.47
C SER L 62 -58.89 9.47 -12.75
N VAL L 63 -58.55 10.76 -12.93
CA VAL L 63 -57.87 11.22 -14.13
C VAL L 63 -56.37 11.04 -13.94
N TRP L 64 -55.74 10.36 -14.90
CA TRP L 64 -54.30 10.14 -14.87
C TRP L 64 -53.79 10.14 -16.31
N PHE L 65 -52.67 10.82 -16.53
CA PHE L 65 -52.10 11.00 -17.86
C PHE L 65 -50.68 10.44 -17.88
N LEU L 66 -50.46 9.41 -18.69
CA LEU L 66 -49.15 8.81 -18.87
C LEU L 66 -48.79 8.84 -20.36
N ASP L 67 -47.62 8.27 -20.68
CA ASP L 67 -47.14 8.26 -22.05
C ASP L 67 -46.34 6.99 -22.29
N HIS L 68 -46.64 6.31 -23.39
CA HIS L 68 -45.94 5.09 -23.77
C HIS L 68 -44.77 5.35 -24.71
N ASP L 69 -44.94 6.29 -25.65
CA ASP L 69 -43.87 6.58 -26.61
C ASP L 69 -42.66 7.20 -25.92
N TYR L 70 -42.91 8.13 -24.98
CA TYR L 70 -41.79 8.76 -24.26
C TYR L 70 -41.10 7.75 -23.35
N LEU L 71 -41.86 6.81 -22.77
CA LEU L 71 -41.26 5.80 -21.92
C LEU L 71 -40.43 4.81 -22.74
N GLU L 72 -40.92 4.43 -23.92
CA GLU L 72 -40.16 3.52 -24.76
C GLU L 72 -38.95 4.20 -25.40
N ASN L 73 -39.02 5.52 -25.59
CA ASN L 73 -37.89 6.23 -26.15
C ASN L 73 -36.81 6.51 -25.11
N MET L 74 -37.21 6.95 -23.92
CA MET L 74 -36.25 7.14 -22.84
C MET L 74 -35.66 5.81 -22.39
N TYR L 75 -36.48 4.76 -22.37
CA TYR L 75 -35.97 3.44 -22.01
C TYR L 75 -35.12 2.84 -23.13
N GLY L 76 -35.42 3.20 -24.38
CA GLY L 76 -34.62 2.70 -25.49
C GLY L 76 -33.26 3.36 -25.56
N MET L 77 -33.23 4.68 -25.42
CA MET L 77 -31.95 5.40 -25.44
C MET L 77 -31.15 5.13 -24.18
N PHE L 78 -31.81 5.13 -23.01
CA PHE L 78 -31.11 4.83 -21.77
C PHE L 78 -30.62 3.39 -21.73
N LYS L 79 -31.38 2.46 -22.30
CA LYS L 79 -30.91 1.09 -22.40
C LYS L 79 -29.79 0.96 -23.42
N LYS L 80 -29.79 1.81 -24.45
CA LYS L 80 -28.71 1.78 -25.44
C LYS L 80 -27.41 2.30 -24.86
N VAL L 81 -27.48 3.34 -24.03
CA VAL L 81 -26.27 3.88 -23.41
C VAL L 81 -25.86 3.05 -22.18
N ASN L 82 -26.83 2.41 -21.52
CA ASN L 82 -26.54 1.60 -20.34
C ASN L 82 -27.57 0.48 -20.29
N ALA L 83 -27.17 -0.72 -20.69
CA ALA L 83 -28.05 -1.87 -20.72
C ALA L 83 -28.06 -2.64 -19.41
N ARG L 84 -27.32 -2.19 -18.40
CA ARG L 84 -27.28 -2.87 -17.11
C ARG L 84 -28.45 -2.53 -16.22
N GLU L 85 -29.26 -1.52 -16.57
CA GLU L 85 -30.41 -1.10 -15.78
C GLU L 85 -31.64 -1.05 -16.66
N ARG L 86 -32.75 -1.57 -16.14
CA ARG L 86 -34.01 -1.63 -16.87
C ARG L 86 -35.13 -1.07 -15.99
N ILE L 87 -36.34 -1.05 -16.56
CA ILE L 87 -37.49 -0.54 -15.83
C ILE L 87 -37.86 -1.49 -14.69
N VAL L 88 -38.25 -0.91 -13.56
CA VAL L 88 -38.70 -1.66 -12.40
C VAL L 88 -40.07 -1.17 -11.91
N GLY L 89 -40.23 0.14 -11.76
CA GLY L 89 -41.49 0.70 -11.31
C GLY L 89 -41.58 2.20 -11.48
N TRP L 90 -42.27 2.87 -10.55
CA TRP L 90 -42.44 4.31 -10.60
C TRP L 90 -42.52 4.85 -9.17
N TYR L 91 -42.68 6.16 -9.06
CA TYR L 91 -42.76 6.81 -7.76
C TYR L 91 -43.43 8.17 -7.92
N HIS L 92 -44.19 8.56 -6.89
CA HIS L 92 -44.88 9.84 -6.87
C HIS L 92 -44.45 10.63 -5.64
N THR L 93 -44.45 11.95 -5.77
CA THR L 93 -44.03 12.85 -4.70
C THR L 93 -45.17 13.23 -3.76
N GLY L 94 -46.39 12.75 -4.02
CA GLY L 94 -47.52 13.09 -3.20
C GLY L 94 -47.47 12.43 -1.84
N PRO L 95 -47.70 13.20 -0.78
CA PRO L 95 -47.66 12.64 0.58
C PRO L 95 -48.88 11.78 0.91
N LYS L 96 -49.96 11.85 0.14
CA LYS L 96 -51.18 11.12 0.40
C LYS L 96 -51.39 10.04 -0.65
N LEU L 97 -51.85 8.87 -0.20
CA LEU L 97 -52.11 7.74 -1.08
C LEU L 97 -53.54 7.85 -1.61
N HIS L 98 -53.68 8.23 -2.87
CA HIS L 98 -54.98 8.36 -3.50
C HIS L 98 -55.44 7.04 -4.10
N LYS L 99 -56.73 6.98 -4.44
CA LYS L 99 -57.30 5.76 -4.99
C LYS L 99 -56.85 5.52 -6.43
N ASN L 100 -56.50 6.59 -7.15
CA ASN L 100 -56.10 6.46 -8.55
C ASN L 100 -54.76 5.75 -8.72
N ASP L 101 -54.01 5.53 -7.64
CA ASP L 101 -52.72 4.88 -7.74
C ASP L 101 -52.83 3.42 -8.18
N ILE L 102 -54.00 2.79 -8.03
CA ILE L 102 -54.17 1.44 -8.53
C ILE L 102 -54.30 1.45 -10.06
N ALA L 103 -54.86 2.52 -10.62
CA ALA L 103 -54.94 2.63 -12.07
C ALA L 103 -53.63 3.13 -12.66
N ILE L 104 -52.93 4.01 -11.94
CA ILE L 104 -51.62 4.48 -12.40
C ILE L 104 -50.61 3.33 -12.36
N ASN L 105 -50.60 2.57 -11.27
CA ASN L 105 -49.68 1.44 -11.14
C ASN L 105 -50.15 0.23 -11.94
N GLU L 106 -51.44 0.16 -12.28
CA GLU L 106 -51.95 -0.99 -13.03
C GLU L 106 -51.38 -1.04 -14.44
N LEU L 107 -51.06 0.12 -15.03
CA LEU L 107 -50.46 0.14 -16.36
C LEU L 107 -49.08 -0.51 -16.34
N MET L 108 -48.24 -0.11 -15.38
CA MET L 108 -46.94 -0.73 -15.20
C MET L 108 -47.03 -2.10 -14.54
N LYS L 109 -48.24 -2.53 -14.16
CA LYS L 109 -48.46 -3.91 -13.75
C LYS L 109 -48.77 -4.80 -14.95
N ARG L 110 -49.48 -4.26 -15.95
CA ARG L 110 -49.77 -5.00 -17.16
C ARG L 110 -48.56 -5.05 -18.08
N TYR L 111 -48.06 -3.88 -18.49
CA TYR L 111 -46.96 -3.83 -19.46
C TYR L 111 -45.64 -4.23 -18.81
N CYS L 112 -45.34 -3.67 -17.65
CA CYS L 112 -44.10 -3.91 -16.94
C CYS L 112 -44.32 -4.94 -15.84
N PRO L 113 -43.24 -5.48 -15.27
CA PRO L 113 -43.39 -6.42 -14.14
C PRO L 113 -43.86 -5.72 -12.87
N ASN L 114 -43.90 -6.46 -11.76
CA ASN L 114 -44.37 -5.93 -10.49
C ASN L 114 -43.59 -4.67 -10.11
N SER L 115 -44.31 -3.55 -10.03
CA SER L 115 -43.70 -2.25 -9.77
C SER L 115 -43.72 -1.93 -8.29
N VAL L 116 -42.64 -1.35 -7.80
CA VAL L 116 -42.54 -0.90 -6.42
C VAL L 116 -42.98 0.55 -6.34
N LEU L 117 -43.62 0.91 -5.24
CA LEU L 117 -44.15 2.26 -5.03
C LEU L 117 -43.43 2.91 -3.86
N VAL L 118 -43.10 4.19 -4.02
CA VAL L 118 -42.37 4.96 -3.01
C VAL L 118 -43.11 6.27 -2.77
N ILE L 119 -43.50 6.51 -1.52
CA ILE L 119 -44.17 7.75 -1.13
C ILE L 119 -43.17 8.62 -0.39
N ILE L 120 -43.03 9.87 -0.82
CA ILE L 120 -42.16 10.85 -0.20
C ILE L 120 -42.96 12.11 0.11
N ASP L 121 -42.28 13.12 0.65
CA ASP L 121 -42.90 14.36 1.05
C ASP L 121 -42.40 15.50 0.15
N VAL L 122 -43.31 16.43 -0.17
CA VAL L 122 -42.93 17.56 -1.01
C VAL L 122 -42.07 18.55 -0.24
N LYS L 123 -42.20 18.61 1.08
CA LYS L 123 -41.41 19.49 1.92
C LYS L 123 -40.50 18.66 2.81
N PRO L 124 -39.19 18.95 2.85
CA PRO L 124 -38.29 18.16 3.69
C PRO L 124 -38.44 18.46 5.17
N LYS L 125 -39.67 18.39 5.68
CA LYS L 125 -39.94 18.62 7.09
C LYS L 125 -40.10 17.33 7.89
N ASP L 126 -40.30 16.20 7.21
CA ASP L 126 -40.46 14.92 7.90
C ASP L 126 -39.11 14.45 8.40
N LEU L 127 -39.01 14.20 9.71
CA LEU L 127 -37.75 13.76 10.29
C LEU L 127 -37.44 12.31 9.95
N GLY L 128 -38.48 11.50 9.75
CA GLY L 128 -38.27 10.09 9.45
C GLY L 128 -37.66 9.87 8.07
N LEU L 129 -37.47 8.60 7.75
CA LEU L 129 -36.88 8.22 6.47
C LEU L 129 -37.88 8.50 5.35
N PRO L 130 -37.54 9.34 4.37
CA PRO L 130 -38.54 9.72 3.36
C PRO L 130 -38.91 8.60 2.40
N THR L 131 -38.08 7.56 2.27
CA THR L 131 -38.30 6.51 1.30
C THR L 131 -38.97 5.31 1.97
N GLU L 132 -40.08 4.86 1.39
CA GLU L 132 -40.78 3.67 1.85
C GLU L 132 -41.11 2.81 0.63
N ALA L 133 -40.53 1.62 0.57
CA ALA L 133 -40.76 0.71 -0.55
C ALA L 133 -42.07 -0.03 -0.34
N TYR L 134 -43.04 0.19 -1.23
CA TYR L 134 -44.36 -0.42 -1.16
C TYR L 134 -44.52 -1.34 -2.36
N ILE L 135 -44.46 -2.64 -2.14
CA ILE L 135 -44.57 -3.61 -3.22
C ILE L 135 -46.03 -3.73 -3.64
N SER L 136 -46.26 -3.94 -4.93
CA SER L 136 -47.60 -4.05 -5.49
C SER L 136 -47.92 -5.53 -5.66
N VAL L 137 -48.44 -6.15 -4.61
CA VAL L 137 -48.82 -7.56 -4.62
C VAL L 137 -50.21 -7.70 -4.03
N GLU L 138 -50.94 -8.70 -4.50
CA GLU L 138 -52.29 -8.98 -4.02
C GLU L 138 -52.24 -10.00 -2.90
N GLU L 139 -52.86 -9.66 -1.76
CA GLU L 139 -52.87 -10.52 -0.59
C GLU L 139 -54.30 -10.94 -0.27
N VAL L 140 -54.44 -12.15 0.26
CA VAL L 140 -55.74 -12.67 0.63
C VAL L 140 -56.10 -12.15 2.02
N HIS L 141 -57.32 -11.62 2.14
CA HIS L 141 -57.79 -11.06 3.40
C HIS L 141 -58.68 -12.08 4.11
N ASP L 142 -58.60 -12.07 5.45
CA ASP L 142 -59.32 -13.06 6.24
C ASP L 142 -60.80 -12.70 6.40
N ASP L 143 -61.13 -11.41 6.43
CA ASP L 143 -62.51 -11.00 6.67
C ASP L 143 -63.42 -11.31 5.48
N GLY L 144 -62.86 -11.59 4.31
CA GLY L 144 -63.65 -11.90 3.14
C GLY L 144 -63.74 -10.80 2.10
N THR L 145 -63.01 -9.71 2.27
CA THR L 145 -63.04 -8.63 1.29
C THR L 145 -62.45 -9.12 -0.03
N PRO L 146 -62.94 -8.61 -1.16
CA PRO L 146 -62.42 -9.04 -2.46
C PRO L 146 -60.93 -8.72 -2.59
N THR L 147 -60.25 -9.54 -3.40
CA THR L 147 -58.81 -9.38 -3.59
C THR L 147 -58.52 -8.09 -4.34
N SER L 148 -57.69 -7.23 -3.75
CA SER L 148 -57.34 -5.96 -4.35
C SER L 148 -55.83 -5.73 -4.17
N LYS L 149 -55.35 -4.65 -4.78
CA LYS L 149 -53.93 -4.33 -4.69
C LYS L 149 -53.58 -3.86 -3.29
N THR L 150 -52.57 -4.49 -2.70
CA THR L 150 -52.13 -4.20 -1.34
C THR L 150 -50.70 -3.69 -1.37
N PHE L 151 -50.44 -2.61 -0.63
CA PHE L 151 -49.12 -1.98 -0.56
C PHE L 151 -48.47 -2.39 0.75
N GLU L 152 -47.61 -3.40 0.71
CA GLU L 152 -46.88 -3.87 1.88
C GLU L 152 -45.57 -3.10 2.01
N HIS L 153 -45.27 -2.64 3.22
CA HIS L 153 -44.07 -1.85 3.46
C HIS L 153 -42.83 -2.75 3.42
N VAL L 154 -41.87 -2.41 2.56
CA VAL L 154 -40.60 -3.08 2.49
C VAL L 154 -39.53 -2.13 3.00
N THR L 155 -38.65 -2.63 3.86
CA THR L 155 -37.60 -1.80 4.44
C THR L 155 -36.67 -1.28 3.35
N SER L 156 -36.11 -0.10 3.59
CA SER L 156 -35.24 0.56 2.62
C SER L 156 -34.04 1.17 3.35
N GLU L 157 -32.95 1.34 2.61
CA GLU L 157 -31.75 1.97 3.13
C GLU L 157 -31.19 2.92 2.09
N ILE L 158 -30.56 3.99 2.58
CA ILE L 158 -29.99 5.03 1.72
C ILE L 158 -28.48 4.88 1.78
N GLY L 159 -27.90 4.32 0.72
CA GLY L 159 -26.47 4.13 0.65
C GLY L 159 -25.95 4.40 -0.74
N ALA L 160 -24.67 4.77 -0.80
CA ALA L 160 -23.98 5.02 -2.06
C ALA L 160 -22.82 4.05 -2.21
N GLU L 161 -22.57 3.62 -3.45
CA GLU L 161 -21.62 2.55 -3.69
C GLU L 161 -20.18 3.07 -3.71
N GLU L 162 -19.84 3.91 -4.69
CA GLU L 162 -18.46 4.33 -4.88
C GLU L 162 -18.25 5.83 -4.76
N ALA L 163 -18.99 6.64 -5.53
CA ALA L 163 -18.65 8.05 -5.71
C ALA L 163 -19.63 9.02 -5.06
N GLU L 164 -20.90 8.65 -4.94
CA GLU L 164 -21.89 9.60 -4.43
C GLU L 164 -21.62 9.98 -2.97
N GLU L 165 -20.97 9.11 -2.21
CA GLU L 165 -20.53 9.48 -0.87
C GLU L 165 -19.48 10.58 -0.93
N VAL L 166 -18.55 10.48 -1.87
CA VAL L 166 -17.51 11.50 -2.01
C VAL L 166 -18.11 12.81 -2.50
N GLY L 167 -19.04 12.75 -3.45
CA GLY L 167 -19.67 13.97 -3.94
C GLY L 167 -20.52 14.65 -2.89
N VAL L 168 -21.32 13.89 -2.15
CA VAL L 168 -22.14 14.47 -1.09
C VAL L 168 -21.27 15.03 0.02
N GLU L 169 -20.22 14.28 0.42
CA GLU L 169 -19.33 14.75 1.47
C GLU L 169 -18.58 16.01 1.04
N HIS L 170 -18.27 16.14 -0.25
CA HIS L 170 -17.57 17.33 -0.73
C HIS L 170 -18.51 18.51 -0.86
N LEU L 171 -19.77 18.27 -1.24
CA LEU L 171 -20.73 19.36 -1.39
C LEU L 171 -21.22 19.87 -0.04
N LEU L 172 -21.28 19.00 0.97
CA LEU L 172 -21.76 19.42 2.28
C LEU L 172 -20.67 20.15 3.06
N ARG L 173 -19.56 19.48 3.34
CA ARG L 173 -18.46 20.00 4.15
C ARG L 173 -18.92 20.46 5.53
N ASP L 174 -20.07 19.99 5.98
CA ASP L 174 -20.61 20.29 7.30
C ASP L 174 -20.98 19.04 8.08
N ILE L 175 -21.47 18.01 7.40
CA ILE L 175 -21.82 16.76 8.07
C ILE L 175 -20.54 16.06 8.55
N LYS L 176 -20.70 15.23 9.58
CA LYS L 176 -19.58 14.49 10.15
C LYS L 176 -19.78 13.00 9.88
N ASP L 177 -18.67 12.26 9.93
CA ASP L 177 -18.68 10.82 9.71
C ASP L 177 -19.15 10.13 10.98
N THR L 178 -18.95 8.80 11.05
CA THR L 178 -19.33 8.04 12.23
C THR L 178 -18.72 8.64 13.49
N THR L 179 -17.39 8.69 13.55
CA THR L 179 -16.64 9.35 14.62
C THR L 179 -17.11 8.88 16.00
N VAL L 180 -16.89 7.58 16.24
CA VAL L 180 -17.26 6.99 17.52
C VAL L 180 -16.56 7.74 18.66
N GLY L 181 -17.31 8.03 19.71
CA GLY L 181 -16.78 8.78 20.83
C GLY L 181 -17.85 9.48 21.66
N THR L 182 -17.61 10.74 22.00
CA THR L 182 -18.51 11.45 22.90
C THR L 182 -19.63 12.20 22.17
N LEU L 183 -19.29 13.02 21.17
CA LEU L 183 -20.28 13.90 20.57
C LEU L 183 -21.25 13.14 19.68
N SER L 184 -20.75 12.28 18.80
CA SER L 184 -21.61 11.55 17.89
C SER L 184 -22.55 10.62 18.63
N GLN L 185 -22.16 10.18 19.83
CA GLN L 185 -23.04 9.33 20.63
C GLN L 185 -24.03 10.16 21.44
N ARG L 186 -23.55 11.21 22.12
CA ARG L 186 -24.43 11.99 22.99
C ARG L 186 -25.47 12.76 22.18
N ILE L 187 -25.16 13.13 20.94
CA ILE L 187 -26.15 13.80 20.10
C ILE L 187 -27.32 12.86 19.83
N THR L 188 -27.02 11.61 19.47
CA THR L 188 -28.08 10.62 19.27
C THR L 188 -28.82 10.35 20.57
N ASN L 189 -28.10 10.26 21.69
CA ASN L 189 -28.73 10.00 22.97
C ASN L 189 -29.55 11.18 23.49
N GLN L 190 -29.38 12.37 22.92
CA GLN L 190 -30.18 13.52 23.30
C GLN L 190 -31.38 13.73 22.37
N VAL L 191 -31.15 13.65 21.05
CA VAL L 191 -32.21 13.96 20.09
C VAL L 191 -33.04 12.73 19.73
N HIS L 192 -32.63 11.53 20.13
CA HIS L 192 -33.40 10.33 19.78
C HIS L 192 -34.79 10.36 20.40
N GLY L 193 -34.90 10.91 21.60
CA GLY L 193 -36.20 11.02 22.24
C GLY L 193 -37.18 11.88 21.46
N LEU L 194 -36.66 12.90 20.75
CA LEU L 194 -37.50 13.66 19.84
C LEU L 194 -37.72 12.92 18.54
N LYS L 195 -36.72 12.13 18.10
CA LYS L 195 -36.86 11.36 16.87
C LYS L 195 -37.96 10.32 16.98
N GLY L 196 -38.20 9.80 18.19
CA GLY L 196 -39.32 8.90 18.40
C GLY L 196 -40.55 9.62 18.89
N LEU L 197 -40.33 10.77 19.54
CA LEU L 197 -41.44 11.53 20.12
C LEU L 197 -42.30 12.16 19.04
N ASN L 198 -41.68 12.72 17.99
CA ASN L 198 -42.45 13.35 16.93
C ASN L 198 -43.20 12.30 16.10
N SER L 199 -42.60 11.14 15.87
CA SER L 199 -43.24 10.09 15.08
C SER L 199 -44.37 9.44 15.86
N LYS L 200 -44.07 8.90 17.05
CA LYS L 200 -45.09 8.24 17.84
C LYS L 200 -46.18 9.22 18.27
N LEU L 201 -45.78 10.39 18.75
CA LEU L 201 -46.75 11.41 19.14
C LEU L 201 -47.57 11.88 17.94
N LEU L 202 -46.95 11.97 16.76
CA LEU L 202 -47.68 12.36 15.57
C LEU L 202 -48.62 11.28 15.07
N ASP L 203 -48.37 10.02 15.44
CA ASP L 203 -49.19 8.90 14.99
C ASP L 203 -50.34 8.60 15.93
N ILE L 204 -50.13 8.71 17.24
CA ILE L 204 -51.17 8.36 18.20
C ILE L 204 -52.33 9.34 18.17
N ARG L 205 -52.12 10.55 17.64
CA ARG L 205 -53.22 11.52 17.57
C ARG L 205 -54.23 11.11 16.51
N SER L 206 -53.76 10.88 15.27
CA SER L 206 -54.65 10.39 14.22
C SER L 206 -55.14 8.99 14.52
N TYR L 207 -54.33 8.19 15.23
CA TYR L 207 -54.77 6.85 15.62
C TYR L 207 -55.95 6.92 16.56
N LEU L 208 -55.79 7.59 17.71
CA LEU L 208 -56.88 7.73 18.66
C LEU L 208 -58.07 8.46 18.05
N GLU L 209 -57.82 9.35 17.09
CA GLU L 209 -58.93 10.02 16.40
C GLU L 209 -59.73 9.03 15.56
N LYS L 210 -59.04 8.21 14.78
CA LYS L 210 -59.71 7.24 13.92
C LYS L 210 -60.23 6.02 14.69
N VAL L 211 -59.89 5.88 15.97
CA VAL L 211 -60.45 4.79 16.76
C VAL L 211 -61.94 5.03 17.01
N ALA L 212 -62.29 6.21 17.50
CA ALA L 212 -63.67 6.55 17.80
C ALA L 212 -64.39 7.19 16.62
N THR L 213 -63.71 8.06 15.88
CA THR L 213 -64.31 8.78 14.75
C THR L 213 -63.92 8.16 13.42
N GLY L 214 -63.80 6.84 13.36
CA GLY L 214 -63.36 6.16 12.15
C GLY L 214 -64.45 5.28 11.57
N LYS L 215 -64.46 5.19 10.23
CA LYS L 215 -65.36 4.31 9.51
C LYS L 215 -64.59 3.74 8.32
N LEU L 216 -65.31 3.09 7.39
CA LEU L 216 -64.69 2.46 6.23
C LEU L 216 -63.57 1.52 6.69
N PRO L 217 -63.92 0.33 7.22
CA PRO L 217 -62.97 -0.51 7.97
C PRO L 217 -61.53 -0.52 7.44
N ILE L 218 -60.60 -0.25 8.34
CA ILE L 218 -59.18 -0.06 8.01
C ILE L 218 -58.40 -1.32 8.38
N ASN L 219 -59.07 -2.47 8.34
CA ASN L 219 -58.47 -3.74 8.75
C ASN L 219 -58.13 -3.74 10.24
N HIS L 220 -59.18 -3.61 11.05
CA HIS L 220 -59.07 -3.61 12.50
C HIS L 220 -58.37 -4.86 13.05
N GLN L 221 -58.20 -5.90 12.23
CA GLN L 221 -57.55 -7.12 12.69
C GLN L 221 -56.11 -6.86 13.11
N ILE L 222 -55.42 -5.96 12.42
CA ILE L 222 -54.04 -5.66 12.75
C ILE L 222 -53.91 -4.87 14.06
N ILE L 223 -55.00 -4.24 14.51
CA ILE L 223 -54.96 -3.49 15.75
C ILE L 223 -54.83 -4.44 16.95
N TYR L 224 -55.39 -5.64 16.84
CA TYR L 224 -55.20 -6.63 17.91
C TYR L 224 -53.73 -6.98 18.08
N GLN L 225 -53.00 -7.11 16.97
CA GLN L 225 -51.56 -7.32 17.05
C GLN L 225 -50.84 -6.05 17.51
N LEU L 226 -51.38 -4.88 17.18
CA LEU L 226 -50.80 -3.63 17.65
C LEU L 226 -50.80 -3.56 19.18
N GLN L 227 -52.00 -3.60 19.78
CA GLN L 227 -52.10 -3.55 21.23
C GLN L 227 -51.51 -4.79 21.88
N ASP L 228 -51.48 -5.91 21.16
CA ASP L 228 -50.86 -7.12 21.71
C ASP L 228 -49.36 -6.94 21.87
N VAL L 229 -48.69 -6.46 20.83
CA VAL L 229 -47.26 -6.15 20.93
C VAL L 229 -47.03 -5.05 21.96
N PHE L 230 -47.95 -4.09 22.06
CA PHE L 230 -47.83 -3.08 23.10
C PHE L 230 -47.96 -3.68 24.48
N ASN L 231 -48.68 -4.79 24.62
CA ASN L 231 -48.85 -5.47 25.90
C ASN L 231 -47.93 -6.67 26.06
N LEU L 232 -46.95 -6.84 25.17
CA LEU L 232 -45.95 -7.89 25.34
C LEU L 232 -44.93 -7.58 26.43
N LEU L 233 -44.98 -6.37 27.01
CA LEU L 233 -44.11 -5.98 28.12
C LEU L 233 -45.00 -5.47 29.23
N PRO L 234 -45.59 -6.37 30.03
CA PRO L 234 -46.57 -5.99 31.06
C PRO L 234 -45.95 -5.46 32.35
N ASP L 235 -45.04 -4.49 32.22
CA ASP L 235 -44.40 -3.84 33.36
C ASP L 235 -43.70 -4.85 34.27
N VAL L 236 -42.67 -5.48 33.72
CA VAL L 236 -41.89 -6.46 34.48
C VAL L 236 -41.34 -5.81 35.75
N SER L 237 -41.38 -6.56 36.85
CA SER L 237 -40.94 -6.05 38.14
C SER L 237 -39.42 -5.95 38.26
N LEU L 238 -38.67 -6.32 37.22
CA LEU L 238 -37.21 -6.24 37.20
C LEU L 238 -36.56 -7.07 38.30
N GLN L 239 -37.27 -8.08 38.82
CA GLN L 239 -36.73 -8.88 39.91
C GLN L 239 -35.60 -9.78 39.43
N GLU L 240 -35.79 -10.45 38.29
CA GLU L 240 -34.77 -11.35 37.78
C GLU L 240 -33.61 -10.60 37.14
N PHE L 241 -33.84 -9.40 36.63
CA PHE L 241 -32.82 -8.63 35.95
C PHE L 241 -31.87 -7.90 36.90
N VAL L 242 -32.03 -8.09 38.22
CA VAL L 242 -31.15 -7.43 39.18
C VAL L 242 -29.72 -7.89 38.99
N LYS L 243 -29.52 -9.20 38.80
CA LYS L 243 -28.17 -9.71 38.54
C LYS L 243 -27.60 -9.16 37.25
N ALA L 244 -28.45 -8.92 36.25
CA ALA L 244 -27.98 -8.28 35.02
C ALA L 244 -27.57 -6.84 35.28
N PHE L 245 -28.28 -6.14 36.17
CA PHE L 245 -27.83 -4.81 36.58
C PHE L 245 -26.52 -4.88 37.36
N TYR L 246 -26.28 -5.99 38.05
CA TYR L 246 -24.98 -6.17 38.71
C TYR L 246 -23.87 -6.44 37.70
N LEU L 247 -24.20 -7.10 36.59
CA LEU L 247 -23.19 -7.36 35.57
C LEU L 247 -22.86 -6.09 34.81
N LYS L 248 -23.89 -5.36 34.34
CA LYS L 248 -23.66 -4.11 33.64
C LYS L 248 -23.02 -3.08 34.55
N THR L 249 -23.41 -3.07 35.83
CA THR L 249 -22.77 -2.16 36.79
C THR L 249 -21.34 -2.58 37.08
N ASN L 250 -21.05 -3.89 37.01
CA ASN L 250 -19.68 -4.34 37.16
C ASN L 250 -18.82 -3.90 35.97
N ASP L 251 -19.37 -3.99 34.76
CA ASP L 251 -18.68 -3.43 33.60
C ASP L 251 -18.47 -1.93 33.75
N GLN L 252 -19.46 -1.25 34.35
CA GLN L 252 -19.28 0.17 34.66
C GLN L 252 -18.11 0.38 35.61
N MET L 253 -17.96 -0.50 36.62
CA MET L 253 -16.81 -0.42 37.51
C MET L 253 -15.52 -0.65 36.74
N VAL L 254 -15.53 -1.55 35.76
CA VAL L 254 -14.35 -1.77 34.94
C VAL L 254 -13.99 -0.51 34.15
N VAL L 255 -15.01 0.19 33.62
CA VAL L 255 -14.75 1.44 32.93
C VAL L 255 -14.22 2.49 33.90
N VAL L 256 -14.67 2.45 35.16
CA VAL L 256 -14.15 3.38 36.16
C VAL L 256 -12.68 3.12 36.41
N TYR L 257 -12.30 1.85 36.59
CA TYR L 257 -10.90 1.51 36.84
C TYR L 257 -10.03 1.85 35.63
N LEU L 258 -10.56 1.63 34.41
CA LEU L 258 -9.80 1.98 33.22
C LEU L 258 -9.62 3.48 33.10
N ALA L 259 -10.65 4.26 33.43
CA ALA L 259 -10.55 5.72 33.35
C ALA L 259 -9.56 6.25 34.38
N SER L 260 -9.73 5.87 35.65
CA SER L 260 -8.87 6.38 36.71
C SER L 260 -7.43 5.94 36.50
N LEU L 261 -7.23 4.66 36.18
CA LEU L 261 -5.87 4.14 36.04
C LEU L 261 -5.19 4.69 34.80
N ILE L 262 -5.88 4.67 33.66
CA ILE L 262 -5.27 5.13 32.41
C ILE L 262 -5.00 6.64 32.47
N ARG L 263 -5.96 7.42 32.97
CA ARG L 263 -5.72 8.85 33.15
C ARG L 263 -4.60 9.09 34.15
N SER L 264 -4.50 8.24 35.17
CA SER L 264 -3.38 8.34 36.11
C SER L 264 -2.05 8.07 35.40
N VAL L 265 -2.06 7.23 34.36
CA VAL L 265 -0.84 7.02 33.59
C VAL L 265 -0.56 8.23 32.70
N VAL L 266 -1.61 8.85 32.16
CA VAL L 266 -1.42 10.03 31.32
C VAL L 266 -0.89 11.20 32.14
N ALA L 267 -1.24 11.27 33.43
CA ALA L 267 -0.77 12.35 34.28
C ALA L 267 0.73 12.34 34.52
N LEU L 268 1.44 11.29 34.08
CA LEU L 268 2.88 11.21 34.32
C LEU L 268 3.62 12.31 33.57
N HIS L 269 3.49 12.34 32.24
CA HIS L 269 4.25 13.29 31.43
C HIS L 269 3.88 14.72 31.76
N ASN L 270 2.60 14.98 32.04
CA ASN L 270 2.18 16.33 32.39
C ASN L 270 2.71 16.73 33.77
N LEU L 271 2.46 15.90 34.78
CA LEU L 271 2.86 16.21 36.14
C LEU L 271 4.35 16.07 36.38
N ILE L 272 5.13 15.68 35.38
CA ILE L 272 6.59 15.69 35.44
C ILE L 272 7.16 16.86 34.63
N ASN L 273 6.71 17.01 33.39
CA ASN L 273 7.20 18.10 32.56
C ASN L 273 6.82 19.47 33.13
N ASN L 274 5.69 19.55 33.81
CA ASN L 274 5.28 20.82 34.43
C ASN L 274 6.30 21.29 35.46
N LYS L 275 7.00 20.35 36.10
CA LYS L 275 8.01 20.71 37.08
C LYS L 275 9.40 20.84 36.46
N ILE L 276 9.86 19.79 35.76
CA ILE L 276 11.23 19.80 35.25
C ILE L 276 11.40 20.86 34.16
N ALA L 277 10.33 21.22 33.47
CA ALA L 277 10.44 22.25 32.43
C ALA L 277 10.37 23.66 33.03
N ASN L 278 9.50 23.87 34.02
CA ASN L 278 9.35 25.19 34.61
C ASN L 278 10.56 25.55 35.48
N ARG L 279 11.09 24.59 36.23
CA ARG L 279 12.22 24.90 37.09
C ARG L 279 13.50 25.11 36.29
N ASP L 280 13.67 24.40 35.18
CA ASP L 280 14.85 24.59 34.35
C ASP L 280 14.74 25.84 33.50
N ALA L 281 13.54 26.12 32.97
CA ALA L 281 13.34 27.36 32.23
C ALA L 281 13.46 28.57 33.14
N GLU L 282 13.09 28.43 34.41
CA GLU L 282 13.20 29.54 35.35
C GLU L 282 14.65 29.74 35.81
N LYS L 283 15.33 28.64 36.15
CA LYS L 283 16.72 28.76 36.61
C LYS L 283 17.68 29.08 35.47
N LYS L 284 17.28 28.83 34.23
CA LYS L 284 18.12 29.12 33.07
C LYS L 284 17.61 30.28 32.23
N GLU L 285 16.51 30.91 32.63
CA GLU L 285 15.98 32.05 31.87
C GLU L 285 16.90 33.26 31.98
N GLY L 286 17.46 33.49 33.16
CA GLY L 286 18.35 34.62 33.37
C GLY L 286 19.61 34.26 34.11
N ASP M 1 -84.07 -19.89 -41.00
CA ASP M 1 -85.16 -20.25 -40.10
C ASP M 1 -85.89 -19.00 -39.60
N VAL M 2 -85.43 -17.84 -40.05
CA VAL M 2 -86.03 -16.57 -39.67
C VAL M 2 -87.44 -16.45 -40.24
N PRO M 3 -87.68 -16.73 -41.54
CA PRO M 3 -89.07 -16.71 -42.01
C PRO M 3 -89.92 -17.82 -41.40
N GLY M 4 -89.32 -18.96 -41.07
CA GLY M 4 -90.06 -20.05 -40.46
C GLY M 4 -90.26 -19.93 -38.96
N PHE M 5 -89.68 -18.91 -38.34
CA PHE M 5 -89.81 -18.71 -36.90
C PHE M 5 -91.06 -17.93 -36.50
N LEU M 6 -91.66 -17.20 -37.45
CA LEU M 6 -92.83 -16.39 -37.13
C LEU M 6 -94.04 -17.24 -36.77
N GLN M 7 -94.13 -18.45 -37.32
CA GLN M 7 -95.29 -19.30 -37.05
C GLN M 7 -95.33 -19.74 -35.59
N GLN M 8 -94.29 -20.44 -35.14
CA GLN M 8 -94.25 -20.88 -33.75
C GLN M 8 -93.96 -19.73 -32.78
N SER M 9 -93.43 -18.61 -33.27
CA SER M 9 -93.18 -17.48 -32.40
C SER M 9 -94.47 -16.71 -32.09
N GLN M 10 -95.31 -16.51 -33.12
CA GLN M 10 -96.55 -15.77 -32.91
C GLN M 10 -97.55 -16.56 -32.07
N ASN M 11 -97.68 -17.85 -32.34
CA ASN M 11 -98.61 -18.69 -31.60
C ASN M 11 -98.02 -19.05 -30.24
N SER M 12 -98.74 -18.69 -29.18
CA SER M 12 -98.28 -18.94 -27.82
C SER M 12 -99.49 -18.99 -26.90
N GLY M 13 -99.24 -18.97 -25.60
CA GLY M 13 -100.29 -19.07 -24.60
C GLY M 13 -101.04 -17.77 -24.40
N PRO M 14 -101.77 -17.67 -23.29
CA PRO M 14 -102.55 -16.45 -23.02
C PRO M 14 -101.69 -15.25 -22.65
N GLY M 15 -100.72 -15.46 -21.75
CA GLY M 15 -99.92 -14.36 -21.25
C GLY M 15 -98.55 -14.25 -21.89
N GLN M 16 -98.18 -15.26 -22.67
CA GLN M 16 -96.88 -15.22 -23.36
C GLN M 16 -96.75 -14.09 -24.37
N PRO M 17 -97.76 -13.71 -25.16
CA PRO M 17 -97.57 -12.59 -26.10
C PRO M 17 -97.16 -11.28 -25.44
N ALA M 18 -97.35 -11.14 -24.13
CA ALA M 18 -96.90 -9.93 -23.44
C ALA M 18 -95.40 -9.73 -23.61
N VAL M 19 -94.63 -10.81 -23.49
CA VAL M 19 -93.19 -10.74 -23.74
C VAL M 19 -92.84 -11.14 -25.17
N TRP M 20 -93.72 -11.87 -25.87
CA TRP M 20 -93.44 -12.25 -27.25
C TRP M 20 -93.60 -11.09 -28.22
N HIS M 21 -94.33 -10.03 -27.84
CA HIS M 21 -94.41 -8.84 -28.68
C HIS M 21 -93.05 -8.17 -28.79
N ARG M 22 -92.48 -7.76 -27.65
CA ARG M 22 -91.16 -7.16 -27.66
C ARG M 22 -90.10 -8.18 -28.06
N LEU M 23 -90.36 -9.46 -27.84
CA LEU M 23 -89.40 -10.49 -28.23
C LEU M 23 -89.31 -10.60 -29.75
N GLU M 24 -90.45 -10.53 -30.45
CA GLU M 24 -90.44 -10.59 -31.89
C GLU M 24 -90.08 -9.25 -32.52
N GLU M 25 -90.32 -8.15 -31.81
CA GLU M 25 -89.88 -6.85 -32.30
C GLU M 25 -88.36 -6.75 -32.25
N LEU M 26 -87.77 -7.09 -31.10
CA LEU M 26 -86.31 -7.14 -31.01
C LEU M 26 -85.73 -8.26 -31.85
N TYR M 27 -86.52 -9.29 -32.16
CA TYR M 27 -86.03 -10.34 -33.06
C TYR M 27 -85.97 -9.83 -34.50
N THR M 28 -86.96 -9.05 -34.92
CA THR M 28 -86.92 -8.48 -36.28
C THR M 28 -85.89 -7.37 -36.37
N LYS M 29 -85.66 -6.63 -35.28
CA LYS M 29 -84.61 -5.61 -35.27
C LYS M 29 -83.22 -6.23 -35.21
N LYS M 30 -83.11 -7.54 -34.95
CA LYS M 30 -81.83 -8.24 -34.94
C LYS M 30 -80.85 -7.65 -33.93
N LEU M 31 -81.36 -7.14 -32.82
CA LEU M 31 -80.54 -6.62 -31.73
C LEU M 31 -80.21 -7.79 -30.81
N TRP M 32 -79.00 -8.34 -30.95
CA TRP M 32 -78.64 -9.53 -30.20
C TRP M 32 -78.53 -9.26 -28.71
N HIS M 33 -78.07 -8.07 -28.32
CA HIS M 33 -77.95 -7.76 -26.90
C HIS M 33 -79.32 -7.52 -26.28
N GLN M 34 -80.19 -6.79 -26.97
CA GLN M 34 -81.55 -6.61 -26.47
C GLN M 34 -82.33 -7.92 -26.49
N LEU M 35 -82.07 -8.78 -27.49
CA LEU M 35 -82.69 -10.10 -27.50
C LEU M 35 -82.22 -10.93 -26.31
N THR M 36 -80.94 -10.84 -25.96
CA THR M 36 -80.43 -11.55 -24.79
C THR M 36 -81.06 -11.00 -23.51
N LEU M 37 -81.18 -9.67 -23.39
CA LEU M 37 -81.83 -9.09 -22.23
C LEU M 37 -83.27 -9.53 -22.12
N GLN M 38 -83.97 -9.63 -23.25
CA GLN M 38 -85.35 -10.11 -23.23
C GLN M 38 -85.42 -11.59 -22.86
N VAL M 39 -84.41 -12.38 -23.24
CA VAL M 39 -84.38 -13.78 -22.85
C VAL M 39 -84.17 -13.91 -21.35
N LEU M 40 -83.25 -13.12 -20.78
CA LEU M 40 -83.06 -13.14 -19.34
C LEU M 40 -84.29 -12.62 -18.61
N ASP M 41 -85.02 -11.69 -19.23
CA ASP M 41 -86.27 -11.22 -18.62
C ASP M 41 -87.35 -12.30 -18.67
N PHE M 42 -87.34 -13.14 -19.71
CA PHE M 42 -88.33 -14.21 -19.79
C PHE M 42 -88.00 -15.34 -18.84
N VAL M 43 -86.71 -15.68 -18.69
CA VAL M 43 -86.32 -16.73 -17.77
C VAL M 43 -86.47 -16.27 -16.33
N GLN M 44 -86.21 -14.99 -16.07
CA GLN M 44 -86.33 -14.46 -14.71
C GLN M 44 -87.78 -14.47 -14.23
N ASP M 45 -88.73 -14.33 -15.15
CA ASP M 45 -90.13 -14.35 -14.76
C ASP M 45 -90.55 -15.77 -14.36
N PRO M 46 -91.42 -15.91 -13.35
CA PRO M 46 -91.83 -17.26 -12.93
C PRO M 46 -92.76 -17.93 -13.94
N CYS M 47 -92.19 -18.42 -15.04
CA CYS M 47 -92.98 -19.08 -16.06
C CYS M 47 -93.52 -20.42 -15.55
N PHE M 48 -94.48 -20.97 -16.28
CA PHE M 48 -95.09 -22.24 -15.91
C PHE M 48 -94.20 -23.43 -16.20
N ALA M 49 -93.09 -23.23 -16.93
CA ALA M 49 -92.16 -24.30 -17.27
C ALA M 49 -92.83 -25.45 -18.01
N GLN M 50 -93.82 -25.13 -18.85
CA GLN M 50 -94.55 -26.13 -19.62
C GLN M 50 -94.33 -25.98 -21.12
N GLY M 51 -94.52 -24.78 -21.66
CA GLY M 51 -94.35 -24.52 -23.07
C GLY M 51 -93.04 -23.85 -23.45
N ASP M 52 -92.06 -23.81 -22.56
CA ASP M 52 -90.78 -23.18 -22.85
C ASP M 52 -89.77 -24.12 -23.50
N GLY M 53 -90.13 -25.40 -23.66
CA GLY M 53 -89.21 -26.35 -24.28
C GLY M 53 -88.81 -26.00 -25.70
N LEU M 54 -89.65 -25.23 -26.39
CA LEU M 54 -89.30 -24.80 -27.75
C LEU M 54 -88.37 -23.59 -27.74
N ILE M 55 -88.65 -22.61 -26.87
CA ILE M 55 -87.82 -21.41 -26.82
C ILE M 55 -86.46 -21.69 -26.18
N LYS M 56 -86.36 -22.73 -25.35
CA LYS M 56 -85.07 -23.08 -24.78
C LYS M 56 -84.13 -23.64 -25.84
N LEU M 57 -84.64 -24.50 -26.72
CA LEU M 57 -83.82 -25.05 -27.79
C LEU M 57 -83.59 -24.04 -28.91
N TYR M 58 -84.62 -23.24 -29.23
CA TYR M 58 -84.46 -22.23 -30.27
C TYR M 58 -83.46 -21.17 -29.85
N GLU M 59 -83.67 -20.56 -28.67
CA GLU M 59 -82.71 -19.60 -28.16
C GLU M 59 -81.38 -20.25 -27.81
N ASN M 60 -81.36 -21.57 -27.59
CA ASN M 60 -80.10 -22.28 -27.38
C ASN M 60 -79.29 -22.30 -28.67
N PHE M 61 -79.90 -22.69 -29.78
CA PHE M 61 -79.20 -22.68 -31.07
C PHE M 61 -78.83 -21.26 -31.49
N ILE M 62 -79.75 -20.31 -31.29
CA ILE M 62 -79.46 -18.91 -31.61
C ILE M 62 -78.24 -18.42 -30.83
N SER M 63 -78.21 -18.73 -29.52
CA SER M 63 -77.06 -18.38 -28.70
C SER M 63 -75.81 -19.16 -29.11
N GLU M 64 -75.97 -20.31 -29.77
CA GLU M 64 -74.82 -21.08 -30.22
C GLU M 64 -74.18 -20.45 -31.45
N PHE M 65 -74.98 -20.15 -32.48
CA PHE M 65 -74.42 -19.65 -33.73
C PHE M 65 -74.35 -18.14 -33.80
N GLU M 66 -74.80 -17.42 -32.76
CA GLU M 66 -74.72 -15.97 -32.79
C GLU M 66 -73.28 -15.47 -32.58
N HIS M 67 -72.50 -16.19 -31.76
CA HIS M 67 -71.10 -15.88 -31.46
C HIS M 67 -70.85 -14.40 -31.20
N ARG M 68 -71.83 -13.72 -30.62
CA ARG M 68 -71.71 -12.30 -30.31
C ARG M 68 -71.85 -12.01 -28.82
N VAL M 69 -72.92 -12.50 -28.19
CA VAL M 69 -73.21 -12.19 -26.80
C VAL M 69 -72.37 -13.08 -25.90
N ASN M 70 -72.10 -12.59 -24.69
CA ASN M 70 -71.37 -13.35 -23.68
C ASN M 70 -72.05 -14.70 -23.44
N PRO M 71 -71.36 -15.81 -23.68
CA PRO M 71 -72.01 -17.12 -23.54
C PRO M 71 -72.34 -17.51 -22.11
N LEU M 72 -72.06 -16.61 -21.16
CA LEU M 72 -72.45 -16.89 -19.78
C LEU M 72 -73.96 -16.92 -19.62
N SER M 73 -74.68 -16.09 -20.38
CA SER M 73 -76.14 -16.19 -20.41
C SER M 73 -76.59 -17.52 -20.98
N LEU M 74 -75.85 -18.05 -21.95
CA LEU M 74 -76.12 -19.39 -22.45
C LEU M 74 -75.87 -20.44 -21.37
N VAL M 75 -74.86 -20.22 -20.52
CA VAL M 75 -74.61 -21.13 -19.41
C VAL M 75 -75.77 -21.08 -18.42
N GLU M 76 -76.31 -19.89 -18.16
CA GLU M 76 -77.44 -19.77 -17.25
C GLU M 76 -78.68 -20.44 -17.81
N ILE M 77 -78.99 -20.16 -19.09
CA ILE M 77 -80.21 -20.73 -19.67
C ILE M 77 -80.08 -22.23 -19.85
N ILE M 78 -78.86 -22.74 -20.05
CA ILE M 78 -78.69 -24.19 -20.14
C ILE M 78 -78.72 -24.81 -18.74
N LEU M 79 -78.37 -24.04 -17.70
CA LEU M 79 -78.61 -24.50 -16.34
C LEU M 79 -80.11 -24.55 -16.04
N HIS M 80 -80.88 -23.66 -16.66
CA HIS M 80 -82.34 -23.75 -16.53
C HIS M 80 -82.90 -24.89 -17.35
N VAL M 81 -82.24 -25.25 -18.45
CA VAL M 81 -82.67 -26.39 -19.25
C VAL M 81 -82.43 -27.69 -18.51
N VAL M 82 -81.22 -27.87 -17.97
CA VAL M 82 -80.93 -29.07 -17.22
C VAL M 82 -81.66 -29.08 -15.87
N ARG M 83 -82.01 -27.90 -15.35
CA ARG M 83 -82.80 -27.84 -14.13
C ARG M 83 -84.25 -28.20 -14.38
N GLN M 84 -84.79 -27.82 -15.55
CA GLN M 84 -86.17 -28.14 -15.87
C GLN M 84 -86.33 -29.58 -16.33
N MET M 85 -85.36 -30.10 -17.07
CA MET M 85 -85.43 -31.47 -17.59
C MET M 85 -84.93 -32.51 -16.59
N THR M 86 -83.94 -32.16 -15.77
CA THR M 86 -83.35 -33.07 -14.79
C THR M 86 -82.85 -34.36 -15.47
N ASP M 87 -82.05 -34.18 -16.52
CA ASP M 87 -81.47 -35.28 -17.28
C ASP M 87 -79.95 -35.16 -17.25
N PRO M 88 -79.28 -35.79 -16.28
CA PRO M 88 -77.82 -35.68 -16.20
C PRO M 88 -77.08 -36.43 -17.31
N ASN M 89 -77.77 -37.28 -18.07
CA ASN M 89 -77.10 -38.01 -19.14
C ASN M 89 -76.71 -37.08 -20.28
N VAL M 90 -77.61 -36.16 -20.67
CA VAL M 90 -77.31 -35.21 -21.74
C VAL M 90 -76.60 -33.96 -21.24
N ALA M 91 -76.44 -33.80 -19.93
CA ALA M 91 -75.77 -32.62 -19.41
C ALA M 91 -74.28 -32.61 -19.78
N LEU M 92 -73.65 -33.78 -19.83
CA LEU M 92 -72.24 -33.84 -20.22
C LEU M 92 -72.05 -33.46 -21.67
N THR M 93 -72.94 -33.93 -22.55
CA THR M 93 -72.83 -33.59 -23.97
C THR M 93 -73.20 -32.14 -24.23
N PHE M 94 -74.14 -31.59 -23.46
CA PHE M 94 -74.54 -30.20 -23.64
C PHE M 94 -73.44 -29.25 -23.14
N LEU M 95 -72.97 -29.47 -21.91
CA LEU M 95 -71.91 -28.61 -21.37
C LEU M 95 -70.61 -28.78 -22.14
N GLU M 96 -70.29 -30.00 -22.54
CA GLU M 96 -69.12 -30.22 -23.38
C GLU M 96 -69.28 -29.55 -24.74
N LYS M 97 -70.51 -29.53 -25.27
CA LYS M 97 -70.76 -28.84 -26.53
C LYS M 97 -70.58 -27.34 -26.37
N THR M 98 -70.97 -26.79 -25.21
CA THR M 98 -70.73 -25.37 -24.95
C THR M 98 -69.24 -25.08 -24.78
N ARG M 99 -68.50 -26.01 -24.18
CA ARG M 99 -67.06 -25.83 -24.05
C ARG M 99 -66.38 -25.84 -25.42
N GLU M 100 -66.79 -26.76 -26.29
CA GLU M 100 -66.22 -26.82 -27.63
C GLU M 100 -66.68 -25.64 -28.48
N LYS M 101 -67.84 -25.07 -28.17
CA LYS M 101 -68.37 -23.97 -28.98
C LYS M 101 -67.73 -22.64 -28.59
N VAL M 102 -67.52 -22.40 -27.30
CA VAL M 102 -66.93 -21.14 -26.84
C VAL M 102 -65.46 -21.11 -27.24
N LYS M 103 -65.08 -20.09 -28.01
CA LYS M 103 -63.69 -19.94 -28.44
C LYS M 103 -62.83 -19.42 -27.29
N SER M 104 -61.56 -19.17 -27.59
CA SER M 104 -60.61 -18.67 -26.59
C SER M 104 -60.62 -17.13 -26.61
N SER M 105 -61.73 -16.59 -26.12
CA SER M 105 -61.93 -15.15 -26.04
C SER M 105 -62.10 -14.66 -24.61
N ASP M 106 -62.93 -15.32 -23.82
CA ASP M 106 -63.17 -14.94 -22.43
C ASP M 106 -62.91 -16.14 -21.52
N GLU M 107 -62.42 -15.86 -20.31
CA GLU M 107 -62.09 -16.89 -19.34
C GLU M 107 -63.39 -17.40 -18.71
N ALA M 108 -64.11 -18.22 -19.46
CA ALA M 108 -65.35 -18.82 -19.01
C ALA M 108 -65.18 -20.26 -18.54
N VAL M 109 -63.95 -20.78 -18.55
CA VAL M 109 -63.72 -22.15 -18.13
C VAL M 109 -63.98 -22.34 -16.64
N ILE M 110 -63.90 -21.26 -15.85
CA ILE M 110 -64.18 -21.36 -14.43
C ILE M 110 -65.67 -21.60 -14.19
N LEU M 111 -66.52 -20.94 -14.98
CA LEU M 111 -67.95 -21.16 -14.85
C LEU M 111 -68.40 -22.43 -15.56
N CYS M 112 -67.68 -22.84 -16.61
CA CYS M 112 -67.98 -24.11 -17.26
C CYS M 112 -67.67 -25.28 -16.33
N LYS M 113 -66.46 -25.33 -15.79
CA LYS M 113 -66.11 -26.37 -14.83
C LYS M 113 -66.89 -26.22 -13.54
N THR M 114 -67.29 -25.00 -13.19
CA THR M 114 -68.14 -24.81 -12.01
C THR M 114 -69.51 -25.42 -12.23
N ALA M 115 -70.07 -25.28 -13.43
CA ALA M 115 -71.36 -25.89 -13.72
C ALA M 115 -71.24 -27.41 -13.83
N ILE M 116 -70.15 -27.90 -14.45
CA ILE M 116 -69.96 -29.34 -14.58
C ILE M 116 -69.82 -29.98 -13.20
N GLY M 117 -68.91 -29.47 -12.38
CA GLY M 117 -68.74 -30.01 -11.04
C GLY M 117 -69.98 -29.84 -10.19
N ALA M 118 -70.66 -28.69 -10.32
CA ALA M 118 -71.88 -28.46 -9.56
C ALA M 118 -72.95 -29.48 -9.90
N LEU M 119 -73.11 -29.79 -11.19
CA LEU M 119 -74.08 -30.82 -11.59
C LEU M 119 -73.60 -32.21 -11.19
N LYS M 120 -72.29 -32.42 -11.07
CA LYS M 120 -71.74 -33.71 -10.69
C LYS M 120 -71.62 -33.89 -9.18
N LEU M 121 -71.99 -32.88 -8.39
CA LEU M 121 -71.91 -32.96 -6.94
C LEU M 121 -73.04 -33.77 -6.31
N ASN M 122 -73.77 -34.56 -7.11
CA ASN M 122 -74.84 -35.40 -6.60
C ASN M 122 -74.23 -36.65 -5.97
N ILE M 123 -75.09 -37.63 -5.64
CA ILE M 123 -74.62 -38.87 -5.02
C ILE M 123 -73.81 -39.74 -5.97
N GLY M 124 -73.72 -39.37 -7.25
CA GLY M 124 -73.01 -40.20 -8.20
C GLY M 124 -71.52 -40.26 -7.93
N ASP M 125 -70.89 -39.11 -7.72
CA ASP M 125 -69.45 -39.05 -7.50
C ASP M 125 -69.11 -37.83 -6.67
N LEU M 126 -68.16 -37.97 -5.76
CA LEU M 126 -67.71 -36.89 -4.89
C LEU M 126 -66.23 -36.58 -5.00
N GLN M 127 -65.39 -37.62 -5.14
CA GLN M 127 -63.94 -37.40 -5.15
C GLN M 127 -63.50 -36.61 -6.37
N VAL M 128 -63.91 -37.05 -7.56
CA VAL M 128 -63.53 -36.36 -8.78
C VAL M 128 -64.10 -34.94 -8.80
N THR M 129 -65.28 -34.76 -8.21
CA THR M 129 -65.86 -33.43 -8.13
C THR M 129 -65.06 -32.52 -7.21
N LYS M 130 -64.55 -33.07 -6.09
CA LYS M 130 -63.68 -32.28 -5.23
C LYS M 130 -62.37 -31.96 -5.93
N GLU M 131 -61.86 -32.89 -6.74
CA GLU M 131 -60.62 -32.64 -7.47
C GLU M 131 -60.80 -31.54 -8.51
N THR M 132 -61.88 -31.59 -9.28
CA THR M 132 -62.12 -30.53 -10.25
C THR M 132 -62.54 -29.22 -9.59
N ILE M 133 -63.04 -29.27 -8.36
CA ILE M 133 -63.27 -28.04 -7.59
C ILE M 133 -61.94 -27.42 -7.21
N GLU M 134 -61.00 -28.24 -6.71
CA GLU M 134 -59.65 -27.75 -6.46
C GLU M 134 -59.01 -27.21 -7.74
N ASP M 135 -59.34 -27.80 -8.89
CA ASP M 135 -58.87 -27.27 -10.16
C ASP M 135 -59.50 -25.92 -10.46
N VAL M 136 -60.79 -25.75 -10.11
CA VAL M 136 -61.47 -24.48 -10.33
C VAL M 136 -60.82 -23.38 -9.51
N GLU M 137 -60.61 -23.65 -8.21
CA GLU M 137 -59.97 -22.65 -7.36
C GLU M 137 -58.48 -22.51 -7.66
N GLU M 138 -57.89 -23.46 -8.39
CA GLU M 138 -56.46 -23.42 -8.68
C GLU M 138 -56.12 -22.75 -10.00
N MET M 139 -57.04 -22.75 -10.97
CA MET M 139 -56.71 -22.26 -12.30
C MET M 139 -56.56 -20.74 -12.31
N LEU M 140 -57.63 -20.02 -11.99
CA LEU M 140 -57.65 -18.56 -12.13
C LEU M 140 -57.65 -17.91 -10.74
N ASN M 141 -56.48 -17.43 -10.34
CA ASN M 141 -56.32 -16.65 -9.11
C ASN M 141 -55.76 -15.27 -9.41
N ASN M 142 -56.19 -14.68 -10.53
CA ASN M 142 -55.63 -13.42 -11.00
C ASN M 142 -56.40 -12.24 -10.40
N LEU M 143 -56.17 -11.05 -10.96
CA LEU M 143 -56.77 -9.81 -10.47
C LEU M 143 -58.28 -9.69 -10.61
N PRO M 144 -58.94 -10.28 -11.65
CA PRO M 144 -60.40 -10.11 -11.73
C PRO M 144 -61.15 -10.85 -10.63
N GLY M 145 -61.12 -10.28 -9.43
CA GLY M 145 -61.80 -10.88 -8.29
C GLY M 145 -63.23 -10.40 -8.13
N VAL M 146 -64.07 -10.66 -9.14
CA VAL M 146 -65.47 -10.27 -9.07
C VAL M 146 -66.17 -10.99 -7.92
N THR M 147 -65.70 -12.20 -7.58
CA THR M 147 -66.16 -12.97 -6.43
C THR M 147 -67.55 -13.55 -6.67
N SER M 148 -68.17 -13.19 -7.79
CA SER M 148 -69.44 -13.81 -8.16
C SER M 148 -69.24 -15.28 -8.52
N VAL M 149 -68.26 -15.55 -9.39
CA VAL M 149 -67.89 -16.93 -9.67
C VAL M 149 -67.39 -17.61 -8.40
N HIS M 150 -66.76 -16.86 -7.50
CA HIS M 150 -66.35 -17.41 -6.22
C HIS M 150 -67.52 -17.52 -5.25
N SER M 151 -68.61 -16.79 -5.48
CA SER M 151 -69.82 -17.02 -4.70
C SER M 151 -70.53 -18.29 -5.13
N ARG M 152 -70.58 -18.54 -6.44
CA ARG M 152 -71.01 -19.85 -6.91
C ARG M 152 -70.08 -20.93 -6.40
N PHE M 153 -68.78 -20.64 -6.31
CA PHE M 153 -67.84 -21.55 -5.66
C PHE M 153 -68.21 -21.78 -4.21
N TYR M 154 -68.76 -20.75 -3.54
CA TYR M 154 -69.26 -20.95 -2.18
C TYR M 154 -70.49 -21.83 -2.17
N ASP M 155 -71.33 -21.75 -3.21
CA ASP M 155 -72.45 -22.69 -3.32
C ASP M 155 -71.95 -24.11 -3.48
N LEU M 156 -70.88 -24.29 -4.27
CA LEU M 156 -70.25 -25.60 -4.37
C LEU M 156 -69.65 -26.04 -3.05
N SER M 157 -69.19 -25.08 -2.23
CA SER M 157 -68.74 -25.42 -0.89
C SER M 157 -69.89 -25.73 0.05
N SER M 158 -71.12 -25.33 -0.31
CA SER M 158 -72.29 -25.74 0.45
C SER M 158 -72.73 -27.14 0.07
N LYS M 159 -72.77 -27.44 -1.23
CA LYS M 159 -73.04 -28.81 -1.67
C LYS M 159 -71.97 -29.77 -1.19
N TYR M 160 -70.73 -29.28 -1.04
CA TYR M 160 -69.69 -30.08 -0.40
C TYR M 160 -69.84 -30.09 1.11
N TYR M 161 -70.48 -29.05 1.68
CA TYR M 161 -70.77 -29.03 3.10
C TYR M 161 -71.87 -30.01 3.47
N GLN M 162 -72.70 -30.42 2.51
CA GLN M 162 -73.68 -31.47 2.77
C GLN M 162 -73.01 -32.75 3.25
N THR M 163 -71.78 -32.99 2.82
CA THR M 163 -71.02 -34.14 3.31
C THR M 163 -70.43 -33.83 4.68
N ILE M 164 -70.44 -34.84 5.55
CA ILE M 164 -69.96 -34.69 6.93
C ILE M 164 -68.45 -34.94 6.94
N GLY M 165 -67.84 -35.04 5.76
CA GLY M 165 -66.43 -35.36 5.70
C GLY M 165 -65.54 -34.23 6.19
N ASN M 166 -65.78 -33.02 5.71
CA ASN M 166 -64.92 -31.87 6.03
C ASN M 166 -65.80 -30.65 6.26
N HIS M 167 -65.80 -30.16 7.50
CA HIS M 167 -66.55 -28.96 7.85
C HIS M 167 -65.69 -27.70 7.92
N ALA M 168 -64.37 -27.86 7.95
CA ALA M 168 -63.50 -26.69 8.14
C ALA M 168 -63.49 -25.79 6.91
N SER M 169 -63.55 -26.38 5.71
CA SER M 169 -63.50 -25.59 4.49
C SER M 169 -64.72 -24.67 4.35
N TYR M 170 -65.89 -25.12 4.83
CA TYR M 170 -67.09 -24.30 4.74
C TYR M 170 -67.02 -23.06 5.62
N TYR M 171 -66.18 -23.07 6.66
CA TYR M 171 -66.00 -21.88 7.47
C TYR M 171 -65.02 -20.90 6.82
N LYS M 172 -63.92 -21.44 6.26
CA LYS M 172 -62.96 -20.58 5.57
C LYS M 172 -63.58 -19.91 4.36
N ASP M 173 -64.38 -20.66 3.59
CA ASP M 173 -65.13 -20.05 2.50
C ASP M 173 -66.32 -19.26 3.01
N ALA M 174 -66.84 -19.60 4.19
CA ALA M 174 -67.94 -18.85 4.78
C ALA M 174 -67.51 -17.46 5.23
N LEU M 175 -66.22 -17.27 5.52
CA LEU M 175 -65.72 -15.93 5.79
C LEU M 175 -65.70 -15.09 4.52
N ARG M 176 -65.34 -15.71 3.39
CA ARG M 176 -65.39 -15.01 2.11
C ARG M 176 -66.82 -14.68 1.73
N PHE M 177 -67.76 -15.59 1.97
CA PHE M 177 -69.17 -15.28 1.77
C PHE M 177 -69.64 -14.21 2.74
N LEU M 178 -69.03 -14.14 3.93
CA LEU M 178 -69.37 -13.08 4.87
C LEU M 178 -68.84 -11.74 4.42
N GLY M 179 -67.74 -11.72 3.66
CA GLY M 179 -67.14 -10.46 3.26
C GLY M 179 -67.49 -10.02 1.85
N CYS M 180 -68.14 -10.89 1.08
CA CYS M 180 -68.50 -10.58 -0.30
C CYS M 180 -69.93 -10.09 -0.46
N VAL M 181 -70.69 -9.99 0.62
CA VAL M 181 -72.07 -9.53 0.52
C VAL M 181 -72.09 -8.05 0.18
N ASP M 182 -72.83 -7.69 -0.87
CA ASP M 182 -72.93 -6.30 -1.33
C ASP M 182 -74.15 -5.60 -0.76
N ILE M 183 -75.35 -6.11 -1.07
CA ILE M 183 -76.61 -5.50 -0.64
C ILE M 183 -77.56 -6.62 -0.23
N LYS M 184 -78.76 -6.22 0.21
CA LYS M 184 -79.78 -7.14 0.67
C LYS M 184 -80.81 -7.45 -0.41
N ASP M 185 -80.40 -7.45 -1.68
CA ASP M 185 -81.34 -7.67 -2.78
C ASP M 185 -81.93 -9.07 -2.74
N LEU M 186 -81.15 -10.07 -2.33
CA LEU M 186 -81.66 -11.43 -2.29
C LEU M 186 -82.65 -11.60 -1.15
N PRO M 187 -83.63 -12.50 -1.30
CA PRO M 187 -84.68 -12.65 -0.28
C PRO M 187 -84.11 -13.04 1.08
N VAL M 188 -84.59 -12.36 2.13
CA VAL M 188 -84.18 -12.68 3.49
C VAL M 188 -84.72 -14.04 3.92
N SER M 189 -85.83 -14.47 3.33
CA SER M 189 -86.40 -15.78 3.64
C SER M 189 -85.37 -16.89 3.44
N GLU M 190 -84.47 -16.73 2.48
CA GLU M 190 -83.36 -17.66 2.35
C GLU M 190 -82.25 -17.35 3.36
N GLN M 191 -82.08 -16.07 3.72
CA GLN M 191 -81.10 -15.70 4.73
C GLN M 191 -81.40 -16.29 6.10
N GLN M 192 -82.65 -16.70 6.33
CA GLN M 192 -82.98 -17.39 7.58
C GLN M 192 -82.21 -18.71 7.68
N GLU M 193 -82.33 -19.55 6.65
CA GLU M 193 -81.59 -20.81 6.65
C GLU M 193 -80.10 -20.60 6.41
N ARG M 194 -79.72 -19.56 5.67
CA ARG M 194 -78.31 -19.26 5.47
C ARG M 194 -77.64 -18.90 6.80
N ALA M 195 -78.30 -18.10 7.63
CA ALA M 195 -77.78 -17.79 8.95
C ALA M 195 -77.96 -18.95 9.92
N PHE M 196 -78.92 -19.84 9.66
CA PHE M 196 -79.12 -21.01 10.51
C PHE M 196 -77.96 -22.00 10.35
N THR M 197 -77.78 -22.50 9.12
CA THR M 197 -76.65 -23.39 8.85
C THR M 197 -75.31 -22.67 8.86
N LEU M 198 -75.31 -21.34 8.81
CA LEU M 198 -74.07 -20.59 8.97
C LEU M 198 -73.66 -20.47 10.42
N GLY M 199 -74.64 -20.30 11.32
CA GLY M 199 -74.33 -20.28 12.74
C GLY M 199 -74.03 -21.67 13.28
N LEU M 200 -74.82 -22.66 12.90
CA LEU M 200 -74.52 -24.03 13.31
C LEU M 200 -73.25 -24.54 12.65
N ALA M 201 -73.00 -24.14 11.40
CA ALA M 201 -71.77 -24.53 10.73
C ALA M 201 -70.56 -23.85 11.36
N GLY M 202 -70.72 -22.60 11.80
CA GLY M 202 -69.64 -21.93 12.49
C GLY M 202 -69.37 -22.52 13.85
N LEU M 203 -70.43 -22.94 14.56
CA LEU M 203 -70.25 -23.57 15.85
C LEU M 203 -69.58 -24.94 15.71
N LEU M 204 -70.04 -25.75 14.76
CA LEU M 204 -69.44 -27.06 14.52
C LEU M 204 -68.11 -26.99 13.79
N GLY M 205 -67.70 -25.81 13.33
CA GLY M 205 -66.43 -25.69 12.65
C GLY M 205 -65.28 -25.88 13.61
N GLU M 206 -64.44 -26.89 13.35
CA GLU M 206 -63.32 -27.22 14.23
C GLU M 206 -61.99 -26.64 13.73
N GLY M 207 -62.03 -25.74 12.74
CA GLY M 207 -60.85 -25.11 12.22
C GLY M 207 -60.56 -23.73 12.74
N VAL M 208 -61.25 -23.29 13.80
CA VAL M 208 -61.04 -21.98 14.39
C VAL M 208 -61.28 -22.09 15.88
N PHE M 209 -60.63 -21.21 16.65
CA PHE M 209 -60.76 -21.19 18.10
C PHE M 209 -61.70 -20.11 18.61
N ASN M 210 -61.74 -18.96 17.96
CA ASN M 210 -62.61 -17.86 18.34
C ASN M 210 -63.72 -17.69 17.31
N PHE M 211 -64.88 -17.22 17.80
CA PHE M 211 -66.03 -16.98 16.94
C PHE M 211 -66.33 -15.49 16.76
N GLY M 212 -65.43 -14.62 17.20
CA GLY M 212 -65.68 -13.19 17.09
C GLY M 212 -65.65 -12.65 15.67
N GLU M 213 -65.08 -13.40 14.74
CA GLU M 213 -65.05 -12.94 13.35
C GLU M 213 -66.42 -13.07 12.69
N LEU M 214 -67.19 -14.09 13.07
CA LEU M 214 -68.52 -14.27 12.49
C LEU M 214 -69.50 -13.24 13.04
N LEU M 215 -69.58 -13.11 14.36
CA LEU M 215 -70.50 -12.16 14.97
C LEU M 215 -70.00 -10.71 14.85
N MET M 216 -68.73 -10.51 14.53
CA MET M 216 -68.17 -9.17 14.50
C MET M 216 -68.77 -8.33 13.38
N HIS M 217 -69.07 -8.93 12.23
CA HIS M 217 -69.59 -8.17 11.11
C HIS M 217 -71.05 -7.79 11.36
N PRO M 218 -71.44 -6.54 11.11
CA PRO M 218 -72.81 -6.10 11.46
C PRO M 218 -73.91 -6.74 10.62
N VAL M 219 -73.59 -7.39 9.50
CA VAL M 219 -74.64 -7.90 8.63
C VAL M 219 -75.37 -9.06 9.26
N LEU M 220 -74.68 -9.89 10.05
CA LEU M 220 -75.32 -11.05 10.66
C LEU M 220 -76.15 -10.64 11.87
N GLU M 221 -75.59 -9.79 12.74
CA GLU M 221 -76.35 -9.29 13.87
C GLU M 221 -77.50 -8.39 13.43
N SER M 222 -77.43 -7.82 12.23
CA SER M 222 -78.53 -7.01 11.70
C SER M 222 -79.56 -7.84 10.96
N LEU M 223 -79.17 -8.97 10.38
CA LEU M 223 -80.10 -9.85 9.68
C LEU M 223 -80.66 -10.95 10.55
N ARG M 224 -80.19 -11.09 11.79
CA ARG M 224 -80.72 -12.08 12.71
C ARG M 224 -81.67 -11.47 13.75
N ASN M 225 -81.96 -10.18 13.65
CA ASN M 225 -82.90 -9.57 14.60
C ASN M 225 -84.32 -10.07 14.38
N THR M 226 -84.69 -10.37 13.14
CA THR M 226 -86.03 -10.88 12.87
C THR M 226 -86.22 -12.28 13.43
N ASP M 227 -85.21 -13.14 13.28
CA ASP M 227 -85.29 -14.50 13.78
C ASP M 227 -85.28 -14.51 15.31
N ARG M 228 -85.57 -15.68 15.88
CA ARG M 228 -85.58 -15.83 17.33
C ARG M 228 -84.19 -15.65 17.90
N GLN M 229 -84.11 -15.03 19.08
CA GLN M 229 -82.85 -14.71 19.72
C GLN M 229 -82.24 -15.90 20.48
N TRP M 230 -82.69 -17.12 20.20
CA TRP M 230 -82.11 -18.28 20.88
C TRP M 230 -80.69 -18.55 20.40
N LEU M 231 -80.36 -18.14 19.17
CA LEU M 231 -79.02 -18.32 18.63
C LEU M 231 -78.11 -17.12 18.89
N ILE M 232 -78.67 -15.91 18.87
CA ILE M 232 -77.87 -14.71 19.15
C ILE M 232 -77.39 -14.73 20.60
N ASP M 233 -78.21 -15.25 21.51
CA ASP M 233 -77.81 -15.32 22.91
C ASP M 233 -76.65 -16.28 23.12
N THR M 234 -76.73 -17.47 22.52
CA THR M 234 -75.67 -18.45 22.70
C THR M 234 -74.42 -18.10 21.89
N LEU M 235 -74.57 -17.31 20.82
CA LEU M 235 -73.38 -16.85 20.11
C LEU M 235 -72.70 -15.71 20.86
N TYR M 236 -73.48 -14.83 21.48
CA TYR M 236 -72.89 -13.78 22.31
C TYR M 236 -72.28 -14.35 23.58
N ALA M 237 -72.85 -15.44 24.09
CA ALA M 237 -72.27 -16.10 25.26
C ALA M 237 -71.02 -16.90 24.89
N PHE M 238 -71.04 -17.57 23.75
CA PHE M 238 -69.87 -18.30 23.28
C PHE M 238 -68.77 -17.36 22.80
N ASN M 239 -69.10 -16.10 22.50
CA ASN M 239 -68.11 -15.14 22.02
C ASN M 239 -67.55 -14.29 23.16
N SER M 240 -68.41 -13.74 24.00
CA SER M 240 -68.01 -12.84 25.07
C SER M 240 -67.57 -13.56 26.33
N GLY M 241 -67.57 -14.89 26.34
CA GLY M 241 -67.14 -15.64 27.51
C GLY M 241 -68.26 -16.40 28.20
N ASN M 242 -68.01 -17.67 28.51
CA ASN M 242 -69.00 -18.53 29.17
C ASN M 242 -68.59 -18.70 30.63
N VAL M 243 -69.15 -17.85 31.50
CA VAL M 243 -68.87 -17.96 32.92
C VAL M 243 -69.85 -18.88 33.64
N GLU M 244 -71.01 -19.16 33.04
CA GLU M 244 -72.00 -20.05 33.63
C GLU M 244 -72.15 -21.29 32.74
N ARG M 245 -72.79 -22.32 33.30
CA ARG M 245 -73.02 -23.57 32.60
C ARG M 245 -74.49 -23.85 32.32
N PHE M 246 -75.40 -23.03 32.84
CA PHE M 246 -76.83 -23.28 32.65
C PHE M 246 -77.25 -22.97 31.22
N GLN M 247 -76.83 -21.81 30.70
CA GLN M 247 -77.22 -21.43 29.33
C GLN M 247 -76.54 -22.32 28.31
N THR M 248 -75.23 -22.55 28.46
CA THR M 248 -74.52 -23.44 27.55
C THR M 248 -74.96 -24.89 27.71
N LEU M 249 -75.57 -25.24 28.84
CA LEU M 249 -76.12 -26.58 29.02
C LEU M 249 -77.46 -26.71 28.29
N LYS M 250 -78.34 -25.71 28.45
CA LYS M 250 -79.63 -25.75 27.77
C LYS M 250 -79.46 -25.67 26.26
N THR M 251 -78.54 -24.82 25.78
CA THR M 251 -78.27 -24.78 24.35
C THR M 251 -77.37 -25.93 23.90
N ALA M 252 -76.68 -26.58 24.83
CA ALA M 252 -75.91 -27.78 24.52
C ALA M 252 -76.80 -29.01 24.39
N TRP M 253 -77.98 -29.00 25.00
CA TRP M 253 -78.94 -30.09 24.86
C TRP M 253 -80.15 -29.70 24.02
N GLY M 254 -80.20 -28.48 23.50
CA GLY M 254 -81.33 -28.08 22.67
C GLY M 254 -81.27 -28.70 21.29
N GLN M 255 -80.10 -28.66 20.65
CA GLN M 255 -79.90 -29.26 19.33
C GLN M 255 -79.55 -30.72 19.52
N GLN M 256 -80.48 -31.60 19.17
CA GLN M 256 -80.28 -33.04 19.36
C GLN M 256 -79.36 -33.65 18.31
N PRO M 257 -79.60 -33.48 17.01
CA PRO M 257 -78.78 -34.19 16.02
C PRO M 257 -77.39 -33.58 15.87
N ASP M 258 -76.40 -34.45 15.74
CA ASP M 258 -75.01 -34.11 15.42
C ASP M 258 -74.33 -33.28 16.50
N LEU M 259 -74.95 -33.09 17.66
CA LEU M 259 -74.35 -32.31 18.73
C LEU M 259 -73.91 -33.18 19.92
N ALA M 260 -74.40 -34.41 20.01
CA ALA M 260 -74.07 -35.26 21.15
C ALA M 260 -72.61 -35.70 21.11
N ALA M 261 -72.16 -36.18 19.94
CA ALA M 261 -70.77 -36.63 19.83
C ALA M 261 -69.80 -35.46 19.82
N ASN M 262 -70.19 -34.35 19.21
CA ASN M 262 -69.33 -33.17 19.13
C ASN M 262 -69.41 -32.29 20.37
N GLU M 263 -70.28 -32.61 21.33
CA GLU M 263 -70.42 -31.77 22.52
C GLU M 263 -69.14 -31.75 23.34
N ALA M 264 -68.47 -32.90 23.47
CA ALA M 264 -67.23 -32.97 24.25
C ALA M 264 -66.13 -32.16 23.58
N GLN M 265 -66.02 -32.25 22.25
CA GLN M 265 -65.02 -31.46 21.53
C GLN M 265 -65.34 -29.97 21.62
N LEU M 266 -66.62 -29.60 21.60
CA LEU M 266 -66.98 -28.21 21.79
C LEU M 266 -66.63 -27.72 23.20
N LEU M 267 -66.76 -28.59 24.21
CA LEU M 267 -66.31 -28.23 25.54
C LEU M 267 -64.79 -28.04 25.58
N ARG M 268 -64.06 -28.94 24.93
CA ARG M 268 -62.61 -28.80 24.83
C ARG M 268 -62.20 -27.57 24.03
N LYS M 269 -63.11 -27.04 23.20
CA LYS M 269 -62.80 -25.81 22.47
C LYS M 269 -63.11 -24.57 23.30
N ILE M 270 -64.26 -24.55 23.98
CA ILE M 270 -64.65 -23.40 24.78
C ILE M 270 -63.93 -23.33 26.12
N GLN M 271 -63.21 -24.39 26.50
CA GLN M 271 -62.46 -24.36 27.75
C GLN M 271 -61.23 -23.45 27.67
N LEU M 272 -60.88 -22.97 26.48
CA LEU M 272 -59.75 -22.07 26.31
C LEU M 272 -60.15 -20.60 26.34
N LEU M 273 -61.42 -20.30 26.05
CA LEU M 273 -61.86 -18.90 26.07
C LEU M 273 -61.76 -18.31 27.46
N CYS M 274 -62.13 -19.09 28.49
CA CYS M 274 -61.97 -18.61 29.85
C CYS M 274 -60.50 -18.40 30.20
N LEU M 275 -59.61 -19.16 29.56
CA LEU M 275 -58.18 -18.99 29.81
C LEU M 275 -57.66 -17.68 29.19
N MET M 276 -57.94 -17.48 27.89
CA MET M 276 -57.48 -16.26 27.23
C MET M 276 -58.13 -15.02 27.85
N GLU M 277 -59.38 -15.13 28.29
CA GLU M 277 -60.04 -13.99 28.92
C GLU M 277 -59.51 -13.75 30.33
N MET M 278 -59.19 -14.83 31.05
CA MET M 278 -58.66 -14.67 32.40
C MET M 278 -57.22 -14.18 32.41
N THR M 279 -56.48 -14.41 31.32
CA THR M 279 -55.12 -13.89 31.23
C THR M 279 -55.04 -12.53 30.54
N PHE M 280 -56.03 -12.17 29.73
CA PHE M 280 -56.04 -10.88 29.07
C PHE M 280 -56.88 -9.84 29.81
N THR M 281 -57.66 -10.27 30.81
CA THR M 281 -58.44 -9.30 31.59
C THR M 281 -57.54 -8.42 32.43
N ARG M 282 -56.59 -9.03 33.15
CA ARG M 282 -55.63 -8.30 33.97
C ARG M 282 -54.30 -8.22 33.22
N PRO M 283 -53.97 -7.08 32.60
CA PRO M 283 -52.71 -7.01 31.84
C PRO M 283 -51.49 -6.88 32.75
N ALA M 284 -51.69 -6.31 33.93
CA ALA M 284 -50.60 -6.06 34.87
C ALA M 284 -51.11 -6.36 36.28
N ASN M 285 -50.36 -5.91 37.29
CA ASN M 285 -50.73 -6.08 38.69
C ASN M 285 -50.85 -7.55 39.06
N HIS M 286 -49.69 -8.22 39.06
CA HIS M 286 -49.55 -9.62 39.46
C HIS M 286 -50.40 -10.53 38.56
N ARG M 287 -49.99 -10.56 37.28
CA ARG M 287 -50.62 -11.45 36.32
C ARG M 287 -50.61 -12.91 36.77
N GLN M 288 -49.62 -13.28 37.58
CA GLN M 288 -49.53 -14.66 38.08
C GLN M 288 -50.79 -15.05 38.83
N LEU M 289 -51.32 -16.23 38.49
CA LEU M 289 -52.55 -16.72 39.11
C LEU M 289 -52.38 -18.17 39.55
N THR M 290 -53.48 -18.80 39.96
CA THR M 290 -53.48 -20.18 40.43
C THR M 290 -54.58 -20.96 39.74
N PHE M 291 -54.56 -22.28 39.94
CA PHE M 291 -55.54 -23.16 39.32
C PHE M 291 -56.92 -23.07 39.94
N GLU M 292 -57.08 -22.31 41.03
CA GLU M 292 -58.38 -22.19 41.67
C GLU M 292 -59.40 -21.50 40.77
N GLU M 293 -58.96 -20.55 39.95
CA GLU M 293 -59.87 -19.87 39.04
C GLU M 293 -60.24 -20.75 37.85
N ILE M 294 -59.30 -21.56 37.37
CA ILE M 294 -59.58 -22.47 36.27
C ILE M 294 -60.53 -23.57 36.71
N ALA M 295 -60.23 -24.21 37.84
CA ALA M 295 -61.10 -25.27 38.35
C ALA M 295 -62.44 -24.72 38.82
N LYS M 296 -62.47 -23.47 39.31
CA LYS M 296 -63.72 -22.88 39.77
C LYS M 296 -64.61 -22.46 38.60
N SER M 297 -64.01 -21.89 37.55
CA SER M 297 -64.80 -21.42 36.41
C SER M 297 -65.15 -22.55 35.45
N ALA M 298 -64.34 -23.60 35.41
CA ALA M 298 -64.56 -24.71 34.49
C ALA M 298 -65.10 -25.96 35.18
N LYS M 299 -65.47 -25.85 36.46
CA LYS M 299 -66.02 -26.93 37.29
C LYS M 299 -65.32 -28.26 37.06
N ILE M 300 -64.00 -28.23 36.93
CA ILE M 300 -63.21 -29.43 36.70
C ILE M 300 -62.37 -29.72 37.94
N THR M 301 -61.96 -30.98 38.07
CA THR M 301 -61.17 -31.40 39.21
C THR M 301 -59.73 -30.93 39.08
N VAL M 302 -58.96 -31.16 40.14
CA VAL M 302 -57.56 -30.72 40.15
C VAL M 302 -56.68 -31.68 39.35
N ASN M 303 -57.11 -32.92 39.15
CA ASN M 303 -56.30 -33.90 38.42
C ASN M 303 -56.33 -33.68 36.91
N GLU M 304 -57.29 -32.92 36.40
CA GLU M 304 -57.45 -32.71 34.96
C GLU M 304 -56.90 -31.38 34.48
N VAL M 305 -56.42 -30.52 35.39
CA VAL M 305 -55.89 -29.23 34.95
C VAL M 305 -54.57 -29.41 34.22
N GLU M 306 -53.83 -30.47 34.52
CA GLU M 306 -52.59 -30.73 33.80
C GLU M 306 -52.87 -31.12 32.35
N LEU M 307 -53.89 -31.94 32.13
CA LEU M 307 -54.30 -32.24 30.75
C LEU M 307 -54.96 -31.05 30.09
N LEU M 308 -55.57 -30.15 30.89
CA LEU M 308 -56.19 -28.96 30.33
C LEU M 308 -55.14 -27.99 29.81
N VAL M 309 -54.10 -27.73 30.60
CA VAL M 309 -53.02 -26.85 30.13
C VAL M 309 -52.16 -27.57 29.09
N MET M 310 -52.12 -28.90 29.14
CA MET M 310 -51.39 -29.65 28.11
C MET M 310 -52.10 -29.55 26.76
N LYS M 311 -53.44 -29.56 26.77
CA LYS M 311 -54.18 -29.34 25.54
C LYS M 311 -54.09 -27.89 25.11
N ALA M 312 -54.08 -26.96 26.07
CA ALA M 312 -53.93 -25.55 25.75
C ALA M 312 -52.61 -25.28 25.04
N LEU M 313 -51.52 -25.91 25.50
CA LEU M 313 -50.25 -25.82 24.82
C LEU M 313 -50.19 -26.68 23.57
N SER M 314 -51.06 -27.68 23.47
CA SER M 314 -51.07 -28.55 22.29
C SER M 314 -51.76 -27.90 21.11
N VAL M 315 -52.73 -27.01 21.36
CA VAL M 315 -53.41 -26.33 20.25
C VAL M 315 -52.45 -25.38 19.53
N GLY M 316 -51.65 -24.64 20.29
CA GLY M 316 -50.67 -23.73 19.73
C GLY M 316 -51.00 -22.27 19.84
N LEU M 317 -52.12 -21.91 20.46
CA LEU M 317 -52.47 -20.50 20.62
C LEU M 317 -51.79 -19.85 21.81
N VAL M 318 -51.22 -20.63 22.72
CA VAL M 318 -50.54 -20.11 23.90
C VAL M 318 -49.23 -20.87 24.08
N LYS M 319 -48.20 -20.16 24.53
CA LYS M 319 -46.88 -20.74 24.77
C LYS M 319 -46.48 -20.68 26.25
N GLY M 320 -47.46 -20.63 27.15
CA GLY M 320 -47.20 -20.46 28.56
C GLY M 320 -46.31 -21.54 29.18
N SER M 321 -45.22 -21.10 29.80
CA SER M 321 -44.30 -21.99 30.50
C SER M 321 -44.12 -21.47 31.91
N ILE M 322 -44.52 -22.26 32.89
CA ILE M 322 -44.52 -21.86 34.30
C ILE M 322 -43.45 -22.65 35.03
N ASP M 323 -42.56 -21.94 35.72
CA ASP M 323 -41.53 -22.55 36.56
C ASP M 323 -41.94 -22.62 38.02
N GLU M 324 -43.23 -22.80 38.29
CA GLU M 324 -43.76 -22.72 39.64
C GLU M 324 -43.32 -23.93 40.48
N VAL M 325 -43.45 -23.78 41.80
CA VAL M 325 -43.29 -24.87 42.75
C VAL M 325 -44.65 -25.29 43.30
N ASP M 326 -45.35 -24.38 43.97
CA ASP M 326 -46.74 -24.59 44.31
C ASP M 326 -47.62 -24.25 43.11
N LYS M 327 -48.79 -24.90 43.05
CA LYS M 327 -49.66 -24.79 41.88
C LYS M 327 -49.97 -23.34 41.52
N ARG M 328 -49.53 -22.94 40.33
CA ARG M 328 -49.74 -21.58 39.83
C ARG M 328 -50.00 -21.65 38.33
N VAL M 329 -50.58 -20.57 37.80
CA VAL M 329 -50.97 -20.48 36.39
C VAL M 329 -50.37 -19.21 35.83
N HIS M 330 -49.29 -19.33 35.06
CA HIS M 330 -48.69 -18.20 34.36
C HIS M 330 -48.88 -18.39 32.86
N MET M 331 -49.31 -17.34 32.19
CA MET M 331 -49.60 -17.39 30.75
C MET M 331 -48.62 -16.49 30.00
N THR M 332 -48.79 -16.46 28.68
CA THR M 332 -47.89 -15.73 27.79
C THR M 332 -48.75 -15.03 26.73
N TRP M 333 -48.09 -14.61 25.64
CA TRP M 333 -48.73 -13.94 24.52
C TRP M 333 -50.04 -14.60 24.12
N VAL M 334 -51.09 -13.78 23.96
CA VAL M 334 -52.40 -14.25 23.57
C VAL M 334 -53.10 -13.15 22.80
N GLN M 335 -54.03 -13.53 21.93
CA GLN M 335 -54.73 -12.61 21.06
C GLN M 335 -56.23 -12.61 21.36
N PRO M 336 -56.85 -11.45 21.56
CA PRO M 336 -58.31 -11.44 21.81
C PRO M 336 -59.11 -11.92 20.60
N ARG M 337 -58.79 -11.40 19.42
CA ARG M 337 -59.32 -11.89 18.13
C ARG M 337 -60.78 -11.52 17.92
N VAL M 338 -61.44 -10.94 18.93
CA VAL M 338 -62.84 -10.56 18.76
C VAL M 338 -63.04 -9.07 19.01
N LEU M 339 -62.82 -8.61 20.24
CA LEU M 339 -63.06 -7.22 20.62
C LEU M 339 -62.65 -6.99 22.07
N ASP M 340 -62.25 -5.75 22.40
CA ASP M 340 -61.96 -5.37 23.78
C ASP M 340 -62.10 -3.86 23.87
N LEU M 341 -63.18 -3.40 24.52
CA LEU M 341 -63.38 -1.97 24.66
C LEU M 341 -62.65 -1.42 25.88
N GLN M 342 -62.66 -2.15 26.99
CA GLN M 342 -61.90 -1.74 28.16
C GLN M 342 -60.40 -1.76 27.91
N GLN M 343 -59.94 -2.55 26.96
CA GLN M 343 -58.55 -2.53 26.54
C GLN M 343 -58.27 -1.45 25.51
N ILE M 344 -59.32 -0.88 24.88
CA ILE M 344 -59.13 0.30 24.05
C ILE M 344 -59.03 1.55 24.92
N LYS M 345 -59.91 1.66 25.92
CA LYS M 345 -59.81 2.78 26.86
C LYS M 345 -58.53 2.67 27.69
N GLY M 346 -58.25 1.48 28.21
CA GLY M 346 -56.98 1.26 28.89
C GLY M 346 -55.78 1.39 27.97
N MET M 347 -55.99 1.13 26.67
CA MET M 347 -54.94 1.34 25.68
C MET M 347 -54.66 2.83 25.51
N LYS M 348 -55.69 3.66 25.58
CA LYS M 348 -55.48 5.11 25.50
C LYS M 348 -54.86 5.64 26.79
N ASP M 349 -55.25 5.08 27.94
CA ASP M 349 -54.69 5.53 29.21
C ASP M 349 -53.21 5.14 29.32
N ARG M 350 -52.91 3.86 29.15
CA ARG M 350 -51.52 3.39 29.23
C ARG M 350 -50.69 3.95 28.09
N LEU M 351 -51.29 4.16 26.92
CA LEU M 351 -50.56 4.73 25.79
C LEU M 351 -50.20 6.18 26.05
N GLU M 352 -51.17 6.98 26.53
CA GLU M 352 -50.88 8.37 26.87
C GLU M 352 -49.90 8.48 28.03
N PHE M 353 -49.96 7.54 28.98
CA PHE M 353 -49.02 7.54 30.09
C PHE M 353 -47.61 7.23 29.61
N TRP M 354 -47.47 6.22 28.74
CA TRP M 354 -46.17 5.90 28.17
C TRP M 354 -45.63 7.06 27.35
N CYS M 355 -46.50 7.72 26.57
CA CYS M 355 -46.05 8.82 25.72
C CYS M 355 -45.62 10.01 26.55
N THR M 356 -46.39 10.37 27.58
CA THR M 356 -46.00 11.48 28.43
C THR M 356 -44.82 11.16 29.32
N ASP M 357 -44.55 9.87 29.56
CA ASP M 357 -43.34 9.50 30.29
C ASP M 357 -42.10 9.58 29.41
N VAL M 358 -42.21 9.13 28.15
CA VAL M 358 -41.10 9.28 27.22
C VAL M 358 -40.83 10.75 26.94
N LYS M 359 -41.90 11.54 26.83
CA LYS M 359 -41.74 12.99 26.64
C LYS M 359 -41.15 13.63 27.88
N SER M 360 -41.54 13.15 29.07
CA SER M 360 -40.98 13.70 30.31
C SER M 360 -39.50 13.38 30.43
N MET M 361 -39.08 12.19 30.01
CA MET M 361 -37.66 11.86 30.04
C MET M 361 -36.89 12.62 28.96
N GLU M 362 -37.53 12.87 27.81
CA GLU M 362 -36.86 13.62 26.74
C GLU M 362 -36.66 15.08 27.14
N MET M 363 -37.67 15.70 27.76
CA MET M 363 -37.53 17.07 28.22
C MET M 363 -36.61 17.15 29.44
N LEU M 364 -36.60 16.11 30.27
CA LEU M 364 -35.77 16.12 31.47
C LEU M 364 -34.29 16.00 31.10
N VAL M 365 -33.94 14.97 30.32
CA VAL M 365 -32.55 14.76 29.94
C VAL M 365 -32.10 15.83 28.95
N GLU M 366 -32.93 16.10 27.94
CA GLU M 366 -32.58 17.07 26.91
C GLU M 366 -32.58 18.50 27.42
N HIS M 367 -33.31 18.78 28.51
CA HIS M 367 -33.41 20.14 29.03
C HIS M 367 -32.05 20.68 29.43
N GLN M 368 -31.41 20.06 30.43
CA GLN M 368 -30.08 20.50 30.83
C GLN M 368 -28.99 19.88 29.98
N ALA M 369 -29.22 18.68 29.43
CA ALA M 369 -28.22 18.04 28.60
C ALA M 369 -27.95 18.84 27.33
N HIS M 370 -29.00 19.43 26.75
CA HIS M 370 -28.81 20.27 25.57
C HIS M 370 -28.07 21.56 25.92
N ASP M 371 -28.22 22.03 27.16
CA ASP M 371 -27.58 23.29 27.56
C ASP M 371 -26.13 23.09 27.98
N ILE M 372 -25.77 21.90 28.44
CA ILE M 372 -24.41 21.64 28.90
C ILE M 372 -23.56 20.91 27.86
N LEU M 373 -24.17 20.20 26.92
CA LEU M 373 -23.45 19.45 25.90
C LEU M 373 -23.72 19.96 24.50
N THR M 374 -24.99 20.09 24.13
CA THR M 374 -25.40 20.57 22.80
C THR M 374 -24.83 19.71 21.67
N MET N 1 -50.07 25.52 -44.03
CA MET N 1 -51.27 24.68 -44.01
C MET N 1 -52.06 24.88 -42.74
N VAL N 2 -52.72 23.81 -42.28
CA VAL N 2 -53.53 23.84 -41.08
C VAL N 2 -52.76 23.17 -39.94
N LEU N 3 -52.65 23.87 -38.81
CA LEU N 3 -51.95 23.37 -37.64
C LEU N 3 -53.00 23.08 -36.56
N GLU N 4 -53.32 21.80 -36.39
CA GLU N 4 -54.31 21.40 -35.40
C GLU N 4 -54.04 19.95 -35.00
N SER N 5 -54.48 19.61 -33.80
CA SER N 5 -54.35 18.25 -33.27
C SER N 5 -55.63 17.46 -33.51
N THR N 6 -55.46 16.16 -33.75
CA THR N 6 -56.57 15.26 -34.02
C THR N 6 -56.62 14.19 -32.95
N MET N 7 -57.77 14.08 -32.28
CA MET N 7 -57.99 13.07 -31.26
C MET N 7 -59.29 12.33 -31.57
N VAL N 8 -59.20 11.01 -31.70
CA VAL N 8 -60.34 10.17 -32.01
C VAL N 8 -60.55 9.19 -30.85
N CYS N 9 -61.82 8.98 -30.49
CA CYS N 9 -62.20 8.06 -29.43
C CYS N 9 -63.19 7.05 -29.99
N VAL N 10 -62.80 5.78 -29.99
CA VAL N 10 -63.62 4.71 -30.53
C VAL N 10 -64.22 3.90 -29.40
N ASP N 11 -65.41 3.37 -29.62
CA ASP N 11 -66.11 2.56 -28.64
C ASP N 11 -65.64 1.11 -28.75
N ASN N 12 -65.47 0.46 -27.60
CA ASN N 12 -65.04 -0.93 -27.54
C ASN N 12 -66.11 -1.83 -26.92
N SER N 13 -67.34 -1.36 -26.82
CA SER N 13 -68.40 -2.17 -26.26
C SER N 13 -68.83 -3.24 -27.26
N GLU N 14 -69.66 -4.17 -26.78
CA GLU N 14 -70.17 -5.25 -27.61
C GLU N 14 -71.36 -4.83 -28.46
N TYR N 15 -71.73 -3.54 -28.45
CA TYR N 15 -72.82 -3.03 -29.26
C TYR N 15 -72.40 -2.77 -30.70
N MET N 16 -71.14 -3.01 -31.05
CA MET N 16 -70.61 -2.71 -32.38
C MET N 16 -70.51 -3.95 -33.26
N ARG N 17 -71.10 -5.07 -32.85
CA ARG N 17 -71.05 -6.30 -33.61
C ARG N 17 -72.42 -6.86 -33.94
N ASN N 18 -73.47 -6.04 -33.86
CA ASN N 18 -74.82 -6.51 -34.17
C ASN N 18 -74.96 -6.78 -35.67
N GLY N 19 -75.71 -7.83 -35.99
CA GLY N 19 -75.86 -8.26 -37.37
C GLY N 19 -76.84 -7.47 -38.20
N ASP N 20 -77.66 -6.63 -37.58
CA ASP N 20 -78.60 -5.80 -38.34
C ASP N 20 -77.87 -4.72 -39.12
N PHE N 21 -76.93 -4.04 -38.47
CA PHE N 21 -76.13 -3.01 -39.12
C PHE N 21 -74.98 -3.66 -39.87
N LEU N 22 -73.99 -2.85 -40.27
CA LEU N 22 -72.83 -3.28 -41.04
C LEU N 22 -72.15 -4.50 -40.42
N PRO N 23 -71.48 -5.32 -41.22
CA PRO N 23 -70.84 -6.53 -40.69
C PRO N 23 -69.58 -6.22 -39.88
N THR N 24 -69.76 -5.95 -38.59
CA THR N 24 -68.66 -5.55 -37.70
C THR N 24 -68.02 -4.24 -38.19
N ARG N 25 -68.82 -3.18 -38.09
CA ARG N 25 -68.45 -1.86 -38.59
C ARG N 25 -67.19 -1.31 -37.94
N LEU N 26 -66.64 -1.98 -36.92
CA LEU N 26 -65.38 -1.55 -36.32
C LEU N 26 -64.28 -1.38 -37.37
N GLN N 27 -64.25 -2.29 -38.34
CA GLN N 27 -63.28 -2.16 -39.43
C GLN N 27 -63.65 -1.01 -40.37
N ALA N 28 -64.94 -0.73 -40.52
CA ALA N 28 -65.36 0.37 -41.38
C ALA N 28 -64.94 1.71 -40.79
N GLN N 29 -65.25 1.96 -39.52
CA GLN N 29 -64.80 3.18 -38.87
C GLN N 29 -63.29 3.19 -38.66
N GLN N 30 -62.65 2.02 -38.59
CA GLN N 30 -61.19 1.97 -38.62
C GLN N 30 -60.67 2.51 -39.94
N ASP N 31 -61.30 2.12 -41.05
CA ASP N 31 -60.94 2.69 -42.35
C ASP N 31 -61.29 4.16 -42.42
N ALA N 32 -62.29 4.60 -41.67
CA ALA N 32 -62.61 6.03 -41.59
C ALA N 32 -61.48 6.79 -40.91
N VAL N 33 -60.98 6.25 -39.78
CA VAL N 33 -59.81 6.85 -39.14
C VAL N 33 -58.62 6.82 -40.07
N ASN N 34 -58.51 5.77 -40.90
CA ASN N 34 -57.39 5.69 -41.84
C ASN N 34 -57.48 6.76 -42.91
N ILE N 35 -58.69 7.02 -43.42
CA ILE N 35 -58.81 7.99 -44.51
C ILE N 35 -58.79 9.43 -43.98
N VAL N 36 -59.18 9.65 -42.72
CA VAL N 36 -59.08 10.99 -42.19
C VAL N 36 -57.66 11.29 -41.71
N CYS N 37 -56.93 10.27 -41.22
CA CYS N 37 -55.55 10.49 -40.81
C CYS N 37 -54.64 10.59 -42.03
N HIS N 38 -54.91 9.80 -43.08
CA HIS N 38 -54.15 9.94 -44.32
C HIS N 38 -54.55 11.19 -45.08
N SER N 39 -55.80 11.63 -44.93
CA SER N 39 -56.23 12.87 -45.56
C SER N 39 -55.58 14.08 -44.89
N LYS N 40 -55.59 14.11 -43.55
CA LYS N 40 -54.87 15.16 -42.84
C LYS N 40 -53.37 15.07 -43.07
N THR N 41 -52.85 13.86 -43.27
CA THR N 41 -51.44 13.71 -43.62
C THR N 41 -51.14 14.31 -44.99
N ARG N 42 -52.04 14.11 -45.95
CA ARG N 42 -51.85 14.71 -47.27
C ARG N 42 -52.00 16.23 -47.21
N SER N 43 -52.87 16.73 -46.34
CA SER N 43 -53.03 18.18 -46.19
C SER N 43 -51.84 18.78 -45.44
N ASN N 44 -51.59 18.29 -44.23
CA ASN N 44 -50.46 18.75 -43.43
C ASN N 44 -49.87 17.58 -42.64
N PRO N 45 -48.70 17.08 -43.02
CA PRO N 45 -48.12 15.93 -42.32
C PRO N 45 -47.63 16.22 -40.92
N GLU N 46 -47.71 17.46 -40.45
CA GLU N 46 -47.27 17.83 -39.11
C GLU N 46 -48.34 17.63 -38.05
N ASN N 47 -49.52 17.15 -38.44
CA ASN N 47 -50.60 16.93 -37.47
C ASN N 47 -50.42 15.61 -36.76
N ASN N 48 -50.65 15.62 -35.45
CA ASN N 48 -50.54 14.43 -34.62
C ASN N 48 -51.92 13.83 -34.38
N VAL N 49 -51.99 12.51 -34.36
CA VAL N 49 -53.24 11.77 -34.20
C VAL N 49 -53.09 10.82 -33.01
N GLY N 50 -54.00 10.94 -32.05
CA GLY N 50 -54.00 10.08 -30.89
C GLY N 50 -55.11 9.04 -30.94
N LEU N 51 -54.95 7.98 -30.16
CA LEU N 51 -55.90 6.88 -30.11
C LEU N 51 -56.17 6.52 -28.66
N ILE N 52 -57.45 6.48 -28.29
CA ILE N 52 -57.85 6.15 -26.93
C ILE N 52 -59.30 5.67 -26.97
N THR N 53 -59.68 4.84 -26.01
CA THR N 53 -61.01 4.28 -25.93
C THR N 53 -61.84 5.04 -24.88
N LEU N 54 -63.08 4.61 -24.72
CA LEU N 54 -64.02 5.22 -23.78
C LEU N 54 -64.51 4.22 -22.74
N ALA N 55 -63.70 3.20 -22.44
CA ALA N 55 -64.09 2.18 -21.48
C ALA N 55 -64.02 2.74 -20.06
N ASN N 56 -64.30 1.88 -19.09
CA ASN N 56 -64.26 2.30 -17.68
C ASN N 56 -62.84 2.69 -17.28
N ASP N 57 -61.87 1.83 -17.57
CA ASP N 57 -60.46 2.11 -17.31
C ASP N 57 -59.84 2.59 -18.63
N CYS N 58 -59.83 3.90 -18.83
CA CYS N 58 -59.29 4.46 -20.06
C CYS N 58 -57.79 4.23 -20.13
N GLU N 59 -57.32 3.82 -21.31
CA GLU N 59 -55.91 3.52 -21.55
C GLU N 59 -55.44 4.24 -22.79
N VAL N 60 -54.35 5.00 -22.65
CA VAL N 60 -53.78 5.72 -23.79
C VAL N 60 -53.15 4.69 -24.73
N LEU N 61 -53.79 4.44 -25.87
CA LEU N 61 -53.28 3.45 -26.81
C LEU N 61 -52.08 3.96 -27.57
N THR N 62 -52.15 5.20 -28.07
CA THR N 62 -51.06 5.79 -28.84
C THR N 62 -50.95 7.27 -28.52
N THR N 63 -49.74 7.72 -28.22
CA THR N 63 -49.48 9.12 -27.98
C THR N 63 -49.65 9.92 -29.27
N LEU N 64 -49.92 11.22 -29.11
CA LEU N 64 -50.10 12.11 -30.26
C LEU N 64 -48.83 12.18 -31.09
N THR N 65 -48.88 11.62 -32.31
CA THR N 65 -47.72 11.58 -33.18
C THR N 65 -48.18 11.52 -34.64
N PRO N 66 -47.47 12.15 -35.56
CA PRO N 66 -47.87 12.05 -36.98
C PRO N 66 -47.53 10.72 -37.62
N ASP N 67 -46.62 9.94 -37.03
CA ASP N 67 -46.23 8.65 -37.60
C ASP N 67 -47.35 7.64 -37.38
N THR N 68 -48.08 7.32 -38.44
CA THR N 68 -49.17 6.36 -38.38
C THR N 68 -48.74 4.93 -38.67
N GLY N 69 -47.45 4.70 -38.94
CA GLY N 69 -46.99 3.35 -39.23
C GLY N 69 -47.23 2.39 -38.08
N ARG N 70 -46.99 2.84 -36.86
CA ARG N 70 -47.29 2.03 -35.68
C ARG N 70 -48.73 2.21 -35.21
N ILE N 71 -49.38 3.32 -35.57
CA ILE N 71 -50.79 3.50 -35.23
C ILE N 71 -51.64 2.46 -35.96
N LEU N 72 -51.29 2.14 -37.20
CA LEU N 72 -52.00 1.09 -37.93
C LEU N 72 -51.95 -0.24 -37.18
N SER N 73 -50.82 -0.52 -36.52
CA SER N 73 -50.71 -1.73 -35.71
C SER N 73 -51.48 -1.58 -34.40
N LYS N 74 -51.48 -0.38 -33.82
CA LYS N 74 -52.20 -0.14 -32.58
C LYS N 74 -53.72 -0.13 -32.75
N LEU N 75 -54.22 -0.04 -33.99
CA LEU N 75 -55.65 -0.08 -34.21
C LEU N 75 -56.25 -1.45 -33.93
N HIS N 76 -55.42 -2.49 -33.84
CA HIS N 76 -55.90 -3.83 -33.53
C HIS N 76 -56.00 -3.98 -32.02
N THR N 77 -56.19 -5.23 -31.56
CA THR N 77 -56.34 -5.60 -30.15
C THR N 77 -57.13 -4.55 -29.36
N VAL N 78 -58.36 -4.32 -29.84
CA VAL N 78 -59.23 -3.30 -29.25
C VAL N 78 -59.64 -3.65 -27.83
N GLN N 79 -59.49 -4.91 -27.42
CA GLN N 79 -59.88 -5.39 -26.09
C GLN N 79 -61.35 -5.05 -25.83
N PRO N 80 -62.30 -5.75 -26.45
CA PRO N 80 -63.70 -5.36 -26.34
C PRO N 80 -64.28 -5.61 -24.95
N LYS N 81 -63.96 -4.74 -24.00
CA LYS N 81 -64.49 -4.79 -22.65
C LYS N 81 -65.16 -3.46 -22.32
N GLY N 82 -65.95 -3.47 -21.25
CA GLY N 82 -66.67 -2.28 -20.83
C GLY N 82 -67.82 -1.93 -21.75
N LYS N 83 -68.68 -1.00 -21.34
CA LYS N 83 -69.83 -0.58 -22.13
C LYS N 83 -69.71 0.87 -22.58
N ILE N 84 -69.59 1.81 -21.64
CA ILE N 84 -69.48 3.23 -21.97
C ILE N 84 -69.00 4.01 -20.76
N THR N 85 -68.24 5.08 -21.00
CA THR N 85 -67.83 6.00 -19.95
C THR N 85 -67.60 7.36 -20.58
N PHE N 86 -68.30 8.37 -20.07
CA PHE N 86 -68.35 9.69 -20.70
C PHE N 86 -67.52 10.74 -19.96
N CYS N 87 -67.61 10.78 -18.63
CA CYS N 87 -66.93 11.82 -17.86
C CYS N 87 -65.42 11.74 -18.05
N THR N 88 -64.81 10.64 -17.61
CA THR N 88 -63.37 10.49 -17.80
C THR N 88 -62.99 10.27 -19.25
N GLY N 89 -63.97 10.00 -20.13
CA GLY N 89 -63.67 9.96 -21.55
C GLY N 89 -63.43 11.35 -22.13
N ILE N 90 -64.20 12.34 -21.66
CA ILE N 90 -63.94 13.72 -22.05
C ILE N 90 -62.71 14.25 -21.31
N ARG N 91 -62.64 14.00 -20.01
CA ARG N 91 -61.53 14.53 -19.20
C ARG N 91 -60.20 13.86 -19.52
N VAL N 92 -60.21 12.69 -20.17
CA VAL N 92 -58.97 11.99 -20.45
C VAL N 92 -58.25 12.57 -21.66
N ALA N 93 -58.95 13.35 -22.50
CA ALA N 93 -58.36 13.94 -23.69
C ALA N 93 -58.39 15.45 -23.67
N HIS N 94 -59.55 16.05 -23.30
CA HIS N 94 -59.66 17.51 -23.30
C HIS N 94 -58.73 18.14 -22.27
N LEU N 95 -58.46 17.44 -21.17
CA LEU N 95 -57.46 17.90 -20.21
C LEU N 95 -56.05 17.51 -20.63
N ALA N 96 -55.89 16.45 -21.42
CA ALA N 96 -54.59 16.02 -21.91
C ALA N 96 -54.16 16.76 -23.17
N LEU N 97 -54.96 17.71 -23.66
CA LEU N 97 -54.57 18.49 -24.84
C LEU N 97 -53.35 19.35 -24.59
N LYS N 98 -53.02 19.62 -23.33
CA LYS N 98 -51.86 20.44 -23.01
C LYS N 98 -50.54 19.69 -23.11
N HIS N 99 -50.58 18.38 -23.33
CA HIS N 99 -49.37 17.57 -23.45
C HIS N 99 -48.84 17.50 -24.87
N ARG N 100 -49.47 18.20 -25.82
CA ARG N 100 -49.01 18.17 -27.20
C ARG N 100 -47.69 18.93 -27.34
N GLN N 101 -46.93 18.55 -28.38
CA GLN N 101 -45.64 19.19 -28.63
C GLN N 101 -45.81 20.60 -29.15
N GLY N 102 -46.47 20.74 -30.30
CA GLY N 102 -46.70 22.05 -30.89
C GLY N 102 -47.81 22.83 -30.22
N LYS N 103 -47.46 23.95 -29.59
CA LYS N 103 -48.46 24.77 -28.92
C LYS N 103 -49.34 25.54 -29.90
N ASN N 104 -48.90 25.69 -31.15
CA ASN N 104 -49.66 26.40 -32.16
C ASN N 104 -50.79 25.56 -32.75
N HIS N 105 -50.77 24.25 -32.53
CA HIS N 105 -51.82 23.39 -33.07
C HIS N 105 -53.13 23.62 -32.34
N LYS N 106 -54.20 23.83 -33.10
CA LYS N 106 -55.52 24.03 -32.52
C LYS N 106 -56.01 22.76 -31.85
N MET N 107 -57.07 22.91 -31.06
CA MET N 107 -57.65 21.80 -30.29
C MET N 107 -58.86 21.26 -31.02
N ARG N 108 -58.80 19.98 -31.42
CA ARG N 108 -59.89 19.32 -32.11
C ARG N 108 -59.96 17.87 -31.65
N ILE N 109 -61.09 17.46 -31.11
CA ILE N 109 -61.30 16.11 -30.60
C ILE N 109 -62.61 15.57 -31.15
N ILE N 110 -62.55 14.38 -31.75
CA ILE N 110 -63.73 13.68 -32.21
C ILE N 110 -63.89 12.41 -31.38
N ALA N 111 -65.07 11.80 -31.49
CA ALA N 111 -65.37 10.60 -30.70
C ALA N 111 -66.45 9.79 -31.39
N PHE N 112 -66.28 8.48 -31.39
CA PHE N 112 -67.26 7.55 -31.95
C PHE N 112 -68.06 6.96 -30.79
N VAL N 113 -69.34 7.32 -30.72
CA VAL N 113 -70.22 6.88 -29.63
C VAL N 113 -71.09 5.75 -30.17
N GLY N 114 -70.89 4.55 -29.64
CA GLY N 114 -71.67 3.39 -30.02
C GLY N 114 -72.58 2.82 -28.95
N SER N 115 -72.74 3.51 -27.82
CA SER N 115 -73.57 3.05 -26.73
C SER N 115 -74.42 4.20 -26.21
N PRO N 116 -75.59 3.91 -25.64
CA PRO N 116 -76.41 4.98 -25.07
C PRO N 116 -75.72 5.64 -23.90
N VAL N 117 -75.95 6.96 -23.76
CA VAL N 117 -75.32 7.73 -22.70
C VAL N 117 -75.98 7.42 -21.37
N GLU N 118 -75.17 7.22 -20.33
CA GLU N 118 -75.66 6.94 -19.00
C GLU N 118 -75.74 8.16 -18.11
N ASP N 119 -75.15 9.28 -18.51
CA ASP N 119 -75.16 10.48 -17.68
C ASP N 119 -76.45 11.26 -17.88
N ASN N 120 -76.91 11.90 -16.81
CA ASN N 120 -78.13 12.69 -16.86
C ASN N 120 -77.88 14.03 -17.54
N GLU N 121 -78.92 14.87 -17.57
CA GLU N 121 -78.79 16.17 -18.20
C GLU N 121 -77.87 17.10 -17.43
N LYS N 122 -77.74 16.89 -16.12
CA LYS N 122 -76.86 17.73 -15.32
C LYS N 122 -75.41 17.56 -15.73
N ASP N 123 -74.97 16.33 -15.96
CA ASP N 123 -73.61 16.10 -16.44
C ASP N 123 -73.44 16.62 -17.86
N LEU N 124 -74.51 16.63 -18.65
CA LEU N 124 -74.42 17.15 -20.02
C LEU N 124 -74.25 18.66 -20.02
N VAL N 125 -74.93 19.36 -19.10
CA VAL N 125 -74.82 20.81 -19.08
C VAL N 125 -73.55 21.25 -18.33
N LYS N 126 -73.07 20.43 -17.39
CA LYS N 126 -71.81 20.76 -16.71
C LYS N 126 -70.61 20.50 -17.61
N LEU N 127 -70.57 19.32 -18.25
CA LEU N 127 -69.49 19.03 -19.18
C LEU N 127 -69.57 19.90 -20.42
N ALA N 128 -70.79 20.18 -20.89
CA ALA N 128 -70.95 21.10 -22.02
C ALA N 128 -70.52 22.51 -21.64
N LYS N 129 -70.81 22.92 -20.39
CA LYS N 129 -70.36 24.24 -19.94
C LYS N 129 -68.85 24.30 -19.80
N ARG N 130 -68.21 23.19 -19.43
CA ARG N 130 -66.76 23.17 -19.32
C ARG N 130 -66.11 23.20 -20.71
N LEU N 131 -66.63 22.41 -21.64
CA LEU N 131 -66.07 22.38 -22.99
C LEU N 131 -66.29 23.71 -23.71
N LYS N 132 -67.47 24.32 -23.52
CA LYS N 132 -67.70 25.64 -24.08
C LYS N 132 -66.86 26.69 -23.37
N LYS N 133 -66.54 26.47 -22.10
CA LYS N 133 -65.73 27.43 -21.35
C LYS N 133 -64.29 27.42 -21.85
N GLU N 134 -63.69 26.24 -21.98
CA GLU N 134 -62.31 26.14 -22.44
C GLU N 134 -62.18 26.31 -23.95
N LYS N 135 -63.30 26.37 -24.67
CA LYS N 135 -63.32 26.65 -26.11
C LYS N 135 -62.50 25.62 -26.89
N VAL N 136 -62.94 24.37 -26.83
CA VAL N 136 -62.33 23.27 -27.57
C VAL N 136 -63.33 22.77 -28.60
N ASN N 137 -62.87 22.59 -29.84
CA ASN N 137 -63.73 22.09 -30.90
C ASN N 137 -64.12 20.65 -30.63
N VAL N 138 -65.42 20.40 -30.50
CA VAL N 138 -65.95 19.07 -30.18
C VAL N 138 -66.87 18.65 -31.31
N ASP N 139 -66.59 17.49 -31.90
CA ASP N 139 -67.42 16.91 -32.95
C ASP N 139 -68.06 15.64 -32.41
N ILE N 140 -69.40 15.60 -32.42
CA ILE N 140 -70.15 14.49 -31.88
C ILE N 140 -70.56 13.58 -33.03
N ILE N 141 -70.13 12.33 -32.98
CA ILE N 141 -70.46 11.31 -33.98
C ILE N 141 -71.08 10.13 -33.25
N ASN N 142 -72.33 9.81 -33.61
CA ASN N 142 -73.10 8.77 -32.94
C ASN N 142 -73.36 7.64 -33.94
N PHE N 143 -72.69 6.51 -33.74
CA PHE N 143 -72.91 5.32 -34.55
C PHE N 143 -73.80 4.34 -33.79
N GLY N 144 -74.90 3.95 -34.42
CA GLY N 144 -75.85 3.05 -33.79
C GLY N 144 -76.67 3.72 -32.70
N GLU N 145 -77.88 3.21 -32.47
CA GLU N 145 -78.77 3.80 -31.47
C GLU N 145 -79.83 2.77 -31.08
N GLU N 146 -80.39 2.97 -29.89
CA GLU N 146 -81.50 2.18 -29.39
C GLU N 146 -82.77 2.99 -29.20
N GLU N 147 -82.67 4.13 -28.52
CA GLU N 147 -83.80 5.03 -28.33
C GLU N 147 -83.81 6.05 -29.47
N VAL N 148 -84.61 7.10 -29.34
CA VAL N 148 -84.65 8.15 -30.36
C VAL N 148 -83.26 8.74 -30.55
N ASN N 149 -82.99 9.22 -31.76
CA ASN N 149 -81.66 9.70 -32.11
C ASN N 149 -81.26 10.89 -31.24
N THR N 150 -81.99 12.00 -31.35
CA THR N 150 -81.65 13.23 -30.67
C THR N 150 -82.85 13.71 -29.86
N GLU N 151 -82.79 13.55 -28.54
CA GLU N 151 -83.78 14.08 -27.62
C GLU N 151 -83.20 15.15 -26.72
N LYS N 152 -82.14 14.83 -25.96
CA LYS N 152 -81.42 15.81 -25.17
C LYS N 152 -80.10 16.21 -25.80
N LEU N 153 -79.56 15.40 -26.72
CA LEU N 153 -78.32 15.74 -27.38
C LEU N 153 -78.45 16.96 -28.27
N THR N 154 -79.67 17.29 -28.71
CA THR N 154 -79.87 18.53 -29.47
C THR N 154 -79.55 19.74 -28.62
N ALA N 155 -80.14 19.83 -27.43
CA ALA N 155 -79.80 20.92 -26.51
C ALA N 155 -78.37 20.80 -26.01
N PHE N 156 -77.84 19.58 -25.94
CA PHE N 156 -76.44 19.40 -25.56
C PHE N 156 -75.51 20.05 -26.59
N VAL N 157 -75.80 19.89 -27.87
CA VAL N 157 -74.97 20.50 -28.90
C VAL N 157 -75.21 21.99 -28.99
N ASN N 158 -76.48 22.41 -28.98
CA ASN N 158 -76.79 23.83 -29.08
C ASN N 158 -76.19 24.62 -27.92
N THR N 159 -76.20 24.04 -26.72
CA THR N 159 -75.55 24.68 -25.58
C THR N 159 -74.04 24.48 -25.57
N LEU N 160 -73.54 23.44 -26.25
CA LEU N 160 -72.11 23.20 -26.31
C LEU N 160 -71.43 23.93 -27.47
N ASN N 161 -72.14 24.15 -28.57
CA ASN N 161 -71.54 24.72 -29.77
C ASN N 161 -71.51 26.24 -29.63
N GLY N 162 -70.32 26.79 -29.36
CA GLY N 162 -70.12 28.21 -29.36
C GLY N 162 -69.43 28.67 -30.64
N LYS N 163 -69.34 29.99 -30.79
CA LYS N 163 -68.74 30.62 -31.97
C LYS N 163 -69.44 30.13 -33.24
N ASP N 164 -70.71 30.52 -33.35
CA ASP N 164 -71.56 30.07 -34.46
C ASP N 164 -70.91 30.29 -35.81
N GLY N 165 -70.11 31.34 -35.96
CA GLY N 165 -69.39 31.56 -37.20
C GLY N 165 -68.35 30.47 -37.42
N THR N 166 -68.45 29.75 -38.54
CA THR N 166 -67.60 28.64 -38.93
C THR N 166 -67.20 27.75 -37.75
N GLY N 167 -68.15 27.47 -36.87
CA GLY N 167 -67.92 26.66 -35.69
C GLY N 167 -67.97 25.18 -35.98
N SER N 168 -68.36 24.41 -34.96
CA SER N 168 -68.43 22.97 -35.07
C SER N 168 -69.76 22.54 -35.70
N HIS N 169 -69.75 21.33 -36.27
CA HIS N 169 -70.92 20.76 -36.91
C HIS N 169 -71.30 19.44 -36.23
N LEU N 170 -72.57 19.07 -36.35
CA LEU N 170 -73.07 17.83 -35.76
C LEU N 170 -73.22 16.78 -36.85
N VAL N 171 -72.74 15.57 -36.56
CA VAL N 171 -72.77 14.46 -37.51
C VAL N 171 -73.80 13.45 -37.00
N THR N 172 -74.91 13.34 -37.72
CA THR N 172 -75.96 12.38 -37.41
C THR N 172 -76.17 11.48 -38.62
N VAL N 173 -75.86 10.20 -38.45
CA VAL N 173 -75.96 9.22 -39.54
C VAL N 173 -77.24 8.43 -39.35
N PRO N 174 -78.07 8.29 -40.39
CA PRO N 174 -79.28 7.48 -40.27
C PRO N 174 -78.98 6.02 -40.50
N PRO N 175 -79.87 5.12 -40.08
CA PRO N 175 -79.64 3.69 -40.34
C PRO N 175 -79.66 3.38 -41.82
N GLY N 176 -78.84 2.40 -42.20
CA GLY N 176 -78.75 1.99 -43.58
C GLY N 176 -77.57 1.06 -43.83
N PRO N 177 -77.73 0.14 -44.78
CA PRO N 177 -76.64 -0.81 -45.07
C PRO N 177 -75.45 -0.18 -45.79
N SER N 178 -75.59 1.04 -46.31
CA SER N 178 -74.50 1.69 -46.99
C SER N 178 -73.37 2.04 -46.01
N LEU N 179 -72.19 2.28 -46.56
CA LEU N 179 -71.04 2.62 -45.74
C LEU N 179 -71.21 4.00 -45.11
N ALA N 180 -70.51 4.21 -43.99
CA ALA N 180 -70.57 5.46 -43.25
C ALA N 180 -69.48 6.44 -43.64
N ASP N 181 -68.50 6.02 -44.44
CA ASP N 181 -67.39 6.89 -44.81
C ASP N 181 -67.88 8.09 -45.60
N ALA N 182 -68.66 7.84 -46.66
CA ALA N 182 -69.17 8.93 -47.47
C ALA N 182 -70.17 9.80 -46.71
N LEU N 183 -70.80 9.26 -45.67
CA LEU N 183 -71.77 10.05 -44.90
C LEU N 183 -71.06 10.95 -43.89
N ILE N 184 -69.98 10.47 -43.28
CA ILE N 184 -69.24 11.30 -42.33
C ILE N 184 -68.25 12.22 -43.02
N SER N 185 -67.93 11.95 -44.29
CA SER N 185 -67.03 12.81 -45.06
C SER N 185 -67.74 13.98 -45.72
N SER N 186 -69.07 14.06 -45.59
CA SER N 186 -69.85 15.14 -46.18
C SER N 186 -69.57 16.49 -45.53
N PRO N 187 -69.52 16.59 -44.17
CA PRO N 187 -69.21 17.90 -43.57
C PRO N 187 -67.80 18.38 -43.88
N ILE N 188 -67.50 19.62 -43.49
CA ILE N 188 -66.19 20.20 -43.76
C ILE N 188 -65.10 19.71 -42.82
N LEU N 189 -65.48 18.99 -41.75
CA LEU N 189 -64.49 18.50 -40.80
C LEU N 189 -63.56 17.46 -41.43
N ALA N 190 -64.06 16.71 -42.42
CA ALA N 190 -63.26 15.69 -43.10
C ALA N 190 -62.74 16.31 -44.40
N GLY N 191 -61.47 16.68 -44.41
CA GLY N 191 -60.85 17.28 -45.57
C GLY N 191 -60.86 18.80 -45.55
N ALA O 1 -12.62 42.93 -29.79
CA ALA O 1 -11.51 42.65 -28.88
C ALA O 1 -11.86 43.07 -27.46
N VAL O 2 -12.52 42.17 -26.72
CA VAL O 2 -12.92 42.44 -25.35
C VAL O 2 -13.01 41.11 -24.61
N ASP O 3 -12.65 41.14 -23.33
CA ASP O 3 -12.69 39.94 -22.49
C ASP O 3 -13.15 40.33 -21.09
N THR O 4 -13.84 39.40 -20.45
CA THR O 4 -14.35 39.63 -19.10
C THR O 4 -13.88 38.53 -18.15
N ALA O 5 -14.41 38.52 -16.92
CA ALA O 5 -14.07 37.52 -15.92
C ALA O 5 -15.23 36.55 -15.79
N GLU O 6 -15.11 35.40 -16.46
CA GLU O 6 -16.15 34.39 -16.45
C GLU O 6 -15.92 33.40 -15.33
N GLN O 7 -17.01 32.78 -14.87
CA GLN O 7 -16.94 31.78 -13.81
C GLN O 7 -18.05 30.75 -14.05
N VAL O 8 -17.68 29.48 -14.05
CA VAL O 8 -18.60 28.40 -14.36
C VAL O 8 -19.33 27.97 -13.09
N TYR O 9 -20.65 28.11 -13.09
CA TYR O 9 -21.46 27.66 -11.95
C TYR O 9 -21.72 26.17 -12.08
N ILE O 10 -21.41 25.43 -11.01
CA ILE O 10 -21.55 23.97 -10.99
C ILE O 10 -22.45 23.60 -9.82
N SER O 11 -23.60 23.02 -10.13
CA SER O 11 -24.54 22.56 -9.12
C SER O 11 -24.30 21.07 -8.84
N SER O 12 -25.19 20.46 -8.06
CA SER O 12 -25.07 19.04 -7.75
C SER O 12 -25.58 18.15 -8.88
N LEU O 13 -26.36 18.69 -9.81
CA LEU O 13 -26.87 17.91 -10.93
C LEU O 13 -25.72 17.42 -11.82
N ALA O 14 -24.95 18.35 -12.38
CA ALA O 14 -23.82 17.97 -13.23
C ALA O 14 -22.76 17.22 -12.44
N LEU O 15 -22.61 17.52 -11.15
CA LEU O 15 -21.63 16.81 -10.34
C LEU O 15 -22.00 15.34 -10.18
N LEU O 16 -23.25 15.06 -9.78
CA LEU O 16 -23.67 13.67 -9.62
C LEU O 16 -23.74 12.95 -10.96
N LYS O 17 -24.10 13.66 -12.04
CA LYS O 17 -24.10 13.03 -13.36
C LYS O 17 -22.68 12.71 -13.81
N MET O 18 -21.70 13.50 -13.38
CA MET O 18 -20.30 13.16 -13.64
C MET O 18 -19.77 12.11 -12.70
N LEU O 19 -20.44 11.87 -11.56
CA LEU O 19 -20.05 10.79 -10.67
C LEU O 19 -20.58 9.45 -11.16
N LYS O 20 -21.85 9.40 -11.58
CA LYS O 20 -22.37 8.19 -12.19
C LYS O 20 -21.74 7.95 -13.55
N HIS O 21 -21.54 9.02 -14.33
CA HIS O 21 -20.85 8.90 -15.61
C HIS O 21 -19.40 8.51 -15.41
N GLY O 22 -18.80 8.89 -14.27
CA GLY O 22 -17.46 8.41 -13.96
C GLY O 22 -17.43 6.97 -13.51
N ARG O 23 -18.48 6.51 -12.82
CA ARG O 23 -18.58 5.10 -12.49
C ARG O 23 -18.75 4.25 -13.74
N ALA O 24 -19.56 4.72 -14.69
CA ALA O 24 -19.70 4.09 -15.98
C ALA O 24 -18.65 4.56 -16.98
N GLY O 25 -17.60 5.23 -16.50
CA GLY O 25 -16.55 5.74 -17.37
C GLY O 25 -15.53 4.68 -17.74
N VAL O 26 -15.91 3.77 -18.63
CA VAL O 26 -15.04 2.70 -19.11
C VAL O 26 -13.83 3.33 -19.81
N PRO O 27 -12.70 2.60 -19.93
CA PRO O 27 -11.54 3.17 -20.65
C PRO O 27 -11.86 3.61 -22.06
N MET O 28 -12.90 3.07 -22.68
CA MET O 28 -13.31 3.55 -23.99
C MET O 28 -13.73 5.02 -23.92
N GLU O 29 -13.43 5.76 -24.97
CA GLU O 29 -13.76 7.18 -25.00
C GLU O 29 -15.28 7.37 -24.99
N VAL O 30 -15.74 8.30 -24.16
CA VAL O 30 -17.16 8.54 -23.96
C VAL O 30 -17.49 9.96 -24.42
N MET O 31 -18.78 10.21 -24.59
CA MET O 31 -19.28 11.50 -25.05
C MET O 31 -20.38 11.98 -24.12
N GLY O 32 -20.48 13.30 -23.98
CA GLY O 32 -21.51 13.91 -23.16
C GLY O 32 -21.82 15.31 -23.65
N LEU O 33 -22.97 15.83 -23.21
CA LEU O 33 -23.43 17.15 -23.61
C LEU O 33 -24.00 17.88 -22.41
N MET O 34 -23.59 19.13 -22.22
CA MET O 34 -24.08 19.97 -21.15
C MET O 34 -25.04 21.03 -21.69
N LEU O 35 -26.02 21.38 -20.87
CA LEU O 35 -27.04 22.37 -21.22
C LEU O 35 -27.05 23.48 -20.18
N GLY O 36 -27.82 24.52 -20.46
CA GLY O 36 -27.93 25.63 -19.54
C GLY O 36 -28.59 26.82 -20.22
N GLU O 37 -28.42 27.99 -19.59
CA GLU O 37 -29.01 29.23 -20.08
C GLU O 37 -28.00 30.36 -19.93
N PHE O 38 -27.95 31.22 -20.94
CA PHE O 38 -27.04 32.38 -20.96
C PHE O 38 -27.82 33.61 -20.51
N VAL O 39 -27.52 34.09 -19.32
CA VAL O 39 -28.20 35.27 -18.78
C VAL O 39 -27.43 36.55 -19.07
N ASP O 40 -26.10 36.49 -19.06
CA ASP O 40 -25.27 37.66 -19.32
C ASP O 40 -23.98 37.18 -19.97
N ASP O 41 -22.95 38.05 -19.98
CA ASP O 41 -21.72 37.74 -20.69
C ASP O 41 -20.77 36.88 -19.85
N TYR O 42 -20.56 37.25 -18.59
CA TYR O 42 -19.48 36.68 -17.79
C TYR O 42 -19.97 35.65 -16.77
N THR O 43 -21.16 35.09 -16.95
CA THR O 43 -21.63 34.00 -16.10
C THR O 43 -22.24 32.91 -16.97
N VAL O 44 -22.15 31.68 -16.47
CA VAL O 44 -22.72 30.52 -17.16
C VAL O 44 -23.22 29.54 -16.12
N ARG O 45 -24.42 29.00 -16.34
CA ARG O 45 -25.05 28.07 -15.41
C ARG O 45 -25.43 26.80 -16.16
N VAL O 46 -25.07 25.65 -15.59
CA VAL O 46 -25.39 24.34 -16.16
C VAL O 46 -26.46 23.69 -15.30
N ILE O 47 -27.47 23.12 -15.94
CA ILE O 47 -28.56 22.46 -15.23
C ILE O 47 -28.75 21.04 -15.73
N ASP O 48 -28.87 20.87 -17.04
CA ASP O 48 -29.15 19.57 -17.65
C ASP O 48 -27.87 18.94 -18.16
N VAL O 49 -27.60 17.71 -17.73
CA VAL O 49 -26.43 16.95 -18.16
C VAL O 49 -26.86 15.50 -18.36
N PHE O 50 -26.60 14.95 -19.54
CA PHE O 50 -26.91 13.57 -19.86
C PHE O 50 -25.69 12.92 -20.51
N ALA O 51 -25.81 11.60 -20.73
CA ALA O 51 -24.74 10.82 -21.33
C ALA O 51 -25.06 10.48 -22.77
N MET O 52 -24.04 10.01 -23.49
CA MET O 52 -24.17 9.62 -24.89
C MET O 52 -23.70 8.18 -25.07
N PRO O 53 -24.27 7.45 -26.03
CA PRO O 53 -23.85 6.07 -26.25
C PRO O 53 -22.43 6.00 -26.79
N GLN O 54 -21.67 5.02 -26.30
CA GLN O 54 -20.29 4.86 -26.71
C GLN O 54 -20.20 4.29 -28.12
N SER O 55 -19.03 4.48 -28.73
CA SER O 55 -18.78 4.01 -30.09
C SER O 55 -17.32 3.57 -30.21
N GLY O 56 -17.05 2.76 -31.23
CA GLY O 56 -15.71 2.28 -31.45
C GLY O 56 -14.74 3.38 -31.87
N THR O 57 -15.27 4.44 -32.49
CA THR O 57 -14.40 5.53 -32.92
C THR O 57 -13.95 6.38 -31.73
N GLY O 58 -14.86 6.64 -30.79
CA GLY O 58 -14.53 7.42 -29.61
C GLY O 58 -14.94 8.87 -29.72
N VAL O 59 -14.16 9.76 -29.11
CA VAL O 59 -14.45 11.18 -29.15
C VAL O 59 -14.09 11.72 -30.53
N SER O 60 -15.11 12.08 -31.31
CA SER O 60 -14.90 12.58 -32.66
C SER O 60 -16.16 13.31 -33.11
N VAL O 61 -16.00 14.13 -34.15
CA VAL O 61 -17.14 14.86 -34.69
C VAL O 61 -18.08 13.95 -35.47
N GLU O 62 -17.57 12.83 -36.00
CA GLU O 62 -18.42 11.91 -36.75
C GLU O 62 -19.31 11.08 -35.83
N ALA O 63 -18.89 10.85 -34.59
CA ALA O 63 -19.70 10.07 -33.66
C ALA O 63 -20.93 10.83 -33.19
N VAL O 64 -20.89 12.16 -33.22
CA VAL O 64 -22.01 12.98 -32.78
C VAL O 64 -23.10 12.93 -33.86
N ASP O 65 -24.20 12.26 -33.55
CA ASP O 65 -25.30 12.13 -34.50
C ASP O 65 -26.19 13.37 -34.42
N PRO O 66 -26.30 14.16 -35.49
CA PRO O 66 -27.14 15.37 -35.41
C PRO O 66 -28.62 15.07 -35.25
N VAL O 67 -29.12 13.99 -35.83
CA VAL O 67 -30.54 13.66 -35.69
C VAL O 67 -30.84 13.12 -34.30
N PHE O 68 -29.88 12.42 -33.68
CA PHE O 68 -30.06 11.94 -32.31
C PHE O 68 -29.93 13.08 -31.31
N GLN O 69 -28.93 13.95 -31.49
CA GLN O 69 -28.78 15.10 -30.61
C GLN O 69 -29.98 16.04 -30.72
N ALA O 70 -30.35 16.41 -31.95
CA ALA O 70 -31.50 17.28 -32.13
C ALA O 70 -32.80 16.60 -31.71
N LYS O 71 -32.87 15.27 -31.83
CA LYS O 71 -34.06 14.55 -31.40
C LYS O 71 -34.21 14.60 -29.88
N MET O 72 -33.13 14.28 -29.16
CA MET O 72 -33.19 14.30 -27.70
C MET O 72 -33.40 15.72 -27.19
N LEU O 73 -32.75 16.70 -27.82
CA LEU O 73 -32.94 18.10 -27.42
C LEU O 73 -34.36 18.57 -27.70
N ASP O 74 -34.98 18.07 -28.77
CA ASP O 74 -36.38 18.40 -29.03
C ASP O 74 -37.28 17.75 -28.00
N MET O 75 -36.98 16.51 -27.62
CA MET O 75 -37.76 15.84 -26.57
C MET O 75 -37.57 16.53 -25.22
N LEU O 76 -36.45 17.22 -25.03
CA LEU O 76 -36.28 18.03 -23.82
C LEU O 76 -36.98 19.37 -23.95
N LYS O 77 -37.15 19.87 -25.17
CA LYS O 77 -37.86 21.13 -25.38
C LYS O 77 -39.37 20.96 -25.22
N GLN O 78 -39.91 19.81 -25.61
CA GLN O 78 -41.34 19.56 -25.40
C GLN O 78 -41.67 19.34 -23.94
N THR O 79 -40.68 19.00 -23.11
CA THR O 79 -40.86 18.84 -21.69
C THR O 79 -40.46 20.13 -20.97
N GLY O 80 -40.38 20.07 -19.64
CA GLY O 80 -40.05 21.24 -18.85
C GLY O 80 -38.56 21.52 -18.76
N ARG O 81 -37.85 21.44 -19.89
CA ARG O 81 -36.42 21.73 -19.97
C ARG O 81 -36.18 22.71 -21.10
N PRO O 82 -36.47 24.01 -20.89
CA PRO O 82 -36.24 25.03 -21.93
C PRO O 82 -34.84 25.63 -21.89
N GLU O 83 -33.82 24.77 -21.93
CA GLU O 83 -32.43 25.19 -21.86
C GLU O 83 -31.68 24.70 -23.09
N MET O 84 -30.81 25.56 -23.62
CA MET O 84 -29.99 25.23 -24.78
C MET O 84 -28.65 24.66 -24.32
N VAL O 85 -27.99 23.93 -25.23
CA VAL O 85 -26.71 23.32 -24.91
C VAL O 85 -25.66 24.40 -24.68
N VAL O 86 -24.73 24.12 -23.77
CA VAL O 86 -23.65 25.05 -23.45
C VAL O 86 -22.27 24.45 -23.65
N GLY O 87 -22.16 23.15 -23.88
CA GLY O 87 -20.87 22.53 -24.07
C GLY O 87 -20.98 21.03 -24.06
N TRP O 88 -19.83 20.38 -24.21
CA TRP O 88 -19.74 18.93 -24.24
C TRP O 88 -18.60 18.47 -23.34
N TYR O 89 -18.80 17.33 -22.67
CA TYR O 89 -17.83 16.81 -21.72
C TYR O 89 -17.46 15.39 -22.10
N HIS O 90 -16.37 14.90 -21.51
CA HIS O 90 -15.86 13.56 -21.78
C HIS O 90 -14.90 13.19 -20.65
N SER O 91 -14.27 12.02 -20.80
CA SER O 91 -13.34 11.50 -19.80
C SER O 91 -12.03 11.11 -20.47
N HIS O 92 -10.92 11.34 -19.77
CA HIS O 92 -9.59 11.00 -20.25
C HIS O 92 -8.90 10.13 -19.20
N PRO O 93 -9.16 8.83 -19.19
CA PRO O 93 -8.53 7.96 -18.20
C PRO O 93 -7.12 7.56 -18.59
N GLY O 94 -6.26 7.48 -17.59
CA GLY O 94 -4.91 6.97 -17.77
C GLY O 94 -3.88 7.99 -18.23
N PHE O 95 -4.01 8.48 -19.46
CA PHE O 95 -3.00 9.33 -20.07
C PHE O 95 -3.09 10.79 -19.61
N GLY O 96 -3.88 11.09 -18.59
CA GLY O 96 -3.98 12.44 -18.08
C GLY O 96 -5.19 13.18 -18.66
N CYS O 97 -5.55 14.27 -17.99
CA CYS O 97 -6.71 15.06 -18.38
C CYS O 97 -6.44 16.04 -19.51
N TRP O 98 -5.23 16.03 -20.09
CA TRP O 98 -4.92 16.94 -21.17
C TRP O 98 -5.70 16.58 -22.43
N LEU O 99 -5.74 17.52 -23.36
CA LEU O 99 -6.51 17.39 -24.60
C LEU O 99 -5.57 17.14 -25.77
N SER O 100 -5.90 16.14 -26.58
CA SER O 100 -5.10 15.80 -27.75
C SER O 100 -5.49 16.71 -28.91
N GLY O 101 -4.95 16.42 -30.11
CA GLY O 101 -5.28 17.24 -31.27
C GLY O 101 -6.70 17.03 -31.75
N VAL O 102 -7.20 15.80 -31.67
CA VAL O 102 -8.56 15.52 -32.10
C VAL O 102 -9.56 16.25 -31.19
N ASP O 103 -9.29 16.28 -29.89
CA ASP O 103 -10.20 16.93 -28.96
C ASP O 103 -10.24 18.44 -29.18
N ILE O 104 -9.11 19.05 -29.47
CA ILE O 104 -9.09 20.49 -29.76
C ILE O 104 -9.63 20.79 -31.16
N ASN O 105 -9.61 19.80 -32.06
CA ASN O 105 -10.20 20.00 -33.39
C ASN O 105 -11.72 19.94 -33.33
N THR O 106 -12.27 18.93 -32.66
CA THR O 106 -13.70 18.87 -32.47
C THR O 106 -14.21 19.95 -31.51
N GLN O 107 -13.34 20.45 -30.64
CA GLN O 107 -13.70 21.61 -29.82
C GLN O 107 -13.74 22.88 -30.66
N GLN O 108 -12.77 23.04 -31.55
CA GLN O 108 -12.78 24.17 -32.48
C GLN O 108 -13.99 24.11 -33.41
N SER O 109 -14.40 22.91 -33.80
CA SER O 109 -15.57 22.76 -34.67
C SER O 109 -16.87 22.93 -33.90
N PHE O 110 -16.90 22.56 -32.62
CA PHE O 110 -18.10 22.68 -31.81
C PHE O 110 -18.25 24.04 -31.13
N GLU O 111 -17.23 24.89 -31.18
CA GLU O 111 -17.31 26.21 -30.57
C GLU O 111 -17.76 27.28 -31.55
N ALA O 112 -18.16 26.91 -32.76
CA ALA O 112 -18.60 27.89 -33.73
C ALA O 112 -19.93 28.52 -33.35
N LEU O 113 -20.79 27.77 -32.65
CA LEU O 113 -22.09 28.28 -32.22
C LEU O 113 -21.99 29.04 -30.90
N SER O 114 -21.48 28.37 -29.86
CA SER O 114 -21.34 28.97 -28.55
C SER O 114 -19.95 29.55 -28.39
N GLU O 115 -19.87 30.84 -28.02
CA GLU O 115 -18.58 31.48 -27.84
C GLU O 115 -17.86 30.97 -26.60
N ARG O 116 -18.61 30.56 -25.58
CA ARG O 116 -17.99 30.07 -24.35
C ARG O 116 -17.39 28.68 -24.55
N ALA O 117 -18.24 27.71 -24.93
CA ALA O 117 -17.82 26.33 -25.18
C ALA O 117 -17.13 25.74 -23.95
N VAL O 118 -17.90 25.62 -22.87
CA VAL O 118 -17.38 25.07 -21.62
C VAL O 118 -17.02 23.61 -21.81
N ALA O 119 -15.82 23.23 -21.41
CA ALA O 119 -15.33 21.87 -21.53
C ALA O 119 -14.88 21.38 -20.17
N VAL O 120 -15.42 20.23 -19.74
CA VAL O 120 -15.11 19.64 -18.45
C VAL O 120 -14.70 18.19 -18.69
N VAL O 121 -13.61 17.77 -18.05
CA VAL O 121 -13.10 16.41 -18.17
C VAL O 121 -13.00 15.82 -16.77
N VAL O 122 -13.79 14.78 -16.52
CA VAL O 122 -13.78 14.08 -15.24
C VAL O 122 -12.90 12.84 -15.37
N ASP O 123 -12.14 12.53 -14.31
CA ASP O 123 -11.25 11.38 -14.30
C ASP O 123 -11.18 10.82 -12.90
N PRO O 124 -12.20 10.06 -12.48
CA PRO O 124 -12.21 9.46 -11.15
C PRO O 124 -11.49 8.12 -11.05
N ILE O 125 -10.78 7.70 -12.10
CA ILE O 125 -10.13 6.39 -12.08
C ILE O 125 -8.91 6.41 -11.15
N GLN O 126 -7.97 7.31 -11.43
CA GLN O 126 -6.77 7.42 -10.61
C GLN O 126 -6.89 8.46 -9.50
N SER O 127 -7.99 9.18 -9.44
CA SER O 127 -8.20 10.18 -8.39
C SER O 127 -8.64 9.50 -7.11
N VAL O 128 -8.01 9.87 -5.99
CA VAL O 128 -8.36 9.27 -4.71
C VAL O 128 -9.75 9.72 -4.28
N LYS O 129 -10.39 8.90 -3.44
CA LYS O 129 -11.74 9.20 -2.96
C LYS O 129 -11.76 10.30 -1.91
N GLY O 130 -10.61 10.84 -1.52
CA GLY O 130 -10.59 11.92 -0.55
C GLY O 130 -11.08 13.23 -1.13
N LYS O 131 -10.63 13.57 -2.34
CA LYS O 131 -11.01 14.80 -3.02
C LYS O 131 -11.63 14.49 -4.37
N VAL O 132 -12.63 15.27 -4.75
CA VAL O 132 -13.30 15.11 -6.04
C VAL O 132 -13.22 16.43 -6.78
N VAL O 133 -12.19 17.23 -6.47
CA VAL O 133 -12.01 18.54 -7.09
C VAL O 133 -11.84 18.36 -8.59
N ILE O 134 -12.68 19.05 -9.37
CA ILE O 134 -12.68 18.94 -10.82
C ILE O 134 -12.30 20.31 -11.39
N ASP O 135 -11.82 20.30 -12.62
CA ASP O 135 -11.36 21.51 -13.30
C ASP O 135 -12.02 21.63 -14.67
N ALA O 136 -12.35 22.85 -15.05
CA ALA O 136 -12.96 23.14 -16.33
C ALA O 136 -11.92 23.68 -17.31
N PHE O 137 -12.09 23.35 -18.58
CA PHE O 137 -11.15 23.70 -19.63
C PHE O 137 -11.74 24.75 -20.56
N ARG O 138 -10.86 25.51 -21.20
CA ARG O 138 -11.25 26.58 -22.10
C ARG O 138 -10.35 26.57 -23.33
N LEU O 139 -10.78 27.31 -24.35
CA LEU O 139 -10.04 27.44 -25.60
C LEU O 139 -9.66 28.89 -25.82
N ILE O 140 -8.39 29.13 -26.12
CA ILE O 140 -7.87 30.48 -26.34
C ILE O 140 -7.81 30.76 -27.83
N ASN O 141 -7.90 32.03 -28.19
CA ASN O 141 -7.82 32.43 -29.58
C ASN O 141 -6.38 32.40 -30.07
N ALA O 142 -6.18 31.89 -31.28
CA ALA O 142 -4.84 31.77 -31.84
C ALA O 142 -4.26 33.13 -32.23
N ASN O 143 -5.10 34.14 -32.44
CA ASN O 143 -4.63 35.47 -32.81
C ASN O 143 -4.22 36.32 -31.62
N MET O 144 -4.37 35.81 -30.40
CA MET O 144 -4.01 36.56 -29.19
C MET O 144 -2.58 36.30 -28.75
N MET O 145 -1.75 35.68 -29.60
CA MET O 145 -0.37 35.42 -29.23
C MET O 145 0.46 36.70 -29.19
N VAL O 146 0.06 37.72 -29.93
CA VAL O 146 0.80 38.98 -29.93
C VAL O 146 0.48 39.78 -28.67
N LEU O 147 -0.81 39.90 -28.33
CA LEU O 147 -1.23 40.63 -27.15
C LEU O 147 -1.11 39.69 -25.94
N GLY O 148 -1.62 40.13 -24.79
CA GLY O 148 -1.58 39.30 -23.60
C GLY O 148 -2.37 38.01 -23.78
N HIS O 149 -1.94 36.97 -23.07
CA HIS O 149 -2.57 35.66 -23.20
C HIS O 149 -4.00 35.69 -22.66
N GLU O 150 -4.15 35.98 -21.37
CA GLU O 150 -5.46 36.01 -20.71
C GLU O 150 -5.61 37.33 -19.97
N PRO O 151 -6.18 38.35 -20.62
CA PRO O 151 -6.43 39.63 -19.95
C PRO O 151 -7.72 39.60 -19.12
N ARG O 152 -7.77 38.66 -18.18
CA ARG O 152 -8.94 38.47 -17.33
C ARG O 152 -8.76 39.21 -16.01
N GLN O 153 -9.75 40.01 -15.64
CA GLN O 153 -9.71 40.74 -14.39
C GLN O 153 -10.05 39.82 -13.22
N THR O 154 -10.10 40.40 -12.02
CA THR O 154 -10.39 39.68 -10.78
C THR O 154 -9.40 38.52 -10.59
N THR O 155 -8.14 38.88 -10.40
CA THR O 155 -7.06 37.91 -10.23
C THR O 155 -7.04 37.27 -8.85
N SER O 156 -8.07 37.52 -8.04
CA SER O 156 -8.12 36.94 -6.70
C SER O 156 -8.41 35.45 -6.75
N ASN O 157 -9.33 35.03 -7.62
CA ASN O 157 -9.72 33.62 -7.70
C ASN O 157 -8.62 32.73 -8.28
N LEU O 158 -7.54 33.30 -8.81
CA LEU O 158 -6.45 32.48 -9.32
C LEU O 158 -5.77 31.70 -8.20
N GLY O 159 -5.79 32.22 -6.98
CA GLY O 159 -5.28 31.45 -5.86
C GLY O 159 -6.11 30.22 -5.59
N HIS O 160 -7.43 30.31 -5.78
CA HIS O 160 -8.30 29.14 -5.70
C HIS O 160 -8.16 28.25 -6.92
N LEU O 161 -7.74 28.80 -8.06
CA LEU O 161 -7.48 28.01 -9.25
C LEU O 161 -6.10 27.35 -9.23
N ASN O 162 -5.24 27.72 -8.29
CA ASN O 162 -3.91 27.15 -8.18
C ASN O 162 -3.88 25.84 -7.40
N LYS O 163 -5.04 25.34 -6.97
CA LYS O 163 -5.08 24.05 -6.28
C LYS O 163 -4.65 22.91 -7.18
N PRO O 164 -5.12 22.79 -8.43
CA PRO O 164 -4.51 21.80 -9.34
C PRO O 164 -3.17 22.30 -9.87
N SER O 165 -2.12 22.11 -9.06
CA SER O 165 -0.80 22.66 -9.34
C SER O 165 0.18 21.59 -9.80
N ILE O 166 -0.29 20.68 -10.65
CA ILE O 166 0.61 19.67 -11.23
C ILE O 166 1.68 20.36 -12.05
N GLN O 167 2.91 19.87 -11.92
CA GLN O 167 4.07 20.51 -12.53
C GLN O 167 4.35 20.01 -13.95
N ALA O 168 3.38 19.37 -14.59
CA ALA O 168 3.58 18.90 -15.95
C ALA O 168 2.48 19.37 -16.90
N LEU O 169 1.23 19.43 -16.45
CA LEU O 169 0.11 19.76 -17.31
C LEU O 169 -0.15 21.26 -17.37
N ILE O 170 -0.19 21.92 -16.20
CA ILE O 170 -0.55 23.34 -16.15
C ILE O 170 0.46 24.17 -16.94
N HIS O 171 1.70 24.18 -16.50
CA HIS O 171 2.77 24.84 -17.25
C HIS O 171 3.54 23.88 -18.13
N GLY O 172 3.25 22.58 -18.08
CA GLY O 172 3.79 21.66 -19.05
C GLY O 172 3.09 21.74 -20.39
N LEU O 173 1.81 22.15 -20.39
CA LEU O 173 1.05 22.35 -21.60
C LEU O 173 0.21 23.63 -21.53
N ASN O 174 0.70 24.63 -20.79
CA ASN O 174 -0.05 25.87 -20.63
C ASN O 174 -0.14 26.68 -21.90
N ARG O 175 0.74 26.44 -22.86
CA ARG O 175 0.71 27.19 -24.11
C ARG O 175 -0.55 26.87 -24.90
N HIS O 176 -1.30 27.91 -25.26
CA HIS O 176 -2.56 27.80 -25.99
C HIS O 176 -3.58 26.94 -25.25
N TYR O 177 -3.46 26.82 -23.93
CA TYR O 177 -4.33 25.92 -23.16
C TYR O 177 -4.37 26.43 -21.71
N TYR O 178 -5.47 27.09 -21.35
CA TYR O 178 -5.68 27.61 -20.01
C TYR O 178 -6.95 27.00 -19.42
N SER O 179 -7.29 27.43 -18.20
CA SER O 179 -8.42 26.90 -17.47
C SER O 179 -9.21 28.05 -16.85
N ILE O 180 -10.26 27.70 -16.10
CA ILE O 180 -11.15 28.66 -15.48
C ILE O 180 -11.55 28.14 -14.10
N THR O 181 -11.96 29.07 -13.23
CA THR O 181 -12.33 28.72 -11.87
C THR O 181 -13.70 28.05 -11.84
N ILE O 182 -13.96 27.36 -10.72
CA ILE O 182 -15.20 26.62 -10.52
C ILE O 182 -15.72 26.93 -9.12
N ASN O 183 -17.01 27.28 -9.03
CA ASN O 183 -17.68 27.50 -7.76
C ASN O 183 -18.94 26.66 -7.70
N TYR O 184 -19.51 26.58 -6.50
CA TYR O 184 -20.71 25.78 -6.26
C TYR O 184 -21.85 26.68 -5.80
N ARG O 185 -23.03 26.07 -5.66
CA ARG O 185 -24.22 26.78 -5.19
C ARG O 185 -25.18 25.76 -4.60
N LYS O 186 -25.82 26.15 -3.49
CA LYS O 186 -26.73 25.25 -2.78
C LYS O 186 -27.85 26.07 -2.17
N ASN O 187 -29.09 25.74 -2.49
CA ASN O 187 -30.25 26.39 -1.92
C ASN O 187 -30.67 25.69 -0.62
N GLU O 188 -31.76 26.17 -0.02
CA GLU O 188 -32.22 25.60 1.24
C GLU O 188 -32.83 24.22 1.05
N LEU O 189 -33.39 23.94 -0.13
CA LEU O 189 -34.02 22.65 -0.36
C LEU O 189 -32.97 21.55 -0.48
N GLU O 190 -31.84 21.84 -1.14
CA GLU O 190 -30.74 20.89 -1.19
C GLU O 190 -30.04 20.78 0.16
N GLN O 191 -29.99 21.88 0.91
CA GLN O 191 -29.30 21.86 2.21
C GLN O 191 -30.08 21.01 3.22
N LYS O 192 -31.39 21.24 3.34
CA LYS O 192 -32.19 20.51 4.32
C LYS O 192 -32.54 19.11 3.81
N MET O 193 -32.89 18.99 2.54
CA MET O 193 -33.25 17.69 1.99
C MET O 193 -32.03 16.78 1.87
N LEU O 194 -30.91 17.33 1.39
CA LEU O 194 -29.70 16.52 1.24
C LEU O 194 -28.99 16.33 2.58
N LEU O 195 -29.02 17.32 3.46
CA LEU O 195 -28.41 17.17 4.78
C LEU O 195 -29.19 16.18 5.63
N ASN O 196 -30.51 16.36 5.72
CA ASN O 196 -31.34 15.40 6.44
C ASN O 196 -31.34 14.03 5.76
N LEU O 197 -31.16 14.00 4.44
CA LEU O 197 -31.12 12.73 3.73
C LEU O 197 -29.81 11.99 4.01
N HIS O 198 -28.72 12.72 4.20
CA HIS O 198 -27.45 12.08 4.52
C HIS O 198 -27.37 11.67 5.98
N LYS O 199 -27.86 12.53 6.88
CA LYS O 199 -27.96 12.16 8.29
C LYS O 199 -28.84 10.93 8.46
N LYS O 200 -29.97 10.90 7.75
CA LYS O 200 -30.81 9.70 7.76
C LYS O 200 -30.11 8.52 7.10
N SER O 201 -29.27 8.80 6.10
CA SER O 201 -28.49 7.73 5.48
C SER O 201 -27.46 7.14 6.44
N TRP O 202 -27.06 7.90 7.46
CA TRP O 202 -26.20 7.38 8.51
C TRP O 202 -26.97 7.07 9.79
N MET O 203 -28.28 7.20 9.78
CA MET O 203 -29.14 6.90 10.93
C MET O 203 -29.97 5.66 10.63
N GLU O 204 -30.85 5.32 11.57
CA GLU O 204 -31.68 4.13 11.45
C GLU O 204 -33.02 4.48 10.81
N GLY O 205 -33.87 3.48 10.65
CA GLY O 205 -35.21 3.70 10.13
C GLY O 205 -36.09 4.44 11.13
N LEU O 206 -36.40 3.79 12.24
CA LEU O 206 -37.15 4.41 13.32
C LEU O 206 -36.25 5.14 14.31
N THR O 207 -34.93 5.03 14.16
CA THR O 207 -33.89 5.64 14.99
C THR O 207 -33.83 5.06 16.39
N LEU O 208 -34.63 4.04 16.70
CA LEU O 208 -34.58 3.38 18.00
C LEU O 208 -34.29 1.89 17.91
N GLN O 209 -33.95 1.40 16.71
CA GLN O 209 -33.79 -0.04 16.52
C GLN O 209 -32.40 -0.51 16.95
N ASP O 210 -31.35 0.01 16.32
CA ASP O 210 -30.00 -0.49 16.52
C ASP O 210 -29.32 0.07 17.77
N TYR O 211 -30.04 0.81 18.62
CA TYR O 211 -29.46 1.29 19.87
C TYR O 211 -29.34 0.17 20.88
N SER O 212 -30.45 -0.53 21.15
CA SER O 212 -30.43 -1.65 22.08
C SER O 212 -29.53 -2.78 21.61
N GLU O 213 -29.25 -2.85 20.30
CA GLU O 213 -28.33 -3.86 19.79
C GLU O 213 -26.93 -3.67 20.39
N HIS O 214 -26.44 -2.43 20.40
CA HIS O 214 -25.15 -2.16 21.00
C HIS O 214 -25.23 -2.11 22.52
N CYS O 215 -26.33 -1.56 23.05
CA CYS O 215 -26.51 -1.50 24.50
C CYS O 215 -26.50 -2.89 25.13
N LYS O 216 -27.02 -3.89 24.41
CA LYS O 216 -27.01 -5.26 24.89
C LYS O 216 -25.83 -6.07 24.39
N HIS O 217 -25.17 -5.62 23.31
CA HIS O 217 -23.92 -6.23 22.87
C HIS O 217 -22.73 -5.78 23.70
N ASN O 218 -22.88 -4.76 24.54
CA ASN O 218 -21.82 -4.37 25.45
C ASN O 218 -21.45 -5.49 26.42
N GLU O 219 -22.38 -6.40 26.69
CA GLU O 219 -22.15 -7.51 27.62
C GLU O 219 -21.73 -8.79 26.93
N SER O 220 -21.83 -8.88 25.61
CA SER O 220 -21.53 -10.10 24.88
C SER O 220 -20.32 -9.99 23.98
N VAL O 221 -20.29 -8.99 23.10
CA VAL O 221 -19.22 -8.85 22.11
C VAL O 221 -18.17 -7.84 22.54
N VAL O 222 -18.61 -6.70 23.10
CA VAL O 222 -17.68 -5.65 23.50
C VAL O 222 -16.76 -6.11 24.62
N LYS O 223 -17.19 -7.09 25.42
CA LYS O 223 -16.32 -7.62 26.47
C LYS O 223 -15.02 -8.16 25.90
N GLU O 224 -15.09 -8.78 24.71
CA GLU O 224 -13.88 -9.24 24.05
C GLU O 224 -13.00 -8.07 23.63
N MET O 225 -13.62 -6.99 23.15
CA MET O 225 -12.86 -5.80 22.79
C MET O 225 -12.30 -5.10 24.01
N LEU O 226 -12.95 -5.27 25.17
CA LEU O 226 -12.42 -4.70 26.41
C LEU O 226 -11.25 -5.52 26.94
N GLU O 227 -11.34 -6.85 26.84
CA GLU O 227 -10.22 -7.70 27.25
C GLU O 227 -9.01 -7.52 26.34
N LEU O 228 -9.24 -7.47 25.03
CA LEU O 228 -8.15 -7.20 24.10
C LEU O 228 -7.61 -5.79 24.28
N ALA O 229 -8.50 -4.83 24.56
CA ALA O 229 -8.06 -3.46 24.84
C ALA O 229 -7.16 -3.42 26.06
N LYS O 230 -7.51 -4.18 27.11
CA LYS O 230 -6.63 -4.28 28.27
C LYS O 230 -5.35 -5.04 27.94
N ASN O 231 -5.39 -5.93 26.94
CA ASN O 231 -4.19 -6.63 26.52
C ASN O 231 -3.22 -5.68 25.83
N TYR O 232 -3.74 -4.74 25.03
CA TYR O 232 -2.89 -3.73 24.43
C TYR O 232 -2.42 -2.72 25.47
N ASN O 233 -3.30 -2.40 26.43
CA ASN O 233 -2.92 -1.48 27.51
C ASN O 233 -1.75 -2.04 28.32
N LYS O 234 -1.84 -3.32 28.71
CA LYS O 234 -0.72 -3.97 29.37
C LYS O 234 0.49 -4.10 28.44
N ALA O 235 0.24 -4.33 27.15
CA ALA O 235 1.32 -4.42 26.17
C ALA O 235 2.07 -3.11 26.03
N VAL O 236 1.44 -1.98 26.39
CA VAL O 236 2.16 -0.72 26.42
C VAL O 236 2.75 -0.46 27.81
N GLU O 237 2.07 -0.87 28.87
CA GLU O 237 2.57 -0.67 30.23
C GLU O 237 3.83 -1.48 30.50
N GLU O 238 4.04 -2.59 29.78
CA GLU O 238 5.28 -3.35 29.96
C GLU O 238 6.49 -2.54 29.51
N GLU O 239 6.31 -1.63 28.56
CA GLU O 239 7.36 -0.69 28.20
C GLU O 239 7.32 0.57 29.05
N ASP O 240 6.13 0.98 29.49
CA ASP O 240 6.01 2.11 30.40
C ASP O 240 6.68 1.83 31.74
N LYS O 241 6.90 0.56 32.08
CA LYS O 241 7.70 0.24 33.26
C LYS O 241 9.17 0.52 33.01
N MET O 242 9.62 0.42 31.76
CA MET O 242 11.00 0.74 31.40
C MET O 242 11.19 2.20 31.07
N THR O 243 10.12 2.96 30.84
CA THR O 243 10.26 4.39 30.55
C THR O 243 10.89 5.20 31.69
N PRO O 244 10.56 5.00 32.96
CA PRO O 244 11.16 5.87 34.01
C PRO O 244 12.66 5.69 34.17
N GLU O 245 13.26 4.67 33.56
CA GLU O 245 14.71 4.54 33.61
C GLU O 245 15.37 5.54 32.66
N GLN O 246 15.00 5.49 31.37
CA GLN O 246 15.52 6.47 30.43
C GLN O 246 15.11 7.88 30.82
N LEU O 247 13.83 8.06 31.16
CA LEU O 247 13.37 9.36 31.65
C LEU O 247 14.05 9.76 32.95
N ALA O 248 14.62 8.80 33.68
CA ALA O 248 15.38 9.09 34.87
C ALA O 248 16.88 9.16 34.62
N ILE O 249 17.32 9.04 33.36
CA ILE O 249 18.74 9.09 33.05
C ILE O 249 19.05 10.29 32.15
N LYS O 250 18.38 10.38 31.00
CA LYS O 250 18.73 11.41 30.01
C LYS O 250 17.95 12.70 30.21
N ASN O 251 16.62 12.63 30.13
CA ASN O 251 15.72 13.78 30.24
C ASN O 251 15.96 14.83 29.16
N VAL O 252 16.77 14.54 28.16
CA VAL O 252 17.10 15.48 27.10
C VAL O 252 16.77 14.83 25.76
N GLY O 253 15.86 15.45 25.02
CA GLY O 253 15.51 14.97 23.70
C GLY O 253 14.53 13.80 23.74
N LYS O 254 13.84 13.63 22.61
CA LYS O 254 12.87 12.54 22.43
C LYS O 254 13.29 11.71 21.22
N GLN O 255 13.40 10.41 21.42
CA GLN O 255 13.83 9.49 20.37
C GLN O 255 12.71 8.59 19.86
N ASP O 256 11.73 8.27 20.69
CA ASP O 256 10.64 7.39 20.27
C ASP O 256 9.51 8.24 19.68
N PRO O 257 9.16 8.04 18.40
CA PRO O 257 8.07 8.84 17.81
C PRO O 257 6.69 8.52 18.38
N LYS O 258 6.56 7.50 19.21
CA LYS O 258 5.27 7.14 19.78
C LYS O 258 4.95 8.06 20.96
N ARG O 259 3.69 8.49 21.02
CA ARG O 259 3.25 9.40 22.08
C ARG O 259 2.74 8.67 23.31
N HIS O 260 2.18 7.48 23.15
CA HIS O 260 1.70 6.62 24.24
C HIS O 260 0.57 7.25 25.04
N LEU O 261 0.04 8.39 24.60
CA LEU O 261 -1.02 9.09 25.32
C LEU O 261 -2.33 9.15 24.55
N GLU O 262 -2.30 9.63 23.31
CA GLU O 262 -3.53 9.76 22.53
C GLU O 262 -4.15 8.40 22.21
N GLU O 263 -3.32 7.36 22.12
CA GLU O 263 -3.85 6.01 21.91
C GLU O 263 -4.66 5.56 23.13
N HIS O 264 -4.13 5.79 24.33
CA HIS O 264 -4.87 5.46 25.54
C HIS O 264 -6.11 6.34 25.68
N VAL O 265 -6.04 7.60 25.24
CA VAL O 265 -7.22 8.45 25.24
C VAL O 265 -8.28 7.87 24.32
N ASP O 266 -7.88 7.35 23.15
CA ASP O 266 -8.82 6.71 22.24
C ASP O 266 -9.39 5.44 22.87
N VAL O 267 -8.58 4.70 23.61
CA VAL O 267 -9.08 3.53 24.32
C VAL O 267 -10.14 3.94 25.34
N LEU O 268 -9.93 5.07 26.02
CA LEU O 268 -10.94 5.58 26.94
C LEU O 268 -12.20 6.02 26.19
N MET O 269 -12.03 6.55 24.98
CA MET O 269 -13.20 6.93 24.18
C MET O 269 -14.02 5.72 23.79
N THR O 270 -13.35 4.63 23.41
CA THR O 270 -14.06 3.38 23.12
C THR O 270 -14.65 2.77 24.38
N SER O 271 -14.06 3.05 25.55
CA SER O 271 -14.57 2.52 26.81
C SER O 271 -15.73 3.33 27.36
N ASN O 272 -15.89 4.58 26.94
CA ASN O 272 -16.99 5.42 27.41
C ASN O 272 -18.33 5.04 26.81
N ILE O 273 -18.36 4.10 25.86
CA ILE O 273 -19.63 3.65 25.29
C ILE O 273 -20.49 2.98 26.35
N VAL O 274 -19.86 2.26 27.29
CA VAL O 274 -20.61 1.64 28.37
C VAL O 274 -21.27 2.69 29.25
N GLN O 275 -20.54 3.77 29.55
CA GLN O 275 -21.10 4.83 30.38
C GLN O 275 -22.21 5.58 29.65
N CYS O 276 -22.02 5.85 28.36
CA CYS O 276 -23.02 6.61 27.61
C CYS O 276 -24.28 5.79 27.35
N LEU O 277 -24.14 4.48 27.18
CA LEU O 277 -25.30 3.61 26.94
C LEU O 277 -25.91 3.07 28.22
N ALA O 278 -25.24 3.24 29.37
CA ALA O 278 -25.85 2.84 30.64
C ALA O 278 -27.12 3.61 30.91
N ALA O 279 -27.11 4.93 30.65
CA ALA O 279 -28.32 5.72 30.79
C ALA O 279 -29.36 5.32 29.76
N MET O 280 -28.92 4.85 28.58
CA MET O 280 -29.87 4.37 27.58
C MET O 280 -30.59 3.13 28.08
N LEU O 281 -29.86 2.19 28.66
CA LEU O 281 -30.50 1.03 29.29
C LEU O 281 -31.37 1.44 30.47
N ASP O 282 -30.99 2.52 31.16
CA ASP O 282 -31.83 3.02 32.24
C ASP O 282 -33.14 3.58 31.71
N THR O 283 -33.12 4.17 30.51
CA THR O 283 -34.37 4.68 29.92
C THR O 283 -35.22 3.56 29.34
N VAL O 284 -34.58 2.55 28.75
CA VAL O 284 -35.33 1.42 28.20
C VAL O 284 -35.96 0.61 29.32
N VAL O 285 -35.23 0.42 30.43
CA VAL O 285 -35.78 -0.32 31.56
C VAL O 285 -36.83 0.53 32.29
N PHE O 286 -36.54 1.82 32.48
CA PHE O 286 -37.47 2.70 33.17
C PHE O 286 -38.79 2.82 32.41
N LYS O 287 -38.76 3.38 31.22
CA LYS O 287 -39.94 3.51 30.37
C LYS O 287 -39.61 3.24 28.92
N TYR P 82 -17.75 31.31 88.57
CA TYR P 82 -16.99 30.07 88.49
C TYR P 82 -15.93 30.14 87.40
N PHE P 83 -16.33 30.60 86.21
CA PHE P 83 -15.41 30.74 85.09
C PHE P 83 -14.90 32.17 85.07
N ASP P 84 -13.75 32.40 85.69
CA ASP P 84 -13.16 33.73 85.77
C ASP P 84 -11.65 33.61 85.56
N TYR P 85 -11.04 34.72 85.13
CA TYR P 85 -9.61 34.73 84.89
C TYR P 85 -8.83 34.76 86.20
N LYS P 86 -9.31 35.53 87.17
CA LYS P 86 -8.64 35.64 88.46
C LYS P 86 -8.91 34.39 89.29
N GLU P 87 -7.85 33.69 89.67
CA GLU P 87 -7.96 32.48 90.47
C GLU P 87 -7.97 32.75 91.97
N GLN P 88 -7.99 34.02 92.38
CA GLN P 88 -7.99 34.36 93.80
C GLN P 88 -9.32 34.04 94.48
N LEU P 89 -10.38 33.79 93.72
CA LEU P 89 -11.68 33.48 94.30
C LEU P 89 -11.63 32.13 95.00
N PRO P 90 -11.91 32.04 96.29
CA PRO P 90 -11.87 30.75 96.98
C PRO P 90 -13.00 29.85 96.52
N GLU P 91 -12.70 28.55 96.43
CA GLU P 91 -13.69 27.58 96.01
C GLU P 91 -14.71 27.35 97.11
N SER P 92 -15.99 27.52 96.77
CA SER P 92 -17.07 27.32 97.73
C SER P 92 -17.31 25.84 97.98
N ALA P 93 -17.80 25.52 99.18
CA ALA P 93 -18.10 24.13 99.53
C ALA P 93 -19.26 23.58 98.73
N TYR P 94 -20.14 24.43 98.22
CA TYR P 94 -21.28 24.00 97.42
C TYR P 94 -21.05 24.12 95.93
N MET P 95 -19.82 24.47 95.52
CA MET P 95 -19.52 24.58 94.09
C MET P 95 -19.67 23.23 93.40
N HIS P 96 -19.09 22.17 93.98
CA HIS P 96 -19.25 20.84 93.42
C HIS P 96 -20.68 20.36 93.48
N GLN P 97 -21.48 20.89 94.41
CA GLN P 97 -22.89 20.52 94.48
C GLN P 97 -23.67 21.16 93.34
N LEU P 98 -23.45 22.46 93.10
CA LEU P 98 -24.14 23.13 92.00
C LEU P 98 -23.69 22.59 90.65
N LEU P 99 -22.40 22.29 90.51
CA LEU P 99 -21.93 21.63 89.30
C LEU P 99 -22.49 20.21 89.19
N GLY P 100 -22.73 19.56 90.32
CA GLY P 100 -23.40 18.27 90.28
C GLY P 100 -24.82 18.37 89.78
N LEU P 101 -25.54 19.42 90.18
CA LEU P 101 -26.87 19.65 89.63
C LEU P 101 -26.80 20.04 88.16
N ASN P 102 -25.72 20.71 87.74
CA ASN P 102 -25.57 21.03 86.33
C ASN P 102 -25.34 19.77 85.50
N LEU P 103 -24.53 18.84 86.01
CA LEU P 103 -24.35 17.57 85.33
C LEU P 103 -25.63 16.74 85.34
N LEU P 104 -26.41 16.85 86.42
CA LEU P 104 -27.71 16.18 86.47
C LEU P 104 -28.66 16.75 85.42
N PHE P 105 -28.61 18.06 85.20
CA PHE P 105 -29.46 18.67 84.19
C PHE P 105 -29.01 18.31 82.79
N LEU P 106 -27.69 18.31 82.55
CA LEU P 106 -27.18 17.95 81.23
C LEU P 106 -27.47 16.49 80.90
N LEU P 107 -27.32 15.60 81.88
CA LEU P 107 -27.61 14.19 81.64
C LEU P 107 -29.11 13.95 81.54
N SER P 108 -29.92 14.79 82.21
CA SER P 108 -31.37 14.64 82.12
C SER P 108 -31.90 15.13 80.77
N GLN P 109 -31.30 16.16 80.20
CA GLN P 109 -31.73 16.73 78.94
C GLN P 109 -31.11 16.04 77.73
N ASN P 110 -30.60 14.81 77.90
CA ASN P 110 -30.00 14.04 76.82
C ASN P 110 -28.81 14.77 76.20
N ARG P 111 -28.10 15.56 76.99
CA ARG P 111 -26.92 16.30 76.55
C ARG P 111 -25.63 15.61 76.98
N VAL P 112 -25.62 14.27 76.96
CA VAL P 112 -24.46 13.51 77.44
C VAL P 112 -23.22 13.78 76.61
N ALA P 113 -23.37 14.31 75.39
CA ALA P 113 -22.21 14.68 74.60
C ALA P 113 -21.47 15.85 75.24
N GLU P 114 -22.20 16.84 75.74
CA GLU P 114 -21.58 17.94 76.47
C GLU P 114 -20.93 17.45 77.75
N PHE P 115 -21.42 16.34 78.30
CA PHE P 115 -20.76 15.71 79.44
C PHE P 115 -19.45 15.05 79.02
N HIS P 116 -19.45 14.36 77.87
CA HIS P 116 -18.24 13.72 77.40
C HIS P 116 -17.16 14.75 77.07
N THR P 117 -17.54 15.87 76.46
CA THR P 117 -16.58 16.94 76.20
C THR P 117 -16.32 17.79 77.44
N GLU P 118 -17.13 17.64 78.49
CA GLU P 118 -16.95 18.39 79.73
C GLU P 118 -16.13 17.63 80.76
N LEU P 119 -15.90 16.32 80.56
CA LEU P 119 -15.13 15.52 81.49
C LEU P 119 -13.65 15.91 81.56
N GLU P 120 -13.23 16.94 80.83
CA GLU P 120 -11.83 17.35 80.82
C GLU P 120 -11.50 18.35 81.92
N ARG P 121 -12.40 19.31 82.18
CA ARG P 121 -12.12 20.37 83.13
C ARG P 121 -12.43 19.98 84.58
N LEU P 122 -13.34 19.03 84.79
CA LEU P 122 -13.76 18.68 86.15
C LEU P 122 -12.71 17.93 86.97
N PRO P 123 -11.84 17.06 86.39
CA PRO P 123 -10.89 16.35 87.24
C PRO P 123 -9.81 17.26 87.81
N ALA P 124 -10.16 18.06 88.81
CA ALA P 124 -9.22 18.93 89.48
C ALA P 124 -8.65 18.34 90.76
N LYS P 125 -9.18 17.20 91.21
CA LYS P 125 -8.74 16.53 92.44
C LYS P 125 -8.83 17.48 93.64
N ASP P 126 -10.05 17.97 93.89
CA ASP P 126 -10.28 18.86 95.02
C ASP P 126 -10.53 18.08 96.30
N ILE P 127 -11.42 17.08 96.25
CA ILE P 127 -11.76 16.28 97.42
C ILE P 127 -11.45 14.82 97.14
N GLN P 128 -12.13 14.25 96.14
CA GLN P 128 -11.88 12.90 95.64
C GLN P 128 -12.09 11.81 96.68
N THR P 129 -12.58 12.16 97.88
CA THR P 129 -12.89 11.18 98.90
C THR P 129 -14.37 11.08 99.21
N ASN P 130 -15.18 12.05 98.79
CA ASN P 130 -16.62 11.98 98.98
C ASN P 130 -17.27 11.19 97.85
N VAL P 131 -18.36 10.50 98.18
CA VAL P 131 -19.07 9.70 97.18
C VAL P 131 -19.77 10.59 96.16
N TYR P 132 -20.05 11.85 96.51
CA TYR P 132 -20.73 12.75 95.59
C TYR P 132 -19.83 13.27 94.49
N ILE P 133 -18.50 13.24 94.69
CA ILE P 133 -17.59 13.68 93.64
C ILE P 133 -17.51 12.66 92.52
N LYS P 134 -17.42 11.37 92.88
CA LYS P 134 -17.35 10.29 91.90
C LYS P 134 -18.72 9.73 91.55
N HIS P 135 -19.79 10.25 92.16
CA HIS P 135 -21.13 9.73 91.88
C HIS P 135 -21.58 10.01 90.44
N PRO P 136 -21.43 11.23 89.90
CA PRO P 136 -21.92 11.44 88.52
C PRO P 136 -21.17 10.64 87.47
N VAL P 137 -19.85 10.48 87.63
CA VAL P 137 -19.08 9.75 86.62
C VAL P 137 -19.34 8.26 86.72
N SER P 138 -19.56 7.74 87.93
CA SER P 138 -19.85 6.32 88.09
C SER P 138 -21.27 6.00 87.64
N LEU P 139 -22.21 6.90 87.91
CA LEU P 139 -23.59 6.68 87.47
C LEU P 139 -23.71 6.83 85.95
N GLU P 140 -22.97 7.77 85.38
CA GLU P 140 -22.96 7.92 83.92
C GLU P 140 -22.24 6.76 83.25
N GLN P 141 -21.18 6.25 83.87
CA GLN P 141 -20.51 5.07 83.34
C GLN P 141 -21.39 3.84 83.42
N TYR P 142 -22.18 3.72 84.51
CA TYR P 142 -23.17 2.64 84.58
C TYR P 142 -24.27 2.84 83.55
N LEU P 143 -24.58 4.09 83.21
CA LEU P 143 -25.55 4.35 82.15
C LEU P 143 -25.00 3.91 80.80
N MET P 144 -23.71 4.14 80.57
CA MET P 144 -23.10 3.66 79.32
C MET P 144 -23.00 2.14 79.30
N GLU P 145 -22.80 1.51 80.46
CA GLU P 145 -22.75 0.05 80.51
C GLU P 145 -24.14 -0.55 80.36
N GLY P 146 -25.18 0.16 80.80
CA GLY P 146 -26.54 -0.31 80.68
C GLY P 146 -27.04 -1.16 81.83
N SER P 147 -26.21 -1.42 82.83
CA SER P 147 -26.62 -2.23 83.98
C SER P 147 -27.55 -1.40 84.86
N TYR P 148 -28.84 -1.70 84.81
CA TYR P 148 -29.82 -0.99 85.62
C TYR P 148 -30.01 -1.60 87.01
N ASN P 149 -29.68 -2.87 87.18
CA ASN P 149 -29.81 -3.50 88.49
C ASN P 149 -28.83 -2.92 89.50
N LYS P 150 -27.65 -2.48 89.04
CA LYS P 150 -26.68 -1.88 89.94
C LYS P 150 -27.18 -0.55 90.50
N VAL P 151 -27.98 0.19 89.73
CA VAL P 151 -28.51 1.46 90.21
C VAL P 151 -29.63 1.22 91.22
N PHE P 152 -30.53 0.28 90.92
CA PHE P 152 -31.63 0.00 91.84
C PHE P 152 -31.12 -0.61 93.14
N LEU P 153 -30.19 -1.55 93.06
CA LEU P 153 -29.60 -2.12 94.27
C LEU P 153 -28.69 -1.13 94.97
N ALA P 154 -28.14 -0.18 94.23
CA ALA P 154 -27.29 0.86 94.79
C ALA P 154 -28.07 2.10 95.20
N LYS P 155 -29.39 2.06 95.15
CA LYS P 155 -30.19 3.21 95.55
C LYS P 155 -30.04 3.48 97.06
N GLY P 156 -29.90 2.42 97.86
CA GLY P 156 -29.71 2.57 99.27
C GLY P 156 -28.30 2.92 99.71
N ASN P 157 -27.38 3.07 98.77
CA ASN P 157 -26.01 3.44 99.07
C ASN P 157 -25.80 4.95 99.14
N ILE P 158 -26.74 5.73 98.65
CA ILE P 158 -26.61 7.19 98.70
C ILE P 158 -26.75 7.66 100.14
N PRO P 159 -25.90 8.58 100.62
CA PRO P 159 -26.01 9.04 102.00
C PRO P 159 -27.22 9.91 102.26
N ALA P 160 -27.32 10.47 103.46
CA ALA P 160 -28.46 11.28 103.87
C ALA P 160 -28.58 12.58 103.08
N GLU P 161 -27.68 12.80 102.13
CA GLU P 161 -27.74 13.98 101.27
C GLU P 161 -29.09 14.04 100.56
N SER P 162 -29.67 15.24 100.53
CA SER P 162 -31.07 15.43 100.19
C SER P 162 -31.36 15.51 98.70
N TYR P 163 -30.47 14.96 97.86
CA TYR P 163 -30.72 14.90 96.42
C TYR P 163 -31.14 13.52 95.95
N THR P 164 -31.53 12.64 96.88
CA THR P 164 -32.02 11.32 96.49
C THR P 164 -33.30 11.43 95.70
N PHE P 165 -34.19 12.36 96.07
CA PHE P 165 -35.40 12.59 95.29
C PHE P 165 -35.06 13.12 93.90
N PHE P 166 -33.99 13.91 93.78
CA PHE P 166 -33.54 14.33 92.46
C PHE P 166 -32.98 13.17 91.65
N ILE P 167 -32.35 12.20 92.32
CA ILE P 167 -31.94 10.99 91.63
C ILE P 167 -33.16 10.22 91.14
N ASP P 168 -34.23 10.21 91.95
CA ASP P 168 -35.48 9.61 91.50
C ASP P 168 -36.08 10.36 90.32
N ILE P 169 -35.87 11.68 90.27
CA ILE P 169 -36.29 12.44 89.09
C ILE P 169 -35.46 12.05 87.89
N LEU P 170 -34.16 11.79 88.09
CA LEU P 170 -33.32 11.31 87.01
C LEU P 170 -33.81 9.96 86.48
N LEU P 171 -34.16 9.05 87.38
CA LEU P 171 -34.77 7.79 86.95
C LEU P 171 -36.09 8.03 86.25
N ASP P 172 -36.82 9.09 86.64
CA ASP P 172 -38.09 9.39 86.00
C ASP P 172 -37.90 9.96 84.60
N THR P 173 -36.75 10.59 84.33
CA THR P 173 -36.49 11.15 83.01
C THR P 173 -35.64 10.24 82.14
N ILE P 174 -35.10 9.15 82.69
CA ILE P 174 -34.40 8.15 81.88
C ILE P 174 -35.18 6.85 81.76
N ARG P 175 -36.28 6.69 82.50
CA ARG P 175 -37.09 5.48 82.37
C ARG P 175 -37.70 5.36 80.98
N ASP P 176 -37.93 6.48 80.30
CA ASP P 176 -38.45 6.43 78.94
C ASP P 176 -37.39 5.99 77.94
N GLU P 177 -36.12 6.31 78.21
CA GLU P 177 -35.04 5.90 77.32
C GLU P 177 -34.64 4.45 77.56
N ILE P 178 -34.52 4.04 78.82
CA ILE P 178 -34.17 2.65 79.13
C ILE P 178 -35.32 1.73 78.77
N ALA P 179 -36.54 2.08 79.21
CA ALA P 179 -37.71 1.27 78.87
C ALA P 179 -38.03 1.35 77.38
N GLY P 180 -37.72 2.47 76.74
CA GLY P 180 -37.94 2.59 75.31
C GLY P 180 -36.96 1.77 74.50
N CYS P 181 -35.70 1.67 74.95
CA CYS P 181 -34.71 0.88 74.24
C CYS P 181 -34.85 -0.61 74.51
N ILE P 182 -35.28 -0.99 75.73
CA ILE P 182 -35.45 -2.40 76.04
C ILE P 182 -36.73 -2.97 75.42
N GLU P 183 -37.70 -2.13 75.10
CA GLU P 183 -38.94 -2.55 74.47
C GLU P 183 -38.99 -2.20 72.98
N LYS P 184 -37.84 -2.26 72.30
CA LYS P 184 -37.80 -1.93 70.88
C LYS P 184 -38.61 -2.92 70.05
N ALA P 185 -38.70 -4.17 70.51
CA ALA P 185 -39.51 -5.20 69.87
C ALA P 185 -39.10 -5.42 68.41
N TYR P 186 -37.87 -5.92 68.25
CA TYR P 186 -37.37 -6.25 66.92
C TYR P 186 -38.18 -7.38 66.29
N GLU P 187 -38.20 -8.55 66.94
CA GLU P 187 -38.98 -9.68 66.46
C GLU P 187 -40.10 -10.05 67.44
N LYS P 188 -39.77 -10.35 68.69
CA LYS P 188 -40.75 -10.69 69.71
C LYS P 188 -40.05 -10.78 71.05
N ILE P 189 -40.80 -10.44 72.11
CA ILE P 189 -40.31 -10.55 73.48
C ILE P 189 -41.48 -11.03 74.35
N LEU P 190 -41.17 -11.87 75.33
CA LEU P 190 -42.19 -12.44 76.20
C LEU P 190 -42.29 -11.63 77.48
N PHE P 191 -43.48 -11.67 78.09
CA PHE P 191 -43.74 -10.87 79.29
C PHE P 191 -42.95 -11.35 80.50
N THR P 192 -42.52 -12.61 80.51
CA THR P 192 -41.78 -13.14 81.66
C THR P 192 -40.47 -12.41 81.90
N GLU P 193 -39.92 -11.75 80.87
CA GLU P 193 -38.75 -10.91 81.05
C GLU P 193 -39.14 -9.48 81.40
N ALA P 194 -40.19 -8.95 80.78
CA ALA P 194 -40.65 -7.61 81.09
C ALA P 194 -41.09 -7.47 82.53
N THR P 195 -41.49 -8.57 83.18
CA THR P 195 -41.80 -8.52 84.60
C THR P 195 -40.57 -8.14 85.42
N ARG P 196 -39.40 -8.61 85.00
CA ARG P 196 -38.16 -8.30 85.71
C ARG P 196 -37.52 -6.99 85.26
N ILE P 197 -37.46 -6.74 83.95
CA ILE P 197 -36.85 -5.50 83.46
C ILE P 197 -37.71 -4.30 83.83
N LEU P 198 -39.02 -4.38 83.59
CA LEU P 198 -39.90 -3.26 83.84
C LEU P 198 -40.07 -3.03 85.34
N PHE P 199 -40.86 -2.02 85.69
CA PHE P 199 -41.07 -1.64 87.07
C PHE P 199 -42.09 -2.57 87.73
N PHE P 200 -42.60 -2.17 88.90
CA PHE P 200 -43.49 -3.00 89.68
C PHE P 200 -44.83 -3.24 88.96
N ASN P 201 -45.70 -4.03 89.57
CA ASN P 201 -46.96 -4.44 88.96
C ASN P 201 -47.95 -3.29 88.79
N THR P 202 -47.58 -2.07 89.16
CA THR P 202 -48.47 -0.92 88.98
C THR P 202 -48.72 -0.69 87.49
N PRO P 203 -49.97 -0.76 87.01
CA PRO P 203 -50.27 -0.68 85.58
C PRO P 203 -50.09 0.72 84.97
N LYS P 204 -48.91 1.30 85.14
CA LYS P 204 -48.60 2.58 84.54
C LYS P 204 -47.95 2.43 83.17
N LYS P 205 -47.05 1.46 83.01
CA LYS P 205 -46.38 1.28 81.73
C LYS P 205 -47.29 0.61 80.71
N MET P 206 -48.08 -0.38 81.15
CA MET P 206 -49.00 -1.06 80.23
C MET P 206 -50.16 -0.16 79.81
N THR P 207 -50.41 0.92 80.55
CA THR P 207 -51.47 1.86 80.19
C THR P 207 -50.93 3.04 79.38
N ASP P 208 -49.84 3.65 79.84
CA ASP P 208 -49.28 4.79 79.12
C ASP P 208 -48.64 4.36 77.81
N TYR P 209 -47.98 3.19 77.80
CA TYR P 209 -47.34 2.71 76.58
C TYR P 209 -48.34 2.19 75.57
N ALA P 210 -49.54 1.80 76.00
CA ALA P 210 -50.57 1.38 75.06
C ALA P 210 -51.13 2.55 74.27
N LYS P 211 -51.13 3.75 74.86
CA LYS P 211 -51.56 4.96 74.17
C LYS P 211 -50.40 5.74 73.58
N LYS P 212 -49.16 5.41 73.94
CA LYS P 212 -47.99 6.08 73.40
C LYS P 212 -47.42 5.33 72.19
N ARG P 213 -47.12 4.04 72.37
CA ARG P 213 -46.59 3.24 71.27
C ARG P 213 -47.68 2.87 70.28
N GLY P 214 -48.84 2.45 70.79
CA GLY P 214 -49.94 2.07 69.92
C GLY P 214 -49.71 0.75 69.20
N TRP P 215 -49.52 -0.32 69.98
CA TRP P 215 -49.29 -1.65 69.44
C TRP P 215 -50.46 -2.56 69.81
N VAL P 216 -50.35 -3.82 69.39
CA VAL P 216 -51.38 -4.82 69.63
C VAL P 216 -51.03 -5.60 70.89
N LEU P 217 -52.06 -6.02 71.62
CA LEU P 217 -51.90 -6.80 72.85
C LEU P 217 -52.48 -8.20 72.61
N GLY P 218 -51.60 -9.20 72.56
CA GLY P 218 -52.02 -10.56 72.33
C GLY P 218 -52.28 -11.31 73.62
N PRO P 219 -52.28 -12.64 73.55
CA PRO P 219 -52.51 -13.44 74.76
C PRO P 219 -51.32 -13.43 75.71
N ASN P 220 -51.21 -12.35 76.51
CA ASN P 220 -50.10 -12.17 77.45
C ASN P 220 -48.76 -12.18 76.72
N ASN P 221 -48.71 -11.52 75.57
CA ASN P 221 -47.49 -11.46 74.78
C ASN P 221 -47.51 -10.16 73.97
N TYR P 222 -46.33 -9.64 73.68
CA TYR P 222 -46.16 -8.41 72.94
C TYR P 222 -45.71 -8.75 71.52
N TYR P 223 -46.56 -8.45 70.54
CA TYR P 223 -46.27 -8.72 69.15
C TYR P 223 -45.59 -7.52 68.50
N SER P 224 -44.73 -7.80 67.52
CA SER P 224 -43.96 -6.78 66.81
C SER P 224 -44.30 -6.86 65.33
N PHE P 225 -44.79 -5.75 64.78
CA PHE P 225 -45.14 -5.65 63.37
C PHE P 225 -44.27 -4.59 62.70
N ALA P 226 -44.35 -4.54 61.36
CA ALA P 226 -43.60 -3.60 60.55
C ALA P 226 -42.10 -3.72 60.80
N SER P 227 -41.62 -4.96 60.90
CA SER P 227 -40.21 -5.25 61.15
C SER P 227 -39.64 -5.95 59.92
N GLN P 228 -38.75 -5.27 59.20
CA GLN P 228 -38.13 -5.79 57.99
C GLN P 228 -39.17 -6.18 56.94
N GLN P 229 -40.29 -5.47 56.90
CA GLN P 229 -41.36 -5.73 55.95
C GLN P 229 -41.34 -4.77 54.77
N GLN P 230 -40.39 -3.83 54.74
CA GLN P 230 -40.33 -2.85 53.66
C GLN P 230 -39.99 -3.54 52.34
N LYS P 231 -40.73 -3.21 51.29
CA LYS P 231 -40.51 -3.78 49.98
C LYS P 231 -39.35 -3.05 49.28
N PRO P 232 -38.44 -3.79 48.65
CA PRO P 232 -37.33 -3.15 47.94
C PRO P 232 -37.82 -2.34 46.74
N GLU P 233 -36.93 -1.52 46.22
CA GLU P 233 -37.27 -0.62 45.13
C GLU P 233 -37.47 -1.40 43.83
N ASP P 234 -38.16 -0.76 42.89
CA ASP P 234 -38.44 -1.35 41.58
C ASP P 234 -37.33 -1.11 40.58
N THR P 235 -36.19 -0.59 41.02
CA THR P 235 -35.03 -0.27 40.19
C THR P 235 -35.33 0.78 39.13
N THR P 236 -36.45 1.50 39.26
CA THR P 236 -36.80 2.55 38.31
C THR P 236 -36.19 3.90 38.68
N ILE P 237 -36.37 4.33 39.93
CA ILE P 237 -35.78 5.59 40.38
C ILE P 237 -34.25 5.55 40.39
N PRO P 238 -33.59 4.52 40.94
CA PRO P 238 -32.13 4.48 40.87
C PRO P 238 -31.58 4.46 39.46
N SER P 239 -32.35 3.93 38.50
CA SER P 239 -31.92 4.02 37.10
C SER P 239 -32.00 5.45 36.59
N THR P 240 -33.00 6.21 37.02
CA THR P 240 -33.11 7.61 36.61
C THR P 240 -31.99 8.44 37.24
N GLU P 241 -31.70 8.22 38.52
CA GLU P 241 -30.60 8.96 39.14
C GLU P 241 -29.25 8.50 38.59
N LEU P 242 -29.17 7.26 38.11
CA LEU P 242 -27.96 6.83 37.42
C LEU P 242 -27.83 7.53 36.07
N ALA P 243 -28.95 7.74 35.38
CA ALA P 243 -28.92 8.50 34.13
C ALA P 243 -28.50 9.94 34.37
N LYS P 244 -29.02 10.56 35.44
CA LYS P 244 -28.60 11.91 35.79
C LYS P 244 -27.13 11.95 36.15
N GLN P 245 -26.64 10.91 36.83
CA GLN P 245 -25.21 10.84 37.13
C GLN P 245 -24.38 10.69 35.86
N VAL P 246 -24.90 9.99 34.85
CA VAL P 246 -24.22 9.92 33.57
C VAL P 246 -24.20 11.28 32.90
N ILE P 247 -25.30 12.04 33.02
CA ILE P 247 -25.32 13.40 32.48
C ILE P 247 -24.27 14.25 33.17
N GLU P 248 -24.12 14.11 34.49
CA GLU P 248 -23.07 14.82 35.22
C GLU P 248 -21.68 14.32 34.85
N TYR P 249 -21.57 13.07 34.39
CA TYR P 249 -20.27 12.55 33.97
C TYR P 249 -19.86 13.12 32.61
N ALA P 250 -20.81 13.24 31.69
CA ALA P 250 -20.52 13.94 30.44
C ALA P 250 -20.27 15.42 30.68
N ARG P 251 -20.96 16.01 31.66
CA ARG P 251 -20.74 17.41 32.01
C ARG P 251 -19.32 17.64 32.53
N GLN P 252 -18.99 17.02 33.66
CA GLN P 252 -17.71 17.30 34.32
C GLN P 252 -16.55 16.69 33.53
N LEU P 253 -16.73 15.49 32.98
CA LEU P 253 -15.67 14.90 32.16
C LEU P 253 -15.50 15.67 30.85
N GLU P 254 -16.60 16.22 30.31
CA GLU P 254 -16.54 17.07 29.12
C GLU P 254 -17.26 18.39 29.45
N MET P 255 -16.50 19.31 30.04
CA MET P 255 -16.95 20.68 30.25
C MET P 255 -16.04 21.69 29.57
N ILE P 256 -14.74 21.62 29.81
CA ILE P 256 -13.80 22.50 29.13
C ILE P 256 -13.62 22.05 27.68
N VAL P 257 -13.54 20.74 27.46
CA VAL P 257 -13.40 20.14 26.13
C VAL P 257 -12.13 20.62 25.45
N VAL Q 1 10.39 -9.11 58.03
CA VAL Q 1 9.13 -8.42 57.80
C VAL Q 1 8.39 -8.20 59.12
N TRP Q 2 8.23 -6.93 59.49
CA TRP Q 2 7.55 -6.59 60.74
C TRP Q 2 6.04 -6.64 60.63
N GLU Q 3 5.50 -6.84 59.43
CA GLU Q 3 4.05 -6.92 59.27
C GLU Q 3 3.49 -8.19 59.89
N ASP Q 4 4.20 -9.31 59.74
CA ASP Q 4 3.73 -10.57 60.30
C ASP Q 4 3.92 -10.64 61.81
N ASN Q 5 4.80 -9.81 62.38
CA ASN Q 5 5.04 -9.83 63.81
C ASN Q 5 3.84 -9.37 64.62
N TRP Q 6 2.84 -8.76 63.99
CA TRP Q 6 1.63 -8.37 64.71
C TRP Q 6 0.74 -9.57 65.02
N ASP Q 7 0.57 -10.47 64.05
CA ASP Q 7 -0.19 -11.69 64.29
C ASP Q 7 0.62 -12.71 65.08
N ASP Q 8 1.91 -12.87 64.73
CA ASP Q 8 2.75 -13.80 65.47
C ASP Q 8 2.93 -13.35 66.91
N ASP Q 9 3.03 -12.05 67.15
CA ASP Q 9 3.08 -11.53 68.50
C ASP Q 9 1.71 -11.56 69.16
N ASN Q 10 0.63 -11.51 68.36
CA ASN Q 10 -0.72 -11.55 68.92
C ASN Q 10 -1.03 -12.93 69.48
N VAL Q 11 -0.80 -13.98 68.69
CA VAL Q 11 -1.09 -15.33 69.14
C VAL Q 11 0.01 -15.83 70.07
N GLU Q 12 1.28 -15.55 69.74
CA GLU Q 12 2.39 -15.98 70.58
C GLU Q 12 2.32 -15.32 71.96
N ASP Q 13 2.18 -14.00 71.99
CA ASP Q 13 2.03 -13.30 73.26
C ASP Q 13 0.70 -13.63 73.92
N ASP Q 14 -0.34 -13.90 73.13
CA ASP Q 14 -1.64 -14.24 73.71
C ASP Q 14 -1.58 -15.57 74.45
N PHE Q 15 -0.77 -16.50 73.95
CA PHE Q 15 -0.62 -17.81 74.60
C PHE Q 15 0.54 -17.85 75.58
N SER Q 16 1.19 -16.71 75.83
CA SER Q 16 2.33 -16.70 76.75
C SER Q 16 1.90 -16.95 78.20
N ASN Q 17 0.67 -16.56 78.55
CA ASN Q 17 0.20 -16.75 79.91
C ASN Q 17 -0.05 -18.23 80.21
N GLN Q 18 -0.97 -18.84 79.46
CA GLN Q 18 -1.31 -20.24 79.63
C GLN Q 18 -1.45 -20.90 78.27
N LEU Q 19 -1.49 -22.24 78.29
CA LEU Q 19 -1.62 -23.08 77.09
C LEU Q 19 -0.74 -22.60 75.95
N ARG Q 20 0.55 -22.44 76.28
CA ARG Q 20 1.51 -21.96 75.29
C ARG Q 20 1.64 -22.93 74.12
N ALA Q 21 2.10 -24.14 74.39
CA ALA Q 21 2.26 -25.13 73.33
C ALA Q 21 0.95 -25.84 73.02
N GLU Q 22 0.39 -26.55 74.00
CA GLU Q 22 -0.88 -27.26 73.95
C GLU Q 22 -0.84 -28.46 73.00
N LEU Q 23 0.24 -28.66 72.25
CA LEU Q 23 0.32 -29.82 71.36
C LEU Q 23 0.64 -31.10 72.12
N GLU Q 24 1.41 -31.01 73.20
CA GLU Q 24 1.71 -32.17 74.02
C GLU Q 24 0.55 -32.59 74.90
N LYS Q 25 -0.45 -31.72 75.08
CA LYS Q 25 -1.59 -32.02 75.93
C LYS Q 25 -2.71 -32.74 75.19
N HIS Q 26 -2.76 -32.64 73.85
CA HIS Q 26 -3.80 -33.32 73.09
C HIS Q 26 -3.70 -34.83 73.24
N GLY Q 27 -2.49 -35.37 73.33
CA GLY Q 27 -2.33 -36.80 73.53
C GLY Q 27 -2.96 -37.30 74.81
N TYR Q 28 -3.02 -36.44 75.84
CA TYR Q 28 -3.72 -36.77 77.08
C TYR Q 28 -5.18 -36.37 77.04
N LYS Q 29 -5.57 -35.45 76.16
CA LYS Q 29 -6.95 -35.02 76.04
C LYS Q 29 -7.77 -35.87 75.08
N MET Q 30 -7.13 -36.79 74.34
CA MET Q 30 -7.88 -37.65 73.42
C MET Q 30 -8.75 -38.63 74.19
N GLU Q 31 -8.19 -39.28 75.21
CA GLU Q 31 -8.94 -40.26 75.98
C GLU Q 31 -9.86 -39.62 77.01
N THR Q 32 -9.57 -38.38 77.43
CA THR Q 32 -10.38 -37.69 78.43
C THR Q 32 -11.41 -36.74 77.82
N SER Q 33 -11.30 -36.41 76.54
CA SER Q 33 -12.24 -35.49 75.90
C SER Q 33 -12.46 -35.88 74.44
N LEU R 1 91.00 48.18 13.22
CA LEU R 1 92.07 48.47 12.28
C LEU R 1 91.75 47.92 10.89
N TYR R 2 91.56 46.61 10.82
CA TYR R 2 91.25 45.93 9.56
C TYR R 2 89.74 45.81 9.38
N ARG R 3 89.08 46.97 9.29
CA ARG R 3 87.64 46.99 9.10
C ARG R 3 87.15 46.41 7.76
N PRO R 4 87.93 46.38 6.67
CA PRO R 4 87.44 45.69 5.46
C PRO R 4 87.22 44.21 5.67
N ALA R 5 87.87 43.59 6.67
CA ALA R 5 87.58 42.18 6.95
C ALA R 5 86.24 42.01 7.64
N LEU R 6 85.87 42.95 8.52
CA LEU R 6 84.57 42.87 9.18
C LEU R 6 83.44 43.28 8.24
N GLU R 7 83.70 44.22 7.32
CA GLU R 7 82.72 44.53 6.30
C GLU R 7 82.57 43.39 5.30
N GLU R 8 83.68 42.71 4.98
CA GLU R 8 83.62 41.57 4.08
C GLU R 8 82.87 40.40 4.72
N LEU R 9 83.07 40.19 6.02
CA LEU R 9 82.32 39.15 6.71
C LEU R 9 80.85 39.53 6.86
N ARG R 10 80.56 40.81 7.08
CA ARG R 10 79.17 41.24 7.23
C ARG R 10 78.41 41.11 5.92
N ARG R 11 79.01 41.56 4.81
CA ARG R 11 78.39 41.32 3.51
C ARG R 11 78.42 39.84 3.13
N GLN R 12 79.31 39.07 3.74
CA GLN R 12 79.36 37.63 3.47
C GLN R 12 78.17 36.92 4.11
N ILE R 13 77.83 37.27 5.35
CA ILE R 13 76.71 36.61 6.01
C ILE R 13 75.38 37.21 5.55
N ARG R 14 75.30 38.53 5.41
CA ARG R 14 74.08 39.16 4.92
C ARG R 14 73.80 38.74 3.47
N SER R 15 74.85 38.66 2.65
CA SER R 15 74.70 38.08 1.33
C SER R 15 74.51 36.57 1.37
N SER R 16 74.84 35.94 2.50
CA SER R 16 74.73 34.50 2.60
C SER R 16 73.30 34.05 2.88
N THR R 17 72.61 34.71 3.82
CA THR R 17 71.26 34.27 4.16
C THR R 17 70.19 35.03 3.36
N THR R 18 70.12 36.35 3.52
CA THR R 18 69.16 37.16 2.77
C THR R 18 69.43 38.66 2.95
N SER R 19 69.27 39.42 1.87
CA SER R 19 69.31 40.88 1.86
C SER R 19 69.01 41.34 0.44
N MET R 20 68.38 42.51 0.33
CA MET R 20 68.04 43.07 -0.97
C MET R 20 68.83 44.33 -1.33
N THR R 21 69.25 45.13 -0.35
CA THR R 21 69.98 46.35 -0.62
C THR R 21 71.25 46.44 0.23
N SER R 22 71.27 45.71 1.36
CA SER R 22 72.37 45.80 2.30
C SER R 22 73.59 45.00 1.88
N VAL R 23 73.53 44.26 0.78
CA VAL R 23 74.66 43.43 0.35
C VAL R 23 75.75 44.29 -0.29
N PRO R 24 75.48 45.11 -1.30
CA PRO R 24 76.58 45.81 -1.98
C PRO R 24 77.12 47.02 -1.23
N LYS R 25 76.52 47.41 -0.12
CA LYS R 25 76.97 48.60 0.61
C LYS R 25 78.34 48.36 1.25
N PRO R 26 78.58 47.23 1.93
CA PRO R 26 79.94 46.97 2.43
C PRO R 26 80.98 46.84 1.33
N LEU R 27 80.58 46.60 0.09
CA LEU R 27 81.53 46.53 -1.02
C LEU R 27 81.80 47.90 -1.62
N LYS R 28 80.78 48.76 -1.71
CA LYS R 28 81.00 50.13 -2.19
C LYS R 28 81.68 50.99 -1.15
N PHE R 29 81.56 50.66 0.13
CA PHE R 29 82.33 51.32 1.17
C PHE R 29 83.63 50.60 1.50
N LEU R 30 83.76 49.33 1.08
CA LEU R 30 84.93 48.54 1.43
C LEU R 30 86.14 48.86 0.57
N ARG R 31 85.93 49.31 -0.67
CA ARG R 31 87.00 49.50 -1.64
C ARG R 31 87.72 48.17 -1.84
N PRO R 32 87.11 47.23 -2.58
CA PRO R 32 87.63 45.85 -2.68
C PRO R 32 89.13 45.75 -2.90
N HIS R 33 89.79 44.98 -2.03
CA HIS R 33 91.24 44.81 -2.07
C HIS R 33 91.53 43.40 -1.56
N TYR R 34 92.80 43.14 -1.24
CA TYR R 34 93.23 41.85 -0.71
C TYR R 34 92.91 40.71 -1.68
N ASN R 49 91.62 31.87 -11.71
CA ASN R 49 90.35 31.18 -11.50
C ASN R 49 90.46 30.17 -10.36
N LYS R 50 89.81 30.46 -9.25
CA LYS R 50 89.82 29.60 -8.08
C LYS R 50 88.39 29.33 -7.64
N ARG R 51 88.24 28.38 -6.71
CA ARG R 51 86.92 28.04 -6.20
C ARG R 51 86.33 29.19 -5.38
N PHE R 52 87.12 29.73 -4.45
CA PHE R 52 86.63 30.83 -3.63
C PHE R 52 86.39 32.08 -4.47
N ALA R 53 87.27 32.34 -5.43
CA ALA R 53 87.09 33.51 -6.30
C ALA R 53 85.84 33.39 -7.15
N ALA R 54 85.54 32.18 -7.62
CA ALA R 54 84.30 31.98 -8.36
C ALA R 54 83.09 32.07 -7.44
N ASP R 55 83.25 31.68 -6.18
CA ASP R 55 82.13 31.73 -5.23
C ASP R 55 81.76 33.17 -4.89
N ILE R 56 82.72 33.93 -4.33
CA ILE R 56 82.42 35.29 -3.90
C ILE R 56 82.47 36.31 -5.03
N ILE R 57 82.99 35.92 -6.20
CA ILE R 57 83.06 36.83 -7.33
C ILE R 57 81.98 36.50 -8.35
N SER R 58 81.93 35.25 -8.80
CA SER R 58 81.09 34.91 -9.94
C SER R 58 79.61 35.04 -9.61
N VAL R 59 79.11 34.24 -8.67
CA VAL R 59 77.69 34.26 -8.37
C VAL R 59 77.36 35.36 -7.37
N LEU R 60 78.22 35.56 -6.36
CA LEU R 60 77.94 36.58 -5.36
C LEU R 60 78.16 37.98 -5.90
N ALA R 61 79.13 38.17 -6.80
CA ALA R 61 79.30 39.45 -7.47
C ALA R 61 78.43 39.57 -8.71
N MET R 62 77.94 38.45 -9.24
CA MET R 62 76.99 38.51 -10.35
C MET R 62 75.62 38.99 -9.87
N THR R 63 75.09 38.34 -8.83
CA THR R 63 73.85 38.82 -8.24
C THR R 63 74.07 40.11 -7.45
N MET R 64 75.25 40.26 -6.85
CA MET R 64 75.57 41.46 -6.08
C MET R 64 75.59 42.69 -6.97
N SER R 65 76.41 42.66 -8.02
CA SER R 65 76.45 43.76 -8.97
C SER R 65 75.15 43.85 -9.79
N GLY R 66 74.41 42.75 -9.91
CA GLY R 66 73.13 42.81 -10.59
C GLY R 66 72.11 43.62 -9.81
N GLU R 67 71.99 43.37 -8.51
CA GLU R 67 71.06 44.14 -7.68
C GLU R 67 71.58 45.53 -7.35
N ARG R 68 72.90 45.73 -7.37
CA ARG R 68 73.43 47.08 -7.20
C ARG R 68 73.19 47.93 -8.45
N GLU R 69 73.41 47.36 -9.63
CA GLU R 69 73.11 48.09 -10.86
C GLU R 69 71.61 48.25 -11.09
N CYS R 70 70.81 47.32 -10.57
CA CYS R 70 69.36 47.45 -10.70
C CYS R 70 68.81 48.50 -9.75
N LEU R 71 69.26 48.47 -8.48
CA LEU R 71 68.76 49.43 -7.50
C LEU R 71 69.29 50.83 -7.79
N LYS R 72 70.54 50.94 -8.24
CA LYS R 72 71.09 52.24 -8.58
C LYS R 72 70.73 52.70 -9.98
N TYR R 73 70.21 51.80 -10.82
CA TYR R 73 69.73 52.18 -12.15
C TYR R 73 68.27 52.60 -12.12
N ARG R 74 67.45 51.97 -11.27
CA ARG R 74 66.06 52.34 -11.14
C ARG R 74 65.81 53.37 -10.05
N LEU R 75 66.75 53.51 -9.10
CA LEU R 75 66.58 54.49 -8.02
C LEU R 75 66.98 55.88 -8.47
N VAL R 76 68.25 56.05 -8.85
CA VAL R 76 68.77 57.33 -9.30
C VAL R 76 69.07 57.26 -10.79
N GLY R 77 68.92 58.39 -11.47
CA GLY R 77 69.17 58.45 -12.90
C GLY R 77 69.39 59.87 -13.40
N ALA R 94 76.97 57.72 -10.26
CA ALA R 94 78.28 58.03 -9.70
C ALA R 94 79.34 57.11 -10.28
N GLY R 95 80.59 57.28 -9.82
CA GLY R 95 81.68 56.46 -10.30
C GLY R 95 81.81 55.12 -9.62
N GLU R 96 81.13 54.93 -8.48
CA GLU R 96 81.21 53.65 -7.77
C GLU R 96 80.59 52.53 -8.60
N VAL R 97 79.41 52.76 -9.16
CA VAL R 97 78.76 51.74 -9.99
C VAL R 97 79.51 51.54 -11.30
N ALA R 98 80.25 52.56 -11.76
CA ALA R 98 81.06 52.38 -12.96
C ALA R 98 82.29 51.52 -12.68
N LYS R 99 82.94 51.73 -11.53
CA LYS R 99 84.10 50.92 -11.18
C LYS R 99 83.68 49.49 -10.84
N GLU R 100 82.55 49.32 -10.15
CA GLU R 100 82.07 47.98 -9.85
C GLU R 100 81.56 47.28 -11.10
N TRP R 101 80.97 48.03 -12.04
CA TRP R 101 80.44 47.42 -13.25
C TRP R 101 81.54 47.08 -14.25
N GLN R 102 82.61 47.87 -14.28
CA GLN R 102 83.76 47.51 -15.11
C GLN R 102 84.60 46.42 -14.46
N GLU R 103 84.63 46.38 -13.13
CA GLU R 103 85.28 45.27 -12.45
C GLU R 103 84.52 43.96 -12.67
N LEU R 104 83.18 44.04 -12.72
CA LEU R 104 82.40 42.89 -13.14
C LEU R 104 82.60 42.58 -14.62
N ASP R 105 82.85 43.61 -15.43
CA ASP R 105 83.09 43.39 -16.85
C ASP R 105 84.37 42.59 -17.08
N ASP R 106 85.47 43.01 -16.45
CA ASP R 106 86.72 42.27 -16.60
C ASP R 106 86.66 40.94 -15.87
N ALA R 107 86.02 40.89 -14.71
CA ALA R 107 85.92 39.64 -13.96
C ALA R 107 85.17 38.58 -14.75
N GLU R 108 84.09 38.98 -15.42
CA GLU R 108 83.36 38.04 -16.25
C GLU R 108 83.99 37.85 -17.62
N LYS R 109 84.90 38.75 -18.02
CA LYS R 109 85.74 38.46 -19.17
C LYS R 109 86.80 37.41 -18.84
N VAL R 110 87.16 37.27 -17.57
CA VAL R 110 88.02 36.17 -17.15
C VAL R 110 87.20 34.90 -16.94
N GLN R 111 85.99 35.03 -16.38
CA GLN R 111 85.14 33.86 -16.19
C GLN R 111 84.60 33.34 -17.52
N ARG R 112 84.41 34.24 -18.50
CA ARG R 112 84.07 33.88 -19.88
C ARG R 112 82.68 33.25 -19.99
N GLU R 113 81.72 33.71 -19.20
CA GLU R 113 80.32 33.35 -19.42
C GLU R 113 79.61 34.53 -20.06
N PRO R 114 79.51 34.59 -21.39
CA PRO R 114 78.94 35.77 -22.04
C PRO R 114 77.43 35.91 -21.91
N LEU R 115 76.69 34.80 -22.07
CA LEU R 115 75.25 34.90 -22.25
C LEU R 115 74.56 35.30 -20.95
N LEU R 116 74.88 34.64 -19.84
CA LEU R 116 74.18 34.91 -18.58
C LEU R 116 74.63 36.24 -17.98
N THR R 117 75.94 36.48 -17.93
CA THR R 117 76.44 37.71 -17.34
C THR R 117 76.05 38.92 -18.17
N LEU R 118 76.19 38.83 -19.50
CA LEU R 118 75.79 39.93 -20.36
C LEU R 118 74.28 40.16 -20.28
N VAL R 119 73.49 39.08 -20.36
CA VAL R 119 72.03 39.24 -20.30
C VAL R 119 71.59 39.76 -18.93
N LYS R 120 72.43 39.62 -17.91
CA LYS R 120 72.11 40.23 -16.62
C LYS R 120 72.51 41.71 -16.60
N GLU R 121 73.65 42.06 -17.20
CA GLU R 121 74.11 43.43 -17.26
C GLU R 121 73.65 44.17 -18.51
N ILE R 122 72.54 43.74 -19.11
CA ILE R 122 71.98 44.48 -20.24
C ILE R 122 71.45 45.84 -19.79
N VAL R 123 70.62 45.85 -18.75
CA VAL R 123 69.86 47.04 -18.36
C VAL R 123 70.75 48.17 -17.85
N PRO R 124 71.97 47.92 -17.31
CA PRO R 124 72.73 49.14 -17.04
C PRO R 124 73.24 49.81 -18.31
N LEU R 138 77.88 55.63 -24.07
CA LEU R 138 76.95 54.65 -23.49
C LEU R 138 77.71 53.60 -22.71
N LEU R 139 77.11 53.13 -21.61
CA LEU R 139 77.74 52.11 -20.79
C LEU R 139 77.82 50.77 -21.53
N MET R 140 76.74 50.39 -22.23
CA MET R 140 76.76 49.16 -22.99
C MET R 140 77.71 49.23 -24.17
N GLU R 141 77.90 50.43 -24.74
CA GLU R 141 78.83 50.59 -25.85
C GLU R 141 80.26 50.34 -25.39
N ILE R 142 80.72 51.08 -24.37
CA ILE R 142 82.07 50.89 -23.87
C ILE R 142 82.25 49.51 -23.24
N GLU R 143 81.17 48.90 -22.78
CA GLU R 143 81.25 47.55 -22.24
C GLU R 143 81.50 46.53 -23.35
N GLN R 144 80.72 46.62 -24.43
CA GLN R 144 80.87 45.66 -25.52
C GLN R 144 82.20 45.87 -26.26
N VAL R 145 82.56 47.12 -26.55
CA VAL R 145 83.85 47.35 -27.18
C VAL R 145 84.99 47.09 -26.20
N ASP R 146 84.69 47.08 -24.90
CA ASP R 146 85.68 46.67 -23.90
C ASP R 146 85.81 45.16 -23.81
N MET R 147 84.80 44.41 -24.25
CA MET R 147 84.82 42.96 -24.23
C MET R 147 85.10 42.33 -25.59
N LEU R 148 84.64 42.95 -26.67
CA LEU R 148 84.79 42.39 -28.02
C LEU R 148 86.21 42.61 -28.51
N GLU R 149 87.11 41.75 -28.04
CA GLU R 149 88.50 41.74 -28.52
C GLU R 149 88.86 40.42 -29.19
N LYS R 150 88.61 39.29 -28.53
CA LYS R 150 88.95 37.99 -29.07
C LYS R 150 87.73 37.16 -29.46
N ASP R 151 86.74 37.08 -28.58
CA ASP R 151 85.52 36.31 -28.86
C ASP R 151 84.71 37.01 -29.94
N ILE R 152 84.61 36.39 -31.10
CA ILE R 152 83.87 36.97 -32.22
C ILE R 152 82.52 36.27 -32.37
N ASP R 153 82.54 34.96 -32.57
CA ASP R 153 81.32 34.21 -32.79
C ASP R 153 80.52 33.99 -31.52
N GLU R 154 81.17 34.02 -30.36
CA GLU R 154 80.45 33.81 -29.10
C GLU R 154 79.63 35.05 -28.74
N ASN R 155 80.29 36.21 -28.66
CA ASN R 155 79.56 37.44 -28.32
C ASN R 155 78.71 37.91 -29.48
N ALA R 156 79.20 37.74 -30.72
CA ALA R 156 78.42 38.16 -31.88
C ALA R 156 77.22 37.26 -32.09
N TYR R 157 77.45 35.95 -32.24
CA TYR R 157 76.35 35.03 -32.51
C TYR R 157 75.42 34.91 -31.31
N ALA R 158 75.97 34.71 -30.11
CA ALA R 158 75.15 34.55 -28.92
C ALA R 158 74.56 35.89 -28.48
N LYS R 159 75.43 36.86 -28.18
CA LYS R 159 74.97 38.14 -27.67
C LYS R 159 74.08 38.86 -28.68
N VAL R 160 74.46 38.83 -29.96
CA VAL R 160 73.64 39.51 -30.96
C VAL R 160 72.41 38.68 -31.30
N CYS R 161 72.47 37.35 -31.15
CA CYS R 161 71.30 36.53 -31.44
C CYS R 161 70.22 36.70 -30.38
N LEU R 162 70.53 36.36 -29.12
CA LEU R 162 69.51 36.45 -28.07
C LEU R 162 69.27 37.89 -27.64
N TYR R 163 70.30 38.74 -27.72
CA TYR R 163 70.12 40.14 -27.34
C TYR R 163 69.50 40.96 -28.47
N LEU R 164 69.64 40.51 -29.72
CA LEU R 164 68.92 41.16 -30.81
C LEU R 164 67.48 40.70 -30.86
N THR R 165 67.24 39.40 -30.64
CA THR R 165 65.87 38.90 -30.60
C THR R 165 65.11 39.49 -29.42
N SER R 166 65.70 39.42 -28.22
CA SER R 166 65.08 40.03 -27.05
C SER R 166 65.13 41.56 -27.12
N CYS R 167 66.02 42.11 -27.94
CA CYS R 167 66.09 43.56 -28.08
C CYS R 167 65.00 44.10 -28.98
N VAL R 168 64.62 43.34 -30.02
CA VAL R 168 63.49 43.73 -30.85
C VAL R 168 62.16 43.28 -30.24
N ASN R 169 62.18 42.28 -29.36
CA ASN R 169 60.94 41.79 -28.76
C ASN R 169 60.56 42.60 -27.52
N TYR R 170 61.49 42.76 -26.59
CA TYR R 170 61.21 43.38 -25.29
C TYR R 170 61.89 44.73 -25.07
N VAL R 171 63.14 44.86 -25.47
CA VAL R 171 63.89 46.10 -25.20
C VAL R 171 63.33 47.22 -26.07
N PRO R 172 63.17 48.44 -25.54
CA PRO R 172 62.64 49.54 -26.36
C PRO R 172 63.61 50.00 -27.43
N GLU R 173 63.22 51.04 -28.18
CA GLU R 173 64.02 51.49 -29.32
C GLU R 173 65.29 52.24 -28.92
N PRO R 174 65.26 53.19 -27.97
CA PRO R 174 66.48 53.98 -27.71
C PRO R 174 67.68 53.15 -27.27
N GLU R 175 67.47 51.94 -26.75
CA GLU R 175 68.60 51.06 -26.50
C GLU R 175 68.96 50.24 -27.73
N ASN R 176 67.98 49.94 -28.58
CA ASN R 176 68.26 49.26 -29.84
C ASN R 176 69.12 50.13 -30.75
N SER R 177 68.97 51.46 -30.65
CA SER R 177 69.85 52.35 -31.40
C SER R 177 71.30 52.21 -30.92
N ALA R 178 71.49 51.99 -29.62
CA ALA R 178 72.83 51.72 -29.11
C ALA R 178 73.31 50.35 -29.55
N LEU R 179 72.40 49.39 -29.71
CA LEU R 179 72.77 48.11 -30.32
C LEU R 179 73.24 48.30 -31.76
N LEU R 180 72.63 49.25 -32.47
CA LEU R 180 72.96 49.46 -33.88
C LEU R 180 74.27 50.24 -34.04
N ARG R 181 74.53 51.18 -33.13
CA ARG R 181 75.78 51.94 -33.21
C ARG R 181 76.96 51.15 -32.68
N CYS R 182 76.80 50.53 -31.50
CA CYS R 182 77.89 49.71 -30.97
C CYS R 182 78.09 48.45 -31.82
N ALA R 183 77.01 47.88 -32.36
CA ALA R 183 77.17 46.79 -33.30
C ALA R 183 77.77 47.26 -34.61
N LEU R 184 77.54 48.52 -34.98
CA LEU R 184 78.24 49.11 -36.11
C LEU R 184 79.73 49.20 -35.84
N GLY R 185 80.12 49.46 -34.59
CA GLY R 185 81.52 49.53 -34.23
C GLY R 185 82.20 48.17 -34.19
N VAL R 186 81.70 47.28 -33.34
CA VAL R 186 82.34 45.97 -33.18
C VAL R 186 82.19 45.13 -34.44
N PHE R 187 81.11 45.33 -35.20
CA PHE R 187 80.96 44.62 -36.47
C PHE R 187 81.68 45.33 -37.61
N ARG R 188 81.98 46.62 -37.47
CA ARG R 188 82.79 47.30 -38.47
C ARG R 188 84.26 46.94 -38.32
N LYS R 189 84.73 46.74 -37.08
CA LYS R 189 86.10 46.33 -36.86
C LYS R 189 86.32 44.84 -37.09
N PHE R 190 85.26 44.05 -37.16
CA PHE R 190 85.35 42.60 -37.30
C PHE R 190 84.84 42.17 -38.67
N SER R 191 84.77 40.84 -38.85
CA SER R 191 84.34 40.23 -40.09
C SER R 191 82.83 40.05 -40.10
N ARG R 192 82.34 39.19 -41.00
CA ARG R 192 80.91 38.90 -41.16
C ARG R 192 80.15 40.18 -41.56
N PHE R 193 80.46 40.64 -42.77
CA PHE R 193 79.80 41.81 -43.34
C PHE R 193 78.28 41.70 -43.43
N PRO R 194 77.66 40.59 -43.85
CA PRO R 194 76.21 40.61 -44.09
C PRO R 194 75.37 40.93 -42.85
N GLU R 195 75.85 40.65 -41.64
CA GLU R 195 75.09 41.07 -40.47
C GLU R 195 75.19 42.58 -40.26
N ALA R 196 76.31 43.18 -40.65
CA ALA R 196 76.39 44.62 -40.71
C ALA R 196 75.50 45.17 -41.81
N LEU R 197 75.27 44.39 -42.87
CA LEU R 197 74.29 44.77 -43.88
C LEU R 197 72.88 44.72 -43.31
N ARG R 198 72.62 43.79 -42.39
CA ARG R 198 71.36 43.85 -41.65
C ARG R 198 71.31 45.09 -40.76
N LEU R 199 72.44 45.48 -40.19
CA LEU R 199 72.52 46.75 -39.48
C LEU R 199 72.27 47.93 -40.39
N ALA R 200 72.52 47.78 -41.70
CA ALA R 200 72.12 48.79 -42.67
C ALA R 200 70.65 48.68 -43.04
N LEU R 201 70.06 47.49 -42.88
CA LEU R 201 68.62 47.35 -43.06
C LEU R 201 67.86 48.02 -41.93
N MET R 202 68.39 47.98 -40.70
CA MET R 202 67.73 48.61 -39.58
C MET R 202 68.14 50.07 -39.41
N LEU R 203 69.36 50.45 -39.79
CA LEU R 203 69.82 51.82 -39.67
C LEU R 203 69.47 52.69 -40.87
N ASN R 204 69.48 52.12 -42.08
CA ASN R 204 69.24 52.87 -43.31
C ASN R 204 70.19 54.06 -43.42
N ASP R 205 71.49 53.78 -43.29
CA ASP R 205 72.53 54.79 -43.32
C ASP R 205 73.43 54.57 -44.53
N MET R 206 73.86 55.67 -45.14
CA MET R 206 74.71 55.59 -46.33
C MET R 206 76.19 55.40 -46.01
N GLU R 207 76.63 55.83 -44.82
CA GLU R 207 78.03 55.61 -44.44
C GLU R 207 78.30 54.15 -44.15
N LEU R 208 77.28 53.41 -43.72
CA LEU R 208 77.45 51.98 -43.48
C LEU R 208 77.61 51.22 -44.79
N VAL R 209 76.79 51.56 -45.80
CA VAL R 209 76.90 50.88 -47.09
C VAL R 209 78.14 51.35 -47.85
N GLU R 210 78.58 52.58 -47.61
CA GLU R 210 79.82 53.05 -48.23
C GLU R 210 81.03 52.35 -47.60
N ASP R 211 81.04 52.25 -46.26
CA ASP R 211 82.15 51.56 -45.59
C ASP R 211 82.14 50.07 -45.87
N ILE R 212 80.96 49.48 -46.08
CA ILE R 212 80.90 48.06 -46.44
C ILE R 212 81.12 47.83 -47.92
N PHE R 213 81.07 48.89 -48.74
CA PHE R 213 81.47 48.77 -50.13
C PHE R 213 82.96 48.97 -50.34
N THR R 214 83.60 49.87 -49.57
CA THR R 214 85.05 49.96 -49.62
C THR R 214 85.72 48.84 -48.84
N SER R 215 85.05 48.28 -47.83
CA SER R 215 85.58 47.16 -47.07
C SER R 215 85.25 45.82 -47.73
N CYS R 216 84.07 45.72 -48.35
CA CYS R 216 83.77 44.56 -49.18
C CYS R 216 84.52 44.59 -50.50
N LYS R 217 84.93 45.77 -50.95
CA LYS R 217 85.77 45.87 -52.14
C LYS R 217 87.23 45.63 -51.82
N ASP R 218 87.70 46.08 -50.65
CA ASP R 218 89.09 45.83 -50.26
C ASP R 218 89.33 44.34 -50.01
N VAL R 219 88.34 43.64 -49.49
CA VAL R 219 88.45 42.21 -49.22
C VAL R 219 87.45 41.52 -50.15
N VAL R 220 87.92 41.05 -51.30
CA VAL R 220 87.07 40.39 -52.27
C VAL R 220 86.82 38.94 -51.86
N MET R 228 79.15 35.69 -53.20
CA MET R 228 79.85 36.09 -54.42
C MET R 228 79.54 37.53 -54.79
N LEU R 229 79.95 37.95 -55.98
CA LEU R 229 79.70 39.31 -56.44
C LEU R 229 78.24 39.50 -56.78
N GLY R 230 77.72 38.72 -57.73
CA GLY R 230 76.32 38.84 -58.11
C GLY R 230 75.37 38.52 -56.98
N ARG R 231 75.76 37.61 -56.09
CA ARG R 231 74.90 37.27 -54.96
C ARG R 231 74.80 38.41 -53.97
N HIS R 232 75.94 38.98 -53.57
CA HIS R 232 75.91 40.10 -52.64
C HIS R 232 75.32 41.34 -53.30
N GLY R 233 75.29 41.41 -54.62
CA GLY R 233 74.49 42.41 -55.28
C GLY R 233 73.00 42.11 -55.18
N VAL R 234 72.64 40.83 -55.23
CA VAL R 234 71.23 40.44 -55.15
C VAL R 234 70.66 40.78 -53.79
N PHE R 235 71.20 40.17 -52.72
CA PHE R 235 70.67 40.51 -51.41
C PHE R 235 71.16 41.89 -50.94
N LEU R 236 72.15 42.47 -51.61
CA LEU R 236 72.47 43.87 -51.38
C LEU R 236 71.28 44.76 -51.77
N GLU R 237 70.75 44.56 -52.98
CA GLU R 237 69.62 45.37 -53.41
C GLU R 237 68.33 44.96 -52.72
N LEU R 238 68.22 43.68 -52.32
CA LEU R 238 67.03 43.24 -51.59
C LEU R 238 67.01 43.80 -50.18
N SER R 239 68.19 43.93 -49.55
CA SER R 239 68.25 44.40 -48.17
C SER R 239 68.05 45.92 -48.08
N GLU R 240 68.51 46.67 -49.08
CA GLU R 240 68.40 48.12 -49.04
C GLU R 240 66.99 48.58 -49.38
N ASP R 241 66.55 49.65 -48.71
CA ASP R 241 65.23 50.20 -48.92
C ASP R 241 65.30 51.32 -49.97
N VAL R 242 64.21 52.09 -50.07
CA VAL R 242 64.11 53.11 -51.11
C VAL R 242 65.07 54.27 -50.86
N GLU R 243 65.42 54.52 -49.60
CA GLU R 243 66.26 55.68 -49.29
C GLU R 243 67.71 55.44 -49.70
N GLU R 244 68.33 54.38 -49.18
CA GLU R 244 69.76 54.21 -49.31
C GLU R 244 70.20 53.62 -50.64
N TYR R 245 69.26 53.28 -51.54
CA TYR R 245 69.67 52.89 -52.89
C TYR R 245 69.72 54.08 -53.83
N GLU R 246 68.97 55.14 -53.55
CA GLU R 246 69.12 56.39 -54.29
C GLU R 246 70.17 57.29 -53.66
N ASP R 247 70.28 57.30 -52.34
CA ASP R 247 71.45 57.91 -51.72
C ASP R 247 72.71 57.12 -52.07
N LEU R 248 72.60 55.79 -52.13
CA LEU R 248 73.72 54.96 -52.57
C LEU R 248 74.04 55.24 -54.04
N THR R 249 73.02 55.42 -54.88
CA THR R 249 73.29 55.74 -56.28
C THR R 249 73.71 57.18 -56.49
N GLU R 250 73.59 58.04 -55.47
CA GLU R 250 74.06 59.41 -55.62
C GLU R 250 75.49 59.60 -55.12
N ILE R 251 75.85 58.96 -53.99
CA ILE R 251 77.25 59.02 -53.57
C ILE R 251 78.10 58.10 -54.44
N MET R 252 77.54 56.95 -54.81
CA MET R 252 78.18 56.11 -55.81
C MET R 252 78.01 56.66 -57.22
N SER R 253 77.03 57.54 -57.44
CA SER R 253 77.06 58.32 -58.66
C SER R 253 78.16 59.36 -58.62
N ASN R 254 78.63 59.72 -57.42
CA ASN R 254 79.73 60.65 -57.29
C ASN R 254 81.07 59.95 -57.56
N VAL R 255 81.41 58.93 -56.77
CA VAL R 255 82.75 58.35 -56.89
C VAL R 255 82.73 56.91 -57.39
N GLN R 256 82.24 56.00 -56.54
CA GLN R 256 82.03 54.57 -56.78
C GLN R 256 83.31 53.79 -57.07
N LEU R 257 84.41 54.51 -57.35
CA LEU R 257 85.78 54.01 -57.30
C LEU R 257 86.09 52.86 -58.27
N ASN R 258 85.07 52.25 -58.90
CA ASN R 258 85.36 51.16 -59.81
C ASN R 258 84.43 51.12 -61.02
N SER R 259 83.41 51.98 -61.02
CA SER R 259 82.31 51.98 -61.99
C SER R 259 81.42 50.75 -61.81
N ASN R 260 81.81 49.85 -60.91
CA ASN R 260 81.06 48.63 -60.66
C ASN R 260 79.97 48.81 -59.62
N PHE R 261 79.97 49.92 -58.88
CA PHE R 261 78.88 50.19 -57.96
C PHE R 261 77.71 50.84 -58.68
N LEU R 262 77.99 51.71 -59.66
CA LEU R 262 76.94 52.18 -60.56
C LEU R 262 76.55 51.11 -61.56
N ALA R 263 77.50 50.25 -61.95
CA ALA R 263 77.16 49.13 -62.82
C ALA R 263 76.24 48.15 -62.12
N LEU R 264 76.65 47.67 -60.94
CA LEU R 264 75.89 46.65 -60.21
C LEU R 264 74.65 47.24 -59.56
N ALA R 265 74.82 48.23 -58.69
CA ALA R 265 73.72 48.68 -57.85
C ALA R 265 72.94 49.82 -58.49
N ARG R 266 72.52 49.63 -59.74
CA ARG R 266 71.55 50.51 -60.37
C ARG R 266 70.28 49.78 -60.77
N GLU R 267 70.39 48.76 -61.63
CA GLU R 267 69.25 47.99 -62.12
C GLU R 267 69.80 46.86 -62.99
N LEU R 268 69.00 45.80 -63.13
CA LEU R 268 69.21 44.63 -63.97
C LEU R 268 70.25 43.67 -63.41
N ASP R 269 70.97 44.03 -62.35
CA ASP R 269 71.99 43.14 -61.80
C ASP R 269 71.55 42.44 -60.52
N ILE R 270 70.37 42.77 -59.99
CA ILE R 270 69.74 41.89 -59.01
C ILE R 270 69.03 40.73 -59.69
N MET R 271 68.65 40.88 -60.97
CA MET R 271 67.98 39.84 -61.71
C MET R 271 68.85 39.16 -62.75
N GLU R 272 69.97 39.76 -63.13
CA GLU R 272 70.86 39.11 -64.09
C GLU R 272 71.48 37.81 -63.56
N PRO R 273 71.64 37.61 -62.25
CA PRO R 273 72.03 36.28 -61.78
C PRO R 273 70.89 35.30 -61.67
N LYS R 274 69.64 35.77 -61.60
CA LYS R 274 68.49 34.90 -61.37
C LYS R 274 67.64 34.64 -62.60
N VAL R 275 67.56 35.58 -63.54
CA VAL R 275 66.73 35.37 -64.73
C VAL R 275 67.22 34.21 -65.58
N PRO R 276 68.50 34.15 -66.00
CA PRO R 276 68.94 33.01 -66.82
C PRO R 276 68.90 31.69 -66.06
N ASP R 277 69.43 31.69 -64.83
CA ASP R 277 69.44 30.47 -64.02
C ASP R 277 68.06 29.88 -63.85
N ASP R 278 67.05 30.72 -63.59
CA ASP R 278 65.70 30.21 -63.40
C ASP R 278 65.15 29.56 -64.67
N ILE R 279 65.54 30.07 -65.84
CA ILE R 279 65.17 29.40 -67.08
C ILE R 279 65.95 28.11 -67.24
N TYR R 280 67.17 28.06 -66.71
CA TYR R 280 68.03 26.88 -66.87
C TYR R 280 67.72 25.82 -65.82
N LYS R 281 67.76 26.20 -64.55
CA LYS R 281 67.66 25.21 -63.47
C LYS R 281 66.24 24.72 -63.24
N THR R 282 65.23 25.44 -63.71
CA THR R 282 63.84 25.05 -63.54
C THR R 282 63.20 24.78 -64.89
N HIS R 283 62.23 23.87 -64.90
CA HIS R 283 61.53 23.49 -66.13
C HIS R 283 60.06 23.29 -65.78
N LEU R 284 59.20 24.19 -66.27
CA LEU R 284 57.78 24.13 -66.04
C LEU R 284 57.07 23.46 -67.22
N GLU R 285 56.02 22.71 -66.91
CA GLU R 285 55.30 21.92 -67.91
C GLU R 285 54.26 22.77 -68.64
N ASN R 286 53.86 22.29 -69.81
CA ASN R 286 52.85 22.94 -70.64
C ASN R 286 51.43 22.57 -70.24
N ASN R 287 51.24 21.55 -69.40
CA ASN R 287 49.90 21.14 -69.01
C ASN R 287 49.19 22.20 -68.18
N ARG R 288 49.92 23.12 -67.56
CA ARG R 288 49.30 24.23 -66.86
C ARG R 288 48.89 25.36 -67.81
N PHE R 289 49.61 25.54 -68.90
CA PHE R 289 49.18 26.48 -69.93
C PHE R 289 47.96 25.95 -70.67
N GLY R 290 47.98 24.67 -71.04
CA GLY R 290 46.85 24.12 -71.78
C GLY R 290 45.63 23.92 -70.91
N GLY R 291 45.82 23.35 -69.72
CA GLY R 291 44.73 23.14 -68.79
C GLY R 291 44.27 24.43 -68.14
N SER R 292 45.17 25.06 -67.38
CA SER R 292 44.86 26.34 -66.75
C SER R 292 44.49 27.41 -67.76
N GLY R 293 44.91 27.27 -69.02
CA GLY R 293 44.44 28.11 -70.09
C GLY R 293 43.26 27.54 -70.84
N SER R 294 42.71 26.40 -70.39
CA SER R 294 41.59 25.76 -71.05
C SER R 294 40.31 25.78 -70.22
N GLN R 295 40.39 25.71 -68.89
CA GLN R 295 39.19 25.73 -68.06
C GLN R 295 38.67 27.15 -67.80
N VAL R 296 39.05 28.12 -68.62
CA VAL R 296 38.67 29.52 -68.43
C VAL R 296 37.40 29.81 -69.23
N ASP R 297 36.48 30.54 -68.62
CA ASP R 297 35.18 30.86 -69.22
C ASP R 297 34.49 31.89 -68.33
N SER R 298 33.24 32.21 -68.68
CA SER R 298 32.36 33.05 -67.88
C SER R 298 32.85 34.49 -67.74
N ALA R 299 33.78 34.90 -68.60
CA ALA R 299 34.26 36.29 -68.67
C ALA R 299 34.95 36.77 -67.41
N ARG R 300 35.13 35.88 -66.43
CA ARG R 300 35.92 36.19 -65.25
C ARG R 300 37.10 35.24 -65.07
N MET R 301 36.92 33.95 -65.38
CA MET R 301 38.07 33.07 -65.47
C MET R 301 38.99 33.47 -66.61
N ASN R 302 38.50 34.28 -67.56
CA ASN R 302 39.37 34.90 -68.54
C ASN R 302 40.23 35.98 -67.89
N LEU R 303 39.70 36.70 -66.91
CA LEU R 303 40.53 37.58 -66.09
C LEU R 303 41.54 36.76 -65.31
N ALA R 304 41.11 35.61 -64.76
CA ALA R 304 42.06 34.69 -64.15
C ALA R 304 43.09 34.18 -65.14
N SER R 305 42.78 34.20 -66.44
CA SER R 305 43.75 33.87 -67.47
C SER R 305 44.66 35.03 -67.81
N SER R 306 44.20 36.27 -67.60
CA SER R 306 45.12 37.40 -67.62
C SER R 306 46.08 37.33 -66.45
N PHE R 307 45.64 36.74 -65.33
CA PHE R 307 46.58 36.43 -64.26
C PHE R 307 47.47 35.26 -64.63
N VAL R 308 46.96 34.30 -65.42
CA VAL R 308 47.80 33.22 -65.92
C VAL R 308 48.97 33.77 -66.72
N ASN R 309 48.66 34.59 -67.72
CA ASN R 309 49.70 35.17 -68.56
C ASN R 309 50.59 36.11 -67.76
N GLY R 310 49.99 36.94 -66.91
CA GLY R 310 50.77 37.93 -66.19
C GLY R 310 51.74 37.33 -65.19
N PHE R 311 51.27 36.40 -64.37
CA PHE R 311 52.07 35.81 -63.31
C PHE R 311 52.18 34.29 -63.47
N VAL R 312 52.42 33.83 -64.69
CA VAL R 312 52.61 32.40 -64.92
C VAL R 312 54.06 31.97 -64.73
N ASN R 313 55.01 32.89 -64.81
CA ASN R 313 56.42 32.55 -64.65
C ASN R 313 56.97 33.13 -63.35
N GLN R 318 59.69 30.81 -67.99
CA GLN R 318 60.45 29.96 -68.90
C GLN R 318 59.78 29.88 -70.27
N ASP R 319 58.62 29.21 -70.32
CA ASP R 319 57.88 29.09 -71.56
C ASP R 319 57.03 30.33 -71.80
N LYS R 320 56.89 30.71 -73.06
CA LYS R 320 56.11 31.88 -73.48
C LYS R 320 55.13 31.49 -74.59
N LEU R 321 54.46 30.35 -74.40
CA LEU R 321 53.50 29.88 -75.40
C LEU R 321 52.16 30.60 -75.26
N LEU R 322 51.60 30.62 -74.05
CA LEU R 322 50.35 31.32 -73.82
C LEU R 322 50.50 32.83 -74.02
N THR R 323 51.73 33.36 -73.91
CA THR R 323 51.96 34.77 -74.19
C THR R 323 51.70 35.09 -75.66
N ASP R 324 52.04 34.17 -76.56
CA ASP R 324 51.90 34.38 -77.99
C ASP R 324 50.96 33.37 -78.62
N ASP R 325 49.96 32.91 -77.87
CA ASP R 325 48.93 32.02 -78.41
C ASP R 325 47.97 32.83 -79.26
N GLY R 326 48.38 33.12 -80.49
CA GLY R 326 47.52 33.84 -81.42
C GLY R 326 47.29 35.27 -80.97
N ASN R 327 46.07 35.75 -81.22
CA ASN R 327 45.68 37.11 -80.88
C ASN R 327 44.21 37.10 -80.45
N LYS R 328 43.63 38.30 -80.34
CA LYS R 328 42.23 38.51 -80.00
C LYS R 328 41.94 38.13 -78.55
N TRP R 329 42.94 37.62 -77.84
CA TRP R 329 42.78 37.30 -76.42
C TRP R 329 42.63 38.56 -75.59
N LEU R 330 43.44 39.58 -75.89
CA LEU R 330 43.30 40.87 -75.21
C LEU R 330 42.06 41.61 -75.69
N TYR R 331 41.61 41.35 -76.91
CA TYR R 331 40.42 42.02 -77.43
C TYR R 331 39.14 41.46 -76.84
N LYS R 332 39.10 40.15 -76.57
CA LYS R 332 37.90 39.54 -76.00
C LYS R 332 37.71 39.90 -74.53
N ASN R 333 38.76 40.35 -73.85
CA ASN R 333 38.68 40.66 -72.43
C ASN R 333 38.04 42.02 -72.22
N LYS R 334 37.80 42.35 -70.95
CA LYS R 334 37.12 43.58 -70.58
C LYS R 334 38.13 44.72 -70.48
N ASP R 335 37.65 45.90 -70.06
CA ASP R 335 38.51 47.07 -69.98
C ASP R 335 39.62 46.88 -68.95
N HIS R 336 39.26 46.51 -67.72
CA HIS R 336 40.27 46.25 -66.71
C HIS R 336 41.04 44.97 -66.99
N GLY R 337 40.44 44.04 -67.74
CA GLY R 337 41.18 42.93 -68.29
C GLY R 337 42.03 43.28 -69.49
N MET R 338 41.75 44.42 -70.12
CA MET R 338 42.66 44.97 -71.13
C MET R 338 43.83 45.68 -70.48
N LEU R 339 43.62 46.26 -69.29
CA LEU R 339 44.74 46.77 -68.51
C LEU R 339 45.59 45.64 -67.96
N SER R 340 44.96 44.60 -67.41
CA SER R 340 45.71 43.47 -66.88
C SER R 340 46.41 42.70 -67.98
N ALA R 341 45.75 42.51 -69.12
CA ALA R 341 46.36 41.80 -70.23
C ALA R 341 47.42 42.64 -70.94
N ALA R 342 47.25 43.96 -70.96
CA ALA R 342 48.28 44.83 -71.50
C ALA R 342 49.49 44.90 -70.58
N ALA R 343 49.28 44.76 -69.27
CA ALA R 343 50.37 44.74 -68.30
C ALA R 343 50.95 43.36 -68.09
N SER R 344 50.35 42.32 -68.68
CA SER R 344 50.90 40.97 -68.56
C SER R 344 52.26 40.88 -69.23
N LEU R 345 52.38 41.37 -70.46
CA LEU R 345 53.65 41.37 -71.16
C LEU R 345 54.69 42.21 -70.43
N GLY R 346 54.27 43.16 -69.60
CA GLY R 346 55.20 43.88 -68.76
C GLY R 346 55.60 43.12 -67.52
N MET R 347 54.69 42.32 -66.97
CA MET R 347 55.02 41.51 -65.80
C MET R 347 55.88 40.30 -66.14
N ILE R 348 55.83 39.82 -67.39
CA ILE R 348 56.66 38.70 -67.80
C ILE R 348 58.02 39.13 -68.33
N LEU R 349 58.31 40.43 -68.36
CA LEU R 349 59.51 40.94 -69.01
C LEU R 349 60.28 41.86 -68.07
N LEU R 350 60.51 41.40 -66.84
CA LEU R 350 61.39 42.13 -65.93
C LEU R 350 62.85 41.80 -66.23
N TRP R 351 63.22 41.95 -67.50
CA TRP R 351 64.55 41.66 -68.04
C TRP R 351 64.50 42.02 -69.52
N ASP R 352 65.69 42.13 -70.13
CA ASP R 352 65.83 42.40 -71.56
C ASP R 352 65.09 43.68 -71.95
N VAL R 353 65.63 44.81 -71.49
CA VAL R 353 65.04 46.12 -71.77
C VAL R 353 64.86 46.30 -73.27
N ASP R 354 65.89 45.93 -74.05
CA ASP R 354 65.79 46.03 -75.50
C ASP R 354 64.70 45.14 -76.06
N GLY R 355 64.46 43.99 -75.43
CA GLY R 355 63.33 43.15 -75.84
C GLY R 355 62.01 43.65 -75.30
N GLY R 356 62.02 44.27 -74.12
CA GLY R 356 60.80 44.83 -73.58
C GLY R 356 60.27 45.98 -74.42
N LEU R 357 61.17 46.80 -74.96
CA LEU R 357 60.74 47.89 -75.83
C LEU R 357 60.10 47.36 -77.11
N THR R 358 60.69 46.32 -77.70
CA THR R 358 60.17 45.77 -78.95
C THR R 358 59.02 44.80 -78.74
N GLN R 359 58.70 44.44 -77.49
CA GLN R 359 57.50 43.66 -77.20
C GLN R 359 56.33 44.50 -76.75
N ILE R 360 56.60 45.62 -76.06
CA ILE R 360 55.52 46.52 -75.64
C ILE R 360 55.22 47.59 -76.68
N ASP R 361 56.16 47.87 -77.59
CA ASP R 361 55.93 48.89 -78.61
C ASP R 361 54.73 48.60 -79.49
N LYS R 362 54.35 47.33 -79.64
CA LYS R 362 53.18 46.99 -80.44
C LYS R 362 51.90 47.50 -79.80
N TYR R 363 51.86 47.59 -78.47
CA TYR R 363 50.69 48.07 -77.75
C TYR R 363 50.74 49.56 -77.47
N LEU R 364 51.85 50.23 -77.75
CA LEU R 364 51.96 51.66 -77.52
C LEU R 364 51.21 52.44 -78.60
N TYR R 365 50.61 53.55 -78.19
CA TYR R 365 49.86 54.45 -79.06
C TYR R 365 48.94 53.69 -80.01
N SER R 366 48.28 52.66 -79.49
CA SER R 366 47.39 51.84 -80.29
C SER R 366 46.05 52.54 -80.48
N SER R 367 45.08 51.85 -81.08
CA SER R 367 43.78 52.45 -81.35
C SER R 367 42.89 52.53 -80.11
N GLU R 368 43.22 51.81 -79.05
CA GLU R 368 42.43 51.79 -77.83
C GLU R 368 43.19 52.48 -76.71
N ASP R 369 42.44 53.07 -75.77
CA ASP R 369 43.06 53.81 -74.68
C ASP R 369 43.68 52.87 -73.65
N TYR R 370 43.00 51.76 -73.33
CA TYR R 370 43.51 50.85 -72.31
C TYR R 370 44.69 50.02 -72.80
N ILE R 371 44.86 49.89 -74.12
CA ILE R 371 46.00 49.16 -74.65
C ILE R 371 47.29 49.97 -74.46
N LYS R 372 47.23 51.27 -74.74
CA LYS R 372 48.41 52.11 -74.56
C LYS R 372 48.62 52.51 -73.11
N SER R 373 47.55 52.65 -72.33
CA SER R 373 47.70 52.96 -70.91
C SER R 373 48.23 51.74 -70.16
N GLY R 374 47.65 50.57 -70.39
CA GLY R 374 48.21 49.35 -69.86
C GLY R 374 49.57 49.02 -70.44
N ALA R 375 49.87 49.53 -71.63
CA ALA R 375 51.20 49.37 -72.20
C ALA R 375 52.22 50.25 -71.47
N LEU R 376 51.81 51.44 -71.05
CA LEU R 376 52.68 52.25 -70.20
C LEU R 376 52.81 51.65 -68.81
N LEU R 377 51.76 51.01 -68.30
CA LEU R 377 51.90 50.24 -67.07
C LEU R 377 52.91 49.13 -67.25
N ALA R 378 52.88 48.45 -68.41
CA ALA R 378 53.89 47.45 -68.71
C ALA R 378 55.28 48.07 -68.75
N CYS R 379 55.41 49.26 -69.32
CA CYS R 379 56.70 49.94 -69.34
C CYS R 379 57.16 50.31 -67.93
N GLY R 380 56.22 50.49 -67.00
CA GLY R 380 56.58 50.70 -65.61
C GLY R 380 56.90 49.44 -64.84
N ILE R 381 56.40 48.29 -65.31
CA ILE R 381 56.65 47.03 -64.61
C ILE R 381 57.95 46.38 -65.11
N VAL R 382 58.29 46.54 -66.39
CA VAL R 382 59.44 45.84 -66.96
C VAL R 382 60.74 46.26 -66.29
N ASN R 383 60.83 47.49 -65.80
CA ASN R 383 62.08 48.01 -65.28
C ASN R 383 61.82 48.87 -64.05
N SER R 384 62.90 49.15 -63.32
CA SER R 384 62.83 50.03 -62.15
C SER R 384 64.03 50.98 -62.06
N GLY R 385 64.89 51.00 -63.08
CA GLY R 385 66.04 51.90 -63.08
C GLY R 385 66.32 52.50 -64.43
N VAL R 386 65.45 52.22 -65.40
CA VAL R 386 65.63 52.74 -66.74
C VAL R 386 65.06 54.15 -66.85
N ARG R 387 63.83 54.34 -66.36
CA ARG R 387 63.16 55.65 -66.27
C ARG R 387 63.26 56.46 -67.56
N ASN R 388 63.29 55.76 -68.70
CA ASN R 388 63.35 56.42 -70.01
C ASN R 388 61.99 56.50 -70.70
N GLU R 389 61.01 55.73 -70.24
CA GLU R 389 59.66 55.79 -70.78
C GLU R 389 58.80 56.86 -70.11
N CYS R 390 59.41 57.70 -69.27
CA CYS R 390 58.65 58.70 -68.53
C CYS R 390 58.09 59.78 -69.44
N ASP R 391 58.96 60.43 -70.20
CA ASP R 391 58.56 61.58 -71.02
C ASP R 391 57.35 61.35 -71.93
N PRO R 392 57.23 60.25 -72.69
CA PRO R 392 56.06 60.12 -73.57
C PRO R 392 54.74 60.04 -72.82
N ALA R 393 54.74 59.64 -71.55
CA ALA R 393 53.53 59.65 -70.74
C ALA R 393 53.47 60.84 -69.79
N LEU R 394 54.62 61.28 -69.27
CA LEU R 394 54.66 62.42 -68.36
C LEU R 394 54.27 63.72 -69.08
N ALA R 395 54.60 63.83 -70.36
CA ALA R 395 54.35 65.09 -71.07
C ALA R 395 52.89 65.28 -71.43
N LEU R 396 52.15 64.19 -71.61
CA LEU R 396 50.76 64.25 -72.05
C LEU R 396 49.76 64.17 -70.90
N LEU R 397 50.23 64.16 -69.65
CA LEU R 397 49.33 64.00 -68.51
C LEU R 397 48.30 65.13 -68.41
N SER R 398 48.62 66.31 -68.95
CA SER R 398 47.76 67.49 -68.77
C SER R 398 46.51 67.35 -69.62
N ASP R 399 45.47 66.75 -69.06
CA ASP R 399 44.13 66.72 -69.64
C ASP R 399 43.06 67.04 -68.61
N TYR R 400 43.17 66.51 -67.41
CA TYR R 400 42.48 66.97 -66.20
C TYR R 400 41.00 66.62 -66.10
N VAL R 401 40.41 66.02 -67.14
CA VAL R 401 38.98 65.71 -67.01
C VAL R 401 38.67 64.23 -67.23
N LEU R 402 38.84 63.74 -68.47
CA LEU R 402 38.44 62.38 -68.76
C LEU R 402 39.33 61.68 -69.78
N HIS R 403 40.41 62.30 -70.24
CA HIS R 403 41.10 61.83 -71.44
C HIS R 403 41.95 60.59 -71.11
N ASN R 404 42.76 60.17 -72.08
CA ASN R 404 43.54 58.94 -71.93
C ASN R 404 44.59 59.07 -70.83
N SER R 405 45.07 60.28 -70.58
CA SER R 405 46.13 60.50 -69.60
C SER R 405 45.70 60.20 -68.17
N ASN R 406 44.44 59.85 -67.92
CA ASN R 406 44.04 59.43 -66.58
C ASN R 406 44.33 57.95 -66.36
N THR R 407 44.06 57.12 -67.37
CA THR R 407 44.46 55.71 -67.27
C THR R 407 45.94 55.53 -67.55
N MET R 408 46.51 56.31 -68.47
CA MET R 408 47.95 56.37 -68.60
C MET R 408 48.59 57.01 -67.38
N ARG R 409 47.81 57.77 -66.60
CA ARG R 409 48.26 58.25 -65.30
C ARG R 409 48.20 57.13 -64.26
N LEU R 410 47.21 56.24 -64.35
CA LEU R 410 47.19 55.06 -63.51
C LEU R 410 48.42 54.19 -63.75
N GLY R 411 48.62 53.77 -65.01
CA GLY R 411 49.72 52.87 -65.29
C GLY R 411 51.08 53.53 -65.24
N SER R 412 51.16 54.81 -65.59
CA SER R 412 52.44 55.50 -65.63
C SER R 412 52.86 56.05 -64.27
N ILE R 413 51.90 56.52 -63.46
CA ILE R 413 52.23 56.96 -62.12
C ILE R 413 52.38 55.77 -61.18
N PHE R 414 51.59 54.71 -61.39
CA PHE R 414 51.76 53.50 -60.60
C PHE R 414 53.06 52.79 -60.95
N GLY R 415 53.29 52.52 -62.23
CA GLY R 415 54.53 51.89 -62.64
C GLY R 415 55.74 52.76 -62.40
N LEU R 416 55.56 54.09 -62.45
CA LEU R 416 56.66 54.99 -62.12
C LEU R 416 56.94 54.99 -60.63
N GLY R 417 55.90 54.86 -59.81
CA GLY R 417 56.12 54.70 -58.38
C GLY R 417 56.80 53.39 -58.04
N LEU R 418 56.51 52.33 -58.82
CA LEU R 418 57.24 51.08 -58.67
C LEU R 418 58.68 51.23 -59.14
N ALA R 419 58.92 52.08 -60.14
CA ALA R 419 60.28 52.35 -60.59
C ALA R 419 61.06 53.25 -59.63
N TYR R 420 60.34 54.04 -58.86
CA TYR R 420 60.94 55.01 -57.94
C TYR R 420 60.77 54.73 -56.45
N ASN R 424 62.41 58.47 -54.93
CA ASN R 424 61.67 59.55 -54.26
C ASN R 424 61.92 60.95 -54.87
N ARG R 425 61.95 61.05 -56.19
CA ARG R 425 62.19 62.34 -56.86
C ARG R 425 61.08 63.39 -56.71
N GLU R 426 61.48 64.62 -56.41
CA GLU R 426 60.54 65.74 -56.25
C GLU R 426 59.79 66.18 -57.52
N ASP R 427 60.49 66.26 -58.64
CA ASP R 427 59.90 66.66 -59.92
C ASP R 427 58.64 65.86 -60.21
N VAL R 428 58.66 64.55 -59.95
CA VAL R 428 57.47 63.75 -60.15
C VAL R 428 56.36 64.17 -59.20
N LEU R 429 56.71 64.66 -58.02
CA LEU R 429 55.71 65.11 -57.07
C LEU R 429 55.12 66.47 -57.47
N THR R 430 55.96 67.35 -58.02
CA THR R 430 55.44 68.61 -58.55
C THR R 430 54.56 68.37 -59.77
N LEU R 431 54.86 67.33 -60.56
CA LEU R 431 53.96 66.95 -61.64
C LEU R 431 52.70 66.30 -61.10
N LEU R 432 52.78 65.65 -59.94
CA LEU R 432 51.61 65.07 -59.30
C LEU R 432 50.84 66.06 -58.44
N LEU R 433 51.29 67.32 -58.37
CA LEU R 433 50.53 68.32 -57.62
C LEU R 433 49.21 68.65 -58.29
N PRO R 434 49.14 68.90 -59.60
CA PRO R 434 47.82 69.03 -60.25
C PRO R 434 47.06 67.71 -60.34
N VAL R 435 47.72 66.58 -60.07
CA VAL R 435 47.03 65.30 -60.06
C VAL R 435 46.26 65.13 -58.75
N MET R 436 46.91 65.43 -57.63
CA MET R 436 46.22 65.40 -56.34
C MET R 436 45.22 66.55 -56.24
N GLY R 437 45.53 67.69 -56.82
CA GLY R 437 44.59 68.80 -56.86
C GLY R 437 43.47 68.64 -57.87
N ASP R 438 43.62 67.71 -58.81
CA ASP R 438 42.57 67.48 -59.80
C ASP R 438 41.34 66.87 -59.16
N SER R 439 41.52 65.79 -58.40
CA SER R 439 40.42 65.08 -57.72
C SER R 439 39.37 64.60 -58.73
N LYS R 440 39.81 63.74 -59.64
CA LYS R 440 38.91 63.16 -60.62
C LYS R 440 37.93 62.21 -59.93
N SER R 441 36.78 62.00 -60.59
CA SER R 441 35.81 61.03 -60.09
C SER R 441 36.38 59.62 -60.03
N SER R 442 37.38 59.33 -60.86
CA SER R 442 38.03 58.02 -60.82
C SER R 442 38.85 57.89 -59.55
N MET R 443 38.66 56.77 -58.84
CA MET R 443 39.33 56.58 -57.56
C MET R 443 40.80 56.23 -57.74
N GLU R 444 41.12 55.36 -58.70
CA GLU R 444 42.47 54.85 -58.84
C GLU R 444 43.48 55.90 -59.25
N VAL R 445 43.03 57.10 -59.63
CA VAL R 445 43.97 58.19 -59.92
C VAL R 445 44.69 58.60 -58.64
N ALA R 446 43.92 59.06 -57.65
CA ALA R 446 44.51 59.36 -56.34
C ALA R 446 44.91 58.09 -55.61
N GLY R 447 44.40 56.93 -56.02
CA GLY R 447 44.85 55.67 -55.47
C GLY R 447 46.31 55.40 -55.79
N VAL R 448 46.64 55.27 -57.08
CA VAL R 448 48.02 55.05 -57.48
C VAL R 448 48.87 56.30 -57.33
N THR R 449 48.26 57.47 -57.13
CA THR R 449 49.03 58.68 -56.85
C THR R 449 49.47 58.71 -55.40
N ALA R 450 48.55 58.48 -54.47
CA ALA R 450 48.90 58.42 -53.05
C ALA R 450 49.81 57.24 -52.76
N LEU R 451 49.52 56.08 -53.37
CA LEU R 451 50.40 54.92 -53.20
C LEU R 451 51.73 55.13 -53.90
N ALA R 452 51.75 55.89 -55.01
CA ALA R 452 52.99 56.14 -55.73
C ALA R 452 53.92 57.05 -54.93
N CYS R 453 53.42 58.22 -54.55
CA CYS R 453 54.23 59.13 -53.73
C CYS R 453 54.53 58.53 -52.37
N GLY R 454 53.64 57.66 -51.86
CA GLY R 454 53.92 56.97 -50.62
C GLY R 454 55.09 56.02 -50.74
N MET R 455 55.07 55.15 -51.76
CA MET R 455 56.20 54.27 -52.02
C MET R 455 57.45 55.04 -52.38
N ILE R 456 57.31 56.28 -52.85
CA ILE R 456 58.47 57.14 -53.02
C ILE R 456 58.99 57.63 -51.68
N ALA R 457 58.09 57.82 -50.71
CA ALA R 457 58.44 58.44 -49.43
C ALA R 457 58.55 57.43 -48.28
N VAL R 458 58.57 56.13 -48.57
CA VAL R 458 58.72 55.14 -47.51
C VAL R 458 60.17 55.13 -47.03
N GLY R 459 60.35 55.08 -45.71
CA GLY R 459 61.68 55.02 -45.15
C GLY R 459 62.36 56.36 -44.98
N SER R 460 61.59 57.45 -44.89
CA SER R 460 62.18 58.77 -44.73
C SER R 460 62.77 58.93 -43.33
N CYS R 461 63.64 59.93 -43.19
CA CYS R 461 64.30 60.22 -41.92
C CYS R 461 63.27 60.84 -40.97
N ASN R 462 62.74 60.02 -40.06
CA ASN R 462 61.73 60.44 -39.09
C ASN R 462 60.49 61.04 -39.76
N GLY R 463 60.17 60.56 -40.96
CA GLY R 463 59.03 61.03 -41.70
C GLY R 463 59.10 62.51 -42.05
N ASP R 464 57.95 63.05 -42.41
CA ASP R 464 57.83 64.46 -42.73
C ASP R 464 56.36 64.85 -42.68
N VAL R 465 56.11 66.11 -42.29
CA VAL R 465 54.75 66.64 -42.21
C VAL R 465 54.64 67.80 -43.20
N THR R 466 55.32 67.68 -44.33
CA THR R 466 55.41 68.76 -45.29
C THR R 466 54.09 68.92 -46.06
N SER R 467 54.10 69.84 -47.03
CA SER R 467 52.92 70.18 -47.81
C SER R 467 52.49 69.07 -48.76
N THR R 468 53.21 67.95 -48.82
CA THR R 468 52.74 66.81 -49.61
C THR R 468 51.59 66.12 -48.89
N ILE R 469 51.83 65.61 -47.68
CA ILE R 469 50.76 65.01 -46.90
C ILE R 469 49.84 66.06 -46.32
N LEU R 470 50.33 67.28 -46.07
CA LEU R 470 49.43 68.35 -45.67
C LEU R 470 48.50 68.73 -46.82
N GLN R 471 49.02 68.72 -48.06
CA GLN R 471 48.20 69.04 -49.21
C GLN R 471 47.19 67.94 -49.50
N THR R 472 47.59 66.68 -49.39
CA THR R 472 46.64 65.59 -49.62
C THR R 472 45.69 65.40 -48.45
N ILE R 473 45.99 65.96 -47.28
CA ILE R 473 45.05 65.93 -46.16
C ILE R 473 44.03 67.05 -46.30
N MET R 474 44.49 68.25 -46.67
CA MET R 474 43.55 69.35 -46.88
C MET R 474 42.65 69.06 -48.09
N GLU R 475 43.23 68.59 -49.18
CA GLU R 475 42.44 68.19 -50.34
C GLU R 475 41.71 66.87 -50.12
N LYS R 476 42.14 66.08 -49.13
CA LYS R 476 41.37 64.91 -48.73
C LYS R 476 40.08 65.34 -48.03
N SER R 477 40.18 66.28 -47.09
CA SER R 477 39.02 66.84 -46.41
C SER R 477 38.32 67.92 -47.21
N GLU R 478 38.75 68.17 -48.45
CA GLU R 478 38.08 69.15 -49.29
C GLU R 478 36.64 68.72 -49.57
N THR R 479 36.45 67.55 -50.16
CA THR R 479 35.14 67.00 -50.44
C THR R 479 34.95 65.69 -49.69
N GLU R 480 33.82 65.56 -49.01
CA GLU R 480 33.52 64.36 -48.23
C GLU R 480 32.64 63.40 -49.04
N LEU R 481 33.13 63.03 -50.21
CA LEU R 481 32.46 62.10 -51.09
C LEU R 481 33.43 61.01 -51.52
N LYS R 482 32.87 59.84 -51.86
CA LYS R 482 33.63 58.69 -52.35
C LYS R 482 34.68 58.27 -51.31
N ASP R 483 34.16 57.72 -50.21
CA ASP R 483 34.95 57.36 -49.04
C ASP R 483 36.14 56.47 -49.36
N THR R 484 36.15 55.86 -50.55
CA THR R 484 37.30 55.09 -50.98
C THR R 484 38.55 55.96 -51.04
N TYR R 485 38.39 57.27 -51.29
CA TYR R 485 39.50 58.20 -51.13
C TYR R 485 39.97 58.22 -49.68
N ALA R 486 39.02 58.27 -48.74
CA ALA R 486 39.34 58.18 -47.33
C ALA R 486 39.78 56.79 -46.91
N ARG R 487 39.84 55.83 -47.84
CA ARG R 487 40.34 54.49 -47.56
C ARG R 487 41.69 54.20 -48.17
N TRP R 488 42.04 54.83 -49.29
CA TRP R 488 43.35 54.62 -49.92
C TRP R 488 44.31 55.78 -49.74
N LEU R 489 43.82 57.00 -49.49
CA LEU R 489 44.71 58.10 -49.18
C LEU R 489 45.42 57.89 -47.84
N PRO R 490 44.74 57.38 -46.80
CA PRO R 490 45.48 57.02 -45.57
C PRO R 490 46.54 55.95 -45.79
N LEU R 491 46.41 55.14 -46.84
CA LEU R 491 47.47 54.18 -47.16
C LEU R 491 48.76 54.91 -47.54
N GLY R 492 48.65 55.87 -48.47
CA GLY R 492 49.82 56.65 -48.83
C GLY R 492 50.32 57.53 -47.70
N LEU R 493 49.41 58.04 -46.87
CA LEU R 493 49.81 58.77 -45.67
C LEU R 493 50.68 57.90 -44.78
N GLY R 494 50.18 56.72 -44.42
CA GLY R 494 50.96 55.81 -43.59
C GLY R 494 52.23 55.34 -44.26
N LEU R 495 52.25 55.32 -45.60
CA LEU R 495 53.49 55.02 -46.30
C LEU R 495 54.51 56.15 -46.12
N ASN R 496 54.04 57.40 -46.09
CA ASN R 496 54.94 58.51 -45.80
C ASN R 496 55.33 58.55 -44.33
N HIS R 497 54.52 57.95 -43.44
CA HIS R 497 54.89 57.86 -42.04
C HIS R 497 55.89 56.74 -41.76
N LEU R 498 56.15 55.87 -42.72
CA LEU R 498 57.06 54.76 -42.52
C LEU R 498 58.51 55.25 -42.49
N GLY R 499 59.33 54.57 -41.69
CA GLY R 499 60.73 54.90 -41.55
C GLY R 499 61.08 55.79 -40.39
N LYS R 500 60.09 56.17 -39.57
CA LYS R 500 60.34 57.05 -38.44
C LYS R 500 60.95 56.28 -37.28
N GLY R 501 61.74 56.98 -36.46
CA GLY R 501 62.29 56.39 -35.26
C GLY R 501 61.83 57.09 -34.00
N GLU R 502 61.65 58.41 -34.08
CA GLU R 502 61.19 59.18 -32.94
C GLU R 502 60.20 60.28 -33.34
N ALA R 503 59.54 60.13 -34.49
CA ALA R 503 58.64 61.17 -34.97
C ALA R 503 57.37 61.24 -34.11
N ILE R 504 56.82 62.45 -34.00
CA ILE R 504 55.60 62.67 -33.26
C ILE R 504 54.40 62.82 -34.20
N GLU R 505 54.50 62.27 -35.41
CA GLU R 505 53.45 62.42 -36.42
C GLU R 505 52.15 61.76 -36.01
N ALA R 506 52.19 60.76 -35.12
CA ALA R 506 50.96 60.14 -34.64
C ALA R 506 50.20 61.09 -33.72
N ILE R 507 50.92 61.84 -32.88
CA ILE R 507 50.26 62.82 -32.02
C ILE R 507 49.85 64.05 -32.80
N LEU R 508 50.66 64.46 -33.79
CA LEU R 508 50.26 65.57 -34.66
C LEU R 508 49.00 65.22 -35.44
N ALA R 509 48.92 63.99 -35.96
CA ALA R 509 47.69 63.54 -36.59
C ALA R 509 46.55 63.43 -35.58
N ALA R 510 46.87 63.11 -34.32
CA ALA R 510 45.87 63.10 -33.27
C ALA R 510 45.46 64.50 -32.84
N LEU R 511 46.16 65.54 -33.30
CA LEU R 511 45.78 66.92 -33.03
C LEU R 511 45.01 67.55 -34.18
N GLU R 512 45.48 67.36 -35.41
CA GLU R 512 44.86 68.00 -36.58
C GLU R 512 43.80 67.13 -37.23
N VAL R 513 44.03 65.82 -37.32
CA VAL R 513 43.16 64.96 -38.12
C VAL R 513 41.93 64.50 -37.35
N VAL R 514 41.88 64.71 -36.03
CA VAL R 514 40.74 64.25 -35.23
C VAL R 514 39.47 64.89 -35.74
N SER R 515 38.57 64.07 -36.29
CA SER R 515 37.33 64.52 -36.90
C SER R 515 36.39 63.32 -36.94
N GLU R 516 35.37 63.37 -37.81
CA GLU R 516 34.43 62.29 -38.04
C GLU R 516 35.18 61.00 -38.41
N PRO R 517 34.54 59.83 -38.38
CA PRO R 517 35.31 58.58 -38.47
C PRO R 517 35.92 58.30 -39.84
N PHE R 518 35.75 59.18 -40.81
CA PHE R 518 36.48 59.02 -42.07
C PHE R 518 37.95 59.39 -41.90
N ARG R 519 38.20 60.64 -41.52
CA ARG R 519 39.56 61.07 -41.21
C ARG R 519 40.04 60.56 -39.86
N SER R 520 39.12 60.12 -38.99
CA SER R 520 39.52 59.38 -37.81
C SER R 520 39.94 57.96 -38.17
N PHE R 521 39.33 57.40 -39.24
CA PHE R 521 39.84 56.16 -39.80
C PHE R 521 41.19 56.37 -40.47
N ALA R 522 41.41 57.56 -41.04
CA ALA R 522 42.76 57.93 -41.46
C ALA R 522 43.70 58.00 -40.27
N ASN R 523 43.19 58.50 -39.13
CA ASN R 523 44.02 58.61 -37.94
C ASN R 523 44.40 57.24 -37.40
N THR R 524 43.47 56.29 -37.42
CA THR R 524 43.80 54.93 -36.98
C THR R 524 44.64 54.19 -38.02
N LEU R 525 44.61 54.61 -39.29
CA LEU R 525 45.57 54.10 -40.26
C LEU R 525 46.97 54.60 -39.95
N VAL R 526 47.09 55.88 -39.58
CA VAL R 526 48.37 56.40 -39.12
C VAL R 526 48.79 55.68 -37.84
N ASP R 527 47.82 55.25 -37.03
CA ASP R 527 48.14 54.43 -35.86
C ASP R 527 48.60 53.04 -36.27
N VAL R 528 48.13 52.55 -37.43
CA VAL R 528 48.58 51.25 -37.92
C VAL R 528 50.02 51.33 -38.40
N CYS R 529 50.31 52.27 -39.30
CA CYS R 529 51.65 52.41 -39.83
C CYS R 529 52.62 53.03 -38.84
N ALA R 530 52.14 53.58 -37.73
CA ALA R 530 52.98 54.20 -36.71
C ALA R 530 53.49 53.22 -35.68
N TYR R 531 53.13 51.95 -35.77
CA TYR R 531 53.49 50.92 -34.80
C TYR R 531 54.18 49.74 -35.49
N ALA R 532 55.21 50.05 -36.28
CA ALA R 532 55.95 49.02 -37.00
C ALA R 532 56.48 47.94 -36.06
N GLY R 533 56.83 48.31 -34.83
CA GLY R 533 57.21 47.33 -33.85
C GLY R 533 58.32 47.74 -32.90
N SER R 534 58.08 47.56 -31.61
CA SER R 534 59.04 47.83 -30.55
C SER R 534 58.53 47.15 -29.28
N GLY R 535 59.13 47.47 -28.14
CA GLY R 535 58.56 47.01 -26.89
C GLY R 535 57.58 48.05 -26.37
N ASN R 536 56.32 47.88 -26.71
CA ASN R 536 55.27 48.85 -26.42
C ASN R 536 53.97 48.13 -26.06
N VAL R 537 54.05 47.15 -25.16
CA VAL R 537 52.94 46.26 -24.83
C VAL R 537 51.71 47.07 -24.42
N LEU R 538 51.91 48.35 -24.09
CA LEU R 538 50.78 49.25 -23.89
C LEU R 538 49.92 49.34 -25.15
N LYS R 539 50.51 49.14 -26.33
CA LYS R 539 49.72 49.06 -27.55
C LYS R 539 49.03 47.71 -27.73
N VAL R 540 49.45 46.69 -26.98
CA VAL R 540 48.77 45.41 -27.02
C VAL R 540 47.57 45.40 -26.08
N GLN R 541 47.73 45.93 -24.86
CA GLN R 541 46.58 46.10 -23.99
C GLN R 541 45.64 47.16 -24.51
N GLN R 542 46.17 48.20 -25.17
CA GLN R 542 45.33 49.16 -25.86
C GLN R 542 44.68 48.53 -27.08
N LEU R 543 45.36 47.59 -27.74
CA LEU R 543 44.76 46.87 -28.85
C LEU R 543 43.58 46.04 -28.38
N LEU R 544 43.72 45.35 -27.24
CA LEU R 544 42.61 44.57 -26.70
C LEU R 544 41.52 45.48 -26.13
N HIS R 545 41.87 46.70 -25.73
CA HIS R 545 40.87 47.62 -25.21
C HIS R 545 40.01 48.20 -26.33
N ILE R 546 40.67 48.78 -27.35
CA ILE R 546 39.94 49.37 -28.48
C ILE R 546 39.49 48.34 -29.50
N CYS R 547 39.82 47.05 -29.29
CA CYS R 547 39.43 46.01 -30.24
C CYS R 547 37.91 45.85 -30.30
N SER R 548 37.20 46.22 -29.23
CA SER R 548 35.75 46.08 -29.15
C SER R 548 35.01 47.33 -29.60
N GLU R 549 35.58 48.13 -30.49
CA GLU R 549 34.93 49.35 -30.94
C GLU R 549 33.76 49.04 -31.86
N HIS R 550 32.72 49.87 -31.79
CA HIS R 550 31.53 49.66 -32.61
C HIS R 550 31.82 49.85 -34.09
N PHE R 551 32.81 50.67 -34.44
CA PHE R 551 33.14 50.92 -35.84
C PHE R 551 33.78 49.68 -36.45
N ASP R 552 33.14 49.14 -37.49
CA ASP R 552 33.54 47.85 -38.05
C ASP R 552 34.58 47.96 -39.16
N SER R 553 35.36 49.05 -39.17
CA SER R 553 36.48 49.18 -40.09
C SER R 553 37.80 49.47 -39.41
N LYS R 554 37.79 50.30 -38.37
CA LYS R 554 38.99 50.48 -37.56
C LYS R 554 39.34 49.22 -36.78
N GLU R 555 38.36 48.34 -36.54
CA GLU R 555 38.68 46.98 -36.10
C GLU R 555 39.46 46.24 -37.17
N LYS R 556 39.04 46.37 -38.43
CA LYS R 556 39.67 45.62 -39.51
C LYS R 556 41.11 46.08 -39.74
N GLU R 557 41.33 47.39 -39.82
CA GLU R 557 42.68 47.88 -40.07
C GLU R 557 43.51 47.89 -38.78
N GLU R 558 42.99 48.52 -37.73
CA GLU R 558 43.73 48.63 -36.48
C GLU R 558 44.02 47.26 -35.88
N ASP R 559 43.05 46.35 -35.94
CA ASP R 559 43.28 44.97 -35.52
C ASP R 559 44.06 44.17 -36.54
N LYS R 560 43.99 44.56 -37.82
CA LYS R 560 44.77 43.90 -38.86
C LYS R 560 46.25 44.22 -38.74
N ASP R 561 46.60 45.31 -38.04
CA ASP R 561 48.00 45.66 -37.81
C ASP R 561 48.75 44.59 -37.02
N LYS R 562 48.04 43.63 -36.40
CA LYS R 562 48.70 42.63 -35.57
C LYS R 562 49.71 41.82 -36.36
N LYS R 563 49.42 41.53 -37.63
CA LYS R 563 50.32 40.72 -38.44
C LYS R 563 51.60 41.48 -38.80
N GLU R 564 51.61 42.80 -38.62
CA GLU R 564 52.79 43.62 -38.89
C GLU R 564 53.54 44.01 -37.62
N LYS R 565 52.83 44.24 -36.52
CA LYS R 565 53.48 44.66 -35.28
C LYS R 565 54.34 43.55 -34.70
N LYS R 566 53.74 42.38 -34.47
CA LYS R 566 54.43 41.22 -33.93
C LYS R 566 54.81 40.22 -35.01
N ASP R 567 55.21 40.71 -36.19
CA ASP R 567 55.46 39.83 -37.33
C ASP R 567 56.63 38.88 -37.05
N LYS R 568 57.64 39.33 -36.30
CA LYS R 568 58.81 38.50 -36.09
C LYS R 568 58.52 37.37 -35.10
N ASP R 569 57.93 37.71 -33.94
CA ASP R 569 57.54 36.70 -32.96
C ASP R 569 56.14 36.19 -33.28
N LYS R 570 56.08 35.31 -34.29
CA LYS R 570 54.81 34.78 -34.77
C LYS R 570 54.16 33.80 -33.82
N LYS R 571 54.78 33.50 -32.67
CA LYS R 571 54.17 32.60 -31.71
C LYS R 571 53.02 33.25 -30.97
N GLU R 572 52.99 34.58 -30.89
CA GLU R 572 51.92 35.30 -30.21
C GLU R 572 50.82 35.77 -31.16
N ALA R 573 51.05 35.72 -32.46
CA ALA R 573 50.03 36.18 -33.41
C ALA R 573 48.73 35.39 -33.35
N PRO R 574 48.72 34.05 -33.25
CA PRO R 574 47.45 33.34 -33.08
C PRO R 574 46.86 33.60 -31.70
N ALA R 575 45.59 33.99 -31.67
CA ALA R 575 44.90 34.30 -30.44
C ALA R 575 43.46 33.83 -30.55
N ASP R 576 42.62 34.28 -29.61
CA ASP R 576 41.21 33.91 -29.57
C ASP R 576 40.34 34.87 -30.36
N MET R 577 40.90 35.55 -31.36
CA MET R 577 40.11 36.48 -32.16
C MET R 577 39.07 35.77 -33.02
N GLY R 578 39.33 34.51 -33.40
CA GLY R 578 38.39 33.76 -34.21
C GLY R 578 37.20 33.22 -33.45
N ALA R 579 37.27 33.14 -32.12
CA ALA R 579 36.20 32.58 -31.32
C ALA R 579 35.03 33.54 -31.15
N HIS R 580 35.14 34.79 -31.60
CA HIS R 580 34.07 35.76 -31.46
C HIS R 580 32.98 35.52 -32.51
N GLN R 581 32.03 36.44 -32.58
CA GLN R 581 30.97 36.40 -33.58
C GLN R 581 31.18 37.45 -34.67
N GLY R 582 32.20 38.29 -34.53
CA GLY R 582 32.54 39.28 -35.54
C GLY R 582 33.39 38.69 -36.65
N VAL R 583 32.74 37.99 -37.58
CA VAL R 583 33.42 37.26 -38.66
C VAL R 583 34.46 38.13 -39.36
N ALA R 584 34.27 39.45 -39.32
CA ALA R 584 35.32 40.35 -39.82
C ALA R 584 36.61 40.17 -39.05
N VAL R 585 36.54 39.90 -37.74
CA VAL R 585 37.74 39.64 -36.96
C VAL R 585 38.33 38.28 -37.34
N LEU R 586 37.47 37.31 -37.70
CA LEU R 586 37.97 36.05 -38.23
C LEU R 586 38.73 36.29 -39.53
N GLY R 587 38.29 37.25 -40.33
CA GLY R 587 39.07 37.67 -41.48
C GLY R 587 40.35 38.37 -41.08
N ILE R 588 40.34 39.09 -39.95
CA ILE R 588 41.55 39.75 -39.47
C ILE R 588 42.61 38.73 -39.10
N ALA R 589 42.21 37.64 -38.43
CA ALA R 589 43.16 36.56 -38.16
C ALA R 589 43.53 35.84 -39.45
N LEU R 590 42.56 35.66 -40.35
CA LEU R 590 42.82 34.99 -41.63
C LEU R 590 43.93 35.69 -42.41
N ILE R 591 43.91 37.03 -42.40
CA ILE R 591 45.02 37.77 -42.99
C ILE R 591 46.24 37.74 -42.07
N ALA R 592 46.01 37.63 -40.76
CA ALA R 592 47.10 37.61 -39.78
C ALA R 592 47.93 36.33 -39.85
N MET R 593 47.47 35.31 -40.59
CA MET R 593 48.33 34.15 -40.85
C MET R 593 49.63 34.59 -41.50
N GLY R 594 49.55 35.31 -42.62
CA GLY R 594 50.72 35.90 -43.22
C GLY R 594 51.28 35.13 -44.41
N GLU R 595 52.59 35.27 -44.62
CA GLU R 595 53.27 34.65 -45.76
C GLU R 595 54.46 33.81 -45.32
N GLU R 596 54.42 33.25 -44.11
CA GLU R 596 55.54 32.50 -43.56
C GLU R 596 55.58 31.11 -44.19
N ILE R 597 56.37 30.20 -43.60
CA ILE R 597 56.56 28.87 -44.15
C ILE R 597 55.26 28.07 -44.16
N GLY R 598 54.25 28.51 -43.42
CA GLY R 598 52.97 27.81 -43.40
C GLY R 598 53.03 26.50 -42.65
N ALA R 599 53.24 26.56 -41.33
CA ALA R 599 53.30 25.37 -40.51
C ALA R 599 51.92 24.72 -40.42
N GLU R 600 51.85 23.59 -39.71
CA GLU R 600 50.60 22.85 -39.59
C GLU R 600 49.54 23.61 -38.80
N MET R 601 49.95 24.55 -37.94
CA MET R 601 48.96 25.34 -37.20
C MET R 601 48.26 26.33 -38.11
N ALA R 602 49.00 26.95 -39.03
CA ALA R 602 48.38 27.88 -39.97
C ALA R 602 47.39 27.18 -40.88
N LEU R 603 47.81 26.06 -41.49
CA LEU R 603 46.89 25.28 -42.30
C LEU R 603 45.73 24.74 -41.47
N ARG R 604 45.96 24.50 -40.17
CA ARG R 604 44.87 24.13 -39.28
C ARG R 604 43.87 25.27 -39.14
N THR R 605 44.34 26.52 -39.13
CA THR R 605 43.44 27.65 -39.14
C THR R 605 42.72 27.79 -40.48
N PHE R 606 43.40 27.44 -41.59
CA PHE R 606 42.76 27.45 -42.89
C PHE R 606 41.75 26.32 -43.06
N GLY R 607 41.83 25.28 -42.23
CA GLY R 607 40.82 24.24 -42.29
C GLY R 607 39.47 24.69 -41.81
N HIS R 608 39.44 25.61 -40.83
CA HIS R 608 38.19 26.19 -40.34
C HIS R 608 37.81 27.45 -41.10
N LEU R 609 38.78 28.31 -41.40
CA LEU R 609 38.49 29.52 -42.16
C LEU R 609 38.15 29.23 -43.62
N LEU R 610 38.51 28.05 -44.13
CA LEU R 610 38.24 27.73 -45.53
C LEU R 610 36.76 27.48 -45.77
N ARG R 611 36.05 26.96 -44.78
CA ARG R 611 34.63 26.59 -44.92
C ARG R 611 33.78 27.74 -44.40
N TYR R 612 33.30 28.58 -45.31
CA TYR R 612 32.40 29.66 -44.96
C TYR R 612 31.52 29.99 -46.16
N GLY R 613 30.40 30.65 -45.90
CA GLY R 613 29.41 30.89 -46.94
C GLY R 613 29.51 32.24 -47.61
N GLU R 614 29.98 33.26 -46.89
CA GLU R 614 30.06 34.58 -47.47
C GLU R 614 31.21 34.65 -48.48
N PRO R 615 31.02 35.37 -49.60
CA PRO R 615 32.10 35.45 -50.60
C PRO R 615 33.30 36.27 -50.15
N THR R 616 33.19 37.03 -49.05
CA THR R 616 34.32 37.82 -48.59
C THR R 616 35.34 36.96 -47.84
N LEU R 617 34.87 35.97 -47.08
CA LEU R 617 35.77 35.07 -46.37
C LEU R 617 36.21 33.90 -47.24
N ARG R 618 35.29 33.36 -48.03
CA ARG R 618 35.66 32.34 -49.01
C ARG R 618 36.55 32.92 -50.09
N ARG R 619 36.41 34.21 -50.40
CA ARG R 619 37.32 34.88 -51.32
C ARG R 619 38.60 35.31 -50.62
N ALA R 620 38.55 35.58 -49.32
CA ALA R 620 39.73 36.03 -48.60
C ALA R 620 40.62 34.89 -48.12
N VAL R 621 40.13 33.65 -48.10
CA VAL R 621 40.92 32.53 -47.61
C VAL R 621 41.96 32.03 -48.62
N PRO R 622 41.69 31.95 -49.93
CA PRO R 622 42.71 31.38 -50.83
C PRO R 622 43.92 32.27 -51.02
N LEU R 623 43.81 33.57 -50.79
CA LEU R 623 44.93 34.48 -50.95
C LEU R 623 46.02 34.18 -49.93
N ALA R 624 45.65 34.17 -48.64
CA ALA R 624 46.62 33.81 -47.61
C ALA R 624 46.94 32.31 -47.65
N LEU R 625 45.98 31.49 -48.06
CA LEU R 625 46.22 30.05 -48.14
C LEU R 625 47.29 29.72 -49.17
N ALA R 626 47.39 30.51 -50.24
CA ALA R 626 48.39 30.30 -51.27
C ALA R 626 49.64 31.14 -51.07
N LEU R 627 49.54 32.27 -50.38
CA LEU R 627 50.74 33.05 -50.08
C LEU R 627 51.54 32.43 -48.95
N ILE R 628 50.88 31.77 -48.00
CA ILE R 628 51.59 31.13 -46.89
C ILE R 628 52.19 29.79 -47.27
N SER R 629 51.83 29.25 -48.44
CA SER R 629 52.36 27.97 -48.92
C SER R 629 52.91 28.20 -50.33
N VAL R 630 54.18 28.58 -50.42
CA VAL R 630 54.82 28.84 -51.70
C VAL R 630 56.13 28.06 -51.79
N SER R 645 51.43 16.26 -52.60
CA SER R 645 50.18 15.74 -52.04
C SER R 645 49.59 16.72 -51.03
N HIS R 646 50.27 17.84 -50.82
CA HIS R 646 49.82 18.86 -49.89
C HIS R 646 49.57 20.22 -50.53
N ASP R 647 49.95 20.41 -51.80
CA ASP R 647 49.74 21.68 -52.47
C ASP R 647 48.41 21.73 -53.21
N ALA R 648 48.13 20.72 -54.04
CA ALA R 648 46.90 20.67 -54.80
C ALA R 648 45.73 20.08 -54.02
N ASP R 649 45.98 19.47 -52.85
CA ASP R 649 44.89 18.87 -52.10
C ASP R 649 43.93 19.92 -51.53
N PRO R 650 44.39 21.00 -50.89
CA PRO R 650 43.42 22.04 -50.47
C PRO R 650 42.70 22.68 -51.63
N GLU R 651 43.32 22.71 -52.82
CA GLU R 651 42.64 23.22 -53.99
C GLU R 651 41.52 22.29 -54.43
N VAL R 652 41.75 20.97 -54.35
CA VAL R 652 40.68 20.01 -54.57
C VAL R 652 39.60 20.19 -53.52
N SER R 653 39.98 20.59 -52.30
CA SER R 653 38.99 20.91 -51.29
C SER R 653 38.16 22.12 -51.70
N TYR R 654 38.79 23.12 -52.33
CA TYR R 654 38.03 24.23 -52.90
C TYR R 654 37.10 23.77 -54.01
N ASN R 655 37.55 22.80 -54.81
CA ASN R 655 36.68 22.24 -55.84
C ASN R 655 35.51 21.49 -55.23
N SER R 656 35.68 20.94 -54.02
CA SER R 656 34.57 20.29 -53.33
C SER R 656 33.65 21.29 -52.66
N ILE R 657 34.17 22.46 -52.29
CA ILE R 657 33.33 23.50 -51.69
C ILE R 657 32.48 24.17 -52.77
N PHE R 658 33.13 24.64 -53.83
CA PHE R 658 32.40 25.33 -54.90
C PHE R 658 31.69 24.35 -55.81
N ALA R 659 32.45 23.44 -56.42
CA ALA R 659 31.87 22.44 -57.32
C ALA R 659 32.10 21.04 -56.79
N ALA R 670 30.75 31.42 -55.61
CA ALA R 670 30.45 32.18 -56.83
C ALA R 670 31.69 32.31 -57.70
N ARG R 671 31.66 33.26 -58.64
CA ARG R 671 32.79 33.47 -59.53
C ARG R 671 33.97 34.11 -58.82
N LEU R 672 33.74 34.83 -57.72
CA LEU R 672 34.82 35.46 -56.98
C LEU R 672 35.75 34.41 -56.38
N ALA R 673 35.17 33.41 -55.71
CA ALA R 673 35.99 32.35 -55.12
C ALA R 673 36.61 31.45 -56.17
N ALA R 674 36.07 31.42 -57.39
CA ALA R 674 36.67 30.63 -58.46
C ALA R 674 37.87 31.35 -59.06
N MET R 675 37.70 32.63 -59.41
CA MET R 675 38.82 33.42 -59.90
C MET R 675 39.91 33.54 -58.83
N LEU R 676 39.51 33.55 -57.56
CA LEU R 676 40.49 33.67 -56.47
C LEU R 676 41.09 32.31 -56.10
N ARG R 677 40.41 31.20 -56.40
CA ARG R 677 41.00 29.90 -56.15
C ARG R 677 41.94 29.46 -57.26
N GLN R 678 41.63 29.81 -58.51
CA GLN R 678 42.61 29.60 -59.58
C GLN R 678 43.74 30.60 -59.47
N LEU R 679 43.41 31.87 -59.26
CA LEU R 679 44.43 32.88 -58.98
C LEU R 679 45.25 32.51 -57.75
N ALA R 680 44.72 31.68 -56.86
CA ALA R 680 45.51 31.10 -55.78
C ALA R 680 46.37 29.95 -56.28
N GLN R 681 45.87 29.15 -57.22
CA GLN R 681 46.70 28.14 -57.86
C GLN R 681 47.95 28.76 -58.46
N TYR R 682 47.81 29.95 -59.04
CA TYR R 682 48.96 30.65 -59.61
C TYR R 682 49.70 31.49 -58.58
N HIS R 683 49.05 31.84 -57.46
CA HIS R 683 49.76 32.45 -56.35
C HIS R 683 50.77 31.48 -55.77
N ALA R 684 50.38 30.22 -55.59
CA ALA R 684 51.30 29.22 -55.04
C ALA R 684 52.50 29.01 -55.93
N LYS R 685 52.29 29.04 -57.25
CA LYS R 685 53.39 28.86 -58.20
C LYS R 685 53.64 30.14 -58.99
N LYS R 704 62.31 44.64 -42.47
CA LYS R 704 60.92 44.87 -42.87
C LYS R 704 60.85 45.60 -44.21
N GLY R 705 60.83 44.82 -45.29
CA GLY R 705 60.76 45.39 -46.62
C GLY R 705 59.39 45.94 -46.91
N THR R 706 59.31 47.22 -47.32
CA THR R 706 58.01 47.82 -47.62
C THR R 706 57.44 47.29 -48.93
N LEU R 707 58.31 46.83 -49.83
CA LEU R 707 57.85 46.33 -51.12
C LEU R 707 56.97 45.09 -50.98
N THR R 708 57.08 44.35 -49.88
CA THR R 708 56.24 43.19 -49.62
C THR R 708 55.18 43.45 -48.56
N LEU R 709 55.21 44.61 -47.90
CA LEU R 709 54.22 44.97 -46.91
C LEU R 709 53.15 45.92 -47.42
N CYS R 710 53.45 46.68 -48.47
CA CYS R 710 52.54 47.67 -49.04
C CYS R 710 51.43 47.06 -49.90
N PRO R 711 51.74 46.19 -50.87
CA PRO R 711 50.71 45.82 -51.85
C PRO R 711 49.52 45.07 -51.25
N TYR R 712 49.72 44.25 -50.22
CA TYR R 712 48.57 43.54 -49.66
C TYR R 712 47.83 44.40 -48.65
N HIS R 713 48.56 45.20 -47.85
CA HIS R 713 47.91 46.12 -46.92
C HIS R 713 47.05 47.14 -47.67
N SER R 714 47.47 47.51 -48.89
CA SER R 714 46.60 48.31 -49.75
C SER R 714 45.56 47.44 -50.45
N ASP R 715 45.86 46.15 -50.64
CA ASP R 715 44.95 45.22 -51.28
C ASP R 715 43.81 44.78 -50.36
N ARG R 716 43.83 45.21 -49.08
CA ARG R 716 42.78 44.83 -48.15
C ARG R 716 41.42 45.44 -48.45
N GLN R 717 41.29 46.20 -49.55
CA GLN R 717 40.04 46.84 -49.93
C GLN R 717 39.51 46.25 -51.23
N LEU R 718 39.57 44.92 -51.35
CA LEU R 718 39.10 44.25 -52.56
C LEU R 718 37.58 44.20 -52.65
N MET R 719 36.88 44.38 -51.53
CA MET R 719 35.42 44.27 -51.49
C MET R 719 34.78 45.51 -52.15
N SER R 720 34.95 45.58 -53.46
CA SER R 720 34.43 46.68 -54.25
C SER R 720 34.21 46.19 -55.68
N GLN R 721 34.00 47.13 -56.60
CA GLN R 721 33.74 46.80 -57.99
C GLN R 721 35.02 46.31 -58.67
N VAL R 722 34.86 45.85 -59.92
CA VAL R 722 35.98 45.30 -60.68
C VAL R 722 37.02 46.35 -61.06
N ALA R 723 36.81 47.62 -60.69
CA ALA R 723 37.79 48.66 -60.99
C ALA R 723 39.12 48.37 -60.30
N VAL R 724 39.08 47.82 -59.09
CA VAL R 724 40.30 47.49 -58.37
C VAL R 724 40.97 46.26 -59.00
N ALA R 725 40.20 45.41 -59.68
CA ALA R 725 40.77 44.21 -60.28
C ALA R 725 41.83 44.52 -61.32
N GLY R 726 41.81 45.72 -61.90
CA GLY R 726 42.91 46.13 -62.76
C GLY R 726 44.20 46.37 -62.00
N LEU R 727 44.11 46.66 -60.70
CA LEU R 727 45.27 46.79 -59.84
C LEU R 727 45.56 45.52 -59.03
N LEU R 728 44.65 44.54 -59.06
CA LEU R 728 44.82 43.34 -58.27
C LEU R 728 45.97 42.46 -58.78
N THR R 729 46.20 42.45 -60.09
CA THR R 729 47.19 41.57 -60.69
C THR R 729 48.57 42.17 -60.77
N VAL R 730 48.71 43.48 -60.55
CA VAL R 730 50.00 44.16 -60.71
C VAL R 730 50.68 44.40 -59.36
N LEU R 731 50.40 43.56 -58.37
CA LEU R 731 51.04 43.70 -57.06
C LEU R 731 52.53 43.40 -57.19
N VAL R 732 53.34 44.14 -56.43
CA VAL R 732 54.79 44.00 -56.48
C VAL R 732 55.34 43.18 -55.31
N SER R 733 54.48 42.75 -54.38
CA SER R 733 54.95 41.96 -53.25
C SER R 733 55.40 40.56 -53.67
N PHE R 734 55.06 40.13 -54.88
CA PHE R 734 55.37 38.78 -55.32
C PHE R 734 56.78 38.76 -55.91
N LEU R 735 57.68 38.02 -55.27
CA LEU R 735 59.06 37.91 -55.73
C LEU R 735 59.17 36.94 -56.91
ZN ZN S . -7.15 7.88 -24.89
#